data_3ZYV
#
_entry.id   3ZYV
#
_cell.length_a   90.880
_cell.length_b   135.270
_cell.length_c   147.370
_cell.angle_alpha   78.16
_cell.angle_beta   77.72
_cell.angle_gamma   89.90
#
_symmetry.space_group_name_H-M   'P 1'
#
loop_
_entity.id
_entity.type
_entity.pdbx_description
1 polymer AOX3
2 non-polymer 'SODIUM ION'
3 non-polymer 'FE2/S2 (INORGANIC) CLUSTER'
4 non-polymer 'PHOSPHONIC ACIDMONO-(2-AMINO-5,6-DIMERCAPTO-4-OXO-3,7,8A,9,10,10A-HEXAHYDRO-4H-8-OXA-1,3,9,10-TETRAAZA-ANTHRACEN-7-YLMETHYL)ESTER'
5 non-polymer 'DIOXOTHIOMOLYBDENUM(VI) ION'
6 non-polymer 'FLAVIN-ADENINE DINUCLEOTIDE'
7 water water
#
_entity_poly.entity_id   1
_entity_poly.type   'polypeptide(L)'
_entity_poly.pdbx_seq_one_letter_code
;MSPSKESDELIFFVNGKKVTERNADPEVNLLFYLRKVIRLTGTKYGCGGGDCGACTVMISRYDPISKRISHFSATACLVP
ICSLHGAAVTTVEGIGSTKTRIHPVQERIAKGHGTQCGFCTPGMVMSIYTLLRNHPEPSTEQIMETLGGNLCRCTGYRPI
VESAKSFCPSSTCCQMNGEGKCCLDEEKNEPERKNSVCTKLYEKKEFQPLDPTQELIFPPELMRMAEESQNTVLTFRGER
TTWIAPGTLNDLLELKMKHPSAPLVIGNTYLGLHMKFTDVSYPIIISPARILELFVVTNTKQGLTLGTGLSLTQVKNVLS
DVVSRLPKEKTQIYCALLKQLKTLAGQQIRNVASLGGHIISRLPTSDLNPILGIGNCILNVASTEGIQQIPLNDHFLAGV
PDAILKPEQVLISVFVPRSSKWEFVSAFRQAPRQQNAFATVNAGMKVVFKEDTNTITDLGILYGGIGATVISADKSCRQL
IGRCWDEEMLDDAGKMICEEVSLLMAAPGGMEEYRKTLAISFLFMFYLDVLKQLKTRDPHKYPDISQKLLHILEDFPLTM
PYGMQSFQDVDFQQPLQDPIGRPIMHQSGIKHATGEAVFCDDMSVLPGELFLAVVTSSKSHAKIISLDASEALASLGVVD
VVTARDVPGDNGREEESLYAQDEVICVGQIVCAVAADSYAHAQQAAKKVKIVYQDIEPMIVTVQDALQYESFIGPERKLE
QGNVEEAFQCADQILEGEVHLGGQEHFYMETQSVRVVPKGEDKEMDIYVSSQDAAFTQEMVARTLGIPKNRINCHVKRVG
GAFGGKASKPGLLASVAAVAAQKTGRPIRFILERRDDMLITGGRHPLLGKYKIGFMNNGKIKAADIQLYINGGCTPDDSE
LVIEYALLKLENAYKIPNLRVRGRVCKTNLPSNTAFRGFGFPQGAFVTETCMSAVAAKCRLPPEKVRELNMYRTIDRTIH
NQEFDPTNLLQCWEACVENSSYYNRKKAVDEFNQQRFWKKRGIAIIPMKFSVGFPKTFYYQAAALVQIYTDGSVLVAHGG
VELGQGINTKMIQVASRELKIPMSYIHLDEMSTVTVPNTVTTGASTGADVNGRAVQNACQILMKRLEPIIKQNPSGTWEE
WVKEAFVQSISLSATGYFRGYQADMDWEKGEGDIFPYFVFGAACSEVEIDCLTGAHKNIRTDIVMDGSFSINPAVDIGQI
EGAFVQGLGLYTLEELKYSPEGVLYTRGPHQYKIASVTDIPEEFHVSLLTPTPNPKAIYSSKGLGEAGTFLGCSVFFAIA
AAVAAAREERGLSPIWAINSPATAEVIRMACEDQFTNLVPQTDSKCCKPWSIPVA
;
_entity_poly.pdbx_strand_id   A,B,C,D
#
loop_
_chem_comp.id
_chem_comp.type
_chem_comp.name
_chem_comp.formula
FAD non-polymer 'FLAVIN-ADENINE DINUCLEOTIDE' 'C27 H33 N9 O15 P2'
FES non-polymer 'FE2/S2 (INORGANIC) CLUSTER' 'Fe2 S2'
MOS non-polymer 'DIOXOTHIOMOLYBDENUM(VI) ION' 'H Mo O2 S'
MTE non-polymer 'PHOSPHONIC ACIDMONO-(2-AMINO-5,6-DIMERCAPTO-4-OXO-3,7,8A,9,10,10A-HEXAHYDRO-4H-8-OXA-1,3,9,10-TETRAAZA-ANTHRACEN-7-YLMETHYL)ESTER' 'C10 H14 N5 O6 P S2'
NA non-polymer 'SODIUM ION' 'Na 1'
#
# COMPACT_ATOMS: atom_id res chain seq x y z
N SER A 7 0.16 -23.98 24.33
CA SER A 7 -0.83 -24.89 23.75
C SER A 7 -2.20 -24.22 23.72
N ASP A 8 -3.22 -25.02 23.43
CA ASP A 8 -4.61 -24.58 23.53
C ASP A 8 -5.07 -23.59 22.45
N GLU A 9 -4.26 -22.60 22.09
CA GLU A 9 -4.66 -21.66 21.03
C GLU A 9 -4.56 -22.31 19.66
N LEU A 10 -5.67 -22.37 18.95
CA LEU A 10 -5.70 -22.85 17.57
C LEU A 10 -5.37 -21.69 16.65
N ILE A 11 -4.38 -21.88 15.77
CA ILE A 11 -3.93 -20.80 14.89
C ILE A 11 -3.84 -21.26 13.44
N PHE A 12 -4.72 -20.70 12.62
CA PHE A 12 -4.69 -20.94 11.18
C PHE A 12 -5.17 -19.68 10.48
N PHE A 13 -4.91 -19.61 9.18
CA PHE A 13 -5.26 -18.45 8.37
C PHE A 13 -6.47 -18.76 7.49
N VAL A 14 -7.46 -17.88 7.51
CA VAL A 14 -8.53 -17.96 6.52
C VAL A 14 -8.36 -16.79 5.56
N ASN A 15 -8.33 -17.10 4.27
CA ASN A 15 -8.16 -16.10 3.24
C ASN A 15 -7.14 -15.03 3.61
N GLY A 16 -5.96 -15.48 4.04
CA GLY A 16 -4.88 -14.57 4.39
C GLY A 16 -5.13 -13.79 5.67
N LYS A 17 -6.31 -13.95 6.27
CA LYS A 17 -6.60 -13.29 7.53
C LYS A 17 -6.30 -14.28 8.65
N LYS A 18 -5.78 -13.77 9.77
CA LYS A 18 -5.29 -14.64 10.84
C LYS A 18 -6.40 -14.99 11.80
N VAL A 19 -6.71 -16.28 11.92
CA VAL A 19 -7.71 -16.72 12.87
C VAL A 19 -7.04 -17.41 14.05
N THR A 20 -7.40 -16.96 15.24
CA THR A 20 -6.82 -17.48 16.46
C THR A 20 -7.93 -17.79 17.45
N GLU A 21 -8.20 -19.09 17.63
CA GLU A 21 -9.30 -19.59 18.46
C GLU A 21 -8.79 -20.11 19.80
N ARG A 22 -9.17 -19.41 20.86
CA ARG A 22 -8.68 -19.72 22.19
C ARG A 22 -9.44 -20.86 22.86
N ASN A 23 -10.69 -21.08 22.43
CA ASN A 23 -11.53 -22.14 22.97
C ASN A 23 -11.95 -23.17 21.91
N ALA A 24 -11.00 -23.97 21.44
CA ALA A 24 -11.28 -24.90 20.34
C ALA A 24 -11.97 -26.16 20.79
N ASP A 25 -12.92 -26.64 19.99
CA ASP A 25 -13.72 -27.82 20.31
C ASP A 25 -13.48 -28.92 19.28
N PRO A 26 -12.86 -30.02 19.72
CA PRO A 26 -12.40 -31.12 18.86
C PRO A 26 -13.48 -31.71 17.97
N GLU A 27 -14.72 -31.28 18.15
CA GLU A 27 -15.83 -31.83 17.38
C GLU A 27 -16.30 -30.93 16.24
N VAL A 28 -16.15 -29.62 16.40
CA VAL A 28 -16.56 -28.71 15.34
C VAL A 28 -15.64 -28.95 14.17
N ASN A 29 -16.21 -28.98 12.97
CA ASN A 29 -15.40 -29.13 11.77
C ASN A 29 -15.27 -27.80 11.05
N LEU A 30 -14.36 -27.72 10.08
CA LEU A 30 -14.08 -26.46 9.37
C LEU A 30 -15.37 -25.83 8.81
N LEU A 31 -16.14 -26.63 8.09
CA LEU A 31 -17.36 -26.14 7.44
C LEU A 31 -18.32 -25.40 8.38
N PHE A 32 -18.51 -25.90 9.59
CA PHE A 32 -19.35 -25.20 10.55
C PHE A 32 -18.66 -23.89 10.93
N TYR A 33 -17.36 -23.96 11.17
CA TYR A 33 -16.60 -22.81 11.62
C TYR A 33 -16.70 -21.65 10.62
N LEU A 34 -16.50 -21.95 9.34
CA LEU A 34 -16.55 -20.91 8.33
C LEU A 34 -17.91 -20.21 8.38
N ARG A 35 -18.98 -21.00 8.27
CA ARG A 35 -20.33 -20.50 8.10
C ARG A 35 -20.98 -19.91 9.36
N LYS A 36 -20.85 -20.59 10.50
CA LYS A 36 -21.50 -20.17 11.74
C LYS A 36 -20.70 -19.23 12.64
N VAL A 37 -19.38 -19.32 12.60
CA VAL A 37 -18.55 -18.41 13.41
C VAL A 37 -17.79 -17.30 12.66
N ILE A 38 -17.10 -17.61 11.55
CA ILE A 38 -16.49 -16.53 10.78
C ILE A 38 -17.55 -15.90 9.88
N ARG A 39 -18.59 -16.66 9.57
CA ARG A 39 -19.69 -16.21 8.75
C ARG A 39 -19.28 -15.95 7.30
N LEU A 40 -18.43 -16.82 6.78
CA LEU A 40 -18.22 -16.86 5.36
C LEU A 40 -19.13 -17.97 4.87
N THR A 41 -20.32 -17.60 4.44
CA THR A 41 -21.34 -18.58 4.03
C THR A 41 -21.11 -19.12 2.63
N GLY A 42 -20.06 -18.65 1.97
CA GLY A 42 -19.79 -19.07 0.61
C GLY A 42 -19.76 -20.58 0.43
N THR A 43 -19.02 -21.26 1.30
CA THR A 43 -18.85 -22.69 1.14
C THR A 43 -19.96 -23.40 1.91
N LYS A 44 -20.68 -24.28 1.23
CA LYS A 44 -21.92 -24.83 1.76
C LYS A 44 -21.92 -26.34 1.82
N TYR A 45 -22.77 -26.91 2.67
CA TYR A 45 -22.93 -28.37 2.73
C TYR A 45 -24.25 -28.84 2.14
N GLY A 46 -24.15 -29.87 1.31
CA GLY A 46 -25.31 -30.44 0.65
C GLY A 46 -25.49 -31.88 1.09
N CYS A 47 -24.50 -32.41 1.81
CA CYS A 47 -24.65 -33.67 2.52
C CYS A 47 -23.84 -33.72 3.81
N GLY A 48 -22.60 -34.17 3.70
CA GLY A 48 -21.74 -34.30 4.86
C GLY A 48 -20.93 -35.59 4.80
N GLY A 49 -21.25 -36.42 3.80
CA GLY A 49 -20.57 -37.69 3.62
C GLY A 49 -19.23 -37.57 2.93
N GLY A 50 -18.93 -36.38 2.40
CA GLY A 50 -17.72 -36.17 1.63
C GLY A 50 -17.87 -36.68 0.21
N ASP A 51 -19.11 -36.73 -0.26
CA ASP A 51 -19.41 -37.36 -1.54
C ASP A 51 -19.73 -36.34 -2.61
N CYS A 52 -20.10 -35.13 -2.22
CA CYS A 52 -20.60 -34.14 -3.18
C CYS A 52 -19.68 -32.94 -3.40
N GLY A 53 -18.59 -32.89 -2.64
CA GLY A 53 -17.62 -31.81 -2.76
C GLY A 53 -18.21 -30.41 -2.66
N ALA A 54 -19.52 -30.29 -2.43
CA ALA A 54 -20.13 -28.97 -2.34
C ALA A 54 -19.44 -28.11 -1.30
N CYS A 55 -18.69 -28.71 -0.41
CA CYS A 55 -17.98 -27.95 0.61
C CYS A 55 -16.48 -27.86 0.35
N THR A 56 -16.06 -28.13 -0.88
CA THR A 56 -14.63 -28.12 -1.20
C THR A 56 -13.97 -26.78 -0.89
N VAL A 57 -12.84 -26.84 -0.21
CA VAL A 57 -12.00 -25.66 -0.01
C VAL A 57 -10.58 -25.99 -0.45
N MET A 58 -9.66 -25.05 -0.30
CA MET A 58 -8.26 -25.34 -0.57
C MET A 58 -7.44 -25.10 0.68
N ILE A 59 -6.62 -26.09 1.04
CA ILE A 59 -5.68 -25.92 2.14
C ILE A 59 -4.24 -25.87 1.63
N SER A 60 -3.47 -24.94 2.19
CA SER A 60 -2.05 -24.77 1.83
C SER A 60 -1.20 -25.12 3.03
N ARG A 61 -0.15 -25.90 2.79
CA ARG A 61 0.76 -26.31 3.86
C ARG A 61 2.21 -25.98 3.49
N TYR A 62 2.95 -25.45 4.46
CA TYR A 62 4.38 -25.26 4.25
C TYR A 62 5.14 -26.40 4.94
N ASP A 63 6.05 -27.03 4.20
CA ASP A 63 6.94 -28.04 4.77
C ASP A 63 8.33 -27.46 4.95
N PRO A 64 8.68 -27.14 6.21
CA PRO A 64 9.93 -26.42 6.51
C PRO A 64 11.15 -27.26 6.19
N ILE A 65 11.03 -28.57 6.30
CA ILE A 65 12.15 -29.45 6.01
C ILE A 65 12.36 -29.54 4.50
N SER A 66 11.28 -29.42 3.74
CA SER A 66 11.37 -29.49 2.30
C SER A 66 11.38 -28.10 1.66
N LYS A 67 10.78 -27.14 2.35
CA LYS A 67 10.72 -25.78 1.87
C LYS A 67 9.59 -25.62 0.84
N ARG A 68 8.70 -26.62 0.80
CA ARG A 68 7.63 -26.63 -0.20
C ARG A 68 6.33 -26.08 0.33
N ILE A 69 5.55 -25.48 -0.58
CA ILE A 69 4.22 -24.99 -0.27
C ILE A 69 3.21 -25.82 -1.05
N SER A 70 2.51 -26.71 -0.38
CA SER A 70 1.56 -27.58 -1.06
C SER A 70 0.16 -26.97 -1.08
N HIS A 71 -0.57 -27.16 -2.18
CA HIS A 71 -1.93 -26.66 -2.30
C HIS A 71 -2.85 -27.79 -2.73
N PHE A 72 -3.68 -28.27 -1.82
CA PHE A 72 -4.57 -29.37 -2.17
C PHE A 72 -5.99 -29.12 -1.69
N SER A 73 -6.94 -29.75 -2.37
CA SER A 73 -8.35 -29.55 -2.10
C SER A 73 -8.86 -30.55 -1.08
N ALA A 74 -9.86 -30.15 -0.31
CA ALA A 74 -10.40 -31.01 0.74
C ALA A 74 -11.89 -30.72 1.02
N THR A 75 -12.56 -31.68 1.64
CA THR A 75 -13.94 -31.52 2.07
C THR A 75 -13.96 -30.94 3.48
N ALA A 76 -14.50 -29.74 3.62
CA ALA A 76 -14.47 -29.04 4.91
C ALA A 76 -15.43 -29.64 5.91
N CYS A 77 -16.44 -30.37 5.44
CA CYS A 77 -17.40 -30.99 6.36
C CYS A 77 -16.74 -32.05 7.23
N LEU A 78 -15.63 -32.62 6.75
CA LEU A 78 -14.93 -33.68 7.45
C LEU A 78 -13.60 -33.21 8.05
N VAL A 79 -13.19 -31.99 7.72
CA VAL A 79 -11.94 -31.44 8.23
C VAL A 79 -12.12 -30.86 9.63
N PRO A 80 -11.51 -31.50 10.63
CA PRO A 80 -11.51 -30.99 12.01
C PRO A 80 -10.66 -29.74 12.12
N ILE A 81 -11.23 -28.62 12.53
CA ILE A 81 -10.45 -27.38 12.69
C ILE A 81 -9.21 -27.59 13.56
N CYS A 82 -9.28 -28.55 14.47
CA CYS A 82 -8.15 -28.83 15.35
C CYS A 82 -6.95 -29.37 14.61
N SER A 83 -7.12 -29.70 13.33
CA SER A 83 -6.04 -30.24 12.52
C SER A 83 -5.46 -29.19 11.62
N LEU A 84 -5.94 -27.96 11.75
CA LEU A 84 -5.49 -26.89 10.86
C LEU A 84 -4.36 -26.04 11.45
N HIS A 85 -4.02 -26.31 12.70
CA HIS A 85 -3.03 -25.47 13.36
C HIS A 85 -1.81 -25.24 12.47
N GLY A 86 -1.70 -24.02 11.96
CA GLY A 86 -0.51 -23.63 11.21
C GLY A 86 -0.67 -23.71 9.71
N ALA A 87 -1.80 -24.23 9.26
CA ALA A 87 -2.09 -24.28 7.83
C ALA A 87 -2.90 -23.05 7.47
N ALA A 88 -3.20 -22.89 6.19
CA ALA A 88 -4.06 -21.79 5.75
C ALA A 88 -5.26 -22.37 5.01
N VAL A 89 -6.36 -21.64 5.00
CA VAL A 89 -7.55 -22.05 4.27
C VAL A 89 -8.01 -20.95 3.33
N THR A 90 -8.35 -21.32 2.10
CA THR A 90 -8.90 -20.35 1.14
C THR A 90 -10.27 -20.83 0.67
N THR A 91 -11.30 -20.01 0.88
CA THR A 91 -12.64 -20.33 0.41
C THR A 91 -12.99 -19.52 -0.85
N VAL A 92 -14.20 -19.71 -1.34
CA VAL A 92 -14.63 -19.08 -2.58
C VAL A 92 -14.52 -17.56 -2.52
N GLU A 93 -14.84 -16.94 -1.40
CA GLU A 93 -14.75 -15.48 -1.32
C GLU A 93 -13.34 -15.01 -1.03
N GLY A 94 -12.38 -15.91 -1.21
CA GLY A 94 -10.99 -15.59 -0.97
C GLY A 94 -10.27 -15.34 -2.28
N ILE A 95 -10.77 -15.94 -3.36
CA ILE A 95 -10.12 -15.82 -4.66
C ILE A 95 -10.71 -14.67 -5.47
N GLY A 96 -11.88 -14.19 -5.09
CA GLY A 96 -12.48 -13.05 -5.73
C GLY A 96 -13.92 -12.80 -5.30
N SER A 97 -14.41 -11.61 -5.58
CA SER A 97 -15.77 -11.21 -5.25
C SER A 97 -16.11 -9.94 -6.02
N THR A 98 -17.41 -9.73 -6.29
CA THR A 98 -17.83 -8.56 -7.03
C THR A 98 -17.52 -7.29 -6.23
N LYS A 99 -17.26 -7.43 -4.94
CA LYS A 99 -16.99 -6.26 -4.11
C LYS A 99 -15.58 -5.72 -4.39
N THR A 100 -14.69 -6.59 -4.88
CA THR A 100 -13.34 -6.19 -5.24
C THR A 100 -13.12 -6.48 -6.71
N ARG A 101 -12.73 -7.71 -7.02
CA ARG A 101 -12.67 -8.16 -8.40
C ARG A 101 -12.76 -9.68 -8.49
N ILE A 102 -13.36 -10.21 -9.54
CA ILE A 102 -13.59 -11.65 -9.58
C ILE A 102 -12.53 -12.38 -10.39
N HIS A 103 -12.37 -13.66 -10.10
CA HIS A 103 -11.28 -14.44 -10.62
C HIS A 103 -11.74 -15.13 -11.90
N PRO A 104 -10.81 -15.31 -12.85
CA PRO A 104 -11.15 -15.97 -14.12
C PRO A 104 -12.03 -17.22 -13.95
N VAL A 105 -11.77 -18.00 -12.91
CA VAL A 105 -12.52 -19.23 -12.69
C VAL A 105 -13.98 -18.93 -12.35
N GLN A 106 -14.20 -17.89 -11.56
CA GLN A 106 -15.52 -17.48 -11.16
C GLN A 106 -16.24 -16.86 -12.37
N GLU A 107 -15.49 -16.14 -13.19
CA GLU A 107 -16.02 -15.55 -14.41
C GLU A 107 -16.43 -16.59 -15.46
N ARG A 108 -15.49 -17.43 -15.85
CA ARG A 108 -15.74 -18.34 -16.97
C ARG A 108 -16.83 -19.35 -16.67
N ILE A 109 -17.05 -19.62 -15.39
CA ILE A 109 -18.05 -20.61 -15.04
C ILE A 109 -19.45 -19.98 -15.12
N ALA A 110 -19.54 -18.70 -14.76
CA ALA A 110 -20.82 -17.99 -14.74
C ALA A 110 -21.27 -17.57 -16.15
N LYS A 111 -20.37 -16.95 -16.91
CA LYS A 111 -20.70 -16.48 -18.25
C LYS A 111 -20.82 -17.62 -19.25
N GLY A 112 -20.23 -18.77 -18.91
CA GLY A 112 -20.32 -19.94 -19.77
C GLY A 112 -21.53 -20.79 -19.43
N HIS A 113 -22.29 -20.34 -18.44
CA HIS A 113 -23.52 -21.02 -18.06
C HIS A 113 -23.29 -22.38 -17.39
N GLY A 114 -22.14 -22.53 -16.72
CA GLY A 114 -21.86 -23.73 -15.95
C GLY A 114 -22.60 -23.65 -14.63
N THR A 115 -23.60 -22.78 -14.58
CA THR A 115 -24.32 -22.49 -13.36
C THR A 115 -25.82 -22.28 -13.58
N GLN A 116 -26.62 -22.96 -12.76
CA GLN A 116 -28.07 -22.75 -12.71
C GLN A 116 -28.47 -22.39 -11.29
N CYS A 117 -28.63 -23.40 -10.43
CA CYS A 117 -29.15 -23.16 -9.08
C CYS A 117 -28.12 -22.50 -8.17
N GLY A 118 -26.85 -22.73 -8.45
CA GLY A 118 -25.77 -22.00 -7.81
C GLY A 118 -25.28 -22.63 -6.52
N PHE A 119 -25.92 -23.71 -6.08
CA PHE A 119 -25.55 -24.28 -4.79
C PHE A 119 -24.29 -25.13 -4.85
N CYS A 120 -23.99 -25.66 -6.02
CA CYS A 120 -22.86 -26.57 -6.15
C CYS A 120 -21.65 -25.87 -6.72
N THR A 121 -21.76 -24.57 -6.89
CA THR A 121 -20.77 -23.84 -7.66
C THR A 121 -19.50 -23.47 -6.89
N PRO A 122 -19.65 -22.88 -5.70
CA PRO A 122 -18.45 -22.56 -4.90
C PRO A 122 -17.50 -23.75 -4.83
N GLY A 123 -18.04 -24.96 -4.74
CA GLY A 123 -17.23 -26.15 -4.68
C GLY A 123 -16.58 -26.50 -6.01
N MET A 124 -17.25 -26.17 -7.11
CA MET A 124 -16.65 -26.38 -8.42
C MET A 124 -15.51 -25.38 -8.58
N VAL A 125 -15.83 -24.10 -8.45
CA VAL A 125 -14.82 -23.06 -8.50
C VAL A 125 -13.57 -23.48 -7.76
N MET A 126 -13.75 -23.94 -6.53
CA MET A 126 -12.62 -24.29 -5.67
C MET A 126 -11.98 -25.62 -6.03
N SER A 127 -12.70 -26.46 -6.76
CA SER A 127 -12.09 -27.68 -7.31
C SER A 127 -11.28 -27.37 -8.56
N ILE A 128 -11.57 -26.23 -9.19
CA ILE A 128 -10.85 -25.82 -10.38
C ILE A 128 -9.69 -24.89 -10.02
N TYR A 129 -9.98 -23.83 -9.26
CA TYR A 129 -8.94 -22.96 -8.73
C TYR A 129 -7.77 -23.81 -8.25
N THR A 130 -8.01 -24.65 -7.26
CA THR A 130 -6.99 -25.57 -6.78
C THR A 130 -6.15 -26.14 -7.91
N LEU A 131 -6.81 -26.72 -8.89
CA LEU A 131 -6.12 -27.33 -10.02
C LEU A 131 -5.21 -26.35 -10.71
N LEU A 132 -5.63 -25.10 -10.81
CA LEU A 132 -4.80 -24.06 -11.40
C LEU A 132 -3.58 -23.78 -10.55
N ARG A 133 -3.80 -23.57 -9.24
CA ARG A 133 -2.70 -23.30 -8.32
C ARG A 133 -1.61 -24.37 -8.45
N ASN A 134 -2.01 -25.58 -8.81
CA ASN A 134 -1.04 -26.65 -9.02
C ASN A 134 -0.52 -26.72 -10.46
N HIS A 135 -1.43 -26.64 -11.43
CA HIS A 135 -1.05 -26.68 -12.84
C HIS A 135 -1.80 -25.62 -13.62
N PRO A 136 -1.21 -24.42 -13.72
CA PRO A 136 -1.87 -23.28 -14.36
C PRO A 136 -2.25 -23.51 -15.83
N GLU A 137 -1.67 -24.53 -16.45
CA GLU A 137 -2.11 -24.93 -17.79
C GLU A 137 -2.35 -26.44 -17.81
N PRO A 138 -3.49 -26.85 -17.23
CA PRO A 138 -3.81 -28.25 -16.92
C PRO A 138 -4.29 -29.00 -18.15
N SER A 139 -3.97 -30.30 -18.24
CA SER A 139 -4.52 -31.14 -19.29
C SER A 139 -5.95 -31.48 -18.91
N THR A 140 -6.57 -32.39 -19.65
CA THR A 140 -7.93 -32.78 -19.32
C THR A 140 -7.97 -33.92 -18.29
N GLU A 141 -7.01 -34.84 -18.38
CA GLU A 141 -6.96 -35.92 -17.41
C GLU A 141 -6.87 -35.35 -16.00
N GLN A 142 -6.21 -34.20 -15.88
CA GLN A 142 -6.08 -33.54 -14.58
C GLN A 142 -7.36 -32.84 -14.21
N ILE A 143 -7.98 -32.16 -15.18
CA ILE A 143 -9.27 -31.52 -14.94
C ILE A 143 -10.27 -32.56 -14.45
N MET A 144 -10.25 -33.74 -15.06
CA MET A 144 -11.17 -34.81 -14.68
C MET A 144 -10.91 -35.31 -13.26
N GLU A 145 -9.64 -35.40 -12.89
CA GLU A 145 -9.26 -35.82 -11.53
C GLU A 145 -9.79 -34.85 -10.49
N THR A 146 -9.67 -33.56 -10.77
CA THR A 146 -10.06 -32.55 -9.79
C THR A 146 -11.58 -32.44 -9.67
N LEU A 147 -12.29 -32.92 -10.67
CA LEU A 147 -13.74 -32.81 -10.71
C LEU A 147 -14.44 -34.10 -10.28
N GLY A 148 -13.76 -35.23 -10.44
CA GLY A 148 -14.36 -36.50 -10.13
C GLY A 148 -15.20 -36.48 -8.87
N GLY A 149 -14.92 -35.51 -7.99
CA GLY A 149 -15.51 -35.51 -6.67
C GLY A 149 -16.55 -34.42 -6.39
N ASN A 150 -16.93 -33.69 -7.43
CA ASN A 150 -18.01 -32.72 -7.29
C ASN A 150 -19.28 -33.24 -7.97
N LEU A 151 -20.42 -33.02 -7.33
CA LEU A 151 -21.68 -33.46 -7.88
C LEU A 151 -22.60 -32.28 -8.18
N CYS A 152 -23.33 -32.38 -9.29
CA CYS A 152 -24.27 -31.34 -9.68
C CYS A 152 -25.53 -32.03 -10.17
N ARG A 153 -26.68 -31.43 -9.86
CA ARG A 153 -27.96 -32.05 -10.18
C ARG A 153 -28.72 -31.28 -11.29
N CYS A 154 -28.30 -30.04 -11.56
CA CYS A 154 -28.96 -29.17 -12.56
C CYS A 154 -28.37 -29.24 -13.98
N THR A 155 -27.10 -28.89 -14.10
CA THR A 155 -26.49 -28.55 -15.38
C THR A 155 -26.06 -29.72 -16.27
N GLY A 156 -25.71 -30.84 -15.68
CA GLY A 156 -25.25 -31.98 -16.47
C GLY A 156 -23.75 -32.06 -16.61
N TYR A 157 -23.04 -31.07 -16.07
CA TYR A 157 -21.56 -31.01 -16.05
C TYR A 157 -20.92 -30.44 -17.31
N ARG A 158 -21.63 -30.50 -18.43
CA ARG A 158 -21.12 -30.01 -19.71
C ARG A 158 -20.60 -28.57 -19.63
N PRO A 159 -21.48 -27.60 -19.29
CA PRO A 159 -21.02 -26.20 -19.24
C PRO A 159 -19.92 -25.95 -18.22
N ILE A 160 -19.80 -26.82 -17.23
CA ILE A 160 -18.76 -26.67 -16.22
C ILE A 160 -17.43 -27.16 -16.78
N VAL A 161 -17.37 -28.45 -17.12
CA VAL A 161 -16.21 -28.99 -17.78
C VAL A 161 -15.69 -28.03 -18.85
N GLU A 162 -16.56 -27.69 -19.79
CA GLU A 162 -16.20 -26.77 -20.87
C GLU A 162 -15.51 -25.50 -20.37
N SER A 163 -15.99 -24.93 -19.27
CA SER A 163 -15.35 -23.73 -18.75
C SER A 163 -13.95 -24.04 -18.23
N ALA A 164 -13.80 -25.17 -17.54
CA ALA A 164 -12.50 -25.61 -17.09
C ALA A 164 -11.55 -25.75 -18.29
N LYS A 165 -11.99 -26.51 -19.29
CA LYS A 165 -11.17 -26.73 -20.48
C LYS A 165 -10.63 -25.43 -21.06
N SER A 166 -11.32 -24.33 -20.81
CA SER A 166 -10.89 -23.05 -21.39
C SER A 166 -9.52 -22.66 -20.87
N PHE A 167 -8.98 -23.42 -19.91
CA PHE A 167 -7.71 -23.04 -19.28
C PHE A 167 -6.46 -23.69 -19.86
N CYS A 168 -6.60 -24.42 -20.95
CA CYS A 168 -5.47 -25.09 -21.57
C CYS A 168 -5.46 -24.89 -23.08
N PRO A 169 -4.38 -25.37 -23.74
CA PRO A 169 -4.35 -25.37 -25.21
C PRO A 169 -4.68 -26.75 -25.77
N THR A 199 -25.18 -21.88 -32.84
CA THR A 199 -24.30 -20.73 -32.73
C THR A 199 -23.55 -20.69 -31.40
N LYS A 200 -23.25 -19.49 -30.91
CA LYS A 200 -22.46 -19.31 -29.70
C LYS A 200 -23.36 -18.93 -28.54
N LEU A 201 -23.08 -19.47 -27.35
CA LEU A 201 -23.87 -19.17 -26.17
C LEU A 201 -23.29 -18.01 -25.38
N TYR A 202 -22.00 -17.75 -25.56
CA TYR A 202 -21.30 -16.69 -24.83
C TYR A 202 -20.06 -16.21 -25.59
N GLU A 203 -19.45 -15.13 -25.11
CA GLU A 203 -18.29 -14.55 -25.79
C GLU A 203 -16.95 -14.84 -25.11
N LYS A 204 -16.32 -15.91 -25.54
CA LYS A 204 -15.06 -16.40 -24.97
C LYS A 204 -13.95 -15.36 -24.98
N LYS A 205 -14.02 -14.41 -25.93
CA LYS A 205 -12.93 -13.45 -26.13
C LYS A 205 -12.91 -12.30 -25.12
N GLU A 206 -13.95 -12.17 -24.31
CA GLU A 206 -13.97 -11.10 -23.33
C GLU A 206 -13.50 -11.56 -21.96
N PHE A 207 -13.23 -12.86 -21.84
CA PHE A 207 -12.69 -13.41 -20.60
C PHE A 207 -11.41 -12.69 -20.20
N GLN A 208 -11.18 -12.54 -18.90
CA GLN A 208 -9.91 -12.06 -18.41
C GLN A 208 -8.90 -13.19 -18.56
N PRO A 209 -7.61 -12.84 -18.68
CA PRO A 209 -6.53 -13.83 -18.74
C PRO A 209 -6.04 -14.20 -17.35
N LEU A 210 -5.46 -15.39 -17.20
CA LEU A 210 -4.98 -15.84 -15.88
C LEU A 210 -3.55 -15.35 -15.59
N ASP A 211 -3.40 -14.65 -14.48
CA ASP A 211 -2.11 -14.17 -14.01
C ASP A 211 -1.77 -14.93 -12.71
N PRO A 212 -1.19 -16.13 -12.85
CA PRO A 212 -0.90 -17.00 -11.69
C PRO A 212 -0.14 -16.31 -10.57
N THR A 213 0.56 -15.24 -10.90
CA THR A 213 1.39 -14.55 -9.91
C THR A 213 0.56 -13.54 -9.14
N GLN A 214 -0.74 -13.51 -9.41
CA GLN A 214 -1.59 -12.51 -8.79
C GLN A 214 -2.33 -13.05 -7.57
N GLU A 215 -2.09 -14.32 -7.27
CA GLU A 215 -2.82 -15.00 -6.20
C GLU A 215 -2.33 -14.65 -4.80
N LEU A 216 -3.15 -15.02 -3.82
CA LEU A 216 -2.81 -14.80 -2.42
C LEU A 216 -1.47 -15.43 -2.08
N ILE A 217 -0.69 -14.74 -1.27
CA ILE A 217 0.67 -15.17 -0.95
C ILE A 217 0.71 -15.91 0.37
N PHE A 218 1.12 -17.17 0.34
CA PHE A 218 1.18 -17.98 1.54
C PHE A 218 1.69 -17.15 2.72
N PRO A 219 0.93 -17.13 3.83
CA PRO A 219 1.26 -16.25 4.95
C PRO A 219 2.60 -16.62 5.56
N PRO A 220 3.55 -15.68 5.57
CA PRO A 220 4.87 -15.80 6.17
C PRO A 220 4.81 -16.04 7.68
N GLU A 221 3.76 -15.53 8.34
CA GLU A 221 3.57 -15.84 9.76
C GLU A 221 3.61 -17.36 9.93
N LEU A 222 2.94 -18.06 9.03
CA LEU A 222 2.87 -19.52 9.10
C LEU A 222 4.20 -20.19 8.84
N MET A 223 5.04 -19.54 8.05
CA MET A 223 6.35 -20.09 7.73
C MET A 223 7.28 -20.09 8.95
N ARG A 224 7.43 -18.94 9.60
CA ARG A 224 8.19 -18.88 10.84
C ARG A 224 7.63 -19.89 11.83
N MET A 225 6.29 -19.92 11.92
CA MET A 225 5.60 -20.81 12.85
C MET A 225 5.96 -22.27 12.66
N ALA A 226 6.44 -22.63 11.47
CA ALA A 226 6.72 -24.03 11.15
C ALA A 226 8.13 -24.49 11.53
N GLU A 227 9.10 -23.60 11.32
CA GLU A 227 10.43 -23.66 11.93
C GLU A 227 10.35 -23.72 13.47
N GLN A 230 9.62 -25.00 17.54
CA GLN A 230 9.90 -26.03 18.55
C GLN A 230 8.81 -27.10 18.54
N ASN A 231 9.03 -28.15 19.34
CA ASN A 231 8.13 -29.31 19.35
C ASN A 231 7.63 -29.67 20.74
N THR A 232 6.32 -29.59 20.92
CA THR A 232 5.71 -29.74 22.23
C THR A 232 4.19 -29.96 22.07
N VAL A 233 3.60 -30.75 22.96
CA VAL A 233 2.23 -31.24 22.78
C VAL A 233 1.17 -30.14 22.75
N LEU A 234 0.27 -30.24 21.78
CA LEU A 234 -0.88 -29.36 21.69
C LEU A 234 -2.13 -30.12 22.12
N THR A 235 -2.93 -29.50 22.96
CA THR A 235 -4.12 -30.15 23.48
C THR A 235 -5.29 -29.17 23.59
N PHE A 236 -6.41 -29.50 22.94
CA PHE A 236 -7.58 -28.65 22.95
C PHE A 236 -8.73 -29.35 23.62
N ARG A 237 -9.46 -28.63 24.47
CA ARG A 237 -10.56 -29.24 25.23
C ARG A 237 -11.92 -28.72 24.79
N GLY A 238 -12.85 -29.64 24.57
CA GLY A 238 -14.20 -29.26 24.18
C GLY A 238 -15.20 -29.52 25.29
N GLU A 239 -16.48 -29.59 24.92
CA GLU A 239 -17.54 -29.89 25.87
C GLU A 239 -17.47 -31.35 26.29
N ARG A 240 -17.16 -32.22 25.34
CA ARG A 240 -17.21 -33.65 25.56
C ARG A 240 -15.90 -34.34 25.18
N THR A 241 -15.04 -33.65 24.44
CA THR A 241 -13.87 -34.30 23.88
C THR A 241 -12.61 -33.44 24.01
N THR A 242 -11.49 -34.11 24.29
CA THR A 242 -10.18 -33.48 24.30
C THR A 242 -9.31 -34.01 23.17
N TRP A 243 -8.71 -33.08 22.42
CA TRP A 243 -7.84 -33.41 21.30
C TRP A 243 -6.39 -33.26 21.74
N ILE A 244 -5.63 -34.35 21.69
CA ILE A 244 -4.22 -34.28 22.01
C ILE A 244 -3.40 -34.65 20.78
N ALA A 245 -2.53 -33.74 20.36
CA ALA A 245 -1.58 -34.00 19.27
C ALA A 245 -0.16 -33.89 19.80
N PRO A 246 0.52 -35.03 19.94
CA PRO A 246 1.90 -35.04 20.45
C PRO A 246 2.88 -34.61 19.37
N GLY A 247 4.13 -34.37 19.74
CA GLY A 247 5.15 -33.93 18.79
C GLY A 247 6.32 -34.88 18.64
N THR A 248 6.27 -36.00 19.37
CA THR A 248 7.33 -37.00 19.29
C THR A 248 6.69 -38.38 19.31
N LEU A 249 7.40 -39.37 18.75
CA LEU A 249 6.88 -40.73 18.75
C LEU A 249 6.79 -41.32 20.15
N ASN A 250 7.72 -40.94 21.03
CA ASN A 250 7.68 -41.41 22.41
C ASN A 250 6.35 -41.03 23.03
N ASP A 251 6.02 -39.74 22.94
CA ASP A 251 4.78 -39.22 23.51
C ASP A 251 3.54 -39.81 22.85
N LEU A 252 3.59 -40.04 21.54
CA LEU A 252 2.47 -40.69 20.86
C LEU A 252 2.26 -42.11 21.41
N LEU A 253 3.33 -42.90 21.44
CA LEU A 253 3.29 -44.26 21.96
C LEU A 253 2.81 -44.28 23.41
N GLU A 254 3.15 -43.22 24.12
CA GLU A 254 2.81 -43.07 25.52
C GLU A 254 1.31 -42.87 25.71
N LEU A 255 0.75 -41.97 24.90
CA LEU A 255 -0.67 -41.65 25.00
C LEU A 255 -1.51 -42.84 24.59
N LYS A 256 -1.08 -43.55 23.56
CA LYS A 256 -1.81 -44.75 23.13
C LYS A 256 -1.94 -45.75 24.28
N MET A 257 -0.83 -46.09 24.92
CA MET A 257 -0.81 -47.04 26.03
C MET A 257 -1.65 -46.58 27.21
N LYS A 258 -1.62 -45.28 27.49
CA LYS A 258 -2.43 -44.71 28.56
C LYS A 258 -3.89 -44.56 28.16
N HIS A 259 -4.15 -44.47 26.86
CA HIS A 259 -5.50 -44.26 26.36
C HIS A 259 -5.82 -45.19 25.19
N PRO A 260 -5.84 -46.50 25.43
CA PRO A 260 -5.95 -47.46 24.33
C PRO A 260 -7.28 -47.37 23.58
N SER A 261 -8.28 -46.72 24.17
CA SER A 261 -9.55 -46.51 23.49
C SER A 261 -9.45 -45.39 22.47
N ALA A 262 -8.73 -44.33 22.83
CA ALA A 262 -8.61 -43.16 21.97
C ALA A 262 -8.27 -43.58 20.53
N PRO A 263 -9.04 -43.08 19.57
CA PRO A 263 -8.78 -43.29 18.13
C PRO A 263 -7.70 -42.34 17.62
N LEU A 264 -6.94 -42.78 16.62
CA LEU A 264 -5.92 -41.94 16.00
C LEU A 264 -6.44 -41.37 14.68
N VAL A 265 -6.61 -40.05 14.60
CA VAL A 265 -7.30 -39.43 13.48
C VAL A 265 -6.40 -38.59 12.58
N ILE A 266 -6.29 -39.00 11.33
CA ILE A 266 -5.63 -38.15 10.35
C ILE A 266 -6.60 -37.71 9.24
N GLY A 267 -7.11 -38.66 8.46
CA GLY A 267 -8.06 -38.30 7.43
C GLY A 267 -9.40 -37.88 8.02
N ASN A 268 -9.93 -38.73 8.89
CA ASN A 268 -11.25 -38.51 9.48
C ASN A 268 -12.36 -38.80 8.49
N THR A 269 -11.98 -39.42 7.37
CA THR A 269 -12.94 -39.85 6.38
C THR A 269 -13.65 -41.12 6.82
N TYR A 270 -13.27 -41.60 8.01
CA TYR A 270 -13.88 -42.79 8.59
C TYR A 270 -14.53 -42.48 9.93
N LEU A 271 -13.72 -41.98 10.87
CA LEU A 271 -14.23 -41.54 12.15
C LEU A 271 -15.33 -40.52 11.95
N GLY A 272 -15.22 -39.72 10.89
CA GLY A 272 -16.24 -38.75 10.57
C GLY A 272 -17.60 -39.40 10.45
N LEU A 273 -17.66 -40.49 9.70
CA LEU A 273 -18.91 -41.18 9.43
C LEU A 273 -19.32 -42.13 10.55
N HIS A 274 -18.38 -43.00 10.93
CA HIS A 274 -18.61 -44.01 11.97
C HIS A 274 -19.08 -43.38 13.28
N MET A 275 -18.42 -42.30 13.68
CA MET A 275 -18.82 -41.58 14.90
C MET A 275 -20.30 -41.21 14.92
N LYS A 276 -20.82 -40.77 13.77
CA LYS A 276 -22.21 -40.31 13.68
C LYS A 276 -23.19 -41.47 13.53
N ASP A 279 -23.71 -42.96 16.85
CA ASP A 279 -23.66 -41.73 17.62
C ASP A 279 -22.52 -41.74 18.64
N VAL A 280 -21.39 -42.34 18.24
CA VAL A 280 -20.24 -42.46 19.13
C VAL A 280 -19.53 -41.12 19.40
N SER A 281 -19.12 -40.95 20.65
CA SER A 281 -18.34 -39.78 21.08
C SER A 281 -17.17 -40.24 21.94
N TYR A 282 -15.97 -39.72 21.64
CA TYR A 282 -14.79 -40.12 22.39
C TYR A 282 -14.32 -39.00 23.32
N PRO A 283 -14.08 -39.34 24.59
CA PRO A 283 -13.62 -38.33 25.55
C PRO A 283 -12.20 -37.87 25.21
N ILE A 284 -11.48 -38.64 24.42
CA ILE A 284 -10.11 -38.28 24.02
C ILE A 284 -9.77 -38.71 22.60
N ILE A 285 -9.21 -37.79 21.83
CA ILE A 285 -8.80 -38.07 20.46
C ILE A 285 -7.32 -37.71 20.25
N ILE A 286 -6.63 -38.50 19.44
CA ILE A 286 -5.20 -38.29 19.20
C ILE A 286 -4.89 -38.05 17.73
N SER A 287 -4.07 -37.05 17.45
CA SER A 287 -3.63 -36.76 16.09
C SER A 287 -2.15 -37.05 15.91
N PRO A 288 -1.84 -38.13 15.18
CA PRO A 288 -0.44 -38.49 14.92
C PRO A 288 0.18 -37.62 13.83
N ALA A 289 -0.56 -36.64 13.34
CA ALA A 289 -0.11 -35.83 12.20
C ALA A 289 1.35 -35.42 12.34
N ARG A 290 1.69 -34.79 13.47
CA ARG A 290 3.01 -34.20 13.66
C ARG A 290 4.17 -35.19 13.73
N ILE A 291 3.88 -36.49 13.78
CA ILE A 291 4.96 -37.47 13.96
C ILE A 291 5.69 -37.85 12.68
N LEU A 292 6.96 -37.46 12.58
CA LEU A 292 7.71 -37.66 11.33
C LEU A 292 7.90 -39.12 10.95
N GLU A 293 8.14 -39.98 11.94
CA GLU A 293 8.41 -41.38 11.63
C GLU A 293 7.22 -42.04 10.92
N LEU A 294 6.08 -41.37 10.91
CA LEU A 294 4.89 -41.89 10.22
C LEU A 294 4.80 -41.37 8.78
N PHE A 295 5.66 -40.43 8.43
CA PHE A 295 5.75 -39.95 7.06
C PHE A 295 7.14 -40.26 6.50
N VAL A 296 7.38 -41.54 6.22
CA VAL A 296 8.68 -41.97 5.72
C VAL A 296 8.49 -42.84 4.48
N VAL A 297 9.30 -42.59 3.46
CA VAL A 297 9.27 -43.44 2.28
C VAL A 297 10.69 -43.85 1.88
N THR A 298 11.02 -45.10 2.17
CA THR A 298 12.32 -45.64 1.77
C THR A 298 12.09 -46.71 0.71
N ASN A 299 12.70 -46.54 -0.45
CA ASN A 299 12.45 -47.41 -1.60
C ASN A 299 13.52 -48.46 -1.79
N THR A 300 14.51 -48.44 -0.92
CA THR A 300 15.72 -49.23 -1.11
C THR A 300 15.51 -50.73 -1.33
N LYS A 301 16.24 -51.26 -2.31
CA LYS A 301 16.52 -52.69 -2.44
C LYS A 301 15.33 -53.64 -2.70
N GLN A 302 14.89 -54.32 -1.66
CA GLN A 302 13.95 -55.43 -1.80
C GLN A 302 12.50 -55.13 -1.42
N GLY A 303 12.16 -53.86 -1.24
CA GLY A 303 10.79 -53.49 -0.91
C GLY A 303 10.54 -52.01 -0.69
N LEU A 304 9.31 -51.57 -0.98
CA LEU A 304 8.91 -50.19 -0.74
C LEU A 304 8.25 -50.06 0.62
N THR A 305 8.72 -49.11 1.43
CA THR A 305 8.20 -48.93 2.78
C THR A 305 7.50 -47.58 2.92
N LEU A 306 6.19 -47.62 3.18
CA LEU A 306 5.36 -46.42 3.22
C LEU A 306 4.86 -46.09 4.63
N GLY A 307 5.08 -44.87 5.07
CA GLY A 307 4.63 -44.44 6.39
C GLY A 307 3.11 -44.34 6.46
N THR A 308 2.57 -44.54 7.66
CA THR A 308 1.13 -44.55 7.86
C THR A 308 0.50 -43.25 7.44
N GLY A 309 1.11 -42.14 7.83
CA GLY A 309 0.51 -40.82 7.66
C GLY A 309 0.36 -40.34 6.23
N LEU A 310 1.14 -40.90 5.32
CA LEU A 310 1.09 -40.50 3.92
C LEU A 310 -0.37 -40.55 3.49
N SER A 311 -0.86 -39.48 2.89
CA SER A 311 -2.22 -39.47 2.37
C SER A 311 -2.30 -40.46 1.20
N LEU A 312 -3.46 -40.58 0.57
CA LEU A 312 -3.58 -41.48 -0.56
C LEU A 312 -3.13 -40.79 -1.86
N THR A 313 -3.11 -39.47 -1.83
CA THR A 313 -2.54 -38.72 -2.94
C THR A 313 -1.03 -38.93 -2.93
N GLN A 314 -0.44 -38.76 -1.73
CA GLN A 314 0.99 -38.96 -1.56
C GLN A 314 1.45 -40.38 -1.90
N VAL A 315 0.61 -41.37 -1.63
CA VAL A 315 0.94 -42.75 -2.00
C VAL A 315 0.86 -42.96 -3.52
N LYS A 316 -0.07 -42.25 -4.15
CA LYS A 316 -0.20 -42.29 -5.61
C LYS A 316 1.09 -41.82 -6.23
N ASN A 317 1.43 -40.56 -5.96
CA ASN A 317 2.61 -39.91 -6.54
C ASN A 317 3.91 -40.64 -6.30
N VAL A 318 4.04 -41.25 -5.12
CA VAL A 318 5.24 -42.02 -4.77
C VAL A 318 5.28 -43.36 -5.50
N LEU A 319 4.10 -43.96 -5.67
CA LEU A 319 4.01 -45.26 -6.35
C LEU A 319 4.16 -45.12 -7.87
N SER A 320 3.78 -43.97 -8.42
CA SER A 320 4.03 -43.71 -9.84
C SER A 320 5.51 -43.44 -10.11
N ASP A 321 6.16 -42.71 -9.20
CA ASP A 321 7.57 -42.40 -9.33
C ASP A 321 8.43 -43.67 -9.27
N VAL A 322 8.03 -44.60 -8.42
CA VAL A 322 8.79 -45.83 -8.25
C VAL A 322 8.52 -46.83 -9.38
N VAL A 323 7.26 -47.00 -9.75
CA VAL A 323 6.93 -47.96 -10.82
C VAL A 323 7.58 -47.59 -12.16
N SER A 324 7.76 -46.29 -12.41
CA SER A 324 8.26 -45.80 -13.71
C SER A 324 9.76 -45.97 -13.91
N ARG A 325 10.50 -46.18 -12.82
CA ARG A 325 11.94 -46.38 -12.90
C ARG A 325 12.33 -47.83 -12.61
N LEU A 326 11.36 -48.74 -12.65
CA LEU A 326 11.58 -50.14 -12.37
C LEU A 326 11.04 -51.01 -13.50
N PRO A 327 11.59 -52.22 -13.68
CA PRO A 327 11.08 -53.14 -14.71
C PRO A 327 9.69 -53.67 -14.37
N LYS A 328 8.96 -54.10 -15.39
CA LYS A 328 7.55 -54.48 -15.23
C LYS A 328 7.34 -55.86 -14.63
N GLU A 329 8.42 -56.62 -14.46
CA GLU A 329 8.32 -57.90 -13.79
C GLU A 329 8.39 -57.71 -12.28
N LYS A 330 9.01 -56.62 -11.86
CA LYS A 330 9.22 -56.35 -10.44
C LYS A 330 8.10 -55.50 -9.81
N THR A 331 7.26 -54.92 -10.66
CA THR A 331 6.25 -53.95 -10.20
C THR A 331 4.82 -54.44 -10.24
N GLN A 332 4.62 -55.75 -10.30
CA GLN A 332 3.27 -56.30 -10.44
C GLN A 332 2.24 -55.75 -9.44
N ILE A 333 2.61 -55.64 -8.16
CA ILE A 333 1.67 -55.21 -7.13
C ILE A 333 1.57 -53.70 -6.98
N TYR A 334 2.62 -52.98 -7.37
CA TYR A 334 2.58 -51.52 -7.32
C TYR A 334 1.57 -51.02 -8.35
N CYS A 335 1.56 -51.67 -9.51
CA CYS A 335 0.64 -51.31 -10.59
C CYS A 335 -0.79 -51.76 -10.26
N ALA A 336 -0.94 -52.64 -9.29
CA ALA A 336 -2.25 -53.06 -8.85
C ALA A 336 -2.84 -52.01 -7.93
N LEU A 337 -2.03 -51.55 -6.97
CA LEU A 337 -2.45 -50.47 -6.09
C LEU A 337 -2.75 -49.26 -6.92
N LEU A 338 -1.83 -48.93 -7.83
CA LEU A 338 -1.98 -47.79 -8.72
C LEU A 338 -3.33 -47.88 -9.42
N LYS A 339 -3.63 -49.05 -9.98
CA LYS A 339 -4.87 -49.27 -10.71
C LYS A 339 -6.10 -49.03 -9.84
N GLN A 340 -5.99 -49.36 -8.57
CA GLN A 340 -7.10 -49.19 -7.65
C GLN A 340 -7.19 -47.76 -7.14
N LEU A 341 -6.04 -47.15 -6.89
CA LEU A 341 -5.99 -45.79 -6.36
C LEU A 341 -6.62 -44.75 -7.29
N LYS A 342 -6.62 -45.03 -8.59
CA LYS A 342 -6.98 -44.03 -9.59
C LYS A 342 -8.48 -43.73 -9.61
N THR A 343 -9.28 -44.65 -9.10
CA THR A 343 -10.73 -44.49 -9.10
C THR A 343 -11.33 -44.39 -7.69
N LEU A 344 -10.51 -44.67 -6.69
CA LEU A 344 -10.97 -44.64 -5.30
C LEU A 344 -11.32 -43.23 -4.82
N ALA A 345 -12.61 -42.99 -4.58
CA ALA A 345 -13.10 -41.68 -4.18
C ALA A 345 -12.66 -40.60 -5.16
N GLY A 346 -12.73 -39.34 -4.71
CA GLY A 346 -12.29 -38.23 -5.54
C GLY A 346 -10.94 -37.69 -5.10
N GLN A 347 -10.60 -36.48 -5.55
CA GLN A 347 -9.34 -35.88 -5.17
C GLN A 347 -9.36 -35.43 -3.71
N GLN A 348 -10.39 -34.67 -3.36
CA GLN A 348 -10.58 -34.19 -1.98
C GLN A 348 -10.21 -35.29 -0.97
N ILE A 349 -10.92 -36.40 -1.08
CA ILE A 349 -10.77 -37.48 -0.11
C ILE A 349 -9.40 -38.16 -0.16
N ARG A 350 -8.86 -38.37 -1.34
CA ARG A 350 -7.52 -38.94 -1.43
C ARG A 350 -6.49 -37.97 -0.89
N ASN A 351 -6.83 -36.68 -0.88
CA ASN A 351 -5.92 -35.65 -0.37
C ASN A 351 -5.81 -35.66 1.14
N VAL A 352 -6.77 -36.29 1.81
CA VAL A 352 -6.76 -36.36 3.28
C VAL A 352 -6.66 -37.78 3.82
N ALA A 353 -7.37 -38.72 3.19
CA ALA A 353 -7.40 -40.11 3.63
C ALA A 353 -5.99 -40.65 3.73
N SER A 354 -5.73 -41.41 4.79
CA SER A 354 -4.39 -41.90 5.05
C SER A 354 -4.22 -43.37 4.69
N LEU A 355 -2.98 -43.76 4.44
CA LEU A 355 -2.65 -45.15 4.19
C LEU A 355 -2.95 -45.92 5.45
N GLY A 356 -2.48 -45.40 6.59
CA GLY A 356 -2.69 -46.05 7.86
C GLY A 356 -4.17 -46.18 8.12
N GLY A 357 -4.86 -45.05 8.18
CA GLY A 357 -6.30 -45.07 8.42
C GLY A 357 -7.01 -46.09 7.55
N HIS A 358 -6.72 -46.06 6.26
CA HIS A 358 -7.37 -46.97 5.32
C HIS A 358 -7.20 -48.41 5.74
N ILE A 359 -6.00 -48.76 6.20
CA ILE A 359 -5.68 -50.15 6.54
C ILE A 359 -6.31 -50.61 7.87
N ILE A 360 -6.16 -49.80 8.90
CA ILE A 360 -6.69 -50.13 10.23
C ILE A 360 -8.21 -50.32 10.23
N SER A 361 -8.92 -49.49 9.47
CA SER A 361 -10.38 -49.56 9.45
C SER A 361 -10.91 -50.76 8.65
N ARG A 362 -10.02 -51.42 7.91
CA ARG A 362 -10.37 -52.57 7.08
C ARG A 362 -11.84 -52.63 6.63
N LEU A 363 -12.25 -51.70 5.76
CA LEU A 363 -13.60 -51.72 5.20
C LEU A 363 -13.84 -52.98 4.39
N PRO A 364 -15.04 -53.58 4.51
CA PRO A 364 -15.32 -54.82 3.77
C PRO A 364 -15.15 -54.67 2.26
N THR A 365 -15.28 -53.44 1.75
CA THR A 365 -15.15 -53.20 0.33
C THR A 365 -13.94 -52.35 -0.02
N SER A 366 -13.01 -52.20 0.92
CA SER A 366 -11.77 -51.51 0.63
C SER A 366 -11.17 -52.03 -0.67
N ASP A 367 -10.59 -51.13 -1.46
CA ASP A 367 -10.01 -51.47 -2.75
C ASP A 367 -8.52 -51.80 -2.68
N LEU A 368 -7.84 -51.20 -1.69
CA LEU A 368 -6.40 -51.38 -1.53
C LEU A 368 -6.05 -52.61 -0.67
N ASN A 369 -6.85 -52.88 0.35
CA ASN A 369 -6.57 -53.99 1.25
C ASN A 369 -6.46 -55.32 0.53
N PRO A 370 -7.48 -55.70 -0.26
CA PRO A 370 -7.49 -57.02 -0.90
C PRO A 370 -6.24 -57.30 -1.73
N ILE A 371 -5.54 -56.26 -2.18
CA ILE A 371 -4.29 -56.48 -2.91
C ILE A 371 -3.08 -56.40 -1.98
N LEU A 372 -3.09 -55.47 -1.04
CA LEU A 372 -2.00 -55.39 -0.07
C LEU A 372 -1.76 -56.74 0.60
N GLY A 373 -2.86 -57.42 0.95
CA GLY A 373 -2.81 -58.66 1.71
C GLY A 373 -2.45 -59.90 0.92
N ILE A 374 -2.69 -59.85 -0.39
CA ILE A 374 -2.38 -60.98 -1.26
C ILE A 374 -0.97 -60.85 -1.84
N GLY A 375 -0.26 -59.82 -1.41
CA GLY A 375 1.10 -59.60 -1.88
C GLY A 375 2.15 -59.87 -0.82
N ASN A 376 1.74 -60.50 0.27
CA ASN A 376 2.63 -60.70 1.41
C ASN A 376 3.27 -59.37 1.83
N CYS A 377 2.42 -58.44 2.26
CA CYS A 377 2.87 -57.15 2.79
C CYS A 377 3.04 -57.23 4.30
N ILE A 378 3.67 -56.19 4.88
CA ILE A 378 4.02 -56.24 6.29
C ILE A 378 3.77 -54.93 7.03
N LEU A 379 3.17 -55.05 8.20
CA LEU A 379 2.85 -53.90 9.04
C LEU A 379 3.91 -53.70 10.11
N ASN A 380 4.53 -52.52 10.12
CA ASN A 380 5.48 -52.17 11.18
C ASN A 380 4.80 -51.42 12.33
N VAL A 381 4.57 -52.12 13.43
CA VAL A 381 3.88 -51.53 14.57
C VAL A 381 4.78 -51.32 15.78
N ALA A 382 4.44 -50.34 16.61
CA ALA A 382 5.24 -49.99 17.78
C ALA A 382 4.36 -49.58 18.96
N SER A 383 4.50 -50.30 20.07
CA SER A 383 3.81 -49.99 21.31
C SER A 383 4.79 -49.38 22.29
N THR A 384 4.34 -49.08 23.50
CA THR A 384 5.23 -48.54 24.52
C THR A 384 6.14 -49.63 25.09
N GLU A 385 5.93 -50.86 24.64
CA GLU A 385 6.75 -52.00 25.05
C GLU A 385 7.92 -52.20 24.09
N GLY A 386 7.64 -52.09 22.80
CA GLY A 386 8.68 -52.24 21.80
C GLY A 386 8.21 -52.42 20.37
N ILE A 387 9.18 -52.52 19.46
CA ILE A 387 8.90 -52.70 18.04
C ILE A 387 8.28 -54.06 17.79
N GLN A 388 7.68 -54.24 16.62
CA GLN A 388 7.06 -55.50 16.25
C GLN A 388 6.55 -55.45 14.81
N GLN A 389 6.46 -56.62 14.16
CA GLN A 389 5.86 -56.69 12.85
C GLN A 389 4.82 -57.80 12.74
N ILE A 390 3.61 -57.40 12.34
CA ILE A 390 2.54 -58.35 12.08
C ILE A 390 2.19 -58.31 10.60
N PRO A 391 1.94 -59.50 10.01
CA PRO A 391 1.69 -59.59 8.58
C PRO A 391 0.34 -59.03 8.27
N LEU A 392 0.09 -58.67 7.01
CA LEU A 392 -1.24 -58.25 6.59
C LEU A 392 -1.82 -59.35 5.71
N ASN A 393 -2.33 -60.40 6.35
CA ASN A 393 -2.73 -61.61 5.66
C ASN A 393 -4.24 -61.79 5.56
N ASP A 394 -4.66 -62.88 4.95
CA ASP A 394 -6.07 -63.12 4.66
C ASP A 394 -6.95 -63.00 5.91
N HIS A 395 -6.44 -63.40 7.07
CA HIS A 395 -7.24 -63.25 8.28
C HIS A 395 -6.88 -62.07 9.19
N PHE A 396 -5.87 -61.30 8.83
CA PHE A 396 -5.62 -60.05 9.55
C PHE A 396 -6.92 -59.26 9.54
N LEU A 397 -7.76 -59.56 8.56
CA LEU A 397 -9.08 -58.99 8.49
C LEU A 397 -10.05 -59.96 9.16
N ALA A 398 -9.98 -60.00 10.49
CA ALA A 398 -10.81 -60.90 11.28
C ALA A 398 -12.28 -60.53 11.14
N GLY A 399 -13.03 -60.68 12.23
CA GLY A 399 -14.45 -60.36 12.23
C GLY A 399 -14.72 -58.87 12.27
N ILE A 404 -5.81 -56.97 14.10
CA ILE A 404 -4.98 -57.89 14.86
C ILE A 404 -3.91 -57.14 15.66
N LEU A 405 -3.78 -55.84 15.42
CA LEU A 405 -2.90 -55.00 16.22
C LEU A 405 -3.46 -54.94 17.63
N LYS A 406 -2.60 -55.01 18.64
CA LYS A 406 -3.04 -54.82 20.01
C LYS A 406 -3.52 -53.38 20.18
N PRO A 407 -4.41 -53.14 21.15
CA PRO A 407 -4.97 -51.80 21.40
C PRO A 407 -3.92 -50.71 21.59
N GLU A 408 -2.75 -51.08 22.12
CA GLU A 408 -1.79 -50.08 22.57
C GLU A 408 -0.66 -49.78 21.57
N GLN A 409 -0.73 -50.37 20.38
CA GLN A 409 0.27 -50.09 19.37
C GLN A 409 -0.25 -49.32 18.15
N VAL A 410 0.66 -48.57 17.53
CA VAL A 410 0.32 -47.69 16.42
C VAL A 410 1.02 -48.17 15.16
N LEU A 411 0.40 -47.96 14.00
CA LEU A 411 0.98 -48.38 12.74
C LEU A 411 1.95 -47.30 12.34
N ILE A 412 3.21 -47.69 12.13
CA ILE A 412 4.23 -46.71 11.78
C ILE A 412 4.53 -46.71 10.29
N SER A 413 4.40 -47.88 9.66
CA SER A 413 4.58 -47.96 8.21
C SER A 413 4.33 -49.36 7.70
N VAL A 414 4.06 -49.48 6.42
CA VAL A 414 3.83 -50.79 5.82
C VAL A 414 4.89 -51.08 4.77
N PHE A 415 5.46 -52.28 4.84
CA PHE A 415 6.48 -52.74 3.91
C PHE A 415 5.82 -53.56 2.81
N VAL A 416 5.91 -53.08 1.58
CA VAL A 416 5.36 -53.79 0.43
C VAL A 416 6.48 -54.10 -0.56
N PRO A 417 6.70 -55.40 -0.81
CA PRO A 417 7.85 -55.90 -1.56
C PRO A 417 7.68 -55.85 -3.07
N ARG A 418 8.80 -55.70 -3.80
CA ARG A 418 8.79 -55.82 -5.25
C ARG A 418 8.40 -57.24 -5.65
N SER A 419 7.88 -57.39 -6.87
CA SER A 419 7.36 -58.68 -7.32
C SER A 419 8.46 -59.59 -7.91
N SER A 420 8.49 -60.85 -7.48
CA SER A 420 9.44 -61.81 -8.02
C SER A 420 9.20 -62.00 -9.51
N LYS A 421 10.21 -62.48 -10.22
CA LYS A 421 10.18 -62.52 -11.68
C LYS A 421 9.02 -63.34 -12.25
N TRP A 422 8.59 -64.37 -11.53
CA TRP A 422 7.61 -65.30 -12.06
C TRP A 422 6.25 -65.24 -11.38
N GLU A 423 5.96 -64.12 -10.70
CA GLU A 423 4.66 -63.97 -10.06
C GLU A 423 3.85 -62.85 -10.69
N PHE A 424 2.53 -63.01 -10.70
CA PHE A 424 1.64 -62.01 -11.30
C PHE A 424 0.52 -61.66 -10.32
N VAL A 425 0.21 -60.38 -10.20
CA VAL A 425 -0.94 -59.95 -9.40
C VAL A 425 -1.85 -59.07 -10.25
N SER A 426 -3.12 -58.99 -9.85
CA SER A 426 -4.12 -58.26 -10.63
C SER A 426 -5.30 -57.82 -9.77
N ALA A 427 -5.74 -56.59 -10.00
CA ALA A 427 -6.89 -56.05 -9.28
C ALA A 427 -8.11 -55.99 -10.19
N PHE A 428 -9.29 -56.10 -9.59
CA PHE A 428 -10.53 -56.03 -10.34
C PHE A 428 -11.56 -55.28 -9.51
N ARG A 429 -12.61 -54.80 -10.15
CA ARG A 429 -13.54 -53.92 -9.47
C ARG A 429 -14.86 -53.73 -10.21
N GLN A 430 -15.94 -53.54 -9.46
CA GLN A 430 -17.23 -53.20 -10.05
C GLN A 430 -17.94 -52.20 -9.17
N ALA A 431 -18.44 -51.12 -9.78
CA ALA A 431 -19.12 -50.07 -9.02
C ALA A 431 -20.28 -49.41 -9.78
N PRO A 432 -21.26 -48.87 -9.04
CA PRO A 432 -22.40 -48.19 -9.64
C PRO A 432 -21.95 -47.04 -10.55
N ARG A 433 -20.84 -46.39 -10.20
CA ARG A 433 -20.21 -45.42 -11.08
C ARG A 433 -18.68 -45.53 -11.15
N GLN A 434 -18.14 -45.31 -12.35
CA GLN A 434 -16.73 -45.59 -12.67
C GLN A 434 -15.73 -45.13 -11.60
N GLN A 435 -16.08 -44.06 -10.89
CA GLN A 435 -15.20 -43.55 -9.84
C GLN A 435 -16.04 -42.91 -8.74
N ASN A 436 -15.41 -42.61 -7.61
CA ASN A 436 -16.09 -41.95 -6.50
C ASN A 436 -17.28 -42.73 -5.97
N ALA A 437 -17.05 -44.01 -5.68
CA ALA A 437 -18.07 -44.88 -5.11
C ALA A 437 -17.51 -46.26 -4.87
N PHE A 438 -17.86 -46.85 -3.73
CA PHE A 438 -17.32 -48.15 -3.33
C PHE A 438 -17.69 -49.30 -4.26
N ALA A 439 -16.87 -50.35 -4.23
CA ALA A 439 -17.10 -51.49 -5.07
C ALA A 439 -18.25 -52.32 -4.53
N THR A 440 -19.22 -52.60 -5.39
CA THR A 440 -20.18 -53.66 -5.11
C THR A 440 -19.36 -54.87 -4.67
N VAL A 441 -18.46 -55.31 -5.55
CA VAL A 441 -17.45 -56.31 -5.20
C VAL A 441 -16.15 -56.02 -5.92
N ASN A 442 -15.04 -56.07 -5.18
CA ASN A 442 -13.72 -55.93 -5.75
C ASN A 442 -12.92 -57.19 -5.47
N ALA A 443 -11.82 -57.39 -6.20
CA ALA A 443 -11.02 -58.58 -6.01
C ALA A 443 -9.52 -58.29 -5.98
N GLY A 444 -8.78 -59.16 -5.28
CA GLY A 444 -7.34 -59.13 -5.28
C GLY A 444 -6.87 -60.54 -5.56
N MET A 445 -5.94 -60.70 -6.49
CA MET A 445 -5.51 -62.03 -6.90
C MET A 445 -4.03 -62.09 -7.22
N LYS A 446 -3.41 -63.24 -6.95
CA LYS A 446 -1.99 -63.45 -7.24
C LYS A 446 -1.68 -64.91 -7.53
N VAL A 447 -0.67 -65.15 -8.36
CA VAL A 447 -0.22 -66.51 -8.65
C VAL A 447 1.31 -66.53 -8.86
N VAL A 448 1.93 -67.67 -8.59
CA VAL A 448 3.35 -67.83 -8.82
C VAL A 448 3.61 -69.17 -9.50
N PHE A 449 4.08 -69.11 -10.74
CA PHE A 449 4.36 -70.34 -11.48
C PHE A 449 5.75 -70.87 -11.17
N ASN A 454 4.25 -73.19 -16.64
CA ASN A 454 3.02 -72.54 -16.23
C ASN A 454 2.27 -73.34 -15.18
N THR A 455 2.99 -74.27 -14.54
CA THR A 455 2.44 -75.01 -13.42
C THR A 455 2.28 -74.04 -12.25
N ILE A 456 1.22 -74.23 -11.46
CA ILE A 456 0.93 -73.33 -10.36
C ILE A 456 1.70 -73.71 -9.09
N THR A 457 2.67 -72.87 -8.73
CA THR A 457 3.47 -73.10 -7.53
C THR A 457 2.76 -72.57 -6.29
N ASP A 458 2.21 -71.38 -6.40
CA ASP A 458 1.43 -70.78 -5.32
C ASP A 458 0.18 -70.12 -5.89
N LEU A 459 -0.77 -69.81 -5.01
CA LEU A 459 -2.01 -69.15 -5.42
C LEU A 459 -2.67 -68.46 -4.22
N GLY A 460 -3.47 -67.44 -4.50
CA GLY A 460 -4.14 -66.72 -3.44
C GLY A 460 -5.12 -65.70 -3.99
N ILE A 461 -6.30 -65.63 -3.37
CA ILE A 461 -7.33 -64.71 -3.83
C ILE A 461 -8.10 -64.10 -2.66
N LEU A 462 -8.19 -62.77 -2.64
CA LEU A 462 -8.93 -62.05 -1.62
C LEU A 462 -10.08 -61.27 -2.25
N TYR A 463 -11.30 -61.52 -1.78
CA TYR A 463 -12.46 -60.81 -2.28
C TYR A 463 -12.93 -59.73 -1.31
N GLY A 464 -13.77 -58.84 -1.83
CA GLY A 464 -14.39 -57.80 -1.03
C GLY A 464 -15.80 -57.57 -1.54
N GLY A 465 -16.74 -57.37 -0.63
CA GLY A 465 -18.11 -57.12 -1.03
C GLY A 465 -19.02 -58.32 -0.88
N ILE A 466 -18.55 -59.37 -0.24
CA ILE A 466 -19.42 -60.51 0.05
C ILE A 466 -19.43 -60.91 1.54
N GLY A 467 -18.27 -61.26 2.09
CA GLY A 467 -18.16 -61.47 3.53
C GLY A 467 -18.30 -60.14 4.24
N ALA A 468 -18.66 -60.17 5.52
CA ALA A 468 -18.79 -58.93 6.27
C ALA A 468 -17.45 -58.22 6.33
N THR A 469 -16.39 -58.98 6.06
CA THR A 469 -15.05 -58.42 5.91
C THR A 469 -14.49 -58.96 4.60
N VAL A 470 -13.26 -58.58 4.27
CA VAL A 470 -12.61 -59.12 3.07
C VAL A 470 -12.25 -60.58 3.27
N ILE A 471 -12.84 -61.45 2.45
CA ILE A 471 -12.75 -62.88 2.65
C ILE A 471 -11.66 -63.52 1.80
N LYS A 475 -9.34 -71.87 0.61
CA LYS A 475 -9.51 -73.32 0.46
C LYS A 475 -9.57 -73.72 -1.02
N SER A 476 -10.30 -72.95 -1.81
CA SER A 476 -10.46 -73.27 -3.22
C SER A 476 -9.18 -73.11 -4.02
N CYS A 477 -8.34 -72.16 -3.63
CA CYS A 477 -7.06 -71.96 -4.31
C CYS A 477 -6.01 -72.95 -3.84
N ARG A 478 -6.07 -73.31 -2.55
CA ARG A 478 -5.14 -74.27 -1.97
C ARG A 478 -5.23 -75.62 -2.69
N GLN A 479 -6.41 -75.90 -3.24
CA GLN A 479 -6.62 -77.16 -3.96
C GLN A 479 -6.04 -77.06 -5.36
N LEU A 480 -5.71 -75.84 -5.78
CA LEU A 480 -5.25 -75.58 -7.14
C LEU A 480 -3.74 -75.51 -7.29
N ILE A 481 -3.00 -75.84 -6.24
CA ILE A 481 -1.54 -75.82 -6.30
C ILE A 481 -1.02 -77.05 -7.05
N GLY A 482 -0.28 -76.82 -8.13
CA GLY A 482 0.24 -77.90 -8.95
C GLY A 482 -0.58 -78.10 -10.22
N ARG A 483 -1.69 -77.37 -10.32
CA ARG A 483 -2.57 -77.45 -11.48
C ARG A 483 -2.06 -76.55 -12.62
N CYS A 484 -2.14 -77.05 -13.85
CA CYS A 484 -1.76 -76.28 -15.02
C CYS A 484 -2.77 -75.17 -15.26
N TRP A 485 -2.36 -74.11 -15.96
CA TRP A 485 -3.23 -72.97 -16.20
C TRP A 485 -4.08 -73.15 -17.46
N MET A 489 -8.43 -76.22 -15.80
CA MET A 489 -8.22 -75.80 -14.42
C MET A 489 -9.09 -74.62 -14.03
N LEU A 490 -9.53 -73.86 -15.02
CA LEU A 490 -10.46 -72.75 -14.76
C LEU A 490 -11.84 -73.29 -14.46
N ASP A 491 -12.43 -73.96 -15.44
CA ASP A 491 -13.75 -74.54 -15.29
C ASP A 491 -13.84 -75.27 -13.95
N ASP A 492 -12.72 -75.84 -13.52
CA ASP A 492 -12.63 -76.48 -12.22
C ASP A 492 -12.64 -75.44 -11.10
N ALA A 493 -11.84 -74.38 -11.25
CA ALA A 493 -11.72 -73.37 -10.21
C ALA A 493 -12.97 -72.49 -10.11
N GLY A 494 -13.79 -72.49 -11.17
CA GLY A 494 -15.03 -71.75 -11.17
C GLY A 494 -16.05 -72.37 -10.23
N LYS A 495 -16.19 -73.69 -10.32
CA LYS A 495 -17.09 -74.41 -9.42
C LYS A 495 -16.61 -74.28 -7.98
N MET A 496 -15.29 -74.34 -7.78
CA MET A 496 -14.71 -74.25 -6.45
C MET A 496 -14.96 -72.89 -5.82
N ILE A 497 -14.65 -71.82 -6.54
CA ILE A 497 -14.84 -70.47 -6.04
C ILE A 497 -16.33 -70.18 -5.81
N CYS A 498 -17.18 -70.79 -6.62
CA CYS A 498 -18.63 -70.57 -6.53
C CYS A 498 -19.21 -71.10 -5.22
N GLU A 499 -18.87 -72.33 -4.87
CA GLU A 499 -19.30 -72.91 -3.61
C GLU A 499 -18.68 -72.16 -2.44
N GLU A 500 -17.41 -71.79 -2.60
CA GLU A 500 -16.66 -71.12 -1.54
C GLU A 500 -17.35 -69.83 -1.09
N VAL A 501 -17.48 -68.88 -2.02
CA VAL A 501 -18.06 -67.57 -1.69
C VAL A 501 -19.52 -67.69 -1.25
N SER A 502 -20.21 -68.71 -1.76
CA SER A 502 -21.59 -68.97 -1.37
C SER A 502 -21.65 -69.28 0.13
N LEU A 503 -20.61 -69.92 0.64
CA LEU A 503 -20.51 -70.26 2.06
C LEU A 503 -20.25 -69.04 2.94
N LEU A 504 -19.56 -68.06 2.38
CA LEU A 504 -19.14 -66.90 3.16
C LEU A 504 -20.01 -65.67 2.87
N ALA A 507 -25.25 -61.91 3.67
CA ALA A 507 -25.07 -60.67 4.41
C ALA A 507 -25.96 -59.56 3.84
N PRO A 508 -26.02 -58.41 4.52
CA PRO A 508 -26.77 -57.25 4.03
C PRO A 508 -26.31 -56.86 2.64
N GLY A 509 -27.09 -56.04 1.95
CA GLY A 509 -26.76 -55.60 0.61
C GLY A 509 -27.61 -56.28 -0.45
N GLY A 510 -28.03 -57.51 -0.17
CA GLY A 510 -28.84 -58.26 -1.10
C GLY A 510 -28.11 -58.53 -2.40
N MET A 511 -28.88 -58.81 -3.45
CA MET A 511 -28.33 -59.22 -4.74
C MET A 511 -27.14 -60.17 -4.59
N GLU A 512 -27.36 -61.30 -3.93
CA GLU A 512 -26.33 -62.33 -3.80
C GLU A 512 -25.96 -62.86 -5.18
N GLU A 513 -26.98 -63.26 -5.93
CA GLU A 513 -26.78 -63.82 -7.27
C GLU A 513 -25.72 -63.03 -8.03
N TYR A 514 -25.93 -61.72 -8.12
CA TYR A 514 -25.03 -60.84 -8.87
C TYR A 514 -23.64 -60.81 -8.24
N ARG A 515 -23.59 -60.73 -6.92
CA ARG A 515 -22.32 -60.64 -6.21
C ARG A 515 -21.47 -61.91 -6.38
N LYS A 516 -22.14 -63.06 -6.44
CA LYS A 516 -21.42 -64.32 -6.66
C LYS A 516 -21.00 -64.43 -8.12
N THR A 517 -21.78 -63.82 -9.01
CA THR A 517 -21.53 -63.91 -10.45
C THR A 517 -20.30 -63.08 -10.81
N LEU A 518 -20.13 -61.94 -10.14
CA LEU A 518 -18.96 -61.11 -10.35
C LEU A 518 -17.72 -61.78 -9.78
N ALA A 519 -17.85 -62.31 -8.57
CA ALA A 519 -16.77 -63.02 -7.91
C ALA A 519 -16.08 -63.99 -8.87
N ILE A 520 -16.89 -64.80 -9.56
CA ILE A 520 -16.37 -65.73 -10.54
C ILE A 520 -15.90 -64.98 -11.79
N SER A 521 -16.69 -64.00 -12.19
CA SER A 521 -16.39 -63.23 -13.39
C SER A 521 -14.99 -62.61 -13.34
N PHE A 522 -14.53 -62.31 -12.13
CA PHE A 522 -13.19 -61.78 -11.94
C PHE A 522 -12.17 -62.91 -12.06
N LEU A 523 -12.58 -64.12 -11.71
CA LEU A 523 -11.73 -65.29 -11.87
C LEU A 523 -11.30 -65.37 -13.33
N PHE A 524 -12.29 -65.38 -14.21
CA PHE A 524 -12.06 -65.42 -15.66
C PHE A 524 -11.10 -64.30 -16.09
N MET A 525 -11.48 -63.05 -15.77
CA MET A 525 -10.68 -61.89 -16.13
C MET A 525 -9.24 -62.09 -15.75
N PHE A 526 -9.02 -62.63 -14.56
CA PHE A 526 -7.68 -62.95 -14.08
C PHE A 526 -7.07 -64.07 -14.92
N TYR A 527 -7.89 -65.03 -15.30
CA TYR A 527 -7.45 -66.16 -16.12
C TYR A 527 -6.80 -65.69 -17.40
N LEU A 528 -7.49 -64.78 -18.11
CA LEU A 528 -6.98 -64.26 -19.37
C LEU A 528 -5.92 -63.19 -19.17
N ASP A 529 -6.10 -62.34 -18.16
CA ASP A 529 -5.13 -61.29 -17.87
C ASP A 529 -3.73 -61.89 -17.79
N VAL A 530 -3.62 -63.09 -17.22
CA VAL A 530 -2.32 -63.72 -17.01
C VAL A 530 -1.86 -64.56 -18.21
N LEU A 531 -2.80 -65.22 -18.89
CA LEU A 531 -2.46 -65.99 -20.09
C LEU A 531 -1.82 -65.08 -21.13
N LYS A 532 -2.19 -63.80 -21.08
CA LYS A 532 -1.68 -62.79 -22.01
C LYS A 532 -0.21 -62.49 -21.74
N GLN A 533 0.12 -62.18 -20.49
CA GLN A 533 1.50 -61.95 -20.10
C GLN A 533 2.35 -63.18 -20.37
N LEU A 534 1.71 -64.35 -20.36
CA LEU A 534 2.42 -65.60 -20.58
C LEU A 534 2.79 -65.79 -22.06
N LYS A 535 1.89 -65.42 -22.95
CA LYS A 535 2.17 -65.50 -24.37
C LYS A 535 3.05 -64.32 -24.79
N THR A 536 2.85 -63.19 -24.11
CA THR A 536 3.66 -61.99 -24.38
C THR A 536 5.08 -62.17 -23.85
N ARG A 537 5.26 -63.18 -23.00
CA ARG A 537 6.57 -63.47 -22.41
C ARG A 537 7.30 -64.57 -23.19
N ASP A 538 6.55 -65.36 -23.96
CA ASP A 538 7.15 -66.39 -24.80
C ASP A 538 6.09 -67.01 -25.71
N ILE A 545 -5.19 -67.95 -28.20
CA ILE A 545 -5.49 -66.71 -27.50
C ILE A 545 -6.44 -65.83 -28.31
N SER A 546 -7.67 -66.31 -28.44
CA SER A 546 -8.67 -65.71 -29.31
C SER A 546 -8.80 -64.20 -29.09
N GLN A 547 -9.18 -63.50 -30.16
CA GLN A 547 -9.36 -62.05 -30.11
C GLN A 547 -10.70 -61.63 -29.47
N LYS A 548 -11.74 -62.42 -29.72
CA LYS A 548 -13.05 -62.19 -29.11
C LYS A 548 -12.93 -62.26 -27.58
N LEU A 549 -11.92 -62.99 -27.12
CA LEU A 549 -11.60 -63.11 -25.70
C LEU A 549 -10.72 -61.95 -25.25
N LEU A 550 -9.69 -61.66 -26.04
CA LEU A 550 -8.70 -60.64 -25.69
C LEU A 550 -9.33 -59.30 -25.31
N HIS A 551 -10.55 -59.06 -25.80
CA HIS A 551 -11.24 -57.80 -25.57
C HIS A 551 -11.51 -57.53 -24.09
N ILE A 552 -11.93 -58.57 -23.38
CA ILE A 552 -12.38 -58.40 -22.00
C ILE A 552 -11.33 -57.71 -21.12
N LEU A 553 -10.06 -57.77 -21.54
CA LEU A 553 -8.97 -57.19 -20.78
C LEU A 553 -8.81 -55.69 -21.05
N GLU A 554 -9.65 -55.13 -21.91
CA GLU A 554 -9.64 -53.71 -22.23
C GLU A 554 -10.74 -52.99 -21.46
N ASP A 555 -10.36 -52.23 -20.44
CA ASP A 555 -11.34 -51.55 -19.59
C ASP A 555 -11.74 -50.20 -20.17
N PHE A 556 -12.87 -49.67 -19.68
CA PHE A 556 -13.45 -48.46 -20.23
C PHE A 556 -13.02 -47.19 -19.49
N PRO A 557 -12.38 -46.27 -20.21
CA PRO A 557 -12.01 -44.99 -19.60
C PRO A 557 -13.08 -43.94 -19.75
N LEU A 558 -12.68 -42.72 -19.46
CA LEU A 558 -13.34 -41.86 -18.51
C LEU A 558 -13.81 -40.64 -19.27
N THR A 559 -15.01 -40.18 -18.99
CA THR A 559 -15.69 -39.32 -19.94
C THR A 559 -16.28 -38.04 -19.33
N GLY A 563 -19.63 -30.99 -26.24
CA GLY A 563 -20.63 -31.04 -27.30
C GLY A 563 -21.01 -29.70 -27.90
N MET A 564 -21.78 -29.77 -28.99
CA MET A 564 -22.23 -28.59 -29.72
C MET A 564 -23.71 -28.29 -29.40
N GLN A 565 -23.97 -27.10 -28.85
CA GLN A 565 -25.33 -26.70 -28.57
C GLN A 565 -25.76 -25.64 -29.54
N SER A 566 -26.86 -25.87 -30.25
CA SER A 566 -27.21 -25.05 -31.40
C SER A 566 -28.63 -24.49 -31.37
N PHE A 567 -28.78 -23.23 -31.79
CA PHE A 567 -30.07 -22.56 -31.83
C PHE A 567 -30.14 -21.53 -32.95
N GLN A 568 -31.35 -21.13 -33.31
CA GLN A 568 -31.50 -20.07 -34.32
C GLN A 568 -31.29 -18.73 -33.64
N ASP A 569 -30.65 -17.81 -34.34
CA ASP A 569 -30.32 -16.52 -33.74
C ASP A 569 -31.49 -15.54 -33.76
N VAL A 570 -31.24 -14.33 -33.27
CA VAL A 570 -32.28 -13.31 -33.10
C VAL A 570 -32.32 -12.35 -34.29
N ASP A 571 -33.50 -11.83 -34.59
CA ASP A 571 -33.71 -10.98 -35.77
C ASP A 571 -32.64 -9.90 -35.96
N PHE A 572 -32.15 -9.82 -37.19
CA PHE A 572 -31.10 -8.87 -37.54
C PHE A 572 -31.42 -7.46 -37.04
N GLN A 573 -32.68 -7.07 -37.15
CA GLN A 573 -33.09 -5.70 -36.89
C GLN A 573 -33.31 -5.42 -35.40
N GLN A 574 -33.26 -6.47 -34.58
CA GLN A 574 -33.54 -6.31 -33.16
C GLN A 574 -32.38 -5.64 -32.43
N PRO A 575 -32.67 -4.48 -31.82
CA PRO A 575 -31.66 -3.68 -31.11
C PRO A 575 -30.86 -4.50 -30.12
N LEU A 576 -29.65 -4.06 -29.77
CA LEU A 576 -28.86 -4.77 -28.78
C LEU A 576 -29.65 -4.89 -27.48
N GLN A 577 -30.15 -3.77 -26.99
CA GLN A 577 -30.66 -3.68 -25.63
C GLN A 577 -32.04 -4.33 -25.43
N ASP A 578 -32.61 -4.89 -26.48
CA ASP A 578 -33.76 -5.75 -26.33
C ASP A 578 -33.22 -7.16 -26.22
N PRO A 579 -33.30 -7.74 -25.02
CA PRO A 579 -32.64 -8.99 -24.67
C PRO A 579 -33.43 -10.25 -25.03
N ILE A 580 -34.67 -10.11 -25.48
CA ILE A 580 -35.45 -11.31 -25.79
C ILE A 580 -34.75 -12.16 -26.86
N GLY A 581 -34.75 -13.46 -26.66
CA GLY A 581 -34.15 -14.38 -27.61
C GLY A 581 -32.65 -14.47 -27.42
N ARG A 582 -32.12 -13.57 -26.59
CA ARG A 582 -30.68 -13.44 -26.37
C ARG A 582 -30.21 -14.38 -25.25
N PRO A 583 -29.14 -15.13 -25.50
CA PRO A 583 -28.59 -16.07 -24.51
C PRO A 583 -28.01 -15.40 -23.27
N ILE A 584 -28.81 -14.56 -22.60
CA ILE A 584 -28.34 -13.83 -21.42
C ILE A 584 -27.95 -14.76 -20.27
N MET A 585 -26.77 -14.55 -19.71
CA MET A 585 -26.34 -15.32 -18.54
C MET A 585 -27.32 -15.13 -17.38
N HIS A 586 -27.51 -16.20 -16.62
CA HIS A 586 -28.30 -16.17 -15.39
C HIS A 586 -27.86 -15.01 -14.50
N GLN A 587 -28.72 -14.01 -14.34
CA GLN A 587 -28.38 -12.81 -13.58
C GLN A 587 -27.63 -13.06 -12.27
N SER A 588 -27.89 -14.17 -11.60
CA SER A 588 -27.16 -14.51 -10.36
C SER A 588 -25.91 -15.36 -10.61
N GLY A 589 -25.58 -15.58 -11.87
CA GLY A 589 -24.48 -16.46 -12.25
C GLY A 589 -23.17 -16.14 -11.59
N ILE A 590 -22.79 -14.88 -11.57
CA ILE A 590 -21.51 -14.52 -10.98
C ILE A 590 -21.54 -14.70 -9.47
N LYS A 591 -22.61 -14.20 -8.85
CA LYS A 591 -22.80 -14.38 -7.41
C LYS A 591 -22.76 -15.85 -6.97
N HIS A 592 -23.20 -16.75 -7.84
CA HIS A 592 -23.11 -18.16 -7.55
C HIS A 592 -21.65 -18.56 -7.43
N ALA A 593 -20.80 -17.95 -8.25
CA ALA A 593 -19.39 -18.32 -8.30
C ALA A 593 -18.57 -17.59 -7.27
N THR A 594 -19.13 -16.57 -6.63
CA THR A 594 -18.37 -15.81 -5.63
C THR A 594 -18.80 -16.12 -4.20
N GLY A 595 -19.90 -16.87 -4.06
CA GLY A 595 -20.45 -17.18 -2.76
C GLY A 595 -21.14 -16.00 -2.10
N GLU A 596 -21.65 -15.07 -2.91
CA GLU A 596 -22.36 -13.90 -2.38
C GLU A 596 -23.85 -14.11 -2.39
N ALA A 597 -24.30 -15.12 -3.14
CA ALA A 597 -25.70 -15.46 -3.18
C ALA A 597 -26.07 -15.98 -1.82
N VAL A 598 -26.95 -15.26 -1.12
CA VAL A 598 -27.47 -15.72 0.15
C VAL A 598 -28.65 -16.65 -0.07
N PHE A 599 -28.45 -17.96 0.16
CA PHE A 599 -29.56 -18.89 0.21
C PHE A 599 -30.17 -18.80 1.61
N CYS A 600 -31.05 -19.74 1.95
CA CYS A 600 -31.77 -19.64 3.21
C CYS A 600 -30.84 -19.78 4.43
N ASP A 601 -30.12 -20.89 4.47
CA ASP A 601 -29.26 -21.16 5.61
C ASP A 601 -28.15 -20.13 5.78
N ASP A 602 -27.86 -19.34 4.73
CA ASP A 602 -26.70 -18.44 4.78
C ASP A 602 -27.00 -17.22 5.63
N MET A 603 -28.27 -17.07 6.00
CA MET A 603 -28.69 -15.94 6.84
C MET A 603 -28.08 -16.01 8.24
N SER A 604 -27.68 -14.87 8.78
CA SER A 604 -27.07 -14.78 10.11
C SER A 604 -28.03 -15.32 11.15
N VAL A 605 -27.48 -15.88 12.23
CA VAL A 605 -28.31 -16.29 13.37
C VAL A 605 -28.57 -15.07 14.24
N LEU A 606 -29.83 -14.88 14.61
CA LEU A 606 -30.20 -13.73 15.42
C LEU A 606 -30.00 -14.06 16.89
N PRO A 607 -29.69 -13.07 17.71
CA PRO A 607 -29.68 -13.31 19.15
C PRO A 607 -30.95 -14.07 19.58
N GLY A 608 -30.78 -15.26 20.16
CA GLY A 608 -31.91 -16.05 20.64
C GLY A 608 -32.45 -17.07 19.64
N GLU A 609 -32.07 -16.94 18.37
CA GLU A 609 -32.55 -17.86 17.33
C GLU A 609 -32.23 -19.30 17.75
N LEU A 610 -33.23 -20.19 17.66
CA LEU A 610 -33.05 -21.58 18.03
C LEU A 610 -32.98 -22.51 16.82
N PHE A 611 -32.38 -23.69 17.02
CA PHE A 611 -32.16 -24.67 15.95
C PHE A 611 -33.00 -25.91 16.20
N LEU A 612 -33.61 -26.47 15.16
CA LEU A 612 -34.59 -27.54 15.35
C LEU A 612 -34.12 -28.90 14.88
N ALA A 613 -34.42 -29.92 15.67
CA ALA A 613 -34.16 -31.31 15.26
C ALA A 613 -35.39 -32.14 15.60
N VAL A 614 -35.68 -33.12 14.77
CA VAL A 614 -36.91 -33.89 14.94
C VAL A 614 -36.62 -35.38 15.01
N VAL A 615 -37.36 -36.07 15.87
CA VAL A 615 -37.26 -37.51 15.96
C VAL A 615 -38.40 -38.10 15.15
N THR A 616 -38.09 -39.14 14.37
CA THR A 616 -39.06 -39.69 13.44
C THR A 616 -39.40 -41.15 13.74
N SER A 617 -40.53 -41.62 13.22
CA SER A 617 -40.95 -42.99 13.45
C SER A 617 -39.97 -44.00 12.85
N SER A 618 -39.53 -44.95 13.66
CA SER A 618 -38.66 -46.02 13.17
C SER A 618 -39.47 -47.24 12.76
N LYS A 619 -40.80 -47.10 12.83
CA LYS A 619 -41.73 -48.18 12.50
C LYS A 619 -42.64 -47.77 11.35
N SER A 620 -43.03 -48.74 10.54
CA SER A 620 -43.89 -48.48 9.39
C SER A 620 -45.34 -48.17 9.75
N HIS A 621 -45.93 -48.98 10.64
CA HIS A 621 -47.32 -48.80 11.06
C HIS A 621 -47.42 -49.23 12.52
N ALA A 622 -47.76 -48.29 13.40
CA ALA A 622 -47.68 -48.58 14.83
C ALA A 622 -48.44 -47.59 15.69
N LYS A 623 -48.96 -48.07 16.82
CA LYS A 623 -49.54 -47.20 17.83
C LYS A 623 -48.37 -46.64 18.64
N ILE A 624 -48.53 -45.45 19.20
CA ILE A 624 -47.49 -44.90 20.08
C ILE A 624 -47.87 -45.03 21.56
N ILE A 625 -47.40 -46.09 22.20
CA ILE A 625 -47.78 -46.36 23.58
C ILE A 625 -47.22 -45.34 24.56
N SER A 626 -45.90 -45.12 24.50
CA SER A 626 -45.24 -44.18 25.39
C SER A 626 -44.29 -43.22 24.67
N LEU A 627 -44.34 -41.96 25.05
CA LEU A 627 -43.46 -40.94 24.52
C LEU A 627 -42.84 -40.17 25.67
N ASP A 628 -41.62 -40.54 26.04
CA ASP A 628 -40.92 -39.89 27.13
C ASP A 628 -39.70 -39.13 26.61
N ALA A 629 -39.64 -37.83 26.93
CA ALA A 629 -38.59 -36.96 26.42
C ALA A 629 -37.87 -36.26 27.57
N SER A 630 -38.15 -36.72 28.79
CA SER A 630 -37.61 -36.09 29.98
C SER A 630 -36.10 -35.86 29.94
N GLU A 631 -35.35 -36.81 29.40
CA GLU A 631 -33.91 -36.66 29.28
C GLU A 631 -33.60 -35.48 28.37
N ALA A 632 -34.24 -35.47 27.20
CA ALA A 632 -34.10 -34.36 26.26
C ALA A 632 -34.19 -33.00 26.96
N LEU A 633 -35.39 -32.59 27.34
CA LEU A 633 -35.59 -31.28 27.96
C LEU A 633 -34.43 -30.85 28.85
N ALA A 634 -33.84 -31.81 29.57
CA ALA A 634 -32.75 -31.52 30.48
C ALA A 634 -31.40 -31.41 29.78
N SER A 635 -31.26 -32.08 28.63
CA SER A 635 -30.00 -32.08 27.90
C SER A 635 -29.45 -30.66 27.71
N LEU A 636 -28.17 -30.55 27.35
CA LEU A 636 -27.50 -29.25 27.31
C LEU A 636 -28.10 -28.29 26.29
N GLY A 637 -28.41 -27.08 26.75
CA GLY A 637 -28.87 -26.04 25.87
C GLY A 637 -30.10 -26.37 25.05
N VAL A 638 -30.95 -27.25 25.55
CA VAL A 638 -32.26 -27.41 24.94
C VAL A 638 -33.23 -26.44 25.61
N VAL A 639 -34.06 -25.78 24.82
CA VAL A 639 -35.03 -24.84 25.38
C VAL A 639 -36.46 -25.40 25.43
N ASP A 640 -36.78 -26.35 24.56
CA ASP A 640 -38.13 -26.93 24.52
C ASP A 640 -38.27 -28.15 23.60
N VAL A 641 -39.17 -29.05 23.96
CA VAL A 641 -39.52 -30.18 23.11
C VAL A 641 -40.96 -29.99 22.69
N VAL A 642 -41.21 -30.00 21.38
CA VAL A 642 -42.54 -29.70 20.88
C VAL A 642 -43.18 -30.99 20.36
N THR A 643 -44.46 -31.18 20.70
CA THR A 643 -45.22 -32.36 20.29
C THR A 643 -46.56 -31.96 19.68
N ALA A 644 -47.40 -32.97 19.44
CA ALA A 644 -48.67 -32.76 18.77
C ALA A 644 -49.62 -31.90 19.58
N ARG A 645 -49.45 -31.90 20.90
CA ARG A 645 -50.35 -31.16 21.78
C ARG A 645 -49.97 -29.68 21.88
N ASP A 646 -48.92 -29.29 21.17
CA ASP A 646 -48.42 -27.91 21.15
C ASP A 646 -48.89 -27.12 19.92
N VAL A 647 -49.56 -27.82 19.00
CA VAL A 647 -50.10 -27.16 17.83
C VAL A 647 -51.32 -26.34 18.28
N PRO A 648 -51.24 -25.02 18.12
CA PRO A 648 -52.32 -24.13 18.58
C PRO A 648 -53.63 -24.32 17.81
N GLY A 649 -53.55 -24.81 16.57
CA GLY A 649 -54.73 -25.05 15.76
C GLY A 649 -54.61 -26.31 14.92
N ASP A 650 -55.09 -26.24 13.68
CA ASP A 650 -55.00 -27.38 12.75
C ASP A 650 -53.59 -27.99 12.72
N ASN A 651 -53.54 -29.32 12.76
CA ASN A 651 -52.28 -30.05 12.64
C ASN A 651 -52.22 -30.82 11.33
N GLY A 652 -52.15 -30.11 10.21
CA GLY A 652 -52.05 -30.76 8.89
C GLY A 652 -53.17 -30.50 7.90
N GLU A 655 -54.80 -33.86 6.29
CA GLU A 655 -55.28 -35.24 6.15
C GLU A 655 -53.99 -36.00 6.46
N GLU A 656 -52.95 -35.20 6.68
CA GLU A 656 -51.65 -35.65 7.10
C GLU A 656 -51.25 -34.71 8.22
N SER A 657 -50.49 -35.21 9.18
CA SER A 657 -50.20 -34.45 10.38
C SER A 657 -48.75 -34.00 10.49
N LEU A 658 -48.56 -32.74 10.84
CA LEU A 658 -47.24 -32.22 11.16
C LEU A 658 -46.57 -33.11 12.18
N TYR A 659 -47.22 -33.28 13.33
CA TYR A 659 -46.69 -34.07 14.43
C TYR A 659 -47.58 -35.29 14.70
N ALA A 660 -47.00 -36.49 14.63
CA ALA A 660 -47.77 -37.72 14.80
C ALA A 660 -48.64 -37.73 16.06
N GLN A 661 -49.89 -38.17 15.90
CA GLN A 661 -50.81 -38.26 17.00
C GLN A 661 -51.26 -39.70 17.15
N ASP A 662 -51.14 -40.23 18.37
CA ASP A 662 -51.47 -41.62 18.64
C ASP A 662 -50.61 -42.56 17.80
N GLU A 663 -51.06 -42.88 16.60
CA GLU A 663 -50.33 -43.84 15.76
C GLU A 663 -49.25 -43.17 14.89
N VAL A 664 -48.42 -43.99 14.25
CA VAL A 664 -47.56 -43.51 13.15
C VAL A 664 -47.81 -44.41 11.94
N ILE A 665 -47.91 -43.83 10.75
CA ILE A 665 -48.34 -44.58 9.58
C ILE A 665 -47.23 -44.82 8.54
N CYS A 666 -46.05 -44.25 8.78
CA CYS A 666 -44.94 -44.43 7.85
C CYS A 666 -43.58 -44.32 8.54
N VAL A 667 -42.61 -45.02 7.97
CA VAL A 667 -41.30 -45.21 8.60
C VAL A 667 -40.42 -43.96 8.62
N GLY A 668 -40.99 -42.80 8.34
CA GLY A 668 -40.25 -41.55 8.40
C GLY A 668 -40.99 -40.42 9.09
N GLN A 669 -42.25 -40.67 9.44
CA GLN A 669 -43.09 -39.63 10.06
C GLN A 669 -42.40 -38.96 11.23
N ILE A 670 -42.47 -37.65 11.30
CA ILE A 670 -41.93 -36.95 12.47
C ILE A 670 -42.92 -37.03 13.64
N VAL A 671 -42.39 -37.33 14.82
CA VAL A 671 -43.19 -37.59 16.00
C VAL A 671 -43.09 -36.44 17.00
N CYS A 672 -41.95 -35.77 17.01
CA CYS A 672 -41.78 -34.57 17.84
C CYS A 672 -40.51 -33.87 17.43
N ALA A 673 -40.28 -32.69 18.00
CA ALA A 673 -39.11 -31.90 17.64
C ALA A 673 -38.54 -31.25 18.86
N VAL A 674 -37.22 -31.17 18.93
CA VAL A 674 -36.56 -30.51 20.04
C VAL A 674 -35.83 -29.27 19.54
N ALA A 675 -35.93 -28.18 20.28
CA ALA A 675 -35.40 -26.91 19.82
C ALA A 675 -34.31 -26.45 20.76
N ALA A 676 -33.05 -26.62 20.33
CA ALA A 676 -31.90 -26.32 21.17
C ALA A 676 -31.25 -24.99 20.80
N ASP A 677 -30.16 -24.66 21.48
CA ASP A 677 -29.43 -23.43 21.25
C ASP A 677 -28.30 -23.70 20.28
N SER A 678 -28.20 -24.95 19.84
CA SER A 678 -27.30 -25.33 18.75
C SER A 678 -27.90 -26.56 18.11
N TYR A 679 -27.74 -26.69 16.79
CA TYR A 679 -28.25 -27.88 16.15
C TYR A 679 -27.63 -29.14 16.75
N ALA A 680 -26.37 -29.08 17.13
CA ALA A 680 -25.69 -30.25 17.69
C ALA A 680 -26.34 -30.61 19.02
N HIS A 681 -26.66 -29.60 19.81
CA HIS A 681 -27.34 -29.77 21.08
C HIS A 681 -28.75 -30.32 20.89
N ALA A 682 -29.32 -30.07 19.72
CA ALA A 682 -30.67 -30.55 19.38
C ALA A 682 -30.63 -31.95 18.75
N GLN A 683 -29.54 -32.25 18.04
CA GLN A 683 -29.35 -33.56 17.43
C GLN A 683 -29.03 -34.62 18.49
N GLN A 684 -28.20 -34.23 19.46
CA GLN A 684 -27.75 -35.17 20.49
C GLN A 684 -28.71 -35.22 21.67
N ALA A 685 -29.75 -34.39 21.63
CA ALA A 685 -30.82 -34.46 22.63
C ALA A 685 -31.91 -35.35 22.07
N ALA A 686 -32.35 -35.02 20.86
CA ALA A 686 -33.39 -35.80 20.19
C ALA A 686 -33.05 -37.29 20.13
N LYS A 687 -31.77 -37.64 20.19
CA LYS A 687 -31.37 -39.06 20.15
C LYS A 687 -31.51 -39.71 21.52
N LYS A 688 -31.83 -38.91 22.52
CA LYS A 688 -32.05 -39.47 23.85
C LYS A 688 -33.51 -39.32 24.27
N VAL A 689 -34.38 -39.16 23.29
CA VAL A 689 -35.82 -39.26 23.52
C VAL A 689 -36.20 -40.71 23.37
N LYS A 690 -37.04 -41.21 24.27
CA LYS A 690 -37.44 -42.61 24.26
C LYS A 690 -38.92 -42.76 23.95
N ILE A 691 -39.25 -43.68 23.05
CA ILE A 691 -40.63 -43.95 22.72
C ILE A 691 -40.84 -45.39 22.26
N VAL A 692 -41.91 -46.02 22.74
CA VAL A 692 -42.16 -47.44 22.44
C VAL A 692 -43.40 -47.64 21.58
N TYR A 693 -43.30 -48.58 20.64
CA TYR A 693 -44.36 -48.80 19.68
C TYR A 693 -45.07 -50.13 19.89
N GLN A 694 -46.35 -50.18 19.52
CA GLN A 694 -47.04 -51.44 19.43
C GLN A 694 -47.42 -51.63 17.97
N ASP A 695 -46.70 -52.52 17.30
CA ASP A 695 -46.89 -52.69 15.86
C ASP A 695 -48.36 -52.91 15.58
N ILE A 696 -48.87 -52.23 14.55
CA ILE A 696 -50.22 -52.48 14.07
C ILE A 696 -50.22 -53.34 12.81
N GLU A 697 -50.31 -54.66 12.96
CA GLU A 697 -50.63 -55.48 11.80
C GLU A 697 -52.06 -55.06 11.51
N PRO A 698 -52.43 -54.84 10.23
CA PRO A 698 -51.97 -54.98 8.84
C PRO A 698 -50.92 -53.95 8.47
N MET A 699 -49.92 -54.36 7.71
CA MET A 699 -48.87 -53.44 7.28
C MET A 699 -48.69 -53.50 5.76
N ILE A 700 -48.73 -52.34 5.12
CA ILE A 700 -48.74 -52.26 3.67
C ILE A 700 -47.56 -51.45 3.14
N VAL A 701 -46.76 -52.07 2.28
CA VAL A 701 -45.58 -51.44 1.71
C VAL A 701 -45.60 -51.52 0.20
N THR A 702 -45.39 -52.73 -0.33
CA THR A 702 -45.41 -52.94 -1.77
C THR A 702 -46.79 -52.60 -2.33
N VAL A 703 -46.82 -52.11 -3.56
CA VAL A 703 -48.09 -51.88 -4.25
C VAL A 703 -48.83 -53.21 -4.38
N GLN A 704 -48.05 -54.29 -4.53
CA GLN A 704 -48.61 -55.63 -4.63
C GLN A 704 -49.34 -55.99 -3.34
N ASP A 705 -48.97 -55.33 -2.26
CA ASP A 705 -49.70 -55.47 -1.01
C ASP A 705 -50.97 -54.65 -1.07
N ALA A 706 -50.83 -53.35 -1.33
CA ALA A 706 -51.96 -52.44 -1.33
C ALA A 706 -53.07 -52.83 -2.31
N LEU A 707 -52.79 -53.80 -3.17
CA LEU A 707 -53.80 -54.33 -4.08
C LEU A 707 -54.60 -55.44 -3.39
N GLN A 708 -53.89 -56.30 -2.66
CA GLN A 708 -54.53 -57.37 -1.93
C GLN A 708 -55.45 -56.77 -0.88
N TYR A 709 -54.93 -55.81 -0.11
CA TYR A 709 -55.72 -55.18 0.95
C TYR A 709 -56.57 -54.05 0.43
N GLU A 710 -56.75 -54.00 -0.89
CA GLU A 710 -57.55 -52.96 -1.54
C GLU A 710 -57.42 -51.63 -0.80
N SER A 711 -56.18 -51.14 -0.69
CA SER A 711 -55.89 -49.86 -0.06
C SER A 711 -55.44 -48.83 -1.10
N PHE A 712 -56.27 -47.82 -1.35
CA PHE A 712 -56.04 -46.88 -2.44
C PHE A 712 -56.19 -45.41 -2.02
N ILE A 713 -55.85 -44.52 -2.94
CA ILE A 713 -56.10 -43.09 -2.78
C ILE A 713 -56.91 -42.57 -3.97
N GLY A 714 -58.16 -42.20 -3.72
CA GLY A 714 -59.05 -41.78 -4.79
C GLY A 714 -59.41 -42.96 -5.66
N PRO A 715 -60.41 -42.76 -6.55
CA PRO A 715 -60.97 -43.82 -7.39
C PRO A 715 -60.06 -44.20 -8.55
N GLU A 716 -60.49 -45.18 -9.35
CA GLU A 716 -59.81 -45.52 -10.58
C GLU A 716 -60.14 -44.47 -11.62
N ARG A 717 -59.17 -44.13 -12.45
CA ARG A 717 -59.37 -43.18 -13.53
C ARG A 717 -59.09 -43.90 -14.86
N LYS A 718 -59.98 -43.72 -15.82
CA LYS A 718 -59.93 -44.50 -17.06
C LYS A 718 -60.03 -43.61 -18.29
N LEU A 719 -59.23 -43.92 -19.30
CA LEU A 719 -59.29 -43.21 -20.57
C LEU A 719 -59.37 -44.19 -21.75
N GLU A 720 -60.31 -43.94 -22.65
CA GLU A 720 -60.54 -44.85 -23.76
C GLU A 720 -60.76 -44.12 -25.07
N GLN A 721 -60.25 -44.71 -26.16
CA GLN A 721 -60.59 -44.27 -27.50
C GLN A 721 -60.55 -45.49 -28.41
N GLY A 722 -61.54 -45.59 -29.30
CA GLY A 722 -61.69 -46.77 -30.14
C GLY A 722 -62.26 -47.91 -29.34
N ASN A 723 -62.40 -49.08 -29.96
CA ASN A 723 -62.88 -50.24 -29.23
C ASN A 723 -61.80 -51.30 -29.10
N VAL A 724 -61.24 -51.42 -27.89
CA VAL A 724 -60.11 -52.30 -27.63
C VAL A 724 -60.48 -53.78 -27.58
N GLU A 725 -61.73 -54.07 -27.17
CA GLU A 725 -62.18 -55.46 -27.04
C GLU A 725 -62.36 -56.15 -28.40
N GLU A 726 -62.89 -55.41 -29.37
CA GLU A 726 -63.13 -55.96 -30.70
C GLU A 726 -61.85 -55.95 -31.53
N ALA A 727 -61.07 -54.88 -31.37
CA ALA A 727 -59.82 -54.73 -32.10
C ALA A 727 -58.84 -55.85 -31.76
N PHE A 728 -59.03 -56.46 -30.59
CA PHE A 728 -58.12 -57.49 -30.10
C PHE A 728 -58.22 -58.79 -30.90
N GLN A 729 -59.38 -59.07 -31.49
CA GLN A 729 -59.58 -60.29 -32.26
C GLN A 729 -59.05 -60.15 -33.70
N CYS A 730 -59.29 -58.99 -34.28
CA CYS A 730 -58.84 -58.72 -35.65
C CYS A 730 -57.34 -58.41 -35.69
N ALA A 731 -56.67 -58.60 -34.55
CA ALA A 731 -55.23 -58.41 -34.46
C ALA A 731 -54.50 -59.71 -34.73
N ASP A 732 -53.40 -59.64 -35.48
CA ASP A 732 -52.65 -60.83 -35.86
C ASP A 732 -52.00 -61.51 -34.67
N GLN A 733 -51.47 -60.73 -33.75
CA GLN A 733 -50.75 -61.28 -32.60
C GLN A 733 -51.08 -60.58 -31.29
N ILE A 734 -50.89 -61.29 -30.19
CA ILE A 734 -51.16 -60.76 -28.85
C ILE A 734 -49.91 -60.87 -27.97
N LEU A 735 -49.73 -59.89 -27.10
CA LEU A 735 -48.57 -59.86 -26.21
C LEU A 735 -48.95 -59.36 -24.81
N GLU A 736 -48.65 -60.17 -23.80
CA GLU A 736 -48.91 -59.78 -22.41
C GLU A 736 -47.61 -59.76 -21.61
N GLY A 737 -47.59 -58.96 -20.55
CA GLY A 737 -46.42 -58.84 -19.69
C GLY A 737 -46.59 -57.74 -18.66
N GLU A 738 -45.50 -57.43 -17.96
CA GLU A 738 -45.53 -56.36 -16.97
C GLU A 738 -44.14 -55.74 -16.75
N VAL A 739 -44.12 -54.45 -16.45
CA VAL A 739 -42.86 -53.76 -16.15
C VAL A 739 -43.01 -53.02 -14.84
N HIS A 740 -41.97 -53.06 -14.03
CA HIS A 740 -41.95 -52.25 -12.83
C HIS A 740 -41.03 -51.05 -13.08
N LEU A 741 -41.34 -49.92 -12.45
CA LEU A 741 -40.46 -48.76 -12.52
C LEU A 741 -40.05 -48.30 -11.13
N GLY A 742 -38.77 -47.99 -10.98
CA GLY A 742 -38.29 -47.51 -9.70
C GLY A 742 -38.69 -46.08 -9.41
N GLY A 743 -38.59 -45.70 -8.14
CA GLY A 743 -38.87 -44.34 -7.73
C GLY A 743 -37.61 -43.51 -7.91
N GLN A 744 -37.51 -42.41 -7.18
CA GLN A 744 -36.39 -41.51 -7.35
C GLN A 744 -36.42 -40.36 -6.37
N GLU A 745 -35.24 -39.93 -5.93
CA GLU A 745 -35.13 -38.82 -5.00
C GLU A 745 -34.69 -37.53 -5.70
N HIS A 746 -35.39 -36.44 -5.40
CA HIS A 746 -35.09 -35.16 -6.02
C HIS A 746 -33.61 -34.85 -5.99
N PHE A 747 -33.04 -34.83 -4.81
CA PHE A 747 -31.63 -34.48 -4.61
C PHE A 747 -31.25 -33.07 -5.01
N TYR A 748 -32.12 -32.13 -4.67
CA TYR A 748 -31.76 -30.73 -4.66
C TYR A 748 -30.53 -30.62 -3.77
N MET A 749 -29.56 -29.80 -4.14
CA MET A 749 -28.34 -29.68 -3.33
C MET A 749 -28.57 -28.94 -2.02
N GLU A 750 -29.55 -28.04 -2.00
CA GLU A 750 -29.94 -27.37 -0.77
C GLU A 750 -31.04 -28.19 -0.12
N THR A 751 -30.70 -28.90 0.95
CA THR A 751 -31.70 -29.67 1.67
C THR A 751 -32.79 -28.73 2.17
N GLN A 752 -33.96 -29.28 2.41
CA GLN A 752 -35.11 -28.50 2.87
C GLN A 752 -34.70 -27.60 4.02
N SER A 753 -35.10 -26.35 3.95
CA SER A 753 -34.64 -25.34 4.90
C SER A 753 -35.66 -24.23 5.09
N VAL A 754 -35.85 -23.79 6.32
CA VAL A 754 -36.79 -22.71 6.60
C VAL A 754 -36.38 -21.98 7.87
N ARG A 755 -36.67 -20.69 7.94
CA ARG A 755 -36.47 -19.96 9.17
C ARG A 755 -37.70 -19.12 9.50
N VAL A 756 -38.22 -19.32 10.71
CA VAL A 756 -39.39 -18.62 11.21
C VAL A 756 -38.97 -17.56 12.21
N VAL A 757 -39.32 -16.30 11.97
CA VAL A 757 -38.81 -15.19 12.78
C VAL A 757 -39.89 -14.21 13.22
N PRO A 758 -40.46 -14.41 14.41
CA PRO A 758 -41.45 -13.49 14.98
C PRO A 758 -40.98 -12.03 14.95
N LYS A 759 -41.67 -11.16 14.22
CA LYS A 759 -41.39 -9.72 14.27
C LYS A 759 -41.71 -9.14 15.63
N GLY A 760 -42.09 -10.02 16.56
CA GLY A 760 -42.26 -9.65 17.95
C GLY A 760 -43.48 -8.81 18.29
N GLU A 761 -44.56 -8.96 17.53
CA GLU A 761 -45.69 -8.05 17.67
C GLU A 761 -46.88 -8.50 16.83
N ASP A 762 -48.08 -8.15 17.27
CA ASP A 762 -49.34 -8.55 16.61
C ASP A 762 -49.33 -9.93 15.95
N LYS A 763 -48.57 -10.85 16.53
CA LYS A 763 -48.48 -12.20 16.00
C LYS A 763 -47.79 -12.25 14.64
N GLU A 764 -47.30 -11.10 14.18
CA GLU A 764 -46.64 -10.99 12.87
C GLU A 764 -45.41 -11.87 12.83
N MET A 765 -44.99 -12.23 11.62
CA MET A 765 -43.77 -13.00 11.46
C MET A 765 -43.24 -13.07 10.02
N ASP A 766 -41.93 -12.98 9.87
CA ASP A 766 -41.29 -13.21 8.58
C ASP A 766 -40.94 -14.67 8.49
N ILE A 767 -41.04 -15.24 7.29
CA ILE A 767 -40.60 -16.60 7.05
C ILE A 767 -39.75 -16.71 5.78
N TYR A 768 -38.47 -17.03 5.94
CA TYR A 768 -37.56 -17.18 4.80
C TYR A 768 -37.40 -18.66 4.52
N VAL A 769 -38.00 -19.12 3.43
CA VAL A 769 -38.16 -20.54 3.17
C VAL A 769 -37.67 -20.95 1.78
N SER A 770 -37.09 -22.13 1.69
CA SER A 770 -36.63 -22.65 0.41
C SER A 770 -37.75 -23.48 -0.23
N SER A 771 -38.59 -22.82 -1.02
CA SER A 771 -39.79 -23.45 -1.57
C SER A 771 -40.11 -23.10 -3.01
N GLN A 772 -40.96 -23.94 -3.62
CA GLN A 772 -41.51 -23.70 -4.94
C GLN A 772 -42.83 -22.94 -4.82
N ASP A 773 -43.34 -22.86 -3.59
CA ASP A 773 -44.63 -22.19 -3.36
C ASP A 773 -44.66 -21.51 -2.01
N ALA A 774 -44.48 -20.20 -2.02
CA ALA A 774 -44.44 -19.44 -0.78
C ALA A 774 -45.84 -19.19 -0.24
N ALA A 775 -46.81 -19.08 -1.13
CA ALA A 775 -48.19 -18.84 -0.72
C ALA A 775 -48.70 -20.05 0.10
N PHE A 776 -48.54 -21.24 -0.47
CA PHE A 776 -48.93 -22.46 0.21
C PHE A 776 -48.37 -22.51 1.62
N THR A 777 -47.05 -22.41 1.69
CA THR A 777 -46.39 -22.25 2.96
C THR A 777 -47.15 -21.25 3.81
N GLN A 778 -47.42 -20.07 3.27
CA GLN A 778 -48.10 -19.03 4.04
C GLN A 778 -49.36 -19.53 4.74
N GLU A 779 -50.24 -20.20 4.01
CA GLU A 779 -51.50 -20.62 4.62
C GLU A 779 -51.29 -21.82 5.54
N MET A 780 -50.39 -22.69 5.14
CA MET A 780 -50.12 -23.91 5.90
C MET A 780 -49.66 -23.54 7.31
N VAL A 781 -49.10 -22.34 7.47
CA VAL A 781 -48.64 -21.88 8.77
C VAL A 781 -49.71 -21.10 9.52
N ALA A 782 -50.47 -20.28 8.79
CA ALA A 782 -51.50 -19.46 9.40
C ALA A 782 -52.66 -20.32 9.86
N ARG A 783 -52.82 -21.47 9.21
CA ARG A 783 -53.85 -22.43 9.55
C ARG A 783 -53.39 -23.33 10.70
N THR A 784 -52.07 -23.52 10.84
CA THR A 784 -51.55 -24.31 11.94
C THR A 784 -51.61 -23.51 13.23
N LEU A 785 -51.22 -22.24 13.17
CA LEU A 785 -51.18 -21.40 14.35
C LEU A 785 -52.52 -20.72 14.63
N GLY A 786 -53.41 -20.74 13.64
CA GLY A 786 -54.71 -20.10 13.78
C GLY A 786 -54.64 -18.59 13.76
N ILE A 787 -53.81 -18.05 12.87
CA ILE A 787 -53.74 -16.60 12.69
C ILE A 787 -53.99 -16.26 11.23
N PRO A 788 -54.47 -15.02 10.98
CA PRO A 788 -54.80 -14.57 9.61
C PRO A 788 -53.59 -14.59 8.69
N LYS A 789 -53.82 -14.82 7.40
CA LYS A 789 -52.73 -14.81 6.44
C LYS A 789 -51.96 -13.51 6.51
N ASN A 790 -52.67 -12.42 6.82
CA ASN A 790 -52.07 -11.09 6.76
C ASN A 790 -51.01 -10.82 7.82
N ARG A 791 -50.81 -11.79 8.71
CA ARG A 791 -49.84 -11.64 9.80
C ARG A 791 -48.48 -12.23 9.45
N ILE A 792 -48.44 -13.09 8.45
CA ILE A 792 -47.21 -13.79 8.12
C ILE A 792 -46.71 -13.45 6.72
N ASN A 793 -45.58 -12.76 6.66
CA ASN A 793 -45.01 -12.37 5.39
C ASN A 793 -43.93 -13.38 5.01
N CYS A 794 -44.09 -13.98 3.83
CA CYS A 794 -43.28 -15.11 3.42
C CYS A 794 -42.31 -14.75 2.27
N HIS A 795 -41.01 -14.80 2.51
CA HIS A 795 -40.00 -14.39 1.52
C HIS A 795 -39.22 -15.55 0.90
N VAL A 796 -38.79 -15.39 -0.35
CA VAL A 796 -37.99 -16.40 -1.04
C VAL A 796 -37.14 -15.76 -2.15
N LYS A 797 -35.86 -15.50 -1.86
CA LYS A 797 -34.98 -14.84 -2.84
C LYS A 797 -34.37 -15.84 -3.80
N ARG A 798 -34.07 -17.04 -3.32
CA ARG A 798 -33.64 -18.11 -4.21
C ARG A 798 -33.71 -19.47 -3.53
N VAL A 799 -33.64 -20.51 -4.34
CA VAL A 799 -33.74 -21.90 -3.87
C VAL A 799 -32.66 -22.74 -4.54
N GLY A 800 -31.92 -23.51 -3.75
CA GLY A 800 -30.82 -24.30 -4.27
C GLY A 800 -31.26 -25.60 -4.90
N GLY A 801 -32.29 -25.52 -5.74
CA GLY A 801 -32.85 -26.71 -6.39
C GLY A 801 -34.20 -27.11 -5.85
N ALA A 802 -35.00 -27.77 -6.68
CA ALA A 802 -36.35 -28.11 -6.28
C ALA A 802 -36.83 -29.34 -7.04
N PHE A 803 -37.03 -29.16 -8.32
CA PHE A 803 -37.48 -30.23 -9.19
C PHE A 803 -38.80 -30.82 -8.73
N GLY A 804 -39.53 -30.05 -7.92
CA GLY A 804 -40.86 -30.44 -7.49
C GLY A 804 -40.98 -30.82 -6.02
N GLY A 805 -39.89 -31.32 -5.44
CA GLY A 805 -39.90 -31.78 -4.07
C GLY A 805 -40.05 -30.68 -3.04
N LYS A 806 -40.03 -29.43 -3.45
CA LYS A 806 -40.18 -28.32 -2.50
C LYS A 806 -41.51 -27.59 -2.65
N ALA A 807 -42.51 -28.30 -3.17
CA ALA A 807 -43.82 -27.70 -3.38
C ALA A 807 -44.72 -27.90 -2.15
N SER A 808 -45.08 -29.14 -1.88
CA SER A 808 -45.83 -29.45 -0.68
C SER A 808 -44.93 -29.37 0.55
N LYS A 809 -43.87 -30.16 0.55
CA LYS A 809 -43.06 -30.40 1.76
C LYS A 809 -42.69 -29.18 2.61
N PRO A 810 -42.10 -28.15 1.99
CA PRO A 810 -41.63 -27.06 2.87
C PRO A 810 -42.77 -26.35 3.59
N GLY A 811 -43.97 -26.39 3.02
CA GLY A 811 -45.13 -25.84 3.70
C GLY A 811 -45.37 -26.55 5.02
N LEU A 812 -45.15 -27.87 5.02
CA LEU A 812 -45.33 -28.68 6.21
C LEU A 812 -44.22 -28.41 7.21
N LEU A 813 -42.98 -28.57 6.75
CA LEU A 813 -41.79 -28.38 7.59
C LEU A 813 -41.73 -26.98 8.17
N ALA A 814 -42.30 -26.01 7.47
CA ALA A 814 -42.33 -24.66 7.97
C ALA A 814 -43.31 -24.59 9.14
N SER A 815 -44.39 -25.35 9.02
CA SER A 815 -45.41 -25.37 10.06
C SER A 815 -44.86 -26.05 11.32
N VAL A 816 -44.20 -27.20 11.13
CA VAL A 816 -43.49 -27.86 12.22
C VAL A 816 -42.66 -26.86 13.03
N ALA A 817 -41.87 -26.04 12.33
CA ALA A 817 -41.03 -25.04 12.98
C ALA A 817 -41.86 -23.86 13.49
N ALA A 818 -42.92 -23.53 12.75
CA ALA A 818 -43.78 -22.41 13.15
C ALA A 818 -44.25 -22.56 14.59
N VAL A 819 -44.71 -23.76 14.94
CA VAL A 819 -45.22 -24.03 16.29
C VAL A 819 -44.11 -24.06 17.34
N ALA A 820 -42.91 -24.48 16.95
CA ALA A 820 -41.79 -24.45 17.89
C ALA A 820 -41.52 -23.02 18.27
N ALA A 821 -41.78 -22.11 17.33
CA ALA A 821 -41.59 -20.70 17.54
C ALA A 821 -42.67 -20.14 18.44
N GLN A 822 -43.82 -20.82 18.46
CA GLN A 822 -44.95 -20.41 19.29
C GLN A 822 -44.58 -20.50 20.75
N LYS A 823 -44.28 -21.71 21.22
CA LYS A 823 -44.02 -21.94 22.64
C LYS A 823 -42.69 -21.38 23.11
N THR A 824 -41.64 -21.53 22.32
CA THR A 824 -40.34 -20.98 22.70
C THR A 824 -40.42 -19.46 22.69
N GLY A 825 -41.24 -18.94 21.78
CA GLY A 825 -41.38 -17.50 21.62
C GLY A 825 -40.20 -16.87 20.91
N ARG A 826 -39.63 -17.58 19.94
CA ARG A 826 -38.45 -17.07 19.26
C ARG A 826 -38.19 -17.69 17.88
N PRO A 827 -37.28 -17.07 17.11
CA PRO A 827 -36.97 -17.54 15.77
C PRO A 827 -36.42 -18.96 15.74
N ILE A 828 -36.90 -19.75 14.79
CA ILE A 828 -36.54 -21.15 14.71
C ILE A 828 -35.93 -21.41 13.36
N ARG A 829 -34.77 -22.05 13.32
CA ARG A 829 -34.14 -22.39 12.05
C ARG A 829 -34.17 -23.90 11.83
N PHE A 830 -34.82 -24.34 10.78
CA PHE A 830 -35.10 -25.75 10.60
C PHE A 830 -34.47 -26.27 9.32
N ILE A 831 -33.30 -26.89 9.45
CA ILE A 831 -32.57 -27.40 8.31
C ILE A 831 -32.35 -28.92 8.43
N LEU A 832 -32.86 -29.69 7.48
CA LEU A 832 -32.72 -31.14 7.50
C LEU A 832 -31.37 -31.61 6.99
N GLU A 833 -30.69 -32.45 7.76
CA GLU A 833 -29.57 -33.22 7.22
C GLU A 833 -30.12 -34.06 6.08
N ARG A 834 -29.26 -34.54 5.20
CA ARG A 834 -29.75 -35.21 4.00
C ARG A 834 -30.38 -36.56 4.29
N ARG A 835 -29.74 -37.33 5.16
CA ARG A 835 -30.24 -38.66 5.48
C ARG A 835 -31.70 -38.60 5.94
N ASP A 836 -32.04 -37.53 6.67
CA ASP A 836 -33.42 -37.36 7.11
C ASP A 836 -34.26 -36.84 5.97
N ASP A 837 -33.68 -35.94 5.18
CA ASP A 837 -34.40 -35.34 4.07
C ASP A 837 -34.90 -36.42 3.12
N MET A 838 -34.07 -37.43 2.89
CA MET A 838 -34.42 -38.50 1.96
C MET A 838 -35.50 -39.38 2.55
N LEU A 839 -35.60 -39.38 3.88
CA LEU A 839 -36.54 -40.25 4.58
C LEU A 839 -37.90 -39.58 4.72
N ILE A 840 -37.87 -38.32 5.13
CA ILE A 840 -39.06 -37.58 5.49
C ILE A 840 -39.92 -37.12 4.31
N THR A 841 -39.27 -36.71 3.22
CA THR A 841 -39.96 -35.95 2.17
C THR A 841 -40.31 -36.71 0.89
N GLY A 842 -39.82 -37.93 0.75
CA GLY A 842 -40.18 -38.76 -0.40
C GLY A 842 -39.83 -38.18 -1.77
N GLY A 843 -40.21 -38.90 -2.83
CA GLY A 843 -39.85 -38.49 -4.17
C GLY A 843 -40.83 -38.96 -5.23
N ARG A 844 -40.32 -39.37 -6.38
CA ARG A 844 -41.16 -39.78 -7.50
C ARG A 844 -41.91 -41.08 -7.18
N HIS A 845 -43.11 -41.22 -7.75
CA HIS A 845 -43.96 -42.40 -7.53
C HIS A 845 -43.50 -43.60 -8.34
N PRO A 846 -42.98 -44.64 -7.68
CA PRO A 846 -42.73 -45.88 -8.43
C PRO A 846 -43.98 -46.25 -9.25
N LEU A 847 -43.84 -47.08 -10.27
CA LEU A 847 -44.97 -47.39 -11.14
C LEU A 847 -44.92 -48.78 -11.75
N LEU A 848 -45.94 -49.59 -11.46
CA LEU A 848 -46.06 -50.92 -12.06
C LEU A 848 -47.00 -50.90 -13.27
N GLY A 849 -46.54 -51.42 -14.40
CA GLY A 849 -47.31 -51.45 -15.62
C GLY A 849 -47.81 -52.82 -16.04
N LYS A 850 -49.11 -52.92 -16.32
CA LYS A 850 -49.72 -54.15 -16.84
C LYS A 850 -50.35 -53.89 -18.20
N TYR A 851 -49.86 -54.57 -19.24
CA TYR A 851 -50.27 -54.26 -20.61
C TYR A 851 -50.65 -55.49 -21.44
N LYS A 852 -51.55 -55.28 -22.40
CA LYS A 852 -51.86 -56.28 -23.42
C LYS A 852 -51.84 -55.63 -24.80
N ILE A 853 -50.95 -56.09 -25.67
CA ILE A 853 -50.78 -55.47 -26.98
C ILE A 853 -51.19 -56.38 -28.12
N GLY A 854 -52.27 -56.00 -28.80
CA GLY A 854 -52.66 -56.67 -30.03
C GLY A 854 -52.04 -55.96 -31.20
N PHE A 855 -51.13 -56.64 -31.90
CA PHE A 855 -50.43 -56.02 -33.00
C PHE A 855 -50.48 -56.84 -34.27
N MET A 856 -50.18 -56.21 -35.40
CA MET A 856 -50.15 -56.91 -36.68
C MET A 856 -48.74 -57.39 -36.95
N ASN A 857 -48.59 -58.22 -37.98
CA ASN A 857 -47.29 -58.83 -38.28
C ASN A 857 -46.25 -57.83 -38.82
N ASN A 858 -46.71 -56.67 -39.27
CA ASN A 858 -45.82 -55.65 -39.82
C ASN A 858 -45.42 -54.59 -38.78
N GLY A 859 -45.91 -54.75 -37.55
CA GLY A 859 -45.52 -53.89 -36.45
C GLY A 859 -46.55 -52.88 -35.99
N LYS A 860 -47.53 -52.57 -36.84
CA LYS A 860 -48.54 -51.58 -36.51
C LYS A 860 -49.44 -52.05 -35.38
N ILE A 861 -49.44 -51.31 -34.27
CA ILE A 861 -50.22 -51.68 -33.09
C ILE A 861 -51.69 -51.24 -33.21
N LYS A 862 -52.59 -52.21 -33.14
CA LYS A 862 -54.02 -51.97 -33.34
C LYS A 862 -54.78 -51.72 -32.03
N ALA A 863 -54.33 -52.35 -30.95
CA ALA A 863 -55.01 -52.22 -29.67
C ALA A 863 -54.09 -52.37 -28.46
N ALA A 864 -54.38 -51.60 -27.42
CA ALA A 864 -53.59 -51.66 -26.19
C ALA A 864 -54.48 -51.44 -24.96
N ASP A 865 -54.53 -52.44 -24.09
CA ASP A 865 -55.24 -52.33 -22.82
C ASP A 865 -54.20 -52.25 -21.71
N ILE A 866 -53.81 -51.03 -21.36
CA ILE A 866 -52.71 -50.80 -20.43
C ILE A 866 -53.20 -50.36 -19.05
N GLN A 867 -52.58 -50.88 -17.99
CA GLN A 867 -53.05 -50.66 -16.62
C GLN A 867 -51.94 -50.20 -15.66
N LEU A 868 -52.11 -49.00 -15.12
CA LEU A 868 -51.10 -48.37 -14.27
C LEU A 868 -51.52 -48.31 -12.80
N TYR A 869 -50.55 -48.54 -11.92
CA TYR A 869 -50.72 -48.28 -10.50
C TYR A 869 -49.45 -47.57 -10.04
N ILE A 870 -49.56 -46.74 -9.02
CA ILE A 870 -48.38 -46.05 -8.49
C ILE A 870 -48.43 -45.97 -6.97
N ASN A 871 -47.29 -46.18 -6.34
CA ASN A 871 -47.24 -46.20 -4.88
C ASN A 871 -47.19 -44.78 -4.35
N GLY A 872 -48.30 -44.32 -3.79
CA GLY A 872 -48.44 -42.93 -3.41
C GLY A 872 -47.90 -42.62 -2.02
N GLY A 873 -47.74 -43.66 -1.21
CA GLY A 873 -47.30 -43.50 0.15
C GLY A 873 -48.45 -43.42 1.11
N CYS A 874 -48.27 -42.71 2.22
CA CYS A 874 -49.24 -42.74 3.30
C CYS A 874 -50.15 -41.51 3.37
N THR A 875 -49.98 -40.57 2.46
CA THR A 875 -50.86 -39.39 2.38
C THR A 875 -51.06 -38.94 0.94
N PRO A 876 -52.19 -38.26 0.66
CA PRO A 876 -52.60 -37.96 -0.71
C PRO A 876 -51.55 -37.15 -1.44
N ASP A 877 -51.17 -36.02 -0.86
CA ASP A 877 -50.28 -35.07 -1.52
C ASP A 877 -50.75 -34.84 -2.96
N ASP A 878 -49.82 -34.79 -3.90
CA ASP A 878 -50.18 -34.58 -5.31
C ASP A 878 -50.39 -35.90 -6.07
N SER A 879 -50.45 -37.01 -5.34
CA SER A 879 -50.59 -38.33 -5.97
C SER A 879 -51.66 -38.41 -7.06
N GLU A 880 -52.92 -38.25 -6.68
CA GLU A 880 -54.04 -38.40 -7.60
C GLU A 880 -53.84 -37.63 -8.91
N LEU A 881 -53.20 -36.46 -8.82
CA LEU A 881 -52.94 -35.66 -10.02
C LEU A 881 -51.86 -36.29 -10.89
N VAL A 882 -50.94 -36.99 -10.24
CA VAL A 882 -49.89 -37.72 -10.95
C VAL A 882 -50.51 -38.78 -11.86
N ILE A 883 -51.28 -39.69 -11.28
CA ILE A 883 -51.85 -40.79 -12.04
C ILE A 883 -52.77 -40.27 -13.14
N GLU A 884 -53.46 -39.16 -12.86
CA GLU A 884 -54.25 -38.51 -13.88
C GLU A 884 -53.33 -38.17 -15.03
N TYR A 885 -52.21 -37.52 -14.71
CA TYR A 885 -51.27 -37.05 -15.73
C TYR A 885 -50.55 -38.17 -16.47
N ALA A 886 -50.01 -39.13 -15.74
CA ALA A 886 -49.30 -40.24 -16.37
C ALA A 886 -50.20 -40.93 -17.42
N LEU A 887 -51.49 -40.98 -17.13
CA LEU A 887 -52.45 -41.59 -18.05
C LEU A 887 -52.67 -40.75 -19.29
N LEU A 888 -52.77 -39.44 -19.10
CA LEU A 888 -53.07 -38.52 -20.20
C LEU A 888 -51.95 -38.48 -21.24
N LYS A 889 -50.73 -38.67 -20.77
CA LYS A 889 -49.53 -38.42 -21.58
C LYS A 889 -48.80 -39.68 -22.04
N LEU A 890 -49.11 -40.83 -21.44
CA LEU A 890 -48.38 -42.06 -21.73
C LEU A 890 -48.44 -42.46 -23.21
N GLU A 891 -49.49 -42.05 -23.91
CA GLU A 891 -49.60 -42.37 -25.35
C GLU A 891 -48.43 -41.77 -26.12
N ASN A 892 -47.95 -40.62 -25.68
CA ASN A 892 -46.73 -40.03 -26.23
C ASN A 892 -46.88 -39.56 -27.66
N ALA A 893 -46.13 -40.18 -28.57
CA ALA A 893 -46.10 -39.75 -29.95
C ALA A 893 -46.90 -40.69 -30.86
N TYR A 894 -47.54 -41.68 -30.26
CA TYR A 894 -48.12 -42.76 -31.03
C TYR A 894 -49.65 -42.70 -31.09
N LYS A 895 -50.19 -42.97 -32.27
CA LYS A 895 -51.62 -43.14 -32.42
C LYS A 895 -51.96 -44.62 -32.37
N ILE A 896 -52.43 -45.08 -31.22
CA ILE A 896 -52.98 -46.42 -31.13
C ILE A 896 -54.48 -46.31 -31.29
N PRO A 897 -54.99 -46.63 -32.49
CA PRO A 897 -56.37 -46.39 -32.92
C PRO A 897 -57.42 -46.90 -31.93
N ASN A 898 -57.06 -47.96 -31.21
CA ASN A 898 -57.92 -48.50 -30.17
C ASN A 898 -57.10 -48.68 -28.89
N LEU A 899 -57.32 -47.82 -27.91
CA LEU A 899 -56.48 -47.76 -26.73
C LEU A 899 -57.25 -47.52 -25.43
N ARG A 900 -57.18 -48.47 -24.50
CA ARG A 900 -57.76 -48.28 -23.18
C ARG A 900 -56.69 -48.28 -22.10
N VAL A 901 -56.79 -47.30 -21.20
CA VAL A 901 -55.81 -47.13 -20.18
C VAL A 901 -56.50 -46.78 -18.86
N ARG A 902 -56.19 -47.52 -17.81
CA ARG A 902 -56.75 -47.25 -16.50
C ARG A 902 -55.64 -47.09 -15.47
N GLY A 903 -55.92 -46.33 -14.42
CA GLY A 903 -54.92 -46.08 -13.41
C GLY A 903 -55.51 -45.69 -12.08
N ARG A 904 -54.91 -46.21 -11.01
CA ARG A 904 -55.36 -45.89 -9.66
C ARG A 904 -54.14 -45.70 -8.77
N VAL A 905 -54.26 -44.85 -7.76
CA VAL A 905 -53.15 -44.57 -6.85
C VAL A 905 -53.27 -45.45 -5.61
N CYS A 906 -52.51 -46.53 -5.56
CA CYS A 906 -52.59 -47.41 -4.41
C CYS A 906 -51.67 -46.96 -3.28
N LYS A 907 -52.26 -46.67 -2.12
CA LYS A 907 -51.52 -46.06 -1.00
C LYS A 907 -50.97 -47.09 -0.01
N THR A 908 -49.83 -46.74 0.57
CA THR A 908 -49.07 -47.67 1.39
C THR A 908 -48.49 -46.98 2.63
N ASN A 909 -47.81 -47.76 3.47
CA ASN A 909 -47.19 -47.21 4.68
C ASN A 909 -45.76 -46.69 4.46
N LEU A 910 -45.51 -46.12 3.28
CA LEU A 910 -44.22 -45.50 3.01
C LEU A 910 -44.34 -43.98 3.07
N PRO A 911 -43.21 -43.27 3.20
CA PRO A 911 -43.24 -41.80 3.20
C PRO A 911 -44.10 -41.28 2.03
N SER A 912 -44.64 -40.07 2.16
CA SER A 912 -45.59 -39.57 1.16
C SER A 912 -44.91 -39.05 -0.08
N ASN A 913 -45.18 -39.69 -1.21
CA ASN A 913 -44.61 -39.25 -2.48
C ASN A 913 -45.30 -38.02 -3.07
N THR A 914 -44.55 -37.27 -3.87
CA THR A 914 -44.95 -35.95 -4.34
C THR A 914 -44.49 -35.74 -5.79
N ALA A 915 -44.50 -34.50 -6.24
CA ALA A 915 -44.17 -34.20 -7.64
C ALA A 915 -42.70 -34.46 -7.95
N PHE A 916 -42.41 -34.64 -9.23
CA PHE A 916 -41.02 -34.74 -9.69
C PHE A 916 -40.94 -34.35 -11.18
N ARG A 917 -39.90 -33.62 -11.56
CA ARG A 917 -39.72 -33.25 -12.94
C ARG A 917 -40.29 -34.33 -13.88
N GLY A 918 -41.27 -33.94 -14.70
CA GLY A 918 -41.93 -34.87 -15.60
C GLY A 918 -43.30 -35.24 -15.08
N PHE A 919 -43.44 -35.23 -13.75
CA PHE A 919 -44.73 -35.40 -13.10
C PHE A 919 -45.58 -36.49 -13.75
N GLY A 920 -45.12 -37.73 -13.68
CA GLY A 920 -45.92 -38.85 -14.13
C GLY A 920 -45.66 -39.33 -15.54
N PHE A 921 -45.07 -38.46 -16.35
CA PHE A 921 -44.88 -38.78 -17.77
C PHE A 921 -43.71 -39.71 -18.04
N PRO A 922 -42.55 -39.47 -17.38
CA PRO A 922 -41.42 -40.38 -17.58
C PRO A 922 -41.77 -41.77 -17.07
N GLN A 923 -42.71 -41.84 -16.13
CA GLN A 923 -43.16 -43.12 -15.57
C GLN A 923 -44.07 -43.89 -16.52
N GLY A 924 -45.10 -43.20 -17.01
CA GLY A 924 -46.11 -43.84 -17.85
C GLY A 924 -45.69 -44.01 -19.30
N ALA A 925 -44.92 -43.06 -19.82
CA ALA A 925 -44.43 -43.12 -21.19
C ALA A 925 -43.51 -44.33 -21.39
N PHE A 926 -42.64 -44.53 -20.41
CA PHE A 926 -41.71 -45.65 -20.39
C PHE A 926 -42.38 -47.01 -20.60
N VAL A 927 -43.63 -47.16 -20.16
CA VAL A 927 -44.35 -48.42 -20.37
C VAL A 927 -44.77 -48.60 -21.81
N THR A 928 -45.24 -47.53 -22.45
CA THR A 928 -45.68 -47.62 -23.84
C THR A 928 -44.48 -47.84 -24.76
N GLU A 929 -43.34 -47.22 -24.43
CA GLU A 929 -42.10 -47.46 -25.15
C GLU A 929 -41.65 -48.92 -24.98
N THR A 930 -41.98 -49.51 -23.84
CA THR A 930 -41.66 -50.92 -23.58
C THR A 930 -42.49 -51.84 -24.46
N CYS A 931 -43.53 -51.29 -25.08
CA CYS A 931 -44.36 -52.06 -26.00
C CYS A 931 -43.82 -51.98 -27.42
N MET A 932 -43.41 -50.78 -27.83
CA MET A 932 -42.88 -50.57 -29.18
C MET A 932 -41.64 -51.42 -29.44
N SER A 933 -40.81 -51.61 -28.41
CA SER A 933 -39.61 -52.41 -28.55
C SER A 933 -39.92 -53.88 -28.32
N ALA A 934 -40.98 -54.14 -27.56
CA ALA A 934 -41.45 -55.50 -27.37
C ALA A 934 -42.03 -56.03 -28.68
N VAL A 935 -42.95 -55.27 -29.25
CA VAL A 935 -43.56 -55.61 -30.53
C VAL A 935 -42.48 -55.74 -31.61
N ALA A 936 -41.57 -54.78 -31.66
CA ALA A 936 -40.47 -54.83 -32.63
C ALA A 936 -39.66 -56.12 -32.46
N ALA A 937 -39.50 -56.55 -31.22
CA ALA A 937 -38.81 -57.81 -30.92
C ALA A 937 -39.57 -59.01 -31.50
N LYS A 938 -40.84 -59.13 -31.14
CA LYS A 938 -41.66 -60.24 -31.62
C LYS A 938 -41.69 -60.32 -33.15
N CYS A 939 -41.72 -59.15 -33.79
CA CYS A 939 -41.72 -59.09 -35.25
C CYS A 939 -40.36 -59.39 -35.83
N ARG A 940 -39.30 -59.04 -35.10
CA ARG A 940 -37.93 -59.08 -35.59
C ARG A 940 -37.62 -57.91 -36.52
N PRO A 942 -36.82 -53.92 -36.80
CA PRO A 942 -36.06 -52.78 -36.30
C PRO A 942 -36.94 -51.86 -35.46
N PRO A 943 -36.43 -51.38 -34.32
CA PRO A 943 -37.20 -50.51 -33.43
C PRO A 943 -37.73 -49.23 -34.10
N GLU A 944 -36.86 -48.43 -34.70
CA GLU A 944 -37.31 -47.15 -35.27
C GLU A 944 -38.32 -47.36 -36.39
N LYS A 945 -38.33 -48.55 -36.98
CA LYS A 945 -39.30 -48.88 -38.02
C LYS A 945 -40.69 -49.00 -37.40
N VAL A 946 -40.76 -49.75 -36.31
CA VAL A 946 -42.02 -49.95 -35.59
C VAL A 946 -42.51 -48.64 -34.97
N ARG A 947 -41.57 -47.74 -34.71
CA ARG A 947 -41.90 -46.48 -34.05
C ARG A 947 -42.49 -45.44 -35.01
N GLU A 948 -41.96 -45.39 -36.23
CA GLU A 948 -42.48 -44.42 -37.19
C GLU A 948 -43.64 -44.99 -38.01
N LEU A 949 -44.08 -46.19 -37.65
CA LEU A 949 -45.31 -46.75 -38.19
C LEU A 949 -46.52 -46.26 -37.37
N ASN A 950 -46.34 -46.22 -36.05
CA ASN A 950 -47.42 -45.85 -35.14
C ASN A 950 -47.38 -44.40 -34.68
N MET A 951 -46.38 -43.67 -35.12
CA MET A 951 -46.26 -42.25 -34.77
C MET A 951 -47.32 -41.43 -35.48
N TYR A 952 -47.73 -40.34 -34.85
CA TYR A 952 -48.71 -39.43 -35.44
C TYR A 952 -48.30 -38.98 -36.84
N ARG A 953 -49.29 -38.77 -37.71
CA ARG A 953 -49.02 -38.32 -39.06
C ARG A 953 -49.74 -37.01 -39.35
N THR A 954 -51.06 -37.08 -39.48
CA THR A 954 -51.85 -35.89 -39.75
C THR A 954 -52.25 -35.20 -38.46
N ILE A 955 -53.04 -34.15 -38.56
CA ILE A 955 -53.72 -33.57 -37.41
C ILE A 955 -54.60 -34.65 -36.81
N ASP A 956 -54.45 -34.87 -35.50
CA ASP A 956 -55.11 -35.98 -34.81
C ASP A 956 -55.57 -35.53 -33.43
N ARG A 957 -55.95 -36.49 -32.59
CA ARG A 957 -56.44 -36.16 -31.26
C ARG A 957 -55.84 -37.07 -30.17
N THR A 958 -55.62 -36.50 -28.99
CA THR A 958 -55.12 -37.27 -27.85
C THR A 958 -56.22 -38.15 -27.29
N ILE A 959 -55.89 -38.96 -26.29
CA ILE A 959 -56.85 -39.87 -25.70
C ILE A 959 -57.91 -39.13 -24.88
N HIS A 960 -57.73 -37.83 -24.70
CA HIS A 960 -58.76 -37.01 -24.06
C HIS A 960 -59.38 -36.02 -25.05
N ASN A 961 -59.24 -36.32 -26.33
CA ASN A 961 -59.95 -35.63 -27.40
C ASN A 961 -59.48 -34.22 -27.76
N GLN A 962 -58.40 -33.75 -27.14
CA GLN A 962 -57.81 -32.47 -27.53
C GLN A 962 -57.09 -32.67 -28.86
N GLU A 963 -56.93 -31.59 -29.63
CA GLU A 963 -56.44 -31.73 -31.01
C GLU A 963 -55.19 -30.91 -31.34
N PHE A 964 -54.90 -30.85 -32.64
CA PHE A 964 -53.87 -30.00 -33.21
C PHE A 964 -52.47 -30.58 -33.12
N THR A 967 -48.30 -30.62 -36.32
CA THR A 967 -47.30 -31.51 -35.75
C THR A 967 -45.91 -31.32 -36.38
N ASN A 968 -45.02 -30.65 -35.66
CA ASN A 968 -43.61 -30.63 -36.02
C ASN A 968 -42.82 -31.56 -35.07
N LEU A 969 -43.54 -32.56 -34.58
CA LEU A 969 -42.98 -33.69 -33.86
C LEU A 969 -42.08 -34.43 -34.83
N LEU A 970 -42.63 -34.76 -35.99
CA LEU A 970 -41.88 -35.43 -37.04
C LEU A 970 -40.56 -34.73 -37.34
N GLN A 971 -40.61 -33.40 -37.47
CA GLN A 971 -39.40 -32.62 -37.72
C GLN A 971 -38.27 -32.96 -36.74
N CYS A 972 -38.56 -32.90 -35.44
CA CYS A 972 -37.56 -33.24 -34.43
C CYS A 972 -36.99 -34.63 -34.67
N TRP A 973 -37.88 -35.56 -34.97
CA TRP A 973 -37.49 -36.93 -35.28
C TRP A 973 -36.57 -36.94 -36.48
N GLU A 974 -37.08 -36.47 -37.62
CA GLU A 974 -36.27 -36.38 -38.84
C GLU A 974 -34.89 -35.76 -38.55
N ALA A 975 -34.89 -34.52 -38.07
CA ALA A 975 -33.64 -33.82 -37.76
C ALA A 975 -32.73 -34.66 -36.86
N CYS A 976 -33.32 -35.34 -35.89
CA CYS A 976 -32.54 -36.19 -35.00
C CYS A 976 -31.92 -37.36 -35.76
N VAL A 977 -32.69 -37.94 -36.68
CA VAL A 977 -32.22 -39.04 -37.52
C VAL A 977 -31.03 -38.60 -38.36
N GLU A 978 -30.93 -37.30 -38.62
CA GLU A 978 -29.82 -36.75 -39.39
C GLU A 978 -28.65 -36.37 -38.50
N ASN A 979 -28.86 -35.38 -37.64
CA ASN A 979 -27.79 -34.86 -36.78
C ASN A 979 -27.03 -35.94 -36.05
N SER A 980 -27.66 -37.09 -35.85
CA SER A 980 -27.00 -38.19 -35.15
C SER A 980 -26.38 -39.18 -36.12
N SER A 981 -26.76 -39.09 -37.40
CA SER A 981 -26.29 -40.05 -38.40
C SER A 981 -26.74 -41.44 -38.00
N TYR A 982 -27.94 -41.53 -37.44
CA TYR A 982 -28.46 -42.76 -36.86
C TYR A 982 -28.17 -44.02 -37.67
N TYR A 983 -28.47 -43.98 -38.97
CA TYR A 983 -28.34 -45.18 -39.78
C TYR A 983 -26.90 -45.58 -40.04
N ASN A 984 -26.01 -44.60 -40.19
CA ASN A 984 -24.59 -44.90 -40.35
C ASN A 984 -24.03 -45.57 -39.09
N ARG A 985 -24.30 -44.98 -37.93
CA ARG A 985 -23.77 -45.49 -36.68
C ARG A 985 -24.34 -46.85 -36.30
N LYS A 986 -25.63 -47.03 -36.49
CA LYS A 986 -26.24 -48.33 -36.23
C LYS A 986 -25.50 -49.41 -37.00
N LYS A 987 -24.97 -49.06 -38.17
CA LYS A 987 -24.16 -49.99 -38.97
C LYS A 987 -22.88 -50.37 -38.23
N ALA A 988 -22.16 -49.36 -37.76
CA ALA A 988 -20.94 -49.61 -37.01
C ALA A 988 -21.22 -50.46 -35.77
N VAL A 989 -22.35 -50.18 -35.12
CA VAL A 989 -22.80 -50.95 -33.96
C VAL A 989 -23.03 -52.41 -34.30
N ASP A 990 -23.79 -52.67 -35.36
CA ASP A 990 -24.05 -54.02 -35.81
C ASP A 990 -22.74 -54.75 -36.06
N GLU A 991 -21.83 -54.11 -36.81
CA GLU A 991 -20.52 -54.68 -37.06
C GLU A 991 -19.80 -55.00 -35.75
N PHE A 992 -19.72 -54.00 -34.88
CA PHE A 992 -19.08 -54.16 -33.58
C PHE A 992 -19.58 -55.43 -32.89
N ASN A 993 -20.89 -55.63 -32.90
CA ASN A 993 -21.50 -56.81 -32.27
C ASN A 993 -21.09 -58.13 -32.92
N GLN A 994 -20.66 -58.07 -34.17
CA GLN A 994 -20.19 -59.25 -34.90
C GLN A 994 -18.73 -59.54 -34.58
N GLN A 995 -18.00 -58.48 -34.22
CA GLN A 995 -16.61 -58.60 -33.81
C GLN A 995 -16.49 -58.94 -32.33
N ARG A 996 -17.42 -58.43 -31.54
CA ARG A 996 -17.34 -58.54 -30.09
C ARG A 996 -18.36 -59.53 -29.53
N PHE A 997 -17.94 -60.24 -28.47
CA PHE A 997 -18.79 -61.23 -27.83
C PHE A 997 -18.99 -60.88 -26.37
N TRP A 998 -17.89 -60.73 -25.63
CA TRP A 998 -17.97 -60.44 -24.21
C TRP A 998 -18.24 -58.98 -23.96
N LYS A 999 -18.52 -58.27 -25.04
CA LYS A 999 -18.82 -56.84 -24.98
C LYS A 999 -19.76 -56.54 -26.13
N LYS A 1000 -20.72 -55.64 -25.92
CA LYS A 1000 -21.72 -55.36 -26.94
C LYS A 1000 -22.12 -53.88 -26.90
N ARG A 1001 -22.57 -53.37 -28.04
CA ARG A 1001 -23.06 -52.00 -28.09
C ARG A 1001 -24.53 -51.96 -28.48
N GLY A 1002 -25.17 -50.83 -28.24
CA GLY A 1002 -26.55 -50.63 -28.60
C GLY A 1002 -26.84 -49.18 -28.90
N ILE A 1003 -27.77 -48.93 -29.81
CA ILE A 1003 -28.15 -47.55 -30.14
C ILE A 1003 -29.66 -47.42 -30.18
N ALA A 1004 -30.19 -46.27 -29.77
CA ALA A 1004 -31.63 -46.11 -29.66
C ALA A 1004 -32.08 -44.69 -29.90
N ILE A 1005 -33.18 -44.52 -30.62
CA ILE A 1005 -33.75 -43.21 -30.86
C ILE A 1005 -35.23 -43.16 -30.49
N ILE A 1006 -35.57 -42.31 -29.53
CA ILE A 1006 -36.94 -42.24 -29.02
C ILE A 1006 -37.60 -40.89 -29.32
N PRO A 1007 -38.84 -40.93 -29.87
CA PRO A 1007 -39.63 -39.71 -30.07
C PRO A 1007 -40.30 -39.25 -28.79
N MET A 1008 -40.86 -38.04 -28.78
CA MET A 1008 -41.52 -37.52 -27.58
C MET A 1008 -42.50 -36.39 -27.85
N LYS A 1009 -43.75 -36.60 -27.42
CA LYS A 1009 -44.73 -35.52 -27.40
C LYS A 1009 -45.14 -35.22 -25.96
N PHE A 1010 -44.50 -34.22 -25.38
CA PHE A 1010 -44.78 -33.78 -24.02
C PHE A 1010 -45.77 -32.62 -24.12
N SER A 1011 -46.22 -32.12 -22.98
CA SER A 1011 -47.10 -30.96 -22.93
C SER A 1011 -46.90 -30.28 -21.60
N VAL A 1012 -47.63 -29.21 -21.32
CA VAL A 1012 -47.37 -28.45 -20.10
C VAL A 1012 -48.63 -27.82 -19.48
N GLY A 1013 -48.59 -27.58 -18.17
CA GLY A 1013 -49.59 -26.76 -17.51
C GLY A 1013 -50.60 -27.48 -16.64
N PHE A 1014 -51.13 -26.76 -15.66
CA PHE A 1014 -52.09 -27.34 -14.73
C PHE A 1014 -53.42 -27.62 -15.45
N PRO A 1015 -54.27 -28.47 -14.86
CA PRO A 1015 -55.53 -28.91 -15.48
C PRO A 1015 -56.77 -28.06 -15.14
N LYS A 1016 -56.60 -26.87 -14.61
CA LYS A 1016 -57.73 -25.96 -14.40
C LYS A 1016 -57.31 -24.50 -14.57
N THR A 1017 -58.16 -23.73 -15.24
CA THR A 1017 -57.87 -22.34 -15.59
C THR A 1017 -57.24 -21.50 -14.48
N PHE A 1018 -57.85 -21.52 -13.29
CA PHE A 1018 -57.37 -20.65 -12.21
C PHE A 1018 -55.96 -21.00 -11.74
N TYR A 1019 -55.53 -22.23 -12.03
CA TYR A 1019 -54.18 -22.67 -11.67
C TYR A 1019 -53.11 -21.96 -12.48
N TYR A 1020 -53.53 -21.22 -13.51
CA TYR A 1020 -52.59 -20.58 -14.43
C TYR A 1020 -52.35 -19.10 -14.12
N GLN A 1021 -53.14 -18.54 -13.21
CA GLN A 1021 -53.04 -17.12 -12.93
C GLN A 1021 -51.69 -16.79 -12.33
N ALA A 1022 -51.33 -15.52 -12.37
CA ALA A 1022 -50.01 -15.06 -11.95
C ALA A 1022 -50.04 -13.56 -11.82
N ALA A 1023 -49.13 -13.00 -11.03
CA ALA A 1023 -49.16 -11.57 -10.76
C ALA A 1023 -47.79 -10.92 -10.71
N ALA A 1024 -47.76 -9.58 -10.72
CA ALA A 1024 -46.52 -8.83 -10.60
C ALA A 1024 -46.80 -7.44 -10.07
N LEU A 1025 -45.79 -6.83 -9.49
CA LEU A 1025 -45.87 -5.45 -9.04
C LEU A 1025 -44.57 -4.79 -9.43
N VAL A 1026 -44.64 -3.91 -10.44
CA VAL A 1026 -43.45 -3.26 -10.98
C VAL A 1026 -43.39 -1.83 -10.48
N GLN A 1027 -42.20 -1.40 -10.08
CA GLN A 1027 -42.05 -0.12 -9.39
C GLN A 1027 -41.01 0.73 -10.11
N ILE A 1028 -41.34 2.00 -10.33
CA ILE A 1028 -40.39 2.90 -10.97
C ILE A 1028 -40.08 4.10 -10.08
N TYR A 1029 -38.85 4.17 -9.63
CA TYR A 1029 -38.43 5.24 -8.76
C TYR A 1029 -38.04 6.44 -9.63
N THR A 1030 -37.88 7.61 -9.03
CA THR A 1030 -37.68 8.84 -9.80
C THR A 1030 -36.26 9.04 -10.34
N ASP A 1031 -35.37 8.06 -10.11
CA ASP A 1031 -34.01 8.15 -10.65
C ASP A 1031 -33.92 7.28 -11.90
N GLY A 1032 -35.04 6.65 -12.26
CA GLY A 1032 -35.09 5.84 -13.45
C GLY A 1032 -34.92 4.35 -13.23
N SER A 1033 -34.65 3.95 -11.99
CA SER A 1033 -34.46 2.52 -11.73
C SER A 1033 -35.77 1.83 -11.39
N VAL A 1034 -35.86 0.58 -11.84
CA VAL A 1034 -37.08 -0.19 -11.79
C VAL A 1034 -36.88 -1.39 -10.86
N LEU A 1035 -37.88 -1.66 -10.04
CA LEU A 1035 -37.85 -2.82 -9.16
C LEU A 1035 -38.98 -3.78 -9.53
N VAL A 1036 -38.63 -4.94 -10.06
CA VAL A 1036 -39.64 -5.93 -10.45
C VAL A 1036 -39.90 -6.90 -9.30
N ALA A 1037 -41.07 -7.53 -9.30
CA ALA A 1037 -41.41 -8.51 -8.28
C ALA A 1037 -42.59 -9.31 -8.77
N HIS A 1038 -42.50 -10.63 -8.72
CA HIS A 1038 -43.59 -11.46 -9.22
C HIS A 1038 -43.86 -12.70 -8.37
N GLY A 1039 -44.61 -13.64 -8.92
CA GLY A 1039 -45.04 -14.81 -8.19
C GLY A 1039 -44.16 -16.04 -8.32
N GLY A 1040 -43.38 -16.11 -9.39
CA GLY A 1040 -42.45 -17.22 -9.57
C GLY A 1040 -41.28 -17.18 -8.61
N VAL A 1041 -40.55 -18.29 -8.52
CA VAL A 1041 -39.42 -18.42 -7.59
C VAL A 1041 -38.19 -19.03 -8.24
N GLU A 1042 -37.05 -18.35 -8.11
CA GLU A 1042 -35.82 -18.82 -8.75
C GLU A 1042 -35.33 -20.13 -8.11
N LEU A 1043 -35.34 -21.20 -8.90
CA LEU A 1043 -34.84 -22.50 -8.46
C LEU A 1043 -33.58 -22.87 -9.25
N GLY A 1044 -33.05 -21.91 -10.00
CA GLY A 1044 -31.95 -22.17 -10.90
C GLY A 1044 -32.31 -22.32 -12.37
N GLN A 1045 -33.60 -22.27 -12.70
CA GLN A 1045 -34.02 -22.42 -14.10
C GLN A 1045 -34.17 -21.05 -14.73
N GLY A 1046 -33.85 -20.03 -13.94
CA GLY A 1046 -33.76 -18.68 -14.44
C GLY A 1046 -35.06 -17.93 -14.74
N ILE A 1047 -36.05 -18.03 -13.87
CA ILE A 1047 -37.25 -17.22 -14.04
C ILE A 1047 -36.87 -15.77 -13.87
N ASN A 1048 -36.26 -15.48 -12.74
CA ASN A 1048 -35.86 -14.12 -12.40
C ASN A 1048 -35.17 -13.46 -13.58
N THR A 1049 -34.23 -14.18 -14.20
CA THR A 1049 -33.51 -13.65 -15.35
C THR A 1049 -34.46 -13.27 -16.48
N LYS A 1050 -35.43 -14.15 -16.76
CA LYS A 1050 -36.36 -13.91 -17.86
C LYS A 1050 -37.21 -12.69 -17.59
N MET A 1051 -37.80 -12.61 -16.40
CA MET A 1051 -38.68 -11.49 -16.09
C MET A 1051 -37.95 -10.16 -16.29
N ILE A 1052 -36.63 -10.18 -16.20
CA ILE A 1052 -35.86 -8.97 -16.46
C ILE A 1052 -35.76 -8.71 -17.95
N GLN A 1053 -35.58 -9.78 -18.72
CA GLN A 1053 -35.57 -9.71 -20.17
C GLN A 1053 -36.89 -9.12 -20.68
N VAL A 1054 -38.00 -9.69 -20.23
CA VAL A 1054 -39.32 -9.14 -20.49
C VAL A 1054 -39.38 -7.65 -20.14
N ALA A 1055 -39.18 -7.33 -18.86
CA ALA A 1055 -39.27 -5.95 -18.40
C ALA A 1055 -38.47 -5.03 -19.31
N SER A 1056 -37.41 -5.58 -19.89
CA SER A 1056 -36.52 -4.81 -20.77
C SER A 1056 -37.18 -4.49 -22.12
N ARG A 1057 -37.86 -5.48 -22.69
CA ARG A 1057 -38.64 -5.25 -23.91
C ARG A 1057 -39.63 -4.12 -23.67
N GLU A 1058 -40.59 -4.38 -22.80
CA GLU A 1058 -41.76 -3.51 -22.68
C GLU A 1058 -41.52 -2.12 -22.11
N LEU A 1059 -40.41 -1.95 -21.38
CA LEU A 1059 -40.04 -0.64 -20.87
C LEU A 1059 -38.98 -0.04 -21.78
N LYS A 1060 -38.50 -0.85 -22.72
CA LYS A 1060 -37.40 -0.47 -23.61
C LYS A 1060 -36.28 0.30 -22.91
N ILE A 1061 -35.90 -0.19 -21.73
CA ILE A 1061 -34.69 0.26 -21.06
C ILE A 1061 -33.74 -0.93 -20.94
N PRO A 1062 -32.45 -0.66 -20.71
CA PRO A 1062 -31.50 -1.77 -20.64
C PRO A 1062 -31.75 -2.61 -19.40
N MET A 1063 -31.51 -3.92 -19.48
CA MET A 1063 -31.65 -4.79 -18.30
C MET A 1063 -31.06 -4.16 -17.04
N SER A 1064 -29.92 -3.49 -17.20
CA SER A 1064 -29.21 -2.90 -16.06
C SER A 1064 -30.00 -1.87 -15.27
N TYR A 1065 -30.97 -1.23 -15.91
CA TYR A 1065 -31.84 -0.29 -15.21
C TYR A 1065 -32.78 -1.06 -14.28
N ILE A 1066 -32.96 -2.34 -14.57
CA ILE A 1066 -33.98 -3.15 -13.94
C ILE A 1066 -33.37 -4.08 -12.91
N HIS A 1067 -34.05 -4.23 -11.78
CA HIS A 1067 -33.55 -5.09 -10.72
C HIS A 1067 -34.67 -5.84 -10.01
N LEU A 1068 -34.35 -7.04 -9.54
CA LEU A 1068 -35.33 -7.93 -8.92
C LEU A 1068 -34.81 -8.47 -7.57
N ASP A 1069 -35.57 -8.21 -6.50
CA ASP A 1069 -35.11 -8.55 -5.14
C ASP A 1069 -35.40 -9.99 -4.70
N GLU A 1070 -36.69 -10.33 -4.64
CA GLU A 1070 -37.12 -11.64 -4.17
C GLU A 1070 -38.59 -11.85 -4.45
N MET A 1071 -39.10 -13.04 -4.12
CA MET A 1071 -40.54 -13.27 -4.15
C MET A 1071 -41.04 -13.17 -2.73
N SER A 1072 -42.15 -12.48 -2.52
CA SER A 1072 -42.68 -12.29 -1.18
C SER A 1072 -44.20 -12.13 -1.20
N THR A 1073 -44.86 -12.66 -0.20
CA THR A 1073 -46.32 -12.54 -0.13
C THR A 1073 -46.77 -11.15 0.27
N VAL A 1074 -45.82 -10.27 0.53
CA VAL A 1074 -46.12 -8.88 0.82
C VAL A 1074 -46.39 -8.10 -0.49
N THR A 1075 -45.73 -8.53 -1.56
CA THR A 1075 -45.78 -7.80 -2.83
C THR A 1075 -46.71 -8.42 -3.88
N VAL A 1076 -46.91 -9.73 -3.80
CA VAL A 1076 -47.79 -10.41 -4.74
C VAL A 1076 -48.55 -11.50 -4.01
N PRO A 1077 -49.80 -11.20 -3.63
CA PRO A 1077 -50.68 -12.06 -2.85
C PRO A 1077 -51.30 -13.19 -3.67
N ASN A 1078 -51.64 -14.29 -2.99
CA ASN A 1078 -52.38 -15.37 -3.62
C ASN A 1078 -51.71 -15.85 -4.90
N THR A 1079 -50.50 -16.39 -4.76
CA THR A 1079 -49.79 -16.92 -5.89
C THR A 1079 -49.91 -18.43 -5.94
N VAL A 1080 -49.49 -19.02 -7.05
CA VAL A 1080 -49.54 -20.47 -7.22
C VAL A 1080 -48.11 -21.01 -7.30
N THR A 1081 -47.93 -22.28 -6.96
CA THR A 1081 -46.60 -22.89 -6.97
C THR A 1081 -45.90 -22.63 -8.29
N THR A 1082 -44.57 -22.61 -8.27
CA THR A 1082 -43.79 -22.48 -9.49
C THR A 1082 -43.59 -23.85 -10.10
N GLY A 1083 -44.56 -24.30 -10.90
CA GLY A 1083 -44.49 -25.63 -11.48
C GLY A 1083 -45.20 -25.82 -12.80
N ALA A 1084 -45.31 -27.07 -13.22
CA ALA A 1084 -45.96 -27.45 -14.49
C ALA A 1084 -45.28 -26.82 -15.70
N SER A 1085 -44.01 -26.44 -15.55
CA SER A 1085 -43.21 -25.87 -16.64
C SER A 1085 -43.80 -24.59 -17.23
N THR A 1086 -44.70 -23.93 -16.52
CA THR A 1086 -45.36 -22.74 -17.04
C THR A 1086 -44.87 -21.48 -16.32
N GLY A 1087 -43.86 -21.63 -15.48
CA GLY A 1087 -43.44 -20.54 -14.61
C GLY A 1087 -43.34 -19.19 -15.26
N ALA A 1088 -42.53 -19.11 -16.32
CA ALA A 1088 -42.27 -17.84 -16.98
C ALA A 1088 -43.34 -17.46 -18.01
N ASP A 1089 -44.10 -18.44 -18.48
CA ASP A 1089 -45.24 -18.16 -19.35
C ASP A 1089 -46.25 -17.29 -18.60
N VAL A 1090 -46.63 -17.71 -17.41
CA VAL A 1090 -47.67 -17.02 -16.67
C VAL A 1090 -47.15 -15.72 -16.05
N ASN A 1091 -46.02 -15.78 -15.36
CA ASN A 1091 -45.45 -14.56 -14.76
C ASN A 1091 -44.91 -13.62 -15.82
N GLY A 1092 -44.36 -14.20 -16.89
CA GLY A 1092 -43.97 -13.41 -18.04
C GLY A 1092 -45.10 -12.50 -18.48
N ARG A 1093 -46.32 -13.04 -18.45
CA ARG A 1093 -47.49 -12.26 -18.84
C ARG A 1093 -47.86 -11.22 -17.80
N ALA A 1094 -47.75 -11.59 -16.52
CA ALA A 1094 -48.03 -10.65 -15.46
C ALA A 1094 -47.10 -9.47 -15.56
N VAL A 1095 -45.79 -9.74 -15.62
CA VAL A 1095 -44.79 -8.68 -15.67
C VAL A 1095 -44.94 -7.83 -16.92
N GLN A 1096 -45.25 -8.47 -18.04
CA GLN A 1096 -45.57 -7.75 -19.27
C GLN A 1096 -46.72 -6.78 -19.05
N ASN A 1097 -47.74 -7.24 -18.35
CA ASN A 1097 -48.93 -6.43 -18.09
C ASN A 1097 -48.64 -5.21 -17.22
N ALA A 1098 -47.79 -5.39 -16.22
CA ALA A 1098 -47.36 -4.27 -15.38
C ALA A 1098 -46.61 -3.22 -16.18
N CYS A 1099 -45.69 -3.65 -17.03
CA CYS A 1099 -44.92 -2.71 -17.83
C CYS A 1099 -45.81 -1.94 -18.78
N GLN A 1100 -46.62 -2.65 -19.56
CA GLN A 1100 -47.52 -2.00 -20.51
C GLN A 1100 -48.34 -0.91 -19.83
N ILE A 1101 -49.10 -1.29 -18.81
CA ILE A 1101 -49.91 -0.34 -18.05
C ILE A 1101 -49.13 0.93 -17.71
N LEU A 1102 -47.86 0.78 -17.37
CA LEU A 1102 -47.03 1.91 -16.97
C LEU A 1102 -46.64 2.76 -18.15
N MET A 1103 -46.12 2.12 -19.18
CA MET A 1103 -45.75 2.81 -20.40
C MET A 1103 -46.90 3.68 -20.92
N LYS A 1104 -48.10 3.10 -21.03
CA LYS A 1104 -49.29 3.82 -21.45
C LYS A 1104 -49.51 5.08 -20.62
N ARG A 1105 -49.03 5.05 -19.38
CA ARG A 1105 -49.22 6.20 -18.49
C ARG A 1105 -48.20 7.28 -18.78
N LEU A 1106 -47.07 6.89 -19.38
CA LEU A 1106 -46.02 7.84 -19.75
C LEU A 1106 -46.21 8.30 -21.19
N GLU A 1107 -47.32 7.88 -21.80
CA GLU A 1107 -47.61 8.25 -23.18
C GLU A 1107 -47.51 9.77 -23.42
N PRO A 1108 -48.30 10.56 -22.68
CA PRO A 1108 -48.23 12.01 -22.86
C PRO A 1108 -46.83 12.55 -22.54
N ILE A 1109 -46.11 11.87 -21.65
CA ILE A 1109 -44.78 12.35 -21.27
C ILE A 1109 -43.74 12.14 -22.38
N ILE A 1110 -43.89 11.10 -23.17
CA ILE A 1110 -42.98 10.88 -24.29
C ILE A 1110 -43.43 11.59 -25.56
N LYS A 1111 -44.42 12.46 -25.44
CA LYS A 1111 -44.85 13.27 -26.58
C LYS A 1111 -44.35 14.70 -26.45
N GLN A 1112 -44.52 15.28 -25.27
CA GLN A 1112 -44.06 16.64 -25.02
C GLN A 1112 -42.52 16.73 -25.08
N ASN A 1113 -41.86 15.58 -25.00
CA ASN A 1113 -40.41 15.52 -25.09
C ASN A 1113 -39.98 14.20 -25.73
N PRO A 1114 -40.43 13.97 -26.97
CA PRO A 1114 -40.36 12.65 -27.60
C PRO A 1114 -38.94 12.13 -27.73
N SER A 1115 -37.97 13.03 -27.62
CA SER A 1115 -36.56 12.66 -27.83
C SER A 1115 -35.74 12.77 -26.55
N GLY A 1116 -36.41 12.83 -25.41
CA GLY A 1116 -35.75 12.94 -24.12
C GLY A 1116 -35.17 11.63 -23.61
N THR A 1117 -34.72 11.63 -22.36
CA THR A 1117 -34.19 10.42 -21.75
C THR A 1117 -35.12 9.82 -20.73
N TRP A 1118 -35.13 8.49 -20.68
CA TRP A 1118 -35.94 7.75 -19.73
C TRP A 1118 -35.92 8.40 -18.34
N GLU A 1119 -34.78 8.99 -17.98
CA GLU A 1119 -34.63 9.65 -16.70
C GLU A 1119 -35.47 10.92 -16.59
N GLU A 1120 -35.45 11.73 -17.64
CA GLU A 1120 -36.19 12.99 -17.64
C GLU A 1120 -37.69 12.72 -17.63
N TRP A 1121 -38.09 11.69 -18.37
CA TRP A 1121 -39.49 11.25 -18.42
C TRP A 1121 -40.06 10.97 -17.03
N VAL A 1122 -39.41 10.09 -16.28
CA VAL A 1122 -39.94 9.70 -14.99
C VAL A 1122 -40.01 10.88 -14.00
N LYS A 1123 -38.98 11.70 -13.98
CA LYS A 1123 -38.99 12.86 -13.09
C LYS A 1123 -40.21 13.74 -13.37
N GLU A 1124 -40.55 13.85 -14.64
CA GLU A 1124 -41.66 14.71 -15.05
C GLU A 1124 -43.00 14.02 -14.76
N ALA A 1125 -43.02 12.69 -14.92
CA ALA A 1125 -44.19 11.91 -14.53
C ALA A 1125 -44.57 12.26 -13.10
N PHE A 1126 -43.60 12.14 -12.21
CA PHE A 1126 -43.81 12.44 -10.80
C PHE A 1126 -44.30 13.87 -10.58
N VAL A 1127 -43.62 14.84 -11.18
CA VAL A 1127 -43.97 16.23 -11.01
C VAL A 1127 -45.38 16.52 -11.54
N GLN A 1128 -45.83 15.73 -12.50
CA GLN A 1128 -47.16 15.91 -13.06
C GLN A 1128 -48.20 14.95 -12.48
N SER A 1129 -47.90 14.37 -11.32
CA SER A 1129 -48.83 13.49 -10.61
C SER A 1129 -49.26 12.25 -11.40
N ILE A 1130 -48.34 11.67 -12.17
CA ILE A 1130 -48.61 10.37 -12.78
C ILE A 1130 -48.03 9.24 -11.94
N SER A 1131 -48.88 8.28 -11.56
CA SER A 1131 -48.48 7.17 -10.69
C SER A 1131 -47.45 6.25 -11.34
N LEU A 1132 -46.37 5.98 -10.62
CA LEU A 1132 -45.32 5.10 -11.12
C LEU A 1132 -45.33 3.75 -10.37
N SER A 1133 -46.45 3.45 -9.72
CA SER A 1133 -46.66 2.17 -9.03
C SER A 1133 -47.77 1.40 -9.71
N ALA A 1134 -47.47 0.25 -10.29
CA ALA A 1134 -48.47 -0.48 -11.06
C ALA A 1134 -48.35 -1.98 -10.91
N THR A 1135 -49.48 -2.67 -10.94
CA THR A 1135 -49.48 -4.12 -10.76
C THR A 1135 -50.00 -4.80 -12.01
N GLY A 1136 -49.44 -5.97 -12.31
CA GLY A 1136 -49.88 -6.76 -13.45
C GLY A 1136 -50.62 -8.03 -13.06
N TYR A 1137 -51.26 -8.68 -14.02
CA TYR A 1137 -52.05 -9.87 -13.73
C TYR A 1137 -52.33 -10.68 -15.00
N PHE A 1138 -52.38 -12.00 -14.84
CA PHE A 1138 -52.70 -12.90 -15.94
C PHE A 1138 -53.78 -13.86 -15.46
N ARG A 1139 -54.95 -13.77 -16.07
CA ARG A 1139 -56.08 -14.62 -15.69
C ARG A 1139 -55.76 -16.10 -15.89
N GLY A 1140 -54.82 -16.39 -16.77
CA GLY A 1140 -54.41 -17.76 -17.02
C GLY A 1140 -54.91 -18.32 -18.35
N TYR A 1141 -54.35 -19.44 -18.78
CA TYR A 1141 -54.78 -20.11 -20.00
C TYR A 1141 -56.04 -20.93 -19.73
N GLN A 1142 -57.01 -20.88 -20.63
CA GLN A 1142 -58.21 -21.69 -20.49
C GLN A 1142 -57.84 -23.17 -20.54
N ALA A 1143 -58.20 -23.90 -19.48
CA ALA A 1143 -57.98 -25.34 -19.45
C ALA A 1143 -59.05 -25.99 -18.59
N ASP A 1144 -59.56 -27.13 -19.04
CA ASP A 1144 -60.59 -27.85 -18.30
C ASP A 1144 -60.61 -29.32 -18.69
N MET A 1145 -60.96 -30.17 -17.74
CA MET A 1145 -61.00 -31.61 -17.99
C MET A 1145 -62.23 -32.22 -17.28
N ASP A 1146 -62.89 -33.17 -17.94
CA ASP A 1146 -64.06 -33.84 -17.37
C ASP A 1146 -63.86 -35.36 -17.35
N TRP A 1147 -63.39 -35.89 -16.23
CA TRP A 1147 -62.95 -37.27 -16.18
C TRP A 1147 -64.06 -38.29 -16.45
N GLU A 1148 -65.31 -37.87 -16.24
CA GLU A 1148 -66.45 -38.77 -16.44
C GLU A 1148 -66.73 -39.00 -17.92
N LYS A 1149 -66.64 -37.93 -18.71
CA LYS A 1149 -66.80 -38.05 -20.17
C LYS A 1149 -65.45 -38.44 -20.75
N GLY A 1150 -64.42 -38.35 -19.93
CA GLY A 1150 -63.07 -38.74 -20.29
C GLY A 1150 -62.42 -37.86 -21.36
N GLU A 1151 -62.89 -36.62 -21.47
CA GLU A 1151 -62.39 -35.72 -22.51
C GLU A 1151 -62.34 -34.25 -22.08
N GLY A 1152 -61.32 -33.55 -22.56
CA GLY A 1152 -61.17 -32.13 -22.30
C GLY A 1152 -59.90 -31.56 -22.88
N ASP A 1153 -59.81 -30.23 -22.89
CA ASP A 1153 -58.61 -29.52 -23.33
C ASP A 1153 -57.88 -28.93 -22.13
N ILE A 1154 -56.76 -29.54 -21.78
CA ILE A 1154 -56.00 -29.14 -20.60
C ILE A 1154 -54.82 -28.25 -20.97
N PHE A 1155 -53.91 -28.79 -21.77
CA PHE A 1155 -52.64 -28.13 -22.04
C PHE A 1155 -52.75 -27.12 -23.17
N PRO A 1156 -52.15 -25.94 -22.98
CA PRO A 1156 -52.18 -24.86 -23.96
C PRO A 1156 -51.42 -25.20 -25.25
N TYR A 1157 -50.33 -25.95 -25.13
CA TYR A 1157 -49.56 -26.36 -26.31
C TYR A 1157 -48.79 -27.64 -26.01
N PHE A 1158 -47.98 -28.07 -26.98
CA PHE A 1158 -47.16 -29.25 -26.77
C PHE A 1158 -45.69 -29.00 -27.03
N VAL A 1159 -44.84 -29.80 -26.39
CA VAL A 1159 -43.41 -29.74 -26.62
C VAL A 1159 -42.99 -31.02 -27.33
N PHE A 1160 -42.38 -30.86 -28.50
CA PHE A 1160 -41.96 -32.00 -29.31
C PHE A 1160 -40.45 -32.12 -29.31
N GLY A 1161 -39.97 -33.36 -29.24
CA GLY A 1161 -38.54 -33.61 -29.19
C GLY A 1161 -38.19 -35.05 -29.49
N ALA A 1162 -36.92 -35.39 -29.33
CA ALA A 1162 -36.47 -36.75 -29.56
C ALA A 1162 -34.98 -36.85 -29.30
N ALA A 1163 -34.51 -38.06 -29.00
CA ALA A 1163 -33.12 -38.24 -28.61
C ALA A 1163 -32.59 -39.55 -29.14
N CYS A 1164 -31.34 -39.55 -29.56
CA CYS A 1164 -30.68 -40.78 -29.96
C CYS A 1164 -29.43 -40.98 -29.13
N SER A 1165 -29.43 -42.03 -28.30
CA SER A 1165 -28.28 -42.33 -27.45
C SER A 1165 -27.62 -43.65 -27.83
N GLU A 1166 -26.38 -43.82 -27.38
CA GLU A 1166 -25.61 -45.00 -27.72
C GLU A 1166 -24.68 -45.39 -26.57
N VAL A 1167 -24.61 -46.69 -26.28
CA VAL A 1167 -23.82 -47.20 -25.15
C VAL A 1167 -23.05 -48.47 -25.48
N GLU A 1168 -22.11 -48.80 -24.60
CA GLU A 1168 -21.33 -50.03 -24.69
C GLU A 1168 -21.30 -50.75 -23.34
N ILE A 1169 -21.99 -51.89 -23.24
CA ILE A 1169 -22.11 -52.63 -21.98
C ILE A 1169 -21.03 -53.71 -21.82
N ASP A 1170 -20.53 -53.88 -20.60
CA ASP A 1170 -19.52 -54.89 -20.32
C ASP A 1170 -20.20 -56.18 -19.84
N CYS A 1171 -20.46 -57.09 -20.77
CA CYS A 1171 -21.23 -58.30 -20.48
C CYS A 1171 -20.78 -59.05 -19.23
N LEU A 1172 -19.52 -58.87 -18.85
CA LEU A 1172 -18.96 -59.60 -17.71
C LEU A 1172 -19.27 -58.98 -16.34
N THR A 1173 -19.31 -57.66 -16.27
CA THR A 1173 -19.60 -57.00 -14.99
C THR A 1173 -20.99 -56.37 -14.95
N GLY A 1174 -21.52 -56.08 -16.12
CA GLY A 1174 -22.82 -55.44 -16.22
C GLY A 1174 -22.72 -53.95 -16.43
N ALA A 1175 -21.56 -53.38 -16.11
CA ALA A 1175 -21.34 -51.95 -16.28
C ALA A 1175 -21.43 -51.54 -17.75
N HIS A 1176 -21.45 -50.24 -18.01
CA HIS A 1176 -21.62 -49.70 -19.35
C HIS A 1176 -21.20 -48.25 -19.35
N LYS A 1177 -20.74 -47.74 -20.49
CA LYS A 1177 -20.47 -46.31 -20.63
C LYS A 1177 -21.35 -45.64 -21.72
N ASN A 1178 -21.79 -44.41 -21.45
CA ASN A 1178 -22.61 -43.67 -22.40
C ASN A 1178 -21.72 -42.93 -23.42
N ILE A 1179 -21.80 -43.31 -24.69
CA ILE A 1179 -20.81 -42.83 -25.67
C ILE A 1179 -21.19 -41.52 -26.35
N ARG A 1180 -22.35 -41.50 -27.00
CA ARG A 1180 -22.85 -40.27 -27.62
C ARG A 1180 -24.34 -40.13 -27.35
N THR A 1181 -24.81 -38.89 -27.39
CA THR A 1181 -26.24 -38.60 -27.25
C THR A 1181 -26.59 -37.33 -27.99
N ASP A 1182 -27.64 -37.39 -28.79
CA ASP A 1182 -28.10 -36.24 -29.55
C ASP A 1182 -29.51 -35.91 -29.15
N ILE A 1183 -29.83 -34.62 -29.08
CA ILE A 1183 -31.17 -34.20 -28.70
C ILE A 1183 -31.66 -33.06 -29.58
N VAL A 1184 -32.80 -33.26 -30.21
CA VAL A 1184 -33.50 -32.16 -30.86
C VAL A 1184 -34.80 -31.91 -30.09
N MET A 1185 -35.10 -30.63 -29.83
CA MET A 1185 -36.28 -30.29 -29.07
C MET A 1185 -36.90 -28.99 -29.56
N ASP A 1186 -38.21 -29.00 -29.80
CA ASP A 1186 -38.93 -27.82 -30.26
C ASP A 1186 -39.02 -26.81 -29.13
N GLY A 1187 -38.22 -25.76 -29.22
CA GLY A 1187 -38.25 -24.70 -28.23
C GLY A 1187 -39.03 -23.53 -28.75
N SER A 1188 -39.01 -23.37 -30.06
CA SER A 1188 -39.82 -22.35 -30.74
C SER A 1188 -39.61 -20.96 -30.15
N PHE A 1189 -38.63 -20.23 -30.68
CA PHE A 1189 -38.33 -18.90 -30.20
C PHE A 1189 -38.11 -18.89 -28.69
N SER A 1190 -37.08 -19.61 -28.25
CA SER A 1190 -36.69 -19.59 -26.84
C SER A 1190 -36.52 -18.15 -26.37
N ILE A 1191 -36.82 -17.88 -25.11
CA ILE A 1191 -36.63 -16.54 -24.58
C ILE A 1191 -35.19 -16.38 -24.12
N ASN A 1192 -34.50 -17.49 -23.93
CA ASN A 1192 -33.12 -17.44 -23.51
C ASN A 1192 -32.38 -18.73 -23.82
N PRO A 1193 -31.94 -18.88 -25.08
CA PRO A 1193 -31.31 -20.08 -25.62
C PRO A 1193 -30.35 -20.74 -24.64
N ALA A 1194 -29.61 -19.94 -23.87
CA ALA A 1194 -28.65 -20.51 -22.93
C ALA A 1194 -29.34 -21.15 -21.72
N VAL A 1195 -30.41 -20.52 -21.26
CA VAL A 1195 -31.20 -21.06 -20.17
C VAL A 1195 -31.90 -22.36 -20.56
N ASP A 1196 -32.70 -22.30 -21.62
CA ASP A 1196 -33.42 -23.50 -22.07
C ASP A 1196 -32.49 -24.67 -22.36
N ILE A 1197 -31.48 -24.47 -23.20
CA ILE A 1197 -30.51 -25.54 -23.48
C ILE A 1197 -30.00 -26.19 -22.18
N GLY A 1198 -29.78 -25.38 -21.16
CA GLY A 1198 -29.34 -25.91 -19.88
C GLY A 1198 -30.41 -26.81 -19.28
N GLN A 1199 -31.66 -26.37 -19.33
CA GLN A 1199 -32.78 -27.15 -18.84
C GLN A 1199 -32.79 -28.54 -19.47
N ILE A 1200 -32.77 -28.59 -20.79
CA ILE A 1200 -32.75 -29.85 -21.53
C ILE A 1200 -31.57 -30.72 -21.13
N GLU A 1201 -30.36 -30.16 -21.14
CA GLU A 1201 -29.17 -30.91 -20.80
C GLU A 1201 -29.33 -31.55 -19.43
N GLY A 1202 -29.68 -30.74 -18.44
CA GLY A 1202 -29.89 -31.20 -17.08
C GLY A 1202 -31.00 -32.23 -16.96
N ALA A 1203 -32.24 -31.79 -17.18
CA ALA A 1203 -33.39 -32.68 -17.10
C ALA A 1203 -33.13 -34.01 -17.82
N PHE A 1204 -32.26 -34.00 -18.82
CA PHE A 1204 -31.94 -35.24 -19.52
C PHE A 1204 -31.19 -36.17 -18.59
N VAL A 1205 -30.30 -35.60 -17.79
CA VAL A 1205 -29.48 -36.41 -16.90
C VAL A 1205 -30.27 -36.98 -15.72
N GLN A 1206 -31.17 -36.19 -15.15
CA GLN A 1206 -32.10 -36.71 -14.16
C GLN A 1206 -32.84 -37.89 -14.78
N GLY A 1207 -33.36 -37.70 -15.99
CA GLY A 1207 -33.98 -38.79 -16.71
C GLY A 1207 -33.06 -40.00 -16.76
N LEU A 1208 -31.82 -39.78 -17.23
CA LEU A 1208 -30.81 -40.83 -17.31
C LEU A 1208 -30.65 -41.60 -15.99
N GLY A 1209 -30.52 -40.87 -14.88
CA GLY A 1209 -30.33 -41.48 -13.57
C GLY A 1209 -31.51 -42.34 -13.14
N LEU A 1210 -32.70 -41.88 -13.46
CA LEU A 1210 -33.92 -42.60 -13.14
C LEU A 1210 -33.94 -43.97 -13.80
N TYR A 1211 -33.43 -44.07 -15.02
CA TYR A 1211 -33.55 -45.31 -15.79
C TYR A 1211 -32.31 -46.20 -15.76
N THR A 1212 -31.20 -45.71 -15.22
CA THR A 1212 -29.94 -46.46 -15.30
C THR A 1212 -29.07 -46.53 -14.04
N LEU A 1213 -29.14 -45.53 -13.17
CA LEU A 1213 -28.22 -45.44 -12.05
C LEU A 1213 -28.90 -45.32 -10.70
N GLU A 1214 -29.87 -44.43 -10.59
CA GLU A 1214 -30.47 -44.10 -9.30
C GLU A 1214 -31.38 -45.20 -8.73
N GLU A 1215 -31.08 -45.64 -7.51
CA GLU A 1215 -31.81 -46.70 -6.85
C GLU A 1215 -32.26 -46.33 -5.44
N LEU A 1216 -33.51 -46.61 -5.14
CA LEU A 1216 -33.96 -46.58 -3.74
C LEU A 1216 -34.34 -48.01 -3.36
N LYS A 1217 -33.99 -48.41 -2.15
CA LYS A 1217 -34.26 -49.77 -1.70
C LYS A 1217 -34.83 -49.77 -0.31
N TYR A 1218 -35.79 -50.66 -0.07
CA TYR A 1218 -36.48 -50.77 1.20
C TYR A 1218 -36.46 -52.21 1.73
N SER A 1219 -36.53 -52.35 3.04
CA SER A 1219 -36.61 -53.65 3.65
C SER A 1219 -38.08 -54.10 3.64
N PRO A 1220 -38.32 -55.41 3.81
CA PRO A 1220 -39.69 -55.91 3.75
C PRO A 1220 -40.69 -55.01 4.48
N GLU A 1221 -40.32 -54.47 5.63
CA GLU A 1221 -41.26 -53.64 6.39
C GLU A 1221 -41.21 -52.15 6.02
N GLY A 1222 -40.59 -51.85 4.88
CA GLY A 1222 -40.66 -50.51 4.33
C GLY A 1222 -39.84 -49.43 5.03
N VAL A 1223 -38.64 -49.80 5.48
CA VAL A 1223 -37.68 -48.81 5.98
C VAL A 1223 -36.66 -48.50 4.89
N LEU A 1224 -36.30 -47.23 4.76
CA LEU A 1224 -35.44 -46.78 3.66
C LEU A 1224 -33.96 -47.10 3.92
N TYR A 1225 -33.41 -48.00 3.11
CA TYR A 1225 -32.02 -48.42 3.26
C TYR A 1225 -31.04 -47.35 2.81
N THR A 1226 -31.24 -46.84 1.59
CA THR A 1226 -30.30 -45.92 0.99
C THR A 1226 -30.54 -44.48 1.42
N ARG A 1227 -29.94 -44.09 2.54
CA ARG A 1227 -30.08 -42.72 3.03
C ARG A 1227 -28.79 -41.90 2.90
N GLY A 1228 -28.61 -41.27 1.73
CA GLY A 1228 -27.48 -40.39 1.50
C GLY A 1228 -26.76 -40.59 0.18
N PRO A 1229 -25.78 -39.71 -0.12
CA PRO A 1229 -24.94 -39.77 -1.33
C PRO A 1229 -24.04 -41.01 -1.38
N HIS A 1230 -23.49 -41.42 -0.23
CA HIS A 1230 -22.66 -42.61 -0.16
C HIS A 1230 -23.36 -43.86 -0.70
N GLN A 1231 -24.68 -43.90 -0.55
CA GLN A 1231 -25.45 -45.05 -1.03
C GLN A 1231 -26.37 -44.68 -2.19
N TYR A 1232 -26.82 -43.43 -2.24
CA TYR A 1232 -27.63 -42.97 -3.36
C TYR A 1232 -26.77 -42.29 -4.42
N LYS A 1233 -26.71 -42.91 -5.59
CA LYS A 1233 -25.78 -42.47 -6.63
C LYS A 1233 -26.47 -41.68 -7.74
N ILE A 1234 -26.26 -40.36 -7.74
CA ILE A 1234 -26.67 -39.53 -8.86
C ILE A 1234 -25.55 -39.49 -9.88
N ALA A 1235 -25.86 -39.09 -11.10
CA ALA A 1235 -24.86 -39.02 -12.16
C ALA A 1235 -23.74 -38.07 -11.78
N SER A 1236 -22.51 -38.49 -12.00
CA SER A 1236 -21.35 -37.63 -11.86
C SER A 1236 -20.80 -37.27 -13.24
N VAL A 1237 -19.71 -36.52 -13.24
CA VAL A 1237 -19.10 -36.07 -14.50
C VAL A 1237 -18.78 -37.19 -15.50
N THR A 1238 -18.48 -38.39 -14.98
CA THR A 1238 -18.03 -39.47 -15.85
C THR A 1238 -19.16 -40.39 -16.28
N ASP A 1239 -20.40 -40.04 -15.91
CA ASP A 1239 -21.54 -40.88 -16.23
C ASP A 1239 -22.28 -40.38 -17.47
N ILE A 1240 -22.30 -39.06 -17.65
CA ILE A 1240 -23.03 -38.47 -18.77
C ILE A 1240 -22.28 -38.73 -20.06
N PRO A 1241 -23.03 -38.88 -21.18
CA PRO A 1241 -22.45 -39.24 -22.48
C PRO A 1241 -21.36 -38.26 -22.85
N GLU A 1242 -20.14 -38.74 -23.10
CA GLU A 1242 -19.00 -37.86 -23.30
C GLU A 1242 -19.13 -37.01 -24.55
N GLU A 1243 -20.06 -37.39 -25.43
CA GLU A 1243 -20.36 -36.57 -26.59
C GLU A 1243 -21.83 -36.17 -26.55
N PHE A 1244 -22.11 -34.98 -26.02
CA PHE A 1244 -23.49 -34.56 -25.78
C PHE A 1244 -23.90 -33.32 -26.58
N HIS A 1245 -24.75 -33.54 -27.60
CA HIS A 1245 -25.22 -32.46 -28.45
C HIS A 1245 -26.70 -32.15 -28.21
N VAL A 1246 -27.04 -30.87 -28.13
CA VAL A 1246 -28.42 -30.41 -28.01
C VAL A 1246 -28.71 -29.33 -29.05
N SER A 1247 -29.89 -29.37 -29.67
CA SER A 1247 -30.27 -28.34 -30.64
C SER A 1247 -31.78 -28.08 -30.71
N LEU A 1248 -32.16 -26.82 -30.70
CA LEU A 1248 -33.57 -26.45 -30.82
C LEU A 1248 -33.97 -26.40 -32.29
N LEU A 1249 -35.12 -26.98 -32.63
CA LEU A 1249 -35.67 -26.91 -33.98
C LEU A 1249 -35.79 -25.47 -34.40
N THR A 1250 -35.69 -25.22 -35.71
CA THR A 1250 -35.87 -23.87 -36.24
C THR A 1250 -37.10 -23.24 -35.60
N PRO A 1251 -36.99 -21.96 -35.18
CA PRO A 1251 -38.12 -21.30 -34.53
C PRO A 1251 -39.42 -21.34 -35.36
N THR A 1252 -40.54 -21.44 -34.66
CA THR A 1252 -41.84 -21.66 -35.28
C THR A 1252 -42.92 -21.03 -34.40
N PRO A 1253 -43.95 -20.45 -35.03
CA PRO A 1253 -45.03 -19.79 -34.28
C PRO A 1253 -45.66 -20.66 -33.17
N ASN A 1254 -45.86 -20.01 -32.03
CA ASN A 1254 -46.58 -20.58 -30.89
C ASN A 1254 -47.25 -19.40 -30.19
N PRO A 1255 -48.13 -18.70 -30.93
CA PRO A 1255 -48.63 -17.37 -30.56
C PRO A 1255 -49.31 -17.34 -29.20
N LYS A 1256 -49.70 -18.51 -28.70
CA LYS A 1256 -50.40 -18.60 -27.43
C LYS A 1256 -49.54 -18.03 -26.31
N ALA A 1257 -48.33 -18.57 -26.19
CA ALA A 1257 -47.43 -18.18 -25.12
C ALA A 1257 -46.73 -16.86 -25.45
N ILE A 1258 -46.29 -16.16 -24.41
CA ILE A 1258 -45.64 -14.87 -24.60
C ILE A 1258 -44.44 -14.96 -25.55
N TYR A 1259 -44.42 -14.11 -26.57
CA TYR A 1259 -43.31 -14.04 -27.50
C TYR A 1259 -43.07 -15.38 -28.22
N SER A 1260 -44.15 -16.14 -28.40
CA SER A 1260 -44.05 -17.45 -29.04
C SER A 1260 -42.97 -18.35 -28.42
N SER A 1261 -42.87 -18.33 -27.09
CA SER A 1261 -41.94 -19.20 -26.38
C SER A 1261 -42.62 -20.49 -25.98
N LYS A 1262 -41.86 -21.40 -25.36
CA LYS A 1262 -42.36 -22.71 -25.00
C LYS A 1262 -41.60 -23.27 -23.79
N GLY A 1263 -42.30 -23.51 -22.68
CA GLY A 1263 -41.67 -23.99 -21.45
C GLY A 1263 -41.01 -25.35 -21.59
N LEU A 1264 -39.70 -25.38 -21.38
CA LEU A 1264 -38.89 -26.60 -21.55
C LEU A 1264 -38.37 -27.19 -20.24
N GLY A 1265 -38.98 -26.79 -19.12
CA GLY A 1265 -38.52 -27.17 -17.80
C GLY A 1265 -38.43 -28.67 -17.55
N GLU A 1266 -39.51 -29.39 -17.82
CA GLU A 1266 -39.54 -30.83 -17.56
C GLU A 1266 -39.22 -31.63 -18.81
N ALA A 1267 -39.26 -30.98 -19.96
CA ALA A 1267 -39.14 -31.66 -21.25
C ALA A 1267 -38.10 -32.78 -21.30
N GLY A 1268 -36.83 -32.42 -21.15
CA GLY A 1268 -35.73 -33.36 -21.37
C GLY A 1268 -35.81 -34.69 -20.66
N THR A 1269 -36.46 -34.73 -19.50
CA THR A 1269 -36.42 -35.90 -18.64
C THR A 1269 -36.72 -37.22 -19.35
N PHE A 1270 -37.90 -37.34 -19.95
CA PHE A 1270 -38.27 -38.60 -20.59
C PHE A 1270 -37.24 -39.08 -21.59
N LEU A 1271 -36.53 -38.15 -22.22
CA LEU A 1271 -35.62 -38.50 -23.31
C LEU A 1271 -34.38 -39.26 -22.82
N GLY A 1272 -34.29 -39.45 -21.51
CA GLY A 1272 -33.21 -40.23 -20.94
C GLY A 1272 -33.30 -41.70 -21.30
N CYS A 1273 -34.54 -42.20 -21.42
CA CYS A 1273 -34.76 -43.63 -21.66
C CYS A 1273 -34.19 -44.08 -22.99
N SER A 1274 -33.61 -43.13 -23.73
CA SER A 1274 -32.88 -43.49 -24.93
C SER A 1274 -31.64 -44.28 -24.53
N VAL A 1275 -31.03 -43.89 -23.41
CA VAL A 1275 -29.90 -44.63 -22.86
C VAL A 1275 -30.37 -45.99 -22.33
N PHE A 1276 -31.59 -46.02 -21.83
CA PHE A 1276 -32.20 -47.26 -21.36
C PHE A 1276 -32.35 -48.23 -22.52
N PHE A 1277 -33.04 -47.78 -23.57
CA PHE A 1277 -33.30 -48.61 -24.73
C PHE A 1277 -32.05 -48.79 -25.58
N ALA A 1278 -31.07 -47.93 -25.35
CA ALA A 1278 -29.77 -48.10 -25.96
C ALA A 1278 -29.14 -49.33 -25.34
N ILE A 1279 -29.27 -49.41 -24.02
CA ILE A 1279 -28.77 -50.55 -23.26
C ILE A 1279 -29.55 -51.82 -23.60
N ALA A 1280 -30.88 -51.68 -23.65
CA ALA A 1280 -31.75 -52.82 -23.91
C ALA A 1280 -31.41 -53.59 -25.17
N ALA A 1281 -30.94 -52.87 -26.19
CA ALA A 1281 -30.61 -53.50 -27.48
C ALA A 1281 -29.24 -54.19 -27.44
N ALA A 1282 -28.35 -53.66 -26.59
CA ALA A 1282 -27.08 -54.33 -26.34
C ALA A 1282 -27.34 -55.72 -25.76
N VAL A 1283 -28.09 -55.75 -24.66
CA VAL A 1283 -28.49 -57.01 -24.01
C VAL A 1283 -29.05 -58.02 -25.01
N ALA A 1284 -30.05 -57.61 -25.78
CA ALA A 1284 -30.63 -58.47 -26.81
C ALA A 1284 -29.53 -59.07 -27.67
N ALA A 1285 -28.72 -58.20 -28.29
CA ALA A 1285 -27.64 -58.62 -29.18
C ALA A 1285 -26.68 -59.57 -28.47
N ALA A 1286 -26.57 -59.43 -27.16
CA ALA A 1286 -25.81 -60.39 -26.37
C ALA A 1286 -26.55 -61.72 -26.37
N ARG A 1287 -27.78 -61.70 -25.87
CA ARG A 1287 -28.58 -62.91 -25.73
C ARG A 1287 -28.80 -63.61 -27.07
N GLU A 1288 -28.96 -62.81 -28.12
CA GLU A 1288 -29.21 -63.35 -29.45
C GLU A 1288 -28.11 -64.31 -29.89
N GLU A 1289 -26.87 -63.81 -29.96
CA GLU A 1289 -25.73 -64.64 -30.34
C GLU A 1289 -25.65 -65.88 -29.47
N ARG A 1290 -26.24 -65.80 -28.28
CA ARG A 1290 -26.24 -66.91 -27.34
C ARG A 1290 -27.61 -67.57 -27.28
N TRP A 1296 -39.01 -60.05 -23.95
CA TRP A 1296 -38.59 -59.46 -22.69
C TRP A 1296 -39.29 -58.14 -22.42
N ALA A 1297 -39.09 -57.63 -21.21
CA ALA A 1297 -39.56 -56.31 -20.80
C ALA A 1297 -38.74 -55.89 -19.58
N ILE A 1298 -37.76 -55.02 -19.81
CA ILE A 1298 -36.81 -54.65 -18.78
C ILE A 1298 -37.43 -53.68 -17.77
N ASN A 1299 -37.07 -53.84 -16.50
CA ASN A 1299 -37.57 -52.96 -15.44
C ASN A 1299 -36.79 -51.66 -15.36
N SER A 1300 -37.48 -50.58 -14.96
CA SER A 1300 -36.96 -49.22 -15.10
C SER A 1300 -35.50 -49.05 -14.74
N PRO A 1301 -35.16 -49.11 -13.44
CA PRO A 1301 -33.73 -48.99 -13.22
C PRO A 1301 -33.01 -50.20 -13.84
N ALA A 1302 -32.37 -50.00 -14.98
CA ALA A 1302 -31.55 -51.04 -15.61
C ALA A 1302 -30.12 -50.85 -15.16
N THR A 1303 -29.78 -51.45 -14.03
CA THR A 1303 -28.50 -51.20 -13.37
C THR A 1303 -27.47 -52.28 -13.70
N ALA A 1304 -26.27 -52.15 -13.14
CA ALA A 1304 -25.20 -53.12 -13.38
C ALA A 1304 -25.71 -54.52 -13.11
N GLU A 1305 -26.42 -54.67 -11.99
CA GLU A 1305 -27.02 -55.95 -11.63
C GLU A 1305 -27.86 -56.50 -12.78
N VAL A 1306 -28.99 -55.84 -13.03
CA VAL A 1306 -29.96 -56.30 -14.02
C VAL A 1306 -29.30 -56.72 -15.33
N ILE A 1307 -28.38 -55.90 -15.82
CA ILE A 1307 -27.71 -56.16 -17.08
C ILE A 1307 -26.86 -57.43 -17.02
N ARG A 1308 -25.91 -57.45 -16.08
CA ARG A 1308 -25.02 -58.60 -15.94
C ARG A 1308 -25.79 -59.88 -16.00
N MET A 1309 -26.85 -59.96 -15.20
CA MET A 1309 -27.73 -61.12 -15.20
C MET A 1309 -28.37 -61.34 -16.58
N ALA A 1310 -28.87 -60.27 -17.19
CA ALA A 1310 -29.48 -60.37 -18.51
C ALA A 1310 -28.57 -61.12 -19.47
N CYS A 1311 -27.27 -60.85 -19.38
CA CYS A 1311 -26.28 -61.55 -20.20
C CYS A 1311 -25.75 -62.80 -19.49
N GLU A 1312 -26.41 -63.93 -19.70
CA GLU A 1312 -26.04 -65.16 -19.01
C GLU A 1312 -24.98 -65.96 -19.77
N ASP A 1313 -24.04 -66.54 -19.04
CA ASP A 1313 -22.91 -67.25 -19.63
C ASP A 1313 -22.48 -68.43 -18.77
N GLN A 1314 -21.34 -69.03 -19.11
CA GLN A 1314 -20.84 -70.18 -18.37
C GLN A 1314 -20.83 -69.96 -16.86
N PHE A 1315 -20.66 -68.72 -16.44
CA PHE A 1315 -20.50 -68.37 -15.02
C PHE A 1315 -21.82 -68.15 -14.28
N THR A 1316 -22.75 -67.45 -14.91
CA THR A 1316 -24.06 -67.23 -14.33
C THR A 1316 -24.81 -68.55 -14.14
N ASN A 1317 -24.33 -69.59 -14.82
CA ASN A 1317 -24.81 -70.94 -14.55
C ASN A 1317 -23.90 -71.60 -13.53
N LEU A 1318 -24.21 -71.37 -12.26
CA LEU A 1318 -23.50 -72.00 -11.16
C LEU A 1318 -24.36 -71.93 -9.88
N VAL A 1319 -25.07 -70.83 -9.71
CA VAL A 1319 -25.98 -70.72 -8.58
C VAL A 1319 -27.29 -70.03 -8.96
N PRO A 1320 -28.41 -70.55 -8.43
CA PRO A 1320 -29.73 -69.95 -8.56
C PRO A 1320 -30.22 -69.39 -7.23
N GLN A 1321 -31.39 -68.74 -7.24
CA GLN A 1321 -32.00 -68.23 -6.01
C GLN A 1321 -33.43 -68.74 -5.84
N PRO A 1329 -35.76 -61.87 2.40
CA PRO A 1329 -34.75 -61.19 1.60
C PRO A 1329 -34.44 -59.79 2.14
N TRP A 1330 -33.33 -59.22 1.72
CA TRP A 1330 -32.89 -57.93 2.24
C TRP A 1330 -33.74 -56.79 1.71
N SER A 1331 -33.94 -56.76 0.40
CA SER A 1331 -34.67 -55.70 -0.26
C SER A 1331 -35.92 -56.20 -0.99
N ILE A 1332 -37.03 -55.48 -0.82
CA ILE A 1332 -38.20 -55.73 -1.66
C ILE A 1332 -38.45 -54.52 -2.55
N PRO A 1333 -38.47 -54.75 -3.88
CA PRO A 1333 -38.93 -53.68 -4.76
C PRO A 1333 -40.33 -53.26 -4.34
N VAL A 1334 -40.56 -51.97 -4.22
CA VAL A 1334 -41.86 -51.46 -3.82
C VAL A 1334 -42.80 -51.41 -5.02
N SER B 7 -17.87 -14.35 45.86
CA SER B 7 -18.00 -13.00 45.31
C SER B 7 -18.15 -13.08 43.80
N ASP B 8 -18.06 -11.91 43.16
CA ASP B 8 -17.98 -11.82 41.70
C ASP B 8 -19.30 -12.09 40.95
N GLU B 9 -20.06 -13.11 41.35
CA GLU B 9 -21.35 -13.36 40.69
C GLU B 9 -22.40 -12.33 41.10
N LEU B 10 -22.95 -11.64 40.12
CA LEU B 10 -24.02 -10.69 40.37
C LEU B 10 -25.33 -11.44 40.27
N ILE B 11 -26.17 -11.35 41.30
CA ILE B 11 -27.41 -12.09 41.32
C ILE B 11 -28.61 -11.20 41.63
N PHE B 12 -29.49 -11.07 40.66
CA PHE B 12 -30.74 -10.35 40.86
C PHE B 12 -31.80 -10.98 39.98
N PHE B 13 -33.05 -10.66 40.26
CA PHE B 13 -34.19 -11.23 39.54
C PHE B 13 -34.80 -10.21 38.60
N VAL B 14 -35.00 -10.59 37.34
CA VAL B 14 -35.76 -9.75 36.42
C VAL B 14 -37.08 -10.47 36.17
N ASN B 15 -38.18 -9.73 36.36
CA ASN B 15 -39.53 -10.30 36.20
C ASN B 15 -39.63 -11.72 36.73
N GLY B 16 -39.17 -11.93 37.96
CA GLY B 16 -39.28 -13.21 38.62
C GLY B 16 -38.37 -14.28 38.04
N LYS B 17 -37.65 -13.94 36.97
CA LYS B 17 -36.68 -14.85 36.39
C LYS B 17 -35.32 -14.52 36.97
N LYS B 18 -34.51 -15.55 37.20
CA LYS B 18 -33.26 -15.39 37.92
C LYS B 18 -32.12 -15.04 37.00
N VAL B 19 -31.52 -13.88 37.22
CA VAL B 19 -30.38 -13.47 36.40
C VAL B 19 -29.10 -13.55 37.21
N THR B 20 -28.12 -14.24 36.65
CA THR B 20 -26.88 -14.46 37.34
C THR B 20 -25.72 -14.14 36.39
N GLU B 21 -25.08 -12.99 36.64
CA GLU B 21 -24.04 -12.48 35.76
C GLU B 21 -22.65 -12.72 36.34
N ARG B 22 -21.87 -13.56 35.66
CA ARG B 22 -20.56 -13.97 36.16
C ARG B 22 -19.46 -12.97 35.85
N ASN B 23 -19.68 -12.17 34.80
CA ASN B 23 -18.72 -11.15 34.39
C ASN B 23 -19.30 -9.74 34.46
N ALA B 24 -19.52 -9.23 35.66
CA ALA B 24 -20.18 -7.92 35.81
C ALA B 24 -19.22 -6.75 35.62
N ASP B 25 -19.71 -5.72 34.94
CA ASP B 25 -18.92 -4.53 34.63
C ASP B 25 -19.50 -3.29 35.32
N PRO B 26 -18.75 -2.75 36.30
CA PRO B 26 -19.21 -1.66 37.17
C PRO B 26 -19.74 -0.44 36.43
N GLU B 27 -19.61 -0.42 35.11
CA GLU B 27 -20.01 0.75 34.34
C GLU B 27 -21.34 0.58 33.62
N VAL B 28 -21.67 -0.66 33.26
CA VAL B 28 -22.93 -0.89 32.58
C VAL B 28 -24.02 -0.60 33.57
N ASN B 29 -25.07 0.09 33.12
CA ASN B 29 -26.22 0.36 33.98
C ASN B 29 -27.39 -0.56 33.65
N LEU B 30 -28.38 -0.61 34.53
CA LEU B 30 -29.52 -1.52 34.35
C LEU B 30 -30.15 -1.38 32.95
N LEU B 31 -30.45 -0.15 32.56
CA LEU B 31 -31.12 0.12 31.27
C LEU B 31 -30.43 -0.51 30.06
N PHE B 32 -29.11 -0.46 30.01
CA PHE B 32 -28.37 -1.11 28.93
C PHE B 32 -28.56 -2.62 29.03
N TYR B 33 -28.45 -3.13 30.25
CA TYR B 33 -28.51 -4.56 30.50
C TYR B 33 -29.85 -5.17 30.05
N LEU B 34 -30.94 -4.51 30.42
CA LEU B 34 -32.26 -4.97 30.02
C LEU B 34 -32.33 -5.08 28.50
N ARG B 35 -32.03 -3.98 27.83
CA ARG B 35 -32.23 -3.86 26.37
C ARG B 35 -31.21 -4.61 25.51
N LYS B 36 -29.93 -4.48 25.83
CA LYS B 36 -28.88 -5.04 24.97
C LYS B 36 -28.47 -6.47 25.31
N VAL B 37 -28.59 -6.89 26.57
CA VAL B 37 -28.24 -8.26 26.96
C VAL B 37 -29.40 -9.20 27.32
N ILE B 38 -30.38 -8.76 28.10
CA ILE B 38 -31.55 -9.63 28.32
C ILE B 38 -32.52 -9.46 27.14
N ARG B 39 -32.42 -8.32 26.47
CA ARG B 39 -33.25 -8.00 25.31
C ARG B 39 -34.72 -7.84 25.64
N LEU B 40 -34.99 -7.23 26.79
CA LEU B 40 -36.31 -6.74 27.09
C LEU B 40 -36.26 -5.28 26.70
N THR B 41 -36.69 -4.98 25.48
CA THR B 41 -36.62 -3.63 24.92
C THR B 41 -37.74 -2.72 25.40
N GLY B 42 -38.63 -3.27 26.22
CA GLY B 42 -39.76 -2.51 26.70
C GLY B 42 -39.37 -1.18 27.30
N THR B 43 -38.41 -1.21 28.21
CA THR B 43 -38.03 0.02 28.91
C THR B 43 -36.96 0.77 28.11
N LYS B 44 -37.21 2.03 27.81
CA LYS B 44 -36.40 2.77 26.85
C LYS B 44 -35.80 4.02 27.43
N TYR B 45 -34.72 4.51 26.81
CA TYR B 45 -34.14 5.80 27.20
C TYR B 45 -34.38 6.90 26.18
N GLY B 46 -34.82 8.04 26.70
CA GLY B 46 -35.09 9.21 25.88
C GLY B 46 -34.14 10.33 26.21
N CYS B 47 -33.39 10.16 27.30
CA CYS B 47 -32.27 11.05 27.60
C CYS B 47 -31.14 10.31 28.32
N GLY B 48 -31.21 10.27 29.64
CA GLY B 48 -30.17 9.64 30.43
C GLY B 48 -29.83 10.47 31.65
N GLY B 49 -30.41 11.66 31.72
CA GLY B 49 -30.20 12.56 32.84
C GLY B 49 -31.05 12.24 34.06
N GLY B 50 -31.98 11.31 33.90
CA GLY B 50 -32.88 10.96 34.98
C GLY B 50 -33.97 12.00 35.12
N ASP B 51 -34.30 12.64 34.01
CA ASP B 51 -35.22 13.77 34.01
C ASP B 51 -36.57 13.41 33.39
N CYS B 52 -36.59 12.36 32.57
CA CYS B 52 -37.79 12.06 31.80
C CYS B 52 -38.51 10.78 32.22
N GLY B 53 -37.92 10.04 33.15
CA GLY B 53 -38.55 8.83 33.64
C GLY B 53 -38.94 7.82 32.57
N ALA B 54 -38.65 8.10 31.31
CA ALA B 54 -38.95 7.16 30.24
C ALA B 54 -38.35 5.77 30.49
N CYS B 55 -37.39 5.69 31.38
CA CYS B 55 -36.76 4.41 31.70
C CYS B 55 -37.17 3.88 33.08
N THR B 56 -38.27 4.39 33.62
CA THR B 56 -38.72 3.98 34.94
C THR B 56 -38.99 2.48 35.04
N VAL B 57 -38.43 1.85 36.06
CA VAL B 57 -38.74 0.46 36.38
C VAL B 57 -39.15 0.41 37.84
N MET B 58 -39.44 -0.79 38.35
CA MET B 58 -39.72 -0.95 39.77
C MET B 58 -38.73 -1.90 40.38
N ILE B 59 -38.12 -1.49 41.49
CA ILE B 59 -37.27 -2.39 42.26
C ILE B 59 -37.91 -2.78 43.59
N SER B 60 -37.79 -4.06 43.93
CA SER B 60 -38.30 -4.60 45.18
C SER B 60 -37.14 -5.05 46.05
N ARG B 61 -37.16 -4.69 47.32
CA ARG B 61 -36.13 -5.07 48.27
C ARG B 61 -36.73 -5.74 49.49
N TYR B 62 -36.12 -6.83 49.95
CA TYR B 62 -36.51 -7.41 51.21
C TYR B 62 -35.54 -6.97 52.30
N ASP B 63 -36.08 -6.48 53.42
CA ASP B 63 -35.26 -6.17 54.57
C ASP B 63 -35.44 -7.25 55.62
N PRO B 64 -34.43 -8.11 55.77
CA PRO B 64 -34.51 -9.29 56.66
C PRO B 64 -34.64 -8.92 58.14
N ILE B 65 -34.06 -7.79 58.52
CA ILE B 65 -34.12 -7.35 59.90
C ILE B 65 -35.49 -6.78 60.23
N SER B 66 -36.15 -6.22 59.21
CA SER B 66 -37.50 -5.66 59.40
C SER B 66 -38.58 -6.62 58.91
N LYS B 67 -38.23 -7.46 57.94
CA LYS B 67 -39.14 -8.43 57.38
C LYS B 67 -40.04 -7.76 56.33
N ARG B 68 -39.65 -6.57 55.90
CA ARG B 68 -40.46 -5.81 54.96
C ARG B 68 -40.04 -5.99 53.50
N ILE B 69 -41.02 -5.90 52.61
CA ILE B 69 -40.78 -5.94 51.18
C ILE B 69 -41.13 -4.56 50.61
N SER B 70 -40.12 -3.79 50.26
CA SER B 70 -40.34 -2.45 49.73
C SER B 70 -40.44 -2.48 48.22
N HIS B 71 -41.31 -1.64 47.66
CA HIS B 71 -41.47 -1.50 46.22
C HIS B 71 -41.38 -0.04 45.83
N PHE B 72 -40.28 0.35 45.19
CA PHE B 72 -40.11 1.75 44.79
C PHE B 72 -39.64 1.86 43.36
N SER B 73 -39.95 2.99 42.73
CA SER B 73 -39.63 3.22 41.33
C SER B 73 -38.27 3.89 41.19
N ALA B 74 -37.61 3.65 40.08
CA ALA B 74 -36.27 4.18 39.85
C ALA B 74 -35.96 4.38 38.37
N THR B 75 -34.98 5.23 38.09
CA THR B 75 -34.50 5.45 36.72
C THR B 75 -33.40 4.45 36.40
N ALA B 76 -33.67 3.57 35.45
CA ALA B 76 -32.75 2.48 35.13
C ALA B 76 -31.49 2.98 34.44
N CYS B 77 -31.56 4.15 33.84
CA CYS B 77 -30.40 4.66 33.12
C CYS B 77 -29.27 5.01 34.10
N LEU B 78 -29.64 5.29 35.34
CA LEU B 78 -28.67 5.68 36.36
C LEU B 78 -28.39 4.56 37.36
N VAL B 79 -29.18 3.48 37.31
CA VAL B 79 -29.02 2.37 38.23
C VAL B 79 -27.92 1.42 37.77
N PRO B 80 -26.81 1.38 38.54
CA PRO B 80 -25.72 0.44 38.27
C PRO B 80 -26.15 -0.98 38.62
N ILE B 81 -26.09 -1.89 37.64
CA ILE B 81 -26.48 -3.27 37.89
C ILE B 81 -25.70 -3.88 39.06
N CYS B 82 -24.51 -3.37 39.32
CA CYS B 82 -23.70 -3.86 40.42
C CYS B 82 -24.33 -3.58 41.77
N SER B 83 -25.38 -2.77 41.79
CA SER B 83 -26.03 -2.40 43.05
C SER B 83 -27.31 -3.18 43.24
N LEU B 84 -27.58 -4.13 42.35
CA LEU B 84 -28.83 -4.84 42.38
C LEU B 84 -28.70 -6.19 43.08
N HIS B 85 -27.49 -6.56 43.44
CA HIS B 85 -27.27 -7.87 44.00
C HIS B 85 -28.29 -8.18 45.06
N GLY B 86 -29.20 -9.11 44.76
CA GLY B 86 -30.16 -9.59 45.75
C GLY B 86 -31.50 -8.90 45.72
N ALA B 87 -31.64 -7.89 44.85
CA ALA B 87 -32.91 -7.22 44.68
C ALA B 87 -33.60 -7.86 43.49
N ALA B 88 -34.81 -7.38 43.20
CA ALA B 88 -35.54 -7.85 42.03
C ALA B 88 -35.92 -6.65 41.17
N VAL B 89 -36.09 -6.87 39.88
CA VAL B 89 -36.49 -5.81 38.98
C VAL B 89 -37.72 -6.24 38.18
N THR B 90 -38.69 -5.33 38.05
CA THR B 90 -39.86 -5.58 37.23
C THR B 90 -40.00 -4.50 36.17
N THR B 91 -40.02 -4.90 34.90
CA THR B 91 -40.20 -3.97 33.80
C THR B 91 -41.61 -4.09 33.23
N VAL B 92 -41.89 -3.28 32.20
CA VAL B 92 -43.23 -3.24 31.64
C VAL B 92 -43.74 -4.58 31.13
N GLU B 93 -42.87 -5.42 30.57
CA GLU B 93 -43.34 -6.71 30.09
C GLU B 93 -43.37 -7.74 31.21
N GLY B 94 -43.28 -7.24 32.44
CA GLY B 94 -43.33 -8.10 33.60
C GLY B 94 -44.71 -8.12 34.24
N ILE B 95 -45.45 -7.02 34.06
CA ILE B 95 -46.76 -6.89 34.67
C ILE B 95 -47.87 -7.36 33.75
N GLY B 96 -47.56 -7.47 32.46
CA GLY B 96 -48.52 -7.99 31.50
C GLY B 96 -48.06 -7.86 30.06
N SER B 97 -48.71 -8.61 29.18
CA SER B 97 -48.41 -8.57 27.76
C SER B 97 -49.55 -9.25 27.00
N THR B 98 -49.78 -8.83 25.75
CA THR B 98 -50.84 -9.42 24.95
C THR B 98 -50.58 -10.90 24.71
N LYS B 99 -49.35 -11.35 24.93
CA LYS B 99 -49.02 -12.75 24.71
C LYS B 99 -49.60 -13.60 25.82
N THR B 100 -49.81 -13.00 26.99
CA THR B 100 -50.43 -13.72 28.10
C THR B 100 -51.73 -13.03 28.50
N ARG B 101 -51.63 -12.00 29.35
CA ARG B 101 -52.76 -11.13 29.63
C ARG B 101 -52.26 -9.78 30.12
N ILE B 102 -52.97 -8.70 29.78
CA ILE B 102 -52.48 -7.37 30.13
C ILE B 102 -53.09 -6.84 31.42
N HIS B 103 -52.35 -5.94 32.06
CA HIS B 103 -52.68 -5.48 33.39
C HIS B 103 -53.55 -4.24 33.29
N PRO B 104 -54.49 -4.06 34.24
CA PRO B 104 -55.39 -2.91 34.24
C PRO B 104 -54.69 -1.59 33.88
N VAL B 105 -53.48 -1.39 34.40
CA VAL B 105 -52.75 -0.15 34.13
C VAL B 105 -52.41 -0.01 32.65
N GLN B 106 -52.01 -1.11 32.03
CA GLN B 106 -51.68 -1.10 30.62
C GLN B 106 -52.95 -0.92 29.78
N GLU B 107 -54.04 -1.49 30.26
CA GLU B 107 -55.34 -1.38 29.59
C GLU B 107 -55.90 0.04 29.65
N ARG B 108 -56.05 0.57 30.86
CA ARG B 108 -56.73 1.84 31.03
C ARG B 108 -55.99 3.01 30.41
N ILE B 109 -54.68 2.86 30.24
CA ILE B 109 -53.91 3.94 29.65
C ILE B 109 -54.07 3.92 28.12
N ALA B 110 -54.19 2.72 27.56
CA ALA B 110 -54.31 2.57 26.10
C ALA B 110 -55.72 2.90 25.59
N LYS B 111 -56.74 2.32 26.23
CA LYS B 111 -58.13 2.53 25.82
C LYS B 111 -58.62 3.93 26.16
N GLY B 112 -57.97 4.57 27.12
CA GLY B 112 -58.32 5.92 27.52
C GLY B 112 -57.57 6.96 26.73
N HIS B 113 -56.76 6.50 25.79
CA HIS B 113 -56.02 7.39 24.89
C HIS B 113 -54.95 8.21 25.61
N GLY B 114 -54.38 7.64 26.67
CA GLY B 114 -53.27 8.29 27.35
C GLY B 114 -51.98 8.04 26.57
N THR B 115 -52.15 7.67 25.31
CA THR B 115 -51.05 7.21 24.47
C THR B 115 -51.19 7.66 23.03
N GLN B 116 -50.11 8.23 22.50
CA GLN B 116 -50.00 8.57 21.09
C GLN B 116 -48.77 7.89 20.50
N CYS B 117 -47.60 8.50 20.66
CA CYS B 117 -46.41 7.97 20.01
C CYS B 117 -45.89 6.70 20.69
N GLY B 118 -46.17 6.56 21.98
CA GLY B 118 -45.92 5.29 22.67
C GLY B 118 -44.57 5.15 23.32
N PHE B 119 -43.69 6.12 23.10
CA PHE B 119 -42.33 5.99 23.60
C PHE B 119 -42.20 6.31 25.09
N CYS B 120 -43.11 7.11 25.63
CA CYS B 120 -43.01 7.52 27.02
C CYS B 120 -43.92 6.69 27.91
N THR B 121 -44.58 5.70 27.31
CA THR B 121 -45.65 4.97 27.98
C THR B 121 -45.18 3.91 28.98
N PRO B 122 -44.27 3.02 28.56
CA PRO B 122 -43.76 2.02 29.52
C PRO B 122 -43.38 2.67 30.84
N GLY B 123 -42.81 3.87 30.78
CA GLY B 123 -42.40 4.57 31.99
C GLY B 123 -43.57 5.09 32.78
N MET B 124 -44.63 5.47 32.09
CA MET B 124 -45.85 5.90 32.78
C MET B 124 -46.49 4.70 33.47
N VAL B 125 -46.82 3.68 32.69
CA VAL B 125 -47.31 2.43 33.25
C VAL B 125 -46.57 2.05 34.53
N MET B 126 -45.23 2.06 34.47
CA MET B 126 -44.42 1.61 35.60
C MET B 126 -44.35 2.64 36.72
N SER B 127 -44.67 3.89 36.40
CA SER B 127 -44.77 4.91 37.44
C SER B 127 -46.12 4.83 38.13
N ILE B 128 -47.09 4.20 37.47
CA ILE B 128 -48.43 4.03 38.04
C ILE B 128 -48.53 2.69 38.74
N TYR B 129 -48.14 1.62 38.05
CA TYR B 129 -48.05 0.29 38.66
C TYR B 129 -47.43 0.38 40.05
N THR B 130 -46.18 0.83 40.09
CA THR B 130 -45.49 1.06 41.35
C THR B 130 -46.41 1.67 42.40
N LEU B 131 -47.06 2.77 42.06
CA LEU B 131 -47.99 3.45 42.97
C LEU B 131 -49.09 2.52 43.48
N LEU B 132 -49.58 1.65 42.62
CA LEU B 132 -50.59 0.67 43.01
C LEU B 132 -50.00 -0.32 44.00
N ARG B 133 -48.84 -0.89 43.67
CA ARG B 133 -48.19 -1.86 44.54
C ARG B 133 -48.04 -1.31 45.96
N ASN B 134 -47.92 0.01 46.08
CA ASN B 134 -47.81 0.63 47.39
C ASN B 134 -49.16 1.02 47.96
N HIS B 135 -50.00 1.65 47.14
CA HIS B 135 -51.33 2.06 47.58
C HIS B 135 -52.38 1.72 46.53
N PRO B 136 -52.96 0.52 46.62
CA PRO B 136 -53.90 0.00 45.60
C PRO B 136 -55.13 0.89 45.41
N GLU B 137 -55.42 1.77 46.37
CA GLU B 137 -56.46 2.77 46.18
C GLU B 137 -55.91 4.16 46.51
N PRO B 138 -55.12 4.73 45.59
CA PRO B 138 -54.29 5.92 45.79
C PRO B 138 -55.11 7.21 45.69
N SER B 139 -54.75 8.23 46.47
CA SER B 139 -55.38 9.53 46.34
C SER B 139 -54.75 10.20 45.14
N THR B 140 -55.05 11.48 44.94
CA THR B 140 -54.49 12.20 43.81
C THR B 140 -53.13 12.81 44.13
N GLU B 141 -52.96 13.29 45.37
CA GLU B 141 -51.68 13.83 45.77
C GLU B 141 -50.59 12.78 45.59
N GLN B 142 -50.96 11.52 45.75
CA GLN B 142 -50.02 10.42 45.57
C GLN B 142 -49.79 10.15 44.08
N ILE B 143 -50.87 10.16 43.31
CA ILE B 143 -50.76 10.00 41.87
C ILE B 143 -49.83 11.07 41.31
N MET B 144 -49.96 12.29 41.80
CA MET B 144 -49.14 13.39 41.31
C MET B 144 -47.68 13.21 41.68
N GLU B 145 -47.43 12.70 42.88
CA GLU B 145 -46.06 12.41 43.32
C GLU B 145 -45.38 11.41 42.43
N THR B 146 -46.10 10.35 42.06
CA THR B 146 -45.52 9.27 41.29
C THR B 146 -45.27 9.67 39.84
N LEU B 147 -46.00 10.71 39.40
CA LEU B 147 -45.92 11.16 38.00
C LEU B 147 -45.00 12.36 37.83
N GLY B 148 -44.83 13.14 38.88
CA GLY B 148 -44.01 14.34 38.79
C GLY B 148 -42.76 14.16 37.94
N GLY B 149 -42.32 12.91 37.78
CA GLY B 149 -41.03 12.64 37.18
C GLY B 149 -41.07 12.01 35.81
N ASN B 150 -42.26 11.92 35.22
CA ASN B 150 -42.37 11.43 33.86
C ASN B 150 -42.69 12.57 32.92
N LEU B 151 -42.10 12.55 31.74
CA LEU B 151 -42.31 13.61 30.76
C LEU B 151 -42.93 13.03 29.49
N CYS B 152 -43.83 13.80 28.89
CA CYS B 152 -44.47 13.39 27.65
C CYS B 152 -44.55 14.61 26.76
N ARG B 153 -44.36 14.41 25.46
CA ARG B 153 -44.34 15.52 24.52
C ARG B 153 -45.57 15.55 23.59
N CYS B 154 -46.32 14.45 23.53
CA CYS B 154 -47.48 14.32 22.64
C CYS B 154 -48.83 14.68 23.28
N THR B 155 -49.17 13.98 24.36
CA THR B 155 -50.56 13.91 24.86
C THR B 155 -51.03 15.07 25.72
N GLY B 156 -50.12 15.72 26.44
CA GLY B 156 -50.50 16.80 27.32
C GLY B 156 -50.71 16.37 28.77
N TYR B 157 -50.62 15.07 29.02
CA TYR B 157 -50.77 14.48 30.35
C TYR B 157 -52.22 14.20 30.79
N ARG B 158 -53.16 14.94 30.21
CA ARG B 158 -54.57 14.80 30.58
C ARG B 158 -55.06 13.34 30.50
N PRO B 159 -55.01 12.72 29.31
CA PRO B 159 -55.51 11.34 29.20
C PRO B 159 -54.76 10.35 30.08
N ILE B 160 -53.53 10.68 30.46
CA ILE B 160 -52.77 9.80 31.32
C ILE B 160 -53.25 9.93 32.76
N VAL B 161 -53.10 11.13 33.32
CA VAL B 161 -53.64 11.42 34.64
C VAL B 161 -55.03 10.81 34.81
N GLU B 162 -55.94 11.18 33.93
CA GLU B 162 -57.30 10.67 33.98
C GLU B 162 -57.35 9.14 34.09
N SER B 163 -56.45 8.42 33.43
CA SER B 163 -56.47 6.96 33.52
C SER B 163 -56.02 6.53 34.89
N ALA B 164 -54.99 7.18 35.41
CA ALA B 164 -54.54 6.92 36.78
C ALA B 164 -55.70 7.12 37.76
N LYS B 165 -56.31 8.29 37.70
CA LYS B 165 -57.43 8.62 38.59
C LYS B 165 -58.49 7.53 38.62
N SER B 166 -58.59 6.74 37.55
CA SER B 166 -59.60 5.70 37.51
C SER B 166 -59.41 4.66 38.60
N PHE B 167 -58.32 4.76 39.35
CA PHE B 167 -57.98 3.74 40.35
C PHE B 167 -58.41 4.07 41.78
N CYS B 168 -59.14 5.16 41.97
CA CYS B 168 -59.59 5.53 43.30
C CYS B 168 -61.06 5.93 43.31
N PRO B 169 -61.60 6.20 44.50
CA PRO B 169 -62.96 6.73 44.62
C PRO B 169 -62.95 8.24 44.87
N THR B 199 -69.30 14.18 24.39
CA THR B 199 -69.70 12.83 24.76
C THR B 199 -68.55 12.03 25.39
N LYS B 200 -68.57 10.71 25.19
CA LYS B 200 -67.57 9.82 25.78
C LYS B 200 -66.52 9.39 24.76
N LEU B 201 -65.27 9.33 25.17
CA LEU B 201 -64.21 8.92 24.25
C LEU B 201 -63.93 7.43 24.32
N TYR B 202 -64.33 6.80 25.43
CA TYR B 202 -64.08 5.36 25.65
C TYR B 202 -65.07 4.79 26.65
N GLU B 203 -65.10 3.46 26.77
CA GLU B 203 -66.05 2.80 27.67
C GLU B 203 -65.40 2.31 28.98
N LYS B 204 -65.48 3.16 29.99
CA LYS B 204 -64.92 2.90 31.31
C LYS B 204 -65.42 1.60 31.95
N LYS B 205 -66.64 1.18 31.59
CA LYS B 205 -67.27 0.03 32.23
C LYS B 205 -66.75 -1.33 31.78
N GLU B 206 -65.94 -1.37 30.72
CA GLU B 206 -65.41 -2.65 30.25
C GLU B 206 -64.01 -2.94 30.81
N PHE B 207 -63.46 -1.98 31.53
CA PHE B 207 -62.17 -2.16 32.19
C PHE B 207 -62.20 -3.41 33.07
N GLN B 208 -61.07 -4.09 33.17
CA GLN B 208 -60.90 -5.13 34.15
C GLN B 208 -60.70 -4.50 35.53
N PRO B 209 -61.08 -5.22 36.59
CA PRO B 209 -60.89 -4.74 37.96
C PRO B 209 -59.50 -5.11 38.47
N LEU B 210 -58.99 -4.36 39.46
CA LEU B 210 -57.67 -4.64 40.00
C LEU B 210 -57.68 -5.67 41.13
N ASP B 211 -56.93 -6.74 40.93
CA ASP B 211 -56.79 -7.80 41.93
C ASP B 211 -55.37 -7.77 42.50
N PRO B 212 -55.12 -6.90 43.49
CA PRO B 212 -53.76 -6.67 44.01
C PRO B 212 -53.04 -7.96 44.40
N THR B 213 -53.81 -9.00 44.67
CA THR B 213 -53.23 -10.26 45.11
C THR B 213 -52.80 -11.12 43.94
N GLN B 214 -52.90 -10.58 42.74
CA GLN B 214 -52.60 -11.36 41.53
C GLN B 214 -51.21 -11.07 41.02
N GLU B 215 -50.49 -10.18 41.71
CA GLU B 215 -49.20 -9.71 41.22
C GLU B 215 -48.07 -10.70 41.47
N LEU B 216 -46.94 -10.45 40.81
CA LEU B 216 -45.75 -11.27 40.94
C LEU B 216 -45.33 -11.34 42.40
N ILE B 217 -44.89 -12.52 42.82
CA ILE B 217 -44.59 -12.77 44.22
C ILE B 217 -43.09 -12.65 44.49
N PHE B 218 -42.71 -11.69 45.34
CA PHE B 218 -41.30 -11.46 45.63
C PHE B 218 -40.57 -12.79 45.74
N PRO B 219 -39.47 -12.93 45.00
CA PRO B 219 -38.78 -14.23 44.92
C PRO B 219 -38.21 -14.63 46.26
N PRO B 220 -38.63 -15.80 46.77
CA PRO B 220 -38.15 -16.40 48.02
C PRO B 220 -36.65 -16.73 47.96
N GLU B 221 -36.14 -17.03 46.78
CA GLU B 221 -34.70 -17.21 46.65
C GLU B 221 -33.99 -15.99 47.25
N LEU B 222 -34.53 -14.81 46.95
CA LEU B 222 -33.91 -13.57 47.42
C LEU B 222 -34.05 -13.39 48.93
N MET B 223 -35.11 -13.97 49.49
CA MET B 223 -35.33 -13.86 50.93
C MET B 223 -34.28 -14.64 51.74
N ARG B 224 -34.10 -15.93 51.40
CA ARG B 224 -33.04 -16.71 52.02
C ARG B 224 -31.71 -15.99 51.83
N MET B 225 -31.48 -15.50 50.61
CA MET B 225 -30.23 -14.85 50.27
C MET B 225 -29.91 -13.65 51.17
N ALA B 226 -30.93 -13.10 51.82
CA ALA B 226 -30.76 -11.88 52.61
C ALA B 226 -30.37 -12.16 54.06
N GLU B 227 -30.99 -13.20 54.61
CA GLU B 227 -30.51 -13.85 55.83
C GLU B 227 -29.06 -14.31 55.65
N GLN B 230 -24.75 -14.44 55.30
CA GLN B 230 -23.48 -14.06 55.91
C GLN B 230 -23.00 -12.74 55.31
N ASN B 231 -21.91 -12.22 55.86
CA ASN B 231 -21.41 -10.91 55.47
C ASN B 231 -19.93 -10.92 55.07
N THR B 232 -19.66 -10.59 53.81
CA THR B 232 -18.32 -10.70 53.26
C THR B 232 -18.25 -9.90 51.95
N VAL B 233 -17.08 -9.32 51.67
CA VAL B 233 -16.96 -8.35 50.57
C VAL B 233 -17.29 -8.88 49.18
N LEU B 234 -18.07 -8.11 48.44
CA LEU B 234 -18.35 -8.41 47.04
C LEU B 234 -17.55 -7.47 46.15
N THR B 235 -16.92 -8.02 45.13
CA THR B 235 -16.07 -7.22 44.25
C THR B 235 -16.19 -7.67 42.79
N PHE B 236 -16.58 -6.74 41.92
CA PHE B 236 -16.77 -7.02 40.50
C PHE B 236 -15.78 -6.24 39.67
N ARG B 237 -15.19 -6.88 38.67
CA ARG B 237 -14.16 -6.26 37.86
C ARG B 237 -14.62 -6.05 36.43
N GLY B 238 -14.42 -4.85 35.92
CA GLY B 238 -14.77 -4.53 34.54
C GLY B 238 -13.54 -4.33 33.67
N GLU B 239 -13.74 -3.69 32.53
CA GLU B 239 -12.64 -3.40 31.61
C GLU B 239 -11.74 -2.33 32.21
N ARG B 240 -12.34 -1.37 32.89
CA ARG B 240 -11.60 -0.20 33.37
C ARG B 240 -11.83 0.07 34.84
N THR B 241 -12.85 -0.57 35.41
CA THR B 241 -13.26 -0.24 36.77
C THR B 241 -13.57 -1.47 37.62
N THR B 242 -13.19 -1.41 38.89
CA THR B 242 -13.52 -2.44 39.86
C THR B 242 -14.50 -1.89 40.91
N TRP B 243 -15.56 -2.64 41.17
CA TRP B 243 -16.57 -2.26 42.15
C TRP B 243 -16.36 -3.09 43.42
N ILE B 244 -16.15 -2.41 44.54
CA ILE B 244 -15.96 -3.10 45.80
C ILE B 244 -17.02 -2.64 46.76
N ALA B 245 -17.82 -3.59 47.24
CA ALA B 245 -18.83 -3.30 48.26
C ALA B 245 -18.53 -4.11 49.52
N PRO B 246 -18.07 -3.45 50.57
CA PRO B 246 -17.73 -4.12 51.82
C PRO B 246 -18.98 -4.45 52.62
N GLY B 247 -18.83 -5.24 53.67
CA GLY B 247 -19.97 -5.66 54.48
C GLY B 247 -19.88 -5.22 55.93
N THR B 248 -18.81 -4.50 56.26
CA THR B 248 -18.62 -4.00 57.62
C THR B 248 -18.03 -2.60 57.55
N LEU B 249 -18.24 -1.83 58.62
CA LEU B 249 -17.73 -0.45 58.65
C LEU B 249 -16.22 -0.44 58.71
N ASN B 250 -15.64 -1.42 59.40
CA ASN B 250 -14.20 -1.51 59.46
C ASN B 250 -13.64 -1.58 58.05
N ASP B 251 -14.15 -2.52 57.26
CA ASP B 251 -13.67 -2.73 55.90
C ASP B 251 -13.93 -1.53 55.00
N LEU B 252 -15.08 -0.87 55.19
CA LEU B 252 -15.36 0.35 54.45
C LEU B 252 -14.32 1.43 54.76
N LEU B 253 -14.11 1.70 56.04
CA LEU B 253 -13.15 2.71 56.48
C LEU B 253 -11.75 2.37 55.97
N GLU B 254 -11.52 1.07 55.83
CA GLU B 254 -10.23 0.55 55.42
C GLU B 254 -10.00 0.86 53.96
N LEU B 255 -11.01 0.58 53.14
CA LEU B 255 -10.90 0.79 51.70
C LEU B 255 -10.76 2.27 51.38
N LYS B 256 -11.52 3.11 52.08
CA LYS B 256 -11.40 4.55 51.90
C LYS B 256 -9.95 5.03 52.09
N MET B 257 -9.35 4.67 53.24
CA MET B 257 -7.97 5.08 53.55
C MET B 257 -6.96 4.56 52.53
N LYS B 258 -7.17 3.35 52.04
CA LYS B 258 -6.29 2.76 51.05
C LYS B 258 -6.58 3.31 49.67
N HIS B 259 -7.79 3.80 49.45
CA HIS B 259 -8.20 4.31 48.14
C HIS B 259 -8.93 5.64 48.25
N PRO B 260 -8.23 6.70 48.71
CA PRO B 260 -8.91 7.96 49.03
C PRO B 260 -9.52 8.64 47.80
N SER B 261 -9.10 8.22 46.60
CA SER B 261 -9.67 8.76 45.37
C SER B 261 -11.03 8.14 45.10
N ALA B 262 -11.15 6.85 45.37
CA ALA B 262 -12.38 6.12 45.08
C ALA B 262 -13.58 6.88 45.60
N PRO B 263 -14.58 7.09 44.74
CA PRO B 263 -15.84 7.70 45.14
C PRO B 263 -16.77 6.69 45.79
N LEU B 264 -17.63 7.15 46.70
CA LEU B 264 -18.61 6.28 47.36
C LEU B 264 -19.99 6.48 46.72
N VAL B 265 -20.50 5.45 46.07
CA VAL B 265 -21.72 5.58 45.27
C VAL B 265 -22.94 4.86 45.83
N ILE B 266 -23.98 5.61 46.16
CA ILE B 266 -25.26 5.02 46.51
C ILE B 266 -26.36 5.41 45.52
N GLY B 267 -26.70 6.68 45.45
CA GLY B 267 -27.68 7.13 44.46
C GLY B 267 -27.14 7.03 43.05
N ASN B 268 -25.98 7.61 42.81
CA ASN B 268 -25.39 7.69 41.47
C ASN B 268 -26.12 8.72 40.61
N THR B 269 -26.96 9.52 41.24
CA THR B 269 -27.62 10.61 40.55
C THR B 269 -26.67 11.79 40.37
N TYR B 270 -25.44 11.63 40.87
CA TYR B 270 -24.42 12.65 40.73
C TYR B 270 -23.23 12.12 39.94
N LEU B 271 -22.61 11.06 40.46
CA LEU B 271 -21.54 10.39 39.75
C LEU B 271 -21.99 10.00 38.35
N GLY B 272 -23.25 9.65 38.20
CA GLY B 272 -23.80 9.32 36.90
C GLY B 272 -23.57 10.42 35.88
N LEU B 273 -23.83 11.65 36.29
CA LEU B 273 -23.73 12.81 35.40
C LEU B 273 -22.30 13.35 35.32
N HIS B 274 -21.73 13.63 36.49
CA HIS B 274 -20.38 14.19 36.60
C HIS B 274 -19.33 13.35 35.88
N MET B 275 -19.42 12.02 36.05
CA MET B 275 -18.53 11.10 35.36
C MET B 275 -18.52 11.33 33.84
N VAL B 280 -14.90 11.47 33.10
CA VAL B 280 -14.15 10.83 34.18
C VAL B 280 -14.43 9.33 34.31
N SER B 281 -13.37 8.57 34.56
CA SER B 281 -13.47 7.13 34.81
C SER B 281 -12.64 6.76 36.03
N TYR B 282 -13.20 5.98 36.94
CA TYR B 282 -12.50 5.60 38.16
C TYR B 282 -12.07 4.15 38.15
N PRO B 283 -10.78 3.88 38.45
CA PRO B 283 -10.30 2.50 38.46
C PRO B 283 -10.91 1.70 39.61
N ILE B 284 -11.42 2.40 40.62
CA ILE B 284 -12.05 1.72 41.75
C ILE B 284 -13.26 2.50 42.30
N ILE B 285 -14.37 1.79 42.51
CA ILE B 285 -15.58 2.38 43.05
C ILE B 285 -16.08 1.62 44.27
N ILE B 286 -16.59 2.34 45.27
CA ILE B 286 -17.03 1.71 46.51
C ILE B 286 -18.52 1.95 46.78
N SER B 287 -19.22 0.88 47.17
CA SER B 287 -20.63 0.99 47.54
C SER B 287 -20.82 0.76 49.03
N PRO B 288 -21.12 1.83 49.76
CA PRO B 288 -21.38 1.72 51.20
C PRO B 288 -22.78 1.17 51.49
N ALA B 289 -23.51 0.77 50.46
CA ALA B 289 -24.88 0.32 50.64
C ALA B 289 -25.04 -0.61 51.83
N ARG B 290 -24.26 -1.68 51.85
CA ARG B 290 -24.42 -2.74 52.85
C ARG B 290 -24.11 -2.35 54.28
N ILE B 291 -23.58 -1.15 54.51
CA ILE B 291 -23.16 -0.77 55.86
C ILE B 291 -24.29 -0.26 56.74
N LEU B 292 -24.67 -1.03 57.76
CA LEU B 292 -25.81 -0.66 58.60
C LEU B 292 -25.65 0.65 59.34
N GLU B 293 -24.45 0.94 59.85
CA GLU B 293 -24.26 2.15 60.64
C GLU B 293 -24.59 3.42 59.84
N LEU B 294 -24.71 3.28 58.53
CA LEU B 294 -25.05 4.40 57.66
C LEU B 294 -26.55 4.54 57.47
N PHE B 295 -27.31 3.54 57.92
CA PHE B 295 -28.77 3.60 57.88
C PHE B 295 -29.32 3.56 59.30
N VAL B 296 -29.15 4.67 60.02
CA VAL B 296 -29.57 4.74 61.41
C VAL B 296 -30.38 6.00 61.63
N VAL B 297 -31.51 5.87 62.32
CA VAL B 297 -32.29 7.04 62.67
C VAL B 297 -32.64 7.02 64.15
N THR B 298 -31.97 7.87 64.93
CA THR B 298 -32.26 8.00 66.34
C THR B 298 -32.84 9.39 66.59
N ASN B 299 -34.04 9.44 67.15
CA ASN B 299 -34.77 10.69 67.28
C ASN B 299 -34.68 11.29 68.68
N THR B 300 -33.99 10.58 69.56
CA THR B 300 -33.99 10.89 70.98
C THR B 300 -33.64 12.33 71.37
N LYS B 301 -34.43 12.88 72.28
CA LYS B 301 -34.06 14.05 73.07
C LYS B 301 -33.84 15.37 72.34
N GLN B 302 -32.58 15.73 72.16
CA GLN B 302 -32.21 17.08 71.71
C GLN B 302 -31.83 17.21 70.24
N GLY B 303 -32.10 16.17 69.44
CA GLY B 303 -31.82 16.25 68.02
C GLY B 303 -32.13 15.00 67.23
N LEU B 304 -32.42 15.17 65.93
CA LEU B 304 -32.64 14.06 65.02
C LEU B 304 -31.34 13.70 64.28
N THR B 305 -30.98 12.43 64.32
CA THR B 305 -29.74 11.95 63.71
C THR B 305 -30.03 11.00 62.54
N LEU B 306 -29.66 11.44 61.34
CA LEU B 306 -29.96 10.69 60.12
C LEU B 306 -28.72 10.10 59.46
N GLY B 307 -28.75 8.80 59.19
CA GLY B 307 -27.65 8.12 58.55
C GLY B 307 -27.48 8.56 57.10
N THR B 308 -26.24 8.51 56.63
CA THR B 308 -25.92 8.93 55.27
C THR B 308 -26.72 8.19 54.20
N GLY B 309 -26.81 6.87 54.33
CA GLY B 309 -27.39 6.03 53.30
C GLY B 309 -28.89 6.19 53.08
N LEU B 310 -29.59 6.75 54.06
CA LEU B 310 -31.03 6.94 53.91
C LEU B 310 -31.26 7.66 52.59
N SER B 311 -32.17 7.13 51.77
CA SER B 311 -32.52 7.82 50.55
C SER B 311 -33.24 9.12 50.91
N LEU B 312 -33.68 9.88 49.90
CA LEU B 312 -34.39 11.12 50.19
C LEU B 312 -35.87 10.84 50.40
N THR B 313 -36.33 9.70 49.92
CA THR B 313 -37.68 9.26 50.21
C THR B 313 -37.74 8.89 51.68
N GLN B 314 -36.75 8.11 52.13
CA GLN B 314 -36.65 7.67 53.51
C GLN B 314 -36.51 8.84 54.49
N VAL B 315 -35.83 9.89 54.07
CA VAL B 315 -35.69 11.09 54.89
C VAL B 315 -37.02 11.86 54.98
N LYS B 316 -37.78 11.83 53.88
CA LYS B 316 -39.11 12.44 53.85
C LYS B 316 -40.01 11.79 54.88
N ASN B 317 -40.23 10.49 54.71
CA ASN B 317 -41.10 9.73 55.59
C ASN B 317 -40.73 9.79 57.08
N VAL B 318 -39.43 9.80 57.37
CA VAL B 318 -38.96 9.90 58.74
C VAL B 318 -39.19 11.30 59.31
N LEU B 319 -38.99 12.32 58.46
CA LEU B 319 -39.15 13.70 58.88
C LEU B 319 -40.61 14.10 59.05
N SER B 320 -41.49 13.42 58.33
CA SER B 320 -42.92 13.65 58.51
C SER B 320 -43.43 12.99 59.78
N ASP B 321 -42.90 11.80 60.08
CA ASP B 321 -43.29 11.07 61.28
C ASP B 321 -42.85 11.81 62.53
N VAL B 322 -41.69 12.45 62.48
CA VAL B 322 -41.16 13.16 63.63
C VAL B 322 -41.81 14.53 63.81
N VAL B 323 -41.98 15.27 62.73
CA VAL B 323 -42.61 16.59 62.84
C VAL B 323 -44.04 16.52 63.37
N SER B 324 -44.76 15.44 63.06
CA SER B 324 -46.17 15.31 63.39
C SER B 324 -46.45 14.99 64.86
N ARG B 325 -45.44 14.50 65.57
CA ARG B 325 -45.58 14.17 66.98
C ARG B 325 -44.84 15.16 67.88
N LEU B 326 -44.47 16.30 67.31
CA LEU B 326 -43.71 17.32 68.04
C LEU B 326 -44.40 18.69 67.91
N PRO B 327 -44.18 19.59 68.89
CA PRO B 327 -44.78 20.92 68.82
C PRO B 327 -44.14 21.76 67.71
N LYS B 328 -44.84 22.78 67.26
CA LYS B 328 -44.43 23.55 66.08
C LYS B 328 -43.36 24.60 66.37
N GLU B 329 -43.02 24.80 67.64
CA GLU B 329 -41.92 25.69 68.01
C GLU B 329 -40.58 24.95 68.03
N LYS B 330 -40.65 23.62 68.04
CA LYS B 330 -39.45 22.79 68.09
C LYS B 330 -39.08 22.25 66.71
N THR B 331 -39.98 22.38 65.74
CA THR B 331 -39.81 21.73 64.44
C THR B 331 -39.52 22.69 63.29
N GLN B 332 -39.08 23.90 63.60
CA GLN B 332 -38.89 24.92 62.56
C GLN B 332 -38.06 24.47 61.35
N ILE B 333 -36.96 23.76 61.59
CA ILE B 333 -36.06 23.35 60.51
C ILE B 333 -36.46 22.04 59.85
N TYR B 334 -37.17 21.18 60.58
CA TYR B 334 -37.65 19.93 59.99
C TYR B 334 -38.69 20.26 58.92
N CYS B 335 -39.54 21.24 59.21
CA CYS B 335 -40.58 21.68 58.28
C CYS B 335 -39.98 22.46 57.11
N ALA B 336 -38.73 22.90 57.25
CA ALA B 336 -38.04 23.59 56.18
C ALA B 336 -37.50 22.57 55.18
N LEU B 337 -36.85 21.53 55.71
CA LEU B 337 -36.38 20.43 54.88
C LEU B 337 -37.57 19.80 54.18
N LEU B 338 -38.62 19.54 54.96
CA LEU B 338 -39.84 18.95 54.44
C LEU B 338 -40.34 19.77 53.25
N LYS B 339 -40.41 21.08 53.45
CA LYS B 339 -40.89 21.99 52.41
C LYS B 339 -40.06 21.91 51.14
N GLN B 340 -38.76 21.70 51.30
CA GLN B 340 -37.85 21.62 50.16
C GLN B 340 -37.87 20.24 49.51
N LEU B 341 -37.99 19.20 50.33
CA LEU B 341 -38.00 17.82 49.84
C LEU B 341 -39.17 17.53 48.91
N LYS B 342 -40.28 18.23 49.10
CA LYS B 342 -41.53 17.88 48.44
C LYS B 342 -41.51 18.17 46.93
N THR B 343 -40.63 19.07 46.51
CA THR B 343 -40.54 19.47 45.10
C THR B 343 -39.22 19.07 44.44
N LEU B 344 -38.26 18.64 45.26
CA LEU B 344 -36.93 18.28 44.77
C LEU B 344 -36.95 17.02 43.90
N ALA B 345 -36.69 17.20 42.60
CA ALA B 345 -36.76 16.10 41.65
C ALA B 345 -38.11 15.38 41.69
N GLY B 346 -38.15 14.18 41.12
CA GLY B 346 -39.36 13.38 41.14
C GLY B 346 -39.26 12.25 42.14
N GLN B 347 -40.10 11.24 41.99
CA GLN B 347 -40.10 10.14 42.94
C GLN B 347 -38.91 9.22 42.70
N GLN B 348 -38.75 8.81 41.45
CA GLN B 348 -37.64 7.97 41.04
C GLN B 348 -36.35 8.40 41.72
N ILE B 349 -35.94 9.64 41.47
CA ILE B 349 -34.70 10.17 41.99
C ILE B 349 -34.63 10.30 43.51
N ARG B 350 -35.73 10.70 44.15
CA ARG B 350 -35.75 10.72 45.61
C ARG B 350 -35.68 9.32 46.18
N ASN B 351 -36.09 8.33 45.38
CA ASN B 351 -36.06 6.93 45.79
C ASN B 351 -34.66 6.34 45.84
N VAL B 352 -33.71 6.99 45.17
CA VAL B 352 -32.34 6.49 45.14
C VAL B 352 -31.32 7.48 45.72
N ALA B 353 -31.50 8.77 45.41
CA ALA B 353 -30.58 9.79 45.91
C ALA B 353 -30.46 9.69 47.41
N SER B 354 -29.23 9.88 47.90
CA SER B 354 -28.96 9.70 49.33
C SER B 354 -28.79 11.03 50.04
N LEU B 355 -28.98 11.00 51.36
CA LEU B 355 -28.75 12.16 52.19
C LEU B 355 -27.26 12.48 52.16
N GLY B 356 -26.46 11.43 52.30
CA GLY B 356 -25.02 11.58 52.30
C GLY B 356 -24.56 12.15 50.97
N GLY B 357 -24.86 11.43 49.91
CA GLY B 357 -24.49 11.88 48.58
C GLY B 357 -24.87 13.33 48.35
N HIS B 358 -26.11 13.68 48.68
CA HIS B 358 -26.59 15.03 48.46
C HIS B 358 -25.67 16.06 49.12
N ILE B 359 -25.24 15.76 50.34
CA ILE B 359 -24.46 16.71 51.14
C ILE B 359 -23.02 16.83 50.67
N ILE B 360 -22.37 15.69 50.45
CA ILE B 360 -20.96 15.68 50.03
C ILE B 360 -20.75 16.39 48.69
N SER B 361 -21.69 16.23 47.76
CA SER B 361 -21.55 16.83 46.44
C SER B 361 -21.82 18.34 46.43
N ARG B 362 -22.34 18.86 47.53
CA ARG B 362 -22.65 20.29 47.67
C ARG B 362 -22.91 21.04 46.36
N LEU B 363 -23.99 20.70 45.67
CA LEU B 363 -24.37 21.42 44.45
C LEU B 363 -24.65 22.89 44.76
N PRO B 364 -24.22 23.80 43.86
CA PRO B 364 -24.43 25.23 44.12
C PRO B 364 -25.91 25.59 44.29
N THR B 365 -26.81 24.77 43.74
CA THR B 365 -28.24 25.04 43.83
C THR B 365 -29.00 24.01 44.64
N SER B 366 -28.27 23.20 45.40
CA SER B 366 -28.89 22.25 46.31
C SER B 366 -29.97 22.96 47.13
N ASP B 367 -31.07 22.26 47.39
CA ASP B 367 -32.22 22.82 48.11
C ASP B 367 -32.17 22.51 49.59
N LEU B 368 -31.54 21.40 49.95
CA LEU B 368 -31.46 20.97 51.34
C LEU B 368 -30.26 21.57 52.09
N ASN B 369 -29.14 21.73 51.39
CA ASN B 369 -27.93 22.24 52.02
C ASN B 369 -28.11 23.62 52.66
N PRO B 370 -28.62 24.59 51.89
CA PRO B 370 -28.75 25.96 52.42
C PRO B 370 -29.54 26.06 53.72
N ILE B 371 -30.42 25.09 53.98
CA ILE B 371 -31.12 25.08 55.27
C ILE B 371 -30.40 24.23 56.33
N LEU B 372 -29.89 23.06 55.93
CA LEU B 372 -29.11 22.25 56.86
C LEU B 372 -28.01 23.07 57.55
N GLY B 373 -27.34 23.92 56.77
CA GLY B 373 -26.19 24.67 57.25
C GLY B 373 -26.52 25.90 58.07
N ILE B 374 -27.73 26.43 57.90
CA ILE B 374 -28.16 27.60 58.64
C ILE B 374 -28.87 27.19 59.93
N GLY B 375 -28.94 25.89 60.18
CA GLY B 375 -29.58 25.38 61.38
C GLY B 375 -28.60 24.84 62.42
N ASN B 376 -27.32 25.13 62.23
CA ASN B 376 -26.27 24.55 63.06
C ASN B 376 -26.40 23.02 63.13
N CYS B 377 -26.25 22.38 61.98
CA CYS B 377 -26.29 20.93 61.89
C CYS B 377 -24.87 20.36 62.00
N ILE B 378 -24.76 19.04 62.16
CA ILE B 378 -23.47 18.42 62.44
C ILE B 378 -23.22 17.13 61.67
N LEU B 379 -22.03 17.02 61.09
CA LEU B 379 -21.65 15.85 60.33
C LEU B 379 -20.83 14.91 61.20
N ASN B 380 -21.28 13.65 61.30
CA ASN B 380 -20.53 12.62 62.00
C ASN B 380 -19.67 11.82 61.05
N VAL B 381 -18.36 12.07 61.06
CA VAL B 381 -17.45 11.41 60.14
C VAL B 381 -16.47 10.46 60.84
N ALA B 382 -16.02 9.45 60.11
CA ALA B 382 -15.14 8.43 60.66
C ALA B 382 -14.12 7.96 59.63
N SER B 383 -12.85 8.11 59.98
CA SER B 383 -11.74 7.64 59.15
C SER B 383 -11.15 6.39 59.80
N THR B 384 -10.09 5.86 59.21
CA THR B 384 -9.43 4.70 59.77
C THR B 384 -8.59 5.09 60.98
N GLU B 385 -8.55 6.40 61.25
CA GLU B 385 -7.84 6.92 62.42
C GLU B 385 -8.76 7.03 63.63
N GLY B 386 -9.99 7.51 63.40
CA GLY B 386 -10.94 7.62 64.48
C GLY B 386 -12.17 8.46 64.18
N ILE B 387 -13.08 8.51 65.15
CA ILE B 387 -14.30 9.29 65.04
C ILE B 387 -13.98 10.77 64.97
N GLN B 388 -14.94 11.57 64.53
CA GLN B 388 -14.77 13.01 64.46
C GLN B 388 -16.08 13.71 64.06
N GLN B 389 -16.24 14.96 64.45
CA GLN B 389 -17.39 15.73 63.99
C GLN B 389 -17.01 17.11 63.45
N ILE B 390 -17.41 17.36 62.20
CA ILE B 390 -17.20 18.65 61.57
C ILE B 390 -18.54 19.30 61.30
N PRO B 391 -18.63 20.60 61.55
CA PRO B 391 -19.91 21.31 61.43
C PRO B 391 -20.28 21.44 59.97
N LEU B 392 -21.55 21.69 59.68
CA LEU B 392 -21.96 21.97 58.32
C LEU B 392 -22.34 23.45 58.25
N ASN B 393 -21.32 24.29 58.11
CA ASN B 393 -21.48 25.74 58.23
C ASN B 393 -21.39 26.47 56.89
N ASP B 394 -21.51 27.79 56.96
CA ASP B 394 -21.54 28.60 55.75
C ASP B 394 -20.33 28.37 54.84
N HIS B 395 -19.16 28.09 55.41
CA HIS B 395 -18.01 27.83 54.55
C HIS B 395 -17.61 26.35 54.41
N PHE B 396 -18.33 25.44 55.07
CA PHE B 396 -18.14 24.02 54.78
C PHE B 396 -18.32 23.81 53.29
N LEU B 397 -19.02 24.75 52.67
CA LEU B 397 -19.17 24.75 51.23
C LEU B 397 -18.11 25.70 50.67
N ALA B 398 -16.87 25.24 50.67
CA ALA B 398 -15.73 26.03 50.22
C ALA B 398 -15.82 26.32 48.74
N ALA B 403 -15.52 19.17 49.79
CA ALA B 403 -15.93 18.85 51.16
C ALA B 403 -14.78 19.08 52.15
N ILE B 404 -15.05 19.80 53.24
CA ILE B 404 -14.08 19.99 54.31
C ILE B 404 -13.69 18.67 54.96
N LEU B 405 -14.38 17.59 54.61
CA LEU B 405 -14.02 16.25 55.06
C LEU B 405 -12.69 15.87 54.43
N LYS B 406 -11.81 15.26 55.22
CA LYS B 406 -10.55 14.76 54.69
C LYS B 406 -10.86 13.64 53.70
N PRO B 407 -9.97 13.41 52.73
CA PRO B 407 -10.16 12.38 51.71
C PRO B 407 -10.47 11.00 52.26
N GLU B 408 -9.97 10.69 53.45
CA GLU B 408 -10.00 9.32 53.96
C GLU B 408 -11.16 9.01 54.91
N GLN B 409 -12.04 9.98 55.13
CA GLN B 409 -13.18 9.73 56.02
C GLN B 409 -14.53 9.70 55.32
N VAL B 410 -15.45 8.95 55.90
CA VAL B 410 -16.76 8.75 55.31
C VAL B 410 -17.82 9.38 56.20
N LEU B 411 -18.89 9.88 55.60
CA LEU B 411 -19.98 10.47 56.36
C LEU B 411 -20.86 9.33 56.87
N ILE B 412 -21.03 9.28 58.18
CA ILE B 412 -21.80 8.19 58.77
C ILE B 412 -23.22 8.64 59.11
N SER B 413 -23.39 9.91 59.46
CA SER B 413 -24.71 10.44 59.74
C SER B 413 -24.66 11.91 60.09
N VAL B 414 -25.79 12.59 59.92
CA VAL B 414 -25.86 14.01 60.23
C VAL B 414 -26.83 14.26 61.38
N PHE B 415 -26.39 15.06 62.34
CA PHE B 415 -27.18 15.41 63.50
C PHE B 415 -27.85 16.76 63.23
N VAL B 416 -29.17 16.76 63.19
CA VAL B 416 -29.92 18.00 63.01
C VAL B 416 -30.83 18.23 64.23
N PRO B 417 -30.62 19.36 64.94
CA PRO B 417 -31.25 19.64 66.23
C PRO B 417 -32.66 20.21 66.12
N ARG B 418 -33.47 19.96 67.13
CA ARG B 418 -34.79 20.58 67.24
C ARG B 418 -34.62 22.08 67.43
N SER B 419 -35.65 22.86 67.08
CA SER B 419 -35.55 24.32 67.10
C SER B 419 -35.89 24.90 68.47
N SER B 420 -35.04 25.81 68.95
CA SER B 420 -35.28 26.49 70.22
C SER B 420 -36.57 27.28 70.13
N LYS B 421 -37.16 27.58 71.29
CA LYS B 421 -38.50 28.15 71.33
C LYS B 421 -38.62 29.49 70.62
N TRP B 422 -37.54 30.25 70.58
CA TRP B 422 -37.60 31.61 70.03
C TRP B 422 -36.84 31.81 68.74
N GLU B 423 -36.60 30.71 68.01
CA GLU B 423 -35.93 30.82 66.70
C GLU B 423 -36.86 30.39 65.57
N PHE B 424 -36.69 31.02 64.42
CA PHE B 424 -37.51 30.72 63.25
C PHE B 424 -36.62 30.47 62.03
N VAL B 425 -36.94 29.45 61.26
CA VAL B 425 -36.24 29.21 60.00
C VAL B 425 -37.24 29.10 58.86
N SER B 426 -36.77 29.38 57.64
CA SER B 426 -37.66 29.40 56.48
C SER B 426 -36.91 29.12 55.18
N ALA B 427 -37.51 28.30 54.31
CA ALA B 427 -36.92 28.00 53.02
C ALA B 427 -37.67 28.72 51.92
N PHE B 428 -36.96 29.04 50.84
CA PHE B 428 -37.56 29.71 49.69
C PHE B 428 -36.97 29.14 48.41
N ARG B 429 -37.65 29.34 47.29
CA ARG B 429 -37.24 28.68 46.07
C ARG B 429 -37.89 29.27 44.81
N GLN B 430 -37.15 29.22 43.70
CA GLN B 430 -37.69 29.62 42.41
C GLN B 430 -37.16 28.71 41.33
N ALA B 431 -38.06 28.21 40.48
CA ALA B 431 -37.63 27.29 39.42
C ALA B 431 -38.47 27.43 38.16
N PRO B 432 -37.89 27.06 37.00
CA PRO B 432 -38.58 27.10 35.71
C PRO B 432 -39.88 26.27 35.73
N ARG B 433 -39.89 25.19 36.50
CA ARG B 433 -41.13 24.46 36.77
C ARG B 433 -41.30 24.04 38.24
N GLN B 434 -42.54 24.08 38.71
CA GLN B 434 -42.88 23.91 40.13
C GLN B 434 -42.15 22.77 40.83
N GLN B 435 -41.83 21.71 40.09
CA GLN B 435 -41.13 20.56 40.64
C GLN B 435 -40.28 19.91 39.58
N ASN B 436 -39.39 19.02 39.99
CA ASN B 436 -38.55 18.30 39.04
C ASN B 436 -37.65 19.21 38.23
N ALA B 437 -36.94 20.12 38.91
CA ALA B 437 -35.99 21.02 38.26
C ALA B 437 -35.32 21.91 39.29
N PHE B 438 -34.03 22.14 39.12
CA PHE B 438 -33.24 22.89 40.09
C PHE B 438 -33.66 24.33 40.24
N ALA B 439 -33.33 24.91 41.38
CA ALA B 439 -33.67 26.30 41.64
C ALA B 439 -32.76 27.23 40.87
N THR B 440 -33.36 28.15 40.12
CA THR B 440 -32.61 29.29 39.62
C THR B 440 -31.86 29.86 40.81
N VAL B 441 -32.60 30.21 41.85
CA VAL B 441 -32.02 30.58 43.14
C VAL B 441 -32.92 30.13 44.28
N ASN B 442 -32.31 29.50 45.28
CA ASN B 442 -33.03 29.10 46.48
C ASN B 442 -32.40 29.78 47.69
N ALA B 443 -33.12 29.81 48.81
CA ALA B 443 -32.59 30.47 49.99
C ALA B 443 -32.81 29.67 51.26
N GLY B 444 -31.91 29.88 52.23
CA GLY B 444 -32.07 29.34 53.57
C GLY B 444 -31.85 30.47 54.54
N MET B 445 -32.75 30.61 55.51
CA MET B 445 -32.70 31.74 56.42
C MET B 445 -33.14 31.36 57.84
N LYS B 446 -32.54 32.03 58.83
CA LYS B 446 -32.86 31.78 60.24
C LYS B 446 -32.62 33.02 61.09
N VAL B 447 -33.42 33.17 62.14
CA VAL B 447 -33.24 34.27 63.09
C VAL B 447 -33.57 33.80 64.51
N VAL B 448 -32.96 34.44 65.51
CA VAL B 448 -33.26 34.14 66.90
C VAL B 448 -33.44 35.43 67.67
N PHE B 449 -34.65 35.66 68.15
CA PHE B 449 -34.96 36.89 68.90
C PHE B 449 -34.58 36.74 70.36
N LYS B 450 -34.58 37.86 71.07
CA LYS B 450 -34.31 37.86 72.50
C LYS B 450 -35.57 37.44 73.24
N GLU B 451 -35.73 36.13 73.41
CA GLU B 451 -36.95 35.56 73.97
C GLU B 451 -38.12 36.51 73.77
N ASP B 452 -38.55 37.13 74.85
CA ASP B 452 -39.73 38.01 74.83
C ASP B 452 -39.79 39.00 73.66
N THR B 453 -38.74 39.79 73.47
CA THR B 453 -38.76 40.88 72.49
C THR B 453 -38.56 40.38 71.07
N ASN B 454 -38.69 41.31 70.12
CA ASN B 454 -38.44 41.01 68.71
C ASN B 454 -37.11 41.59 68.28
N THR B 455 -36.25 41.89 69.26
CA THR B 455 -34.89 42.31 68.97
C THR B 455 -34.12 41.13 68.40
N ILE B 456 -33.23 41.38 67.46
CA ILE B 456 -32.50 40.30 66.80
C ILE B 456 -31.27 39.87 67.59
N THR B 457 -31.32 38.67 68.15
CA THR B 457 -30.21 38.12 68.92
C THR B 457 -29.18 37.48 68.00
N ASP B 458 -29.66 36.70 67.04
CA ASP B 458 -28.80 36.08 66.05
C ASP B 458 -29.43 36.19 64.66
N LEU B 459 -28.63 35.95 63.63
CA LEU B 459 -29.13 35.98 62.26
C LEU B 459 -28.20 35.21 61.34
N GLY B 460 -28.75 34.72 60.23
CA GLY B 460 -27.96 33.96 59.27
C GLY B 460 -28.73 33.64 58.02
N ILE B 461 -28.08 33.78 56.87
CA ILE B 461 -28.73 33.56 55.59
C ILE B 461 -27.80 32.89 54.59
N LEU B 462 -28.24 31.78 54.01
CA LEU B 462 -27.47 31.06 53.00
C LEU B 462 -28.23 31.04 51.69
N TYR B 463 -27.58 31.52 50.62
CA TYR B 463 -28.20 31.52 49.31
C TYR B 463 -27.65 30.42 48.43
N GLY B 464 -28.36 30.16 47.33
CA GLY B 464 -27.93 29.21 46.33
C GLY B 464 -28.35 29.72 44.97
N GLY B 465 -27.49 29.54 43.97
CA GLY B 465 -27.80 29.98 42.63
C GLY B 465 -27.14 31.29 42.21
N ILE B 466 -26.22 31.80 43.02
CA ILE B 466 -25.45 32.97 42.63
C ILE B 466 -23.93 32.77 42.70
N GLY B 467 -23.41 32.43 43.87
CA GLY B 467 -22.02 32.05 43.98
C GLY B 467 -21.81 30.71 43.32
N ALA B 468 -20.58 30.39 42.96
CA ALA B 468 -20.29 29.10 42.33
C ALA B 468 -20.63 27.98 43.31
N THR B 469 -20.71 28.33 44.58
CA THR B 469 -21.18 27.43 45.62
C THR B 469 -22.26 28.15 46.42
N VAL B 470 -22.82 27.49 47.42
CA VAL B 470 -23.80 28.16 48.29
C VAL B 470 -23.12 29.22 49.15
N ILE B 471 -23.50 30.47 48.96
CA ILE B 471 -22.82 31.60 49.59
C ILE B 471 -23.52 32.02 50.88
N SER B 472 -22.94 32.94 51.63
CA SER B 472 -23.56 33.42 52.86
C SER B 472 -23.50 34.93 52.96
N ALA B 473 -24.65 35.58 53.08
CA ALA B 473 -24.66 37.05 53.18
C ALA B 473 -24.13 37.47 54.54
N ASP B 474 -23.60 36.48 55.26
CA ASP B 474 -22.98 36.66 56.57
C ASP B 474 -22.77 38.13 56.94
N LYS B 475 -21.82 38.78 56.26
CA LYS B 475 -21.44 40.14 56.62
C LYS B 475 -22.66 41.05 56.78
N SER B 476 -23.61 40.95 55.86
CA SER B 476 -24.80 41.80 55.88
C SER B 476 -25.72 41.50 57.05
N CYS B 477 -25.79 40.22 57.45
CA CYS B 477 -26.60 39.83 58.59
C CYS B 477 -25.90 40.12 59.92
N ARG B 478 -24.58 39.97 59.94
CA ARG B 478 -23.78 40.24 61.14
C ARG B 478 -23.95 41.68 61.59
N GLN B 479 -24.24 42.57 60.64
CA GLN B 479 -24.44 43.98 60.96
C GLN B 479 -25.85 44.20 61.53
N LEU B 480 -26.69 43.19 61.39
CA LEU B 480 -28.10 43.30 61.77
C LEU B 480 -28.41 42.75 63.15
N ILE B 481 -27.38 42.36 63.90
CA ILE B 481 -27.59 41.85 65.26
C ILE B 481 -27.89 42.97 66.23
N GLY B 482 -29.05 42.91 66.86
CA GLY B 482 -29.49 43.95 67.80
C GLY B 482 -30.51 44.88 67.18
N ARG B 483 -30.76 44.69 65.88
CA ARG B 483 -31.72 45.51 65.16
C ARG B 483 -33.14 44.98 65.34
N CYS B 484 -34.10 45.88 65.52
CA CYS B 484 -35.50 45.50 65.65
C CYS B 484 -36.03 45.03 64.31
N TRP B 485 -37.09 44.23 64.32
CA TRP B 485 -37.63 43.66 63.08
C TRP B 485 -38.62 44.59 62.37
N ASP B 486 -38.46 45.90 62.56
CA ASP B 486 -39.32 46.86 61.86
C ASP B 486 -38.96 47.01 60.37
N GLU B 487 -39.82 47.69 59.62
CA GLU B 487 -39.53 47.99 58.23
C GLU B 487 -38.15 48.64 58.12
N GLU B 488 -37.89 49.61 59.01
CA GLU B 488 -36.62 50.34 59.00
C GLU B 488 -35.44 49.40 58.91
N MET B 489 -35.59 48.20 59.48
CA MET B 489 -34.49 47.25 59.46
C MET B 489 -34.48 46.42 58.18
N LEU B 490 -35.63 46.30 57.53
CA LEU B 490 -35.70 45.59 56.26
C LEU B 490 -35.09 46.46 55.17
N ASP B 491 -35.70 47.61 54.92
CA ASP B 491 -35.22 48.52 53.91
C ASP B 491 -33.71 48.69 54.03
N ASP B 492 -33.22 48.60 55.26
CA ASP B 492 -31.78 48.64 55.52
C ASP B 492 -31.11 47.35 55.06
N ALA B 493 -31.70 46.22 55.43
CA ALA B 493 -31.12 44.90 55.10
C ALA B 493 -31.22 44.58 53.61
N GLY B 494 -32.12 45.28 52.91
CA GLY B 494 -32.27 45.10 51.48
C GLY B 494 -31.08 45.65 50.72
N LYS B 495 -30.67 46.86 51.09
CA LYS B 495 -29.50 47.47 50.49
C LYS B 495 -28.25 46.66 50.81
N MET B 496 -28.18 46.16 52.04
CA MET B 496 -27.03 45.39 52.48
C MET B 496 -26.91 44.07 51.71
N ILE B 497 -27.99 43.32 51.63
CA ILE B 497 -27.98 42.05 50.92
C ILE B 497 -27.73 42.25 49.42
N CYS B 498 -28.19 43.39 48.90
CA CYS B 498 -28.05 43.70 47.48
C CYS B 498 -26.58 43.88 47.08
N GLU B 499 -25.84 44.68 47.84
CA GLU B 499 -24.41 44.87 47.60
C GLU B 499 -23.65 43.57 47.83
N GLU B 500 -24.04 42.85 48.88
CA GLU B 500 -23.39 41.61 49.26
C GLU B 500 -23.37 40.59 48.12
N VAL B 501 -24.56 40.16 47.68
CA VAL B 501 -24.67 39.14 46.64
C VAL B 501 -24.08 39.61 45.31
N SER B 502 -24.11 40.92 45.08
CA SER B 502 -23.52 41.50 43.88
C SER B 502 -22.01 41.25 43.86
N LEU B 503 -21.41 41.22 45.05
CA LEU B 503 -19.98 40.96 45.20
C LEU B 503 -19.63 39.50 44.93
N LEU B 504 -20.58 38.62 45.19
CA LEU B 504 -20.32 37.18 45.12
C LEU B 504 -20.93 36.54 43.87
N MET B 505 -21.66 37.34 43.09
CA MET B 505 -22.32 36.81 41.89
C MET B 505 -21.31 36.56 40.78
N ALA B 507 -21.05 34.96 37.62
CA ALA B 507 -20.82 33.57 37.27
C ALA B 507 -21.64 33.16 36.05
N PRO B 508 -21.41 31.94 35.52
CA PRO B 508 -22.22 31.43 34.42
C PRO B 508 -23.71 31.42 34.78
N GLY B 509 -24.56 31.26 33.77
CA GLY B 509 -25.99 31.25 33.97
C GLY B 509 -26.65 32.52 33.50
N GLY B 510 -25.91 33.62 33.54
CA GLY B 510 -26.44 34.90 33.11
C GLY B 510 -27.61 35.35 33.97
N MET B 511 -28.41 36.25 33.42
CA MET B 511 -29.50 36.89 34.16
C MET B 511 -29.14 37.20 35.61
N GLU B 512 -28.09 38.00 35.78
CA GLU B 512 -27.71 38.46 37.11
C GLU B 512 -28.82 39.30 37.72
N GLU B 513 -29.29 40.29 36.96
CA GLU B 513 -30.35 41.17 37.42
C GLU B 513 -31.45 40.39 38.14
N TYR B 514 -31.99 39.39 37.47
CA TYR B 514 -33.08 38.59 38.01
C TYR B 514 -32.65 37.81 39.25
N ARG B 515 -31.46 37.24 39.21
CA ARG B 515 -30.96 36.45 40.33
C ARG B 515 -30.73 37.27 41.59
N LYS B 516 -30.32 38.53 41.41
CA LYS B 516 -30.14 39.43 42.54
C LYS B 516 -31.49 39.92 43.05
N THR B 517 -32.45 40.02 42.14
CA THR B 517 -33.79 40.51 42.49
C THR B 517 -34.56 39.49 43.31
N LEU B 518 -34.34 38.21 43.01
CA LEU B 518 -34.95 37.14 43.80
C LEU B 518 -34.29 37.06 45.17
N ALA B 519 -32.96 37.09 45.19
CA ALA B 519 -32.20 37.07 46.43
C ALA B 519 -32.81 38.00 47.47
N ILE B 520 -33.08 39.23 47.07
CA ILE B 520 -33.72 40.21 47.95
C ILE B 520 -35.17 39.84 48.16
N SER B 521 -35.83 39.44 47.07
CA SER B 521 -37.26 39.12 47.11
C SER B 521 -37.57 38.08 48.18
N PHE B 522 -36.61 37.19 48.43
CA PHE B 522 -36.76 36.19 49.47
C PHE B 522 -36.56 36.82 50.85
N LEU B 523 -35.74 37.87 50.91
CA LEU B 523 -35.56 38.61 52.14
C LEU B 523 -36.92 39.07 52.63
N PHE B 524 -37.63 39.78 51.77
CA PHE B 524 -38.98 40.24 52.07
C PHE B 524 -39.87 39.09 52.54
N MET B 525 -40.00 38.06 51.71
CA MET B 525 -40.83 36.90 52.03
C MET B 525 -40.54 36.41 53.43
N PHE B 526 -39.25 36.37 53.78
CA PHE B 526 -38.84 35.98 55.12
C PHE B 526 -39.27 37.00 56.15
N TYR B 527 -39.19 38.27 55.77
CA TYR B 527 -39.59 39.37 56.64
C TYR B 527 -41.03 39.20 57.13
N LEU B 528 -41.94 38.93 56.18
CA LEU B 528 -43.34 38.75 56.51
C LEU B 528 -43.65 37.37 57.08
N ASP B 529 -43.00 36.35 56.55
CA ASP B 529 -43.19 34.99 57.05
C ASP B 529 -43.06 34.97 58.56
N VAL B 530 -42.10 35.73 59.07
CA VAL B 530 -41.80 35.74 60.50
C VAL B 530 -42.66 36.72 61.30
N LEU B 531 -42.99 37.87 60.71
CA LEU B 531 -43.85 38.84 61.37
C LEU B 531 -45.22 38.23 61.65
N LYS B 532 -45.59 37.25 60.84
CA LYS B 532 -46.85 36.54 60.99
C LYS B 532 -46.84 35.64 62.22
N GLN B 533 -45.82 34.81 62.34
CA GLN B 533 -45.67 33.95 63.52
C GLN B 533 -45.56 34.80 64.78
N LEU B 534 -45.06 36.01 64.63
CA LEU B 534 -44.90 36.91 65.78
C LEU B 534 -46.24 37.47 66.26
N LYS B 535 -47.12 37.83 65.34
CA LYS B 535 -48.46 38.31 65.69
C LYS B 535 -49.34 37.14 66.08
N THR B 536 -49.10 36.00 65.43
CA THR B 536 -49.84 34.77 65.75
C THR B 536 -49.42 34.21 67.10
N ARG B 537 -48.29 34.69 67.62
CA ARG B 537 -47.77 34.26 68.90
C ARG B 537 -48.15 35.22 70.02
N ILE B 545 -50.42 44.53 59.97
CA ILE B 545 -50.17 43.31 59.22
C ILE B 545 -51.15 43.22 58.04
N SER B 546 -50.96 44.11 57.08
CA SER B 546 -51.89 44.28 55.96
C SER B 546 -52.23 42.95 55.27
N GLN B 547 -53.43 42.88 54.70
CA GLN B 547 -53.88 41.69 54.01
C GLN B 547 -53.30 41.59 52.59
N LYS B 548 -53.15 42.75 51.93
CA LYS B 548 -52.54 42.81 50.61
C LYS B 548 -51.11 42.27 50.65
N LEU B 549 -50.51 42.35 51.85
CA LEU B 549 -49.18 41.80 52.11
C LEU B 549 -49.26 40.31 52.47
N LEU B 550 -50.20 39.98 53.35
CA LEU B 550 -50.34 38.62 53.87
C LEU B 550 -50.42 37.57 52.76
N HIS B 551 -50.86 37.98 51.57
CA HIS B 551 -51.01 37.08 50.44
C HIS B 551 -49.71 36.41 50.01
N ILE B 552 -48.64 37.20 49.97
CA ILE B 552 -47.37 36.71 49.44
C ILE B 552 -46.90 35.41 50.12
N LEU B 553 -47.39 35.16 51.33
CA LEU B 553 -47.00 33.96 52.08
C LEU B 553 -47.82 32.73 51.69
N GLU B 554 -48.73 32.89 50.74
CA GLU B 554 -49.53 31.77 50.23
C GLU B 554 -48.97 31.29 48.89
N ASP B 555 -48.31 30.12 48.91
CA ASP B 555 -47.69 29.58 47.71
C ASP B 555 -48.67 28.78 46.84
N PHE B 556 -48.28 28.54 45.60
CA PHE B 556 -49.17 27.91 44.62
C PHE B 556 -48.93 26.39 44.50
N PRO B 557 -49.95 25.59 44.81
CA PRO B 557 -49.92 24.14 44.59
C PRO B 557 -50.57 23.80 43.25
N LEU B 558 -50.80 22.55 42.84
CA LEU B 558 -49.88 21.62 42.20
C LEU B 558 -50.96 21.00 41.31
N THR B 559 -50.74 20.93 40.00
CA THR B 559 -51.88 20.82 39.09
C THR B 559 -51.81 19.75 38.00
N MET B 560 -52.51 18.64 38.21
CA MET B 560 -52.65 17.63 37.17
C MET B 560 -53.85 17.98 36.31
N PRO B 561 -53.69 17.85 34.98
CA PRO B 561 -54.74 18.18 34.03
C PRO B 561 -56.03 17.36 34.21
N TYR B 562 -57.19 18.04 34.24
CA TYR B 562 -58.48 17.36 34.16
C TYR B 562 -59.48 18.18 33.36
N GLY B 563 -60.37 17.51 32.63
CA GLY B 563 -61.26 18.27 31.77
C GLY B 563 -62.25 17.50 30.92
N MET B 564 -63.15 18.26 30.29
CA MET B 564 -64.22 17.70 29.49
C MET B 564 -63.87 17.86 28.00
N GLN B 565 -63.79 16.74 27.29
CA GLN B 565 -63.54 16.80 25.85
C GLN B 565 -64.82 16.40 25.12
N SER B 566 -65.26 17.25 24.20
CA SER B 566 -66.60 17.11 23.63
C SER B 566 -66.63 17.15 22.11
N PHE B 567 -67.47 16.30 21.52
CA PHE B 567 -67.61 16.23 20.07
C PHE B 567 -69.01 15.80 19.68
N GLN B 568 -69.38 16.02 18.43
CA GLN B 568 -70.67 15.55 17.93
C GLN B 568 -70.55 14.08 17.58
N ASP B 569 -71.59 13.32 17.87
CA ASP B 569 -71.54 11.88 17.65
C ASP B 569 -71.79 11.49 16.20
N VAL B 570 -71.81 10.19 15.96
CA VAL B 570 -71.91 9.64 14.61
C VAL B 570 -73.36 9.26 14.26
N ASP B 571 -73.70 9.33 12.97
CA ASP B 571 -75.07 9.12 12.52
C ASP B 571 -75.74 7.90 13.14
N PHE B 572 -76.95 8.10 13.64
CA PHE B 572 -77.75 7.05 14.25
C PHE B 572 -77.77 5.78 13.39
N GLN B 573 -77.90 5.95 12.09
CA GLN B 573 -78.10 4.84 11.18
C GLN B 573 -76.81 4.13 10.81
N GLN B 574 -75.68 4.69 11.22
CA GLN B 574 -74.40 4.14 10.82
C GLN B 574 -74.07 2.86 11.60
N PRO B 575 -73.91 1.75 10.87
CA PRO B 575 -73.63 0.42 11.45
C PRO B 575 -72.49 0.49 12.45
N LEU B 576 -72.46 -0.46 13.39
CA LEU B 576 -71.36 -0.51 14.33
C LEU B 576 -70.04 -0.59 13.59
N GLN B 577 -69.95 -1.56 12.67
CA GLN B 577 -68.66 -1.95 12.07
C GLN B 577 -68.10 -0.97 11.05
N ASP B 578 -68.84 0.10 10.77
CA ASP B 578 -68.25 1.21 10.04
C ASP B 578 -67.68 2.17 11.07
N PRO B 579 -66.34 2.24 11.15
CA PRO B 579 -65.62 2.94 12.21
C PRO B 579 -65.44 4.44 11.99
N ILE B 580 -65.80 4.95 10.81
CA ILE B 580 -65.60 6.37 10.56
C ILE B 580 -66.35 7.24 11.56
N GLY B 581 -65.69 8.28 12.04
CA GLY B 581 -66.31 9.18 13.01
C GLY B 581 -66.21 8.62 14.41
N ARG B 582 -65.79 7.36 14.52
CA ARG B 582 -65.77 6.63 15.79
C ARG B 582 -64.46 6.83 16.54
N PRO B 583 -64.53 7.16 17.83
CA PRO B 583 -63.31 7.40 18.62
C PRO B 583 -62.48 6.15 18.84
N ILE B 584 -62.06 5.49 17.76
CA ILE B 584 -61.27 4.26 17.86
C ILE B 584 -59.93 4.49 18.52
N MET B 585 -59.58 3.67 19.50
CA MET B 585 -58.28 3.74 20.13
C MET B 585 -57.18 3.50 19.10
N HIS B 586 -56.06 4.20 19.27
CA HIS B 586 -54.85 4.01 18.48
C HIS B 586 -54.48 2.53 18.40
N GLN B 587 -54.61 1.94 17.21
CA GLN B 587 -54.38 0.51 17.04
C GLN B 587 -53.15 -0.04 17.77
N SER B 588 -52.10 0.76 17.92
CA SER B 588 -50.91 0.30 18.64
C SER B 588 -50.96 0.66 20.13
N GLY B 589 -52.10 1.18 20.59
CA GLY B 589 -52.20 1.69 21.94
C GLY B 589 -51.82 0.70 23.04
N ILE B 590 -52.29 -0.53 22.90
CA ILE B 590 -52.02 -1.53 23.92
C ILE B 590 -50.56 -1.94 23.87
N LYS B 591 -50.06 -2.20 22.67
CA LYS B 591 -48.65 -2.49 22.49
C LYS B 591 -47.72 -1.43 23.07
N HIS B 592 -48.15 -0.17 23.02
CA HIS B 592 -47.37 0.89 23.63
C HIS B 592 -47.25 0.64 25.14
N ALA B 593 -48.31 0.11 25.72
CA ALA B 593 -48.37 -0.07 27.18
C ALA B 593 -47.73 -1.37 27.62
N THR B 594 -47.48 -2.30 26.69
CA THR B 594 -46.91 -3.58 27.06
C THR B 594 -45.45 -3.69 26.66
N GLY B 595 -44.92 -2.71 25.92
CA GLY B 595 -43.54 -2.73 25.49
C GLY B 595 -43.28 -3.69 24.34
N GLU B 596 -44.33 -4.02 23.60
CA GLU B 596 -44.19 -4.94 22.47
C GLU B 596 -44.00 -4.21 21.15
N ALA B 597 -44.28 -2.91 21.16
CA ALA B 597 -44.04 -2.10 19.99
C ALA B 597 -42.54 -2.01 19.80
N VAL B 598 -42.06 -2.58 18.70
CA VAL B 598 -40.65 -2.46 18.33
C VAL B 598 -40.42 -1.14 17.61
N PHE B 599 -39.76 -0.20 18.27
CA PHE B 599 -39.26 0.98 17.58
C PHE B 599 -37.95 0.62 16.90
N CYS B 600 -37.21 1.61 16.41
CA CYS B 600 -36.01 1.31 15.63
C CYS B 600 -34.90 0.67 16.47
N ASP B 601 -34.54 1.33 17.56
CA ASP B 601 -33.48 0.82 18.41
C ASP B 601 -33.81 -0.53 19.04
N ASP B 602 -35.09 -0.91 19.06
CA ASP B 602 -35.49 -2.13 19.77
C ASP B 602 -35.08 -3.38 19.00
N MET B 603 -34.71 -3.19 17.75
CA MET B 603 -34.32 -4.31 16.91
C MET B 603 -33.05 -4.99 17.44
N SER B 604 -33.01 -6.32 17.34
CA SER B 604 -31.86 -7.11 17.80
C SER B 604 -30.59 -6.68 17.08
N VAL B 605 -29.45 -6.81 17.75
CA VAL B 605 -28.18 -6.59 17.08
C VAL B 605 -27.80 -7.86 16.34
N LEU B 606 -27.40 -7.71 15.08
CA LEU B 606 -27.00 -8.84 14.25
C LEU B 606 -25.53 -9.17 14.47
N PRO B 607 -25.17 -10.44 14.35
CA PRO B 607 -23.75 -10.77 14.37
C PRO B 607 -22.95 -9.80 13.47
N GLY B 608 -22.00 -9.09 14.05
CA GLY B 608 -21.17 -8.17 13.29
C GLY B 608 -21.68 -6.72 13.22
N GLU B 609 -22.95 -6.51 13.53
CA GLU B 609 -23.52 -5.17 13.52
C GLU B 609 -22.67 -4.20 14.35
N LEU B 610 -22.34 -3.04 13.78
CA LEU B 610 -21.46 -2.07 14.45
C LEU B 610 -22.25 -0.84 14.92
N PHE B 611 -21.71 -0.15 15.92
CA PHE B 611 -22.35 1.02 16.54
C PHE B 611 -21.59 2.30 16.20
N LEU B 612 -22.31 3.38 15.92
CA LEU B 612 -21.65 4.57 15.38
C LEU B 612 -21.64 5.74 16.36
N ALA B 613 -20.50 6.42 16.44
CA ALA B 613 -20.42 7.67 17.22
C ALA B 613 -19.69 8.69 16.36
N VAL B 614 -20.06 9.95 16.51
CA VAL B 614 -19.51 11.00 15.67
C VAL B 614 -18.91 12.14 16.49
N VAL B 615 -17.78 12.67 16.03
CA VAL B 615 -17.20 13.84 16.66
C VAL B 615 -17.63 15.05 15.87
N THR B 616 -18.00 16.12 16.57
CA THR B 616 -18.57 17.30 15.93
C THR B 616 -17.72 18.56 16.17
N SER B 617 -17.93 19.57 15.33
CA SER B 617 -17.17 20.81 15.43
C SER B 617 -17.46 21.50 16.75
N SER B 618 -16.40 21.88 17.46
CA SER B 618 -16.56 22.63 18.71
C SER B 618 -16.40 24.12 18.43
N LYS B 619 -16.28 24.46 17.15
CA LYS B 619 -16.10 25.85 16.73
C LYS B 619 -17.22 26.27 15.78
N SER B 620 -17.59 27.54 15.82
CA SER B 620 -18.65 28.08 14.97
C SER B 620 -18.29 28.20 13.49
N HIS B 621 -17.11 28.77 13.22
CA HIS B 621 -16.66 28.98 11.85
C HIS B 621 -15.15 28.83 11.85
N ALA B 622 -14.63 27.84 11.12
CA ALA B 622 -13.22 27.52 11.24
C ALA B 622 -12.71 26.64 10.10
N LYS B 623 -11.45 26.84 9.73
CA LYS B 623 -10.74 25.91 8.85
C LYS B 623 -10.32 24.71 9.67
N ILE B 624 -10.21 23.53 9.05
CA ILE B 624 -9.69 22.36 9.75
C ILE B 624 -8.25 22.06 9.36
N ILE B 625 -7.30 22.57 10.16
CA ILE B 625 -5.89 22.41 9.84
C ILE B 625 -5.41 20.96 9.94
N SER B 626 -5.68 20.32 11.08
CA SER B 626 -5.26 18.94 11.30
C SER B 626 -6.38 18.05 11.86
N LEU B 627 -6.47 16.84 11.32
CA LEU B 627 -7.43 15.85 11.78
C LEU B 627 -6.69 14.53 11.99
N ASP B 628 -6.31 14.27 13.24
CA ASP B 628 -5.61 13.04 13.59
C ASP B 628 -6.50 12.15 14.45
N ALA B 629 -6.67 10.91 14.01
CA ALA B 629 -7.57 9.96 14.68
C ALA B 629 -6.82 8.68 15.04
N SER B 630 -5.50 8.72 14.90
CA SER B 630 -4.67 7.55 15.08
C SER B 630 -4.92 6.81 16.39
N GLU B 631 -5.14 7.55 17.48
CA GLU B 631 -5.48 6.94 18.75
C GLU B 631 -6.78 6.16 18.64
N ALA B 632 -7.80 6.80 18.09
CA ALA B 632 -9.09 6.15 17.87
C ALA B 632 -8.93 4.77 17.25
N LEU B 633 -8.58 4.73 15.96
CA LEU B 633 -8.47 3.45 15.24
C LEU B 633 -7.92 2.33 16.09
N ALA B 634 -6.97 2.67 16.96
CA ALA B 634 -6.33 1.67 17.83
C ALA B 634 -7.16 1.34 19.06
N SER B 635 -7.98 2.28 19.50
CA SER B 635 -8.79 2.10 20.71
C SER B 635 -9.53 0.75 20.71
N LEU B 636 -10.02 0.32 21.87
CA LEU B 636 -10.61 -1.02 22.00
C LEU B 636 -11.85 -1.23 21.13
N GLY B 637 -11.83 -2.31 20.37
CA GLY B 637 -12.99 -2.71 19.61
C GLY B 637 -13.51 -1.69 18.62
N VAL B 638 -12.64 -0.80 18.13
CA VAL B 638 -12.99 0.05 17.02
C VAL B 638 -12.66 -0.67 15.73
N VAL B 639 -13.56 -0.64 14.75
CA VAL B 639 -13.29 -1.29 13.47
C VAL B 639 -12.88 -0.31 12.35
N ASP B 640 -13.32 0.95 12.45
CA ASP B 640 -13.02 1.96 11.41
C ASP B 640 -13.39 3.38 11.81
N VAL B 641 -12.63 4.36 11.29
CA VAL B 641 -13.00 5.75 11.44
C VAL B 641 -13.32 6.28 10.06
N VAL B 642 -14.49 6.88 9.89
CA VAL B 642 -14.94 7.29 8.57
C VAL B 642 -14.91 8.82 8.48
N THR B 643 -14.38 9.32 7.35
CA THR B 643 -14.27 10.76 7.12
C THR B 643 -14.83 11.16 5.76
N ALA B 644 -14.64 12.41 5.40
CA ALA B 644 -15.20 12.94 4.16
C ALA B 644 -14.67 12.23 2.93
N ARG B 645 -13.46 11.68 3.02
CA ARG B 645 -12.83 11.06 1.86
C ARG B 645 -13.31 9.62 1.65
N ASP B 646 -14.20 9.18 2.52
CA ASP B 646 -14.77 7.83 2.46
C ASP B 646 -16.15 7.80 1.80
N VAL B 647 -16.68 8.97 1.46
CA VAL B 647 -17.94 9.05 0.76
C VAL B 647 -17.72 8.63 -0.68
N PRO B 648 -18.35 7.52 -1.09
CA PRO B 648 -18.17 6.99 -2.45
C PRO B 648 -18.67 7.92 -3.56
N GLY B 649 -19.63 8.78 -3.23
CA GLY B 649 -20.18 9.72 -4.20
C GLY B 649 -20.53 11.06 -3.57
N ASP B 650 -21.65 11.65 -3.99
CA ASP B 650 -22.11 12.91 -3.42
C ASP B 650 -22.08 12.94 -1.90
N ASN B 651 -21.58 14.04 -1.35
CA ASN B 651 -21.52 14.23 0.10
C ASN B 651 -22.44 15.37 0.51
N GLY B 652 -23.75 15.15 0.40
CA GLY B 652 -24.74 16.13 0.83
C GLY B 652 -25.60 16.69 -0.28
N GLU B 655 -25.82 20.83 -0.63
CA GLU B 655 -25.37 22.18 -0.34
C GLU B 655 -24.95 22.22 1.12
N GLU B 656 -25.11 21.06 1.75
CA GLU B 656 -24.68 20.82 3.10
C GLU B 656 -24.02 19.46 3.06
N SER B 657 -23.03 19.25 3.91
CA SER B 657 -22.19 18.05 3.81
C SER B 657 -22.38 17.11 4.98
N LEU B 658 -22.53 15.84 4.66
CA LEU B 658 -22.56 14.79 5.66
C LEU B 658 -21.35 14.93 6.57
N TYR B 659 -20.17 14.87 5.96
CA TYR B 659 -18.92 14.95 6.71
C TYR B 659 -18.14 16.20 6.33
N ALA B 660 -17.81 17.02 7.32
CA ALA B 660 -17.18 18.30 7.06
C ALA B 660 -15.93 18.16 6.20
N GLN B 661 -15.79 19.05 5.23
CA GLN B 661 -14.63 19.07 4.35
C GLN B 661 -13.93 20.40 4.48
N ASP B 662 -12.63 20.36 4.73
CA ASP B 662 -11.83 21.55 4.93
C ASP B 662 -12.33 22.37 6.12
N GLU B 663 -13.31 23.23 5.90
CA GLU B 663 -13.82 24.09 6.97
C GLU B 663 -14.98 23.47 7.74
N VAL B 664 -15.36 24.10 8.85
CA VAL B 664 -16.63 23.79 9.52
C VAL B 664 -17.39 25.09 9.71
N ILE B 665 -18.70 25.07 9.44
CA ILE B 665 -19.46 26.30 9.40
C ILE B 665 -20.46 26.47 10.55
N CYS B 666 -20.58 25.46 11.41
CA CYS B 666 -21.46 25.57 12.56
C CYS B 666 -20.99 24.73 13.74
N VAL B 667 -21.35 25.17 14.94
CA VAL B 667 -20.84 24.61 16.18
C VAL B 667 -21.36 23.22 16.52
N GLY B 668 -21.99 22.54 15.57
CA GLY B 668 -22.41 21.18 15.80
C GLY B 668 -22.11 20.23 14.65
N GLN B 669 -21.58 20.77 13.57
CA GLN B 669 -21.33 19.99 12.36
C GLN B 669 -20.54 18.72 12.67
N ILE B 670 -20.93 17.60 12.09
CA ILE B 670 -20.16 16.37 12.29
C ILE B 670 -18.97 16.35 11.35
N VAL B 671 -17.82 15.97 11.89
CA VAL B 671 -16.55 16.07 11.18
C VAL B 671 -16.04 14.67 10.81
N CYS B 672 -16.38 13.69 11.62
CA CYS B 672 -16.09 12.30 11.29
C CYS B 672 -16.86 11.36 12.22
N ALA B 673 -16.79 10.07 11.94
CA ALA B 673 -17.51 9.10 12.73
C ALA B 673 -16.65 7.87 12.95
N VAL B 674 -16.73 7.31 14.15
CA VAL B 674 -16.00 6.08 14.45
C VAL B 674 -16.99 4.94 14.71
N ALA B 675 -16.71 3.78 14.15
CA ALA B 675 -17.66 2.67 14.18
C ALA B 675 -17.08 1.52 14.96
N ALA B 676 -17.51 1.38 16.21
CA ALA B 676 -16.95 0.37 17.11
C ALA B 676 -17.84 -0.85 17.24
N ASP B 677 -17.45 -1.78 18.11
CA ASP B 677 -18.18 -3.02 18.32
C ASP B 677 -19.09 -2.84 19.51
N SER B 678 -19.05 -1.66 20.10
CA SER B 678 -19.99 -1.27 21.13
C SER B 678 -20.08 0.25 21.09
N TYR B 679 -21.27 0.79 21.33
CA TYR B 679 -21.39 2.24 21.34
C TYR B 679 -20.43 2.87 22.34
N ALA B 680 -20.22 2.22 23.48
CA ALA B 680 -19.32 2.74 24.52
C ALA B 680 -17.89 2.78 24.00
N HIS B 681 -17.50 1.74 23.28
CA HIS B 681 -16.19 1.69 22.66
C HIS B 681 -16.03 2.75 21.57
N ALA B 682 -17.15 3.19 21.00
CA ALA B 682 -17.17 4.22 19.97
C ALA B 682 -17.27 5.62 20.55
N GLN B 683 -17.93 5.73 21.70
CA GLN B 683 -18.03 7.02 22.40
C GLN B 683 -16.70 7.39 23.06
N GLN B 684 -16.01 6.40 23.62
CA GLN B 684 -14.77 6.65 24.34
C GLN B 684 -13.56 6.62 23.41
N ALA B 685 -13.79 6.29 22.14
CA ALA B 685 -12.75 6.38 21.11
C ALA B 685 -12.82 7.75 20.44
N ALA B 686 -14.01 8.10 19.96
CA ALA B 686 -14.25 9.39 19.36
C ALA B 686 -13.78 10.54 20.25
N LYS B 687 -13.73 10.34 21.56
CA LYS B 687 -13.32 11.43 22.46
C LYS B 687 -11.81 11.54 22.51
N LYS B 688 -11.13 10.60 21.87
CA LYS B 688 -9.68 10.66 21.81
C LYS B 688 -9.19 10.93 20.38
N VAL B 689 -10.08 11.45 19.55
CA VAL B 689 -9.70 11.98 18.24
C VAL B 689 -9.27 13.43 18.46
N LYS B 690 -8.18 13.82 17.82
CA LYS B 690 -7.63 15.17 18.01
C LYS B 690 -7.71 15.96 16.71
N ILE B 691 -8.18 17.20 16.80
CA ILE B 691 -8.26 18.06 15.62
C ILE B 691 -8.14 19.53 15.99
N VAL B 692 -7.36 20.27 15.21
CA VAL B 692 -7.09 21.68 15.53
C VAL B 692 -7.69 22.64 14.51
N TYR B 693 -8.23 23.76 14.98
CA TYR B 693 -8.97 24.68 14.14
C TYR B 693 -8.22 25.99 13.99
N GLN B 694 -8.41 26.65 12.85
CA GLN B 694 -7.97 28.02 12.68
C GLN B 694 -9.20 28.87 12.47
N ASP B 695 -9.60 29.59 13.51
CA ASP B 695 -10.83 30.35 13.45
C ASP B 695 -10.88 31.19 12.19
N ILE B 696 -12.03 31.18 11.53
CA ILE B 696 -12.25 32.05 10.38
C ILE B 696 -13.07 33.25 10.82
N PRO B 698 -14.75 36.36 9.46
CA PRO B 698 -16.05 36.82 9.96
C PRO B 698 -16.84 35.68 10.59
N MET B 699 -17.48 35.93 11.72
CA MET B 699 -18.33 34.92 12.37
C MET B 699 -19.73 35.46 12.63
N ILE B 700 -20.73 34.72 12.18
CA ILE B 700 -22.10 35.20 12.21
C ILE B 700 -23.00 34.28 13.02
N VAL B 701 -23.65 34.84 14.04
CA VAL B 701 -24.53 34.08 14.92
C VAL B 701 -25.91 34.72 14.99
N THR B 702 -25.99 35.87 15.66
CA THR B 702 -27.25 36.57 15.81
C THR B 702 -27.75 36.99 14.45
N VAL B 703 -29.06 37.06 14.29
CA VAL B 703 -29.65 37.58 13.06
C VAL B 703 -29.22 39.03 12.90
N GLN B 704 -29.06 39.72 14.02
CA GLN B 704 -28.60 41.10 14.03
C GLN B 704 -27.20 41.20 13.42
N ASP B 705 -26.47 40.09 13.45
CA ASP B 705 -25.19 40.02 12.77
C ASP B 705 -25.41 39.83 11.28
N ALA B 706 -26.15 38.78 10.94
CA ALA B 706 -26.36 38.41 9.54
C ALA B 706 -27.02 39.51 8.72
N LEU B 707 -27.50 40.55 9.38
CA LEU B 707 -28.05 41.72 8.69
C LEU B 707 -26.94 42.69 8.34
N GLN B 708 -26.01 42.88 9.28
CA GLN B 708 -24.87 43.76 9.06
C GLN B 708 -24.01 43.20 7.94
N TYR B 709 -23.71 41.91 8.01
CA TYR B 709 -22.88 41.27 6.99
C TYR B 709 -23.70 40.82 5.78
N GLU B 710 -24.92 41.33 5.68
CA GLU B 710 -25.82 40.98 4.58
C GLU B 710 -25.65 39.51 4.16
N SER B 711 -25.86 38.61 5.12
CA SER B 711 -25.76 37.17 4.86
C SER B 711 -27.13 36.51 4.95
N PHE B 712 -27.64 36.06 3.81
CA PHE B 712 -29.01 35.57 3.72
C PHE B 712 -29.14 34.22 3.00
N ILE B 713 -30.34 33.65 3.04
CA ILE B 713 -30.69 32.48 2.26
C ILE B 713 -31.90 32.78 1.38
N GLY B 714 -31.68 32.82 0.08
CA GLY B 714 -32.74 33.19 -0.84
C GLY B 714 -33.10 34.66 -0.70
N PRO B 715 -33.90 35.19 -1.64
CA PRO B 715 -34.25 36.61 -1.71
C PRO B 715 -35.29 37.03 -0.67
N GLU B 716 -35.61 38.32 -0.67
CA GLU B 716 -36.70 38.83 0.14
C GLU B 716 -38.01 38.44 -0.52
N ARG B 717 -39.00 38.11 0.30
CA ARG B 717 -40.33 37.78 -0.19
C ARG B 717 -41.32 38.76 0.41
N LYS B 718 -42.19 39.30 -0.43
CA LYS B 718 -43.05 40.40 -0.02
C LYS B 718 -44.51 40.14 -0.40
N LEU B 719 -45.41 40.48 0.51
CA LEU B 719 -46.85 40.37 0.25
C LEU B 719 -47.57 41.67 0.61
N GLU B 720 -48.42 42.14 -0.29
CA GLU B 720 -49.07 43.42 -0.13
C GLU B 720 -50.54 43.38 -0.54
N GLN B 721 -51.38 44.10 0.20
CA GLN B 721 -52.75 44.35 -0.20
C GLN B 721 -53.16 45.71 0.33
N GLY B 722 -53.87 46.48 -0.48
CA GLY B 722 -54.21 47.85 -0.15
C GLY B 722 -52.98 48.74 -0.28
N ASN B 723 -53.10 50.01 0.07
CA ASN B 723 -51.96 50.92 0.02
C ASN B 723 -51.56 51.37 1.42
N VAL B 724 -50.45 50.83 1.91
CA VAL B 724 -50.01 51.07 3.28
C VAL B 724 -49.39 52.44 3.48
N GLU B 725 -48.79 52.99 2.43
CA GLU B 725 -48.12 54.29 2.53
C GLU B 725 -49.09 55.45 2.69
N GLU B 726 -50.21 55.38 1.97
CA GLU B 726 -51.23 56.42 2.02
C GLU B 726 -52.13 56.25 3.24
N ALA B 727 -52.46 55.00 3.55
CA ALA B 727 -53.30 54.69 4.70
C ALA B 727 -52.68 55.15 6.00
N PHE B 728 -51.35 55.31 6.01
CA PHE B 728 -50.61 55.68 7.21
C PHE B 728 -50.89 57.11 7.66
N GLN B 729 -51.20 57.98 6.71
CA GLN B 729 -51.46 59.39 7.03
C GLN B 729 -52.88 59.60 7.55
N CYS B 730 -53.84 58.92 6.92
CA CYS B 730 -55.24 59.04 7.30
C CYS B 730 -55.53 58.23 8.56
N ALA B 731 -54.47 57.73 9.19
CA ALA B 731 -54.61 57.02 10.45
C ALA B 731 -54.45 57.96 11.64
N ASP B 732 -55.29 57.77 12.65
CA ASP B 732 -55.27 58.66 13.82
C ASP B 732 -53.98 58.55 14.60
N GLN B 733 -53.47 57.34 14.78
CA GLN B 733 -52.27 57.13 15.58
C GLN B 733 -51.28 56.17 14.94
N ILE B 734 -50.02 56.30 15.33
CA ILE B 734 -48.93 55.44 14.83
C ILE B 734 -48.20 54.75 15.97
N LEU B 735 -47.77 53.52 15.73
CA LEU B 735 -47.07 52.71 16.73
C LEU B 735 -45.92 51.92 16.12
N GLU B 736 -44.72 52.11 16.65
CA GLU B 736 -43.56 51.36 16.21
C GLU B 736 -42.96 50.56 17.36
N GLY B 737 -42.28 49.48 17.03
CA GLY B 737 -41.64 48.63 18.03
C GLY B 737 -41.05 47.39 17.40
N GLU B 738 -40.62 46.46 18.25
CA GLU B 738 -40.07 45.19 17.78
C GLU B 738 -40.21 44.08 18.82
N VAL B 739 -40.42 42.85 18.35
CA VAL B 739 -40.52 41.69 19.21
C VAL B 739 -39.56 40.61 18.73
N HIS B 740 -38.90 39.95 19.66
CA HIS B 740 -38.07 38.82 19.32
C HIS B 740 -38.81 37.57 19.74
N LEU B 741 -38.63 36.48 18.99
CA LEU B 741 -39.20 35.19 19.36
C LEU B 741 -38.11 34.14 19.51
N GLY B 742 -38.22 33.33 20.55
CA GLY B 742 -37.26 32.28 20.77
C GLY B 742 -37.44 31.10 19.84
N GLY B 743 -36.41 30.27 19.74
CA GLY B 743 -36.49 29.05 18.94
C GLY B 743 -37.09 27.96 19.79
N GLN B 744 -36.83 26.71 19.42
CA GLN B 744 -37.44 25.60 20.13
C GLN B 744 -36.92 24.27 19.61
N GLU B 745 -36.78 23.31 20.52
CA GLU B 745 -36.33 21.97 20.16
C GLU B 745 -37.49 20.99 20.11
N HIS B 746 -37.54 20.20 19.04
CA HIS B 746 -38.60 19.23 18.87
C HIS B 746 -38.86 18.40 20.14
N PHE B 747 -37.81 17.73 20.61
CA PHE B 747 -37.91 16.83 21.76
C PHE B 747 -38.86 15.66 21.57
N TYR B 748 -38.79 15.04 20.40
CA TYR B 748 -39.33 13.71 20.22
C TYR B 748 -38.63 12.83 21.26
N MET B 749 -39.37 11.89 21.87
CA MET B 749 -38.79 11.05 22.91
C MET B 749 -37.83 10.01 22.36
N GLU B 750 -38.05 9.60 21.11
CA GLU B 750 -37.10 8.72 20.43
C GLU B 750 -36.07 9.58 19.72
N THR B 751 -34.86 9.68 20.27
CA THR B 751 -33.82 10.45 19.58
C THR B 751 -33.60 9.87 18.17
N GLN B 752 -32.98 10.66 17.31
CA GLN B 752 -32.77 10.25 15.94
C GLN B 752 -32.10 8.89 15.90
N SER B 753 -32.58 8.01 15.03
CA SER B 753 -32.12 6.62 15.04
C SER B 753 -32.26 5.98 13.68
N VAL B 754 -31.25 5.22 13.27
CA VAL B 754 -31.27 4.54 11.97
C VAL B 754 -30.43 3.29 12.01
N ARG B 755 -30.81 2.27 11.23
CA ARG B 755 -29.96 1.10 11.09
C ARG B 755 -29.81 0.70 9.63
N VAL B 756 -28.56 0.63 9.18
CA VAL B 756 -28.24 0.28 7.82
C VAL B 756 -27.73 -1.15 7.75
N VAL B 757 -28.38 -2.00 6.96
CA VAL B 757 -28.07 -3.44 6.96
C VAL B 757 -27.92 -4.04 5.56
N PRO B 758 -26.69 -4.11 5.06
CA PRO B 758 -26.39 -4.75 3.77
C PRO B 758 -26.99 -6.15 3.67
N LYS B 759 -27.93 -6.37 2.75
CA LYS B 759 -28.44 -7.72 2.49
C LYS B 759 -27.35 -8.59 1.88
N GLY B 760 -26.13 -8.05 1.79
CA GLY B 760 -24.95 -8.80 1.41
C GLY B 760 -24.82 -9.20 -0.04
N GLU B 761 -25.34 -8.39 -0.95
CA GLU B 761 -25.44 -8.81 -2.34
C GLU B 761 -25.96 -7.68 -3.22
N ASP B 762 -25.59 -7.72 -4.50
CA ASP B 762 -25.92 -6.66 -5.47
C ASP B 762 -26.05 -5.27 -4.88
N LYS B 763 -25.22 -4.96 -3.89
CA LYS B 763 -25.23 -3.64 -3.27
C LYS B 763 -26.55 -3.36 -2.57
N GLU B 764 -27.43 -4.35 -2.53
CA GLU B 764 -28.76 -4.19 -1.87
C GLU B 764 -28.60 -3.84 -0.41
N MET B 765 -29.65 -3.27 0.18
CA MET B 765 -29.62 -2.98 1.61
C MET B 765 -30.97 -2.58 2.20
N ASP B 766 -31.25 -3.08 3.40
CA ASP B 766 -32.42 -2.66 4.14
C ASP B 766 -32.02 -1.49 5.02
N ILE B 767 -32.93 -0.54 5.20
CA ILE B 767 -32.69 0.54 6.14
C ILE B 767 -33.92 0.79 7.03
N TYR B 768 -33.77 0.58 8.33
CA TYR B 768 -34.86 0.78 9.27
C TYR B 768 -34.60 2.08 9.99
N VAL B 769 -35.39 3.09 9.66
CA VAL B 769 -35.10 4.46 10.07
C VAL B 769 -36.30 5.15 10.72
N SER B 770 -36.02 6.00 11.71
CA SER B 770 -37.05 6.74 12.41
C SER B 770 -37.25 8.08 11.73
N SER B 771 -38.12 8.12 10.73
CA SER B 771 -38.29 9.31 9.88
C SER B 771 -39.73 9.66 9.53
N GLN B 772 -39.92 10.91 9.10
CA GLN B 772 -41.17 11.39 8.57
C GLN B 772 -41.20 11.19 7.06
N ASP B 773 -40.04 10.88 6.47
CA ASP B 773 -39.95 10.68 5.04
C ASP B 773 -38.94 9.60 4.70
N ALA B 774 -39.45 8.43 4.36
CA ALA B 774 -38.58 7.29 4.05
C ALA B 774 -38.03 7.37 2.64
N ALA B 775 -38.79 7.97 1.72
CA ALA B 775 -38.35 8.15 0.34
C ALA B 775 -37.12 9.07 0.26
N PHE B 776 -37.22 10.22 0.90
CA PHE B 776 -36.11 11.17 0.97
C PHE B 776 -34.85 10.46 1.46
N THR B 777 -34.95 9.86 2.62
CA THR B 777 -33.88 9.02 3.12
C THR B 777 -33.39 8.13 1.99
N GLN B 778 -34.31 7.44 1.32
CA GLN B 778 -33.91 6.51 0.26
C GLN B 778 -32.95 7.12 -0.76
N GLU B 779 -33.30 8.29 -1.29
CA GLU B 779 -32.45 8.88 -2.31
C GLU B 779 -31.18 9.50 -1.72
N MET B 780 -31.32 10.07 -0.53
CA MET B 780 -30.20 10.71 0.14
C MET B 780 -29.06 9.71 0.37
N VAL B 781 -29.40 8.43 0.39
CA VAL B 781 -28.40 7.38 0.59
C VAL B 781 -27.88 6.83 -0.73
N ALA B 782 -28.77 6.70 -1.71
CA ALA B 782 -28.42 6.12 -3.00
C ALA B 782 -27.56 7.11 -3.76
N ARG B 783 -27.75 8.38 -3.45
CA ARG B 783 -26.96 9.44 -4.06
C ARG B 783 -25.61 9.63 -3.35
N THR B 784 -25.55 9.25 -2.07
CA THR B 784 -24.30 9.32 -1.33
C THR B 784 -23.40 8.18 -1.76
N LEU B 785 -23.96 6.98 -1.88
CA LEU B 785 -23.16 5.81 -2.23
C LEU B 785 -23.02 5.63 -3.73
N GLY B 786 -23.88 6.32 -4.48
CA GLY B 786 -23.84 6.22 -5.94
C GLY B 786 -24.40 4.91 -6.44
N ILE B 787 -25.51 4.48 -5.85
CA ILE B 787 -26.21 3.28 -6.32
C ILE B 787 -27.65 3.61 -6.59
N PRO B 788 -28.28 2.85 -7.49
CA PRO B 788 -29.69 3.07 -7.88
C PRO B 788 -30.63 3.00 -6.70
N LYS B 789 -31.72 3.76 -6.75
CA LYS B 789 -32.72 3.70 -5.70
C LYS B 789 -33.19 2.27 -5.51
N ASN B 790 -33.28 1.51 -6.60
CA ASN B 790 -33.86 0.16 -6.54
C ASN B 790 -33.07 -0.84 -5.72
N ARG B 791 -31.91 -0.42 -5.22
CA ARG B 791 -31.05 -1.29 -4.44
C ARG B 791 -31.31 -1.17 -2.95
N ILE B 792 -31.93 -0.09 -2.52
CA ILE B 792 -32.09 0.17 -1.10
C ILE B 792 -33.56 0.24 -0.70
N ASN B 793 -33.99 -0.74 0.08
CA ASN B 793 -35.37 -0.82 0.54
C ASN B 793 -35.48 -0.22 1.94
N CYS B 794 -36.34 0.79 2.07
CA CYS B 794 -36.38 1.62 3.26
C CYS B 794 -37.67 1.39 4.09
N HIS B 795 -37.53 0.87 5.30
CA HIS B 795 -38.70 0.52 6.12
C HIS B 795 -38.90 1.44 7.33
N VAL B 796 -40.16 1.60 7.76
CA VAL B 796 -40.51 2.42 8.91
C VAL B 796 -41.85 1.96 9.48
N LYS B 797 -41.83 1.17 10.55
CA LYS B 797 -43.05 0.67 11.17
C LYS B 797 -43.64 1.66 12.16
N ARG B 798 -42.78 2.41 12.84
CA ARG B 798 -43.26 3.47 13.71
C ARG B 798 -42.15 4.38 14.16
N VAL B 799 -42.53 5.57 14.61
CA VAL B 799 -41.59 6.61 15.03
C VAL B 799 -42.01 7.17 16.38
N GLY B 800 -41.05 7.29 17.29
CA GLY B 800 -41.33 7.73 18.64
C GLY B 800 -41.42 9.24 18.77
N GLY B 801 -42.12 9.87 17.83
CA GLY B 801 -42.24 11.32 17.80
C GLY B 801 -41.46 11.96 16.67
N ALA B 802 -41.95 13.11 16.19
CA ALA B 802 -41.32 13.77 15.05
C ALA B 802 -41.52 15.27 15.11
N PHE B 803 -42.77 15.67 14.93
CA PHE B 803 -43.13 17.07 14.96
C PHE B 803 -42.34 17.88 13.93
N GLY B 804 -41.82 17.20 12.91
CA GLY B 804 -41.13 17.85 11.81
C GLY B 804 -39.61 17.67 11.78
N GLY B 805 -39.02 17.49 12.97
CA GLY B 805 -37.58 17.37 13.08
C GLY B 805 -37.00 16.13 12.43
N LYS B 806 -37.85 15.20 12.01
CA LYS B 806 -37.35 13.95 11.40
C LYS B 806 -37.64 13.87 9.90
N ALA B 807 -37.78 15.03 9.27
CA ALA B 807 -38.05 15.08 7.85
C ALA B 807 -36.75 15.12 7.03
N SER B 808 -36.00 16.20 7.17
CA SER B 808 -34.70 16.29 6.51
C SER B 808 -33.66 15.45 7.26
N LYS B 809 -33.48 15.74 8.54
CA LYS B 809 -32.36 15.20 9.32
C LYS B 809 -32.06 13.71 9.15
N PRO B 810 -33.07 12.84 9.30
CA PRO B 810 -32.70 11.42 9.30
C PRO B 810 -32.18 10.94 7.95
N GLY B 811 -32.58 11.62 6.88
CA GLY B 811 -32.03 11.34 5.58
C GLY B 811 -30.52 11.55 5.55
N LEU B 812 -30.06 12.59 6.26
CA LEU B 812 -28.64 12.88 6.34
C LEU B 812 -27.92 11.87 7.23
N LEU B 813 -28.42 11.72 8.45
CA LEU B 813 -27.82 10.84 9.44
C LEU B 813 -27.79 9.41 8.94
N ALA B 814 -28.72 9.06 8.06
CA ALA B 814 -28.76 7.72 7.51
C ALA B 814 -27.63 7.60 6.51
N SER B 815 -27.35 8.69 5.82
CA SER B 815 -26.28 8.70 4.84
C SER B 815 -24.91 8.61 5.52
N VAL B 816 -24.72 9.40 6.58
CA VAL B 816 -23.53 9.29 7.43
C VAL B 816 -23.24 7.82 7.79
N ALA B 817 -24.26 7.11 8.24
CA ALA B 817 -24.11 5.70 8.60
C ALA B 817 -24.00 4.81 7.38
N ALA B 818 -24.66 5.21 6.29
CA ALA B 818 -24.64 4.42 5.07
C ALA B 818 -23.21 4.17 4.62
N VAL B 819 -22.40 5.23 4.64
CA VAL B 819 -21.01 5.15 4.21
C VAL B 819 -20.12 4.37 5.19
N ALA B 820 -20.41 4.45 6.47
CA ALA B 820 -19.67 3.67 7.42
C ALA B 820 -19.88 2.21 7.06
N ALA B 821 -21.08 1.88 6.57
CA ALA B 821 -21.42 0.51 6.22
C ALA B 821 -20.67 0.11 4.95
N GLN B 822 -20.31 1.10 4.14
CA GLN B 822 -19.56 0.85 2.93
C GLN B 822 -18.19 0.26 3.21
N LYS B 823 -17.37 1.01 3.93
CA LYS B 823 -16.00 0.58 4.19
C LYS B 823 -15.87 -0.57 5.19
N THR B 824 -16.64 -0.53 6.27
CA THR B 824 -16.64 -1.64 7.23
C THR B 824 -17.21 -2.89 6.58
N GLY B 825 -18.14 -2.71 5.65
CA GLY B 825 -18.80 -3.81 4.98
C GLY B 825 -19.82 -4.51 5.88
N ARG B 826 -20.51 -3.74 6.73
CA ARG B 826 -21.42 -4.36 7.68
C ARG B 826 -22.52 -3.43 8.24
N PRO B 827 -23.53 -4.02 8.88
CA PRO B 827 -24.65 -3.23 9.40
C PRO B 827 -24.21 -2.21 10.44
N ILE B 828 -24.77 -1.01 10.34
CA ILE B 828 -24.37 0.09 11.20
C ILE B 828 -25.60 0.57 11.96
N ARG B 829 -25.49 0.70 13.27
CA ARG B 829 -26.59 1.24 14.06
C ARG B 829 -26.26 2.62 14.62
N PHE B 830 -27.00 3.63 14.17
CA PHE B 830 -26.64 5.01 14.47
C PHE B 830 -27.71 5.69 15.32
N ILE B 831 -27.47 5.75 16.62
CA ILE B 831 -28.41 6.35 17.56
C ILE B 831 -27.75 7.50 18.31
N LEU B 832 -28.31 8.69 18.18
CA LEU B 832 -27.80 9.88 18.87
C LEU B 832 -28.23 9.95 20.33
N GLU B 833 -27.27 10.19 21.24
CA GLU B 833 -27.61 10.59 22.59
C GLU B 833 -28.30 11.94 22.47
N ARG B 834 -29.02 12.36 23.49
CA ARG B 834 -29.84 13.56 23.35
C ARG B 834 -29.02 14.84 23.27
N ARG B 835 -28.02 14.96 24.12
CA ARG B 835 -27.17 16.15 24.11
C ARG B 835 -26.62 16.45 22.72
N ASP B 836 -26.29 15.41 21.96
CA ASP B 836 -25.81 15.60 20.59
C ASP B 836 -26.99 15.87 19.67
N ASP B 837 -28.10 15.20 19.90
CA ASP B 837 -29.29 15.36 19.06
C ASP B 837 -29.73 16.80 19.05
N MET B 838 -29.67 17.45 20.22
CA MET B 838 -30.07 18.84 20.35
C MET B 838 -29.10 19.78 19.65
N LEU B 839 -27.87 19.32 19.48
CA LEU B 839 -26.81 20.15 18.91
C LEU B 839 -26.80 20.04 17.41
N ILE B 840 -26.90 18.80 16.93
CA ILE B 840 -26.69 18.47 15.53
C ILE B 840 -27.87 18.82 14.63
N THR B 841 -29.08 18.60 15.12
CA THR B 841 -30.28 18.61 14.27
C THR B 841 -31.14 19.89 14.29
N GLY B 842 -30.87 20.82 15.20
CA GLY B 842 -31.61 22.08 15.21
C GLY B 842 -33.12 21.94 15.41
N GLY B 843 -33.82 23.08 15.40
CA GLY B 843 -35.25 23.11 15.61
C GLY B 843 -35.97 24.27 14.94
N ARG B 844 -36.94 24.85 15.64
CA ARG B 844 -37.74 25.93 15.06
C ARG B 844 -36.92 27.19 14.86
N HIS B 845 -37.29 27.98 13.85
CA HIS B 845 -36.56 29.19 13.48
C HIS B 845 -36.91 30.36 14.39
N PRO B 846 -35.95 30.81 15.22
CA PRO B 846 -36.22 32.05 15.96
C PRO B 846 -36.74 33.12 15.00
N LEU B 847 -37.41 34.16 15.49
CA LEU B 847 -37.99 35.17 14.61
C LEU B 847 -38.05 36.57 15.21
N LEU B 848 -37.39 37.52 14.57
CA LEU B 848 -37.45 38.92 14.98
C LEU B 848 -38.49 39.70 14.17
N GLY B 849 -39.39 40.38 14.86
CA GLY B 849 -40.44 41.15 14.20
C GLY B 849 -40.28 42.67 14.27
N LYS B 850 -40.38 43.33 13.12
CA LYS B 850 -40.36 44.79 13.05
C LYS B 850 -41.67 45.28 12.45
N TYR B 851 -42.42 46.08 13.21
CA TYR B 851 -43.76 46.50 12.78
C TYR B 851 -44.07 47.99 12.95
N LYS B 852 -44.93 48.50 12.07
CA LYS B 852 -45.47 49.85 12.21
C LYS B 852 -46.99 49.80 12.05
N ILE B 853 -47.71 50.19 13.09
CA ILE B 853 -49.16 50.08 13.07
C ILE B 853 -49.86 51.43 13.09
N GLY B 854 -50.51 51.76 11.98
CA GLY B 854 -51.37 52.93 11.94
C GLY B 854 -52.77 52.52 12.30
N PHE B 855 -53.27 53.03 13.44
CA PHE B 855 -54.58 52.65 13.92
C PHE B 855 -55.45 53.87 14.24
N MET B 856 -56.76 53.63 14.34
CA MET B 856 -57.68 54.69 14.70
C MET B 856 -57.91 54.68 16.20
N ASN B 857 -58.57 55.73 16.70
CA ASN B 857 -58.78 55.88 18.14
C ASN B 857 -59.74 54.85 18.76
N ASN B 858 -60.54 54.19 17.91
CA ASN B 858 -61.49 53.18 18.38
C ASN B 858 -60.96 51.75 18.29
N GLY B 859 -59.71 51.61 17.84
CA GLY B 859 -59.04 50.33 17.83
C GLY B 859 -58.87 49.67 16.47
N LYS B 860 -59.67 50.09 15.49
CA LYS B 860 -59.62 49.50 14.16
C LYS B 860 -58.31 49.81 13.45
N ILE B 861 -57.55 48.76 13.11
CA ILE B 861 -56.25 48.94 12.47
C ILE B 861 -56.39 49.14 10.96
N LYS B 862 -55.89 50.27 10.48
CA LYS B 862 -56.01 50.65 9.08
C LYS B 862 -54.81 50.24 8.22
N ALA B 863 -53.63 50.21 8.82
CA ALA B 863 -52.42 49.87 8.07
C ALA B 863 -51.35 49.20 8.93
N ALA B 864 -50.62 48.27 8.33
CA ALA B 864 -49.52 47.58 9.00
C ALA B 864 -48.39 47.25 8.04
N ASP B 865 -47.22 47.81 8.30
CA ASP B 865 -46.01 47.50 7.55
C ASP B 865 -45.12 46.63 8.43
N ILE B 866 -45.28 45.31 8.32
CA ILE B 866 -44.59 44.37 9.21
C ILE B 866 -43.42 43.67 8.51
N GLN B 867 -42.31 43.50 9.23
CA GLN B 867 -41.09 42.97 8.64
C GLN B 867 -40.48 41.81 9.42
N LEU B 868 -40.40 40.64 8.79
CA LEU B 868 -39.93 39.43 9.44
C LEU B 868 -38.55 38.99 8.98
N TYR B 869 -37.75 38.50 9.92
CA TYR B 869 -36.50 37.81 9.62
C TYR B 869 -36.46 36.57 10.49
N ILE B 870 -35.81 35.52 10.01
CA ILE B 870 -35.68 34.30 10.80
C ILE B 870 -34.28 33.70 10.65
N ASN B 871 -33.72 33.22 11.77
CA ASN B 871 -32.38 32.66 11.75
C ASN B 871 -32.41 31.22 11.25
N GLY B 872 -31.94 31.01 10.03
CA GLY B 872 -32.10 29.73 9.36
C GLY B 872 -30.97 28.77 9.65
N GLY B 873 -29.88 29.30 10.17
CA GLY B 873 -28.70 28.49 10.43
C GLY B 873 -27.72 28.52 9.27
N CYS B 874 -26.97 27.44 9.10
CA CYS B 874 -25.85 27.42 8.15
C CYS B 874 -26.14 26.69 6.85
N THR B 875 -27.35 26.16 6.70
CA THR B 875 -27.76 25.51 5.45
C THR B 875 -29.24 25.74 5.18
N PRO B 876 -29.64 25.69 3.90
CA PRO B 876 -30.99 26.07 3.47
C PRO B 876 -32.07 25.26 4.18
N ASP B 877 -31.99 23.93 4.06
CA ASP B 877 -33.02 23.05 4.57
C ASP B 877 -34.37 23.57 4.12
N ASP B 878 -35.35 23.53 5.02
CA ASP B 878 -36.70 24.00 4.69
C ASP B 878 -36.92 25.47 5.02
N SER B 879 -35.84 26.19 5.35
CA SER B 879 -35.92 27.59 5.74
C SER B 879 -36.80 28.46 4.85
N GLU B 880 -36.38 28.64 3.60
CA GLU B 880 -37.08 29.53 2.65
C GLU B 880 -38.58 29.29 2.62
N LEU B 881 -39.00 28.03 2.76
CA LEU B 881 -40.43 27.70 2.75
C LEU B 881 -41.10 28.15 4.04
N VAL B 882 -40.33 28.17 5.13
CA VAL B 882 -40.82 28.67 6.40
C VAL B 882 -41.23 30.13 6.28
N ILE B 883 -40.28 30.97 5.89
CA ILE B 883 -40.52 32.41 5.79
C ILE B 883 -41.63 32.72 4.80
N GLU B 884 -41.72 31.94 3.72
CA GLU B 884 -42.85 32.04 2.81
C GLU B 884 -44.14 31.83 3.60
N TYR B 885 -44.17 30.75 4.37
CA TYR B 885 -45.38 30.39 5.11
C TYR B 885 -45.72 31.35 6.24
N ALA B 886 -44.74 31.69 7.06
CA ALA B 886 -44.98 32.62 8.17
C ALA B 886 -45.64 33.90 7.65
N LEU B 887 -45.25 34.32 6.46
CA LEU B 887 -45.76 35.54 5.86
C LEU B 887 -47.19 35.35 5.39
N LEU B 888 -47.48 34.20 4.80
CA LEU B 888 -48.79 33.95 4.24
C LEU B 888 -49.88 33.88 5.31
N LYS B 889 -49.49 33.44 6.50
CA LYS B 889 -50.45 33.09 7.54
C LYS B 889 -50.49 34.07 8.71
N LEU B 890 -49.49 34.94 8.82
CA LEU B 890 -49.40 35.82 9.99
C LEU B 890 -50.61 36.75 10.15
N GLU B 891 -51.31 37.03 9.06
CA GLU B 891 -52.50 37.88 9.15
C GLU B 891 -53.55 37.24 10.05
N ASN B 892 -53.61 35.92 10.03
CA ASN B 892 -54.46 35.17 10.96
C ASN B 892 -55.95 35.35 10.72
N ALA B 893 -56.63 35.93 11.70
CA ALA B 893 -58.08 36.06 11.64
C ALA B 893 -58.50 37.49 11.30
N TYR B 894 -57.53 38.35 11.05
CA TYR B 894 -57.79 39.77 10.95
C TYR B 894 -57.71 40.31 9.52
N LYS B 895 -58.65 41.19 9.18
CA LYS B 895 -58.59 41.91 7.93
C LYS B 895 -57.99 43.28 8.17
N ILE B 896 -56.70 43.42 7.85
CA ILE B 896 -56.07 44.73 7.85
C ILE B 896 -56.12 45.24 6.41
N PRO B 897 -57.06 46.16 6.13
CA PRO B 897 -57.42 46.62 4.78
C PRO B 897 -56.22 47.06 3.96
N ASN B 898 -55.20 47.57 4.64
CA ASN B 898 -53.95 47.95 4.01
C ASN B 898 -52.79 47.35 4.77
N LEU B 899 -52.16 46.32 4.19
CA LEU B 899 -51.17 45.52 4.89
C LEU B 899 -49.98 45.11 4.02
N ARG B 900 -48.78 45.54 4.41
CA ARG B 900 -47.56 45.11 3.72
C ARG B 900 -46.68 44.31 4.66
N VAL B 901 -46.20 43.19 4.16
CA VAL B 901 -45.39 42.29 4.95
C VAL B 901 -44.23 41.75 4.11
N ARG B 902 -43.02 41.90 4.62
CA ARG B 902 -41.85 41.37 3.94
C ARG B 902 -41.07 40.44 4.86
N GLY B 903 -40.34 39.50 4.27
CA GLY B 903 -39.59 38.54 5.05
C GLY B 903 -38.44 37.91 4.29
N ARG B 904 -37.32 37.77 4.96
CA ARG B 904 -36.13 37.16 4.38
C ARG B 904 -35.50 36.22 5.39
N VAL B 905 -34.86 35.16 4.90
CA VAL B 905 -34.22 34.17 5.78
C VAL B 905 -32.76 34.49 5.94
N CYS B 906 -32.39 35.13 7.04
CA CYS B 906 -30.99 35.49 7.22
C CYS B 906 -30.20 34.35 7.84
N LYS B 907 -29.18 33.87 7.14
CA LYS B 907 -28.43 32.68 7.54
C LYS B 907 -27.20 32.98 8.39
N THR B 908 -26.88 32.05 9.29
CA THR B 908 -25.86 32.26 10.29
C THR B 908 -25.00 31.01 10.51
N ASN B 909 -24.01 31.11 11.38
CA ASN B 909 -23.16 29.97 11.68
C ASN B 909 -23.69 29.09 12.81
N LEU B 910 -25.01 28.94 12.90
CA LEU B 910 -25.62 28.03 13.86
C LEU B 910 -26.12 26.76 13.17
N PRO B 911 -26.35 25.69 13.94
CA PRO B 911 -26.89 24.44 13.37
C PRO B 911 -28.06 24.75 12.44
N SER B 912 -28.32 23.88 11.47
CA SER B 912 -29.33 24.16 10.47
C SER B 912 -30.75 23.92 10.97
N ASN B 913 -31.54 24.99 11.03
CA ASN B 913 -32.93 24.86 11.45
C ASN B 913 -33.85 24.28 10.38
N THR B 914 -34.96 23.71 10.81
CA THR B 914 -35.84 22.90 9.97
C THR B 914 -37.28 23.06 10.40
N ALA B 915 -38.15 22.14 9.96
CA ALA B 915 -39.58 22.29 10.21
C ALA B 915 -39.94 22.10 11.68
N PHE B 916 -41.09 22.59 12.07
CA PHE B 916 -41.61 22.36 13.41
C PHE B 916 -43.12 22.60 13.42
N ARG B 917 -43.86 21.75 14.12
CA ARG B 917 -45.31 21.87 14.22
C ARG B 917 -45.73 23.32 14.17
N GLY B 918 -46.52 23.67 13.15
CA GLY B 918 -46.94 25.04 12.94
C GLY B 918 -46.21 25.67 11.76
N PHE B 919 -44.97 25.22 11.56
CA PHE B 919 -44.17 25.60 10.41
C PHE B 919 -44.31 27.08 10.08
N GLY B 920 -43.81 27.94 10.95
CA GLY B 920 -43.74 29.36 10.65
C GLY B 920 -44.90 30.19 11.13
N PHE B 921 -46.04 29.55 11.39
CA PHE B 921 -47.26 30.27 11.78
C PHE B 921 -47.28 30.73 13.24
N PRO B 922 -46.85 29.86 14.17
CA PRO B 922 -46.81 30.30 15.56
C PRO B 922 -45.82 31.43 15.74
N GLN B 923 -44.82 31.47 14.87
CA GLN B 923 -43.79 32.50 14.93
C GLN B 923 -44.31 33.84 14.41
N GLY B 924 -44.93 33.83 13.23
CA GLY B 924 -45.38 35.04 12.57
C GLY B 924 -46.70 35.58 13.09
N ALA B 925 -47.60 34.67 13.47
CA ALA B 925 -48.89 35.06 14.01
C ALA B 925 -48.71 35.83 15.31
N PHE B 926 -47.81 35.33 16.15
CA PHE B 926 -47.49 35.93 17.43
C PHE B 926 -47.13 37.42 17.33
N VAL B 927 -46.56 37.83 16.20
CA VAL B 927 -46.21 39.24 16.02
C VAL B 927 -47.45 40.09 15.78
N THR B 928 -48.39 39.59 14.98
CA THR B 928 -49.60 40.35 14.68
C THR B 928 -50.49 40.43 15.92
N GLU B 929 -50.50 39.37 16.72
CA GLU B 929 -51.21 39.39 18.00
C GLU B 929 -50.58 40.40 18.96
N THR B 930 -49.27 40.60 18.83
CA THR B 930 -48.55 41.58 19.64
C THR B 930 -48.94 43.02 19.25
N CYS B 931 -49.61 43.15 18.11
CA CYS B 931 -50.11 44.46 17.69
C CYS B 931 -51.52 44.71 18.23
N MET B 932 -52.38 43.71 18.15
CA MET B 932 -53.75 43.83 18.65
C MET B 932 -53.80 44.19 20.13
N SER B 933 -52.88 43.66 20.91
CA SER B 933 -52.82 43.95 22.34
C SER B 933 -52.05 45.25 22.59
N ALA B 934 -51.15 45.58 21.66
CA ALA B 934 -50.42 46.84 21.74
C ALA B 934 -51.38 47.99 21.45
N VAL B 935 -52.10 47.88 20.35
CA VAL B 935 -53.11 48.86 20.00
C VAL B 935 -54.18 48.98 21.09
N ALA B 936 -54.67 47.85 21.57
CA ALA B 936 -55.65 47.84 22.65
C ALA B 936 -55.10 48.58 23.87
N ALA B 937 -53.80 48.45 24.11
CA ALA B 937 -53.15 49.15 25.23
C ALA B 937 -53.18 50.66 25.01
N LYS B 938 -52.69 51.10 23.85
CA LYS B 938 -52.62 52.52 23.56
C LYS B 938 -54.01 53.16 23.62
N CYS B 939 -55.03 52.41 23.18
CA CYS B 939 -56.40 52.90 23.23
C CYS B 939 -56.97 52.89 24.66
N ARG B 940 -56.51 51.94 25.46
CA ARG B 940 -57.08 51.67 26.78
C ARG B 940 -58.39 50.90 26.63
N LEU B 941 -58.67 50.49 25.40
CA LEU B 941 -59.74 49.56 25.09
C LEU B 941 -59.29 48.13 25.39
N PRO B 942 -60.23 47.31 25.86
CA PRO B 942 -60.21 45.86 26.14
C PRO B 942 -59.66 45.09 24.93
N PRO B 943 -58.84 44.07 25.17
CA PRO B 943 -58.26 43.27 24.09
C PRO B 943 -59.29 42.61 23.15
N GLU B 944 -60.23 41.84 23.69
CA GLU B 944 -61.18 41.13 22.82
C GLU B 944 -62.06 42.09 22.02
N LYS B 945 -62.18 43.32 22.50
CA LYS B 945 -62.91 44.35 21.77
C LYS B 945 -62.16 44.75 20.50
N VAL B 946 -60.86 45.01 20.65
CA VAL B 946 -60.00 45.36 19.52
C VAL B 946 -59.84 44.19 18.56
N ARG B 947 -60.03 42.98 19.07
CA ARG B 947 -59.84 41.79 18.25
C ARG B 947 -61.04 41.48 17.37
N GLU B 948 -62.24 41.70 17.90
CA GLU B 948 -63.44 41.41 17.10
C GLU B 948 -63.88 42.61 16.28
N LEU B 949 -63.07 43.67 16.32
CA LEU B 949 -63.25 44.80 15.42
C LEU B 949 -62.56 44.52 14.09
N ASN B 950 -61.36 43.95 14.17
CA ASN B 950 -60.54 43.69 12.98
C ASN B 950 -60.64 42.27 12.45
N MET B 951 -61.44 41.44 13.11
CA MET B 951 -61.62 40.06 12.68
C MET B 951 -62.45 40.01 11.42
N TYR B 952 -62.22 39.01 10.59
CA TYR B 952 -63.02 38.81 9.38
C TYR B 952 -64.51 38.78 9.65
N ARG B 953 -65.30 39.29 8.71
CA ARG B 953 -66.76 39.31 8.85
C ARG B 953 -67.41 38.56 7.71
N THR B 954 -67.38 39.15 6.52
CA THR B 954 -67.96 38.51 5.34
C THR B 954 -66.98 37.59 4.66
N ILE B 955 -67.40 37.02 3.54
CA ILE B 955 -66.48 36.37 2.63
C ILE B 955 -65.44 37.40 2.21
N ASP B 956 -64.17 37.04 2.35
CA ASP B 956 -63.07 37.98 2.11
C ASP B 956 -61.90 37.26 1.45
N ARG B 957 -60.74 37.89 1.43
CA ARG B 957 -59.57 37.29 0.77
C ARG B 957 -58.29 37.44 1.61
N THR B 958 -57.43 36.44 1.53
CA THR B 958 -56.15 36.49 2.24
C THR B 958 -55.20 37.44 1.52
N ILE B 959 -54.01 37.62 2.09
CA ILE B 959 -53.04 38.54 1.52
C ILE B 959 -52.44 38.00 0.21
N HIS B 960 -52.76 36.76 -0.11
CA HIS B 960 -52.37 36.20 -1.41
C HIS B 960 -53.58 35.96 -2.31
N ASN B 961 -54.68 36.63 -1.99
CA ASN B 961 -55.85 36.71 -2.86
C ASN B 961 -56.75 35.47 -2.92
N GLN B 962 -56.45 34.45 -2.13
CA GLN B 962 -57.34 33.29 -2.06
C GLN B 962 -58.57 33.70 -1.26
N GLU B 963 -59.68 33.00 -1.47
CA GLU B 963 -60.96 33.43 -0.91
C GLU B 963 -61.64 32.39 -0.02
N PRO B 966 -66.11 31.49 2.92
CA PRO B 966 -67.10 31.50 4.00
C PRO B 966 -66.34 31.52 5.32
N THR B 967 -67.04 31.49 6.46
CA THR B 967 -66.32 31.64 7.71
C THR B 967 -67.11 31.20 8.94
N ASN B 968 -66.75 30.03 9.49
CA ASN B 968 -67.23 29.63 10.81
C ASN B 968 -66.09 29.78 11.83
N LEU B 969 -65.20 30.71 11.52
CA LEU B 969 -64.19 31.21 12.44
C LEU B 969 -64.91 31.87 13.60
N LEU B 970 -65.81 32.78 13.27
CA LEU B 970 -66.61 33.48 14.27
C LEU B 970 -67.27 32.49 15.24
N GLN B 971 -67.86 31.43 14.69
CA GLN B 971 -68.50 30.41 15.52
C GLN B 971 -67.59 29.93 16.65
N CYS B 972 -66.39 29.49 16.30
CA CYS B 972 -65.42 29.04 17.30
C CYS B 972 -65.19 30.11 18.36
N TRP B 973 -65.06 31.36 17.91
CA TRP B 973 -64.87 32.49 18.81
C TRP B 973 -66.09 32.60 19.73
N GLU B 974 -67.27 32.79 19.12
CA GLU B 974 -68.50 32.88 19.88
C GLU B 974 -68.57 31.74 20.91
N ALA B 975 -68.59 30.51 20.43
CA ALA B 975 -68.67 29.33 21.30
C ALA B 975 -67.63 29.38 22.42
N CYS B 976 -66.42 29.81 22.09
CA CYS B 976 -65.36 29.93 23.09
C CYS B 976 -65.71 30.99 24.14
N VAL B 977 -66.28 32.10 23.69
CA VAL B 977 -66.71 33.18 24.58
C VAL B 977 -67.75 32.67 25.57
N GLU B 978 -68.46 31.62 25.19
CA GLU B 978 -69.48 31.04 26.04
C GLU B 978 -68.90 29.95 26.93
N ASN B 979 -68.43 28.87 26.31
CA ASN B 979 -67.96 27.70 27.05
C ASN B 979 -66.98 28.07 28.15
N SER B 980 -66.31 29.21 27.99
CA SER B 980 -65.33 29.66 28.97
C SER B 980 -65.94 30.63 29.97
N SER B 981 -67.11 31.17 29.64
CA SER B 981 -67.73 32.18 30.47
C SER B 981 -66.80 33.38 30.59
N TYR B 982 -66.12 33.68 29.49
CA TYR B 982 -65.09 34.71 29.45
C TYR B 982 -65.43 35.98 30.24
N TYR B 983 -66.60 36.55 29.98
CA TYR B 983 -66.95 37.83 30.60
C TYR B 983 -67.19 37.73 32.12
N ASN B 984 -67.78 36.63 32.56
CA ASN B 984 -67.94 36.42 33.99
C ASN B 984 -66.59 36.33 34.70
N ARG B 985 -65.70 35.50 34.16
CA ARG B 985 -64.41 35.26 34.79
C ARG B 985 -63.50 36.49 34.76
N LYS B 986 -63.49 37.19 33.63
CA LYS B 986 -62.70 38.43 33.55
C LYS B 986 -63.09 39.37 34.69
N LYS B 987 -64.36 39.30 35.10
CA LYS B 987 -64.84 40.09 36.23
C LYS B 987 -64.14 39.67 37.51
N ALA B 988 -64.14 38.38 37.78
CA ALA B 988 -63.49 37.86 38.98
C ALA B 988 -62.00 38.24 38.96
N VAL B 989 -61.40 38.17 37.77
CA VAL B 989 -60.00 38.53 37.60
C VAL B 989 -59.76 39.99 37.97
N ASP B 990 -60.60 40.87 37.42
CA ASP B 990 -60.48 42.29 37.72
C ASP B 990 -60.58 42.53 39.22
N GLU B 991 -61.58 41.93 39.84
CA GLU B 991 -61.74 42.05 41.29
C GLU B 991 -60.48 41.57 42.00
N PHE B 992 -60.03 40.36 41.66
CA PHE B 992 -58.83 39.79 42.25
C PHE B 992 -57.68 40.78 42.21
N ASN B 993 -57.50 41.45 41.08
CA ASN B 993 -56.42 42.43 40.94
C ASN B 993 -56.59 43.65 41.85
N GLN B 994 -57.83 43.90 42.28
CA GLN B 994 -58.12 45.00 43.18
C GLN B 994 -57.85 44.60 44.63
N GLN B 995 -57.97 43.30 44.89
CA GLN B 995 -57.69 42.73 46.21
C GLN B 995 -56.20 42.42 46.37
N ARG B 996 -55.56 42.04 45.27
CA ARG B 996 -54.18 41.57 45.32
C ARG B 996 -53.20 42.58 44.74
N PHE B 997 -52.03 42.65 45.34
CA PHE B 997 -50.97 43.57 44.88
C PHE B 997 -49.73 42.79 44.48
N TRP B 998 -49.20 41.99 45.41
CA TRP B 998 -47.98 41.23 45.16
C TRP B 998 -48.26 39.98 44.35
N LYS B 999 -49.48 39.89 43.85
CA LYS B 999 -49.90 38.75 43.04
C LYS B 999 -50.99 39.28 42.12
N LYS B 1000 -51.02 38.79 40.88
CA LYS B 1000 -51.99 39.29 39.91
C LYS B 1000 -52.45 38.18 38.99
N ARG B 1001 -53.66 38.33 38.45
CA ARG B 1001 -54.16 37.37 37.47
C ARG B 1001 -54.39 38.02 36.11
N GLY B 1002 -54.54 37.20 35.08
CA GLY B 1002 -54.81 37.67 33.75
C GLY B 1002 -55.56 36.63 32.94
N ILE B 1003 -56.41 37.09 32.03
CA ILE B 1003 -57.17 36.18 31.19
C ILE B 1003 -57.08 36.64 29.73
N ALA B 1004 -57.02 35.69 28.81
CA ALA B 1004 -56.87 36.05 27.40
C ALA B 1004 -57.58 35.08 26.47
N ILE B 1005 -58.20 35.62 25.42
CA ILE B 1005 -58.86 34.79 24.41
C ILE B 1005 -58.40 35.17 23.00
N ILE B 1006 -57.79 34.22 22.30
CA ILE B 1006 -57.19 34.47 21.00
C ILE B 1006 -57.90 33.68 19.87
N PRO B 1007 -58.27 34.38 18.79
CA PRO B 1007 -58.83 33.71 17.60
C PRO B 1007 -57.74 33.07 16.75
N MET B 1008 -58.12 32.25 15.78
CA MET B 1008 -57.14 31.61 14.91
C MET B 1008 -57.70 31.12 13.59
N LYS B 1009 -57.10 31.57 12.50
CA LYS B 1009 -57.38 31.00 11.19
C LYS B 1009 -56.12 30.37 10.61
N PHE B 1010 -56.00 29.06 10.81
CA PHE B 1010 -54.87 28.28 10.30
C PHE B 1010 -55.29 27.69 8.98
N SER B 1011 -54.37 27.00 8.31
CA SER B 1011 -54.66 26.33 7.05
C SER B 1011 -53.66 25.17 6.90
N VAL B 1012 -53.73 24.43 5.80
CA VAL B 1012 -52.90 23.24 5.70
C VAL B 1012 -52.43 22.93 4.28
N GLY B 1013 -51.32 22.22 4.15
CA GLY B 1013 -50.93 21.67 2.86
C GLY B 1013 -49.76 22.34 2.16
N PHE B 1014 -49.04 21.54 1.36
CA PHE B 1014 -47.88 22.04 0.63
C PHE B 1014 -48.31 23.03 -0.44
N PRO B 1015 -47.38 23.85 -0.93
CA PRO B 1015 -47.66 24.92 -1.91
C PRO B 1015 -47.52 24.53 -3.39
N LYS B 1016 -47.48 23.24 -3.71
CA LYS B 1016 -47.52 22.80 -5.10
C LYS B 1016 -48.25 21.47 -5.26
N THR B 1017 -49.08 21.38 -6.29
CA THR B 1017 -49.94 20.21 -6.53
C THR B 1017 -49.25 18.85 -6.31
N PHE B 1018 -48.09 18.65 -6.91
CA PHE B 1018 -47.45 17.33 -6.88
C PHE B 1018 -47.01 16.95 -5.47
N TYR B 1019 -46.91 17.95 -4.59
CA TYR B 1019 -46.53 17.70 -3.19
C TYR B 1019 -47.65 16.99 -2.43
N TYR B 1020 -48.82 16.89 -3.05
CA TYR B 1020 -50.00 16.34 -2.38
C TYR B 1020 -50.26 14.88 -2.72
N GLN B 1021 -49.57 14.36 -3.72
CA GLN B 1021 -49.84 13.01 -4.18
C GLN B 1021 -49.51 11.99 -3.10
N ALA B 1022 -50.07 10.80 -3.23
CA ALA B 1022 -50.00 9.78 -2.20
C ALA B 1022 -50.42 8.45 -2.81
N ALA B 1023 -49.96 7.35 -2.22
CA ALA B 1023 -50.23 6.04 -2.79
C ALA B 1023 -50.56 4.96 -1.76
N ALA B 1024 -51.04 3.82 -2.25
CA ALA B 1024 -51.32 2.68 -1.39
C ALA B 1024 -51.29 1.40 -2.20
N LEU B 1025 -51.06 0.28 -1.52
CA LEU B 1025 -51.13 -1.04 -2.11
C LEU B 1025 -51.86 -1.94 -1.14
N VAL B 1026 -53.11 -2.26 -1.47
CA VAL B 1026 -53.95 -3.06 -0.61
C VAL B 1026 -54.00 -4.49 -1.14
N GLN B 1027 -53.91 -5.45 -0.23
CA GLN B 1027 -53.76 -6.84 -0.61
C GLN B 1027 -54.84 -7.68 0.06
N ILE B 1028 -55.47 -8.56 -0.69
CA ILE B 1028 -56.49 -9.45 -0.12
C ILE B 1028 -56.13 -10.91 -0.34
N TYR B 1029 -55.81 -11.58 0.76
CA TYR B 1029 -55.47 -13.00 0.70
C TYR B 1029 -56.75 -13.84 0.68
N THR B 1030 -56.64 -15.11 0.30
CA THR B 1030 -57.82 -15.95 0.09
C THR B 1030 -58.54 -16.41 1.35
N ASP B 1031 -58.04 -16.01 2.52
CA ASP B 1031 -58.71 -16.36 3.78
C ASP B 1031 -59.57 -15.20 4.24
N GLY B 1032 -59.59 -14.12 3.45
CA GLY B 1032 -60.40 -12.96 3.74
C GLY B 1032 -59.66 -11.85 4.48
N SER B 1033 -58.38 -12.05 4.79
CA SER B 1033 -57.64 -11.03 5.52
C SER B 1033 -56.94 -10.08 4.58
N VAL B 1034 -56.88 -8.82 5.00
CA VAL B 1034 -56.45 -7.73 4.16
C VAL B 1034 -55.19 -7.14 4.75
N LEU B 1035 -54.23 -6.82 3.89
CA LEU B 1035 -53.02 -6.17 4.33
C LEU B 1035 -52.97 -4.81 3.62
N VAL B 1036 -53.03 -3.74 4.41
CA VAL B 1036 -52.90 -2.38 3.88
C VAL B 1036 -51.45 -1.90 3.95
N ALA B 1037 -51.10 -0.94 3.10
CA ALA B 1037 -49.76 -0.35 3.12
C ALA B 1037 -49.81 0.95 2.33
N HIS B 1038 -49.28 2.02 2.91
CA HIS B 1038 -49.35 3.33 2.25
C HIS B 1038 -48.09 4.16 2.44
N GLY B 1039 -48.19 5.44 2.12
CA GLY B 1039 -47.02 6.31 2.11
C GLY B 1039 -46.80 7.06 3.40
N GLY B 1040 -47.84 7.21 4.22
CA GLY B 1040 -47.70 7.91 5.49
C GLY B 1040 -46.91 7.10 6.51
N VAL B 1041 -46.53 7.75 7.61
CA VAL B 1041 -45.73 7.11 8.64
C VAL B 1041 -46.24 7.42 10.03
N GLU B 1042 -46.50 6.39 10.82
CA GLU B 1042 -47.03 6.59 12.16
C GLU B 1042 -46.00 7.26 13.07
N LEU B 1043 -46.33 8.47 13.51
CA LEU B 1043 -45.52 9.25 14.44
C LEU B 1043 -46.24 9.40 15.78
N GLY B 1044 -47.35 8.68 15.93
CA GLY B 1044 -48.17 8.81 17.13
C GLY B 1044 -49.44 9.62 16.94
N GLN B 1045 -49.62 10.19 15.75
CA GLN B 1045 -50.81 10.97 15.46
C GLN B 1045 -51.88 10.09 14.84
N GLY B 1046 -51.57 8.80 14.73
CA GLY B 1046 -52.56 7.82 14.33
C GLY B 1046 -52.95 7.76 12.86
N ILE B 1047 -51.99 7.87 11.95
CA ILE B 1047 -52.33 7.68 10.54
C ILE B 1047 -52.76 6.24 10.36
N ASN B 1048 -51.88 5.34 10.76
CA ASN B 1048 -52.10 3.93 10.57
C ASN B 1048 -53.50 3.54 11.00
N THR B 1049 -53.91 4.03 12.16
CA THR B 1049 -55.24 3.75 12.70
C THR B 1049 -56.32 4.19 11.74
N LYS B 1050 -56.17 5.41 11.21
CA LYS B 1050 -57.17 5.95 10.30
C LYS B 1050 -57.28 5.13 9.03
N MET B 1051 -56.16 4.84 8.40
CA MET B 1051 -56.18 4.09 7.15
C MET B 1051 -56.92 2.76 7.33
N ILE B 1052 -56.98 2.27 8.56
CA ILE B 1052 -57.72 1.05 8.81
C ILE B 1052 -59.21 1.35 8.86
N GLN B 1053 -59.54 2.48 9.49
CA GLN B 1053 -60.92 2.96 9.55
C GLN B 1053 -61.47 3.13 8.13
N VAL B 1054 -60.70 3.82 7.30
CA VAL B 1054 -61.03 3.96 5.89
C VAL B 1054 -61.25 2.59 5.25
N ALA B 1055 -60.21 1.77 5.26
CA ALA B 1055 -60.27 0.47 4.63
C ALA B 1055 -61.52 -0.27 5.08
N SER B 1056 -61.98 0.02 6.30
CA SER B 1056 -63.16 -0.66 6.86
C SER B 1056 -64.45 -0.18 6.22
N ARG B 1057 -64.58 1.12 6.01
CA ARG B 1057 -65.70 1.67 5.24
C ARG B 1057 -65.78 0.99 3.88
N GLU B 1058 -64.76 1.20 3.05
CA GLU B 1058 -64.86 0.87 1.63
C GLU B 1058 -64.87 -0.62 1.30
N LEU B 1059 -64.40 -1.43 2.22
CA LEU B 1059 -64.44 -2.88 2.03
C LEU B 1059 -65.61 -3.43 2.83
N LYS B 1060 -66.21 -2.56 3.63
CA LYS B 1060 -67.29 -2.96 4.54
C LYS B 1060 -67.02 -4.29 5.24
N ILE B 1061 -65.80 -4.46 5.75
CA ILE B 1061 -65.47 -5.54 6.65
C ILE B 1061 -65.02 -4.92 7.97
N PRO B 1062 -64.99 -5.71 9.05
CA PRO B 1062 -64.64 -5.13 10.34
C PRO B 1062 -63.14 -4.79 10.37
N MET B 1063 -62.77 -3.72 11.07
CA MET B 1063 -61.36 -3.36 11.20
C MET B 1063 -60.47 -4.58 11.45
N SER B 1064 -60.97 -5.53 12.24
CA SER B 1064 -60.19 -6.70 12.65
C SER B 1064 -59.75 -7.60 11.48
N TYR B 1065 -60.49 -7.53 10.37
CA TYR B 1065 -60.09 -8.30 9.19
C TYR B 1065 -58.87 -7.63 8.56
N ILE B 1066 -58.67 -6.37 8.90
CA ILE B 1066 -57.68 -5.55 8.22
C ILE B 1066 -56.47 -5.36 9.11
N HIS B 1067 -55.29 -5.39 8.49
CA HIS B 1067 -54.05 -5.23 9.22
C HIS B 1067 -53.02 -4.43 8.44
N LEU B 1068 -52.14 -3.72 9.16
CA LEU B 1068 -51.14 -2.84 8.55
C LEU B 1068 -49.76 -3.09 9.16
N ASP B 1069 -48.78 -3.42 8.32
CA ASP B 1069 -47.46 -3.80 8.80
C ASP B 1069 -46.52 -2.64 9.05
N GLU B 1070 -46.20 -1.89 7.99
CA GLU B 1070 -45.25 -0.78 8.06
C GLU B 1070 -45.32 0.05 6.79
N MET B 1071 -44.54 1.14 6.75
CA MET B 1071 -44.31 1.87 5.52
C MET B 1071 -42.96 1.45 4.93
N SER B 1072 -42.92 1.17 3.63
CA SER B 1072 -41.70 0.71 2.98
C SER B 1072 -41.64 1.13 1.52
N THR B 1073 -40.45 1.46 1.05
CA THR B 1073 -40.28 1.88 -0.35
C THR B 1073 -40.38 0.71 -1.31
N VAL B 1074 -40.59 -0.48 -0.76
CA VAL B 1074 -40.77 -1.67 -1.59
C VAL B 1074 -42.22 -1.75 -2.06
N THR B 1075 -43.13 -1.21 -1.26
CA THR B 1075 -44.55 -1.37 -1.51
C THR B 1075 -45.22 -0.11 -2.06
N VAL B 1076 -44.64 1.04 -1.75
CA VAL B 1076 -45.16 2.31 -2.25
C VAL B 1076 -43.99 3.22 -2.56
N PRO B 1077 -43.63 3.29 -3.85
CA PRO B 1077 -42.51 4.07 -4.39
C PRO B 1077 -42.82 5.55 -4.48
N ASN B 1078 -41.77 6.37 -4.46
CA ASN B 1078 -41.89 7.80 -4.70
C ASN B 1078 -42.97 8.45 -3.84
N THR B 1079 -42.78 8.41 -2.53
CA THR B 1079 -43.71 9.03 -1.59
C THR B 1079 -43.18 10.37 -1.14
N VAL B 1080 -44.02 11.12 -0.45
CA VAL B 1080 -43.65 12.44 0.04
C VAL B 1080 -43.68 12.41 1.56
N THR B 1081 -42.90 13.29 2.20
CA THR B 1081 -42.83 13.33 3.64
C THR B 1081 -44.23 13.34 4.27
N THR B 1082 -44.35 12.84 5.50
CA THR B 1082 -45.61 12.90 6.21
C THR B 1082 -45.70 14.21 6.96
N GLY B 1083 -46.16 15.26 6.27
CA GLY B 1083 -46.22 16.58 6.88
C GLY B 1083 -47.31 17.51 6.33
N ALA B 1084 -47.24 18.77 6.76
CA ALA B 1084 -48.21 19.78 6.37
C ALA B 1084 -49.63 19.43 6.80
N SER B 1085 -49.74 18.60 7.84
CA SER B 1085 -51.03 18.20 8.42
C SER B 1085 -51.99 17.52 7.43
N THR B 1086 -51.48 17.05 6.31
CA THR B 1086 -52.31 16.48 5.27
C THR B 1086 -52.15 14.97 5.19
N GLY B 1087 -51.41 14.41 6.14
CA GLY B 1087 -51.05 13.00 6.08
C GLY B 1087 -52.17 12.06 5.69
N ALA B 1088 -53.25 12.09 6.46
CA ALA B 1088 -54.37 11.16 6.27
C ALA B 1088 -55.36 11.63 5.19
N ASP B 1089 -55.35 12.92 4.87
CA ASP B 1089 -56.14 13.42 3.75
C ASP B 1089 -55.68 12.76 2.45
N VAL B 1090 -54.38 12.82 2.18
CA VAL B 1090 -53.84 12.32 0.93
C VAL B 1090 -53.80 10.80 0.89
N ASN B 1091 -53.20 10.17 1.90
CA ASN B 1091 -53.17 8.72 1.96
C ASN B 1091 -54.58 8.14 2.13
N GLY B 1092 -55.41 8.83 2.91
CA GLY B 1092 -56.79 8.42 3.06
C GLY B 1092 -57.41 8.22 1.70
N ARG B 1093 -57.07 9.10 0.77
CA ARG B 1093 -57.60 9.03 -0.59
C ARG B 1093 -56.97 7.88 -1.37
N ALA B 1094 -55.67 7.69 -1.19
CA ALA B 1094 -55.00 6.59 -1.87
C ALA B 1094 -55.63 5.27 -1.42
N VAL B 1095 -55.69 5.05 -0.12
CA VAL B 1095 -56.24 3.81 0.42
C VAL B 1095 -57.69 3.60 0.01
N GLN B 1096 -58.46 4.68 0.03
CA GLN B 1096 -59.83 4.63 -0.48
C GLN B 1096 -59.87 4.14 -1.93
N ASN B 1097 -58.95 4.65 -2.74
CA ASN B 1097 -58.88 4.30 -4.15
C ASN B 1097 -58.57 2.83 -4.38
N ALA B 1098 -57.64 2.28 -3.58
CA ALA B 1098 -57.31 0.87 -3.66
C ALA B 1098 -58.51 -0.01 -3.32
N CYS B 1099 -59.20 0.32 -2.24
CA CYS B 1099 -60.37 -0.44 -1.83
C CYS B 1099 -61.46 -0.41 -2.91
N GLN B 1100 -61.83 0.78 -3.37
CA GLN B 1100 -62.85 0.91 -4.39
C GLN B 1100 -62.55 0.04 -5.60
N ILE B 1101 -61.40 0.27 -6.22
CA ILE B 1101 -60.96 -0.54 -7.35
C ILE B 1101 -61.19 -2.03 -7.13
N LEU B 1102 -60.94 -2.51 -5.91
CA LEU B 1102 -61.05 -3.93 -5.59
C LEU B 1102 -62.52 -4.35 -5.52
N MET B 1103 -63.28 -3.60 -4.73
CA MET B 1103 -64.70 -3.87 -4.59
C MET B 1103 -65.37 -4.01 -5.94
N LYS B 1104 -65.13 -3.03 -6.82
CA LYS B 1104 -65.69 -3.04 -8.17
C LYS B 1104 -65.34 -4.35 -8.90
N ARG B 1105 -64.25 -4.98 -8.50
CA ARG B 1105 -63.81 -6.22 -9.13
C ARG B 1105 -64.58 -7.41 -8.58
N LEU B 1106 -65.08 -7.26 -7.36
CA LEU B 1106 -65.89 -8.30 -6.74
C LEU B 1106 -67.37 -8.10 -7.03
N GLU B 1107 -67.67 -7.10 -7.86
CA GLU B 1107 -69.06 -6.80 -8.21
C GLU B 1107 -69.84 -8.03 -8.67
N PRO B 1108 -69.37 -8.70 -9.73
CA PRO B 1108 -70.08 -9.90 -10.20
C PRO B 1108 -70.11 -11.00 -9.14
N ILE B 1109 -69.10 -11.03 -8.27
CA ILE B 1109 -69.04 -12.06 -7.24
C ILE B 1109 -70.09 -11.85 -6.15
N ILE B 1110 -70.42 -10.60 -5.84
CA ILE B 1110 -71.47 -10.33 -4.87
C ILE B 1110 -72.87 -10.29 -5.49
N LYS B 1111 -72.99 -10.72 -6.75
CA LYS B 1111 -74.30 -10.82 -7.38
C LYS B 1111 -74.75 -12.27 -7.48
N GLN B 1112 -73.85 -13.15 -7.93
CA GLN B 1112 -74.15 -14.58 -8.00
C GLN B 1112 -74.39 -15.20 -6.61
N ASN B 1113 -73.95 -14.50 -5.57
CA ASN B 1113 -74.15 -14.93 -4.19
C ASN B 1113 -74.30 -13.72 -3.28
N PRO B 1114 -75.34 -12.90 -3.53
CA PRO B 1114 -75.45 -11.57 -2.93
C PRO B 1114 -75.52 -11.61 -1.41
N SER B 1115 -75.87 -12.77 -0.86
CA SER B 1115 -76.04 -12.90 0.59
C SER B 1115 -74.96 -13.75 1.25
N GLY B 1116 -73.86 -13.98 0.53
CA GLY B 1116 -72.77 -14.80 1.04
C GLY B 1116 -71.89 -14.10 2.04
N THR B 1117 -70.77 -14.72 2.38
CA THR B 1117 -69.84 -14.11 3.32
C THR B 1117 -68.58 -13.62 2.61
N TRP B 1118 -68.06 -12.51 3.11
CA TRP B 1118 -66.81 -11.95 2.61
C TRP B 1118 -65.78 -13.04 2.32
N GLU B 1119 -65.75 -14.07 3.15
CA GLU B 1119 -64.81 -15.17 2.96
C GLU B 1119 -65.10 -15.98 1.71
N GLU B 1120 -66.37 -16.29 1.46
CA GLU B 1120 -66.74 -17.09 0.30
C GLU B 1120 -66.49 -16.30 -0.98
N TRP B 1121 -66.76 -15.01 -0.94
CA TRP B 1121 -66.52 -14.11 -2.07
C TRP B 1121 -65.08 -14.18 -2.55
N VAL B 1122 -64.13 -13.95 -1.66
CA VAL B 1122 -62.72 -13.91 -2.07
C VAL B 1122 -62.24 -15.26 -2.63
N LYS B 1123 -62.61 -16.36 -2.00
CA LYS B 1123 -62.19 -17.67 -2.48
C LYS B 1123 -62.65 -17.88 -3.91
N GLU B 1124 -63.86 -17.38 -4.22
CA GLU B 1124 -64.44 -17.52 -5.55
C GLU B 1124 -63.81 -16.54 -6.54
N ALA B 1125 -63.48 -15.35 -6.05
CA ALA B 1125 -62.72 -14.40 -6.85
C ALA B 1125 -61.48 -15.11 -7.40
N PHE B 1126 -60.69 -15.68 -6.49
CA PHE B 1126 -59.47 -16.38 -6.88
C PHE B 1126 -59.71 -17.50 -7.89
N VAL B 1127 -60.71 -18.34 -7.60
CA VAL B 1127 -61.02 -19.48 -8.46
C VAL B 1127 -61.48 -19.02 -9.83
N GLN B 1128 -62.04 -17.81 -9.89
CA GLN B 1128 -62.50 -17.25 -11.16
C GLN B 1128 -61.52 -16.25 -11.80
N SER B 1129 -60.26 -16.32 -11.37
CA SER B 1129 -59.18 -15.49 -11.92
C SER B 1129 -59.40 -13.99 -11.80
N ILE B 1130 -59.99 -13.55 -10.70
CA ILE B 1130 -60.07 -12.11 -10.44
C ILE B 1130 -58.94 -11.66 -9.53
N SER B 1131 -58.16 -10.69 -9.98
CA SER B 1131 -57.00 -10.22 -9.22
C SER B 1131 -57.39 -9.57 -7.91
N LEU B 1132 -56.71 -9.98 -6.85
CA LEU B 1132 -56.94 -9.44 -5.51
C LEU B 1132 -55.76 -8.60 -5.04
N SER B 1133 -54.93 -8.18 -5.98
CA SER B 1133 -53.82 -7.25 -5.74
C SER B 1133 -54.10 -5.92 -6.46
N ALA B 1134 -54.27 -4.84 -5.71
CA ALA B 1134 -54.61 -3.55 -6.32
C ALA B 1134 -53.91 -2.38 -5.65
N THR B 1135 -53.55 -1.37 -6.43
CA THR B 1135 -52.86 -0.20 -5.89
C THR B 1135 -53.70 1.06 -6.06
N GLY B 1136 -53.61 1.96 -5.09
CA GLY B 1136 -54.35 3.20 -5.15
C GLY B 1136 -53.45 4.41 -5.36
N TYR B 1137 -54.05 5.55 -5.68
CA TYR B 1137 -53.29 6.76 -5.98
C TYR B 1137 -54.13 8.04 -5.90
N PHE B 1138 -53.51 9.12 -5.44
CA PHE B 1138 -54.18 10.41 -5.32
C PHE B 1138 -53.28 11.45 -5.95
N ARG B 1139 -53.76 12.04 -7.05
CA ARG B 1139 -52.98 13.03 -7.79
C ARG B 1139 -52.66 14.24 -6.94
N GLY B 1140 -53.46 14.47 -5.90
CA GLY B 1140 -53.25 15.59 -5.00
C GLY B 1140 -54.24 16.73 -5.20
N TYR B 1141 -54.27 17.65 -4.25
CA TYR B 1141 -55.13 18.83 -4.33
C TYR B 1141 -54.44 19.87 -5.18
N GLN B 1142 -55.21 20.53 -6.05
CA GLN B 1142 -54.66 21.61 -6.86
C GLN B 1142 -54.22 22.76 -5.97
N ALA B 1143 -52.93 23.11 -6.06
CA ALA B 1143 -52.38 24.23 -5.31
C ALA B 1143 -51.24 24.87 -6.09
N ASP B 1144 -51.20 26.19 -6.10
CA ASP B 1144 -50.18 26.92 -6.85
C ASP B 1144 -50.00 28.32 -6.28
N MET B 1145 -48.78 28.84 -6.37
CA MET B 1145 -48.47 30.17 -5.83
C MET B 1145 -47.48 30.88 -6.76
N ASP B 1146 -47.68 32.16 -6.97
CA ASP B 1146 -46.80 32.96 -7.84
C ASP B 1146 -46.27 34.18 -7.09
N TRP B 1147 -45.09 34.04 -6.51
CA TRP B 1147 -44.57 35.04 -5.59
C TRP B 1147 -44.31 36.41 -6.22
N GLU B 1148 -44.16 36.43 -7.55
CA GLU B 1148 -43.91 37.69 -8.24
C GLU B 1148 -45.18 38.53 -8.34
N LYS B 1149 -46.31 37.89 -8.62
CA LYS B 1149 -47.60 38.57 -8.62
C LYS B 1149 -48.14 38.63 -7.21
N GLY B 1150 -47.52 37.84 -6.34
CA GLY B 1150 -47.83 37.84 -4.92
C GLY B 1150 -49.19 37.24 -4.60
N GLU B 1151 -49.70 36.41 -5.50
CA GLU B 1151 -51.04 35.86 -5.32
C GLU B 1151 -51.18 34.42 -5.84
N GLY B 1152 -51.99 33.62 -5.14
CA GLY B 1152 -52.27 32.26 -5.56
C GLY B 1152 -53.15 31.51 -4.58
N ASP B 1153 -53.64 30.36 -5.01
CA ASP B 1153 -54.43 29.48 -4.15
C ASP B 1153 -53.59 28.26 -3.75
N ILE B 1154 -53.15 28.24 -2.49
CA ILE B 1154 -52.28 27.19 -1.99
C ILE B 1154 -53.04 26.12 -1.20
N PHE B 1155 -53.68 26.55 -0.11
CA PHE B 1155 -54.31 25.63 0.82
C PHE B 1155 -55.71 25.23 0.38
N PRO B 1156 -56.02 23.93 0.47
CA PRO B 1156 -57.34 23.38 0.09
C PRO B 1156 -58.47 23.87 0.99
N TYR B 1157 -58.19 24.05 2.28
CA TYR B 1157 -59.19 24.56 3.20
C TYR B 1157 -58.54 25.26 4.37
N PHE B 1158 -59.35 25.67 5.35
CA PHE B 1158 -58.82 26.33 6.53
C PHE B 1158 -59.30 25.68 7.82
N VAL B 1159 -58.50 25.81 8.86
CA VAL B 1159 -58.87 25.33 10.17
C VAL B 1159 -59.11 26.52 11.07
N PHE B 1160 -60.30 26.58 11.65
CA PHE B 1160 -60.67 27.69 12.51
C PHE B 1160 -60.76 27.25 13.96
N GLY B 1161 -60.29 28.09 14.86
CA GLY B 1161 -60.30 27.76 16.27
C GLY B 1161 -60.11 28.97 17.15
N ALA B 1162 -59.93 28.73 18.44
CA ALA B 1162 -59.72 29.81 19.39
C ALA B 1162 -59.58 29.24 20.79
N ALA B 1163 -58.91 29.98 21.66
CA ALA B 1163 -58.63 29.50 22.99
C ALA B 1163 -58.69 30.64 24.00
N CYS B 1164 -59.20 30.33 25.19
CA CYS B 1164 -59.20 31.29 26.28
C CYS B 1164 -58.46 30.69 27.47
N SER B 1165 -57.33 31.29 27.83
CA SER B 1165 -56.54 30.79 28.95
C SER B 1165 -56.47 31.81 30.08
N GLU B 1166 -56.12 31.33 31.27
CA GLU B 1166 -56.09 32.17 32.47
C GLU B 1166 -54.98 31.76 33.40
N VAL B 1167 -54.25 32.73 33.93
CA VAL B 1167 -53.11 32.45 34.79
C VAL B 1167 -53.03 33.38 36.01
N GLU B 1168 -52.21 32.97 36.97
CA GLU B 1168 -51.89 33.77 38.15
C GLU B 1168 -50.37 33.87 38.37
N ILE B 1169 -49.81 35.06 38.15
CA ILE B 1169 -48.36 35.26 38.27
C ILE B 1169 -47.93 35.71 39.67
N ASP B 1170 -46.78 35.22 40.13
CA ASP B 1170 -46.23 35.63 41.43
C ASP B 1170 -45.26 36.78 41.27
N CYS B 1171 -45.76 38.00 41.43
CA CYS B 1171 -44.98 39.20 41.15
C CYS B 1171 -43.59 39.22 41.79
N LEU B 1172 -43.43 38.46 42.87
CA LEU B 1172 -42.16 38.47 43.59
C LEU B 1172 -41.10 37.54 43.00
N THR B 1173 -41.51 36.41 42.45
CA THR B 1173 -40.53 35.47 41.89
C THR B 1173 -40.60 35.43 40.36
N GLY B 1174 -41.74 35.81 39.81
CA GLY B 1174 -41.94 35.78 38.38
C GLY B 1174 -42.66 34.53 37.93
N ALA B 1175 -42.67 33.50 38.77
CA ALA B 1175 -43.38 32.28 38.45
C ALA B 1175 -44.89 32.51 38.30
N HIS B 1176 -45.58 31.51 37.77
CA HIS B 1176 -47.00 31.60 37.48
C HIS B 1176 -47.58 30.20 37.33
N LYS B 1177 -48.87 30.03 37.63
CA LYS B 1177 -49.56 28.77 37.35
C LYS B 1177 -50.73 28.94 36.35
N ASN B 1178 -50.89 27.97 35.45
CA ASN B 1178 -51.95 27.99 34.46
C ASN B 1178 -53.23 27.41 35.05
N ILE B 1179 -54.26 28.24 35.21
CA ILE B 1179 -55.45 27.82 35.98
C ILE B 1179 -56.52 27.09 35.17
N ARG B 1180 -57.00 27.72 34.10
CA ARG B 1180 -57.97 27.10 33.22
C ARG B 1180 -57.63 27.41 31.77
N THR B 1181 -58.07 26.55 30.87
CA THR B 1181 -57.91 26.77 29.44
C THR B 1181 -59.03 26.09 28.68
N ASP B 1182 -59.65 26.84 27.77
CA ASP B 1182 -60.72 26.31 26.95
C ASP B 1182 -60.33 26.40 25.48
N ILE B 1183 -60.70 25.40 24.70
CA ILE B 1183 -60.37 25.38 23.28
C ILE B 1183 -61.54 24.91 22.44
N VAL B 1184 -61.95 25.74 21.48
CA VAL B 1184 -62.90 25.31 20.46
C VAL B 1184 -62.14 25.27 19.14
N MET B 1185 -62.34 24.21 18.36
CA MET B 1185 -61.64 24.09 17.09
C MET B 1185 -62.52 23.38 16.06
N ASP B 1186 -62.60 23.97 14.88
CA ASP B 1186 -63.38 23.38 13.80
C ASP B 1186 -62.68 22.14 13.27
N GLY B 1187 -63.22 20.98 13.60
CA GLY B 1187 -62.67 19.73 13.12
C GLY B 1187 -63.52 19.19 11.99
N SER B 1188 -64.80 19.54 12.01
CA SER B 1188 -65.70 19.22 10.92
C SER B 1188 -65.68 17.73 10.57
N PHE B 1189 -66.54 16.96 11.21
CA PHE B 1189 -66.61 15.53 10.97
C PHE B 1189 -65.23 14.90 11.09
N SER B 1190 -64.67 14.94 12.29
CA SER B 1190 -63.41 14.27 12.57
C SER B 1190 -63.51 12.80 12.18
N ILE B 1191 -62.40 12.22 11.72
CA ILE B 1191 -62.42 10.81 11.37
C ILE B 1191 -62.19 9.96 12.61
N ASN B 1192 -61.67 10.60 13.66
CA ASN B 1192 -61.42 9.88 14.91
C ASN B 1192 -61.32 10.83 16.10
N PRO B 1193 -62.49 11.25 16.62
CA PRO B 1193 -62.62 12.25 17.69
C PRO B 1193 -61.55 12.11 18.75
N ALA B 1194 -61.19 10.88 19.09
CA ALA B 1194 -60.23 10.65 20.15
C ALA B 1194 -58.81 11.00 19.70
N VAL B 1195 -58.52 10.70 18.44
CA VAL B 1195 -57.23 11.02 17.87
C VAL B 1195 -57.05 12.53 17.74
N ASP B 1196 -57.96 13.17 17.03
CA ASP B 1196 -57.90 14.61 16.83
C ASP B 1196 -57.83 15.37 18.16
N ILE B 1197 -58.79 15.17 19.05
CA ILE B 1197 -58.75 15.81 20.37
C ILE B 1197 -57.37 15.70 21.01
N GLY B 1198 -56.73 14.55 20.85
CA GLY B 1198 -55.40 14.35 21.38
C GLY B 1198 -54.41 15.31 20.73
N GLN B 1199 -54.49 15.40 19.40
CA GLN B 1199 -53.64 16.31 18.63
C GLN B 1199 -53.71 17.73 19.18
N ILE B 1200 -54.93 18.23 19.31
CA ILE B 1200 -55.15 19.57 19.82
C ILE B 1200 -54.57 19.74 21.23
N GLU B 1201 -54.92 18.83 22.14
CA GLU B 1201 -54.43 18.91 23.50
C GLU B 1201 -52.91 19.00 23.51
N GLY B 1202 -52.29 18.07 22.81
CA GLY B 1202 -50.85 18.03 22.72
C GLY B 1202 -50.26 19.27 22.08
N ALA B 1203 -50.46 19.42 20.78
CA ALA B 1203 -49.98 20.60 20.06
C ALA B 1203 -50.18 21.90 20.85
N PHE B 1204 -51.20 21.95 21.70
CA PHE B 1204 -51.43 23.14 22.50
C PHE B 1204 -50.29 23.33 23.48
N VAL B 1205 -49.83 22.22 24.06
CA VAL B 1205 -48.79 22.27 25.08
C VAL B 1205 -47.42 22.59 24.51
N GLN B 1206 -47.12 22.01 23.34
CA GLN B 1206 -45.92 22.43 22.64
C GLN B 1206 -45.99 23.95 22.43
N GLY B 1207 -47.14 24.43 21.96
CA GLY B 1207 -47.33 25.86 21.82
C GLY B 1207 -47.04 26.57 23.13
N LEU B 1208 -47.66 26.11 24.21
CA LEU B 1208 -47.45 26.67 25.54
C LEU B 1208 -45.98 26.78 25.93
N GLY B 1209 -45.23 25.70 25.71
CA GLY B 1209 -43.82 25.67 26.06
C GLY B 1209 -42.98 26.66 25.27
N LEU B 1210 -43.35 26.85 24.00
CA LEU B 1210 -42.66 27.78 23.13
C LEU B 1210 -42.75 29.21 23.64
N TYR B 1211 -43.89 29.57 24.21
CA TYR B 1211 -44.14 30.94 24.62
C TYR B 1211 -43.91 31.24 26.11
N THR B 1212 -43.70 30.22 26.93
CA THR B 1212 -43.64 30.41 28.38
C THR B 1212 -42.51 29.68 29.14
N LEU B 1213 -42.09 28.51 28.65
CA LEU B 1213 -41.17 27.67 29.41
C LEU B 1213 -39.87 27.31 28.68
N GLU B 1214 -40.00 26.88 27.43
CA GLU B 1214 -38.87 26.34 26.68
C GLU B 1214 -37.87 27.42 26.24
N GLU B 1215 -36.61 27.23 26.61
CA GLU B 1215 -35.54 28.17 26.29
C GLU B 1215 -34.33 27.47 25.67
N LEU B 1216 -33.81 28.06 24.60
CA LEU B 1216 -32.50 27.69 24.11
C LEU B 1216 -31.58 28.89 24.27
N LYS B 1217 -30.35 28.66 24.71
CA LYS B 1217 -29.41 29.75 24.93
C LYS B 1217 -28.05 29.43 24.34
N TYR B 1218 -27.42 30.45 23.77
CA TYR B 1218 -26.13 30.32 23.09
C TYR B 1218 -25.14 31.34 23.64
N SER B 1219 -23.85 31.01 23.55
CA SER B 1219 -22.81 31.94 23.96
C SER B 1219 -22.53 32.86 22.79
N PRO B 1220 -21.86 34.00 23.04
CA PRO B 1220 -21.58 34.95 21.96
C PRO B 1220 -21.13 34.28 20.65
N GLU B 1221 -20.30 33.25 20.72
CA GLU B 1221 -19.82 32.60 19.50
C GLU B 1221 -20.71 31.46 19.01
N GLY B 1222 -21.93 31.40 19.52
CA GLY B 1222 -22.94 30.49 18.99
C GLY B 1222 -22.78 29.01 19.32
N VAL B 1223 -22.33 28.71 20.55
CA VAL B 1223 -22.31 27.33 21.03
C VAL B 1223 -23.52 27.09 21.92
N LEU B 1224 -24.15 25.93 21.78
CA LEU B 1224 -25.42 25.65 22.45
C LEU B 1224 -25.21 25.29 23.93
N TYR B 1225 -25.69 26.15 24.81
CA TYR B 1225 -25.52 25.93 26.24
C TYR B 1225 -26.42 24.83 26.77
N THR B 1226 -27.71 24.92 26.45
CA THR B 1226 -28.70 24.01 27.01
C THR B 1226 -28.81 22.70 26.23
N ARG B 1227 -27.96 21.73 26.58
CA ARG B 1227 -27.98 20.44 25.91
C ARG B 1227 -28.53 19.33 26.80
N GLY B 1228 -29.85 19.15 26.77
CA GLY B 1228 -30.51 18.07 27.49
C GLY B 1228 -31.72 18.47 28.32
N PRO B 1229 -32.40 17.47 28.91
CA PRO B 1229 -33.59 17.65 29.77
C PRO B 1229 -33.28 18.40 31.08
N HIS B 1230 -32.12 18.12 31.67
CA HIS B 1230 -31.69 18.81 32.90
C HIS B 1230 -31.67 20.33 32.72
N GLN B 1231 -31.41 20.80 31.51
CA GLN B 1231 -31.36 22.23 31.26
C GLN B 1231 -32.48 22.69 30.33
N TYR B 1232 -32.91 21.81 29.44
CA TYR B 1232 -34.04 22.14 28.57
C TYR B 1232 -35.34 21.64 29.18
N LYS B 1233 -36.21 22.58 29.55
CA LYS B 1233 -37.44 22.26 30.26
C LYS B 1233 -38.68 22.23 29.36
N ILE B 1234 -39.18 21.03 29.08
CA ILE B 1234 -40.49 20.88 28.46
C ILE B 1234 -41.56 20.81 29.54
N ALA B 1235 -42.81 21.07 29.16
CA ALA B 1235 -43.91 21.02 30.10
C ALA B 1235 -44.03 19.66 30.77
N SER B 1236 -44.20 19.66 32.09
CA SER B 1236 -44.49 18.44 32.82
C SER B 1236 -45.94 18.45 33.26
N VAL B 1237 -46.34 17.42 34.02
CA VAL B 1237 -47.73 17.26 34.43
C VAL B 1237 -48.26 18.46 35.20
N THR B 1238 -47.39 19.17 35.92
CA THR B 1238 -47.83 20.27 36.77
C THR B 1238 -47.79 21.63 36.09
N ASP B 1239 -47.46 21.64 34.80
CA ASP B 1239 -47.35 22.90 34.07
C ASP B 1239 -48.61 23.21 33.27
N ILE B 1240 -49.22 22.16 32.74
CA ILE B 1240 -50.40 22.33 31.92
C ILE B 1240 -51.58 22.77 32.77
N PRO B 1241 -52.49 23.57 32.19
CA PRO B 1241 -53.62 24.14 32.92
C PRO B 1241 -54.43 23.03 33.59
N GLU B 1242 -54.60 23.11 34.90
CA GLU B 1242 -55.23 22.01 35.65
C GLU B 1242 -56.69 21.82 35.27
N GLU B 1243 -57.26 22.80 34.60
CA GLU B 1243 -58.61 22.65 34.06
C GLU B 1243 -58.56 22.83 32.56
N PHE B 1244 -58.47 21.73 31.82
CA PHE B 1244 -58.27 21.79 30.37
C PHE B 1244 -59.42 21.20 29.56
N HIS B 1245 -60.20 22.07 28.92
CA HIS B 1245 -61.35 21.64 28.11
C HIS B 1245 -61.10 21.83 26.61
N VAL B 1246 -61.47 20.83 25.82
CA VAL B 1246 -61.38 20.90 24.37
C VAL B 1246 -62.70 20.47 23.74
N SER B 1247 -63.15 21.18 22.71
CA SER B 1247 -64.38 20.79 22.02
C SER B 1247 -64.39 21.15 20.54
N LEU B 1248 -64.80 20.19 19.71
CA LEU B 1248 -64.93 20.43 18.26
C LEU B 1248 -66.27 21.09 17.93
N LEU B 1249 -66.24 22.14 17.11
CA LEU B 1249 -67.47 22.79 16.64
C LEU B 1249 -68.39 21.76 16.00
N THR B 1250 -69.70 22.01 16.05
CA THR B 1250 -70.65 21.11 15.42
C THR B 1250 -70.17 20.77 14.01
N PRO B 1251 -70.25 19.49 13.62
CA PRO B 1251 -69.77 19.12 12.29
C PRO B 1251 -70.40 19.94 11.16
N THR B 1252 -69.61 20.19 10.12
CA THR B 1252 -69.98 21.07 9.02
C THR B 1252 -69.29 20.61 7.74
N PRO B 1253 -69.98 20.72 6.60
CA PRO B 1253 -69.43 20.28 5.31
C PRO B 1253 -68.03 20.84 4.99
N ASN B 1254 -67.17 19.94 4.50
CA ASN B 1254 -65.84 20.27 4.00
C ASN B 1254 -65.57 19.26 2.89
N PRO B 1255 -66.42 19.23 1.87
CA PRO B 1255 -66.49 18.15 0.88
C PRO B 1255 -65.17 17.87 0.19
N LYS B 1256 -64.25 18.82 0.22
CA LYS B 1256 -62.98 18.68 -0.46
C LYS B 1256 -62.21 17.47 0.06
N ALA B 1257 -62.03 17.44 1.37
CA ALA B 1257 -61.27 16.37 2.02
C ALA B 1257 -62.13 15.12 2.19
N ILE B 1258 -61.47 13.97 2.29
CA ILE B 1258 -62.19 12.70 2.41
C ILE B 1258 -63.13 12.70 3.61
N TYR B 1259 -64.39 12.36 3.34
CA TYR B 1259 -65.39 12.24 4.40
C TYR B 1259 -65.61 13.56 5.15
N SER B 1260 -65.36 14.67 4.46
CA SER B 1260 -65.50 15.99 5.09
C SER B 1260 -64.71 16.09 6.40
N SER B 1261 -63.49 15.55 6.40
CA SER B 1261 -62.61 15.68 7.55
C SER B 1261 -61.70 16.90 7.38
N LYS B 1262 -60.87 17.15 8.39
CA LYS B 1262 -60.00 18.32 8.41
C LYS B 1262 -58.75 18.08 9.27
N GLY B 1263 -57.57 18.11 8.66
CA GLY B 1263 -56.31 17.82 9.36
C GLY B 1263 -55.99 18.79 10.50
N LEU B 1264 -55.94 18.26 11.71
CA LEU B 1264 -55.76 19.09 12.91
C LEU B 1264 -54.39 18.92 13.55
N GLY B 1265 -53.44 18.38 12.77
CA GLY B 1265 -52.12 18.06 13.29
C GLY B 1265 -51.36 19.21 13.93
N GLU B 1266 -51.23 20.31 13.21
CA GLU B 1266 -50.46 21.45 13.71
C GLU B 1266 -51.36 22.48 14.39
N ALA B 1267 -52.66 22.34 14.18
CA ALA B 1267 -53.61 23.38 14.59
C ALA B 1267 -53.37 23.96 15.98
N GLY B 1268 -53.48 23.12 17.01
CA GLY B 1268 -53.45 23.60 18.38
C GLY B 1268 -52.29 24.51 18.77
N THR B 1269 -51.15 24.37 18.09
CA THR B 1269 -49.92 25.02 18.52
C THR B 1269 -50.06 26.52 18.80
N PHE B 1270 -50.49 27.28 17.80
CA PHE B 1270 -50.59 28.74 17.97
C PHE B 1270 -51.44 29.14 19.15
N LEU B 1271 -52.44 28.33 19.48
CA LEU B 1271 -53.40 28.68 20.53
C LEU B 1271 -52.80 28.70 21.93
N GLY B 1272 -51.52 28.33 22.02
CA GLY B 1272 -50.82 28.40 23.29
C GLY B 1272 -50.58 29.82 23.75
N CYS B 1273 -50.41 30.74 22.81
CA CYS B 1273 -50.09 32.12 23.15
C CYS B 1273 -51.23 32.79 23.92
N SER B 1274 -52.31 32.06 24.12
CA SER B 1274 -53.37 32.53 25.00
C SER B 1274 -52.83 32.59 26.43
N VAL B 1275 -51.98 31.62 26.79
CA VAL B 1275 -51.31 31.64 28.09
C VAL B 1275 -50.28 32.77 28.14
N PHE B 1276 -49.68 33.07 26.99
CA PHE B 1276 -48.74 34.17 26.88
C PHE B 1276 -49.45 35.49 27.16
N PHE B 1277 -50.51 35.76 26.40
CA PHE B 1277 -51.27 36.99 26.55
C PHE B 1277 -52.12 36.97 27.81
N ALA B 1278 -52.31 35.80 28.38
CA ALA B 1278 -52.93 35.70 29.69
C ALA B 1278 -51.96 36.28 30.70
N ILE B 1279 -50.69 35.92 30.54
CA ILE B 1279 -49.63 36.42 31.40
C ILE B 1279 -49.41 37.90 31.16
N ALA B 1280 -49.37 38.30 29.90
CA ALA B 1280 -49.10 39.68 29.52
C ALA B 1280 -50.04 40.68 30.20
N ALA B 1281 -51.29 40.29 30.41
CA ALA B 1281 -52.29 41.18 31.01
C ALA B 1281 -52.13 41.26 32.52
N ALA B 1282 -51.63 40.18 33.11
CA ALA B 1282 -51.28 40.18 34.53
C ALA B 1282 -50.22 41.24 34.79
N VAL B 1283 -49.12 41.13 34.06
CA VAL B 1283 -48.03 42.10 34.14
C VAL B 1283 -48.54 43.53 34.05
N ALA B 1284 -49.32 43.83 33.02
CA ALA B 1284 -49.89 45.16 32.85
C ALA B 1284 -50.58 45.59 34.13
N ALA B 1285 -51.56 44.81 34.56
CA ALA B 1285 -52.32 45.08 35.78
C ALA B 1285 -51.40 45.28 36.98
N ALA B 1286 -50.25 44.63 36.97
CA ALA B 1286 -49.24 44.87 37.99
C ALA B 1286 -48.68 46.28 37.80
N ARG B 1287 -48.12 46.52 36.62
CA ARG B 1287 -47.47 47.80 36.34
C ARG B 1287 -48.43 48.97 36.47
N GLU B 1288 -49.68 48.75 36.08
CA GLU B 1288 -50.70 49.80 36.13
C GLU B 1288 -50.86 50.37 37.54
N GLU B 1289 -51.23 49.51 38.49
CA GLU B 1289 -51.40 49.94 39.87
C GLU B 1289 -50.14 50.65 40.37
N ARG B 1290 -49.01 50.35 39.73
CA ARG B 1290 -47.74 50.94 40.10
C ARG B 1290 -47.31 52.00 39.09
N PRO B 1294 -47.70 52.26 30.21
CA PRO B 1294 -46.37 51.70 29.91
C PRO B 1294 -46.43 50.79 28.69
N ILE B 1295 -46.66 51.39 27.52
CA ILE B 1295 -46.78 50.62 26.27
C ILE B 1295 -45.60 49.66 26.12
N TRP B 1296 -45.86 48.50 25.53
CA TRP B 1296 -44.91 47.41 25.62
C TRP B 1296 -45.08 46.43 24.45
N ALA B 1297 -44.18 45.46 24.40
CA ALA B 1297 -44.24 44.36 23.45
C ALA B 1297 -43.34 43.27 24.00
N ILE B 1298 -43.95 42.23 24.57
CA ILE B 1298 -43.22 41.19 25.26
C ILE B 1298 -42.57 40.21 24.29
N ASN B 1299 -41.37 39.75 24.62
CA ASN B 1299 -40.65 38.80 23.77
C ASN B 1299 -41.13 37.37 23.98
N SER B 1300 -41.07 36.55 22.94
CA SER B 1300 -41.76 35.26 22.91
C SER B 1300 -41.63 34.43 24.18
N PRO B 1301 -40.43 33.89 24.44
CA PRO B 1301 -40.40 33.17 25.72
C PRO B 1301 -40.63 34.17 26.85
N ALA B 1302 -41.82 34.14 27.46
CA ALA B 1302 -42.10 34.99 28.61
C ALA B 1302 -41.90 34.15 29.85
N THR B 1303 -40.66 34.13 30.34
CA THR B 1303 -40.26 33.19 31.39
C THR B 1303 -40.28 33.86 32.76
N ALA B 1304 -39.91 33.10 33.78
CA ALA B 1304 -39.89 33.62 35.15
C ALA B 1304 -39.07 34.90 35.20
N GLU B 1305 -37.92 34.88 34.55
CA GLU B 1305 -37.06 36.04 34.46
C GLU B 1305 -37.85 37.25 33.95
N VAL B 1306 -38.21 37.20 32.67
CA VAL B 1306 -38.88 38.31 31.99
C VAL B 1306 -40.01 38.91 32.82
N ILE B 1307 -40.86 38.06 33.38
CA ILE B 1307 -42.00 38.52 34.18
C ILE B 1307 -41.54 39.26 35.43
N ARG B 1308 -40.77 38.58 36.28
CA ARG B 1308 -40.31 39.18 37.53
C ARG B 1308 -39.82 40.60 37.29
N MET B 1309 -38.95 40.74 36.29
CA MET B 1309 -38.44 42.04 35.93
C MET B 1309 -39.58 42.96 35.50
N ALA B 1310 -40.49 42.46 34.66
CA ALA B 1310 -41.61 43.28 34.20
C ALA B 1310 -42.32 43.95 35.37
N CYS B 1311 -42.46 43.21 36.48
CA CYS B 1311 -43.08 43.75 37.69
C CYS B 1311 -42.00 44.35 38.61
N GLU B 1312 -41.73 45.65 38.44
CA GLU B 1312 -40.68 46.29 39.22
C GLU B 1312 -41.20 46.85 40.54
N ASP B 1313 -40.39 46.72 41.58
CA ASP B 1313 -40.78 47.14 42.92
C ASP B 1313 -39.59 47.67 43.72
N GLN B 1314 -39.80 47.90 45.01
CA GLN B 1314 -38.75 48.43 45.88
C GLN B 1314 -37.43 47.67 45.73
N PHE B 1315 -37.52 46.38 45.39
CA PHE B 1315 -36.35 45.51 45.34
C PHE B 1315 -35.61 45.54 44.00
N THR B 1316 -36.37 45.52 42.90
CA THR B 1316 -35.78 45.58 41.58
C THR B 1316 -35.05 46.91 41.37
N ASN B 1317 -35.33 47.87 42.25
CA ASN B 1317 -34.55 49.10 42.29
C ASN B 1317 -33.43 48.98 43.32
N PRO B 1329 -21.06 39.08 27.89
CA PRO B 1329 -22.15 38.42 28.61
C PRO B 1329 -22.18 36.93 28.34
N TRP B 1330 -22.89 36.17 29.18
CA TRP B 1330 -22.93 34.72 29.08
C TRP B 1330 -23.75 34.26 27.88
N SER B 1331 -24.96 34.81 27.77
CA SER B 1331 -25.89 34.42 26.73
C SER B 1331 -26.24 35.58 25.79
N ILE B 1332 -26.27 35.31 24.49
CA ILE B 1332 -26.83 36.26 23.54
C ILE B 1332 -28.06 35.66 22.89
N PRO B 1333 -29.21 36.35 23.02
CA PRO B 1333 -30.38 35.95 22.24
C PRO B 1333 -30.00 35.94 20.77
N VAL B 1334 -30.33 34.88 20.06
CA VAL B 1334 -30.01 34.78 18.65
C VAL B 1334 -31.06 35.53 17.83
N SER C 7 15.77 32.56 -36.36
CA SER C 7 15.67 32.88 -34.94
C SER C 7 16.00 31.65 -34.11
N ASP C 8 15.74 31.74 -32.82
CA ASP C 8 15.80 30.59 -31.92
C ASP C 8 17.21 30.10 -31.58
N GLU C 9 18.12 30.03 -32.55
CA GLU C 9 19.49 29.62 -32.23
C GLU C 9 20.23 30.74 -31.52
N LEU C 10 20.74 30.45 -30.33
CA LEU C 10 21.57 31.39 -29.59
C LEU C 10 23.03 31.17 -30.01
N ILE C 11 23.69 32.24 -30.43
CA ILE C 11 25.07 32.11 -30.93
C ILE C 11 26.00 33.10 -30.26
N PHE C 12 26.93 32.58 -29.47
CA PHE C 12 27.96 33.39 -28.89
C PHE C 12 29.22 32.55 -28.79
N PHE C 13 30.35 33.22 -28.57
CA PHE C 13 31.65 32.56 -28.47
C PHE C 13 32.15 32.47 -27.03
N VAL C 14 32.55 31.29 -26.60
CA VAL C 14 33.23 31.15 -25.33
C VAL C 14 34.71 30.85 -25.63
N ASN C 15 35.59 31.61 -25.00
CA ASN C 15 37.03 31.50 -25.24
C ASN C 15 37.40 31.19 -26.69
N GLY C 16 36.86 31.98 -27.61
CA GLY C 16 37.17 31.83 -29.03
C GLY C 16 36.54 30.59 -29.67
N LYS C 17 35.88 29.77 -28.86
CA LYS C 17 35.20 28.57 -29.36
C LYS C 17 33.74 28.92 -29.56
N LYS C 18 33.15 28.41 -30.64
CA LYS C 18 31.80 28.81 -31.05
C LYS C 18 30.73 28.01 -30.35
N VAL C 19 29.89 28.68 -29.58
CA VAL C 19 28.79 27.98 -28.91
C VAL C 19 27.48 28.33 -29.57
N THR C 20 26.72 27.29 -29.91
CA THR C 20 25.48 27.47 -30.62
C THR C 20 24.38 26.62 -29.96
N GLU C 21 23.50 27.30 -29.23
CA GLU C 21 22.48 26.65 -28.41
C GLU C 21 21.11 26.72 -29.09
N ARG C 22 20.62 25.56 -29.51
CA ARG C 22 19.39 25.48 -30.26
C ARG C 22 18.13 25.53 -29.38
N ASN C 23 18.27 25.16 -28.10
CA ASN C 23 17.17 25.19 -27.14
C ASN C 23 17.43 26.12 -25.96
N ALA C 24 17.43 27.42 -26.20
CA ALA C 24 17.78 28.38 -25.15
C ALA C 24 16.63 28.67 -24.19
N ASP C 25 16.97 28.80 -22.91
CA ASP C 25 15.98 29.01 -21.84
C ASP C 25 16.23 30.36 -21.16
N PRO C 26 15.30 31.31 -21.36
CA PRO C 26 15.42 32.70 -20.93
C PRO C 26 15.73 32.86 -19.46
N GLU C 27 15.75 31.77 -18.71
CA GLU C 27 15.98 31.85 -17.26
C GLU C 27 17.38 31.46 -16.85
N VAL C 28 18.01 30.57 -17.61
CA VAL C 28 19.37 30.16 -17.29
C VAL C 28 20.27 31.37 -17.51
N ASN C 29 21.20 31.60 -16.59
CA ASN C 29 22.16 32.67 -16.73
C ASN C 29 23.51 32.12 -17.14
N LEU C 30 24.42 33.02 -17.54
CA LEU C 30 25.71 32.62 -18.07
C LEU C 30 26.43 31.69 -17.10
N LEU C 31 26.52 32.11 -15.84
CA LEU C 31 27.26 31.37 -14.83
C LEU C 31 26.86 29.89 -14.72
N PHE C 32 25.57 29.60 -14.79
CA PHE C 32 25.12 28.21 -14.78
C PHE C 32 25.62 27.53 -16.05
N TYR C 33 25.44 28.21 -17.18
CA TYR C 33 25.78 27.65 -18.47
C TYR C 33 27.26 27.24 -18.55
N LEU C 34 28.15 28.11 -18.09
CA LEU C 34 29.57 27.82 -18.14
C LEU C 34 29.86 26.54 -17.36
N ARG C 35 29.43 26.51 -16.10
CA ARG C 35 29.75 25.44 -15.16
C ARG C 35 29.00 24.12 -15.37
N LYS C 36 27.69 24.18 -15.61
CA LYS C 36 26.87 22.97 -15.70
C LYS C 36 26.75 22.39 -17.10
N VAL C 37 26.81 23.22 -18.14
CA VAL C 37 26.69 22.71 -19.51
C VAL C 37 27.97 22.72 -20.37
N ILE C 38 28.76 23.80 -20.35
CA ILE C 38 30.04 23.75 -21.04
C ILE C 38 31.08 23.09 -20.13
N ARG C 39 30.81 23.14 -18.82
CA ARG C 39 31.70 22.56 -17.82
C ARG C 39 33.06 23.25 -17.75
N LEU C 40 33.04 24.56 -17.84
CA LEU C 40 34.20 25.34 -17.47
C LEU C 40 33.90 25.81 -16.08
N THR C 41 34.39 25.06 -15.09
CA THR C 41 34.09 25.32 -13.69
C THR C 41 34.93 26.45 -13.12
N GLY C 42 35.84 27.00 -13.93
CA GLY C 42 36.73 28.04 -13.46
C GLY C 42 36.01 29.17 -12.76
N THR C 43 34.96 29.69 -13.38
CA THR C 43 34.28 30.84 -12.81
C THR C 43 33.17 30.37 -11.88
N LYS C 44 33.20 30.85 -10.64
CA LYS C 44 32.36 30.30 -9.60
C LYS C 44 31.46 31.34 -8.96
N TYR C 45 30.37 30.87 -8.33
CA TYR C 45 29.51 31.77 -7.58
C TYR C 45 29.63 31.60 -6.08
N GLY C 46 29.73 32.73 -5.40
CA GLY C 46 29.87 32.75 -3.96
C GLY C 46 28.68 33.44 -3.32
N CYS C 47 27.84 34.06 -4.16
CA CYS C 47 26.54 34.53 -3.73
C CYS C 47 25.52 34.48 -4.85
N GLY C 48 25.43 35.56 -5.61
CA GLY C 48 24.47 35.64 -6.70
C GLY C 48 23.83 37.02 -6.77
N GLY C 49 24.13 37.84 -5.76
CA GLY C 49 23.61 39.20 -5.70
C GLY C 49 24.37 40.18 -6.58
N GLY C 50 25.48 39.75 -7.15
CA GLY C 50 26.31 40.63 -7.95
C GLY C 50 27.15 41.54 -7.07
N ASP C 51 27.44 41.07 -5.86
CA ASP C 51 28.11 41.87 -4.86
C ASP C 51 29.57 41.44 -4.65
N CYS C 52 29.90 40.22 -5.04
CA CYS C 52 31.22 39.68 -4.70
C CYS C 52 32.14 39.47 -5.90
N GLY C 53 31.62 39.68 -7.10
CA GLY C 53 32.41 39.57 -8.32
C GLY C 53 33.09 38.22 -8.49
N ALA C 54 32.91 37.30 -7.56
CA ALA C 54 33.54 36.00 -7.69
C ALA C 54 33.23 35.35 -9.04
N CYS C 55 32.17 35.80 -9.70
CA CYS C 55 31.80 35.23 -10.99
C CYS C 55 32.16 36.14 -12.14
N THR C 56 33.06 37.09 -11.92
CA THR C 56 33.42 38.05 -12.96
C THR C 56 33.98 37.37 -14.21
N VAL C 57 33.43 37.75 -15.37
CA VAL C 57 33.99 37.33 -16.66
C VAL C 57 34.28 38.56 -17.51
N MET C 58 34.77 38.37 -18.73
CA MET C 58 34.91 39.50 -19.64
C MET C 58 34.07 39.29 -20.89
N ILE C 59 33.26 40.28 -21.25
CA ILE C 59 32.50 40.22 -22.50
C ILE C 59 33.07 41.22 -23.51
N SER C 60 33.18 40.78 -24.77
CA SER C 60 33.65 41.61 -25.87
C SER C 60 32.51 41.83 -26.84
N ARG C 61 32.32 43.07 -27.27
CA ARG C 61 31.28 43.42 -28.24
C ARG C 61 31.87 44.19 -29.41
N TYR C 62 31.43 43.84 -30.62
CA TYR C 62 31.78 44.62 -31.79
C TYR C 62 30.63 45.54 -32.17
N ASP C 63 30.93 46.82 -32.34
CA ASP C 63 29.95 47.78 -32.83
C ASP C 63 30.23 48.08 -34.30
N PRO C 64 29.42 47.52 -35.19
CA PRO C 64 29.64 47.60 -36.65
C PRO C 64 29.51 49.04 -37.15
N ILE C 65 28.67 49.83 -36.51
CA ILE C 65 28.49 51.21 -36.94
C ILE C 65 29.67 52.07 -36.52
N SER C 66 30.32 51.69 -35.43
CA SER C 66 31.47 52.43 -34.92
C SER C 66 32.76 51.74 -35.29
N LYS C 67 32.70 50.43 -35.48
CA LYS C 67 33.86 49.64 -35.85
C LYS C 67 34.71 49.34 -34.63
N ARG C 68 34.15 49.55 -33.44
CA ARG C 68 34.87 49.37 -32.20
C ARG C 68 34.67 48.01 -31.56
N ILE C 69 35.70 47.54 -30.85
CA ILE C 69 35.65 46.30 -30.11
C ILE C 69 35.76 46.64 -28.62
N SER C 70 34.65 46.56 -27.91
CA SER C 70 34.65 46.92 -26.49
C SER C 70 34.94 45.71 -25.64
N HIS C 71 35.67 45.90 -24.55
CA HIS C 71 35.96 44.82 -23.60
C HIS C 71 35.62 45.27 -22.19
N PHE C 72 34.53 44.74 -21.63
CA PHE C 72 34.13 45.12 -20.29
C PHE C 72 33.80 43.92 -19.43
N SER C 73 33.94 44.10 -18.11
CA SER C 73 33.73 43.04 -17.16
C SER C 73 32.30 43.00 -16.67
N ALA C 74 31.81 41.81 -16.32
CA ALA C 74 30.44 41.64 -15.88
C ALA C 74 30.27 40.46 -14.92
N THR C 75 29.17 40.48 -14.18
CA THR C 75 28.83 39.40 -13.27
C THR C 75 27.99 38.37 -14.04
N ALA C 76 28.55 37.16 -14.18
CA ALA C 76 27.91 36.12 -14.97
C ALA C 76 26.66 35.56 -14.29
N CYS C 77 26.55 35.70 -12.98
CA CYS C 77 25.39 35.16 -12.26
C CYS C 77 24.11 35.91 -12.65
N LEU C 78 24.26 37.15 -13.13
CA LEU C 78 23.12 37.98 -13.49
C LEU C 78 22.99 38.16 -15.01
N VAL C 79 23.99 37.69 -15.76
CA VAL C 79 23.96 37.80 -17.22
C VAL C 79 23.15 36.69 -17.86
N PRO C 80 22.00 37.05 -18.43
CA PRO C 80 21.16 36.10 -19.17
C PRO C 80 21.82 35.68 -20.46
N ILE C 81 22.08 34.38 -20.65
CA ILE C 81 22.71 33.90 -21.88
C ILE C 81 21.96 34.37 -23.13
N CYS C 82 20.66 34.61 -23.00
CA CYS C 82 19.85 35.06 -24.11
C CYS C 82 20.24 36.46 -24.56
N SER C 83 21.10 37.13 -23.80
CA SER C 83 21.51 38.48 -24.15
C SER C 83 22.89 38.49 -24.75
N LEU C 84 23.46 37.31 -24.97
CA LEU C 84 24.83 37.22 -25.45
C LEU C 84 24.89 37.01 -26.96
N HIS C 85 23.74 36.85 -27.60
CA HIS C 85 23.73 36.56 -29.04
C HIS C 85 24.68 37.47 -29.79
N GLY C 86 25.77 36.91 -30.27
CA GLY C 86 26.69 37.66 -31.10
C GLY C 86 27.87 38.28 -30.37
N ALA C 87 27.88 38.15 -29.06
CA ALA C 87 28.99 38.65 -28.26
C ALA C 87 29.95 37.49 -28.05
N ALA C 88 31.07 37.75 -27.38
CA ALA C 88 32.00 36.69 -27.01
C ALA C 88 32.21 36.74 -25.51
N VAL C 89 32.58 35.61 -24.92
CA VAL C 89 32.85 35.54 -23.49
C VAL C 89 34.22 34.93 -23.26
N THR C 90 34.97 35.50 -22.32
CA THR C 90 36.27 34.94 -21.95
C THR C 90 36.30 34.69 -20.46
N THR C 91 36.56 33.45 -20.07
CA THR C 91 36.67 33.10 -18.66
C THR C 91 38.13 32.88 -18.26
N VAL C 92 38.35 32.54 -17.00
CA VAL C 92 39.70 32.38 -16.48
C VAL C 92 40.53 31.35 -17.24
N GLU C 93 39.94 30.23 -17.64
CA GLU C 93 40.71 29.25 -18.41
C GLU C 93 40.81 29.62 -19.89
N GLY C 94 40.46 30.87 -20.21
CA GLY C 94 40.57 31.36 -21.57
C GLY C 94 41.85 32.15 -21.78
N ILE C 95 42.35 32.75 -20.71
CA ILE C 95 43.52 33.60 -20.82
C ILE C 95 44.80 32.82 -20.55
N GLY C 96 44.66 31.65 -19.95
CA GLY C 96 45.82 30.80 -19.73
C GLY C 96 45.52 29.62 -18.84
N SER C 97 46.40 28.63 -18.88
CA SER C 97 46.27 27.44 -18.06
C SER C 97 47.60 26.69 -18.03
N THR C 98 47.88 25.97 -16.95
CA THR C 98 49.11 25.20 -16.87
C THR C 98 49.19 24.15 -17.97
N LYS C 99 48.07 23.83 -18.60
CA LYS C 99 48.07 22.82 -19.65
C LYS C 99 48.71 23.36 -20.93
N THR C 100 48.67 24.68 -21.09
CA THR C 100 49.27 25.34 -22.25
C THR C 100 50.33 26.32 -21.76
N ARG C 101 49.92 27.53 -21.42
CA ARG C 101 50.81 28.47 -20.75
C ARG C 101 50.00 29.51 -19.97
N ILE C 102 50.51 29.97 -18.84
CA ILE C 102 49.71 30.86 -18.02
C ILE C 102 50.02 32.33 -18.26
N HIS C 103 49.06 33.18 -17.94
CA HIS C 103 49.13 34.58 -18.28
C HIS C 103 49.74 35.35 -17.12
N PRO C 104 50.50 36.42 -17.42
CA PRO C 104 51.14 37.24 -16.40
C PRO C 104 50.23 37.53 -15.20
N VAL C 105 48.94 37.77 -15.45
CA VAL C 105 48.01 38.09 -14.38
C VAL C 105 47.83 36.90 -13.45
N GLN C 106 47.75 35.71 -14.03
CA GLN C 106 47.58 34.49 -13.27
C GLN C 106 48.87 34.17 -12.52
N GLU C 107 50.00 34.48 -13.13
CA GLU C 107 51.30 34.27 -12.51
C GLU C 107 51.54 35.21 -11.34
N ARG C 108 51.43 36.51 -11.57
CA ARG C 108 51.82 37.48 -10.57
C ARG C 108 50.92 37.44 -9.33
N ILE C 109 49.70 36.95 -9.49
CA ILE C 109 48.79 36.90 -8.37
C ILE C 109 49.11 35.69 -7.49
N ALA C 110 49.52 34.59 -8.11
CA ALA C 110 49.87 33.38 -7.38
C ALA C 110 51.24 33.44 -6.69
N LYS C 111 52.27 33.85 -7.42
CA LYS C 111 53.62 33.92 -6.87
C LYS C 111 53.77 35.08 -5.89
N GLY C 112 52.87 36.06 -5.98
CA GLY C 112 52.91 37.20 -5.08
C GLY C 112 52.10 36.93 -3.83
N HIS C 113 51.48 35.76 -3.79
CA HIS C 113 50.68 35.35 -2.63
C HIS C 113 49.39 36.15 -2.46
N GLY C 114 48.82 36.62 -3.58
CA GLY C 114 47.52 37.28 -3.55
C GLY C 114 46.42 36.24 -3.47
N THR C 115 46.83 35.04 -3.04
CA THR C 115 45.95 33.88 -3.06
C THR C 115 46.15 32.97 -1.85
N GLN C 116 45.04 32.63 -1.19
CA GLN C 116 45.03 31.64 -0.13
C GLN C 116 44.02 30.54 -0.48
N CYS C 117 42.75 30.77 -0.20
CA CYS C 117 41.75 29.72 -0.39
C CYS C 117 41.45 29.45 -1.86
N GLY C 118 41.63 30.47 -2.70
CA GLY C 118 41.57 30.29 -4.14
C GLY C 118 40.20 30.46 -4.76
N PHE C 119 39.18 30.62 -3.94
CA PHE C 119 37.81 30.67 -4.47
C PHE C 119 37.47 32.01 -5.09
N CYS C 120 38.14 33.08 -4.65
CA CYS C 120 37.79 34.41 -5.11
C CYS C 120 38.76 34.88 -6.19
N THR C 121 39.64 33.99 -6.60
CA THR C 121 40.76 34.36 -7.47
C THR C 121 40.39 34.50 -8.95
N PRO C 122 39.77 33.48 -9.54
CA PRO C 122 39.37 33.62 -10.94
C PRO C 122 38.69 34.96 -11.20
N GLY C 123 37.89 35.44 -10.27
CA GLY C 123 37.21 36.71 -10.43
C GLY C 123 38.16 37.90 -10.34
N MET C 124 39.21 37.76 -9.54
CA MET C 124 40.20 38.82 -9.44
C MET C 124 40.99 38.87 -10.74
N VAL C 125 41.58 37.74 -11.10
CA VAL C 125 42.27 37.62 -12.37
C VAL C 125 41.50 38.30 -13.48
N MET C 126 40.22 38.00 -13.57
CA MET C 126 39.38 38.50 -14.66
C MET C 126 38.95 39.94 -14.47
N SER C 127 39.05 40.44 -13.24
CA SER C 127 38.84 41.87 -13.00
C SER C 127 40.09 42.67 -13.31
N ILE C 128 41.23 42.00 -13.36
CA ILE C 128 42.51 42.64 -13.67
C ILE C 128 42.82 42.49 -15.17
N TYR C 129 42.76 41.26 -15.67
CA TYR C 129 42.87 41.01 -17.10
C TYR C 129 42.09 42.05 -17.88
N THR C 130 40.77 42.08 -17.67
CA THR C 130 39.91 43.09 -18.29
C THR C 130 40.55 44.47 -18.30
N LEU C 131 40.97 44.94 -17.13
CA LEU C 131 41.63 46.23 -17.00
C LEU C 131 42.84 46.36 -17.93
N LEU C 132 43.59 45.29 -18.10
CA LEU C 132 44.73 45.32 -19.02
C LEU C 132 44.26 45.45 -20.45
N ARG C 133 43.29 44.62 -20.86
CA ARG C 133 42.78 44.66 -22.21
C ARG C 133 42.34 46.09 -22.59
N ASN C 134 41.89 46.86 -21.60
CA ASN C 134 41.53 48.26 -21.83
C ASN C 134 42.72 49.22 -21.70
N HIS C 135 43.50 49.06 -20.63
CA HIS C 135 44.66 49.92 -20.39
C HIS C 135 45.86 49.08 -19.96
N PRO C 136 46.66 48.63 -20.93
CA PRO C 136 47.79 47.73 -20.66
C PRO C 136 48.83 48.32 -19.70
N GLU C 137 48.82 49.64 -19.51
CA GLU C 137 49.65 50.25 -18.47
C GLU C 137 48.80 51.16 -17.60
N PRO C 138 47.99 50.55 -16.71
CA PRO C 138 46.94 51.19 -15.92
C PRO C 138 47.48 51.99 -14.74
N SER C 139 46.83 53.09 -14.40
CA SER C 139 47.18 53.83 -13.20
C SER C 139 46.57 53.07 -12.02
N THR C 140 46.64 53.67 -10.83
CA THR C 140 46.06 53.01 -9.67
C THR C 140 44.58 53.33 -9.53
N GLU C 141 44.17 54.56 -9.87
CA GLU C 141 42.77 54.92 -9.78
C GLU C 141 41.94 53.97 -10.64
N GLN C 142 42.55 53.50 -11.72
CA GLN C 142 41.87 52.55 -12.60
C GLN C 142 41.88 51.16 -11.99
N ILE C 143 43.03 50.77 -11.44
CA ILE C 143 43.10 49.48 -10.76
C ILE C 143 42.05 49.41 -9.65
N MET C 144 41.87 50.52 -8.92
CA MET C 144 40.89 50.54 -7.84
C MET C 144 39.47 50.44 -8.36
N GLU C 145 39.20 51.07 -9.50
CA GLU C 145 37.87 50.98 -10.13
C GLU C 145 37.51 49.56 -10.51
N THR C 146 38.48 48.84 -11.07
CA THR C 146 38.24 47.49 -11.57
C THR C 146 38.08 46.48 -10.42
N LEU C 147 38.61 46.83 -9.25
CA LEU C 147 38.58 45.94 -8.10
C LEU C 147 37.46 46.26 -7.11
N GLY C 148 36.99 47.49 -7.12
CA GLY C 148 35.98 47.91 -6.17
C GLY C 148 34.89 46.87 -5.98
N GLY C 149 34.73 45.97 -6.94
CA GLY C 149 33.62 45.04 -6.95
C GLY C 149 33.96 43.58 -6.71
N ASN C 150 35.21 43.31 -6.33
CA ASN C 150 35.57 41.96 -5.91
C ASN C 150 35.74 41.90 -4.40
N LEU C 151 35.27 40.80 -3.80
CA LEU C 151 35.39 40.62 -2.37
C LEU C 151 36.26 39.41 -2.05
N CYS C 152 37.05 39.53 -0.99
CA CYS C 152 37.91 38.45 -0.53
C CYS C 152 37.84 38.40 0.98
N ARG C 153 37.85 37.19 1.53
CA ARG C 153 37.68 37.02 2.97
C ARG C 153 38.97 36.53 3.66
N CYS C 154 39.94 36.06 2.86
CA CYS C 154 41.20 35.51 3.39
C CYS C 154 42.35 36.51 3.46
N THR C 155 42.72 37.06 2.32
CA THR C 155 44.02 37.72 2.15
C THR C 155 44.13 39.16 2.63
N GLY C 156 43.02 39.89 2.64
CA GLY C 156 43.06 41.28 3.06
C GLY C 156 43.23 42.27 1.91
N TYR C 157 43.39 41.74 0.70
CA TYR C 157 43.49 42.53 -0.53
C TYR C 157 44.90 43.05 -0.85
N ARG C 158 45.73 43.15 0.18
CA ARG C 158 47.09 43.68 0.02
C ARG C 158 47.89 42.95 -1.07
N PRO C 159 48.12 41.63 -0.89
CA PRO C 159 48.90 40.90 -1.91
C PRO C 159 48.27 40.92 -3.30
N ILE C 160 46.98 41.17 -3.39
CA ILE C 160 46.30 41.22 -4.68
C ILE C 160 46.57 42.55 -5.34
N VAL C 161 46.13 43.62 -4.69
CA VAL C 161 46.44 44.98 -5.15
C VAL C 161 47.89 45.07 -5.59
N GLU C 162 48.80 44.74 -4.69
CA GLU C 162 50.22 44.78 -5.00
C GLU C 162 50.56 44.07 -6.31
N SER C 163 49.92 42.95 -6.60
CA SER C 163 50.24 42.24 -7.83
C SER C 163 49.72 43.02 -9.03
N ALA C 164 48.52 43.56 -8.92
CA ALA C 164 47.99 44.45 -9.96
C ALA C 164 48.96 45.61 -10.21
N LYS C 165 49.31 46.33 -9.15
CA LYS C 165 50.23 47.46 -9.26
C LYS C 165 51.49 47.12 -10.06
N SER C 166 51.88 45.85 -10.08
CA SER C 166 53.09 45.47 -10.79
C SER C 166 52.98 45.74 -12.28
N PHE C 167 51.81 46.18 -12.74
CA PHE C 167 51.58 46.36 -14.17
C PHE C 167 51.77 47.78 -14.69
N CYS C 168 52.23 48.69 -13.83
CA CYS C 168 52.45 50.07 -14.23
C CYS C 168 53.81 50.61 -13.79
N THR C 199 62.21 41.41 4.63
CA THR C 199 62.85 41.10 3.35
C THR C 199 61.83 40.93 2.22
N LYS C 200 62.15 40.07 1.26
CA LYS C 200 61.30 39.85 0.08
C LYS C 200 60.50 38.56 0.21
N LEU C 201 59.24 38.59 -0.22
CA LEU C 201 58.38 37.40 -0.14
C LEU C 201 58.42 36.58 -1.42
N TYR C 202 58.80 37.23 -2.52
CA TYR C 202 58.84 36.58 -3.83
C TYR C 202 59.82 37.29 -4.77
N GLU C 203 60.09 36.68 -5.93
CA GLU C 203 61.07 37.24 -6.87
C GLU C 203 60.42 37.91 -8.08
N LYS C 204 60.23 39.22 -7.97
CA LYS C 204 59.56 40.02 -8.99
C LYS C 204 60.22 39.94 -10.35
N LYS C 205 61.53 39.68 -10.37
CA LYS C 205 62.31 39.70 -11.60
C LYS C 205 62.14 38.47 -12.51
N GLU C 206 61.47 37.44 -12.02
CA GLU C 206 61.28 36.26 -12.86
C GLU C 206 59.91 36.25 -13.54
N PHE C 207 59.08 37.23 -13.21
CA PHE C 207 57.79 37.40 -13.88
C PHE C 207 57.98 37.44 -15.38
N GLN C 208 56.99 36.94 -16.12
CA GLN C 208 56.94 37.12 -17.56
C GLN C 208 56.47 38.55 -17.85
N PRO C 209 56.87 39.10 -19.01
CA PRO C 209 56.43 40.43 -19.44
C PRO C 209 55.11 40.37 -20.19
N LEU C 210 54.37 41.46 -20.21
CA LEU C 210 53.06 41.47 -20.87
C LEU C 210 53.16 41.85 -22.35
N ASP C 211 52.66 40.95 -23.19
CA ASP C 211 52.63 41.15 -24.63
C ASP C 211 51.17 41.30 -25.05
N PRO C 212 50.64 42.54 -24.97
CA PRO C 212 49.23 42.80 -25.23
C PRO C 212 48.75 42.27 -26.58
N THR C 213 49.68 42.08 -27.50
CA THR C 213 49.32 41.63 -28.83
C THR C 213 49.19 40.13 -28.90
N GLN C 214 49.34 39.46 -27.76
CA GLN C 214 49.35 38.00 -27.74
C GLN C 214 47.98 37.45 -27.35
N GLU C 215 47.03 38.34 -27.10
CA GLU C 215 45.74 37.92 -26.58
C GLU C 215 44.81 37.34 -27.65
N LEU C 216 43.75 36.70 -27.19
CA LEU C 216 42.74 36.13 -28.07
C LEU C 216 42.19 37.20 -29.01
N ILE C 217 42.01 36.82 -30.27
CA ILE C 217 41.57 37.75 -31.30
C ILE C 217 40.06 37.73 -31.50
N PHE C 218 39.39 38.84 -31.24
CA PHE C 218 37.94 38.91 -31.38
C PHE C 218 37.50 38.11 -32.60
N PRO C 219 36.54 37.20 -32.41
CA PRO C 219 36.14 36.30 -33.49
C PRO C 219 35.52 37.04 -34.66
N PRO C 220 36.12 36.90 -35.85
CA PRO C 220 35.63 37.49 -37.10
C PRO C 220 34.26 36.97 -37.51
N GLU C 221 33.94 35.74 -37.13
CA GLU C 221 32.59 35.22 -37.36
C GLU C 221 31.60 36.22 -36.79
N LEU C 222 31.90 36.72 -35.59
CA LEU C 222 31.00 37.64 -34.89
C LEU C 222 30.90 39.00 -35.59
N MET C 223 31.97 39.37 -36.30
CA MET C 223 32.01 40.64 -36.98
C MET C 223 31.06 40.65 -38.18
N ARG C 224 31.20 39.65 -39.06
CA ARG C 224 30.27 39.50 -40.17
C ARG C 224 28.84 39.44 -39.63
N MET C 225 28.67 38.68 -38.56
CA MET C 225 27.34 38.47 -37.96
C MET C 225 26.68 39.79 -37.58
N ALA C 226 27.48 40.85 -37.45
CA ALA C 226 26.97 42.09 -36.92
C ALA C 226 26.53 43.25 -37.84
N GLU C 227 27.22 43.62 -38.91
CA GLU C 227 26.82 43.51 -40.33
C GLU C 227 25.55 42.77 -40.71
N GLN C 230 21.39 41.66 -41.11
CA GLN C 230 20.00 42.08 -41.26
C GLN C 230 19.32 42.21 -39.90
N ASN C 231 18.09 42.71 -39.88
CA ASN C 231 17.38 43.00 -38.65
C ASN C 231 15.99 42.36 -38.60
N THR C 232 15.79 41.47 -37.63
CA THR C 232 14.58 40.67 -37.57
C THR C 232 14.50 40.03 -36.18
N VAL C 233 13.28 39.85 -35.67
CA VAL C 233 13.07 39.48 -34.27
C VAL C 233 13.65 38.13 -33.90
N LEU C 234 14.30 38.09 -32.74
CA LEU C 234 14.81 36.85 -32.17
C LEU C 234 13.94 36.48 -31.00
N THR C 235 13.55 35.21 -30.92
CA THR C 235 12.69 34.76 -29.84
C THR C 235 13.09 33.36 -29.34
N PHE C 236 13.35 33.23 -28.05
CA PHE C 236 13.76 31.96 -27.46
C PHE C 236 12.73 31.49 -26.46
N ARG C 237 12.40 30.20 -26.50
CA ARG C 237 11.35 29.67 -25.63
C ARG C 237 11.92 28.72 -24.58
N GLY C 238 11.50 28.92 -23.33
CA GLY C 238 11.96 28.06 -22.25
C GLY C 238 10.84 27.18 -21.73
N GLU C 239 11.02 26.64 -20.52
CA GLU C 239 9.99 25.83 -19.88
C GLU C 239 8.84 26.71 -19.44
N ARG C 240 9.16 27.92 -18.98
CA ARG C 240 8.15 28.78 -18.37
C ARG C 240 8.14 30.17 -18.99
N THR C 241 9.20 30.50 -19.73
CA THR C 241 9.38 31.86 -20.19
C THR C 241 9.84 31.94 -21.63
N THR C 242 9.30 32.93 -22.36
CA THR C 242 9.73 33.24 -23.72
C THR C 242 10.43 34.61 -23.78
N TRP C 243 11.59 34.64 -24.42
CA TRP C 243 12.38 35.85 -24.54
C TRP C 243 12.21 36.37 -25.95
N ILE C 244 11.71 37.60 -26.07
CA ILE C 244 11.55 38.22 -27.37
C ILE C 244 12.41 39.47 -27.41
N ALA C 245 13.33 39.51 -28.38
CA ALA C 245 14.13 40.71 -28.62
C ALA C 245 13.86 41.24 -30.04
N PRO C 246 13.14 42.36 -30.14
CA PRO C 246 12.81 42.93 -31.45
C PRO C 246 13.99 43.68 -32.04
N GLY C 247 13.91 44.05 -33.31
CA GLY C 247 15.00 44.73 -33.99
C GLY C 247 14.65 46.13 -34.48
N THR C 248 13.43 46.57 -34.21
CA THR C 248 12.99 47.91 -34.58
C THR C 248 12.15 48.50 -33.47
N LEU C 249 12.08 49.81 -33.39
CA LEU C 249 11.27 50.47 -32.35
C LEU C 249 9.78 50.21 -32.55
N ASN C 250 9.35 50.08 -33.80
CA ASN C 250 7.96 49.81 -34.07
C ASN C 250 7.57 48.52 -33.38
N ASP C 251 8.34 47.47 -33.66
CA ASP C 251 8.10 46.16 -33.08
C ASP C 251 8.23 46.14 -31.57
N LEU C 252 9.18 46.90 -31.03
CA LEU C 252 9.29 47.01 -29.58
C LEU C 252 8.02 47.63 -28.98
N LEU C 253 7.61 48.78 -29.52
CA LEU C 253 6.41 49.47 -29.06
C LEU C 253 5.19 48.57 -29.19
N GLU C 254 5.23 47.70 -30.19
CA GLU C 254 4.14 46.81 -30.51
C GLU C 254 4.01 45.72 -29.47
N LEU C 255 5.14 45.12 -29.10
CA LEU C 255 5.15 44.05 -28.12
C LEU C 255 4.75 44.57 -26.75
N LYS C 256 5.21 45.76 -26.40
CA LYS C 256 4.84 46.37 -25.13
C LYS C 256 3.31 46.49 -25.00
N MET C 257 2.67 47.09 -26.01
CA MET C 257 1.21 47.27 -26.00
C MET C 257 0.45 45.95 -25.95
N LYS C 258 0.97 44.94 -26.64
CA LYS C 258 0.35 43.62 -26.65
C LYS C 258 0.66 42.86 -25.37
N HIS C 259 1.76 43.20 -24.73
CA HIS C 259 2.22 42.51 -23.52
C HIS C 259 2.64 43.49 -22.42
N PRO C 260 1.69 44.28 -21.92
CA PRO C 260 2.05 45.36 -20.99
C PRO C 260 2.64 44.85 -19.67
N SER C 261 2.45 43.57 -19.35
CA SER C 261 3.04 42.99 -18.15
C SER C 261 4.51 42.72 -18.35
N ALA C 262 4.87 42.23 -19.54
CA ALA C 262 6.25 41.89 -19.86
C ALA C 262 7.20 42.99 -19.41
N PRO C 263 8.23 42.61 -18.64
CA PRO C 263 9.30 43.53 -18.22
C PRO C 263 10.33 43.71 -19.34
N LEU C 264 10.95 44.88 -19.39
CA LEU C 264 12.02 45.17 -20.36
C LEU C 264 13.39 45.03 -19.69
N VAL C 265 14.18 44.06 -20.12
CA VAL C 265 15.41 43.73 -19.41
C VAL C 265 16.69 44.04 -20.17
N ILE C 266 17.50 44.93 -19.62
CA ILE C 266 18.83 45.16 -20.17
C ILE C 266 19.91 44.78 -19.15
N GLY C 267 19.97 45.49 -18.03
CA GLY C 267 20.96 45.16 -17.01
C GLY C 267 20.64 43.83 -16.35
N ASN C 268 19.41 43.72 -15.85
CA ASN C 268 18.96 42.56 -15.11
C ASN C 268 19.53 42.55 -13.70
N THR C 269 20.10 43.69 -13.30
CA THR C 269 20.64 43.85 -11.96
C THR C 269 19.50 44.16 -11.01
N TYR C 270 18.28 44.18 -11.55
CA TYR C 270 17.09 44.42 -10.74
C TYR C 270 16.13 43.25 -10.85
N LEU C 271 15.70 42.95 -12.08
CA LEU C 271 14.86 41.80 -12.33
C LEU C 271 15.52 40.54 -11.80
N GLY C 272 16.85 40.50 -11.87
CA GLY C 272 17.59 39.38 -11.34
C GLY C 272 17.25 39.10 -9.89
N LEU C 273 17.22 40.17 -9.09
CA LEU C 273 16.99 40.04 -7.66
C LEU C 273 15.51 39.98 -7.31
N HIS C 274 14.75 40.95 -7.84
CA HIS C 274 13.32 41.06 -7.58
C HIS C 274 12.56 39.80 -7.98
N MET C 275 12.89 39.25 -9.15
CA MET C 275 12.29 38.00 -9.60
C MET C 275 12.39 36.87 -8.55
N LYS C 276 13.54 36.76 -7.90
CA LYS C 276 13.79 35.69 -6.92
C LYS C 276 13.17 35.99 -5.56
N TYR C 282 8.01 35.38 -15.25
CA TYR C 282 7.24 36.02 -16.31
C TYR C 282 7.13 35.13 -17.54
N PRO C 283 5.91 34.96 -18.05
CA PRO C 283 5.72 34.11 -19.24
C PRO C 283 6.35 34.73 -20.47
N ILE C 284 6.63 36.03 -20.42
CA ILE C 284 7.23 36.73 -21.55
C ILE C 284 8.17 37.85 -21.10
N ILE C 285 9.37 37.86 -21.67
CA ILE C 285 10.36 38.89 -21.37
C ILE C 285 10.86 39.57 -22.64
N ILE C 286 11.11 40.87 -22.57
CA ILE C 286 11.53 41.64 -23.75
C ILE C 286 12.88 42.30 -23.56
N SER C 287 13.73 42.19 -24.58
CA SER C 287 15.02 42.84 -24.56
C SER C 287 15.09 43.97 -25.56
N PRO C 288 15.08 45.21 -25.07
CA PRO C 288 15.21 46.38 -25.94
C PRO C 288 16.64 46.61 -26.42
N ALA C 289 17.57 45.70 -26.07
CA ALA C 289 18.99 45.91 -26.40
C ALA C 289 19.19 46.40 -27.82
N ARG C 290 18.66 45.66 -28.79
CA ARG C 290 18.90 45.94 -30.22
C ARG C 290 18.35 47.26 -30.75
N ILE C 291 17.57 47.98 -29.96
CA ILE C 291 16.92 49.19 -30.48
C ILE C 291 17.81 50.43 -30.42
N LEU C 292 18.22 50.93 -31.59
CA LEU C 292 19.17 52.04 -31.65
C LEU C 292 18.67 53.34 -31.02
N GLU C 293 17.39 53.65 -31.20
CA GLU C 293 16.85 54.90 -30.68
C GLU C 293 16.98 55.00 -29.17
N LEU C 294 17.28 53.87 -28.52
CA LEU C 294 17.48 53.85 -27.06
C LEU C 294 18.94 54.08 -26.68
N PHE C 295 19.83 54.08 -27.67
CA PHE C 295 21.23 54.38 -27.44
C PHE C 295 21.61 55.63 -28.23
N VAL C 296 21.13 56.77 -27.76
CA VAL C 296 21.38 58.03 -28.45
C VAL C 296 21.89 59.05 -27.45
N VAL C 297 22.94 59.79 -27.83
CA VAL C 297 23.42 60.88 -27.00
C VAL C 297 23.59 62.16 -27.83
N THR C 298 22.67 63.10 -27.65
CA THR C 298 22.77 64.38 -28.33
C THR C 298 23.01 65.45 -27.27
N ASN C 299 24.11 66.20 -27.41
CA ASN C 299 24.53 67.15 -26.38
C ASN C 299 24.15 68.58 -26.71
N THR C 300 23.51 68.76 -27.86
CA THR C 300 23.31 70.07 -28.44
C THR C 300 22.63 71.11 -27.53
N LYS C 301 23.19 72.31 -27.51
CA LYS C 301 22.51 73.52 -27.05
C LYS C 301 22.10 73.58 -25.58
N GLN C 302 20.82 73.37 -25.32
CA GLN C 302 20.24 73.67 -24.00
C GLN C 302 20.01 72.46 -23.09
N GLY C 303 20.56 71.31 -23.46
CA GLY C 303 20.43 70.13 -22.61
C GLY C 303 21.07 68.88 -23.14
N LEU C 304 21.47 67.98 -22.24
CA LEU C 304 22.03 66.68 -22.61
C LEU C 304 20.93 65.63 -22.62
N THR C 305 20.82 64.89 -23.72
CA THR C 305 19.79 63.87 -23.88
C THR C 305 20.39 62.46 -23.94
N LEU C 306 20.07 61.63 -22.95
CA LEU C 306 20.67 60.30 -22.84
C LEU C 306 19.66 59.18 -23.07
N GLY C 307 20.01 58.26 -23.98
CA GLY C 307 19.14 57.14 -24.29
C GLY C 307 19.04 56.16 -23.13
N THR C 308 17.91 55.48 -23.04
CA THR C 308 17.67 54.56 -21.94
C THR C 308 18.71 53.46 -21.84
N GLY C 309 19.06 52.87 -22.99
CA GLY C 309 19.91 51.70 -23.01
C GLY C 309 21.35 51.90 -22.57
N LEU C 310 21.83 53.14 -22.63
CA LEU C 310 23.21 53.43 -22.24
C LEU C 310 23.42 52.81 -20.88
N SER C 311 24.50 52.05 -20.71
CA SER C 311 24.83 51.49 -19.40
C SER C 311 25.22 52.64 -18.47
N LEU C 312 25.61 52.33 -17.24
CA LEU C 312 26.03 53.39 -16.32
C LEU C 312 27.50 53.73 -16.53
N THR C 313 28.23 52.83 -17.15
CA THR C 313 29.61 53.11 -17.50
C THR C 313 29.57 54.10 -18.65
N GLN C 314 28.72 53.81 -19.64
CA GLN C 314 28.56 54.70 -20.80
C GLN C 314 28.06 56.09 -20.41
N VAL C 315 27.23 56.18 -19.37
CA VAL C 315 26.76 57.48 -18.90
C VAL C 315 27.87 58.24 -18.19
N LYS C 316 28.74 57.50 -17.51
CA LYS C 316 29.91 58.07 -16.85
C LYS C 316 30.78 58.77 -17.89
N ASN C 317 31.29 57.97 -18.81
CA ASN C 317 32.21 58.44 -19.85
C ASN C 317 31.68 59.61 -20.68
N VAL C 318 30.37 59.58 -20.95
CA VAL C 318 29.73 60.65 -21.71
C VAL C 318 29.58 61.92 -20.88
N LEU C 319 29.31 61.75 -19.60
CA LEU C 319 29.11 62.89 -18.70
C LEU C 319 30.45 63.54 -18.32
N SER C 320 31.53 62.76 -18.34
CA SER C 320 32.85 63.34 -18.11
C SER C 320 33.33 64.11 -19.34
N ASP C 321 33.03 63.58 -20.53
CA ASP C 321 33.40 64.24 -21.77
C ASP C 321 32.69 65.58 -21.91
N VAL C 322 31.43 65.63 -21.50
CA VAL C 322 30.63 66.85 -21.63
C VAL C 322 30.95 67.88 -20.55
N VAL C 323 31.11 67.45 -19.31
CA VAL C 323 31.43 68.38 -18.23
C VAL C 323 32.78 69.08 -18.43
N SER C 324 33.73 68.40 -19.06
CA SER C 324 35.10 68.90 -19.20
C SER C 324 35.27 69.98 -20.27
N ARG C 325 34.30 70.06 -21.19
CA ARG C 325 34.36 71.06 -22.24
C ARG C 325 33.32 72.17 -22.04
N LEU C 326 32.78 72.25 -20.82
CA LEU C 326 31.77 73.24 -20.49
C LEU C 326 32.19 74.03 -19.24
N PRO C 327 31.66 75.26 -19.09
CA PRO C 327 31.95 76.05 -17.88
C PRO C 327 31.28 75.46 -16.64
N LYS C 328 31.81 75.80 -15.46
CA LYS C 328 31.38 75.18 -14.22
C LYS C 328 30.09 75.76 -13.65
N GLU C 329 29.59 76.82 -14.26
CA GLU C 329 28.30 77.38 -13.87
C GLU C 329 27.18 76.63 -14.56
N LYS C 330 27.49 76.03 -15.72
CA LYS C 330 26.49 75.34 -16.51
C LYS C 330 26.38 73.84 -16.22
N THR C 331 27.35 73.32 -15.46
CA THR C 331 27.47 71.88 -15.26
C THR C 331 27.13 71.42 -13.84
N GLN C 332 26.41 72.24 -13.08
CA GLN C 332 26.13 71.90 -11.68
C GLN C 332 25.56 70.49 -11.46
N ILE C 333 24.58 70.09 -12.28
CA ILE C 333 23.92 68.79 -12.09
C ILE C 333 24.66 67.62 -12.74
N TYR C 334 25.45 67.89 -13.77
CA TYR C 334 26.24 66.83 -14.40
C TYR C 334 27.30 66.36 -13.41
N CYS C 335 27.90 67.31 -12.69
CA CYS C 335 28.92 67.00 -11.70
C CYS C 335 28.32 66.35 -10.46
N ALA C 336 27.00 66.45 -10.31
CA ALA C 336 26.29 65.80 -9.22
C ALA C 336 26.09 64.32 -9.54
N LEU C 337 25.61 64.05 -10.74
CA LEU C 337 25.49 62.68 -11.22
C LEU C 337 26.87 62.03 -11.20
N LEU C 338 27.85 62.73 -11.76
CA LEU C 338 29.21 62.24 -11.81
C LEU C 338 29.65 61.83 -10.41
N LYS C 339 29.42 62.71 -9.43
CA LYS C 339 29.84 62.47 -8.05
C LYS C 339 29.19 61.22 -7.48
N GLN C 340 27.95 60.95 -7.90
CA GLN C 340 27.22 59.80 -7.41
C GLN C 340 27.59 58.52 -8.16
N LEU C 341 27.82 58.65 -9.46
CA LEU C 341 28.15 57.51 -10.30
C LEU C 341 29.46 56.85 -9.89
N LYS C 342 30.37 57.61 -9.30
CA LYS C 342 31.73 57.13 -9.08
C LYS C 342 31.84 56.07 -7.98
N THR C 343 30.85 56.03 -7.09
CA THR C 343 30.86 55.08 -5.99
C THR C 343 29.73 54.07 -6.08
N LEU C 344 28.79 54.29 -7.00
CA LEU C 344 27.63 53.41 -7.14
C LEU C 344 28.01 52.02 -7.66
N ALA C 345 27.87 51.01 -6.80
CA ALA C 345 28.24 49.64 -7.13
C ALA C 345 29.69 49.58 -7.61
N GLY C 346 30.06 48.47 -8.25
CA GLY C 346 31.40 48.32 -8.80
C GLY C 346 31.42 48.52 -10.31
N GLN C 347 32.48 48.05 -10.95
CA GLN C 347 32.60 48.20 -12.40
C GLN C 347 31.65 47.24 -13.11
N GLN C 348 31.71 45.97 -12.73
CA GLN C 348 30.86 44.94 -13.31
C GLN C 348 29.46 45.45 -13.50
N ILE C 349 28.84 45.85 -12.40
CA ILE C 349 27.45 46.29 -12.39
C ILE C 349 27.18 47.57 -13.18
N ARG C 350 28.07 48.54 -13.08
CA ARG C 350 27.93 49.74 -13.90
C ARG C 350 28.11 49.42 -15.40
N ASN C 351 28.81 48.33 -15.68
CA ASN C 351 29.02 47.92 -17.07
C ASN C 351 27.78 47.34 -17.71
N VAL C 352 26.79 46.96 -16.91
CA VAL C 352 25.56 46.36 -17.43
C VAL C 352 24.31 47.13 -17.06
N ALA C 353 24.27 47.67 -15.84
CA ALA C 353 23.11 48.41 -15.37
C ALA C 353 22.81 49.55 -16.32
N SER C 354 21.53 49.77 -16.59
CA SER C 354 21.14 50.79 -17.57
C SER C 354 20.61 52.05 -16.91
N LEU C 355 20.67 53.15 -17.65
CA LEU C 355 20.09 54.40 -17.20
C LEU C 355 18.58 54.22 -17.11
N GLY C 356 18.00 53.61 -18.14
CA GLY C 356 16.58 53.38 -18.17
C GLY C 356 16.18 52.53 -16.99
N GLY C 357 16.74 51.33 -16.94
CA GLY C 357 16.43 50.41 -15.85
C GLY C 357 16.52 51.09 -14.51
N HIS C 358 17.61 51.80 -14.27
CA HIS C 358 17.82 52.46 -12.99
C HIS C 358 16.66 53.37 -12.64
N ILE C 359 16.16 54.11 -13.64
CA ILE C 359 15.11 55.10 -13.41
C ILE C 359 13.73 54.49 -13.21
N ILE C 360 13.35 53.55 -14.07
CA ILE C 360 12.04 52.90 -13.96
C ILE C 360 11.84 52.16 -12.64
N SER C 361 12.88 51.51 -12.14
CA SER C 361 12.78 50.74 -10.91
C SER C 361 12.74 51.61 -9.66
N ARG C 362 13.03 52.90 -9.82
CA ARG C 362 13.01 53.86 -8.71
C ARG C 362 13.26 53.24 -7.33
N LEU C 363 14.46 52.73 -7.08
CA LEU C 363 14.82 52.22 -5.75
C LEU C 363 14.75 53.33 -4.69
N PRO C 364 14.24 53.01 -3.49
CA PRO C 364 14.12 54.03 -2.44
C PRO C 364 15.45 54.68 -2.09
N THR C 365 16.55 53.96 -2.33
CA THR C 365 17.88 54.49 -2.02
C THR C 365 18.73 54.74 -3.25
N SER C 366 18.10 54.75 -4.42
CA SER C 366 18.80 55.13 -5.65
C SER C 366 19.60 56.40 -5.42
N ASP C 367 20.80 56.46 -6.01
CA ASP C 367 21.71 57.59 -5.85
C ASP C 367 21.55 58.64 -6.95
N LEU C 368 21.11 58.18 -8.13
CA LEU C 368 20.98 59.06 -9.29
C LEU C 368 19.62 59.73 -9.35
N ASN C 369 18.57 59.01 -8.94
CA ASN C 369 17.22 59.55 -9.01
C ASN C 369 17.03 60.87 -8.24
N PRO C 370 17.42 60.89 -6.96
CA PRO C 370 17.19 62.07 -6.13
C PRO C 370 17.81 63.35 -6.71
N ILE C 371 18.82 63.23 -7.56
CA ILE C 371 19.37 64.40 -8.23
C ILE C 371 18.74 64.65 -9.59
N LEU C 372 18.49 63.58 -10.36
CA LEU C 372 17.81 63.73 -11.64
C LEU C 372 16.51 64.51 -11.49
N GLY C 373 15.77 64.21 -10.43
CA GLY C 373 14.44 64.77 -10.22
C GLY C 373 14.41 66.18 -9.65
N ILE C 374 15.49 66.58 -8.99
CA ILE C 374 15.57 67.92 -8.42
C ILE C 374 16.21 68.88 -9.41
N GLY C 375 16.50 68.39 -10.60
CA GLY C 375 17.11 69.21 -11.63
C GLY C 375 16.15 69.55 -12.77
N ASN C 376 14.86 69.28 -12.56
CA ASN C 376 13.87 69.44 -13.62
C ASN C 376 14.31 68.70 -14.89
N CYS C 377 14.43 67.37 -14.78
CA CYS C 377 14.79 66.51 -15.90
C CYS C 377 13.52 66.00 -16.58
N ILE C 378 13.67 65.40 -17.75
CA ILE C 378 12.51 65.01 -18.54
C ILE C 378 12.63 63.65 -19.18
N LEU C 379 11.56 62.87 -19.08
CA LEU C 379 11.49 61.53 -19.64
C LEU C 379 10.79 61.54 -20.99
N ASN C 380 11.48 61.06 -22.02
CA ASN C 380 10.89 60.90 -23.34
C ASN C 380 10.32 59.50 -23.55
N VAL C 381 9.01 59.36 -23.47
CA VAL C 381 8.36 58.06 -23.59
C VAL C 381 7.55 57.91 -24.87
N ALA C 382 7.40 56.68 -25.32
CA ALA C 382 6.70 56.39 -26.56
C ALA C 382 5.92 55.09 -26.47
N SER C 383 4.61 55.17 -26.68
CA SER C 383 3.72 54.02 -26.70
C SER C 383 3.32 53.74 -28.15
N THR C 384 2.47 52.75 -28.35
CA THR C 384 2.01 52.44 -29.70
C THR C 384 0.98 53.47 -30.17
N GLU C 385 0.62 54.40 -29.28
CA GLU C 385 -0.30 55.47 -29.59
C GLU C 385 0.44 56.70 -30.10
N GLY C 386 1.54 57.06 -29.44
CA GLY C 386 2.33 58.19 -29.87
C GLY C 386 3.37 58.66 -28.88
N ILE C 387 4.13 59.67 -29.30
CA ILE C 387 5.19 60.25 -28.47
C ILE C 387 4.57 60.92 -27.25
N GLN C 388 5.39 61.19 -26.24
CA GLN C 388 4.94 61.90 -25.03
C GLN C 388 6.11 62.21 -24.11
N GLN C 389 5.96 63.23 -23.28
CA GLN C 389 6.98 63.53 -22.29
C GLN C 389 6.38 63.75 -20.90
N ILE C 390 6.86 62.95 -19.94
CA ILE C 390 6.45 63.10 -18.55
C ILE C 390 7.65 63.52 -17.73
N PRO C 391 7.44 64.45 -16.78
CA PRO C 391 8.55 65.00 -16.00
C PRO C 391 9.05 63.96 -15.03
N LEU C 392 10.26 64.13 -14.52
CA LEU C 392 10.76 63.26 -13.48
C LEU C 392 10.83 64.08 -12.19
N ASN C 393 9.68 64.22 -11.54
CA ASN C 393 9.53 65.15 -10.42
C ASN C 393 9.42 64.44 -9.07
N ASP C 394 9.28 65.23 -8.01
CA ASP C 394 9.29 64.68 -6.66
C ASP C 394 8.23 63.57 -6.44
N HIS C 395 7.09 63.65 -7.11
CA HIS C 395 6.13 62.56 -6.99
C HIS C 395 6.09 61.55 -8.14
N PHE C 396 6.88 61.74 -9.18
CA PHE C 396 7.02 60.70 -10.19
C PHE C 396 7.39 59.41 -9.49
N LEU C 397 7.94 59.57 -8.30
CA LEU C 397 8.28 58.45 -7.46
C LEU C 397 7.13 58.27 -6.47
N ALA C 398 6.00 57.77 -6.99
CA ALA C 398 4.79 57.57 -6.22
C ALA C 398 5.01 56.52 -5.14
N GLY C 399 3.99 55.72 -4.86
CA GLY C 399 4.09 54.69 -3.85
C GLY C 399 4.90 53.48 -4.32
N ILE C 404 5.05 56.48 -13.08
CA ILE C 404 3.95 57.28 -13.65
C ILE C 404 3.79 57.01 -15.15
N LEU C 405 4.73 56.28 -15.74
CA LEU C 405 4.61 55.85 -17.13
C LEU C 405 3.46 54.87 -17.23
N LYS C 406 2.65 54.98 -18.27
CA LYS C 406 1.60 54.00 -18.50
C LYS C 406 2.24 52.66 -18.81
N PRO C 407 1.54 51.56 -18.54
CA PRO C 407 2.03 50.20 -18.77
C PRO C 407 2.59 49.97 -20.19
N GLU C 408 2.04 50.66 -21.17
CA GLU C 408 2.28 50.33 -22.57
C GLU C 408 3.35 51.19 -23.24
N GLN C 409 3.97 52.09 -22.49
CA GLN C 409 5.02 52.90 -23.06
C GLN C 409 6.42 52.60 -22.52
N VAL C 410 7.42 52.85 -23.38
CA VAL C 410 8.80 52.54 -23.07
C VAL C 410 9.62 53.83 -22.97
N LEU C 411 10.62 53.83 -22.10
CA LEU C 411 11.47 55.00 -21.94
C LEU C 411 12.49 54.99 -23.06
N ILE C 412 12.52 56.06 -23.84
CA ILE C 412 13.43 56.12 -24.98
C ILE C 412 14.67 56.96 -24.68
N SER C 413 14.51 57.96 -23.81
CA SER C 413 15.66 58.75 -23.38
C SER C 413 15.26 59.82 -22.38
N VAL C 414 16.23 60.30 -21.62
CA VAL C 414 15.97 61.33 -20.62
C VAL C 414 16.75 62.60 -20.96
N PHE C 415 16.05 63.72 -20.91
CA PHE C 415 16.61 65.03 -21.21
C PHE C 415 17.00 65.68 -19.89
N VAL C 416 18.29 65.92 -19.72
CA VAL C 416 18.80 66.61 -18.53
C VAL C 416 19.49 67.91 -18.94
N PRO C 417 18.97 69.06 -18.47
CA PRO C 417 19.37 70.40 -18.90
C PRO C 417 20.64 70.91 -18.22
N ARG C 418 21.38 71.77 -18.93
CA ARG C 418 22.51 72.48 -18.34
C ARG C 418 22.02 73.42 -17.24
N SER C 419 22.89 73.75 -16.29
CA SER C 419 22.49 74.55 -15.13
C SER C 419 22.54 76.05 -15.40
N SER C 420 21.46 76.76 -15.03
CA SER C 420 21.42 78.22 -15.18
C SER C 420 22.52 78.85 -14.34
N LYS C 421 22.90 80.08 -14.70
CA LYS C 421 24.06 80.71 -14.12
C LYS C 421 24.00 80.87 -12.60
N TRP C 422 22.79 81.02 -12.07
CA TRP C 422 22.62 81.32 -10.65
C TRP C 422 22.01 80.21 -9.82
N GLU C 423 22.07 78.98 -10.32
CA GLU C 423 21.55 77.85 -9.56
C GLU C 423 22.67 76.88 -9.16
N PHE C 424 22.50 76.24 -8.02
CA PHE C 424 23.50 75.30 -7.51
C PHE C 424 22.82 74.00 -7.11
N VAL C 425 23.43 72.86 -7.47
CA VAL C 425 22.93 71.57 -7.02
C VAL C 425 24.07 70.80 -6.35
N SER C 426 23.70 69.86 -5.48
CA SER C 426 24.69 69.11 -4.71
C SER C 426 24.17 67.75 -4.26
N ALA C 427 25.01 66.73 -4.37
CA ALA C 427 24.66 65.38 -3.94
C ALA C 427 25.37 65.05 -2.64
N PHE C 428 24.76 64.18 -1.85
CA PHE C 428 25.33 63.75 -0.57
C PHE C 428 25.01 62.28 -0.38
N ARG C 429 25.74 61.61 0.50
CA ARG C 429 25.60 60.17 0.61
C ARG C 429 26.25 59.61 1.88
N GLN C 430 25.67 58.53 2.40
CA GLN C 430 26.26 57.80 3.51
C GLN C 430 26.05 56.31 3.33
N ALA C 431 27.12 55.54 3.50
CA ALA C 431 27.03 54.09 3.30
C ALA C 431 27.96 53.32 4.24
N PRO C 432 27.60 52.06 4.54
CA PRO C 432 28.42 51.18 5.39
C PRO C 432 29.83 51.02 4.85
N ARG C 433 30.00 51.07 3.52
CA ARG C 433 31.33 51.15 2.91
C ARG C 433 31.42 52.14 1.74
N GLN C 434 32.57 52.81 1.62
CA GLN C 434 32.76 53.94 0.72
C GLN C 434 32.22 53.74 -0.70
N GLN C 435 32.20 52.49 -1.14
CA GLN C 435 31.70 52.18 -2.48
C GLN C 435 31.12 50.78 -2.48
N ASN C 436 30.39 50.44 -3.55
CA ASN C 436 29.83 49.11 -3.70
C ASN C 436 28.86 48.75 -2.58
N ALA C 437 27.91 49.64 -2.30
CA ALA C 437 26.87 49.41 -1.30
C ALA C 437 25.91 50.60 -1.24
N PHE C 438 24.62 50.31 -1.12
CA PHE C 438 23.59 51.34 -1.13
C PHE C 438 23.69 52.33 0.00
N ALA C 439 23.10 53.50 -0.20
CA ALA C 439 23.14 54.53 0.82
C ALA C 439 22.15 54.20 1.92
N THR C 440 22.63 54.22 3.17
CA THR C 440 21.72 54.28 4.31
C THR C 440 20.74 55.41 4.00
N VAL C 441 21.27 56.61 3.80
CA VAL C 441 20.48 57.74 3.30
C VAL C 441 21.32 58.60 2.36
N ASN C 442 20.76 58.94 1.20
CA ASN C 442 21.40 59.85 0.28
C ASN C 442 20.51 61.07 0.07
N ALA C 443 21.07 62.15 -0.47
CA ALA C 443 20.29 63.36 -0.66
C ALA C 443 20.51 64.00 -2.03
N GLY C 444 19.49 64.71 -2.51
CA GLY C 444 19.62 65.53 -3.70
C GLY C 444 19.06 66.90 -3.35
N MET C 445 19.80 67.95 -3.70
CA MET C 445 19.41 69.30 -3.30
C MET C 445 19.73 70.33 -4.37
N LYS C 446 18.91 71.38 -4.45
CA LYS C 446 19.10 72.44 -5.42
C LYS C 446 18.53 73.76 -4.92
N VAL C 447 19.15 74.87 -5.31
CA VAL C 447 18.65 76.21 -4.99
C VAL C 447 18.89 77.18 -6.15
N VAL C 448 18.06 78.21 -6.24
CA VAL C 448 18.24 79.24 -7.25
C VAL C 448 18.07 80.61 -6.62
N PHE C 449 19.14 81.38 -6.58
CA PHE C 449 19.10 82.71 -5.99
C PHE C 449 18.62 83.75 -7.00
N ASN C 454 21.69 86.89 -2.71
CA ASN C 454 21.65 85.55 -2.14
C ASN C 454 20.27 85.22 -1.57
N THR C 455 19.28 85.99 -1.97
CA THR C 455 17.90 85.70 -1.62
C THR C 455 17.48 84.43 -2.34
N ILE C 456 16.65 83.61 -1.69
CA ILE C 456 16.24 82.34 -2.27
C ILE C 456 15.04 82.49 -3.20
N THR C 457 15.28 82.30 -4.50
CA THR C 457 14.22 82.40 -5.49
C THR C 457 13.46 81.08 -5.61
N ASP C 458 14.19 79.99 -5.64
CA ASP C 458 13.59 78.66 -5.67
C ASP C 458 14.34 77.73 -4.72
N LEU C 459 13.74 76.58 -4.43
CA LEU C 459 14.38 75.60 -3.56
C LEU C 459 13.74 74.23 -3.77
N GLY C 460 14.49 73.17 -3.46
CA GLY C 460 13.98 71.83 -3.61
C GLY C 460 14.94 70.80 -3.07
N ILE C 461 14.41 69.80 -2.37
CA ILE C 461 15.25 68.77 -1.76
C ILE C 461 14.58 67.40 -1.84
N LEU C 462 15.31 66.42 -2.37
CA LEU C 462 14.83 65.05 -2.45
C LEU C 462 15.71 64.12 -1.64
N TYR C 463 15.11 63.38 -0.71
CA TYR C 463 15.87 62.44 0.11
C TYR C 463 15.67 61.01 -0.35
N GLY C 464 16.55 60.14 0.13
CA GLY C 464 16.43 58.71 -0.11
C GLY C 464 16.90 57.97 1.13
N GLY C 465 16.20 56.89 1.47
CA GLY C 465 16.57 56.10 2.63
C GLY C 465 15.70 56.34 3.85
N ILE C 466 14.60 57.06 3.70
CA ILE C 466 13.67 57.23 4.81
C ILE C 466 12.22 56.85 4.45
N GLY C 467 11.66 57.52 3.44
CA GLY C 467 10.36 57.11 2.91
C GLY C 467 10.53 55.79 2.17
N ALA C 468 9.44 55.05 1.99
CA ALA C 468 9.50 53.78 1.28
C ALA C 468 9.96 54.04 -0.16
N THR C 469 9.81 55.28 -0.59
CA THR C 469 10.33 55.74 -1.87
C THR C 469 11.14 57.01 -1.60
N VAL C 470 11.72 57.60 -2.65
CA VAL C 470 12.42 58.87 -2.49
C VAL C 470 11.44 60.00 -2.21
N ILE C 471 11.57 60.60 -1.03
CA ILE C 471 10.60 61.56 -0.54
C ILE C 471 11.02 63.00 -0.81
N SER C 472 10.18 63.91 -0.31
CA SER C 472 10.34 65.33 -0.58
C SER C 472 10.31 66.16 0.71
N ALA C 473 11.32 67.03 0.85
CA ALA C 473 11.32 68.04 1.89
C ALA C 473 10.39 69.15 1.41
N ASP C 474 9.74 68.88 0.29
CA ASP C 474 8.75 69.74 -0.35
C ASP C 474 8.27 70.92 0.50
N LYS C 475 7.36 70.63 1.41
CA LYS C 475 6.69 71.64 2.23
C LYS C 475 7.67 72.52 3.00
N SER C 476 8.72 71.91 3.55
CA SER C 476 9.69 72.65 4.36
C SER C 476 10.51 73.63 3.54
N CYS C 477 10.80 73.27 2.28
CA CYS C 477 11.54 74.17 1.40
C CYS C 477 10.64 75.26 0.80
N ARG C 478 9.40 74.91 0.52
CA ARG C 478 8.44 75.86 -0.03
C ARG C 478 8.26 77.05 0.91
N GLN C 479 8.46 76.82 2.19
CA GLN C 479 8.33 77.87 3.20
C GLN C 479 9.57 78.75 3.20
N LEU C 480 10.63 78.28 2.54
CA LEU C 480 11.92 78.95 2.57
C LEU C 480 12.19 79.84 1.36
N ILE C 481 11.19 80.03 0.52
CA ILE C 481 11.34 80.89 -0.66
C ILE C 481 11.28 82.37 -0.26
N GLY C 482 12.35 83.08 -0.56
CA GLY C 482 12.44 84.50 -0.20
C GLY C 482 13.32 84.72 1.02
N ARG C 483 13.74 83.62 1.64
CA ARG C 483 14.59 83.67 2.82
C ARG C 483 16.06 83.83 2.45
N CYS C 484 16.78 84.67 3.18
CA CYS C 484 18.20 84.86 2.95
C CYS C 484 18.97 83.61 3.39
N TRP C 485 20.17 83.41 2.84
CA TRP C 485 20.96 82.22 3.14
C TRP C 485 21.84 82.40 4.39
N ASP C 486 21.50 83.37 5.23
CA ASP C 486 22.25 83.63 6.44
C ASP C 486 22.08 82.50 7.46
N GLU C 487 22.98 82.43 8.43
CA GLU C 487 23.01 81.33 9.41
C GLU C 487 21.65 81.00 10.01
N GLU C 488 20.80 82.02 10.17
CA GLU C 488 19.52 81.82 10.84
C GLU C 488 18.47 81.09 10.00
N MET C 489 18.47 81.32 8.69
CA MET C 489 17.58 80.57 7.79
C MET C 489 17.87 79.08 7.84
N LEU C 490 19.10 78.72 8.22
CA LEU C 490 19.46 77.32 8.41
C LEU C 490 18.81 76.77 9.67
N ASP C 491 19.20 77.32 10.80
CA ASP C 491 18.65 76.90 12.08
C ASP C 491 17.13 76.77 11.98
N ASP C 492 16.52 77.62 11.15
CA ASP C 492 15.10 77.53 10.88
C ASP C 492 14.77 76.32 10.02
N ALA C 493 15.53 76.13 8.95
CA ALA C 493 15.28 75.03 8.01
C ALA C 493 15.62 73.67 8.62
N GLY C 494 16.43 73.67 9.67
CA GLY C 494 16.78 72.45 10.36
C GLY C 494 15.59 71.87 11.10
N LYS C 495 14.90 72.74 11.84
CA LYS C 495 13.70 72.33 12.56
C LYS C 495 12.61 71.89 11.58
N MET C 496 12.51 72.61 10.46
CA MET C 496 11.49 72.30 9.45
C MET C 496 11.73 70.94 8.82
N ILE C 497 12.96 70.70 8.36
CA ILE C 497 13.30 69.41 7.74
C ILE C 497 13.18 68.26 8.73
N CYS C 498 13.44 68.56 10.00
CA CYS C 498 13.40 67.54 11.05
C CYS C 498 11.99 66.99 11.28
N GLU C 499 11.02 67.89 11.40
CA GLU C 499 9.62 67.50 11.54
C GLU C 499 9.14 66.83 10.26
N GLU C 500 9.54 67.37 9.12
CA GLU C 500 9.12 66.87 7.83
C GLU C 500 9.44 65.38 7.64
N VAL C 501 10.73 65.05 7.67
CA VAL C 501 11.17 63.66 7.44
C VAL C 501 10.65 62.72 8.53
N SER C 502 10.44 63.24 9.74
CA SER C 502 9.88 62.46 10.82
C SER C 502 8.47 61.99 10.47
N LEU C 503 7.76 62.82 9.70
CA LEU C 503 6.40 62.50 9.25
C LEU C 503 6.39 61.41 8.17
N LEU C 504 7.47 61.35 7.39
CA LEU C 504 7.50 60.48 6.23
C LEU C 504 8.34 59.23 6.50
N MET C 505 8.88 59.15 7.71
CA MET C 505 9.49 57.92 8.16
C MET C 505 8.39 57.10 8.84
N ALA C 506 8.73 55.94 9.39
CA ALA C 506 10.10 55.49 9.54
C ALA C 506 10.39 54.32 8.64
N ALA C 507 9.55 53.30 8.76
CA ALA C 507 9.63 52.18 7.84
C ALA C 507 10.67 51.16 8.30
N PRO C 508 10.76 50.02 7.60
CA PRO C 508 11.77 49.02 7.89
C PRO C 508 13.17 49.63 7.84
N GLY C 509 14.15 48.90 8.37
CA GLY C 509 15.52 49.37 8.40
C GLY C 509 15.95 49.82 9.78
N GLY C 510 14.99 50.27 10.59
CA GLY C 510 15.30 50.74 11.92
C GLY C 510 16.23 51.93 11.93
N MET C 511 16.89 52.15 13.07
CA MET C 511 17.75 53.31 13.28
C MET C 511 17.16 54.60 12.67
N GLU C 512 15.96 54.95 13.11
CA GLU C 512 15.34 56.20 12.69
C GLU C 512 16.18 57.38 13.13
N GLU C 513 16.50 57.40 14.42
CA GLU C 513 17.30 58.48 14.99
C GLU C 513 18.44 58.88 14.07
N TYR C 514 19.26 57.90 13.70
CA TYR C 514 20.42 58.13 12.85
C TYR C 514 20.04 58.62 11.46
N ARG C 515 18.98 58.03 10.88
CA ARG C 515 18.54 58.39 9.54
C ARG C 515 18.00 59.82 9.47
N LYS C 516 17.34 60.26 10.54
CA LYS C 516 16.87 61.64 10.61
C LYS C 516 18.02 62.60 10.87
N THR C 517 19.06 62.12 11.57
CA THR C 517 20.20 62.96 11.92
C THR C 517 21.07 63.23 10.70
N LEU C 518 21.17 62.25 9.80
CA LEU C 518 21.88 62.43 8.55
C LEU C 518 21.11 63.37 7.64
N ALA C 519 19.81 63.13 7.51
CA ALA C 519 18.95 63.96 6.69
C ALA C 519 19.23 65.44 6.93
N ILE C 520 19.26 65.84 8.20
CA ILE C 520 19.58 67.21 8.56
C ILE C 520 21.06 67.50 8.31
N SER C 521 21.90 66.54 8.67
CA SER C 521 23.35 66.70 8.53
C SER C 521 23.74 67.06 7.09
N PHE C 522 22.95 66.60 6.12
CA PHE C 522 23.19 66.91 4.72
C PHE C 522 22.70 68.34 4.44
N LEU C 523 21.69 68.77 5.17
CA LEU C 523 21.22 70.15 5.06
C LEU C 523 22.39 71.08 5.29
N PHE C 524 23.05 70.91 6.44
CA PHE C 524 24.23 71.69 6.79
C PHE C 524 25.29 71.65 5.68
N MET C 525 25.71 70.43 5.32
CA MET C 525 26.73 70.24 4.29
C MET C 525 26.38 71.05 3.05
N PHE C 526 25.11 71.02 2.67
CA PHE C 526 24.64 71.82 1.55
C PHE C 526 24.72 73.31 1.85
N TYR C 527 24.44 73.67 3.10
CA TYR C 527 24.49 75.06 3.54
C TYR C 527 25.87 75.65 3.28
N LEU C 528 26.90 74.94 3.69
CA LEU C 528 28.27 75.41 3.52
C LEU C 528 28.79 75.20 2.10
N ASP C 529 28.42 74.07 1.50
CA ASP C 529 28.83 73.77 0.12
C ASP C 529 28.53 74.97 -0.78
N VAL C 530 27.39 75.61 -0.54
CA VAL C 530 26.95 76.70 -1.40
C VAL C 530 27.48 78.07 -0.95
N LEU C 531 27.62 78.27 0.35
CA LEU C 531 28.18 79.53 0.86
C LEU C 531 29.60 79.72 0.34
N LYS C 532 30.26 78.60 0.04
CA LYS C 532 31.62 78.59 -0.48
C LYS C 532 31.68 79.10 -1.92
N GLN C 533 30.84 78.53 -2.78
CA GLN C 533 30.74 79.00 -4.16
C GLN C 533 30.32 80.47 -4.21
N LEU C 534 29.60 80.91 -3.18
CA LEU C 534 29.12 82.28 -3.11
C LEU C 534 30.24 83.26 -2.79
N LYS C 535 31.13 82.88 -1.87
CA LYS C 535 32.27 83.72 -1.54
C LYS C 535 33.33 83.59 -2.64
N THR C 536 33.41 82.40 -3.23
CA THR C 536 34.36 82.14 -4.32
C THR C 536 33.91 82.84 -5.59
N ARG C 537 32.65 83.27 -5.61
CA ARG C 537 32.09 83.98 -6.76
C ARG C 537 32.15 85.50 -6.59
N ASP C 538 32.29 85.95 -5.34
CA ASP C 538 32.43 87.37 -5.05
C ASP C 538 32.76 87.60 -3.57
N SER C 546 34.51 80.38 8.31
CA SER C 546 35.49 79.79 9.21
C SER C 546 36.18 78.58 8.58
N GLN C 547 37.42 78.33 8.97
CA GLN C 547 38.19 77.20 8.46
C GLN C 547 37.80 75.87 9.13
N LYS C 548 37.49 75.93 10.42
CA LYS C 548 37.03 74.76 11.16
C LYS C 548 35.76 74.21 10.54
N LEU C 549 35.02 75.08 9.86
CA LEU C 549 33.82 74.71 9.13
C LEU C 549 34.16 74.23 7.73
N LEU C 550 35.05 74.96 7.05
CA LEU C 550 35.41 74.68 5.65
C LEU C 550 35.83 73.23 5.43
N HIS C 551 36.28 72.57 6.50
CA HIS C 551 36.75 71.19 6.43
C HIS C 551 35.67 70.20 6.00
N ILE C 552 34.48 70.34 6.56
CA ILE C 552 33.40 69.39 6.33
C ILE C 552 33.14 69.15 4.84
N GLU C 554 35.37 68.69 2.58
CA GLU C 554 36.44 67.83 2.07
C GLU C 554 36.15 66.35 2.37
N ASP C 555 35.75 65.61 1.33
CA ASP C 555 35.40 64.20 1.52
C ASP C 555 36.62 63.28 1.48
N PHE C 556 36.44 62.05 1.96
CA PHE C 556 37.54 61.11 2.12
C PHE C 556 37.66 60.15 0.93
N PRO C 557 38.81 60.17 0.25
CA PRO C 557 39.09 59.23 -0.85
C PRO C 557 39.82 58.00 -0.36
N GLY C 563 52.05 48.08 1.69
CA GLY C 563 52.82 48.03 2.92
C GLY C 563 54.05 47.14 2.88
N MET C 564 54.84 47.22 3.95
CA MET C 564 56.09 46.49 4.07
C MET C 564 55.89 45.29 5.00
N GLN C 565 56.09 44.08 4.48
CA GLN C 565 56.02 42.90 5.32
C GLN C 565 57.41 42.33 5.55
N SER C 566 57.79 42.17 6.81
CA SER C 566 59.18 41.89 7.15
C SER C 566 59.38 40.67 8.06
N PHE C 567 60.44 39.91 7.79
CA PHE C 567 60.75 38.71 8.56
C PHE C 567 62.25 38.44 8.56
N GLN C 568 62.70 37.62 9.51
CA GLN C 568 64.10 37.23 9.53
C GLN C 568 64.33 36.11 8.52
N ASP C 569 65.46 36.15 7.83
CA ASP C 569 65.72 35.20 6.76
C ASP C 569 66.20 33.85 7.29
N VAL C 570 66.51 32.94 6.36
CA VAL C 570 66.89 31.58 6.69
C VAL C 570 68.43 31.39 6.74
N ASP C 571 68.90 30.48 7.58
CA ASP C 571 70.33 30.29 7.82
C ASP C 571 71.15 30.23 6.54
N PHE C 572 72.23 31.01 6.55
CA PHE C 572 73.13 31.11 5.41
C PHE C 572 73.48 29.72 4.87
N GLN C 573 73.74 28.78 5.76
CA GLN C 573 74.26 27.47 5.39
C GLN C 573 73.20 26.50 4.89
N GLN C 574 71.93 26.91 5.00
CA GLN C 574 70.83 26.02 4.63
C GLN C 574 70.69 25.90 3.12
N PRO C 575 70.84 24.67 2.62
CA PRO C 575 70.77 24.37 1.17
C PRO C 575 69.53 24.98 0.53
N LEU C 576 69.58 25.21 -0.78
CA LEU C 576 68.42 25.73 -1.48
C LEU C 576 67.23 24.81 -1.27
N GLN C 577 67.43 23.52 -1.53
CA GLN C 577 66.33 22.57 -1.64
C GLN C 577 65.70 22.15 -0.31
N ASP C 578 66.23 22.68 0.79
CA ASP C 578 65.53 22.55 2.06
C ASP C 578 64.66 23.78 2.20
N PRO C 579 63.35 23.61 2.08
CA PRO C 579 62.40 24.70 1.97
C PRO C 579 61.94 25.29 3.31
N ILE C 580 62.34 24.70 4.41
CA ILE C 580 61.86 25.19 5.70
C ILE C 580 62.29 26.63 5.91
N GLY C 581 61.38 27.45 6.43
CA GLY C 581 61.67 28.85 6.69
C GLY C 581 61.55 29.69 5.43
N ARG C 582 61.40 29.02 4.30
CA ARG C 582 61.39 29.65 2.97
C ARG C 582 59.97 30.09 2.59
N PRO C 583 59.81 31.34 2.14
CA PRO C 583 58.49 31.86 1.75
C PRO C 583 57.91 31.19 0.52
N ILE C 584 57.78 29.86 0.54
CA ILE C 584 57.25 29.12 -0.60
C ILE C 584 55.80 29.49 -0.93
N MET C 585 55.54 29.77 -2.21
CA MET C 585 54.17 30.05 -2.63
C MET C 585 53.28 28.86 -2.35
N HIS C 586 52.03 29.14 -2.00
CA HIS C 586 50.99 28.14 -1.82
C HIS C 586 50.92 27.20 -3.01
N GLN C 587 51.29 25.94 -2.81
CA GLN C 587 51.38 24.98 -3.90
C GLN C 587 50.23 25.01 -4.91
N SER C 588 49.02 25.37 -4.46
CA SER C 588 47.87 25.47 -5.37
C SER C 588 47.67 26.88 -5.89
N GLY C 589 48.61 27.77 -5.60
CA GLY C 589 48.48 29.18 -5.95
C GLY C 589 48.18 29.44 -7.42
N ILE C 590 48.92 28.78 -8.31
CA ILE C 590 48.73 29.00 -9.72
C ILE C 590 47.38 28.46 -10.18
N LYS C 591 47.08 27.23 -9.78
CA LYS C 591 45.79 26.61 -10.07
C LYS C 591 44.61 27.47 -9.62
N HIS C 592 44.78 28.20 -8.52
CA HIS C 592 43.74 29.12 -8.06
C HIS C 592 43.51 30.18 -9.13
N ALA C 593 44.58 30.58 -9.81
CA ALA C 593 44.50 31.68 -10.75
C ALA C 593 44.12 31.20 -12.14
N THR C 594 44.16 29.89 -12.36
CA THR C 594 43.82 29.36 -13.68
C THR C 594 42.46 28.70 -13.73
N GLY C 595 41.81 28.57 -12.58
CA GLY C 595 40.51 27.90 -12.50
C GLY C 595 40.60 26.38 -12.67
N GLU C 596 41.76 25.79 -12.37
CA GLU C 596 41.94 24.34 -12.50
C GLU C 596 41.76 23.64 -11.16
N ALA C 597 41.75 24.42 -10.09
CA ALA C 597 41.51 23.86 -8.76
C ALA C 597 40.07 23.41 -8.72
N VAL C 598 39.85 22.10 -8.60
CA VAL C 598 38.50 21.57 -8.45
C VAL C 598 38.09 21.66 -6.99
N PHE C 599 37.17 22.57 -6.68
CA PHE C 599 36.54 22.55 -5.36
C PHE C 599 35.39 21.54 -5.42
N CYS C 600 34.53 21.53 -4.41
CA CYS C 600 33.50 20.50 -4.33
C CYS C 600 32.47 20.61 -5.46
N ASP C 601 31.87 21.78 -5.59
CA ASP C 601 30.84 21.96 -6.59
C ASP C 601 31.35 21.80 -8.01
N ASP C 602 32.67 21.91 -8.22
CA ASP C 602 33.22 21.89 -9.57
C ASP C 602 33.18 20.48 -10.17
N MET C 603 32.91 19.49 -9.34
CA MET C 603 32.83 18.11 -9.82
C MET C 603 31.66 17.90 -10.80
N SER C 604 31.90 17.11 -11.84
CA SER C 604 30.90 16.82 -12.87
C SER C 604 29.66 16.22 -12.23
N VAL C 605 28.49 16.44 -12.83
CA VAL C 605 27.29 15.75 -12.40
C VAL C 605 27.26 14.39 -13.05
N LEU C 606 26.97 13.36 -12.24
CA LEU C 606 26.94 11.99 -12.75
C LEU C 606 25.55 11.69 -13.28
N PRO C 607 25.47 10.82 -14.29
CA PRO C 607 24.15 10.38 -14.73
C PRO C 607 23.28 9.99 -13.52
N GLY C 608 22.13 10.65 -13.34
CA GLY C 608 21.24 10.34 -12.24
C GLY C 608 21.45 11.16 -10.97
N GLU C 609 22.61 11.81 -10.85
CA GLU C 609 22.90 12.65 -9.68
C GLU C 609 21.76 13.67 -9.44
N LEU C 610 21.27 13.75 -8.20
CA LEU C 610 20.17 14.67 -7.90
C LEU C 610 20.64 15.87 -7.09
N PHE C 611 19.85 16.95 -7.13
CA PHE C 611 20.18 18.23 -6.48
C PHE C 611 19.21 18.50 -5.32
N LEU C 612 19.72 19.00 -4.21
CA LEU C 612 18.91 19.09 -3.00
C LEU C 612 18.55 20.51 -2.61
N ALA C 613 17.30 20.71 -2.21
CA ALA C 613 16.85 21.99 -1.66
C ALA C 613 16.04 21.71 -0.43
N VAL C 614 16.13 22.60 0.57
CA VAL C 614 15.50 22.35 1.86
C VAL C 614 14.61 23.51 2.28
N VAL C 615 13.45 23.20 2.86
CA VAL C 615 12.56 24.22 3.38
C VAL C 615 12.83 24.33 4.87
N THR C 616 12.87 25.55 5.38
CA THR C 616 13.27 25.78 6.76
C THR C 616 12.17 26.47 7.57
N SER C 617 12.27 26.37 8.89
CA SER C 617 11.28 26.98 9.77
C SER C 617 11.28 28.49 9.63
N SER C 618 10.10 29.07 9.39
CA SER C 618 9.96 30.52 9.32
C SER C 618 9.57 31.08 10.68
N LYS C 619 9.60 30.23 11.69
CA LYS C 619 9.07 30.55 13.00
C LYS C 619 10.13 30.20 14.04
N SER C 620 10.25 31.02 15.09
CA SER C 620 11.29 30.85 16.11
C SER C 620 11.10 29.63 17.00
N HIS C 621 9.88 29.47 17.52
CA HIS C 621 9.56 28.37 18.42
C HIS C 621 8.11 27.99 18.16
N ALA C 622 7.88 26.76 17.69
CA ALA C 622 6.55 26.38 17.23
C ALA C 622 6.36 24.87 17.10
N LYS C 623 5.14 24.41 17.34
CA LYS C 623 4.75 23.04 17.03
C LYS C 623 4.47 22.97 15.55
N ILE C 624 4.67 21.81 14.92
CA ILE C 624 4.33 21.65 13.49
C ILE C 624 3.02 20.89 13.31
N ILE C 625 1.93 21.61 13.16
CA ILE C 625 0.61 20.98 13.08
C ILE C 625 0.41 20.18 11.81
N SER C 626 0.68 20.80 10.67
CA SER C 626 0.52 20.15 9.37
C SER C 626 1.72 20.35 8.45
N LEU C 627 2.13 19.27 7.78
CA LEU C 627 3.21 19.31 6.81
C LEU C 627 2.73 18.62 5.54
N ASP C 628 2.29 19.43 4.57
CA ASP C 628 1.80 18.90 3.29
C ASP C 628 2.74 19.29 2.16
N ALA C 629 3.21 18.30 1.41
CA ALA C 629 4.20 18.51 0.35
C ALA C 629 3.69 17.95 -0.97
N SER C 630 2.42 17.59 -0.99
CA SER C 630 1.81 16.93 -2.13
C SER C 630 2.09 17.66 -3.46
N GLU C 631 2.03 18.99 -3.44
CA GLU C 631 2.33 19.76 -4.64
C GLU C 631 3.77 19.52 -5.09
N ALA C 632 4.69 19.63 -4.13
CA ALA C 632 6.11 19.36 -4.40
C ALA C 632 6.29 18.07 -5.19
N LEU C 633 6.12 16.93 -4.54
CA LEU C 633 6.33 15.63 -5.18
C LEU C 633 5.92 15.63 -6.65
N ALA C 634 4.83 16.31 -6.96
CA ALA C 634 4.31 16.33 -8.33
C ALA C 634 5.05 17.33 -9.22
N SER C 635 5.61 18.38 -8.61
CA SER C 635 6.31 19.42 -9.36
C SER C 635 7.31 18.83 -10.37
N LEU C 636 7.73 19.65 -11.34
CA LEU C 636 8.55 19.15 -12.46
C LEU C 636 9.89 18.60 -12.02
N GLY C 637 10.19 17.39 -12.48
CA GLY C 637 11.48 16.78 -12.22
C GLY C 637 11.88 16.65 -10.78
N VAL C 638 10.90 16.56 -9.87
CA VAL C 638 11.22 16.18 -8.49
C VAL C 638 11.16 14.65 -8.40
N VAL C 639 12.13 14.05 -7.71
CA VAL C 639 12.14 12.60 -7.54
C VAL C 639 11.71 12.14 -6.14
N ASP C 640 11.87 13.00 -5.13
CA ASP C 640 11.49 12.63 -3.76
C ASP C 640 11.53 13.81 -2.78
N VAL C 641 10.68 13.76 -1.75
CA VAL C 641 10.73 14.73 -0.66
C VAL C 641 11.08 13.95 0.58
N VAL C 642 12.13 14.38 1.27
CA VAL C 642 12.63 13.62 2.41
C VAL C 642 12.29 14.36 3.71
N THR C 643 11.78 13.62 4.69
CA THR C 643 11.40 14.18 5.99
C THR C 643 12.05 13.40 7.14
N ALA C 644 11.65 13.74 8.36
CA ALA C 644 12.24 13.14 9.55
C ALA C 644 11.98 11.63 9.65
N ARG C 645 10.91 11.16 9.01
CA ARG C 645 10.55 9.75 9.10
C ARG C 645 11.33 8.90 8.09
N ASP C 646 12.19 9.56 7.32
CA ASP C 646 13.03 8.90 6.31
C ASP C 646 14.47 8.64 6.80
N VAL C 647 14.77 9.11 8.00
CA VAL C 647 16.08 8.82 8.60
C VAL C 647 16.12 7.37 9.06
N PRO C 648 17.00 6.56 8.45
CA PRO C 648 17.07 5.14 8.77
C PRO C 648 17.49 4.85 10.21
N GLY C 649 18.20 5.77 10.84
CA GLY C 649 18.66 5.59 12.20
C GLY C 649 18.66 6.91 12.97
N ASP C 650 19.70 7.13 13.76
CA ASP C 650 19.83 8.37 14.54
C ASP C 650 19.62 9.62 13.70
N ASN C 651 18.84 10.55 14.23
CA ASN C 651 18.58 11.83 13.58
C ASN C 651 19.21 12.97 14.38
N GLY C 652 20.54 13.02 14.40
CA GLY C 652 21.25 14.10 15.07
C GLY C 652 22.14 13.71 16.24
N GLU C 655 21.47 15.80 19.66
CA GLU C 655 20.74 16.51 20.71
C GLU C 655 20.17 17.66 19.89
N GLU C 656 20.51 17.61 18.60
CA GLU C 656 20.00 18.49 17.58
C GLU C 656 19.62 17.58 16.41
N SER C 657 18.60 17.96 15.65
CA SER C 657 18.05 17.07 14.64
C SER C 657 18.30 17.55 13.22
N LEU C 658 18.74 16.62 12.37
CA LEU C 658 18.87 16.90 10.95
C LEU C 658 17.54 17.46 10.43
N TYR C 659 16.48 16.67 10.60
CA TYR C 659 15.16 17.06 10.12
C TYR C 659 14.20 17.27 11.29
N ALA C 660 13.61 18.45 11.37
CA ALA C 660 12.74 18.80 12.50
C ALA C 660 11.65 17.77 12.74
N GLN C 661 11.46 17.42 14.00
CA GLN C 661 10.42 16.49 14.39
C GLN C 661 9.46 17.16 15.35
N ASP C 662 8.17 17.06 15.03
CA ASP C 662 7.13 17.72 15.82
C ASP C 662 7.32 19.24 15.86
N GLU C 663 8.10 19.74 16.82
CA GLU C 663 8.31 21.18 16.93
C GLU C 663 9.48 21.70 16.09
N VAL C 664 9.61 23.03 16.02
CA VAL C 664 10.82 23.68 15.50
C VAL C 664 11.29 24.70 16.53
N ILE C 665 12.58 24.74 16.81
CA ILE C 665 13.08 25.53 17.93
C ILE C 665 13.89 26.77 17.52
N CYS C 666 14.10 26.94 16.22
CA CYS C 666 14.83 28.12 15.74
C CYS C 666 14.38 28.53 14.34
N VAL C 667 14.51 29.81 14.05
CA VAL C 667 13.98 30.42 12.83
C VAL C 667 14.75 30.05 11.55
N GLY C 668 15.60 29.03 11.62
CA GLY C 668 16.28 28.57 10.42
C GLY C 668 16.30 27.06 10.26
N GLN C 669 15.81 26.36 11.27
CA GLN C 669 15.86 24.90 11.28
C GLN C 669 15.31 24.31 9.99
N ILE C 670 15.99 23.32 9.43
CA ILE C 670 15.46 22.65 8.24
C ILE C 670 14.37 21.64 8.64
N VAL C 671 13.27 21.64 7.90
CA VAL C 671 12.09 20.83 8.23
C VAL C 671 11.92 19.67 7.27
N CYS C 672 12.40 19.86 6.05
CA CYS C 672 12.40 18.78 5.07
C CYS C 672 13.23 19.19 3.87
N ALA C 673 13.47 18.24 2.96
CA ALA C 673 14.28 18.53 1.79
C ALA C 673 13.67 17.86 0.57
N VAL C 674 13.76 18.53 -0.56
CA VAL C 674 13.25 17.97 -1.81
C VAL C 674 14.41 17.77 -2.77
N ALA C 675 14.42 16.63 -3.44
CA ALA C 675 15.54 16.24 -4.27
C ALA C 675 15.11 16.14 -5.73
N ALA C 676 15.41 17.16 -6.51
CA ALA C 676 14.96 17.23 -7.89
C ALA C 676 16.08 16.84 -8.87
N ASP C 677 15.78 16.97 -10.17
CA ASP C 677 16.73 16.63 -11.22
C ASP C 677 17.47 17.89 -11.65
N SER C 678 17.12 19.01 -11.03
CA SER C 678 17.84 20.26 -11.18
C SER C 678 17.62 21.05 -9.91
N TYR C 679 18.62 21.80 -9.50
CA TYR C 679 18.46 22.61 -8.31
C TYR C 679 17.26 23.56 -8.48
N ALA C 680 17.08 24.10 -9.67
CA ALA C 680 16.01 25.05 -9.92
C ALA C 680 14.65 24.37 -9.73
N HIS C 681 14.56 23.14 -10.22
CA HIS C 681 13.37 22.32 -10.05
C HIS C 681 13.13 22.00 -8.57
N ALA C 682 14.21 22.02 -7.78
CA ALA C 682 14.15 21.71 -6.34
C ALA C 682 13.88 22.96 -5.50
N GLN C 683 14.34 24.10 -5.99
CA GLN C 683 14.09 25.39 -5.35
C GLN C 683 12.65 25.82 -5.56
N GLN C 684 12.13 25.59 -6.76
CA GLN C 684 10.79 26.07 -7.10
C GLN C 684 9.71 25.05 -6.73
N ALA C 685 10.15 23.88 -6.25
CA ALA C 685 9.25 22.89 -5.69
C ALA C 685 9.13 23.13 -4.20
N ALA C 686 10.27 23.17 -3.53
CA ALA C 686 10.32 23.42 -2.10
C ALA C 686 9.54 24.66 -1.69
N LYS C 687 9.37 25.62 -2.61
CA LYS C 687 8.62 26.84 -2.28
C LYS C 687 7.12 26.62 -2.39
N LYS C 688 6.73 25.44 -2.83
CA LYS C 688 5.31 25.14 -2.91
C LYS C 688 4.94 24.02 -1.93
N VAL C 689 5.80 23.81 -0.94
CA VAL C 689 5.47 22.95 0.19
C VAL C 689 4.74 23.81 1.20
N LYS C 690 3.66 23.28 1.77
CA LYS C 690 2.83 24.03 2.72
C LYS C 690 2.89 23.42 4.12
N ILE C 691 3.11 24.27 5.13
CA ILE C 691 3.14 23.80 6.51
C ILE C 691 2.69 24.87 7.47
N VAL C 692 1.87 24.49 8.45
CA VAL C 692 1.30 25.46 9.39
C VAL C 692 1.81 25.27 10.82
N TYR C 693 2.05 26.37 11.50
CA TYR C 693 2.65 26.34 12.82
C TYR C 693 1.68 26.77 13.92
N GLN C 694 1.89 26.22 15.11
CA GLN C 694 1.20 26.74 16.28
C GLN C 694 2.25 27.28 17.22
N ASP C 695 2.36 28.60 17.27
CA ASP C 695 3.42 29.23 18.03
C ASP C 695 3.45 28.67 19.44
N ILE C 696 4.64 28.34 19.92
CA ILE C 696 4.82 27.94 21.31
C ILE C 696 5.34 29.13 22.09
N PRO C 698 6.50 30.05 25.62
CA PRO C 698 7.62 30.98 25.84
C PRO C 698 8.53 31.02 24.63
N MET C 699 8.97 32.21 24.24
CA MET C 699 9.93 32.35 23.15
C MET C 699 11.15 33.15 23.58
N ILE C 700 12.34 32.59 23.34
CA ILE C 700 13.56 33.17 23.86
C ILE C 700 14.53 33.51 22.74
N VAL C 701 14.93 34.78 22.68
CA VAL C 701 15.84 35.26 21.66
C VAL C 701 17.05 35.98 22.26
N THR C 702 16.81 37.16 22.81
CA THR C 702 17.87 37.92 23.46
C THR C 702 18.43 37.14 24.64
N VAL C 703 19.72 37.31 24.91
CA VAL C 703 20.33 36.74 26.09
C VAL C 703 19.63 37.28 27.33
N GLN C 704 19.21 38.53 27.22
CA GLN C 704 18.49 39.19 28.31
C GLN C 704 17.18 38.47 28.60
N ASP C 705 16.68 37.74 27.60
CA ASP C 705 15.53 36.87 27.80
C ASP C 705 15.96 35.60 28.50
N ALA C 706 16.93 34.91 27.92
CA ALA C 706 17.37 33.62 28.42
C ALA C 706 17.89 33.67 29.85
N LEU C 707 18.06 34.88 30.38
CA LEU C 707 18.44 35.06 31.78
C LEU C 707 17.20 35.08 32.66
N GLN C 708 16.16 35.76 32.20
CA GLN C 708 14.90 35.82 32.92
C GLN C 708 14.30 34.42 33.01
N TYR C 709 14.26 33.72 31.88
CA TYR C 709 13.70 32.37 31.85
C TYR C 709 14.71 31.31 32.24
N GLU C 710 15.81 31.76 32.86
CA GLU C 710 16.88 30.86 33.28
C GLU C 710 17.05 29.69 32.31
N SER C 711 17.33 30.01 31.05
CA SER C 711 17.55 29.02 30.01
C SER C 711 19.03 29.03 29.57
N PHE C 712 19.74 27.95 29.90
CA PHE C 712 21.18 27.90 29.69
C PHE C 712 21.65 26.61 29.01
N ILE C 713 22.93 26.60 28.64
CA ILE C 713 23.60 25.39 28.16
C ILE C 713 24.81 25.08 29.04
N GLY C 714 24.73 23.99 29.82
CA GLY C 714 25.79 23.65 30.73
C GLY C 714 25.82 24.64 31.89
N PRO C 715 26.58 24.31 32.95
CA PRO C 715 26.66 25.10 34.18
C PRO C 715 27.45 26.39 34.03
N GLU C 716 27.51 27.16 35.11
CA GLU C 716 28.39 28.33 35.17
C GLU C 716 29.82 27.85 35.37
N ARG C 717 30.76 28.54 34.72
CA ARG C 717 32.17 28.23 34.86
C ARG C 717 32.88 29.47 35.43
N LYS C 718 33.71 29.27 36.44
CA LYS C 718 34.29 30.36 37.20
C LYS C 718 35.79 30.22 37.35
N LEU C 719 36.51 31.34 37.19
CA LEU C 719 37.96 31.36 37.41
C LEU C 719 38.35 32.49 38.34
N GLU C 720 39.19 32.18 39.32
CA GLU C 720 39.56 33.16 40.33
C GLU C 720 41.05 33.10 40.69
N GLN C 721 41.63 34.26 40.93
CA GLN C 721 42.96 34.35 41.51
C GLN C 721 43.03 35.62 42.34
N GLY C 722 43.64 35.51 43.52
CA GLY C 722 43.64 36.61 44.48
C GLY C 722 42.29 36.71 45.16
N ASN C 723 42.13 37.71 46.02
CA ASN C 723 40.84 37.94 46.67
C ASN C 723 40.21 39.24 46.20
N VAL C 724 39.19 39.11 45.35
CA VAL C 724 38.54 40.27 44.72
C VAL C 724 37.64 41.05 45.68
N GLU C 725 37.05 40.36 46.65
CA GLU C 725 36.13 41.00 47.59
C GLU C 725 36.84 41.96 48.55
N GLU C 726 38.03 41.56 49.01
CA GLU C 726 38.80 42.38 49.95
C GLU C 726 39.57 43.47 49.21
N ALA C 727 40.09 43.12 48.04
CA ALA C 727 40.86 44.04 47.22
C ALA C 727 40.00 45.23 46.79
N PHE C 728 38.69 45.04 46.78
CA PHE C 728 37.77 46.08 46.33
C PHE C 728 37.68 47.28 47.27
N GLN C 729 37.92 47.05 48.56
CA GLN C 729 37.85 48.13 49.55
C GLN C 729 39.14 48.95 49.58
N CYS C 730 40.27 48.26 49.48
CA CYS C 730 41.57 48.92 49.50
C CYS C 730 41.87 49.59 48.16
N ALA C 731 40.87 49.60 47.28
CA ALA C 731 41.00 50.26 45.98
C ALA C 731 40.52 51.71 46.06
N ASP C 732 41.26 52.61 45.42
CA ASP C 732 40.94 54.03 45.48
C ASP C 732 39.61 54.37 44.81
N GLN C 733 39.33 53.74 43.67
CA GLN C 733 38.12 54.04 42.92
C GLN C 733 37.42 52.80 42.39
N ILE C 734 36.13 52.92 42.14
CA ILE C 734 35.32 51.82 41.63
C ILE C 734 34.60 52.22 40.34
N LEU C 735 34.44 51.26 39.43
CA LEU C 735 33.82 51.51 38.14
C LEU C 735 32.93 50.35 37.70
N GLU C 736 31.66 50.63 37.45
CA GLU C 736 30.73 49.62 36.98
C GLU C 736 30.15 50.00 35.62
N GLY C 737 29.74 49.00 34.85
CA GLY C 737 29.18 49.22 33.53
C GLY C 737 28.95 47.91 32.78
N GLU C 738 28.62 48.02 31.51
CA GLU C 738 28.41 46.83 30.68
C GLU C 738 28.65 47.11 29.20
N VAL C 739 29.14 46.10 28.49
CA VAL C 739 29.37 46.20 27.06
C VAL C 739 28.71 45.03 26.35
N HIS C 740 28.09 45.30 25.23
CA HIS C 740 27.56 44.23 24.41
C HIS C 740 28.50 44.04 23.23
N LEU C 741 28.61 42.80 22.73
CA LEU C 741 29.38 42.52 21.53
C LEU C 741 28.52 41.85 20.47
N GLY C 742 28.67 42.27 19.24
CA GLY C 742 27.91 41.68 18.14
C GLY C 742 28.46 40.35 17.72
N GLY C 743 27.64 39.58 17.02
CA GLY C 743 28.06 38.29 16.49
C GLY C 743 28.74 38.52 15.17
N GLN C 744 28.77 37.50 14.33
CA GLN C 744 29.51 37.60 13.08
C GLN C 744 29.34 36.36 12.23
N GLU C 745 29.31 36.54 10.91
CA GLU C 745 29.16 35.43 9.97
C GLU C 745 30.49 35.10 9.29
N HIS C 746 30.81 33.81 9.25
CA HIS C 746 32.06 33.34 8.69
C HIS C 746 32.34 33.98 7.35
N PHE C 747 31.40 33.79 6.42
CA PHE C 747 31.54 34.28 5.04
C PHE C 747 32.72 33.68 4.28
N TYR C 748 32.93 32.39 4.45
CA TYR C 748 33.73 31.61 3.51
C TYR C 748 33.13 31.85 2.13
N MET C 749 33.96 31.98 1.10
CA MET C 749 33.45 32.26 -0.24
C MET C 749 32.78 31.04 -0.87
N GLU C 750 33.21 29.86 -0.46
CA GLU C 750 32.54 28.63 -0.89
C GLU C 750 31.45 28.29 0.11
N THR C 751 30.20 28.53 -0.25
CA THR C 751 29.10 28.17 0.64
C THR C 751 29.16 26.68 0.93
N GLN C 752 28.56 26.28 2.04
CA GLN C 752 28.54 24.89 2.46
C GLN C 752 28.15 23.99 1.29
N SER C 753 28.87 22.91 1.10
CA SER C 753 28.71 22.07 -0.08
C SER C 753 29.13 20.65 0.20
N VAL C 754 28.37 19.68 -0.31
CA VAL C 754 28.68 18.27 -0.11
C VAL C 754 28.08 17.46 -1.25
N ARG C 755 28.72 16.34 -1.59
CA ARG C 755 28.15 15.42 -2.56
C ARG C 755 28.29 13.98 -2.04
N VAL C 756 27.14 13.30 -1.97
CA VAL C 756 27.05 11.94 -1.51
C VAL C 756 26.85 11.00 -2.69
N VAL C 757 27.75 10.03 -2.88
CA VAL C 757 27.74 9.20 -4.08
C VAL C 757 27.86 7.70 -3.80
N PRO C 758 26.72 7.00 -3.69
CA PRO C 758 26.70 5.55 -3.52
C PRO C 758 27.59 4.82 -4.54
N LYS C 759 28.65 4.15 -4.07
CA LYS C 759 29.44 3.29 -4.96
C LYS C 759 28.63 2.10 -5.46
N GLY C 760 27.34 2.08 -5.12
CA GLY C 760 26.39 1.12 -5.66
C GLY C 760 26.49 -0.30 -5.15
N GLU C 761 26.96 -0.48 -3.93
CA GLU C 761 27.30 -1.82 -3.45
C GLU C 761 27.66 -1.82 -1.97
N ASP C 762 27.44 -2.95 -1.31
CA ASP C 762 27.69 -3.12 0.12
C ASP C 762 27.46 -1.87 0.96
N LYS C 763 26.51 -1.03 0.54
CA LYS C 763 26.16 0.18 1.27
C LYS C 763 27.30 1.19 1.24
N GLU C 764 28.34 0.89 0.46
CA GLU C 764 29.52 1.74 0.39
C GLU C 764 29.15 3.09 -0.18
N MET C 765 29.98 4.10 0.07
CA MET C 765 29.75 5.40 -0.53
C MET C 765 30.93 6.36 -0.41
N ASP C 766 31.17 7.13 -1.47
CA ASP C 766 32.12 8.23 -1.41
C ASP C 766 31.39 9.49 -0.99
N ILE C 767 32.06 10.35 -0.24
CA ILE C 767 31.51 11.65 0.10
C ILE C 767 32.56 12.75 -0.07
N TYR C 768 32.32 13.66 -1.02
CA TYR C 768 33.24 14.77 -1.28
C TYR C 768 32.66 16.02 -0.66
N VAL C 769 33.26 16.46 0.45
CA VAL C 769 32.64 17.48 1.29
C VAL C 769 33.59 18.63 1.59
N SER C 770 33.03 19.84 1.67
CA SER C 770 33.81 21.02 2.03
C SER C 770 33.80 21.23 3.53
N SER C 771 34.75 20.59 4.23
CA SER C 771 34.76 20.59 5.69
C SER C 771 36.12 20.80 6.33
N GLN C 772 36.10 21.15 7.61
CA GLN C 772 37.29 21.24 8.45
C GLN C 772 37.55 19.91 9.15
N ASP C 773 36.54 19.04 9.11
CA ASP C 773 36.65 17.73 9.75
C ASP C 773 35.93 16.67 8.95
N ALA C 774 36.69 15.86 8.22
CA ALA C 774 36.11 14.81 7.39
C ALA C 774 35.72 13.61 8.23
N ALA C 775 36.47 13.36 9.30
CA ALA C 775 36.16 12.23 10.17
C ALA C 775 34.78 12.40 10.81
N PHE C 776 34.55 13.56 11.43
CA PHE C 776 33.28 13.88 12.05
C PHE C 776 32.14 13.63 11.08
N THR C 777 32.22 14.29 9.95
CA THR C 777 31.30 14.02 8.88
C THR C 777 31.13 12.50 8.74
N GLN C 778 32.23 11.76 8.68
CA GLN C 778 32.15 10.33 8.44
C GLN C 778 31.22 9.65 9.41
N GLU C 779 31.37 9.92 10.71
CA GLU C 779 30.55 9.22 11.70
C GLU C 779 29.12 9.78 11.72
N MET C 780 29.02 11.09 11.51
CA MET C 780 27.73 11.75 11.56
C MET C 780 26.81 11.14 10.50
N VAL C 781 27.39 10.55 9.47
CA VAL C 781 26.60 9.93 8.39
C VAL C 781 26.35 8.46 8.67
N ALA C 782 27.38 7.77 9.17
CA ALA C 782 27.29 6.35 9.42
C ALA C 782 26.36 6.08 10.58
N ARG C 783 26.23 7.07 11.45
CA ARG C 783 25.32 7.00 12.59
C ARG C 783 23.89 7.41 12.18
N THR C 784 23.77 8.21 11.14
CA THR C 784 22.45 8.58 10.64
C THR C 784 21.83 7.43 9.87
N LEU C 785 22.62 6.83 8.99
CA LEU C 785 22.14 5.73 8.17
C LEU C 785 22.19 4.38 8.87
N GLY C 786 22.93 4.31 9.99
CA GLY C 786 23.11 3.07 10.71
C GLY C 786 23.99 2.06 9.98
N ILE C 787 25.09 2.53 9.40
CA ILE C 787 26.05 1.64 8.75
C ILE C 787 27.42 1.89 9.34
N PRO C 788 28.30 0.88 9.26
CA PRO C 788 29.66 0.98 9.84
C PRO C 788 30.47 2.09 9.20
N LYS C 789 31.37 2.66 9.98
CA LYS C 789 32.25 3.69 9.44
C LYS C 789 32.97 3.19 8.21
N ASN C 790 33.33 1.91 8.21
CA ASN C 790 34.16 1.35 7.14
C ASN C 790 33.51 1.34 5.76
N ARG C 791 32.24 1.73 5.69
CA ARG C 791 31.49 1.70 4.44
C ARG C 791 31.54 3.04 3.70
N ILE C 792 31.87 4.11 4.41
CA ILE C 792 31.82 5.45 3.83
C ILE C 792 33.19 6.10 3.81
N ASN C 793 33.72 6.30 2.60
CA ASN C 793 35.01 6.90 2.44
C ASN C 793 34.83 8.39 2.17
N CYS C 794 35.44 9.23 2.99
CA CYS C 794 35.18 10.65 2.99
C CYS C 794 36.40 11.46 2.49
N HIS C 795 36.26 12.13 1.33
CA HIS C 795 37.36 12.86 0.69
C HIS C 795 37.26 14.38 0.79
N VAL C 796 38.41 15.05 0.81
CA VAL C 796 38.45 16.52 0.88
C VAL C 796 39.78 17.02 0.30
N LYS C 797 39.78 17.49 -0.95
CA LYS C 797 41.01 17.95 -1.59
C LYS C 797 41.28 19.42 -1.31
N ARG C 798 40.22 20.20 -1.16
CA ARG C 798 40.37 21.58 -0.74
C ARG C 798 39.04 22.19 -0.33
N VAL C 799 39.12 23.29 0.39
CA VAL C 799 37.94 24.01 0.91
C VAL C 799 38.09 25.50 0.64
N GLY C 800 37.04 26.11 0.10
CA GLY C 800 37.08 27.51 -0.26
C GLY C 800 36.84 28.44 0.92
N GLY C 801 37.48 28.15 2.04
CA GLY C 801 37.33 28.94 3.24
C GLY C 801 36.56 28.22 4.34
N ALA C 802 36.85 28.55 5.60
CA ALA C 802 36.23 27.86 6.69
C ALA C 802 36.12 28.76 7.91
N PHE C 803 37.28 29.07 8.48
CA PHE C 803 37.34 29.94 9.64
C PHE C 803 36.55 29.39 10.81
N GLY C 804 36.29 28.08 10.78
CA GLY C 804 35.61 27.40 11.88
C GLY C 804 34.18 26.95 11.59
N GLY C 805 33.50 27.68 10.70
CA GLY C 805 32.10 27.41 10.41
C GLY C 805 31.86 26.11 9.66
N LYS C 806 32.92 25.43 9.23
CA LYS C 806 32.76 24.17 8.53
C LYS C 806 33.24 22.96 9.34
N ALA C 807 33.20 23.10 10.67
CA ALA C 807 33.60 22.01 11.54
C ALA C 807 32.43 21.11 11.92
N SER C 808 31.45 21.66 12.64
CA SER C 808 30.25 20.91 12.95
C SER C 808 29.35 20.84 11.74
N LYS C 809 28.97 22.00 11.21
CA LYS C 809 27.90 22.10 10.23
C LYS C 809 27.91 21.08 9.08
N PRO C 810 29.04 20.97 8.36
CA PRO C 810 28.96 20.12 7.15
C PRO C 810 28.69 18.67 7.49
N GLY C 811 29.07 18.23 8.68
CA GLY C 811 28.76 16.89 9.15
C GLY C 811 27.24 16.69 9.21
N LEU C 812 26.52 17.73 9.58
CA LEU C 812 25.07 17.68 9.65
C LEU C 812 24.47 17.71 8.25
N LEU C 813 24.84 18.72 7.48
CA LEU C 813 24.33 18.90 6.11
C LEU C 813 24.65 17.73 5.21
N ALA C 814 25.72 17.01 5.53
CA ALA C 814 26.09 15.83 4.77
C ALA C 814 25.13 14.71 5.11
N SER C 815 24.70 14.68 6.37
CA SER C 815 23.76 13.67 6.82
C SER C 815 22.40 13.90 6.21
N VAL C 816 21.94 15.15 6.25
CA VAL C 816 20.71 15.54 5.56
C VAL C 816 20.66 14.99 4.14
N ALA C 817 21.76 15.16 3.41
CA ALA C 817 21.85 14.68 2.04
C ALA C 817 22.05 13.17 1.99
N ALA C 818 22.75 12.63 2.98
CA ALA C 818 23.02 11.21 3.04
C ALA C 818 21.73 10.41 2.95
N VAL C 819 20.73 10.82 3.73
CA VAL C 819 19.45 10.14 3.77
C VAL C 819 18.62 10.34 2.49
N ALA C 820 18.78 11.48 1.83
CA ALA C 820 18.09 11.69 0.56
C ALA C 820 18.62 10.68 -0.42
N ALA C 821 19.90 10.33 -0.27
CA ALA C 821 20.55 9.37 -1.14
C ALA C 821 20.07 7.95 -0.83
N GLN C 822 19.60 7.77 0.41
CA GLN C 822 19.03 6.48 0.84
C GLN C 822 17.80 6.11 0.05
N LYS C 823 16.75 6.93 0.16
CA LYS C 823 15.48 6.62 -0.48
C LYS C 823 15.48 6.79 -2.00
N THR C 824 16.12 7.84 -2.50
CA THR C 824 16.21 8.03 -3.94
C THR C 824 17.08 6.94 -4.54
N GLY C 825 18.07 6.51 -3.77
CA GLY C 825 19.01 5.49 -4.22
C GLY C 825 20.04 6.02 -5.19
N ARG C 826 20.46 7.28 -5.00
CA ARG C 826 21.37 7.91 -5.94
C ARG C 826 22.17 9.08 -5.37
N PRO C 827 23.21 9.50 -6.11
CA PRO C 827 24.08 10.59 -5.64
C PRO C 827 23.32 11.90 -5.45
N ILE C 828 23.62 12.59 -4.35
CA ILE C 828 22.92 13.81 -3.99
C ILE C 828 23.93 14.94 -3.88
N ARG C 829 23.65 16.06 -4.53
CA ARG C 829 24.55 17.22 -4.43
C ARG C 829 23.88 18.34 -3.68
N PHE C 830 24.43 18.69 -2.52
CA PHE C 830 23.77 19.60 -1.61
C PHE C 830 24.58 20.88 -1.41
N ILE C 831 24.20 21.93 -2.13
CA ILE C 831 24.89 23.20 -2.08
C ILE C 831 23.94 24.32 -1.66
N LEU C 832 24.25 24.98 -0.54
CA LEU C 832 23.42 26.07 -0.01
C LEU C 832 23.66 27.40 -0.73
N GLU C 833 22.57 28.03 -1.19
CA GLU C 833 22.67 29.43 -1.57
C GLU C 833 23.10 30.20 -0.32
N ARG C 834 23.60 31.42 -0.48
CA ARG C 834 24.17 32.12 0.66
C ARG C 834 23.12 32.57 1.67
N ARG C 835 22.02 33.11 1.17
CA ARG C 835 20.96 33.59 2.06
C ARG C 835 20.50 32.51 3.04
N ASP C 836 20.48 31.26 2.59
CA ASP C 836 20.14 30.15 3.47
C ASP C 836 21.35 29.81 4.35
N ASP C 837 22.53 29.84 3.75
CA ASP C 837 23.74 29.49 4.49
C ASP C 837 23.89 30.37 5.73
N MET C 838 23.57 31.65 5.59
CA MET C 838 23.69 32.59 6.69
C MET C 838 22.61 32.33 7.75
N LEU C 839 21.52 31.70 7.33
CA LEU C 839 20.41 31.46 8.22
C LEU C 839 20.59 30.15 8.99
N ILE C 840 20.98 29.11 8.26
CA ILE C 840 21.01 27.75 8.78
C ILE C 840 22.20 27.46 9.71
N THR C 841 23.36 28.02 9.39
CA THR C 841 24.62 27.57 9.98
C THR C 841 25.20 28.45 11.09
N GLY C 842 24.65 29.64 11.30
CA GLY C 842 25.11 30.49 12.39
C GLY C 842 26.58 30.87 12.34
N GLY C 843 27.04 31.62 13.35
CA GLY C 843 28.40 32.11 13.38
C GLY C 843 28.93 32.35 14.77
N ARG C 844 29.67 33.44 14.95
CA ARG C 844 30.29 33.73 16.24
C ARG C 844 29.25 34.06 17.32
N HIS C 845 29.58 33.72 18.58
CA HIS C 845 28.68 33.94 19.72
C HIS C 845 28.69 35.39 20.20
N PRO C 846 27.58 36.12 19.98
CA PRO C 846 27.51 37.45 20.59
C PRO C 846 27.92 37.34 22.06
N LEU C 847 28.29 38.45 22.71
CA LEU C 847 28.75 38.39 24.10
C LEU C 847 28.47 39.65 24.90
N LEU C 848 27.70 39.50 25.98
CA LEU C 848 27.43 40.61 26.89
C LEU C 848 28.37 40.59 28.09
N GLY C 849 29.04 41.71 28.35
CA GLY C 849 29.98 41.81 29.46
C GLY C 849 29.52 42.65 30.64
N LYS C 850 29.61 42.09 31.84
CA LYS C 850 29.30 42.81 33.07
C LYS C 850 30.53 42.87 33.97
N TYR C 851 31.02 44.07 34.26
CA TYR C 851 32.29 44.23 34.97
C TYR C 851 32.27 45.24 36.12
N LYS C 852 33.10 44.98 37.13
CA LYS C 852 33.35 45.94 38.21
C LYS C 852 34.86 46.09 38.41
N ILE C 853 35.37 47.29 38.20
CA ILE C 853 36.81 47.53 38.27
C ILE C 853 37.20 48.42 39.44
N GLY C 854 37.91 47.84 40.40
CA GLY C 854 38.52 48.60 41.47
C GLY C 854 39.93 48.97 41.09
N PHE C 855 40.16 50.27 40.90
CA PHE C 855 41.48 50.72 40.45
C PHE C 855 42.03 51.82 41.34
N MET C 856 43.33 52.04 41.23
CA MET C 856 44.00 53.10 41.99
C MET C 856 44.05 54.37 41.15
N ASN C 857 44.42 55.48 41.77
CA ASN C 857 44.42 56.78 41.10
C ASN C 857 45.49 56.92 40.02
N ASN C 858 46.49 56.04 40.05
CA ASN C 858 47.57 56.08 39.06
C ASN C 858 47.35 55.12 37.88
N GLY C 859 46.22 54.42 37.90
CA GLY C 859 45.83 53.57 36.78
C GLY C 859 45.94 52.07 37.01
N LYS C 860 46.76 51.67 37.98
CA LYS C 860 46.98 50.25 38.25
C LYS C 860 45.72 49.58 38.76
N ILE C 861 45.23 48.58 38.02
CA ILE C 861 44.00 47.88 38.40
C ILE C 861 44.26 46.79 39.43
N LYS C 862 43.60 46.91 40.59
CA LYS C 862 43.80 46.00 41.72
C LYS C 862 42.81 44.83 41.76
N ALA C 863 41.59 45.06 41.26
CA ALA C 863 40.57 44.01 41.29
C ALA C 863 39.57 44.13 40.15
N ALA C 864 39.11 42.98 39.66
CA ALA C 864 38.11 42.93 38.59
C ALA C 864 37.18 41.73 38.74
N ASP C 865 35.90 42.01 38.94
CA ASP C 865 34.87 40.98 38.99
C ASP C 865 34.08 41.03 37.70
N ILE C 866 34.51 40.26 36.70
CA ILE C 866 33.93 40.34 35.36
C ILE C 866 33.02 39.15 35.07
N GLN C 867 31.89 39.41 34.40
CA GLN C 867 30.88 38.40 34.17
C GLN C 867 30.44 38.30 32.71
N LEU C 868 30.65 37.12 32.12
CA LEU C 868 30.36 36.91 30.70
C LEU C 868 29.16 35.99 30.46
N TYR C 869 28.38 36.31 29.44
CA TYR C 869 27.34 35.43 28.95
C TYR C 869 27.44 35.47 27.43
N ILE C 870 27.08 34.38 26.77
CA ILE C 870 27.11 34.35 25.31
C ILE C 870 25.88 33.62 24.76
N ASN C 871 25.32 34.14 23.68
CA ASN C 871 24.13 33.55 23.08
C ASN C 871 24.51 32.36 22.21
N GLY C 872 24.24 31.16 22.71
CA GLY C 872 24.70 29.95 22.06
C GLY C 872 23.78 29.44 20.97
N GLY C 873 22.54 29.90 21.01
CA GLY C 873 21.54 29.43 20.06
C GLY C 873 20.71 28.31 20.65
N CYS C 874 20.21 27.44 19.79
CA CYS C 874 19.23 26.44 20.20
C CYS C 874 19.81 25.03 20.36
N THR C 875 21.12 24.88 20.16
CA THR C 875 21.78 23.59 20.37
C THR C 875 23.20 23.79 20.87
N PRO C 876 23.74 22.81 21.59
CA PRO C 876 25.02 22.95 22.29
C PRO C 876 26.16 23.30 21.34
N ASP C 877 26.34 22.49 20.30
CA ASP C 877 27.48 22.63 19.40
C ASP C 877 28.74 22.83 20.23
N ASP C 878 29.62 23.73 19.78
CA ASP C 878 30.87 23.99 20.48
C ASP C 878 30.75 25.11 21.52
N SER C 879 29.51 25.53 21.81
CA SER C 879 29.26 26.64 22.74
C SER C 879 30.06 26.56 24.05
N GLU C 880 29.74 25.56 24.87
CA GLU C 880 30.35 25.42 26.19
C GLU C 880 31.88 25.57 26.16
N LEU C 881 32.52 25.08 25.11
CA LEU C 881 33.96 25.18 24.99
C LEU C 881 34.37 26.62 24.71
N VAL C 882 33.50 27.35 24.03
CA VAL C 882 33.73 28.76 23.76
C VAL C 882 33.85 29.54 25.06
N ILE C 883 32.80 29.49 25.88
CA ILE C 883 32.77 30.26 27.10
C ILE C 883 33.91 29.84 28.03
N GLU C 884 34.26 28.56 27.98
CA GLU C 884 35.43 28.09 28.72
C GLU C 884 36.63 28.88 28.24
N TYR C 885 36.80 28.94 26.92
CA TYR C 885 37.98 29.59 26.35
C TYR C 885 38.00 31.10 26.53
N ALA C 886 36.88 31.76 26.23
CA ALA C 886 36.82 33.21 26.39
C ALA C 886 37.24 33.62 27.81
N LEU C 887 36.88 32.80 28.78
CA LEU C 887 37.23 33.07 30.17
C LEU C 887 38.72 32.90 30.44
N LEU C 888 39.30 31.85 29.86
CA LEU C 888 40.70 31.52 30.12
C LEU C 888 41.63 32.60 29.57
N LYS C 889 41.21 33.22 28.48
CA LYS C 889 42.10 34.07 27.69
C LYS C 889 41.82 35.58 27.81
N LEU C 890 40.66 35.93 28.36
CA LEU C 890 40.25 37.34 28.42
C LEU C 890 41.22 38.22 29.20
N GLU C 891 41.95 37.64 30.14
CA GLU C 891 42.94 38.41 30.90
C GLU C 891 43.99 39.02 29.97
N ASN C 892 44.32 38.29 28.90
CA ASN C 892 45.19 38.82 27.85
C ASN C 892 46.64 39.04 28.28
N ALA C 893 47.07 40.29 28.26
CA ALA C 893 48.46 40.61 28.57
C ALA C 893 48.63 41.19 29.97
N TYR C 894 47.53 41.26 30.71
CA TYR C 894 47.52 42.01 31.97
C TYR C 894 47.52 41.10 33.20
N ASN C 898 44.16 40.53 41.66
CA ASN C 898 42.92 39.97 42.20
C ASN C 898 41.82 40.02 41.15
N LEU C 899 41.48 38.86 40.58
CA LEU C 899 40.60 38.80 39.42
C LEU C 899 39.62 37.63 39.44
N ARG C 900 38.33 37.93 39.46
CA ARG C 900 37.31 36.88 39.35
C ARG C 900 36.51 37.03 38.09
N VAL C 901 36.31 35.92 37.42
CA VAL C 901 35.62 35.92 36.15
C VAL C 901 34.70 34.69 36.08
N ARG C 902 33.43 34.94 35.77
CA ARG C 902 32.46 33.85 35.63
C ARG C 902 31.79 33.92 34.27
N GLY C 903 31.33 32.78 33.78
CA GLY C 903 30.72 32.75 32.46
C GLY C 903 29.81 31.56 32.27
N ARG C 904 28.67 31.80 31.64
CA ARG C 904 27.71 30.75 31.35
C ARG C 904 27.15 30.94 29.94
N VAL C 905 26.82 29.84 29.28
CA VAL C 905 26.29 29.88 27.91
C VAL C 905 24.78 29.88 27.93
N CYS C 906 24.17 31.05 27.79
CA CYS C 906 22.72 31.10 27.83
C CYS C 906 22.11 30.84 26.45
N LYS C 907 21.29 29.79 26.36
CA LYS C 907 20.74 29.30 25.10
C LYS C 907 19.38 29.89 24.73
N THR C 908 19.16 30.07 23.43
CA THR C 908 18.02 30.79 22.92
C THR C 908 17.43 30.10 21.70
N ASN C 909 16.33 30.66 21.18
CA ASN C 909 15.70 30.11 19.98
C ASN C 909 16.27 30.66 18.66
N LEU C 910 17.57 30.94 18.64
CA LEU C 910 18.24 31.37 17.42
C LEU C 910 19.06 30.23 16.83
N PRO C 911 19.42 30.33 15.54
CA PRO C 911 20.24 29.28 14.91
C PRO C 911 21.44 28.93 15.80
N SER C 912 21.97 27.72 15.67
CA SER C 912 23.02 27.26 16.58
C SER C 912 24.39 27.83 16.24
N ASN C 913 24.93 28.62 17.16
CA ASN C 913 26.26 29.19 16.97
C ASN C 913 27.39 28.20 17.21
N THR C 914 28.53 28.45 16.57
CA THR C 914 29.65 27.51 16.49
C THR C 914 30.98 28.27 16.53
N ALA C 915 32.05 27.61 16.12
CA ALA C 915 33.39 28.18 16.24
C ALA C 915 33.59 29.32 15.28
N PHE C 916 34.56 30.18 15.60
CA PHE C 916 34.97 31.25 14.70
C PHE C 916 36.41 31.68 15.02
N ARG C 917 37.20 31.95 13.99
CA ARG C 917 38.57 32.37 14.20
C ARG C 917 38.69 33.19 15.47
N GLY C 918 39.50 32.72 16.41
CA GLY C 918 39.68 33.39 17.69
C GLY C 918 38.97 32.63 18.79
N PHE C 919 37.87 31.97 18.40
CA PHE C 919 37.15 31.06 19.29
C PHE C 919 37.03 31.62 20.70
N GLY C 920 36.30 32.71 20.84
CA GLY C 920 35.96 33.22 22.16
C GLY C 920 36.87 34.31 22.69
N PHE C 921 38.08 34.39 22.15
CA PHE C 921 39.08 35.34 22.64
C PHE C 921 38.82 36.79 22.19
N PRO C 922 38.51 36.98 20.90
CA PRO C 922 38.21 38.35 20.46
C PRO C 922 36.99 38.91 21.18
N GLN C 923 36.11 38.01 21.62
CA GLN C 923 34.90 38.39 22.34
C GLN C 923 35.21 38.81 23.78
N GLY C 924 35.95 37.96 24.49
CA GLY C 924 36.22 38.18 25.91
C GLY C 924 37.33 39.17 26.20
N ALA C 925 38.33 39.19 25.33
CA ALA C 925 39.45 40.11 25.46
C ALA C 925 38.99 41.55 25.33
N PHE C 926 38.12 41.78 24.35
CA PHE C 926 37.54 43.09 24.09
C PHE C 926 36.88 43.73 25.32
N VAL C 927 36.38 42.93 26.25
CA VAL C 927 35.77 43.47 27.46
C VAL C 927 36.84 43.98 28.44
N THR C 928 37.94 43.24 28.57
CA THR C 928 39.00 43.66 29.47
C THR C 928 39.69 44.90 28.93
N GLU C 929 39.84 44.97 27.61
CA GLU C 929 40.38 46.17 26.97
C GLU C 929 39.45 47.36 27.18
N THR C 930 38.16 47.10 27.27
CA THR C 930 37.17 48.14 27.54
C THR C 930 37.32 48.69 28.96
N CYS C 931 38.08 47.98 29.79
CA CYS C 931 38.34 48.42 31.15
C CYS C 931 39.58 49.30 31.20
N MET C 932 40.63 48.88 30.52
CA MET C 932 41.90 49.63 30.49
C MET C 932 41.71 51.06 29.94
N SER C 933 40.81 51.20 28.97
CA SER C 933 40.53 52.51 28.38
C SER C 933 39.49 53.25 29.22
N ALA C 934 38.65 52.49 29.91
CA ALA C 934 37.69 53.08 30.83
C ALA C 934 38.42 53.68 32.02
N VAL C 935 39.27 52.87 32.65
CA VAL C 935 40.10 53.33 33.76
C VAL C 935 40.98 54.51 33.34
N ALA C 936 41.62 54.38 32.18
CA ALA C 936 42.46 55.46 31.66
C ALA C 936 41.65 56.74 31.52
N ALA C 937 40.39 56.60 31.13
CA ALA C 937 39.48 57.74 31.01
C ALA C 937 39.24 58.40 32.38
N LYS C 938 38.79 57.60 33.34
CA LYS C 938 38.49 58.10 34.68
C LYS C 938 39.70 58.80 35.30
N CYS C 939 40.89 58.26 35.04
CA CYS C 939 42.13 58.83 35.56
C CYS C 939 42.52 60.10 34.79
N ARG C 940 42.19 60.13 33.51
CA ARG C 940 42.65 61.16 32.60
C ARG C 940 44.11 60.94 32.17
N PRO C 942 46.65 58.74 29.84
CA PRO C 942 46.94 58.16 28.52
C PRO C 942 46.71 56.66 28.52
N PRO C 943 46.07 56.13 27.46
CA PRO C 943 45.79 54.69 27.38
C PRO C 943 47.02 53.80 27.48
N GLU C 944 48.02 53.99 26.63
CA GLU C 944 49.19 53.11 26.65
C GLU C 944 49.93 53.16 27.99
N LYS C 945 49.73 54.23 28.74
CA LYS C 945 50.33 54.35 30.06
C LYS C 945 49.67 53.37 31.02
N VAL C 946 48.34 53.37 31.02
CA VAL C 946 47.57 52.48 31.87
C VAL C 946 47.76 51.02 31.44
N ARG C 947 48.12 50.83 30.19
CA ARG C 947 48.27 49.47 29.65
C ARG C 947 49.61 48.83 30.02
N GLU C 948 50.67 49.62 30.03
CA GLU C 948 51.98 49.06 30.37
C GLU C 948 52.26 49.14 31.87
N LEU C 949 51.25 49.55 32.64
CA LEU C 949 51.30 49.48 34.08
C LEU C 949 50.84 48.10 34.54
N ASN C 950 49.79 47.60 33.90
CA ASN C 950 49.17 46.34 34.28
C ASN C 950 49.62 45.16 33.43
N MET C 951 50.48 45.42 32.46
CA MET C 951 50.99 44.36 31.60
C MET C 951 51.98 43.48 32.35
N TYR C 952 52.05 42.21 31.96
CA TYR C 952 52.98 41.27 32.58
C TYR C 952 54.41 41.80 32.55
N ARG C 953 55.17 41.47 33.60
CA ARG C 953 56.56 41.89 33.70
C ARG C 953 57.50 40.70 33.80
N THR C 954 57.48 40.04 34.96
CA THR C 954 58.33 38.87 35.18
C THR C 954 57.63 37.62 34.71
N ILE C 955 58.27 36.47 34.94
CA ILE C 955 57.60 35.18 34.81
C ILE C 955 56.43 35.16 35.78
N ASP C 956 55.25 34.83 35.27
CA ASP C 956 54.01 34.93 36.05
C ASP C 956 53.09 33.75 35.71
N ARG C 957 51.83 33.84 36.12
CA ARG C 957 50.88 32.75 35.90
C ARG C 957 49.52 33.25 35.42
N THR C 958 48.88 32.45 34.56
CA THR C 958 47.55 32.79 34.07
C THR C 958 46.52 32.52 35.15
N ILE C 959 45.27 32.84 34.85
CA ILE C 959 44.21 32.67 35.83
C ILE C 959 43.88 31.20 36.06
N HIS C 960 44.47 30.32 35.26
CA HIS C 960 44.35 28.88 35.50
C HIS C 960 45.69 28.26 35.94
N ASN C 961 46.59 29.12 36.42
CA ASN C 961 47.81 28.69 37.11
C ASN C 961 48.94 28.14 36.22
N GLN C 962 48.76 28.16 34.91
CA GLN C 962 49.85 27.78 34.03
C GLN C 962 50.87 28.90 34.00
N THR C 967 58.71 35.77 28.67
CA THR C 967 57.79 36.71 28.03
C THR C 967 58.51 37.65 27.05
N ASN C 968 58.35 37.39 25.75
CA ASN C 968 58.76 38.36 24.72
C ASN C 968 57.51 39.03 24.14
N LEU C 969 56.48 39.09 24.98
CA LEU C 969 55.29 39.89 24.76
C LEU C 969 55.73 41.34 24.73
N LEU C 970 56.47 41.75 25.76
CA LEU C 970 56.99 43.11 25.84
C LEU C 970 57.70 43.51 24.56
N GLN C 971 58.56 42.62 24.05
CA GLN C 971 59.29 42.88 22.81
C GLN C 971 58.37 43.34 21.66
N CYS C 972 57.32 42.57 21.40
CA CYS C 972 56.35 42.93 20.37
C CYS C 972 55.78 44.32 20.61
N TRP C 973 55.48 44.60 21.87
CA TRP C 973 54.97 45.91 22.26
C TRP C 973 56.02 46.97 21.97
N GLU C 974 57.20 46.84 22.59
CA GLU C 974 58.29 47.76 22.34
C GLU C 974 58.50 48.00 20.83
N ALA C 975 58.80 46.93 20.11
CA ALA C 975 59.01 47.02 18.66
C ALA C 975 57.86 47.74 17.95
N CYS C 976 56.62 47.47 18.38
CA CYS C 976 55.47 48.12 17.81
C CYS C 976 55.47 49.63 18.10
N VAL C 977 55.85 49.98 19.32
CA VAL C 977 55.95 51.39 19.73
C VAL C 977 56.97 52.13 18.88
N GLU C 978 57.91 51.38 18.30
CA GLU C 978 58.93 51.97 17.44
C GLU C 978 58.48 52.00 15.99
N ASN C 979 58.32 50.82 15.41
CA ASN C 979 58.00 50.70 14.00
C ASN C 979 56.83 51.58 13.57
N SER C 980 55.97 51.90 14.52
CA SER C 980 54.81 52.74 14.22
C SER C 980 55.10 54.22 14.51
N SER C 981 56.18 54.49 15.25
CA SER C 981 56.49 55.85 15.67
C SER C 981 55.33 56.40 16.49
N TYR C 982 54.74 55.53 17.29
CA TYR C 982 53.52 55.84 18.04
C TYR C 982 53.51 57.23 18.67
N TYR C 983 54.58 57.59 19.39
CA TYR C 983 54.59 58.85 20.13
C TYR C 983 54.67 60.07 19.23
N ASN C 984 55.39 59.96 18.12
CA ASN C 984 55.43 61.05 17.14
C ASN C 984 54.07 61.29 16.52
N ARG C 985 53.43 60.22 16.06
CA ARG C 985 52.15 60.35 15.39
C ARG C 985 51.02 60.79 16.31
N LYS C 986 50.99 60.25 17.53
CA LYS C 986 50.00 60.69 18.51
C LYS C 986 50.07 62.21 18.67
N LYS C 987 51.27 62.77 18.52
CA LYS C 987 51.45 64.21 18.57
C LYS C 987 50.70 64.89 17.42
N ALA C 988 50.94 64.40 16.21
CA ALA C 988 50.27 64.97 15.04
C ALA C 988 48.75 64.85 15.19
N VAL C 989 48.30 63.74 15.76
CA VAL C 989 46.89 63.50 16.01
C VAL C 989 46.31 64.53 16.99
N ASP C 990 47.01 64.73 18.10
CA ASP C 990 46.59 65.72 19.09
C ASP C 990 46.45 67.09 18.42
N GLU C 991 47.47 67.49 17.68
CA GLU C 991 47.45 68.76 16.96
C GLU C 991 46.24 68.81 16.04
N PHE C 992 46.10 67.80 15.20
CA PHE C 992 44.97 67.69 14.28
C PHE C 992 43.65 67.99 14.98
N ASN C 993 43.47 67.39 16.16
CA ASN C 993 42.25 67.58 16.95
C ASN C 993 42.05 69.02 17.44
N GLN C 994 43.16 69.76 17.52
CA GLN C 994 43.10 71.17 17.94
C GLN C 994 42.77 72.06 16.74
N GLN C 995 43.12 71.59 15.56
CA GLN C 995 42.81 72.30 14.31
C GLN C 995 41.42 71.96 13.82
N ARG C 996 40.99 70.73 14.06
CA ARG C 996 39.73 70.23 13.51
C ARG C 996 38.65 70.09 14.57
N PHE C 997 37.41 70.37 14.17
CA PHE C 997 36.26 70.28 15.07
C PHE C 997 35.25 69.28 14.53
N TRP C 998 34.80 69.49 13.30
CA TRP C 998 33.78 68.63 12.69
C TRP C 998 34.40 67.35 12.17
N LYS C 999 35.67 67.16 12.49
CA LYS C 999 36.40 65.97 12.09
C LYS C 999 37.44 65.73 13.15
N LYS C 1000 37.72 64.46 13.44
CA LYS C 1000 38.67 64.13 14.50
C LYS C 1000 39.46 62.87 14.15
N ARG C 1001 40.65 62.75 14.71
CA ARG C 1001 41.45 61.55 14.53
C ARG C 1001 41.69 60.83 15.87
N GLY C 1002 42.13 59.58 15.78
CA GLY C 1002 42.44 58.82 16.98
C GLY C 1002 43.47 57.76 16.66
N ILE C 1003 44.30 57.43 17.65
CA ILE C 1003 45.31 56.41 17.47
C ILE C 1003 45.32 55.47 18.66
N ALA C 1004 45.59 54.19 18.42
CA ALA C 1004 45.51 53.20 19.48
C ALA C 1004 46.52 52.07 19.29
N ILE C 1005 47.13 51.63 20.39
CA ILE C 1005 48.04 50.49 20.36
C ILE C 1005 47.67 49.46 21.42
N ILE C 1006 47.33 48.25 20.96
CA ILE C 1006 46.85 47.18 21.85
C ILE C 1006 47.82 45.99 21.92
N PRO C 1007 48.17 45.56 23.14
CA PRO C 1007 48.99 44.35 23.31
C PRO C 1007 48.14 43.10 23.16
N MET C 1008 48.79 41.93 23.08
CA MET C 1008 48.06 40.66 22.97
C MET C 1008 48.86 39.44 23.38
N LYS C 1009 48.30 38.67 24.31
CA LYS C 1009 48.83 37.36 24.63
C LYS C 1009 47.81 36.28 24.30
N PHE C 1010 47.93 35.71 23.11
CA PHE C 1010 47.05 34.65 22.65
C PHE C 1010 47.73 33.32 22.99
N SER C 1011 47.04 32.22 22.70
CA SER C 1011 47.60 30.89 22.89
C SER C 1011 46.90 29.94 21.93
N VAL C 1012 47.24 28.66 21.95
CA VAL C 1012 46.69 27.75 20.96
C VAL C 1012 46.47 26.32 21.46
N GLY C 1013 45.54 25.61 20.83
CA GLY C 1013 45.39 24.17 21.06
C GLY C 1013 44.19 23.73 21.87
N PHE C 1014 43.73 22.51 21.61
CA PHE C 1014 42.59 21.94 22.33
C PHE C 1014 42.95 21.68 23.79
N PRO C 1015 41.92 21.52 24.64
CA PRO C 1015 42.11 21.38 26.09
C PRO C 1015 42.24 19.94 26.62
N LYS C 1016 42.48 18.97 25.74
CA LYS C 1016 42.74 17.60 26.19
C LYS C 1016 43.74 16.90 25.26
N THR C 1017 44.68 16.18 25.87
CA THR C 1017 45.77 15.53 25.14
C THR C 1017 45.37 14.83 23.83
N PHE C 1018 44.34 13.99 23.88
CA PHE C 1018 43.98 13.18 22.71
C PHE C 1018 43.48 14.03 21.55
N TYR C 1019 43.07 15.25 21.84
CA TYR C 1019 42.60 16.18 20.82
C TYR C 1019 43.75 16.66 19.92
N TYR C 1020 44.98 16.34 20.31
CA TYR C 1020 46.17 16.82 19.61
C TYR C 1020 46.76 15.80 18.66
N GLN C 1021 46.29 14.56 18.72
CA GLN C 1021 46.87 13.52 17.89
C GLN C 1021 46.64 13.82 16.42
N ALA C 1022 47.44 13.17 15.58
CA ALA C 1022 47.44 13.43 14.14
C ALA C 1022 48.20 12.32 13.44
N ALA C 1023 47.91 12.10 12.16
CA ALA C 1023 48.51 10.97 11.46
C ALA C 1023 48.90 11.28 10.02
N ALA C 1024 49.68 10.39 9.42
CA ALA C 1024 50.05 10.53 8.02
C ALA C 1024 50.37 9.18 7.43
N LEU C 1025 50.26 9.06 6.12
CA LEU C 1025 50.69 7.87 5.39
C LEU C 1025 51.49 8.32 4.19
N VAL C 1026 52.80 8.12 4.23
CA VAL C 1026 53.69 8.57 3.17
C VAL C 1026 54.10 7.39 2.30
N GLN C 1027 54.11 7.60 1.00
CA GLN C 1027 54.27 6.50 0.07
C GLN C 1027 55.42 6.81 -0.89
N ILE C 1028 56.29 5.85 -1.11
CA ILE C 1028 57.38 6.05 -2.06
C ILE C 1028 57.35 5.01 -3.16
N TYR C 1029 57.08 5.48 -4.38
CA TYR C 1029 57.02 4.58 -5.52
C TYR C 1029 58.44 4.37 -6.06
N THR C 1030 58.63 3.40 -6.95
CA THR C 1030 59.98 3.00 -7.36
C THR C 1030 60.62 3.90 -8.40
N ASP C 1031 59.93 4.97 -8.78
CA ASP C 1031 60.49 5.95 -9.70
C ASP C 1031 61.05 7.13 -8.92
N GLY C 1032 60.91 7.07 -7.60
CA GLY C 1032 61.45 8.12 -6.75
C GLY C 1032 60.43 9.18 -6.35
N SER C 1033 59.20 9.07 -6.84
CA SER C 1033 58.19 10.05 -6.46
C SER C 1033 57.43 9.65 -5.20
N VAL C 1034 57.06 10.66 -4.43
CA VAL C 1034 56.51 10.48 -3.11
C VAL C 1034 55.10 11.01 -3.09
N LEU C 1035 54.20 10.28 -2.45
CA LEU C 1035 52.83 10.71 -2.27
C LEU C 1035 52.54 10.88 -0.79
N VAL C 1036 52.31 12.12 -0.36
CA VAL C 1036 52.01 12.38 1.04
C VAL C 1036 50.50 12.40 1.27
N ALA C 1037 50.08 12.16 2.51
CA ALA C 1037 48.67 12.22 2.86
C ALA C 1037 48.53 12.30 4.36
N HIS C 1038 47.74 13.25 4.85
CA HIS C 1038 47.61 13.43 6.28
C HIS C 1038 46.20 13.76 6.73
N GLY C 1039 46.07 14.22 7.97
CA GLY C 1039 44.77 14.45 8.58
C GLY C 1039 44.23 15.87 8.45
N GLY C 1040 45.13 16.83 8.21
CA GLY C 1040 44.71 18.22 8.04
C GLY C 1040 44.00 18.46 6.72
N VAL C 1041 43.39 19.62 6.56
CA VAL C 1041 42.61 19.95 5.37
C VAL C 1041 42.88 21.35 4.87
N GLU C 1042 43.22 21.48 3.59
CA GLU C 1042 43.55 22.78 3.05
C GLU C 1042 42.33 23.69 2.99
N LEU C 1043 42.36 24.77 3.77
CA LEU C 1043 41.30 25.78 3.79
C LEU C 1043 41.80 27.10 3.20
N GLY C 1044 43.00 27.06 2.64
CA GLY C 1044 43.66 28.27 2.17
C GLY C 1044 44.76 28.81 3.09
N GLN C 1045 44.95 28.21 4.25
CA GLN C 1045 46.00 28.63 5.17
C GLN C 1045 47.30 27.88 4.91
N GLY C 1046 47.26 27.00 3.89
CA GLY C 1046 48.44 26.34 3.41
C GLY C 1046 49.02 25.21 4.26
N ILE C 1047 48.17 24.33 4.78
CA ILE C 1047 48.70 23.15 5.46
C ILE C 1047 49.41 22.31 4.44
N ASN C 1048 48.69 21.95 3.39
CA ASN C 1048 49.20 21.08 2.34
C ASN C 1048 50.60 21.52 1.90
N THR C 1049 50.76 22.82 1.67
CA THR C 1049 52.07 23.38 1.30
C THR C 1049 53.14 23.06 2.33
N LYS C 1050 52.80 23.24 3.60
CA LYS C 1050 53.76 23.03 4.67
C LYS C 1050 54.19 21.58 4.71
N MET C 1051 53.23 20.67 4.70
CA MET C 1051 53.55 19.24 4.83
C MET C 1051 54.51 18.81 3.72
N ILE C 1052 54.52 19.54 2.61
CA ILE C 1052 55.47 19.24 1.54
C ILE C 1052 56.85 19.76 1.92
N GLN C 1053 56.88 20.96 2.51
CA GLN C 1053 58.10 21.56 3.02
C GLN C 1053 58.76 20.62 4.01
N VAL C 1054 57.98 20.17 4.98
CA VAL C 1054 58.44 19.15 5.92
C VAL C 1054 59.00 17.94 5.18
N ALA C 1055 58.15 17.28 4.42
CA ALA C 1055 58.55 16.08 3.70
C ALA C 1055 59.86 16.30 2.98
N SER C 1056 60.11 17.53 2.57
CA SER C 1056 61.33 17.88 1.83
C SER C 1056 62.57 17.87 2.71
N ARG C 1057 62.44 18.42 3.92
CA ARG C 1057 63.52 18.33 4.90
C ARG C 1057 63.90 16.88 5.12
N GLU C 1058 62.97 16.12 5.69
CA GLU C 1058 63.28 14.80 6.23
C GLU C 1058 63.61 13.74 5.19
N LEU C 1059 63.18 13.93 3.96
CA LEU C 1059 63.55 13.01 2.89
C LEU C 1059 64.71 13.59 2.09
N LYS C 1060 65.05 14.85 2.40
CA LYS C 1060 66.07 15.60 1.67
C LYS C 1060 66.00 15.40 0.15
N ILE C 1061 64.78 15.48 -0.38
CA ILE C 1061 64.58 15.55 -1.82
C ILE C 1061 63.86 16.86 -2.10
N PRO C 1062 63.86 17.29 -3.37
CA PRO C 1062 63.25 18.59 -3.67
C PRO C 1062 61.74 18.49 -3.53
N MET C 1063 61.09 19.57 -3.10
CA MET C 1063 59.63 19.60 -3.05
C MET C 1063 58.99 18.96 -4.29
N SER C 1064 59.59 19.19 -5.46
CA SER C 1064 59.01 18.72 -6.73
C SER C 1064 58.89 17.20 -6.83
N TYR C 1065 59.70 16.48 -6.07
CA TYR C 1065 59.60 15.03 -6.07
C TYR C 1065 58.35 14.61 -5.30
N ILE C 1066 57.85 15.52 -4.48
CA ILE C 1066 56.81 15.22 -3.51
C ILE C 1066 55.48 15.76 -3.97
N HIS C 1067 54.42 14.99 -3.76
CA HIS C 1067 53.10 15.43 -4.18
C HIS C 1067 52.01 15.01 -3.19
N LEU C 1068 50.96 15.81 -3.10
CA LEU C 1068 49.87 15.58 -2.14
C LEU C 1068 48.50 15.66 -2.82
N ASP C 1069 47.72 14.59 -2.71
CA ASP C 1069 46.46 14.50 -3.43
C ASP C 1069 45.25 15.13 -2.72
N GLU C 1070 44.94 14.62 -1.54
CA GLU C 1070 43.77 15.09 -0.79
C GLU C 1070 43.79 14.52 0.61
N MET C 1071 42.82 14.89 1.43
CA MET C 1071 42.62 14.23 2.73
C MET C 1071 41.46 13.25 2.57
N SER C 1072 41.63 12.03 3.07
CA SER C 1072 40.59 11.02 2.93
C SER C 1072 40.63 10.05 4.10
N THR C 1073 39.46 9.59 4.54
CA THR C 1073 39.37 8.66 5.66
C THR C 1073 39.81 7.25 5.25
N VAL C 1074 40.16 7.09 3.98
CA VAL C 1074 40.69 5.82 3.50
C VAL C 1074 42.17 5.68 3.86
N THR C 1075 42.86 6.82 3.90
CA THR C 1075 44.31 6.84 4.09
C THR C 1075 44.75 7.21 5.51
N VAL C 1076 43.92 7.96 6.21
CA VAL C 1076 44.24 8.35 7.59
C VAL C 1076 42.96 8.34 8.42
N PRO C 1077 42.76 7.26 9.16
CA PRO C 1077 41.57 6.99 9.98
C PRO C 1077 41.57 7.76 11.30
N ASN C 1078 40.38 8.03 11.82
CA ASN C 1078 40.23 8.65 13.12
C ASN C 1078 41.07 9.91 13.25
N THR C 1079 40.72 10.92 12.46
CA THR C 1079 41.40 12.21 12.54
C THR C 1079 40.57 13.20 13.34
N VAL C 1080 41.17 14.34 13.66
CA VAL C 1080 40.50 15.38 14.42
C VAL C 1080 40.36 16.61 13.52
N THR C 1081 39.38 17.47 13.82
CA THR C 1081 39.10 18.64 13.00
C THR C 1081 40.38 19.44 12.80
N THR C 1082 40.44 20.17 11.69
CA THR C 1082 41.57 21.06 11.45
C THR C 1082 41.30 22.40 12.13
N GLY C 1083 41.65 22.50 13.41
CA GLY C 1083 41.37 23.70 14.17
C GLY C 1083 42.32 24.02 15.32
N ALA C 1084 41.93 25.00 16.12
CA ALA C 1084 42.72 25.44 17.26
C ALA C 1084 44.12 25.91 16.88
N SER C 1085 44.29 26.31 15.62
CA SER C 1085 45.57 26.85 15.14
C SER C 1085 46.75 25.89 15.26
N THR C 1086 46.47 24.60 15.43
CA THR C 1086 47.52 23.62 15.62
C THR C 1086 47.68 22.71 14.41
N GLY C 1087 46.96 23.02 13.35
CA GLY C 1087 46.90 22.15 12.19
C GLY C 1087 48.23 21.54 11.76
N ALA C 1088 49.18 22.41 11.43
CA ALA C 1088 50.47 21.98 10.90
C ALA C 1088 51.44 21.55 11.99
N ASP C 1089 51.22 21.98 13.23
CA ASP C 1089 52.03 21.52 14.35
C ASP C 1089 51.85 20.01 14.51
N VAL C 1090 50.60 19.56 14.58
CA VAL C 1090 50.32 18.16 14.85
C VAL C 1090 50.58 17.28 13.61
N ASN C 1091 50.03 17.67 12.46
CA ASN C 1091 50.27 16.91 11.24
C ASN C 1091 51.72 17.03 10.79
N GLY C 1092 52.31 18.20 10.99
CA GLY C 1092 53.73 18.37 10.71
C GLY C 1092 54.54 17.30 11.41
N ARG C 1093 54.14 16.96 12.63
CA ARG C 1093 54.81 15.91 13.40
C ARG C 1093 54.51 14.53 12.83
N ALA C 1094 53.27 14.31 12.44
CA ALA C 1094 52.90 13.02 11.86
C ALA C 1094 53.72 12.78 10.59
N VAL C 1095 53.67 13.73 9.67
CA VAL C 1095 54.41 13.61 8.41
C VAL C 1095 55.91 13.47 8.63
N GLN C 1096 56.45 14.23 9.57
CA GLN C 1096 57.85 14.07 9.97
C GLN C 1096 58.15 12.64 10.40
N ASN C 1097 57.23 12.07 11.18
CA ASN C 1097 57.39 10.71 11.69
C ASN C 1097 57.40 9.66 10.58
N ALA C 1098 56.54 9.84 9.59
CA ALA C 1098 56.50 8.95 8.45
C ALA C 1098 57.81 8.97 7.67
N CYS C 1099 58.29 10.17 7.39
CA CYS C 1099 59.54 10.34 6.65
C CYS C 1099 60.72 9.69 7.41
N GLN C 1100 60.88 10.05 8.67
CA GLN C 1100 61.98 9.50 9.46
C GLN C 1100 62.00 7.99 9.38
N ILE C 1101 60.91 7.37 9.81
CA ILE C 1101 60.76 5.92 9.76
C ILE C 1101 61.25 5.33 8.44
N LEU C 1102 60.94 6.00 7.34
CA LEU C 1102 61.32 5.53 6.00
C LEU C 1102 62.82 5.66 5.78
N MET C 1103 63.34 6.86 6.00
CA MET C 1103 64.75 7.13 5.85
C MET C 1103 65.59 6.09 6.59
N LYS C 1104 65.28 5.87 7.87
CA LYS C 1104 65.97 4.87 8.67
C LYS C 1104 65.98 3.51 7.97
N ARG C 1105 64.98 3.26 7.12
CA ARG C 1105 64.87 1.97 6.44
C ARG C 1105 65.78 1.93 5.23
N LEU C 1106 66.11 3.10 4.71
CA LEU C 1106 67.04 3.20 3.58
C LEU C 1106 68.47 3.38 4.07
N GLU C 1107 68.67 3.30 5.38
CA GLU C 1107 69.99 3.49 5.96
C GLU C 1107 71.04 2.62 5.29
N PRO C 1108 70.84 1.29 5.30
CA PRO C 1108 71.82 0.40 4.67
C PRO C 1108 71.96 0.68 3.17
N ILE C 1109 70.89 1.18 2.56
CA ILE C 1109 70.92 1.45 1.13
C ILE C 1109 71.78 2.66 0.79
N ILE C 1110 71.82 3.65 1.68
CA ILE C 1110 72.68 4.82 1.44
C ILE C 1110 74.10 4.61 1.98
N LYS C 1111 74.44 3.38 2.36
CA LYS C 1111 75.81 3.08 2.76
C LYS C 1111 76.54 2.31 1.67
N GLN C 1112 75.87 1.29 1.12
CA GLN C 1112 76.46 0.52 0.03
C GLN C 1112 76.67 1.36 -1.24
N ASN C 1113 76.00 2.50 -1.31
CA ASN C 1113 76.14 3.42 -2.43
C ASN C 1113 75.95 4.86 -1.96
N PRO C 1114 76.81 5.30 -1.02
CA PRO C 1114 76.58 6.52 -0.26
C PRO C 1114 76.50 7.76 -1.14
N SER C 1115 76.98 7.65 -2.37
CA SER C 1115 77.02 8.80 -3.29
C SER C 1115 76.08 8.63 -4.48
N GLY C 1116 75.12 7.71 -4.37
CA GLY C 1116 74.18 7.46 -5.44
C GLY C 1116 73.07 8.48 -5.54
N THR C 1117 72.05 8.17 -6.33
CA THR C 1117 70.91 9.07 -6.47
C THR C 1117 69.66 8.52 -5.81
N TRP C 1118 68.87 9.41 -5.23
CA TRP C 1118 67.62 9.05 -4.60
C TRP C 1118 66.86 8.00 -5.42
N GLU C 1119 66.95 8.11 -6.75
CA GLU C 1119 66.28 7.17 -7.64
C GLU C 1119 66.86 5.77 -7.56
N GLU C 1120 68.19 5.66 -7.54
CA GLU C 1120 68.85 4.36 -7.49
C GLU C 1120 68.61 3.68 -6.15
N TRP C 1121 68.62 4.48 -5.09
CA TRP C 1121 68.30 4.02 -3.76
C TRP C 1121 66.96 3.28 -3.68
N VAL C 1122 65.87 3.94 -4.08
CA VAL C 1122 64.55 3.33 -3.96
C VAL C 1122 64.41 2.04 -4.78
N LYS C 1123 64.92 2.05 -6.02
CA LYS C 1123 64.86 0.85 -6.85
C LYS C 1123 65.52 -0.34 -6.16
N GLU C 1124 66.63 -0.06 -5.47
CA GLU C 1124 67.36 -1.11 -4.76
C GLU C 1124 66.65 -1.51 -3.47
N ALA C 1125 66.02 -0.54 -2.81
CA ALA C 1125 65.19 -0.84 -1.63
C ALA C 1125 64.19 -1.92 -2.02
N PHE C 1126 63.45 -1.67 -3.10
CA PHE C 1126 62.44 -2.61 -3.58
C PHE C 1126 63.02 -3.98 -3.90
N VAL C 1127 64.11 -3.99 -4.66
CA VAL C 1127 64.74 -5.24 -5.06
C VAL C 1127 65.24 -6.02 -3.84
N GLN C 1128 65.54 -5.30 -2.76
CA GLN C 1128 66.05 -5.95 -1.54
C GLN C 1128 64.96 -6.13 -0.48
N SER C 1129 63.70 -6.05 -0.90
CA SER C 1129 62.56 -6.28 -0.02
C SER C 1129 62.47 -5.33 1.18
N ILE C 1130 62.84 -4.07 0.99
CA ILE C 1130 62.58 -3.06 2.01
C ILE C 1130 61.29 -2.30 1.72
N SER C 1131 60.38 -2.30 2.69
CA SER C 1131 59.07 -1.68 2.53
C SER C 1131 59.16 -0.18 2.35
N LEU C 1132 58.49 0.33 1.33
CA LEU C 1132 58.43 1.76 1.02
C LEU C 1132 57.07 2.36 1.35
N SER C 1133 56.28 1.64 2.17
CA SER C 1133 54.99 2.12 2.65
C SER C 1133 55.04 2.30 4.17
N ALA C 1134 54.92 3.53 4.64
CA ALA C 1134 55.06 3.80 6.07
C ALA C 1134 54.06 4.83 6.58
N THR C 1135 53.61 4.67 7.82
CA THR C 1135 52.65 5.60 8.41
C THR C 1135 53.24 6.32 9.60
N GLY C 1136 52.88 7.59 9.78
CA GLY C 1136 53.34 8.37 10.90
C GLY C 1136 52.25 8.67 11.92
N TYR C 1137 52.65 9.16 13.08
CA TYR C 1137 51.68 9.42 14.16
C TYR C 1137 52.24 10.35 15.23
N PHE C 1138 51.37 11.18 15.78
CA PHE C 1138 51.73 12.11 16.85
C PHE C 1138 50.72 11.94 17.97
N ARG C 1139 51.19 11.47 19.13
CA ARG C 1139 50.33 11.25 20.28
C ARG C 1139 49.67 12.55 20.75
N GLY C 1140 50.30 13.68 20.42
CA GLY C 1140 49.77 14.98 20.79
C GLY C 1140 50.50 15.63 21.95
N TYR C 1141 50.26 16.92 22.15
CA TYR C 1141 50.85 17.66 23.25
C TYR C 1141 50.08 17.41 24.55
N GLN C 1142 50.81 17.21 25.64
CA GLN C 1142 50.15 17.02 26.92
C GLN C 1142 49.37 18.27 27.31
N ALA C 1143 48.06 18.12 27.51
CA ALA C 1143 47.22 19.22 27.97
C ALA C 1143 46.09 18.68 28.81
N ASP C 1144 45.80 19.38 29.91
CA ASP C 1144 44.71 18.98 30.79
C ASP C 1144 44.19 20.16 31.62
N MET C 1145 42.91 20.12 31.95
CA MET C 1145 42.27 21.19 32.71
C MET C 1145 41.28 20.61 33.69
N ASP C 1146 41.24 21.17 34.91
CA ASP C 1146 40.32 20.72 35.94
C ASP C 1146 39.46 21.86 36.47
N TRP C 1147 38.27 22.04 35.88
CA TRP C 1147 37.47 23.23 36.13
C TRP C 1147 37.03 23.41 37.58
N GLU C 1148 37.02 22.31 38.35
CA GLU C 1148 36.60 22.38 39.74
C GLU C 1148 37.67 23.01 40.63
N LYS C 1149 38.93 22.66 40.39
CA LYS C 1149 40.04 23.29 41.09
C LYS C 1149 40.39 24.59 40.39
N GLY C 1150 39.85 24.75 39.18
CA GLY C 1150 40.02 25.95 38.40
C GLY C 1150 41.42 26.18 37.87
N GLU C 1151 42.19 25.10 37.75
CA GLU C 1151 43.58 25.22 37.32
C GLU C 1151 44.06 24.04 36.46
N GLY C 1152 44.94 24.36 35.51
CA GLY C 1152 45.53 23.34 34.65
C GLY C 1152 46.43 23.93 33.57
N ASP C 1153 47.20 23.06 32.92
CA ASP C 1153 48.03 23.44 31.79
C ASP C 1153 47.41 22.93 30.49
N ILE C 1154 46.86 23.85 29.70
CA ILE C 1154 46.15 23.49 28.48
C ILE C 1154 47.03 23.72 27.25
N PHE C 1155 47.45 24.96 27.05
CA PHE C 1155 48.13 25.36 25.83
C PHE C 1155 49.63 25.09 25.88
N PRO C 1156 50.17 24.53 24.79
CA PRO C 1156 51.59 24.19 24.70
C PRO C 1156 52.50 25.40 24.71
N TYR C 1157 52.04 26.50 24.12
CA TYR C 1157 52.82 27.74 24.09
C TYR C 1157 51.90 28.95 23.92
N PHE C 1158 52.50 30.13 23.80
CA PHE C 1158 51.71 31.34 23.59
C PHE C 1158 52.17 32.11 22.37
N VAL C 1159 51.25 32.88 21.80
CA VAL C 1159 51.55 33.76 20.69
C VAL C 1159 51.45 35.19 21.18
N PHE C 1160 52.53 35.95 21.05
CA PHE C 1160 52.57 37.33 21.52
C PHE C 1160 52.62 38.29 20.35
N GLY C 1161 51.87 39.38 20.47
CA GLY C 1161 51.80 40.36 19.40
C GLY C 1161 51.25 41.69 19.88
N ALA C 1162 50.99 42.59 18.94
CA ALA C 1162 50.44 43.89 19.24
C ALA C 1162 50.26 44.70 17.97
N ALA C 1163 49.35 45.65 18.00
CA ALA C 1163 49.02 46.43 16.82
C ALA C 1163 48.75 47.88 17.18
N CYS C 1164 49.15 48.79 16.30
CA CYS C 1164 48.84 50.19 16.47
C CYS C 1164 48.11 50.70 15.22
N SER C 1165 46.85 51.06 15.38
CA SER C 1165 46.06 51.55 14.26
C SER C 1165 45.66 53.01 14.44
N GLU C 1166 45.28 53.64 13.34
CA GLU C 1166 44.94 55.06 13.34
C GLU C 1166 43.83 55.37 12.35
N VAL C 1167 42.87 56.18 12.77
CA VAL C 1167 41.71 56.49 11.93
C VAL C 1167 41.31 57.96 11.99
N GLU C 1168 40.47 58.36 11.03
CA GLU C 1168 39.89 59.70 10.99
C GLU C 1168 38.36 59.62 10.78
N ILE C 1169 37.59 59.95 11.82
CA ILE C 1169 36.13 59.86 11.77
C ILE C 1169 35.46 61.16 11.30
N ASP C 1170 34.39 61.03 10.53
CA ASP C 1170 33.65 62.19 10.05
C ASP C 1170 32.49 62.50 11.00
N CYS C 1171 32.72 63.39 11.96
CA CYS C 1171 31.75 63.66 13.02
C CYS C 1171 30.32 63.89 12.51
N LEU C 1172 30.18 64.33 11.27
CA LEU C 1172 28.86 64.66 10.73
C LEU C 1172 28.06 63.46 10.20
N THR C 1173 28.75 62.48 9.62
CA THR C 1173 28.04 61.31 9.09
C THR C 1173 28.29 60.05 9.93
N GLY C 1174 29.39 60.07 10.68
CA GLY C 1174 29.76 58.91 11.49
C GLY C 1174 30.78 58.02 10.80
N ALA C 1175 30.91 58.15 9.48
CA ALA C 1175 31.87 57.35 8.74
C ALA C 1175 33.31 57.66 9.16
N HIS C 1176 34.25 56.84 8.70
CA HIS C 1176 35.65 56.95 9.09
C HIS C 1176 36.51 56.20 8.10
N LYS C 1177 37.77 56.60 7.93
CA LYS C 1177 38.72 55.83 7.14
C LYS C 1177 39.92 55.36 7.95
N ASN C 1178 40.38 54.14 7.67
CA ASN C 1178 41.54 53.56 8.36
C ASN C 1178 42.84 53.99 7.68
N ILE C 1179 43.65 54.78 8.37
CA ILE C 1179 44.79 55.43 7.72
C ILE C 1179 46.07 54.59 7.69
N ARG C 1180 46.54 54.18 8.87
CA ARG C 1180 47.71 53.32 8.97
C ARG C 1180 47.47 52.23 10.00
N THR C 1181 48.19 51.13 9.86
CA THR C 1181 48.14 50.04 10.83
C THR C 1181 49.46 49.28 10.83
N ASP C 1182 50.01 49.07 12.02
CA ASP C 1182 51.25 48.34 12.16
C ASP C 1182 51.01 47.11 13.03
N ILE C 1183 51.67 46.02 12.68
CA ILE C 1183 51.51 44.80 13.45
C ILE C 1183 52.85 44.10 13.66
N VAL C 1184 53.18 43.84 14.92
CA VAL C 1184 54.29 42.97 15.26
C VAL C 1184 53.73 41.72 15.91
N MET C 1185 54.21 40.55 15.50
CA MET C 1185 53.71 39.30 16.03
C MET C 1185 54.83 38.28 16.15
N ASP C 1186 54.93 37.63 17.32
CA ASP C 1186 55.93 36.59 17.54
C ASP C 1186 55.54 35.34 16.75
N GLY C 1187 56.27 35.09 15.67
CA GLY C 1187 56.04 33.92 14.84
C GLY C 1187 57.08 32.89 15.15
N SER C 1188 58.27 33.36 15.54
CA SER C 1188 59.34 32.47 16.00
C SER C 1188 59.68 31.38 14.99
N PHE C 1189 60.59 31.68 14.06
CA PHE C 1189 60.96 30.71 13.04
C PHE C 1189 59.74 30.17 12.33
N SER C 1190 59.02 31.06 11.64
CA SER C 1190 57.90 30.66 10.81
C SER C 1190 58.35 29.56 9.85
N ILE C 1191 57.45 28.65 9.51
CA ILE C 1191 57.78 27.60 8.55
C ILE C 1191 57.60 28.11 7.13
N ASN C 1192 56.84 29.20 6.98
CA ASN C 1192 56.62 29.78 5.67
C ASN C 1192 56.20 31.25 5.76
N PRO C 1193 57.18 32.14 5.93
CA PRO C 1193 56.99 33.58 6.14
C PRO C 1193 55.85 34.15 5.31
N ALA C 1194 55.72 33.69 4.07
CA ALA C 1194 54.70 34.22 3.18
C ALA C 1194 53.31 33.77 3.60
N VAL C 1195 53.20 32.52 4.03
CA VAL C 1195 51.94 31.96 4.49
C VAL C 1195 51.48 32.62 5.79
N ASP C 1196 52.33 32.58 6.80
CA ASP C 1196 52.00 33.18 8.08
C ASP C 1196 51.62 34.66 7.95
N ILE C 1197 52.51 35.48 7.38
CA ILE C 1197 52.18 36.90 7.15
C ILE C 1197 50.78 37.07 6.55
N GLY C 1198 50.41 36.19 5.64
CA GLY C 1198 49.09 36.26 5.03
C GLY C 1198 48.02 36.02 6.07
N GLN C 1199 48.23 35.00 6.91
CA GLN C 1199 47.30 34.69 8.00
C GLN C 1199 47.03 35.91 8.87
N ILE C 1200 48.10 36.55 9.34
CA ILE C 1200 48.00 37.74 10.16
C ILE C 1200 47.24 38.86 9.43
N GLU C 1201 47.65 39.16 8.21
CA GLU C 1201 47.02 40.23 7.45
C GLU C 1201 45.51 39.96 7.37
N GLY C 1202 45.15 38.76 6.94
CA GLY C 1202 43.77 38.37 6.80
C GLY C 1202 43.01 38.41 8.11
N ALA C 1203 43.34 37.48 9.00
CA ALA C 1203 42.70 37.42 10.30
C ALA C 1203 42.57 38.80 10.93
N PHE C 1204 43.47 39.73 10.60
CA PHE C 1204 43.35 41.08 11.14
C PHE C 1204 42.10 41.75 10.63
N VAL C 1205 41.81 41.55 9.34
CA VAL C 1205 40.67 42.17 8.70
C VAL C 1205 39.34 41.59 9.17
N GLN C 1206 39.29 40.28 9.35
CA GLN C 1206 38.11 39.68 9.95
C GLN C 1206 37.89 40.35 11.30
N GLY C 1207 38.95 40.44 12.09
CA GLY C 1207 38.88 41.15 13.35
C GLY C 1207 38.30 42.55 13.16
N LEU C 1208 38.90 43.31 12.25
CA LEU C 1208 38.43 44.66 11.91
C LEU C 1208 36.92 44.70 11.64
N GLY C 1209 36.42 43.79 10.79
CA GLY C 1209 35.02 43.76 10.42
C GLY C 1209 34.10 43.48 11.59
N LEU C 1210 34.57 42.62 12.49
CA LEU C 1210 33.80 42.28 13.68
C LEU C 1210 33.55 43.51 14.55
N TYR C 1211 34.54 44.41 14.64
CA TYR C 1211 34.45 45.53 15.57
C TYR C 1211 33.99 46.85 14.96
N THR C 1212 33.88 46.91 13.62
CA THR C 1212 33.63 48.19 12.95
C THR C 1212 32.59 48.21 11.81
N LEU C 1213 32.46 47.09 11.10
CA LEU C 1213 31.65 47.07 9.89
C LEU C 1213 30.55 46.00 9.90
N GLU C 1214 30.92 44.78 10.26
CA GLU C 1214 30.02 43.64 10.12
C GLU C 1214 28.87 43.64 11.13
N GLU C 1215 27.63 43.58 10.62
CA GLU C 1215 26.44 43.60 11.47
C GLU C 1215 25.47 42.47 11.14
N LEU C 1216 24.98 41.83 12.18
CA LEU C 1216 23.83 40.95 12.04
C LEU C 1216 22.67 41.53 12.83
N LYS C 1217 21.47 41.51 12.27
CA LYS C 1217 20.32 42.09 12.94
C LYS C 1217 19.13 41.17 12.88
N TYR C 1218 18.37 41.13 13.97
CA TYR C 1218 17.22 40.24 14.10
C TYR C 1218 15.99 41.02 14.52
N SER C 1219 14.82 40.52 14.17
CA SER C 1219 13.57 41.13 14.60
C SER C 1219 13.24 40.61 15.99
N PRO C 1220 12.33 41.28 16.70
CA PRO C 1220 12.01 40.87 18.06
C PRO C 1220 11.85 39.36 18.21
N GLU C 1221 11.23 38.69 17.24
CA GLU C 1221 11.04 37.24 17.36
C GLU C 1221 12.18 36.41 16.80
N GLY C 1222 13.33 37.04 16.56
CA GLY C 1222 14.55 36.32 16.24
C GLY C 1222 14.63 35.74 14.85
N VAL C 1223 14.13 36.48 13.86
CA VAL C 1223 14.34 36.13 12.46
C VAL C 1223 15.48 36.97 11.89
N LEU C 1224 16.32 36.36 11.07
CA LEU C 1224 17.53 37.02 10.56
C LEU C 1224 17.22 37.98 9.42
N TYR C 1225 17.42 39.28 9.66
CA TYR C 1225 17.16 40.31 8.66
C TYR C 1225 18.19 40.32 7.55
N THR C 1226 19.46 40.39 7.94
CA THR C 1226 20.54 40.55 6.97
C THR C 1226 20.99 39.21 6.36
N ARG C 1227 20.32 38.80 5.29
CA ARG C 1227 20.68 37.55 4.62
C ARG C 1227 21.33 37.80 3.25
N HIS C 1230 24.54 41.86 -0.12
CA HIS C 1230 23.84 43.14 -0.31
C HIS C 1230 23.55 43.83 1.02
N GLN C 1231 23.35 43.03 2.07
CA GLN C 1231 23.01 43.59 3.37
C GLN C 1231 24.10 43.30 4.39
N TYR C 1232 24.82 42.20 4.22
CA TYR C 1232 25.94 41.90 5.10
C TYR C 1232 27.25 42.38 4.49
N LYS C 1233 27.86 43.38 5.13
CA LYS C 1233 29.03 44.05 4.59
C LYS C 1233 30.35 43.58 5.20
N ILE C 1234 31.12 42.80 4.44
CA ILE C 1234 32.48 42.47 4.82
C ILE C 1234 33.41 43.52 4.26
N ALA C 1235 34.61 43.60 4.81
CA ALA C 1235 35.60 44.58 4.34
C ALA C 1235 35.92 44.40 2.86
N SER C 1236 35.95 45.51 2.13
CA SER C 1236 36.38 45.50 0.75
C SER C 1236 37.74 46.18 0.64
N VAL C 1237 38.24 46.31 -0.58
CA VAL C 1237 39.57 46.86 -0.80
C VAL C 1237 39.76 48.26 -0.21
N THR C 1238 38.68 49.03 -0.10
CA THR C 1238 38.81 50.42 0.33
C THR C 1238 38.60 50.59 1.83
N ASP C 1239 38.40 49.49 2.54
CA ASP C 1239 38.10 49.54 3.97
C ASP C 1239 39.36 49.31 4.81
N ILE C 1240 40.25 48.45 4.31
CA ILE C 1240 41.46 48.11 5.05
C ILE C 1240 42.42 49.29 5.05
N PRO C 1241 43.21 49.44 6.12
CA PRO C 1241 44.10 50.59 6.28
C PRO C 1241 45.04 50.70 5.08
N GLU C 1242 45.05 51.85 4.41
CA GLU C 1242 45.78 51.98 3.15
C GLU C 1242 47.28 51.86 3.35
N GLU C 1243 47.72 51.97 4.60
CA GLU C 1243 49.12 51.74 4.92
C GLU C 1243 49.24 50.59 5.91
N PHE C 1244 49.46 49.38 5.41
CA PHE C 1244 49.41 48.19 6.27
C PHE C 1244 50.73 47.45 6.36
N HIS C 1245 51.38 47.54 7.52
CA HIS C 1245 52.67 46.88 7.74
C HIS C 1245 52.55 45.72 8.72
N VAL C 1246 53.19 44.61 8.40
CA VAL C 1246 53.27 43.45 9.29
C VAL C 1246 54.71 42.97 9.44
N SER C 1247 55.11 42.60 10.65
CA SER C 1247 56.47 42.09 10.85
C SER C 1247 56.57 41.08 11.97
N LEU C 1248 57.26 39.97 11.72
CA LEU C 1248 57.48 38.96 12.75
C LEU C 1248 58.70 39.32 13.60
N LEU C 1249 58.57 39.20 14.93
CA LEU C 1249 59.69 39.43 15.83
C LEU C 1249 60.86 38.54 15.46
N THR C 1250 62.09 39.00 15.76
CA THR C 1250 63.27 38.19 15.49
C THR C 1250 63.02 36.77 15.97
N PRO C 1251 63.41 35.76 15.17
CA PRO C 1251 63.17 34.36 15.56
C PRO C 1251 63.75 34.01 16.93
N THR C 1252 63.04 33.14 17.64
CA THR C 1252 63.35 32.82 19.03
C THR C 1252 62.91 31.39 19.31
N PRO C 1253 63.69 30.65 20.12
CA PRO C 1253 63.39 29.25 20.44
C PRO C 1253 61.95 29.01 20.92
N ASN C 1254 61.35 27.96 20.38
CA ASN C 1254 60.05 27.44 20.79
C ASN C 1254 60.12 25.93 20.56
N PRO C 1255 61.05 25.26 21.25
CA PRO C 1255 61.47 23.89 20.92
C PRO C 1255 60.32 22.89 20.97
N LYS C 1256 59.25 23.25 21.65
CA LYS C 1256 58.09 22.36 21.76
C LYS C 1256 57.55 22.00 20.40
N ALA C 1257 57.22 23.01 19.60
CA ALA C 1257 56.62 22.78 18.28
C ALA C 1257 57.67 22.42 17.25
N ILE C 1258 57.26 21.74 16.18
CA ILE C 1258 58.19 21.29 15.16
C ILE C 1258 58.99 22.45 14.58
N TYR C 1259 60.31 22.32 14.57
CA TYR C 1259 61.18 23.32 13.97
C TYR C 1259 61.04 24.69 14.64
N SER C 1260 60.66 24.70 15.91
CA SER C 1260 60.45 25.92 16.66
C SER C 1260 59.53 26.90 15.94
N SER C 1261 58.45 26.36 15.36
CA SER C 1261 57.42 27.19 14.71
C SER C 1261 56.30 27.52 15.70
N LYS C 1262 55.33 28.30 15.24
CA LYS C 1262 54.25 28.77 16.10
C LYS C 1262 53.00 29.09 15.29
N GLY C 1263 51.90 28.37 15.57
CA GLY C 1263 50.67 28.51 14.81
C GLY C 1263 50.05 29.89 14.92
N LEU C 1264 49.95 30.60 13.78
CA LEU C 1264 49.46 31.97 13.74
C LEU C 1264 48.08 32.12 13.09
N GLY C 1265 47.36 31.00 13.00
CA GLY C 1265 46.08 30.96 12.31
C GLY C 1265 45.02 31.93 12.80
N GLU C 1266 44.77 31.94 14.11
CA GLU C 1266 43.74 32.81 14.67
C GLU C 1266 44.33 34.10 15.22
N ALA C 1267 45.65 34.13 15.38
CA ALA C 1267 46.31 35.23 16.08
C ALA C 1267 45.79 36.62 15.74
N GLY C 1268 45.97 37.03 14.49
CA GLY C 1268 45.66 38.40 14.07
C GLY C 1268 44.32 38.98 14.49
N THR C 1269 43.32 38.11 14.63
CA THR C 1269 41.94 38.56 14.80
C THR C 1269 41.74 39.62 15.89
N PHE C 1270 42.10 39.31 17.12
CA PHE C 1270 41.90 40.24 18.22
C PHE C 1270 42.52 41.61 17.95
N LEU C 1271 43.62 41.64 17.20
CA LEU C 1271 44.37 42.88 17.01
C LEU C 1271 43.62 43.91 16.16
N GLY C 1272 42.43 43.52 15.71
CA GLY C 1272 41.58 44.43 14.95
C GLY C 1272 41.03 45.53 15.82
N CYS C 1273 40.79 45.23 17.09
CA CYS C 1273 40.16 46.19 17.98
C CYS C 1273 41.02 47.43 18.20
N SER C 1274 42.21 47.42 17.58
CA SER C 1274 43.05 48.61 17.60
C SER C 1274 42.34 49.69 16.79
N VAL C 1275 41.68 49.28 15.72
CA VAL C 1275 40.89 50.22 14.91
C VAL C 1275 39.66 50.66 15.70
N PHE C 1276 39.16 49.75 16.54
CA PHE C 1276 38.01 50.07 17.40
C PHE C 1276 38.41 51.15 18.39
N PHE C 1277 39.48 50.90 19.13
CA PHE C 1277 39.97 51.84 20.13
C PHE C 1277 40.65 53.03 19.50
N ALA C 1278 41.00 52.90 18.22
CA ALA C 1278 41.48 54.04 17.45
C ALA C 1278 40.30 54.99 17.25
N ILE C 1279 39.16 54.40 16.94
CA ILE C 1279 37.93 55.16 16.77
C ILE C 1279 37.43 55.73 18.09
N ALA C 1280 37.46 54.90 19.12
CA ALA C 1280 36.96 55.28 20.44
C ALA C 1280 37.60 56.57 20.97
N ALA C 1281 38.87 56.79 20.64
CA ALA C 1281 39.62 57.95 21.12
C ALA C 1281 39.27 59.19 20.32
N ALA C 1282 38.95 59.00 19.05
CA ALA C 1282 38.43 60.08 18.21
C ALA C 1282 37.14 60.65 18.81
N VAL C 1283 36.18 59.76 19.05
CA VAL C 1283 34.91 60.13 19.68
C VAL C 1283 35.10 60.94 20.96
N ALA C 1284 35.94 60.42 21.86
CA ALA C 1284 36.25 61.13 23.10
C ALA C 1284 36.68 62.55 22.79
N ALA C 1285 37.74 62.68 21.99
CA ALA C 1285 38.30 63.98 21.62
C ALA C 1285 37.22 64.88 21.00
N ALA C 1286 36.24 64.27 20.37
CA ALA C 1286 35.09 65.02 19.88
C ALA C 1286 34.27 65.51 21.07
N ARG C 1287 33.83 64.57 21.89
CA ARG C 1287 32.98 64.89 23.04
C ARG C 1287 33.66 65.83 24.00
N GLU C 1288 34.97 65.65 24.17
CA GLU C 1288 35.75 66.47 25.09
C GLU C 1288 35.62 67.96 24.77
N GLU C 1289 36.04 68.35 23.57
CA GLU C 1289 35.97 69.74 23.16
C GLU C 1289 34.55 70.29 23.32
N ARG C 1290 33.58 69.37 23.32
CA ARG C 1290 32.17 69.72 23.47
C ARG C 1290 31.65 69.38 24.87
N PRO C 1294 32.13 62.23 30.13
CA PRO C 1294 30.97 61.32 30.11
C PRO C 1294 31.40 59.85 30.07
N ILE C 1295 31.74 59.28 31.22
CA ILE C 1295 32.24 57.89 31.31
C ILE C 1295 31.58 57.02 30.25
N TRP C 1296 32.36 56.19 29.58
CA TRP C 1296 31.78 55.42 28.49
C TRP C 1296 32.28 53.99 28.38
N ALA C 1297 31.60 53.23 27.54
CA ALA C 1297 31.98 51.88 27.19
C ALA C 1297 31.27 51.55 25.89
N ILE C 1298 32.01 51.58 24.79
CA ILE C 1298 31.42 51.42 23.47
C ILE C 1298 31.11 49.97 23.17
N ASN C 1299 29.99 49.73 22.49
CA ASN C 1299 29.58 48.38 22.12
C ASN C 1299 30.32 47.88 20.87
N SER C 1300 30.54 46.57 20.81
CA SER C 1300 31.46 45.98 19.82
C SER C 1300 31.35 46.55 18.41
N PRO C 1301 30.27 46.21 17.70
CA PRO C 1301 30.25 46.87 16.38
C PRO C 1301 30.13 48.37 16.58
N ALA C 1302 31.22 49.10 16.35
CA ALA C 1302 31.20 50.57 16.40
C ALA C 1302 31.02 51.07 14.99
N THR C 1303 29.77 51.18 14.56
CA THR C 1303 29.46 51.46 13.17
C THR C 1303 29.18 52.94 12.94
N ALA C 1304 28.88 53.30 11.69
CA ALA C 1304 28.60 54.68 11.33
C ALA C 1304 27.54 55.25 12.27
N GLU C 1305 26.49 54.47 12.50
CA GLU C 1305 25.43 54.84 13.42
C GLU C 1305 26.01 55.24 14.78
N VAL C 1306 26.51 54.25 15.51
CA VAL C 1306 27.01 54.44 16.86
C VAL C 1306 27.90 55.67 17.01
N ILE C 1307 28.82 55.85 16.07
CA ILE C 1307 29.75 56.98 16.11
C ILE C 1307 29.02 58.31 15.95
N ARG C 1308 28.30 58.46 14.85
CA ARG C 1308 27.59 59.72 14.57
C ARG C 1308 26.86 60.19 15.81
N MET C 1309 26.09 59.28 16.40
CA MET C 1309 25.38 59.58 17.63
C MET C 1309 26.35 59.97 18.74
N ALA C 1310 27.42 59.18 18.92
CA ALA C 1310 28.41 59.49 19.96
C ALA C 1310 28.83 60.96 19.90
N CYS C 1311 29.01 61.48 18.68
CA CYS C 1311 29.34 62.88 18.49
C CYS C 1311 28.08 63.73 18.35
N GLU C 1312 27.57 64.24 19.47
CA GLU C 1312 26.33 65.01 19.45
C GLU C 1312 26.59 66.50 19.22
N ASP C 1313 25.71 67.12 18.43
CA ASP C 1313 25.86 68.52 18.06
C ASP C 1313 24.49 69.21 17.91
N GLN C 1314 24.51 70.44 17.39
CA GLN C 1314 23.28 71.21 17.21
C GLN C 1314 22.17 70.40 16.53
N PHE C 1315 22.55 69.45 15.69
CA PHE C 1315 21.59 68.70 14.88
C PHE C 1315 21.01 67.48 15.61
N THR C 1316 21.88 66.73 16.28
CA THR C 1316 21.45 65.56 17.04
C THR C 1316 20.50 65.95 18.16
N ASN C 1317 20.49 67.25 18.48
CA ASN C 1317 19.47 67.78 19.38
C ASN C 1317 18.31 68.32 18.57
N LEU C 1318 17.38 67.43 18.24
CA LEU C 1318 16.16 67.79 17.52
C LEU C 1318 15.12 66.68 17.66
N PRO C 1329 9.99 47.83 18.00
CA PRO C 1329 11.10 48.30 17.17
C PRO C 1329 11.46 47.27 16.11
N TRP C 1330 12.20 47.69 15.09
CA TRP C 1330 12.53 46.83 13.97
C TRP C 1330 13.57 45.78 14.36
N SER C 1331 14.65 46.24 14.99
CA SER C 1331 15.75 45.36 15.35
C SER C 1331 15.98 45.30 16.86
N ILE C 1332 16.19 44.10 17.39
CA ILE C 1332 16.64 43.96 18.77
C ILE C 1332 18.04 43.36 18.78
N PRO C 1333 19.00 44.07 19.39
CA PRO C 1333 20.31 43.45 19.59
C PRO C 1333 20.12 42.18 20.40
N VAL C 1334 20.73 41.09 19.96
CA VAL C 1334 20.59 39.82 20.65
C VAL C 1334 21.55 39.75 21.84
N SER D 7 2.53 6.20 -33.79
CA SER D 7 3.73 5.44 -34.08
C SER D 7 4.93 6.07 -33.38
N ASP D 8 6.11 5.62 -33.76
CA ASP D 8 7.37 6.22 -33.31
C ASP D 8 7.74 5.99 -31.84
N GLU D 9 6.78 6.09 -30.92
CA GLU D 9 7.11 5.81 -29.51
C GLU D 9 7.29 4.31 -29.28
N LEU D 10 8.44 3.94 -28.75
CA LEU D 10 8.71 2.54 -28.39
C LEU D 10 8.27 2.37 -26.96
N ILE D 11 7.43 1.38 -26.69
CA ILE D 11 6.91 1.18 -25.33
C ILE D 11 7.08 -0.26 -24.86
N PHE D 12 7.91 -0.44 -23.84
CA PHE D 12 8.08 -1.73 -23.21
C PHE D 12 8.35 -1.51 -21.74
N PHE D 13 8.24 -2.58 -20.96
CA PHE D 13 8.45 -2.52 -19.53
C PHE D 13 9.78 -3.16 -19.14
N VAL D 14 10.56 -2.46 -18.32
CA VAL D 14 11.73 -3.07 -17.73
C VAL D 14 11.46 -3.24 -16.23
N ASN D 15 11.63 -4.46 -15.74
CA ASN D 15 11.35 -4.77 -14.34
C ASN D 15 10.10 -4.10 -13.80
N GLY D 16 9.00 -4.23 -14.54
CA GLY D 16 7.74 -3.67 -14.12
C GLY D 16 7.66 -2.15 -14.19
N LYS D 17 8.78 -1.51 -14.54
CA LYS D 17 8.80 -0.06 -14.70
C LYS D 17 8.59 0.24 -16.18
N LYS D 18 7.85 1.30 -16.48
CA LYS D 18 7.45 1.60 -17.85
C LYS D 18 8.50 2.39 -18.58
N VAL D 19 9.03 1.84 -19.67
CA VAL D 19 9.99 2.56 -20.48
C VAL D 19 9.35 3.01 -21.78
N THR D 20 9.49 4.29 -22.08
CA THR D 20 8.89 4.86 -23.26
C THR D 20 9.92 5.73 -23.99
N GLU D 21 10.41 5.20 -25.11
CA GLU D 21 11.49 5.82 -25.87
C GLU D 21 10.96 6.52 -27.12
N ARG D 22 11.07 7.84 -27.14
CA ARG D 22 10.52 8.65 -28.20
C ARG D 22 11.44 8.71 -29.43
N ASN D 23 12.73 8.48 -29.22
CA ASN D 23 13.70 8.51 -30.31
C ASN D 23 14.41 7.19 -30.51
N ALA D 24 13.71 6.17 -30.99
CA ALA D 24 14.28 4.82 -31.05
C ALA D 24 15.16 4.63 -32.27
N ASP D 25 16.28 3.92 -32.09
CA ASP D 25 17.25 3.69 -33.15
C ASP D 25 17.33 2.20 -33.48
N PRO D 26 16.88 1.81 -34.68
CA PRO D 26 16.76 0.41 -35.12
C PRO D 26 18.04 -0.40 -34.97
N GLU D 27 19.15 0.24 -34.61
CA GLU D 27 20.42 -0.48 -34.50
C GLU D 27 20.81 -0.81 -33.07
N VAL D 28 20.38 0.01 -32.12
CA VAL D 28 20.73 -0.24 -30.74
C VAL D 28 20.02 -1.50 -30.34
N ASN D 29 20.71 -2.38 -29.61
CA ASN D 29 20.08 -3.61 -29.10
C ASN D 29 19.78 -3.50 -27.61
N LEU D 30 19.00 -4.43 -27.09
CA LEU D 30 18.54 -4.35 -25.71
C LEU D 30 19.72 -4.17 -24.76
N LEU D 31 20.72 -5.04 -24.91
CA LEU D 31 21.87 -5.06 -24.01
C LEU D 31 22.54 -3.71 -23.83
N PHE D 32 22.68 -2.96 -24.92
CA PHE D 32 23.26 -1.62 -24.82
C PHE D 32 22.30 -0.74 -24.02
N TYR D 33 21.03 -0.87 -24.34
CA TYR D 33 20.00 -0.01 -23.78
C TYR D 33 19.96 -0.13 -22.26
N LEU D 34 19.98 -1.38 -21.78
CA LEU D 34 19.93 -1.62 -20.35
C LEU D 34 21.10 -0.92 -19.69
N ARG D 35 22.31 -1.22 -20.17
CA ARG D 35 23.55 -0.79 -19.52
C ARG D 35 23.92 0.68 -19.70
N LYS D 36 23.78 1.20 -20.91
CA LYS D 36 24.23 2.57 -21.21
C LYS D 36 23.17 3.65 -21.03
N VAL D 37 21.90 3.31 -21.22
CA VAL D 37 20.83 4.29 -21.05
C VAL D 37 19.93 4.14 -19.80
N ILE D 38 19.46 2.93 -19.49
CA ILE D 38 18.74 2.77 -18.23
C ILE D 38 19.74 2.60 -17.08
N ARG D 39 20.94 2.14 -17.42
CA ARG D 39 22.02 1.96 -16.45
C ARG D 39 21.74 0.86 -15.46
N LEU D 40 21.12 -0.21 -15.93
CA LEU D 40 21.06 -1.44 -15.16
C LEU D 40 22.21 -2.27 -15.69
N THR D 41 23.36 -2.19 -15.03
CA THR D 41 24.59 -2.82 -15.48
C THR D 41 24.63 -4.30 -15.14
N GLY D 42 23.60 -4.78 -14.46
CA GLY D 42 23.58 -6.17 -14.05
C GLY D 42 23.85 -7.15 -15.18
N THR D 43 23.18 -6.97 -16.31
CA THR D 43 23.31 -7.92 -17.41
C THR D 43 24.45 -7.47 -18.33
N LYS D 44 25.40 -8.36 -18.56
CA LYS D 44 26.65 -7.97 -19.21
C LYS D 44 26.94 -8.77 -20.46
N TYR D 45 27.80 -8.23 -21.33
CA TYR D 45 28.24 -8.96 -22.51
C TYR D 45 29.67 -9.42 -22.42
N GLY D 46 29.88 -10.67 -22.78
CA GLY D 46 31.20 -11.28 -22.76
C GLY D 46 31.61 -11.67 -24.16
N CYS D 47 30.66 -11.60 -25.09
CA CYS D 47 31.00 -11.71 -26.51
C CYS D 47 30.07 -10.85 -27.37
N GLY D 48 28.96 -11.45 -27.79
CA GLY D 48 28.02 -10.76 -28.65
C GLY D 48 27.51 -11.67 -29.75
N GLY D 49 28.10 -12.87 -29.84
CA GLY D 49 27.72 -13.85 -30.82
C GLY D 49 26.47 -14.63 -30.44
N GLY D 50 26.00 -14.45 -29.20
CA GLY D 50 24.86 -15.21 -28.71
C GLY D 50 25.27 -16.61 -28.29
N ASP D 51 26.54 -16.75 -27.95
CA ASP D 51 27.11 -18.08 -27.67
C ASP D 51 27.33 -18.33 -26.18
N CYS D 52 27.40 -17.26 -25.38
CA CYS D 52 27.78 -17.40 -23.99
C CYS D 52 26.66 -17.12 -22.99
N GLY D 53 25.50 -16.70 -23.47
CA GLY D 53 24.39 -16.42 -22.60
C GLY D 53 24.67 -15.45 -21.47
N ALA D 54 25.89 -14.93 -21.38
CA ALA D 54 26.22 -13.97 -20.32
C ALA D 54 25.25 -12.78 -20.28
N CYS D 55 24.52 -12.56 -21.37
CA CYS D 55 23.59 -11.45 -21.43
C CYS D 55 22.14 -11.92 -21.36
N THR D 56 21.92 -13.14 -20.87
CA THR D 56 20.57 -13.69 -20.82
C THR D 56 19.62 -12.83 -20.00
N VAL D 57 18.44 -12.53 -20.54
CA VAL D 57 17.38 -11.89 -19.79
C VAL D 57 16.11 -12.72 -19.96
N MET D 58 15.01 -12.28 -19.37
CA MET D 58 13.73 -12.94 -19.61
C MET D 58 12.73 -11.99 -20.23
N ILE D 59 12.12 -12.39 -21.33
CA ILE D 59 11.04 -11.62 -21.92
C ILE D 59 9.67 -12.29 -21.70
N SER D 60 8.68 -11.48 -21.34
CA SER D 60 7.32 -11.93 -21.15
C SER D 60 6.42 -11.34 -22.23
N ARG D 61 5.58 -12.17 -22.85
CA ARG D 61 4.64 -11.72 -23.89
C ARG D 61 3.21 -12.14 -23.55
N TYR D 62 2.27 -11.23 -23.75
CA TYR D 62 0.87 -11.59 -23.62
C TYR D 62 0.28 -11.82 -25.00
N ASP D 63 -0.40 -12.95 -25.18
CA ASP D 63 -1.11 -13.21 -26.42
C ASP D 63 -2.59 -13.01 -26.19
N PRO D 64 -3.15 -11.90 -26.69
CA PRO D 64 -4.55 -11.52 -26.43
C PRO D 64 -5.54 -12.49 -27.04
N ILE D 65 -5.18 -13.11 -28.16
CA ILE D 65 -6.05 -14.07 -28.81
C ILE D 65 -6.08 -15.37 -28.05
N SER D 66 -4.97 -15.71 -27.39
CA SER D 66 -4.90 -16.94 -26.60
C SER D 66 -5.12 -16.68 -25.13
N LYS D 67 -4.80 -15.46 -24.68
CA LYS D 67 -4.94 -15.08 -23.30
C LYS D 67 -3.76 -15.59 -22.46
N ARG D 68 -2.69 -16.00 -23.14
CA ARG D 68 -1.54 -16.59 -22.47
C ARG D 68 -0.43 -15.60 -22.20
N ILE D 69 0.29 -15.84 -21.10
CA ILE D 69 1.46 -15.06 -20.75
C ILE D 69 2.69 -15.95 -20.86
N SER D 70 3.50 -15.74 -21.90
CA SER D 70 4.66 -16.59 -22.12
C SER D 70 5.89 -15.96 -21.48
N HIS D 71 6.76 -16.81 -20.93
CA HIS D 71 8.01 -16.36 -20.32
C HIS D 71 9.18 -17.15 -20.89
N PHE D 72 9.99 -16.51 -21.73
CA PHE D 72 11.12 -17.22 -22.33
C PHE D 72 12.40 -16.41 -22.27
N SER D 73 13.52 -17.11 -22.27
CA SER D 73 14.83 -16.47 -22.12
C SER D 73 15.41 -16.11 -23.47
N ALA D 74 16.23 -15.06 -23.49
CA ALA D 74 16.80 -14.57 -24.74
C ALA D 74 18.15 -13.89 -24.52
N THR D 75 18.94 -13.80 -25.60
CA THR D 75 20.19 -13.08 -25.57
C THR D 75 19.94 -11.62 -25.90
N ALA D 76 20.21 -10.75 -24.94
CA ALA D 76 19.93 -9.32 -25.11
C ALA D 76 20.87 -8.64 -26.10
N CYS D 77 22.05 -9.22 -26.33
CA CYS D 77 22.98 -8.61 -27.27
C CYS D 77 22.45 -8.63 -28.69
N LEU D 78 21.56 -9.58 -28.98
CA LEU D 78 21.01 -9.73 -30.32
C LEU D 78 19.56 -9.23 -30.44
N VAL D 79 18.93 -8.94 -29.30
CA VAL D 79 17.55 -8.47 -29.27
C VAL D 79 17.46 -6.99 -29.58
N PRO D 80 16.87 -6.65 -30.74
CA PRO D 80 16.61 -5.26 -31.12
C PRO D 80 15.50 -4.65 -30.27
N ILE D 81 15.80 -3.57 -29.55
CA ILE D 81 14.80 -2.92 -28.72
C ILE D 81 13.55 -2.58 -29.51
N CYS D 82 13.71 -2.37 -30.82
CA CYS D 82 12.57 -2.04 -31.68
C CYS D 82 11.58 -3.17 -31.78
N SER D 83 11.96 -4.34 -31.28
CA SER D 83 11.10 -5.52 -31.38
C SER D 83 10.40 -5.79 -30.06
N LEU D 84 10.61 -4.91 -29.09
CA LEU D 84 10.08 -5.16 -27.76
C LEU D 84 8.75 -4.45 -27.52
N HIS D 85 8.32 -3.64 -28.48
CA HIS D 85 7.12 -2.84 -28.30
C HIS D 85 6.00 -3.68 -27.71
N GLY D 86 5.68 -3.43 -26.44
CA GLY D 86 4.53 -4.06 -25.83
C GLY D 86 4.87 -5.28 -25.02
N ALA D 87 6.13 -5.69 -25.06
CA ALA D 87 6.57 -6.81 -24.25
C ALA D 87 7.14 -6.25 -22.96
N ALA D 88 7.54 -7.15 -22.05
CA ALA D 88 8.21 -6.74 -20.82
C ALA D 88 9.57 -7.40 -20.73
N VAL D 89 10.51 -6.77 -20.02
CA VAL D 89 11.83 -7.34 -19.82
C VAL D 89 12.16 -7.42 -18.32
N THR D 90 12.71 -8.55 -17.89
CA THR D 90 13.17 -8.67 -16.50
C THR D 90 14.65 -9.05 -16.47
N THR D 91 15.46 -8.21 -15.83
CA THR D 91 16.88 -8.49 -15.68
C THR D 91 17.20 -8.98 -14.27
N VAL D 92 18.48 -9.24 -14.01
CA VAL D 92 18.88 -9.80 -12.74
C VAL D 92 18.49 -8.95 -11.54
N GLU D 93 18.53 -7.62 -11.67
CA GLU D 93 18.16 -6.79 -10.53
C GLU D 93 16.66 -6.58 -10.46
N GLY D 94 15.93 -7.40 -11.21
CA GLY D 94 14.48 -7.35 -11.21
C GLY D 94 13.88 -8.39 -10.29
N ILE D 95 14.58 -9.50 -10.14
CA ILE D 95 14.08 -10.61 -9.34
C ILE D 95 14.52 -10.53 -7.88
N GLY D 96 15.55 -9.72 -7.61
CA GLY D 96 15.95 -9.47 -6.25
C GLY D 96 17.25 -8.67 -6.17
N SER D 97 17.51 -8.15 -4.98
CA SER D 97 18.71 -7.39 -4.72
C SER D 97 18.89 -7.25 -3.21
N THR D 98 20.13 -7.10 -2.75
CA THR D 98 20.38 -6.95 -1.32
C THR D 98 19.74 -5.67 -0.79
N LYS D 99 19.40 -4.74 -1.68
CA LYS D 99 18.79 -3.48 -1.25
C LYS D 99 17.35 -3.71 -0.78
N THR D 100 16.72 -4.75 -1.31
CA THR D 100 15.36 -5.10 -0.91
C THR D 100 15.36 -6.50 -0.30
N ARG D 101 15.26 -7.52 -1.15
CA ARG D 101 15.45 -8.90 -0.72
C ARG D 101 15.83 -9.77 -1.90
N ILE D 102 16.67 -10.78 -1.66
CA ILE D 102 17.17 -11.57 -2.78
C ILE D 102 16.37 -12.83 -3.01
N HIS D 103 16.42 -13.32 -4.24
CA HIS D 103 15.57 -14.42 -4.68
C HIS D 103 16.30 -15.74 -4.43
N PRO D 104 15.55 -16.81 -4.13
CA PRO D 104 16.14 -18.12 -3.90
C PRO D 104 17.22 -18.48 -4.92
N VAL D 105 17.02 -18.13 -6.18
CA VAL D 105 17.97 -18.48 -7.23
C VAL D 105 19.30 -17.77 -7.01
N GLN D 106 19.20 -16.50 -6.63
CA GLN D 106 20.38 -15.68 -6.39
C GLN D 106 21.07 -16.15 -5.13
N GLU D 107 20.30 -16.60 -4.15
CA GLU D 107 20.84 -17.12 -2.90
C GLU D 107 21.56 -18.46 -3.09
N ARG D 108 20.86 -19.44 -3.63
CA ARG D 108 21.39 -20.79 -3.71
C ARG D 108 22.61 -20.90 -4.60
N ILE D 109 22.76 -19.97 -5.54
CA ILE D 109 23.89 -20.03 -6.43
C ILE D 109 25.13 -19.46 -5.71
N ALA D 110 24.92 -18.45 -4.88
CA ALA D 110 26.02 -17.78 -4.19
C ALA D 110 26.54 -18.58 -2.99
N LYS D 111 25.63 -19.03 -2.14
CA LYS D 111 26.00 -19.79 -0.95
C LYS D 111 26.47 -21.21 -1.32
N GLY D 112 26.06 -21.67 -2.49
CA GLY D 112 26.46 -22.98 -2.97
C GLY D 112 27.78 -22.94 -3.70
N HIS D 113 28.34 -21.74 -3.83
CA HIS D 113 29.64 -21.55 -4.47
C HIS D 113 29.60 -21.84 -5.98
N GLY D 114 28.45 -21.60 -6.60
CA GLY D 114 28.32 -21.68 -8.05
C GLY D 114 28.87 -20.43 -8.69
N THR D 115 29.66 -19.70 -7.91
CA THR D 115 30.19 -18.40 -8.31
C THR D 115 31.62 -18.19 -7.86
N GLN D 116 32.46 -17.74 -8.80
CA GLN D 116 33.81 -17.28 -8.50
C GLN D 116 33.98 -15.85 -9.00
N CYS D 117 34.26 -15.67 -10.29
CA CYS D 117 34.57 -14.35 -10.80
C CYS D 117 33.34 -13.46 -10.90
N GLY D 118 32.17 -14.08 -11.06
CA GLY D 118 30.91 -13.36 -10.97
C GLY D 118 30.39 -12.78 -12.28
N PHE D 119 31.17 -12.86 -13.34
CA PHE D 119 30.79 -12.22 -14.58
C PHE D 119 29.76 -13.01 -15.37
N CYS D 120 29.71 -14.32 -15.16
CA CYS D 120 28.82 -15.17 -15.94
C CYS D 120 27.55 -15.49 -15.17
N THR D 121 27.43 -14.92 -13.97
CA THR D 121 26.39 -15.31 -13.03
C THR D 121 24.99 -14.74 -13.31
N PRO D 122 24.89 -13.41 -13.49
CA PRO D 122 23.57 -12.85 -13.81
C PRO D 122 22.88 -13.64 -14.91
N GLY D 123 23.62 -14.12 -15.90
CA GLY D 123 23.04 -14.89 -16.98
C GLY D 123 22.64 -16.28 -16.56
N MET D 124 23.35 -16.84 -15.59
CA MET D 124 22.96 -18.13 -15.04
C MET D 124 21.67 -17.96 -14.26
N VAL D 125 21.70 -17.09 -13.26
CA VAL D 125 20.51 -16.77 -12.50
C VAL D 125 19.30 -16.66 -13.41
N MET D 126 19.45 -15.87 -14.47
CA MET D 126 18.32 -15.57 -15.37
C MET D 126 17.99 -16.73 -16.30
N SER D 127 18.93 -17.65 -16.48
CA SER D 127 18.66 -18.89 -17.22
C SER D 127 17.94 -19.88 -16.33
N ILE D 128 18.08 -19.71 -15.01
CA ILE D 128 17.42 -20.60 -14.07
C ILE D 128 16.07 -20.02 -13.67
N TYR D 129 16.07 -18.78 -13.20
CA TYR D 129 14.82 -18.07 -12.91
C TYR D 129 13.78 -18.39 -13.97
N THR D 130 14.08 -18.02 -15.21
CA THR D 130 13.21 -18.32 -16.35
C THR D 130 12.63 -19.72 -16.25
N LEU D 131 13.50 -20.71 -16.08
CA LEU D 131 13.08 -22.11 -15.97
C LEU D 131 12.05 -22.31 -14.87
N LEU D 132 12.22 -21.60 -13.76
CA LEU D 132 11.29 -21.67 -12.66
C LEU D 132 9.94 -21.07 -13.05
N ARG D 133 9.98 -19.88 -13.62
CA ARG D 133 8.75 -19.22 -14.05
C ARG D 133 7.91 -20.13 -14.95
N ASN D 134 8.58 -21.02 -15.68
CA ASN D 134 7.86 -21.97 -16.53
C ASN D 134 7.54 -23.27 -15.80
N HIS D 135 8.52 -23.82 -15.09
CA HIS D 135 8.32 -25.06 -14.34
C HIS D 135 8.89 -24.97 -12.93
N PRO D 136 8.08 -24.52 -11.96
CA PRO D 136 8.58 -24.25 -10.60
C PRO D 136 9.16 -25.48 -9.91
N GLU D 137 8.84 -26.67 -10.41
CA GLU D 137 9.50 -27.88 -9.93
C GLU D 137 10.05 -28.68 -11.12
N PRO D 138 11.19 -28.21 -11.67
CA PRO D 138 11.76 -28.67 -12.95
C PRO D 138 12.52 -29.99 -12.82
N SER D 139 12.47 -30.82 -13.85
CA SER D 139 13.28 -32.03 -13.85
C SER D 139 14.69 -31.61 -14.20
N THR D 140 15.56 -32.59 -14.45
CA THR D 140 16.93 -32.27 -14.83
C THR D 140 17.09 -32.05 -16.34
N GLU D 141 16.38 -32.83 -17.15
CA GLU D 141 16.44 -32.65 -18.59
C GLU D 141 16.06 -31.21 -18.94
N GLN D 142 15.18 -30.62 -18.15
CA GLN D 142 14.77 -29.23 -18.38
C GLN D 142 15.85 -28.28 -17.88
N ILE D 143 16.40 -28.57 -16.71
CA ILE D 143 17.50 -27.77 -16.20
C ILE D 143 18.64 -27.73 -17.23
N MET D 144 18.93 -28.88 -17.83
CA MET D 144 20.01 -28.97 -18.82
C MET D 144 19.69 -28.17 -20.08
N GLU D 145 18.43 -28.19 -20.51
CA GLU D 145 17.98 -27.39 -21.65
C GLU D 145 18.21 -25.91 -21.42
N THR D 146 17.84 -25.44 -20.23
CA THR D 146 17.90 -24.00 -19.95
C THR D 146 19.35 -23.53 -19.80
N LEU D 147 20.26 -24.46 -19.49
CA LEU D 147 21.66 -24.12 -19.25
C LEU D 147 22.55 -24.37 -20.47
N GLY D 148 22.11 -25.25 -21.37
CA GLY D 148 22.91 -25.59 -22.53
C GLY D 148 23.60 -24.40 -23.13
N GLY D 149 23.06 -23.21 -22.89
CA GLY D 149 23.49 -22.01 -23.59
C GLY D 149 24.23 -20.98 -22.77
N ASN D 150 24.61 -21.33 -21.54
CA ASN D 150 25.43 -20.45 -20.73
C ASN D 150 26.82 -21.02 -20.65
N LEU D 151 27.82 -20.16 -20.69
CA LEU D 151 29.21 -20.60 -20.60
C LEU D 151 29.87 -20.00 -19.38
N CYS D 152 30.76 -20.79 -18.76
CA CYS D 152 31.51 -20.34 -17.59
C CYS D 152 32.94 -20.85 -17.74
N ARG D 153 33.90 -20.03 -17.31
CA ARG D 153 35.30 -20.38 -17.48
C ARG D 153 36.01 -20.69 -16.15
N CYS D 154 35.37 -20.34 -15.03
CA CYS D 154 35.96 -20.53 -13.68
C CYS D 154 35.54 -21.82 -12.97
N THR D 155 34.25 -22.00 -12.77
CA THR D 155 33.72 -22.96 -11.81
C THR D 155 33.63 -24.42 -12.27
N GLY D 156 33.45 -24.64 -13.56
CA GLY D 156 33.34 -26.01 -14.06
C GLY D 156 31.90 -26.48 -14.20
N TYR D 157 30.95 -25.63 -13.80
CA TYR D 157 29.50 -25.88 -13.92
C TYR D 157 28.89 -26.70 -12.77
N ARG D 158 29.72 -27.48 -12.08
CA ARG D 158 29.27 -28.36 -11.02
C ARG D 158 28.47 -27.60 -9.94
N PRO D 159 29.09 -26.61 -9.28
CA PRO D 159 28.36 -25.91 -8.21
C PRO D 159 27.13 -25.17 -8.72
N ILE D 160 27.09 -24.87 -10.01
CA ILE D 160 25.92 -24.18 -10.57
C ILE D 160 24.79 -25.19 -10.77
N VAL D 161 25.03 -26.18 -11.61
CA VAL D 161 24.06 -27.24 -11.81
C VAL D 161 23.48 -27.67 -10.47
N GLU D 162 24.37 -28.08 -9.55
CA GLU D 162 23.96 -28.51 -8.22
C GLU D 162 22.98 -27.56 -7.55
N SER D 163 23.20 -26.25 -7.68
CA SER D 163 22.28 -25.29 -7.07
C SER D 163 20.93 -25.34 -7.78
N ALA D 164 20.95 -25.44 -9.10
CA ALA D 164 19.71 -25.58 -9.85
C ALA D 164 18.96 -26.82 -9.37
N LYS D 165 19.63 -27.95 -9.38
CA LYS D 165 19.01 -29.21 -8.93
C LYS D 165 18.28 -29.06 -7.59
N SER D 166 18.70 -28.09 -6.78
CA SER D 166 18.10 -27.93 -5.46
C SER D 166 16.62 -27.57 -5.57
N PHE D 167 16.14 -27.35 -6.78
CA PHE D 167 14.77 -26.90 -6.97
C PHE D 167 13.74 -27.98 -7.30
N CYS D 168 14.16 -29.24 -7.24
CA CYS D 168 13.25 -30.35 -7.52
C CYS D 168 13.37 -31.47 -6.49
N THR D 199 33.04 -33.65 3.56
CA THR D 199 31.94 -33.11 4.36
C THR D 199 31.06 -32.15 3.54
N LYS D 200 30.47 -31.16 4.21
CA LYS D 200 29.53 -30.25 3.57
C LYS D 200 30.20 -28.91 3.29
N LEU D 201 29.89 -28.31 2.14
CA LEU D 201 30.49 -27.03 1.77
C LEU D 201 29.60 -25.86 2.18
N TYR D 202 28.31 -26.12 2.36
CA TYR D 202 27.35 -25.09 2.73
C TYR D 202 26.14 -25.69 3.43
N GLU D 203 25.28 -24.83 3.99
CA GLU D 203 24.10 -25.30 4.73
C GLU D 203 22.79 -25.19 3.96
N LYS D 204 22.42 -26.27 3.28
CA LYS D 204 21.24 -26.34 2.44
C LYS D 204 19.95 -26.01 3.18
N LYS D 205 19.94 -26.23 4.50
CA LYS D 205 18.71 -26.09 5.27
C LYS D 205 18.33 -24.63 5.60
N GLU D 206 19.24 -23.69 5.35
CA GLU D 206 18.94 -22.29 5.66
C GLU D 206 18.40 -21.53 4.44
N PHE D 207 18.39 -22.18 3.29
CA PHE D 207 17.84 -21.60 2.08
C PHE D 207 16.41 -21.16 2.31
N GLN D 208 16.01 -20.09 1.65
CA GLN D 208 14.61 -19.68 1.62
C GLN D 208 13.88 -20.61 0.68
N PRO D 209 12.55 -20.77 0.89
CA PRO D 209 11.69 -21.60 0.03
C PRO D 209 11.15 -20.79 -1.12
N LEU D 210 10.80 -21.44 -2.24
CA LEU D 210 10.29 -20.72 -3.40
C LEU D 210 8.77 -20.52 -3.35
N ASP D 211 8.37 -19.25 -3.43
CA ASP D 211 6.96 -18.86 -3.44
C ASP D 211 6.63 -18.32 -4.83
N PRO D 212 6.32 -19.21 -5.78
CA PRO D 212 6.11 -18.82 -7.18
C PRO D 212 5.10 -17.69 -7.33
N THR D 213 4.24 -17.51 -6.33
CA THR D 213 3.19 -16.51 -6.43
C THR D 213 3.70 -15.16 -5.98
N GLN D 214 4.99 -15.08 -5.66
CA GLN D 214 5.55 -13.84 -5.13
C GLN D 214 6.23 -13.00 -6.22
N GLU D 215 6.21 -13.49 -7.45
CA GLU D 215 6.98 -12.89 -8.53
C GLU D 215 6.27 -11.66 -9.12
N LEU D 216 7.02 -10.91 -9.92
CA LEU D 216 6.54 -9.72 -10.58
C LEU D 216 5.31 -10.07 -11.42
N ILE D 217 4.32 -9.18 -11.41
CA ILE D 217 3.05 -9.44 -12.07
C ILE D 217 3.01 -8.79 -13.44
N PHE D 218 2.89 -9.59 -14.49
CA PHE D 218 2.86 -9.08 -15.85
C PHE D 218 2.06 -7.79 -15.91
N PRO D 219 2.65 -6.73 -16.47
CA PRO D 219 2.03 -5.41 -16.42
C PRO D 219 0.74 -5.39 -17.20
N PRO D 220 -0.37 -5.06 -16.52
CA PRO D 220 -1.70 -4.91 -17.12
C PRO D 220 -1.76 -3.82 -18.18
N GLU D 221 -0.92 -2.78 -18.06
CA GLU D 221 -0.84 -1.77 -19.10
C GLU D 221 -0.58 -2.47 -20.42
N LEU D 222 0.31 -3.46 -20.39
CA LEU D 222 0.67 -4.17 -21.62
C LEU D 222 -0.47 -5.02 -22.14
N MET D 223 -1.35 -5.46 -21.24
CA MET D 223 -2.46 -6.30 -21.64
C MET D 223 -3.50 -5.53 -22.43
N ARG D 224 -3.92 -4.38 -21.90
CA ARG D 224 -4.83 -3.51 -22.65
C ARG D 224 -4.19 -3.16 -23.99
N MET D 225 -2.91 -2.83 -23.94
CA MET D 225 -2.17 -2.41 -25.13
C MET D 225 -2.21 -3.45 -26.24
N ALA D 226 -2.47 -4.71 -25.90
CA ALA D 226 -2.41 -5.79 -26.88
C ALA D 226 -3.73 -6.01 -27.61
N GLU D 227 -4.83 -5.89 -26.84
CA GLU D 227 -6.17 -5.70 -27.38
C GLU D 227 -6.25 -4.47 -28.30
N ASN D 231 -4.74 -1.90 -35.17
CA ASN D 231 -3.63 -2.38 -36.01
C ASN D 231 -3.22 -1.36 -37.06
N THR D 232 -1.98 -0.88 -36.97
CA THR D 232 -1.51 0.21 -37.80
C THR D 232 0.03 0.26 -37.73
N VAL D 233 0.66 0.66 -38.83
CA VAL D 233 2.12 0.52 -38.98
C VAL D 233 2.94 1.30 -37.95
N LEU D 234 3.94 0.64 -37.38
CA LEU D 234 4.89 1.31 -36.51
C LEU D 234 6.20 1.50 -37.25
N THR D 235 6.77 2.70 -37.14
CA THR D 235 8.02 2.99 -37.85
C THR D 235 8.94 3.87 -37.01
N PHE D 236 10.16 3.38 -36.78
CA PHE D 236 11.15 4.08 -35.99
C PHE D 236 12.36 4.49 -36.84
N ARG D 237 12.84 5.71 -36.64
CA ARG D 237 13.92 6.22 -37.46
C ARG D 237 15.19 6.43 -36.65
N GLY D 238 16.30 5.95 -37.18
CA GLY D 238 17.58 6.11 -36.53
C GLY D 238 18.49 7.06 -37.28
N GLU D 239 19.78 7.00 -36.99
CA GLU D 239 20.78 7.82 -37.67
C GLU D 239 20.96 7.33 -39.11
N ARG D 240 20.90 6.01 -39.29
CA ARG D 240 21.22 5.41 -40.58
C ARG D 240 20.15 4.44 -41.05
N THR D 241 19.25 4.06 -40.16
CA THR D 241 18.29 3.00 -40.46
C THR D 241 16.88 3.31 -39.98
N THR D 242 15.88 2.92 -40.78
CA THR D 242 14.49 3.03 -40.40
C THR D 242 13.86 1.66 -40.25
N TRP D 243 13.14 1.47 -39.15
CA TRP D 243 12.52 0.19 -38.86
C TRP D 243 11.01 0.32 -39.13
N ILE D 244 10.50 -0.51 -40.03
CA ILE D 244 9.09 -0.48 -40.34
C ILE D 244 8.50 -1.83 -40.01
N ALA D 245 7.51 -1.84 -39.11
CA ALA D 245 6.77 -3.06 -38.80
C ALA D 245 5.30 -2.86 -39.16
N PRO D 246 4.85 -3.52 -40.22
CA PRO D 246 3.46 -3.40 -40.66
C PRO D 246 2.54 -4.24 -39.79
N GLY D 247 1.23 -4.07 -39.94
CA GLY D 247 0.27 -4.78 -39.12
C GLY D 247 -0.68 -5.65 -39.92
N THR D 248 -0.49 -5.68 -41.24
CA THR D 248 -1.30 -6.51 -42.12
C THR D 248 -0.41 -7.14 -43.20
N LEU D 249 -0.85 -8.26 -43.76
CA LEU D 249 -0.07 -8.93 -44.80
C LEU D 249 -0.01 -8.08 -46.07
N ASN D 250 -1.10 -7.37 -46.36
CA ASN D 250 -1.12 -6.51 -47.53
C ASN D 250 0.04 -5.53 -47.43
N ASP D 251 0.12 -4.84 -46.30
CA ASP D 251 1.15 -3.84 -46.08
C ASP D 251 2.55 -4.43 -46.07
N LEU D 252 2.69 -5.63 -45.50
CA LEU D 252 3.99 -6.30 -45.53
C LEU D 252 4.41 -6.59 -46.98
N LEU D 253 3.52 -7.24 -47.73
CA LEU D 253 3.79 -7.55 -49.13
C LEU D 253 4.10 -6.30 -49.93
N GLU D 254 3.49 -5.19 -49.50
CA GLU D 254 3.63 -3.91 -50.18
C GLU D 254 5.03 -3.35 -49.95
N LEU D 255 5.47 -3.39 -48.71
CA LEU D 255 6.78 -2.86 -48.37
C LEU D 255 7.89 -3.67 -49.01
N LYS D 256 7.74 -4.99 -49.04
CA LYS D 256 8.72 -5.84 -49.69
C LYS D 256 8.91 -5.43 -51.17
N MET D 257 7.82 -5.34 -51.92
CA MET D 257 7.88 -4.97 -53.34
C MET D 257 8.48 -3.59 -53.56
N LYS D 258 8.19 -2.65 -52.67
CA LYS D 258 8.72 -1.30 -52.76
C LYS D 258 10.16 -1.24 -52.26
N HIS D 259 10.53 -2.20 -51.41
CA HIS D 259 11.86 -2.22 -50.80
C HIS D 259 12.47 -3.61 -50.84
N PRO D 260 12.73 -4.14 -52.05
CA PRO D 260 13.16 -5.54 -52.17
C PRO D 260 14.52 -5.82 -51.52
N SER D 261 15.29 -4.78 -51.24
CA SER D 261 16.57 -4.94 -50.56
C SER D 261 16.35 -5.17 -49.06
N ALA D 262 15.41 -4.43 -48.49
CA ALA D 262 15.14 -4.51 -47.06
C ALA D 262 15.06 -5.97 -46.60
N PRO D 263 15.82 -6.30 -45.56
CA PRO D 263 15.76 -7.63 -44.94
C PRO D 263 14.56 -7.73 -43.98
N LEU D 264 14.03 -8.95 -43.82
CA LEU D 264 12.94 -9.21 -42.88
C LEU D 264 13.51 -9.84 -41.60
N VAL D 265 13.42 -9.13 -40.48
CA VAL D 265 14.08 -9.56 -39.25
C VAL D 265 13.13 -10.02 -38.15
N ILE D 266 13.23 -11.28 -37.76
CA ILE D 266 12.52 -11.75 -36.58
C ILE D 266 13.50 -12.21 -35.49
N GLY D 267 14.27 -13.25 -35.76
CA GLY D 267 15.24 -13.70 -34.77
C GLY D 267 16.38 -12.71 -34.63
N ASN D 268 16.99 -12.37 -35.76
CA ASN D 268 18.16 -11.50 -35.78
C ASN D 268 19.40 -12.24 -35.32
N THR D 269 19.29 -13.56 -35.24
CA THR D 269 20.43 -14.39 -34.92
C THR D 269 21.32 -14.58 -36.14
N TYR D 270 20.90 -13.98 -37.25
CA TYR D 270 21.66 -14.04 -38.50
C TYR D 270 22.07 -12.65 -38.95
N LEU D 271 21.07 -11.79 -39.14
CA LEU D 271 21.35 -10.39 -39.47
C LEU D 271 22.23 -9.77 -38.41
N GLY D 272 22.10 -10.23 -37.17
CA GLY D 272 22.94 -9.73 -36.09
C GLY D 272 24.41 -9.90 -36.43
N LEU D 273 24.75 -11.09 -36.90
CA LEU D 273 26.13 -11.44 -37.16
C LEU D 273 26.61 -10.98 -38.54
N HIS D 274 25.83 -11.33 -39.56
CA HIS D 274 26.17 -11.02 -40.94
C HIS D 274 26.35 -9.51 -41.16
N MET D 275 25.45 -8.71 -40.58
CA MET D 275 25.54 -7.26 -40.63
C MET D 275 26.92 -6.75 -40.20
N LYS D 276 27.47 -7.33 -39.13
CA LYS D 276 28.73 -6.86 -38.58
C LYS D 276 29.94 -7.38 -39.33
N PHE D 277 29.81 -8.56 -39.91
CA PHE D 277 30.95 -9.19 -40.58
C PHE D 277 31.47 -8.31 -41.73
N THR D 278 30.63 -8.09 -42.74
CA THR D 278 31.00 -7.24 -43.86
C THR D 278 30.63 -5.78 -43.60
N ASP D 279 30.36 -5.49 -42.34
CA ASP D 279 29.98 -4.15 -41.88
C ASP D 279 28.77 -3.58 -42.59
N VAL D 280 27.84 -4.46 -42.95
CA VAL D 280 26.63 -4.06 -43.67
C VAL D 280 25.66 -3.24 -42.81
N SER D 281 25.07 -2.22 -43.44
CA SER D 281 24.06 -1.38 -42.80
C SER D 281 22.90 -1.18 -43.78
N TYR D 282 21.67 -1.36 -43.31
CA TYR D 282 20.51 -1.22 -44.18
C TYR D 282 19.73 0.05 -43.88
N PRO D 283 19.43 0.84 -44.93
CA PRO D 283 18.67 2.06 -44.72
C PRO D 283 17.23 1.76 -44.28
N ILE D 284 16.75 0.55 -44.54
CA ILE D 284 15.40 0.16 -44.14
C ILE D 284 15.31 -1.30 -43.71
N ILE D 285 14.68 -1.53 -42.56
CA ILE D 285 14.50 -2.88 -42.04
C ILE D 285 13.02 -3.17 -41.76
N ILE D 286 12.58 -4.40 -42.02
CA ILE D 286 11.18 -4.75 -41.84
C ILE D 286 10.97 -5.89 -40.84
N SER D 287 10.02 -5.71 -39.94
CA SER D 287 9.68 -6.75 -38.96
C SER D 287 8.31 -7.36 -39.23
N PRO D 288 8.29 -8.59 -39.75
CA PRO D 288 7.04 -9.28 -40.03
C PRO D 288 6.39 -9.82 -38.74
N ALA D 289 6.97 -9.52 -37.59
CA ALA D 289 6.48 -10.07 -36.33
C ALA D 289 4.96 -10.03 -36.22
N ARG D 290 4.39 -8.84 -36.41
CA ARG D 290 2.96 -8.63 -36.18
C ARG D 290 2.03 -9.36 -37.12
N ILE D 291 2.55 -9.97 -38.18
CA ILE D 291 1.67 -10.60 -39.18
C ILE D 291 1.18 -12.00 -38.80
N LEU D 292 -0.12 -12.12 -38.54
CA LEU D 292 -0.67 -13.39 -38.07
C LEU D 292 -0.54 -14.55 -39.05
N GLU D 293 -0.70 -14.28 -40.35
CA GLU D 293 -0.64 -15.35 -41.34
C GLU D 293 0.71 -16.06 -41.35
N LEU D 294 1.70 -15.46 -40.67
CA LEU D 294 3.04 -16.07 -40.58
C LEU D 294 3.19 -16.94 -39.34
N PHE D 295 2.21 -16.86 -38.45
CA PHE D 295 2.16 -17.72 -37.27
C PHE D 295 0.94 -18.63 -37.33
N VAL D 296 0.99 -19.60 -38.23
CA VAL D 296 -0.14 -20.52 -38.41
C VAL D 296 0.35 -21.94 -38.38
N VAL D 297 -0.37 -22.79 -37.66
CA VAL D 297 -0.04 -24.20 -37.69
C VAL D 297 -1.30 -25.02 -37.94
N THR D 298 -1.40 -25.58 -39.14
CA THR D 298 -2.51 -26.46 -39.48
C THR D 298 -1.97 -27.87 -39.71
N ASN D 299 -2.47 -28.84 -38.94
CA ASN D 299 -1.93 -30.19 -38.95
C ASN D 299 -2.73 -31.14 -39.82
N THR D 300 -3.80 -30.63 -40.41
CA THR D 300 -4.80 -31.47 -41.06
C THR D 300 -4.27 -32.44 -42.12
N LYS D 301 -4.77 -33.68 -42.06
CA LYS D 301 -4.73 -34.62 -43.17
C LYS D 301 -3.36 -35.11 -43.66
N GLN D 302 -2.91 -34.55 -44.78
CA GLN D 302 -1.77 -35.10 -45.50
C GLN D 302 -0.45 -34.33 -45.33
N GLY D 303 -0.40 -33.40 -44.37
CA GLY D 303 0.82 -32.68 -44.11
C GLY D 303 0.73 -31.64 -43.01
N LEU D 304 1.87 -31.36 -42.38
CA LEU D 304 1.97 -30.32 -41.36
C LEU D 304 2.45 -29.01 -41.99
N THR D 305 1.72 -27.93 -41.73
CA THR D 305 2.04 -26.63 -42.31
C THR D 305 2.44 -25.62 -41.24
N LEU D 306 3.70 -25.17 -41.29
CA LEU D 306 4.25 -24.31 -40.25
C LEU D 306 4.56 -22.90 -40.76
N GLY D 307 4.02 -21.90 -40.05
CA GLY D 307 4.23 -20.51 -40.42
C GLY D 307 5.67 -20.08 -40.21
N THR D 308 6.11 -19.11 -41.01
CA THR D 308 7.49 -18.67 -40.97
C THR D 308 7.90 -18.15 -39.61
N GLY D 309 7.03 -17.35 -39.00
CA GLY D 309 7.36 -16.64 -37.78
C GLY D 309 7.55 -17.50 -36.55
N LEU D 310 7.01 -18.72 -36.56
CA LEU D 310 7.15 -19.61 -35.42
C LEU D 310 8.61 -19.69 -35.05
N SER D 311 8.94 -19.49 -33.78
CA SER D 311 10.32 -19.62 -33.36
C SER D 311 10.72 -21.08 -33.48
N LEU D 312 11.95 -21.42 -33.08
CA LEU D 312 12.38 -22.82 -33.15
C LEU D 312 11.95 -23.56 -31.89
N THR D 313 11.66 -22.80 -30.85
CA THR D 313 11.08 -23.40 -29.65
C THR D 313 9.66 -23.82 -29.99
N GLN D 314 8.92 -22.90 -30.62
CA GLN D 314 7.54 -23.16 -31.01
C GLN D 314 7.40 -24.32 -32.00
N VAL D 315 8.39 -24.48 -32.87
CA VAL D 315 8.40 -25.60 -33.81
C VAL D 315 8.69 -26.92 -33.09
N LYS D 316 9.55 -26.87 -32.06
CA LYS D 316 9.82 -28.03 -31.23
C LYS D 316 8.53 -28.54 -30.60
N ASN D 317 7.94 -27.69 -29.76
CA ASN D 317 6.71 -28.04 -29.04
C ASN D 317 5.56 -28.50 -29.92
N VAL D 318 5.42 -27.91 -31.10
CA VAL D 318 4.38 -28.30 -32.04
C VAL D 318 4.68 -29.66 -32.68
N LEU D 319 5.96 -29.89 -32.98
CA LEU D 319 6.38 -31.12 -33.62
C LEU D 319 6.37 -32.31 -32.65
N SER D 320 6.55 -32.04 -31.36
CA SER D 320 6.43 -33.09 -30.35
C SER D 320 4.98 -33.46 -30.13
N ASP D 321 4.10 -32.45 -30.16
CA ASP D 321 2.67 -32.68 -29.96
C ASP D 321 2.09 -33.50 -31.10
N VAL D 322 2.57 -33.25 -32.32
CA VAL D 322 2.07 -33.95 -33.48
C VAL D 322 2.64 -35.35 -33.62
N VAL D 323 3.95 -35.50 -33.41
CA VAL D 323 4.57 -36.82 -33.51
C VAL D 323 4.00 -37.83 -32.50
N SER D 324 3.62 -37.35 -31.32
CA SER D 324 3.16 -38.23 -30.24
C SER D 324 1.75 -38.81 -30.42
N ARG D 325 0.97 -38.19 -31.28
CA ARG D 325 -0.40 -38.65 -31.54
C ARG D 325 -0.53 -39.31 -32.92
N LEU D 326 0.61 -39.61 -33.55
CA LEU D 326 0.65 -40.23 -34.87
C LEU D 326 1.48 -41.52 -34.84
N PRO D 327 1.18 -42.46 -35.77
CA PRO D 327 1.97 -43.69 -35.86
C PRO D 327 3.40 -43.42 -36.33
N LYS D 328 4.31 -44.34 -36.04
CA LYS D 328 5.73 -44.13 -36.29
C LYS D 328 6.16 -44.37 -37.74
N GLU D 329 5.25 -44.86 -38.57
CA GLU D 329 5.53 -45.00 -39.99
C GLU D 329 5.25 -43.70 -40.73
N LYS D 330 4.39 -42.87 -40.15
CA LYS D 330 3.98 -41.62 -40.77
C LYS D 330 4.83 -40.43 -40.33
N THR D 331 5.63 -40.62 -39.28
CA THR D 331 6.35 -39.50 -38.66
C THR D 331 7.86 -39.49 -38.90
N GLN D 332 8.31 -40.22 -39.92
CA GLN D 332 9.76 -40.38 -40.15
C GLN D 332 10.54 -39.06 -40.17
N ILE D 333 10.01 -38.04 -40.84
CA ILE D 333 10.73 -36.78 -41.00
C ILE D 333 10.50 -35.79 -39.84
N TYR D 334 9.38 -35.94 -39.14
CA TYR D 334 9.12 -35.09 -37.98
C TYR D 334 10.10 -35.44 -36.87
N CYS D 335 10.37 -36.73 -36.74
CA CYS D 335 11.31 -37.21 -35.74
C CYS D 335 12.77 -36.88 -36.13
N ALA D 336 12.98 -36.54 -37.40
CA ALA D 336 14.30 -36.17 -37.87
C ALA D 336 14.58 -34.72 -37.51
N LEU D 337 13.61 -33.87 -37.77
CA LEU D 337 13.70 -32.47 -37.35
C LEU D 337 13.84 -32.43 -35.84
N LEU D 338 12.96 -33.15 -35.16
CA LEU D 338 12.98 -33.22 -33.72
C LEU D 338 14.39 -33.55 -33.23
N LYS D 339 14.97 -34.60 -33.82
CA LYS D 339 16.30 -35.05 -33.43
C LYS D 339 17.36 -33.97 -33.63
N GLN D 340 17.17 -33.15 -34.66
CA GLN D 340 18.13 -32.09 -34.94
C GLN D 340 17.88 -30.87 -34.08
N LEU D 341 16.61 -30.55 -33.83
CA LEU D 341 16.23 -29.38 -33.04
C LEU D 341 16.75 -29.44 -31.60
N LYS D 342 16.94 -30.65 -31.08
CA LYS D 342 17.19 -30.82 -29.65
C LYS D 342 18.59 -30.36 -29.25
N THR D 343 19.50 -30.29 -30.21
CA THR D 343 20.89 -29.91 -29.94
C THR D 343 21.29 -28.60 -30.59
N LEU D 344 20.45 -28.11 -31.49
CA LEU D 344 20.72 -26.87 -32.23
C LEU D 344 20.71 -25.63 -31.33
N ALA D 345 21.90 -25.04 -31.15
CA ALA D 345 22.07 -23.89 -30.27
C ALA D 345 21.54 -24.17 -28.88
N GLY D 346 21.32 -23.12 -28.10
CA GLY D 346 20.76 -23.25 -26.76
C GLY D 346 19.30 -22.87 -26.72
N GLN D 347 18.80 -22.58 -25.53
CA GLN D 347 17.38 -22.25 -25.39
C GLN D 347 17.15 -20.83 -25.87
N GLN D 348 17.98 -19.92 -25.36
CA GLN D 348 17.88 -18.51 -25.72
C GLN D 348 17.64 -18.38 -27.21
N ILE D 349 18.57 -18.91 -28.00
CA ILE D 349 18.54 -18.77 -29.45
C ILE D 349 17.36 -19.46 -30.14
N ARG D 350 17.00 -20.64 -29.66
CA ARG D 350 15.80 -21.32 -30.18
C ARG D 350 14.54 -20.56 -29.81
N ASN D 351 14.62 -19.76 -28.75
CA ASN D 351 13.49 -18.96 -28.30
C ASN D 351 13.20 -17.76 -29.21
N VAL D 352 14.18 -17.39 -30.04
CA VAL D 352 14.02 -16.23 -30.92
C VAL D 352 14.18 -16.58 -32.41
N ALA D 353 15.12 -17.47 -32.72
CA ALA D 353 15.37 -17.86 -34.09
C ALA D 353 14.09 -18.38 -34.72
N SER D 354 13.85 -18.00 -35.96
CA SER D 354 12.61 -18.35 -36.65
C SER D 354 12.79 -19.49 -37.65
N LEU D 355 11.69 -20.15 -37.97
CA LEU D 355 11.69 -21.19 -38.97
C LEU D 355 11.99 -20.52 -40.31
N GLY D 356 11.30 -19.42 -40.58
CA GLY D 356 11.50 -18.70 -41.82
C GLY D 356 12.94 -18.26 -41.94
N GLY D 357 13.39 -17.46 -40.99
CA GLY D 357 14.76 -16.99 -40.99
C GLY D 357 15.75 -18.10 -41.24
N HIS D 358 15.60 -19.19 -40.49
CA HIS D 358 16.53 -20.30 -40.63
C HIS D 358 16.60 -20.78 -42.07
N ILE D 359 15.46 -20.84 -42.73
CA ILE D 359 15.38 -21.42 -44.08
C ILE D 359 15.93 -20.49 -45.14
N ILE D 360 15.53 -19.23 -45.08
CA ILE D 360 15.95 -18.24 -46.07
C ILE D 360 17.47 -18.05 -46.08
N SER D 361 18.08 -18.07 -44.90
CA SER D 361 19.52 -17.82 -44.79
C SER D 361 20.36 -19.01 -45.24
N ARG D 362 19.72 -20.15 -45.43
CA ARG D 362 20.39 -21.38 -45.87
C ARG D 362 21.87 -21.47 -45.51
N LEU D 363 22.18 -21.57 -44.21
CA LEU D 363 23.56 -21.74 -43.78
C LEU D 363 24.12 -23.05 -44.33
N PRO D 364 25.40 -23.06 -44.74
CA PRO D 364 26.01 -24.29 -45.28
C PRO D 364 25.97 -25.45 -44.29
N THR D 365 25.92 -25.16 -42.99
CA THR D 365 25.90 -26.20 -41.98
C THR D 365 24.59 -26.26 -41.21
N SER D 366 23.55 -25.61 -41.73
CA SER D 366 22.22 -25.72 -41.12
C SER D 366 21.88 -27.17 -40.86
N ASP D 367 21.20 -27.43 -39.74
CA ASP D 367 20.86 -28.78 -39.32
C ASP D 367 19.47 -29.21 -39.77
N LEU D 368 18.60 -28.23 -39.94
CA LEU D 368 17.21 -28.49 -40.33
C LEU D 368 17.03 -28.55 -41.84
N ASN D 369 17.75 -27.70 -42.56
CA ASN D 369 17.61 -27.65 -44.02
C ASN D 369 17.84 -28.99 -44.71
N PRO D 370 18.99 -29.63 -44.44
CA PRO D 370 19.32 -30.87 -45.14
C PRO D 370 18.25 -31.94 -45.03
N ILE D 371 17.42 -31.89 -43.99
CA ILE D 371 16.33 -32.85 -43.85
C ILE D 371 15.04 -32.32 -44.45
N LEU D 372 14.75 -31.04 -44.25
CA LEU D 372 13.56 -30.43 -44.85
C LEU D 372 13.53 -30.69 -46.36
N GLY D 373 14.69 -30.55 -47.00
CA GLY D 373 14.79 -30.63 -48.45
C GLY D 373 14.79 -32.03 -49.02
N ILE D 374 15.16 -33.01 -48.21
CA ILE D 374 15.19 -34.40 -48.65
C ILE D 374 13.85 -35.08 -48.36
N GLY D 375 12.90 -34.31 -47.82
CA GLY D 375 11.59 -34.85 -47.51
C GLY D 375 10.50 -34.36 -48.45
N ASN D 376 10.90 -33.79 -49.58
CA ASN D 376 9.94 -33.13 -50.47
C ASN D 376 9.02 -32.18 -49.70
N CYS D 377 9.61 -31.13 -49.13
CA CYS D 377 8.86 -30.09 -48.42
C CYS D 377 8.53 -28.94 -49.38
N ILE D 378 7.66 -28.03 -48.94
CA ILE D 378 7.17 -26.99 -49.83
C ILE D 378 7.07 -25.61 -49.17
N LEU D 379 7.58 -24.60 -49.88
CA LEU D 379 7.56 -23.23 -49.40
C LEU D 379 6.36 -22.48 -49.97
N ASN D 380 5.54 -21.92 -49.10
CA ASN D 380 4.42 -21.08 -49.51
C ASN D 380 4.79 -19.61 -49.50
N VAL D 381 5.03 -19.05 -50.69
CA VAL D 381 5.47 -17.66 -50.82
C VAL D 381 4.41 -16.75 -51.44
N ALA D 382 4.47 -15.47 -51.09
CA ALA D 382 3.49 -14.50 -51.57
C ALA D 382 4.14 -13.14 -51.83
N SER D 383 4.01 -12.66 -53.06
CA SER D 383 4.49 -11.34 -53.45
C SER D 383 3.30 -10.42 -53.63
N THR D 384 3.55 -9.19 -54.03
CA THR D 384 2.47 -8.26 -54.28
C THR D 384 1.74 -8.58 -55.58
N GLU D 385 2.26 -9.58 -56.30
CA GLU D 385 1.64 -10.05 -57.53
C GLU D 385 0.65 -11.17 -57.26
N GLY D 386 1.04 -12.10 -56.39
CA GLY D 386 0.14 -13.21 -56.05
C GLY D 386 0.79 -14.36 -55.31
N ILE D 387 -0.03 -15.34 -54.94
CA ILE D 387 0.44 -16.53 -54.25
C ILE D 387 1.34 -17.36 -55.15
N GLN D 388 2.09 -18.27 -54.55
CA GLN D 388 2.99 -19.15 -55.30
C GLN D 388 3.63 -20.18 -54.39
N GLN D 389 4.03 -21.31 -54.95
CA GLN D 389 4.77 -22.31 -54.19
C GLN D 389 6.00 -22.81 -54.92
N ILE D 390 7.15 -22.65 -54.25
CA ILE D 390 8.41 -23.17 -54.74
C ILE D 390 8.91 -24.28 -53.83
N PRO D 391 9.44 -25.36 -54.43
CA PRO D 391 9.86 -26.52 -53.65
C PRO D 391 11.11 -26.17 -52.85
N LEU D 392 11.41 -26.95 -51.82
CA LEU D 392 12.66 -26.79 -51.12
C LEU D 392 13.52 -28.00 -51.44
N ASN D 393 14.18 -27.94 -52.58
CA ASN D 393 14.91 -29.09 -53.13
C ASN D 393 16.42 -28.95 -53.07
N ASP D 394 17.11 -29.97 -53.56
CA ASP D 394 18.56 -30.03 -53.43
C ASP D 394 19.26 -28.80 -53.98
N HIS D 395 18.71 -28.18 -55.03
CA HIS D 395 19.33 -26.95 -55.53
C HIS D 395 18.64 -25.65 -55.14
N PHE D 396 17.54 -25.72 -54.39
CA PHE D 396 16.98 -24.49 -53.81
C PHE D 396 18.07 -23.80 -53.04
N LEU D 397 19.06 -24.59 -52.63
CA LEU D 397 20.24 -24.05 -52.00
C LEU D 397 21.30 -23.86 -53.09
N ALA D 398 21.11 -22.83 -53.91
CA ALA D 398 22.01 -22.53 -55.03
C ALA D 398 23.39 -22.12 -54.52
N ILE D 404 16.04 -19.09 -53.95
CA ILE D 404 15.33 -19.13 -55.22
C ILE D 404 14.06 -18.29 -55.19
N LEU D 405 13.70 -17.80 -54.01
CA LEU D 405 12.59 -16.86 -53.88
C LEU D 405 12.97 -15.56 -54.56
N LYS D 406 12.03 -14.97 -55.30
CA LYS D 406 12.27 -13.67 -55.91
C LYS D 406 12.43 -12.65 -54.79
N PRO D 407 13.15 -11.55 -55.06
CA PRO D 407 13.40 -10.50 -54.07
C PRO D 407 12.13 -9.94 -53.41
N GLU D 408 11.02 -9.96 -54.13
CA GLU D 408 9.82 -9.24 -53.69
C GLU D 408 8.78 -10.11 -52.96
N GLN D 409 9.09 -11.39 -52.75
CA GLN D 409 8.16 -12.26 -52.04
C GLN D 409 8.64 -12.72 -50.66
N VAL D 410 7.68 -12.98 -49.79
CA VAL D 410 7.95 -13.32 -48.41
C VAL D 410 7.52 -14.76 -48.14
N LEU D 411 8.23 -15.45 -47.26
CA LEU D 411 7.86 -16.81 -46.92
C LEU D 411 6.75 -16.75 -45.90
N ILE D 412 5.62 -17.37 -46.22
CA ILE D 412 4.47 -17.32 -45.33
C ILE D 412 4.35 -18.58 -44.48
N SER D 413 4.78 -19.71 -45.04
CA SER D 413 4.77 -20.96 -44.30
C SER D 413 5.33 -22.10 -45.12
N VAL D 414 5.78 -23.15 -44.43
CA VAL D 414 6.32 -24.32 -45.11
C VAL D 414 5.45 -25.55 -44.84
N PHE D 415 5.14 -26.27 -45.91
CA PHE D 415 4.35 -27.48 -45.85
C PHE D 415 5.27 -28.68 -45.81
N VAL D 416 5.23 -29.42 -44.71
CA VAL D 416 6.03 -30.64 -44.58
C VAL D 416 5.11 -31.84 -44.39
N PRO D 417 5.18 -32.80 -45.31
CA PRO D 417 4.24 -33.92 -45.41
C PRO D 417 4.56 -35.08 -44.47
N ARG D 418 3.54 -35.82 -44.07
CA ARG D 418 3.72 -37.05 -43.30
C ARG D 418 4.42 -38.08 -44.17
N SER D 419 5.10 -39.04 -43.55
CA SER D 419 5.91 -40.02 -44.28
C SER D 419 5.10 -41.22 -44.77
N SER D 420 5.26 -41.57 -46.04
CA SER D 420 4.59 -42.74 -46.61
C SER D 420 5.04 -43.99 -45.87
N LYS D 421 4.22 -45.03 -45.93
CA LYS D 421 4.41 -46.23 -45.12
C LYS D 421 5.76 -46.92 -45.34
N TRP D 422 6.30 -46.82 -46.56
CA TRP D 422 7.50 -47.56 -46.91
C TRP D 422 8.74 -46.68 -47.12
N GLU D 423 8.73 -45.47 -46.58
CA GLU D 423 9.90 -44.60 -46.69
C GLU D 423 10.52 -44.35 -45.33
N PHE D 424 11.84 -44.17 -45.31
CA PHE D 424 12.58 -43.92 -44.08
C PHE D 424 13.48 -42.71 -44.25
N VAL D 425 13.52 -41.84 -43.23
CA VAL D 425 14.47 -40.72 -43.24
C VAL D 425 15.29 -40.71 -41.96
N SER D 426 16.47 -40.12 -42.00
CA SER D 426 17.37 -40.13 -40.86
C SER D 426 18.34 -38.96 -40.87
N ALA D 427 18.54 -38.35 -39.71
CA ALA D 427 19.46 -37.23 -39.57
C ALA D 427 20.74 -37.70 -38.87
N PHE D 428 21.85 -37.03 -39.18
CA PHE D 428 23.14 -37.34 -38.57
C PHE D 428 23.90 -36.05 -38.34
N ARG D 429 24.88 -36.08 -37.46
CA ARG D 429 25.54 -34.84 -37.05
C ARG D 429 26.86 -35.08 -36.32
N GLN D 430 27.79 -34.15 -36.49
CA GLN D 430 29.05 -34.18 -35.75
C GLN D 430 29.45 -32.76 -35.37
N ALA D 431 29.80 -32.55 -34.10
CA ALA D 431 30.17 -31.22 -33.65
C ALA D 431 31.23 -31.24 -32.57
N PRO D 432 32.02 -30.15 -32.46
CA PRO D 432 33.06 -30.01 -31.43
C PRO D 432 32.48 -30.20 -30.03
N ARG D 433 31.23 -29.78 -29.82
CA ARG D 433 30.52 -30.10 -28.57
C ARG D 433 29.07 -30.55 -28.80
N GLN D 434 28.63 -31.51 -27.99
CA GLN D 434 27.33 -32.19 -28.15
C GLN D 434 26.15 -31.27 -28.50
N GLN D 435 26.20 -30.02 -28.04
CA GLN D 435 25.13 -29.07 -28.29
C GLN D 435 25.69 -27.67 -28.30
N ASN D 436 24.90 -26.72 -28.79
CA ASN D 436 25.31 -25.32 -28.82
C ASN D 436 26.57 -25.09 -29.64
N ALA D 437 26.57 -25.58 -30.88
CA ALA D 437 27.68 -25.40 -31.81
C ALA D 437 27.39 -26.09 -33.14
N PHE D 438 27.75 -25.43 -34.24
CA PHE D 438 27.42 -25.93 -35.56
C PHE D 438 28.10 -27.25 -35.90
N ALA D 439 27.50 -27.97 -36.85
CA ALA D 439 28.05 -29.24 -37.28
C ALA D 439 29.26 -29.02 -38.16
N THR D 440 30.37 -29.67 -37.81
CA THR D 440 31.47 -29.83 -38.73
C THR D 440 30.86 -30.30 -40.03
N VAL D 441 30.19 -31.44 -39.98
CA VAL D 441 29.37 -31.93 -41.09
C VAL D 441 28.10 -32.60 -40.57
N ASN D 442 26.97 -32.26 -41.15
CA ASN D 442 25.71 -32.91 -40.83
C ASN D 442 25.16 -33.55 -42.09
N ALA D 443 24.20 -34.47 -41.93
CA ALA D 443 23.64 -35.15 -43.09
C ALA D 443 22.13 -35.26 -43.04
N GLY D 444 21.50 -35.32 -44.21
CA GLY D 444 20.09 -35.62 -44.33
C GLY D 444 19.95 -36.71 -45.36
N MET D 445 19.16 -37.74 -45.04
CA MET D 445 19.06 -38.90 -45.92
C MET D 445 17.66 -39.48 -45.94
N LYS D 446 17.27 -40.04 -47.07
CA LYS D 446 15.95 -40.68 -47.23
C LYS D 446 15.99 -41.77 -48.28
N VAL D 447 15.14 -42.79 -48.09
CA VAL D 447 14.99 -43.88 -49.06
C VAL D 447 13.54 -44.35 -49.12
N VAL D 448 13.13 -44.88 -50.27
CA VAL D 448 11.80 -45.46 -50.41
C VAL D 448 11.88 -46.80 -51.12
N PHE D 449 11.55 -47.87 -50.41
CA PHE D 449 11.59 -49.22 -50.97
C PHE D 449 10.29 -49.54 -51.69
N LYS D 450 10.21 -50.72 -52.31
CA LYS D 450 8.99 -51.15 -52.98
C LYS D 450 8.19 -52.12 -52.11
N GLU D 451 7.59 -51.59 -51.05
CA GLU D 451 6.76 -52.39 -50.13
C GLU D 451 7.50 -53.62 -49.58
N ASP D 452 6.93 -54.81 -49.80
CA ASP D 452 7.55 -56.03 -49.30
C ASP D 452 9.00 -56.18 -49.77
N THR D 453 9.37 -55.40 -50.78
CA THR D 453 10.72 -55.46 -51.33
C THR D 453 11.64 -54.46 -50.64
N ASN D 454 12.85 -54.90 -50.33
CA ASN D 454 13.88 -53.98 -49.87
C ASN D 454 14.66 -53.43 -51.06
N THR D 455 14.08 -53.58 -52.25
CA THR D 455 14.64 -52.97 -53.44
C THR D 455 14.47 -51.46 -53.33
N ILE D 456 15.45 -50.71 -53.83
CA ILE D 456 15.42 -49.25 -53.71
C ILE D 456 14.61 -48.60 -54.82
N THR D 457 13.46 -48.02 -54.45
CA THR D 457 12.59 -47.36 -55.42
C THR D 457 13.04 -45.92 -55.63
N ASP D 458 13.35 -45.23 -54.54
CA ASP D 458 13.88 -43.88 -54.61
C ASP D 458 15.03 -43.70 -53.61
N LEU D 459 15.80 -42.62 -53.77
CA LEU D 459 16.91 -42.35 -52.89
C LEU D 459 17.28 -40.87 -52.96
N GLY D 460 17.89 -40.37 -51.90
CA GLY D 460 18.30 -38.97 -51.86
C GLY D 460 19.09 -38.65 -50.62
N ILE D 461 20.16 -37.87 -50.79
CA ILE D 461 21.04 -37.53 -49.67
C ILE D 461 21.54 -36.08 -49.79
N LEU D 462 21.35 -35.32 -48.72
CA LEU D 462 21.81 -33.94 -48.66
C LEU D 462 22.84 -33.78 -47.55
N TYR D 463 24.02 -33.29 -47.88
CA TYR D 463 25.06 -33.07 -46.89
C TYR D 463 25.20 -31.61 -46.52
N GLY D 464 25.90 -31.35 -45.43
CA GLY D 464 26.23 -30.01 -45.01
C GLY D 464 27.60 -30.02 -44.38
N GLY D 465 28.38 -28.97 -44.62
CA GLY D 465 29.71 -28.88 -44.06
C GLY D 465 30.83 -29.22 -45.03
N ILE D 466 30.50 -29.38 -46.31
CA ILE D 466 31.55 -29.59 -47.31
C ILE D 466 31.48 -28.61 -48.50
N GLY D 467 30.36 -28.59 -49.21
CA GLY D 467 30.15 -27.58 -50.23
C GLY D 467 29.94 -26.24 -49.55
N ALA D 468 30.14 -25.15 -50.29
CA ALA D 468 29.94 -23.82 -49.72
C ALA D 468 28.47 -23.66 -49.31
N THR D 469 27.62 -24.51 -49.86
CA THR D 469 26.23 -24.61 -49.46
C THR D 469 25.92 -26.08 -49.20
N VAL D 470 24.69 -26.39 -48.79
CA VAL D 470 24.30 -27.78 -48.61
C VAL D 470 24.23 -28.51 -49.96
N ILE D 471 25.08 -29.52 -50.13
CA ILE D 471 25.25 -30.16 -51.42
C ILE D 471 24.40 -31.43 -51.54
N SER D 472 24.48 -32.08 -52.69
CA SER D 472 23.70 -33.29 -52.91
C SER D 472 24.56 -34.43 -53.49
N ALA D 473 24.22 -35.65 -53.12
CA ALA D 473 24.88 -36.82 -53.68
C ALA D 473 23.98 -37.38 -54.77
N ASP D 474 23.12 -36.52 -55.29
CA ASP D 474 22.14 -36.89 -56.30
C ASP D 474 22.72 -37.89 -57.31
N LYS D 475 23.86 -37.54 -57.90
CA LYS D 475 24.42 -38.39 -58.94
C LYS D 475 24.70 -39.79 -58.39
N SER D 476 25.34 -39.85 -57.23
CA SER D 476 25.74 -41.13 -56.64
C SER D 476 24.53 -41.95 -56.19
N CYS D 477 23.48 -41.28 -55.72
CA CYS D 477 22.27 -41.96 -55.29
C CYS D 477 21.40 -42.35 -56.49
N ARG D 478 21.38 -41.50 -57.51
CA ARG D 478 20.60 -41.75 -58.72
C ARG D 478 21.03 -43.05 -59.38
N GLN D 479 22.29 -43.41 -59.19
CA GLN D 479 22.82 -44.65 -59.75
C GLN D 479 22.39 -45.86 -58.92
N LEU D 480 21.87 -45.58 -57.73
CA LEU D 480 21.53 -46.63 -56.77
C LEU D 480 20.06 -47.02 -56.78
N ILE D 481 19.30 -46.50 -57.74
CA ILE D 481 17.88 -46.85 -57.84
C ILE D 481 17.70 -48.24 -58.45
N GLY D 482 17.07 -49.14 -57.71
CA GLY D 482 16.87 -50.49 -58.16
C GLY D 482 17.83 -51.45 -57.50
N ARG D 483 18.77 -50.90 -56.73
CA ARG D 483 19.77 -51.70 -56.04
C ARG D 483 19.23 -52.24 -54.70
N CYS D 484 19.54 -53.49 -54.40
CA CYS D 484 19.14 -54.09 -53.13
C CYS D 484 19.94 -53.46 -51.99
N TRP D 485 19.40 -53.52 -50.77
CA TRP D 485 20.05 -52.91 -49.62
C TRP D 485 21.04 -53.86 -48.94
N ASP D 486 21.44 -54.89 -49.68
CA ASP D 486 22.40 -55.87 -49.17
C ASP D 486 23.76 -55.25 -48.87
N GLU D 487 24.61 -55.98 -48.15
CA GLU D 487 25.91 -55.49 -47.72
C GLU D 487 26.86 -55.24 -48.88
N GLU D 488 26.38 -55.49 -50.10
CA GLU D 488 27.12 -55.17 -51.31
C GLU D 488 26.91 -53.70 -51.66
N MET D 489 25.66 -53.36 -51.97
CA MET D 489 25.27 -52.03 -52.43
C MET D 489 25.84 -50.89 -51.61
N LEU D 490 26.23 -51.17 -50.37
CA LEU D 490 26.87 -50.17 -49.52
C LEU D 490 28.30 -49.93 -50.00
N ASP D 491 29.11 -50.98 -49.92
CA ASP D 491 30.50 -50.90 -50.36
C ASP D 491 30.59 -50.21 -51.71
N ASP D 492 29.57 -50.41 -52.53
CA ASP D 492 29.46 -49.72 -53.82
C ASP D 492 29.14 -48.24 -53.62
N ALA D 493 28.16 -47.94 -52.76
CA ALA D 493 27.73 -46.57 -52.55
C ALA D 493 28.76 -45.76 -51.78
N GLY D 494 29.67 -46.46 -51.09
CA GLY D 494 30.73 -45.79 -50.35
C GLY D 494 31.74 -45.15 -51.29
N LYS D 495 32.15 -45.91 -52.31
CA LYS D 495 33.07 -45.40 -53.32
C LYS D 495 32.42 -44.28 -54.11
N MET D 496 31.14 -44.43 -54.40
CA MET D 496 30.41 -43.42 -55.15
C MET D 496 30.31 -42.10 -54.39
N ILE D 497 29.87 -42.16 -53.14
CA ILE D 497 29.74 -40.96 -52.31
C ILE D 497 31.10 -40.31 -52.05
N CYS D 498 32.15 -41.13 -52.00
CA CYS D 498 33.50 -40.65 -51.73
C CYS D 498 34.03 -39.76 -52.85
N GLU D 499 33.91 -40.22 -54.09
CA GLU D 499 34.31 -39.43 -55.25
C GLU D 499 33.41 -38.19 -55.38
N GLU D 500 32.13 -38.38 -55.13
CA GLU D 500 31.15 -37.30 -55.25
C GLU D 500 31.51 -36.09 -54.39
N VAL D 501 31.56 -36.29 -53.08
CA VAL D 501 31.81 -35.18 -52.17
C VAL D 501 33.21 -34.60 -52.36
N SER D 502 34.14 -35.44 -52.82
CA SER D 502 35.49 -34.98 -53.13
C SER D 502 35.46 -33.93 -54.23
N LEU D 503 34.51 -34.08 -55.15
CA LEU D 503 34.34 -33.14 -56.26
C LEU D 503 33.74 -31.81 -55.79
N ALA D 507 37.08 -26.27 -49.95
CA ALA D 507 36.60 -25.01 -49.39
C ALA D 507 37.31 -24.67 -48.09
N PRO D 508 37.05 -23.47 -47.54
CA PRO D 508 37.61 -23.09 -46.24
C PRO D 508 37.22 -24.09 -45.16
N GLY D 509 37.89 -24.02 -44.02
CA GLY D 509 37.63 -24.92 -42.91
C GLY D 509 38.70 -25.99 -42.76
N GLY D 510 39.35 -26.34 -43.87
CA GLY D 510 40.38 -27.35 -43.86
C GLY D 510 39.87 -28.71 -43.42
N MET D 511 40.78 -29.56 -42.96
CA MET D 511 40.48 -30.94 -42.61
C MET D 511 39.49 -31.59 -43.57
N GLU D 512 39.86 -31.63 -44.85
CA GLU D 512 39.06 -32.31 -45.86
C GLU D 512 38.96 -33.79 -45.54
N GLU D 513 40.12 -34.41 -45.33
CA GLU D 513 40.17 -35.84 -45.02
C GLU D 513 39.07 -36.23 -44.04
N TYR D 514 39.01 -35.55 -42.91
CA TYR D 514 38.05 -35.86 -41.85
C TYR D 514 36.61 -35.61 -42.31
N ARG D 515 36.40 -34.51 -43.04
CA ARG D 515 35.07 -34.15 -43.51
C ARG D 515 34.52 -35.15 -44.51
N LYS D 516 35.40 -35.72 -45.34
CA LYS D 516 34.99 -36.72 -46.30
C LYS D 516 34.76 -38.06 -45.60
N THR D 517 35.50 -38.28 -44.52
CA THR D 517 35.41 -39.54 -43.77
C THR D 517 34.11 -39.63 -43.01
N LEU D 518 33.64 -38.50 -42.49
CA LEU D 518 32.35 -38.44 -41.81
C LEU D 518 31.23 -38.60 -42.82
N ALA D 519 31.32 -37.88 -43.93
CA ALA D 519 30.33 -37.97 -45.00
C ALA D 519 29.96 -39.42 -45.29
N ILE D 520 30.98 -40.25 -45.49
CA ILE D 520 30.77 -41.67 -45.71
C ILE D 520 30.29 -42.35 -44.43
N SER D 521 30.91 -41.98 -43.32
CA SER D 521 30.61 -42.58 -42.03
C SER D 521 29.12 -42.50 -41.72
N PHE D 522 28.48 -41.44 -42.20
CA PHE D 522 27.03 -41.27 -42.02
C PHE D 522 26.29 -42.19 -42.97
N LEU D 523 26.90 -42.48 -44.12
CA LEU D 523 26.33 -43.43 -45.06
C LEU D 523 26.08 -44.73 -44.32
N PHE D 524 27.14 -45.26 -43.71
CA PHE D 524 27.07 -46.49 -42.93
C PHE D 524 25.96 -46.42 -41.87
N MET D 525 26.04 -45.41 -41.00
CA MET D 525 25.08 -45.23 -39.93
C MET D 525 23.66 -45.33 -40.47
N PHE D 526 23.44 -44.71 -41.62
CA PHE D 526 22.14 -44.78 -42.30
C PHE D 526 21.86 -46.20 -42.78
N TYR D 527 22.91 -46.87 -43.26
CA TYR D 527 22.78 -48.23 -43.74
C TYR D 527 22.19 -49.14 -42.66
N LEU D 528 22.76 -49.06 -41.47
CA LEU D 528 22.31 -49.90 -40.35
C LEU D 528 21.03 -49.37 -39.70
N ASP D 529 20.92 -48.05 -39.61
CA ASP D 529 19.73 -47.43 -39.02
C ASP D 529 18.48 -47.99 -39.68
N VAL D 530 18.56 -48.20 -40.99
CA VAL D 530 17.41 -48.66 -41.76
C VAL D 530 17.25 -50.19 -41.79
N LEU D 531 18.37 -50.91 -41.83
CA LEU D 531 18.32 -52.37 -41.80
C LEU D 531 17.64 -52.84 -40.51
N LYS D 532 17.74 -52.01 -39.47
CA LYS D 532 17.14 -52.30 -38.18
C LYS D 532 15.61 -52.22 -38.23
N GLN D 533 15.10 -51.11 -38.75
CA GLN D 533 13.66 -50.94 -38.92
C GLN D 533 13.11 -52.01 -39.85
N LEU D 534 13.97 -52.51 -40.74
CA LEU D 534 13.56 -53.54 -41.70
C LEU D 534 13.38 -54.91 -41.04
N LYS D 535 14.29 -55.26 -40.13
CA LYS D 535 14.18 -56.51 -39.38
C LYS D 535 13.15 -56.37 -38.27
N THR D 536 13.03 -55.15 -37.73
CA THR D 536 12.04 -54.86 -36.70
C THR D 536 10.63 -54.82 -37.30
N ARG D 537 10.55 -54.74 -38.61
CA ARG D 537 9.28 -54.69 -39.33
C ARG D 537 8.87 -56.08 -39.84
N ASP D 538 9.84 -56.98 -39.95
CA ASP D 538 9.57 -58.35 -40.36
C ASP D 538 10.82 -59.22 -40.23
N ILE D 545 22.28 -59.46 -38.40
CA ILE D 545 22.22 -58.14 -37.78
C ILE D 545 23.07 -58.12 -36.51
N SER D 546 24.37 -58.24 -36.70
CA SER D 546 25.32 -58.39 -35.61
C SER D 546 25.12 -57.36 -34.49
N GLN D 547 25.48 -57.75 -33.27
CA GLN D 547 25.35 -56.87 -32.10
C GLN D 547 26.49 -55.87 -32.00
N LYS D 548 27.69 -56.30 -32.40
CA LYS D 548 28.86 -55.41 -32.44
C LYS D 548 28.58 -54.24 -33.39
N LEU D 549 27.71 -54.47 -34.36
CA LEU D 549 27.27 -53.44 -35.30
C LEU D 549 26.13 -52.61 -34.71
N LEU D 550 25.15 -53.30 -34.11
CA LEU D 550 23.95 -52.66 -33.59
C LEU D 550 24.25 -51.49 -32.66
N HIS D 551 25.43 -51.50 -32.05
CA HIS D 551 25.84 -50.46 -31.09
C HIS D 551 25.89 -49.07 -31.72
N ILE D 552 26.44 -48.99 -32.93
CA ILE D 552 26.67 -47.69 -33.56
C ILE D 552 25.42 -46.82 -33.61
N LEU D 553 24.25 -47.44 -33.55
CA LEU D 553 22.98 -46.72 -33.61
C LEU D 553 22.55 -46.15 -32.27
N GLU D 554 23.36 -46.39 -31.23
CA GLU D 554 23.10 -45.85 -29.90
C GLU D 554 23.94 -44.60 -29.65
N ASP D 555 23.30 -43.43 -29.67
CA ASP D 555 24.03 -42.17 -29.51
C ASP D 555 24.22 -41.80 -28.03
N PHE D 556 25.14 -40.88 -27.77
CA PHE D 556 25.53 -40.53 -26.41
C PHE D 556 24.78 -39.31 -25.88
N PRO D 557 24.05 -39.49 -24.76
CA PRO D 557 23.35 -38.39 -24.08
C PRO D 557 24.23 -37.78 -22.99
N TYR D 562 27.65 -33.70 -11.51
CA TYR D 562 27.35 -34.02 -10.12
C TYR D 562 28.55 -34.73 -9.53
N GLY D 563 28.74 -34.56 -8.23
CA GLY D 563 29.86 -35.21 -7.58
C GLY D 563 30.04 -34.88 -6.11
N MET D 564 30.92 -35.64 -5.47
CA MET D 564 31.21 -35.51 -4.05
C MET D 564 32.55 -34.79 -3.83
N GLN D 565 32.50 -33.64 -3.17
CA GLN D 565 33.72 -32.92 -2.86
C GLN D 565 34.01 -33.04 -1.38
N SER D 566 35.21 -33.49 -1.05
CA SER D 566 35.50 -33.92 0.31
C SER D 566 36.78 -33.30 0.89
N PHE D 567 36.73 -32.92 2.17
CA PHE D 567 37.87 -32.32 2.84
C PHE D 567 37.85 -32.65 4.33
N GLN D 568 39.00 -32.48 4.99
CA GLN D 568 39.04 -32.67 6.44
C GLN D 568 38.51 -31.41 7.11
N ASP D 569 37.77 -31.60 8.21
CA ASP D 569 37.13 -30.49 8.87
C ASP D 569 38.08 -29.73 9.80
N VAL D 570 37.54 -28.74 10.49
CA VAL D 570 38.33 -27.83 11.30
C VAL D 570 38.30 -28.23 12.76
N ASP D 571 39.39 -27.93 13.49
CA ASP D 571 39.55 -28.39 14.87
C ASP D 571 38.32 -28.18 15.74
N PHE D 572 37.95 -29.23 16.46
CA PHE D 572 36.79 -29.21 17.34
C PHE D 572 36.76 -27.96 18.23
N GLN D 573 37.94 -27.59 18.73
CA GLN D 573 38.03 -26.54 19.74
C GLN D 573 38.00 -25.14 19.14
N GLN D 574 38.07 -25.06 17.82
CA GLN D 574 38.15 -23.77 17.15
C GLN D 574 36.82 -23.03 17.15
N PRO D 575 36.79 -21.86 17.79
CA PRO D 575 35.58 -21.05 17.95
C PRO D 575 34.85 -20.87 16.61
N LEU D 576 33.55 -20.58 16.66
CA LEU D 576 32.82 -20.34 15.43
C LEU D 576 33.47 -19.19 14.66
N GLN D 577 33.67 -18.06 15.35
CA GLN D 577 34.02 -16.81 14.68
C GLN D 577 35.47 -16.73 14.17
N ASP D 578 36.25 -17.77 14.40
CA ASP D 578 37.52 -17.89 13.71
C ASP D 578 37.27 -18.66 12.43
N PRO D 579 37.34 -17.99 11.29
CA PRO D 579 36.90 -18.53 10.00
C PRO D 579 37.94 -19.37 9.27
N ILE D 580 39.17 -19.42 9.78
CA ILE D 580 40.20 -20.17 9.07
C ILE D 580 39.83 -21.63 8.93
N GLY D 581 40.07 -22.20 7.75
CA GLY D 581 39.75 -23.59 7.50
C GLY D 581 38.28 -23.78 7.19
N ARG D 582 37.49 -22.71 7.35
CA ARG D 582 36.04 -22.75 7.18
C ARG D 582 35.64 -22.46 5.74
N PRO D 583 34.74 -23.28 5.16
CA PRO D 583 34.31 -23.10 3.76
C PRO D 583 33.48 -21.84 3.53
N ILE D 584 34.02 -20.68 3.90
CA ILE D 584 33.28 -19.43 3.77
C ILE D 584 32.95 -19.09 2.31
N MET D 585 31.70 -18.75 2.03
CA MET D 585 31.31 -18.33 0.70
C MET D 585 32.09 -17.08 0.28
N HIS D 586 32.41 -17.00 -1.01
CA HIS D 586 33.05 -15.84 -1.60
C HIS D 586 32.29 -14.57 -1.22
N GLN D 587 32.91 -13.74 -0.39
CA GLN D 587 32.26 -12.52 0.11
C GLN D 587 31.42 -11.73 -0.93
N SER D 588 31.83 -11.75 -2.21
CA SER D 588 31.03 -11.08 -3.25
C SER D 588 30.01 -12.01 -3.90
N GLY D 589 29.88 -13.23 -3.37
CA GLY D 589 29.05 -14.24 -4.00
C GLY D 589 27.63 -13.79 -4.28
N ILE D 590 26.99 -13.15 -3.31
CA ILE D 590 25.61 -12.75 -3.47
C ILE D 590 25.50 -11.62 -4.48
N LYS D 591 26.36 -10.63 -4.33
CA LYS D 591 26.44 -9.52 -5.28
C LYS D 591 26.62 -9.99 -6.74
N HIS D 592 27.35 -11.08 -6.92
CA HIS D 592 27.51 -11.65 -8.26
C HIS D 592 26.14 -12.07 -8.80
N ALA D 593 25.29 -12.55 -7.91
CA ALA D 593 24.01 -13.09 -8.31
C ALA D 593 22.92 -12.02 -8.41
N THR D 594 23.20 -10.83 -7.89
CA THR D 594 22.21 -9.77 -7.91
C THR D 594 22.53 -8.69 -8.91
N GLY D 595 23.73 -8.76 -9.50
CA GLY D 595 24.20 -7.76 -10.46
C GLY D 595 24.57 -6.44 -9.80
N GLU D 596 24.97 -6.48 -8.54
CA GLU D 596 25.36 -5.27 -7.83
C GLU D 596 26.87 -5.10 -7.82
N ALA D 597 27.57 -6.15 -8.21
CA ALA D 597 29.01 -6.08 -8.32
C ALA D 597 29.30 -5.18 -9.49
N VAL D 598 29.96 -4.06 -9.23
CA VAL D 598 30.40 -3.16 -10.28
C VAL D 598 31.75 -3.62 -10.81
N PHE D 599 31.77 -4.16 -12.01
CA PHE D 599 33.05 -4.43 -12.67
C PHE D 599 33.48 -3.13 -13.33
N CYS D 600 34.50 -3.17 -14.18
CA CYS D 600 35.02 -1.95 -14.77
C CYS D 600 34.04 -1.23 -15.71
N ASP D 601 33.56 -1.96 -16.71
CA ASP D 601 32.63 -1.37 -17.66
C ASP D 601 31.33 -0.91 -17.00
N ASP D 602 31.01 -1.41 -15.80
CA ASP D 602 29.71 -1.08 -15.20
C ASP D 602 29.67 0.37 -14.69
N MET D 603 30.82 1.01 -14.61
CA MET D 603 30.90 2.38 -14.13
C MET D 603 30.15 3.35 -15.05
N SER D 604 29.48 4.34 -14.46
CA SER D 604 28.74 5.34 -15.23
C SER D 604 29.65 6.07 -16.20
N VAL D 605 29.09 6.52 -17.32
CA VAL D 605 29.85 7.39 -18.23
C VAL D 605 29.76 8.80 -17.69
N LEU D 606 30.91 9.49 -17.66
CA LEU D 606 30.97 10.86 -17.14
C LEU D 606 30.70 11.83 -18.27
N PRO D 607 30.11 12.98 -17.95
CA PRO D 607 29.96 13.99 -18.99
C PRO D 607 31.30 14.19 -19.72
N GLY D 608 31.32 13.97 -21.03
CA GLY D 608 32.52 14.15 -21.83
C GLY D 608 33.36 12.90 -22.03
N GLU D 609 33.13 11.87 -21.23
CA GLU D 609 33.88 10.61 -21.34
C GLU D 609 33.80 10.08 -22.77
N LEU D 610 34.96 9.72 -23.34
CA LEU D 610 35.02 9.23 -24.73
C LEU D 610 35.28 7.72 -24.81
N PHE D 611 34.89 7.11 -25.93
CA PHE D 611 34.99 5.67 -26.13
C PHE D 611 36.02 5.37 -27.20
N LEU D 612 36.84 4.34 -26.98
CA LEU D 612 37.99 4.12 -27.87
C LEU D 612 37.85 2.89 -28.76
N ALA D 613 38.21 3.03 -30.03
CA ALA D 613 38.30 1.88 -30.93
C ALA D 613 39.63 1.94 -31.66
N VAL D 614 40.22 0.79 -31.97
CA VAL D 614 41.55 0.75 -32.55
C VAL D 614 41.58 -0.07 -33.83
N VAL D 615 42.34 0.41 -34.81
CA VAL D 615 42.51 -0.32 -36.06
C VAL D 615 43.84 -1.06 -35.98
N THR D 616 43.84 -2.32 -36.39
CA THR D 616 44.98 -3.20 -36.20
C THR D 616 45.55 -3.69 -37.54
N SER D 617 46.81 -4.12 -37.52
CA SER D 617 47.46 -4.60 -38.73
C SER D 617 46.77 -5.83 -39.27
N SER D 618 46.42 -5.79 -40.55
CA SER D 618 45.84 -6.96 -41.21
C SER D 618 46.92 -7.79 -41.90
N LYS D 619 48.19 -7.39 -41.72
CA LYS D 619 49.34 -8.07 -42.31
C LYS D 619 50.28 -8.58 -41.22
N SER D 620 50.96 -9.68 -41.50
CA SER D 620 51.88 -10.30 -40.56
C SER D 620 53.18 -9.53 -40.36
N HIS D 621 53.81 -9.14 -41.46
CA HIS D 621 55.08 -8.42 -41.41
C HIS D 621 55.10 -7.46 -42.60
N ALA D 622 55.15 -6.16 -42.31
CA ALA D 622 54.96 -5.17 -43.36
C ALA D 622 55.43 -3.77 -42.97
N LYS D 623 55.91 -3.03 -43.96
CA LYS D 623 56.17 -1.60 -43.78
C LYS D 623 54.83 -0.89 -43.89
N ILE D 624 54.68 0.26 -43.24
CA ILE D 624 53.48 1.07 -43.41
C ILE D 624 53.71 2.27 -44.33
N ILE D 625 53.41 2.11 -45.61
CA ILE D 625 53.67 3.16 -46.59
C ILE D 625 52.78 4.40 -46.35
N SER D 626 51.48 4.19 -46.26
CA SER D 626 50.55 5.30 -46.08
C SER D 626 49.52 5.03 -45.00
N LEU D 627 49.25 6.07 -44.20
CA LEU D 627 48.26 6.00 -43.13
C LEU D 627 47.37 7.24 -43.22
N ASP D 628 46.22 7.09 -43.88
CA ASP D 628 45.30 8.20 -44.04
C ASP D 628 44.03 7.94 -43.24
N ALA D 629 43.68 8.88 -42.38
CA ALA D 629 42.53 8.74 -41.50
C ALA D 629 41.56 9.89 -41.66
N SER D 630 41.77 10.69 -42.70
CA SER D 630 41.01 11.90 -42.95
C SER D 630 39.49 11.69 -42.88
N GLU D 631 39.02 10.57 -43.43
CA GLU D 631 37.59 10.26 -43.37
C GLU D 631 37.16 10.11 -41.91
N ALA D 632 37.92 9.32 -41.16
CA ALA D 632 37.64 9.12 -39.75
C ALA D 632 37.37 10.45 -39.03
N LEU D 633 38.43 11.23 -38.83
CA LEU D 633 38.31 12.49 -38.07
C LEU D 633 36.99 13.20 -38.36
N ALA D 634 36.53 13.14 -39.60
CA ALA D 634 35.31 13.82 -39.99
C ALA D 634 34.05 13.03 -39.62
N SER D 635 34.16 11.71 -39.55
CA SER D 635 33.01 10.85 -39.26
C SER D 635 32.21 11.36 -38.05
N LEU D 636 30.98 10.87 -37.90
CA LEU D 636 30.09 11.41 -36.87
C LEU D 636 30.61 11.23 -35.45
N GLY D 637 30.62 12.32 -34.70
CA GLY D 637 30.94 12.28 -33.28
C GLY D 637 32.30 11.71 -32.94
N VAL D 638 33.26 11.82 -33.86
CA VAL D 638 34.63 11.49 -33.54
C VAL D 638 35.30 12.74 -33.03
N VAL D 639 36.04 12.64 -31.93
CA VAL D 639 36.76 13.80 -31.41
C VAL D 639 38.25 13.83 -31.74
N ASP D 640 38.86 12.67 -32.00
CA ASP D 640 40.29 12.62 -32.31
C ASP D 640 40.77 11.25 -32.78
N VAL D 641 41.80 11.22 -33.61
CA VAL D 641 42.45 9.97 -33.99
C VAL D 641 43.86 10.02 -33.45
N VAL D 642 44.25 9.02 -32.68
CA VAL D 642 45.54 9.04 -32.02
C VAL D 642 46.49 8.05 -32.70
N THR D 643 47.72 8.49 -32.95
CA THR D 643 48.75 7.65 -33.58
C THR D 643 50.05 7.64 -32.79
N ALA D 644 51.08 7.05 -33.36
CA ALA D 644 52.37 6.90 -32.70
C ALA D 644 53.03 8.23 -32.37
N ARG D 645 52.71 9.27 -33.14
CA ARG D 645 53.34 10.57 -32.94
C ARG D 645 52.66 11.40 -31.85
N ASP D 646 51.62 10.81 -31.24
CA ASP D 646 50.87 11.44 -30.16
C ASP D 646 51.31 10.97 -28.75
N VAL D 647 52.18 9.97 -28.71
CA VAL D 647 52.74 9.51 -27.45
C VAL D 647 53.72 10.56 -26.92
N PRO D 648 53.39 11.16 -25.77
CA PRO D 648 54.21 12.23 -25.19
C PRO D 648 55.62 11.76 -24.79
N GLY D 649 55.77 10.48 -24.50
CA GLY D 649 57.07 9.92 -24.09
C GLY D 649 57.29 8.53 -24.63
N ASP D 650 57.90 7.67 -23.82
CA ASP D 650 58.13 6.28 -24.23
C ASP D 650 56.90 5.62 -24.84
N ASN D 651 57.11 4.91 -25.93
CA ASN D 651 56.06 4.17 -26.60
C ASN D 651 56.30 2.66 -26.50
N GLY D 652 56.17 2.13 -25.29
CA GLY D 652 56.31 0.70 -25.07
C GLY D 652 57.48 0.30 -24.20
N GLU D 655 60.12 -2.56 -25.73
CA GLU D 655 60.69 -3.36 -26.81
C GLU D 655 59.54 -3.79 -27.69
N GLU D 656 58.36 -3.36 -27.28
CA GLU D 656 57.12 -3.55 -28.02
C GLU D 656 56.43 -2.19 -27.96
N SER D 657 55.68 -1.84 -28.99
CA SER D 657 55.12 -0.49 -29.10
C SER D 657 53.60 -0.44 -28.98
N LEU D 658 53.13 0.48 -28.15
CA LEU D 658 51.72 0.73 -28.03
C LEU D 658 51.13 0.94 -29.42
N TYR D 659 51.67 1.93 -30.14
CA TYR D 659 51.19 2.27 -31.47
C TYR D 659 52.25 2.02 -32.52
N ALA D 660 51.93 1.20 -33.51
CA ALA D 660 52.91 0.79 -34.50
C ALA D 660 53.61 1.97 -35.16
N GLN D 661 54.93 1.86 -35.31
CA GLN D 661 55.72 2.89 -35.93
C GLN D 661 56.43 2.32 -37.14
N ASP D 662 56.28 2.98 -38.27
CA ASP D 662 56.86 2.52 -39.52
C ASP D 662 56.31 1.14 -39.92
N GLU D 663 56.92 0.08 -39.43
CA GLU D 663 56.49 -1.27 -39.79
C GLU D 663 55.42 -1.83 -38.84
N VAL D 664 54.85 -2.98 -39.22
CA VAL D 664 54.04 -3.79 -38.29
C VAL D 664 54.59 -5.21 -38.31
N ILE D 665 54.74 -5.81 -37.13
CA ILE D 665 55.41 -7.11 -37.04
C ILE D 665 54.49 -8.30 -36.70
N CYS D 666 53.21 -8.04 -36.50
CA CYS D 666 52.26 -9.12 -36.24
C CYS D 666 50.84 -8.78 -36.71
N VAL D 667 50.09 -9.81 -37.05
CA VAL D 667 48.79 -9.67 -37.70
C VAL D 667 47.68 -9.15 -36.77
N GLY D 668 48.04 -8.61 -35.61
CA GLY D 668 47.05 -8.05 -34.70
C GLY D 668 47.47 -6.72 -34.12
N GLN D 669 48.68 -6.28 -34.42
CA GLN D 669 49.26 -5.07 -33.82
C GLN D 669 48.34 -3.88 -34.02
N ILE D 670 48.15 -3.07 -32.98
CA ILE D 670 47.33 -1.89 -33.15
C ILE D 670 48.17 -0.78 -33.76
N VAL D 671 47.58 -0.09 -34.74
CA VAL D 671 48.29 0.89 -35.56
C VAL D 671 47.84 2.31 -35.24
N CYS D 672 46.59 2.45 -34.80
CA CYS D 672 46.10 3.72 -34.31
C CYS D 672 44.79 3.51 -33.61
N ALA D 673 44.27 4.57 -32.99
CA ALA D 673 43.02 4.49 -32.25
C ALA D 673 42.19 5.73 -32.49
N VAL D 674 40.88 5.56 -32.59
CA VAL D 674 39.97 6.68 -32.78
C VAL D 674 39.05 6.82 -31.59
N ALA D 675 38.87 8.05 -31.11
CA ALA D 675 38.16 8.25 -29.86
C ALA D 675 36.89 9.03 -30.11
N ALA D 676 35.76 8.34 -30.15
CA ALA D 676 34.49 8.95 -30.49
C ALA D 676 33.62 9.24 -29.26
N ASP D 677 32.42 9.74 -29.50
CA ASP D 677 31.49 10.08 -28.43
C ASP D 677 30.56 8.90 -28.19
N SER D 678 30.76 7.85 -28.97
CA SER D 678 30.08 6.60 -28.75
C SER D 678 30.97 5.52 -29.33
N TYR D 679 31.01 4.35 -28.70
CA TYR D 679 31.80 3.28 -29.24
C TYR D 679 31.39 2.95 -30.66
N ALA D 680 30.09 3.03 -30.95
CA ALA D 680 29.60 2.72 -32.30
C ALA D 680 30.14 3.73 -33.30
N HIS D 681 30.17 4.99 -32.90
CA HIS D 681 30.74 6.05 -33.72
C HIS D 681 32.24 5.88 -33.93
N ALA D 682 32.89 5.18 -33.00
CA ALA D 682 34.32 4.92 -33.05
C ALA D 682 34.65 3.63 -33.80
N GLN D 683 33.73 2.68 -33.77
CA GLN D 683 33.85 1.43 -34.50
C GLN D 683 33.62 1.65 -35.98
N GLN D 684 32.63 2.48 -36.31
CA GLN D 684 32.26 2.70 -37.71
C GLN D 684 33.07 3.81 -38.34
N ALA D 685 33.92 4.45 -37.54
CA ALA D 685 34.88 5.44 -38.05
C ALA D 685 36.20 4.73 -38.37
N ALA D 686 36.73 4.04 -37.36
CA ALA D 686 37.94 3.27 -37.51
C ALA D 686 37.90 2.33 -38.71
N LYS D 687 36.71 1.91 -39.14
CA LYS D 687 36.61 1.03 -40.30
C LYS D 687 36.72 1.79 -41.61
N LYS D 688 36.76 3.11 -41.51
CA LYS D 688 36.94 3.94 -42.71
C LYS D 688 38.29 4.66 -42.70
N VAL D 689 39.22 4.14 -41.90
CA VAL D 689 40.61 4.56 -41.97
C VAL D 689 41.27 3.73 -43.04
N LYS D 690 42.08 4.35 -43.88
CA LYS D 690 42.76 3.65 -44.98
C LYS D 690 44.27 3.62 -44.77
N ILE D 691 44.86 2.45 -44.98
CA ILE D 691 46.32 2.32 -44.86
C ILE D 691 46.84 1.22 -45.75
N VAL D 692 47.96 1.49 -46.43
CA VAL D 692 48.51 0.52 -47.37
C VAL D 692 49.86 -0.05 -46.92
N TYR D 693 50.07 -1.35 -47.14
CA TYR D 693 51.25 -2.04 -46.66
C TYR D 693 52.17 -2.45 -47.79
N GLN D 694 53.45 -2.52 -47.50
CA GLN D 694 54.40 -3.15 -48.41
C GLN D 694 54.99 -4.35 -47.69
N ASP D 695 54.53 -5.54 -48.08
CA ASP D 695 54.92 -6.75 -47.40
C ASP D 695 56.42 -6.82 -47.27
N ILE D 696 56.90 -7.17 -46.07
CA ILE D 696 58.32 -7.40 -45.84
C ILE D 696 58.61 -8.89 -45.87
N PRO D 698 61.38 -11.42 -45.37
CA PRO D 698 61.13 -12.69 -44.68
C PRO D 698 59.91 -12.62 -43.77
N MET D 699 59.07 -13.65 -43.79
CA MET D 699 57.94 -13.73 -42.88
C MET D 699 57.95 -15.02 -42.06
N ILE D 700 57.83 -14.89 -40.75
CA ILE D 700 57.99 -16.03 -39.84
C ILE D 700 56.73 -16.24 -39.01
N VAL D 701 56.17 -17.43 -39.10
CA VAL D 701 54.97 -17.80 -38.36
C VAL D 701 55.18 -19.07 -37.55
N THR D 702 55.27 -20.21 -38.24
CA THR D 702 55.48 -21.49 -37.59
C THR D 702 56.82 -21.48 -36.85
N VAL D 703 56.90 -22.20 -35.76
CA VAL D 703 58.16 -22.37 -35.05
C VAL D 703 59.14 -23.06 -35.97
N GLN D 704 58.61 -23.94 -36.82
CA GLN D 704 59.43 -24.63 -37.81
C GLN D 704 60.08 -23.62 -38.76
N ASP D 705 59.46 -22.46 -38.90
CA ASP D 705 60.07 -21.38 -39.66
C ASP D 705 61.17 -20.73 -38.83
N ALA D 706 60.79 -20.27 -37.64
CA ALA D 706 61.71 -19.51 -36.79
C ALA D 706 62.97 -20.29 -36.43
N LEU D 707 62.99 -21.57 -36.76
CA LEU D 707 64.19 -22.40 -36.56
C LEU D 707 65.11 -22.28 -37.78
N GLN D 708 64.50 -22.27 -38.96
CA GLN D 708 65.26 -22.16 -40.20
C GLN D 708 65.91 -20.79 -40.24
N TYR D 709 65.15 -19.76 -39.93
CA TYR D 709 65.67 -18.40 -39.96
C TYR D 709 66.35 -18.03 -38.65
N GLU D 710 66.64 -19.04 -37.83
CA GLU D 710 67.28 -18.82 -36.54
C GLU D 710 66.80 -17.53 -35.86
N SER D 711 65.50 -17.43 -35.66
CA SER D 711 64.89 -16.27 -35.01
C SER D 711 64.38 -16.65 -33.63
N PHE D 712 65.01 -16.12 -32.60
CA PHE D 712 64.72 -16.53 -31.23
C PHE D 712 64.53 -15.35 -30.27
N ILE D 713 64.10 -15.66 -29.05
CA ILE D 713 64.04 -14.70 -27.95
C ILE D 713 64.86 -15.22 -26.76
N GLY D 714 65.97 -14.56 -26.48
CA GLY D 714 66.87 -15.01 -25.44
C GLY D 714 67.58 -16.29 -25.86
N PRO D 715 68.59 -16.70 -25.08
CA PRO D 715 69.43 -17.86 -25.40
C PRO D 715 68.75 -19.20 -25.12
N GLU D 716 69.45 -20.29 -25.44
CA GLU D 716 69.01 -21.62 -25.05
C GLU D 716 69.26 -21.82 -23.58
N ARG D 717 68.34 -22.51 -22.92
CA ARG D 717 68.46 -22.82 -21.50
C ARG D 717 68.47 -24.32 -21.35
N LYS D 718 69.41 -24.84 -20.56
CA LYS D 718 69.63 -26.28 -20.49
C LYS D 718 69.71 -26.77 -19.06
N LEU D 719 69.11 -27.92 -18.81
CA LEU D 719 69.16 -28.56 -17.48
C LEU D 719 69.57 -30.02 -17.60
N GLU D 720 70.52 -30.43 -16.76
CA GLU D 720 71.06 -31.78 -16.86
C GLU D 720 71.30 -32.39 -15.49
N GLN D 721 71.04 -33.69 -15.39
CA GLN D 721 71.42 -34.48 -14.24
C GLN D 721 71.73 -35.90 -14.70
N GLY D 722 72.79 -36.49 -14.15
CA GLY D 722 73.27 -37.77 -14.62
C GLY D 722 73.95 -37.62 -15.97
N ASN D 723 74.40 -38.73 -16.54
CA ASN D 723 75.02 -38.69 -17.86
C ASN D 723 74.16 -39.38 -18.92
N VAL D 724 73.52 -38.59 -19.76
CA VAL D 724 72.55 -39.09 -20.74
C VAL D 724 73.21 -39.78 -21.93
N GLU D 725 74.43 -39.36 -22.28
CA GLU D 725 75.13 -39.92 -23.43
C GLU D 725 75.60 -41.35 -23.20
N GLU D 726 76.07 -41.63 -21.99
CA GLU D 726 76.56 -42.96 -21.63
C GLU D 726 75.41 -43.89 -21.27
N ALA D 727 74.42 -43.34 -20.58
CA ALA D 727 73.25 -44.10 -20.17
C ALA D 727 72.47 -44.63 -21.37
N PHE D 728 72.65 -43.98 -22.52
CA PHE D 728 71.92 -44.35 -23.73
C PHE D 728 72.35 -45.69 -24.32
N GLN D 729 73.61 -46.07 -24.09
CA GLN D 729 74.12 -47.35 -24.62
C GLN D 729 73.74 -48.53 -23.74
N CYS D 730 73.80 -48.32 -22.42
CA CYS D 730 73.46 -49.38 -21.47
C CYS D 730 71.96 -49.52 -21.34
N ALA D 731 71.22 -48.86 -22.21
CA ALA D 731 69.77 -48.97 -22.24
C ALA D 731 69.35 -50.05 -23.23
N ASP D 732 68.35 -50.85 -22.85
CA ASP D 732 67.91 -51.97 -23.67
C ASP D 732 67.28 -51.50 -24.98
N GLN D 733 66.48 -50.44 -24.92
CA GLN D 733 65.77 -49.98 -26.10
C GLN D 733 65.82 -48.45 -26.25
N ILE D 734 65.64 -47.99 -27.49
CA ILE D 734 65.64 -46.56 -27.81
C ILE D 734 64.37 -46.16 -28.54
N LEU D 735 63.89 -44.94 -28.26
CA LEU D 735 62.66 -44.44 -28.85
C LEU D 735 62.77 -42.96 -29.21
N GLU D 736 62.54 -42.64 -30.47
CA GLU D 736 62.55 -41.25 -30.94
C GLU D 736 61.20 -40.86 -31.51
N GLY D 737 60.89 -39.56 -31.47
CA GLY D 737 59.62 -39.05 -31.96
C GLY D 737 59.46 -37.57 -31.65
N GLU D 738 58.26 -37.05 -31.89
CA GLU D 738 57.96 -35.66 -31.61
C GLU D 738 56.46 -35.42 -31.40
N VAL D 739 56.15 -34.47 -30.51
CA VAL D 739 54.76 -34.11 -30.25
C VAL D 739 54.60 -32.61 -30.36
N HIS D 740 53.50 -32.18 -30.96
CA HIS D 740 53.21 -30.78 -31.01
C HIS D 740 52.10 -30.52 -30.00
N LEU D 741 52.09 -29.32 -29.41
CA LEU D 741 51.02 -28.93 -28.51
C LEU D 741 50.38 -27.63 -28.98
N GLY D 742 49.05 -27.58 -28.92
CA GLY D 742 48.33 -26.39 -29.32
C GLY D 742 48.42 -25.28 -28.30
N GLY D 743 48.07 -24.07 -28.73
CA GLY D 743 48.05 -22.92 -27.84
C GLY D 743 46.70 -22.88 -27.18
N GLN D 744 46.31 -21.71 -26.70
CA GLN D 744 45.06 -21.59 -25.99
C GLN D 744 44.76 -20.15 -25.61
N GLU D 745 43.47 -19.78 -25.65
CA GLU D 745 43.03 -18.44 -25.29
C GLU D 745 42.44 -18.40 -23.90
N HIS D 746 42.87 -17.43 -23.11
CA HIS D 746 42.38 -17.27 -21.75
C HIS D 746 40.86 -17.41 -21.65
N PHE D 747 40.16 -16.54 -22.36
CA PHE D 747 38.70 -16.49 -22.33
C PHE D 747 38.11 -16.12 -20.97
N TYR D 748 38.73 -15.15 -20.31
CA TYR D 748 38.10 -14.45 -19.21
C TYR D 748 36.79 -13.92 -19.78
N MET D 749 35.72 -13.95 -18.99
CA MET D 749 34.41 -13.47 -19.48
C MET D 749 34.36 -11.96 -19.61
N GLU D 750 35.14 -11.25 -18.81
CA GLU D 750 35.23 -9.80 -18.94
C GLU D 750 36.38 -9.50 -19.88
N THR D 751 36.07 -9.10 -21.11
CA THR D 751 37.12 -8.73 -22.05
C THR D 751 37.94 -7.59 -21.47
N GLN D 752 39.16 -7.45 -21.96
CA GLN D 752 40.08 -6.43 -21.47
C GLN D 752 39.37 -5.08 -21.41
N SER D 753 39.55 -4.36 -20.31
CA SER D 753 38.78 -3.14 -20.08
C SER D 753 39.54 -2.19 -19.17
N VAL D 754 39.49 -0.90 -19.48
CA VAL D 754 40.16 0.12 -18.69
C VAL D 754 39.46 1.46 -18.87
N ARG D 755 39.50 2.29 -17.83
CA ARG D 755 39.00 3.65 -17.95
C ARG D 755 39.99 4.65 -17.37
N VAL D 756 40.39 5.62 -18.17
CA VAL D 756 41.35 6.65 -17.78
C VAL D 756 40.62 7.96 -17.56
N VAL D 757 40.75 8.54 -16.37
CA VAL D 757 39.93 9.69 -15.97
C VAL D 757 40.74 10.81 -15.31
N PRO D 758 41.18 11.79 -16.10
CA PRO D 758 41.90 12.96 -15.59
C PRO D 758 41.15 13.63 -14.42
N LYS D 759 41.74 13.63 -13.22
CA LYS D 759 41.17 14.39 -12.10
C LYS D 759 41.23 15.91 -12.40
N GLY D 760 41.69 16.26 -13.60
CA GLY D 760 41.64 17.62 -14.10
C GLY D 760 42.60 18.60 -13.47
N GLU D 761 43.78 18.13 -13.06
CA GLU D 761 44.68 18.97 -12.28
C GLU D 761 46.01 18.27 -12.06
N ASP D 762 47.07 19.06 -11.89
CA ASP D 762 48.44 18.59 -11.71
C ASP D 762 48.76 17.30 -12.44
N LYS D 763 48.19 17.12 -13.63
CA LYS D 763 48.42 15.92 -14.41
C LYS D 763 47.89 14.63 -13.70
N GLU D 764 47.25 14.80 -12.56
CA GLU D 764 46.71 13.67 -11.80
C GLU D 764 45.71 12.88 -12.61
N MET D 765 45.51 11.62 -12.25
CA MET D 765 44.49 10.82 -12.92
C MET D 765 44.15 9.51 -12.20
N ASP D 766 42.87 9.17 -12.20
CA ASP D 766 42.42 7.88 -11.70
C ASP D 766 42.38 6.93 -12.87
N ILE D 767 42.70 5.66 -12.63
CA ILE D 767 42.57 4.64 -13.65
C ILE D 767 41.90 3.38 -13.07
N TYR D 768 40.72 3.04 -13.56
CA TYR D 768 40.01 1.85 -13.10
C TYR D 768 40.19 0.78 -14.16
N VAL D 769 40.97 -0.24 -13.83
CA VAL D 769 41.44 -1.19 -14.83
C VAL D 769 41.24 -2.64 -14.42
N SER D 770 40.90 -3.48 -15.39
CA SER D 770 40.70 -4.90 -15.14
C SER D 770 42.02 -5.62 -15.33
N SER D 771 42.80 -5.73 -14.25
CA SER D 771 44.14 -6.29 -14.33
C SER D 771 44.54 -7.22 -13.17
N GLN D 772 45.60 -7.97 -13.43
CA GLN D 772 46.24 -8.80 -12.41
C GLN D 772 47.36 -8.03 -11.73
N ASP D 773 47.73 -6.90 -12.32
CA ASP D 773 48.79 -6.07 -11.79
C ASP D 773 48.51 -4.60 -12.01
N ALA D 774 48.07 -3.92 -10.96
CA ALA D 774 47.76 -2.49 -11.05
C ALA D 774 49.02 -1.62 -10.99
N ALA D 775 50.05 -2.09 -10.30
CA ALA D 775 51.31 -1.36 -10.22
C ALA D 775 51.96 -1.26 -11.59
N PHE D 776 52.10 -2.41 -12.26
CA PHE D 776 52.66 -2.43 -13.62
C PHE D 776 51.94 -1.43 -14.51
N THR D 777 50.62 -1.58 -14.61
CA THR D 777 49.82 -0.60 -15.28
C THR D 777 50.26 0.78 -14.87
N GLN D 778 50.35 1.04 -13.57
CA GLN D 778 50.72 2.38 -13.10
C GLN D 778 51.97 2.92 -13.77
N GLU D 779 53.04 2.13 -13.81
CA GLU D 779 54.28 2.67 -14.39
C GLU D 779 54.23 2.69 -15.92
N MET D 780 53.59 1.70 -16.50
CA MET D 780 53.43 1.61 -17.95
C MET D 780 52.76 2.86 -18.52
N VAL D 781 51.97 3.55 -17.69
CA VAL D 781 51.29 4.77 -18.11
C VAL D 781 52.11 6.02 -17.81
N ALA D 782 52.75 6.04 -16.66
CA ALA D 782 53.52 7.21 -16.24
C ALA D 782 54.77 7.34 -17.08
N ARG D 783 55.21 6.21 -17.63
CA ARG D 783 56.38 6.17 -18.48
C ARG D 783 55.98 6.51 -19.94
N THR D 784 54.73 6.25 -20.29
CA THR D 784 54.24 6.60 -21.61
C THR D 784 53.99 8.10 -21.69
N LEU D 785 53.38 8.66 -20.67
CA LEU D 785 53.04 10.08 -20.66
C LEU D 785 54.19 10.94 -20.15
N GLY D 786 55.14 10.32 -19.48
CA GLY D 786 56.27 11.04 -18.93
C GLY D 786 55.92 11.83 -17.69
N ILE D 787 55.08 11.26 -16.83
CA ILE D 787 54.77 11.88 -15.56
C ILE D 787 55.09 10.95 -14.40
N PRO D 788 55.33 11.52 -13.21
CA PRO D 788 55.71 10.73 -12.04
C PRO D 788 54.64 9.71 -11.67
N LYS D 789 55.06 8.60 -11.08
CA LYS D 789 54.11 7.60 -10.64
C LYS D 789 53.11 8.25 -9.69
N ASN D 790 53.56 9.21 -8.90
CA ASN D 790 52.72 9.76 -7.85
C ASN D 790 51.52 10.55 -8.36
N ARG D 791 51.43 10.71 -9.67
CA ARG D 791 50.34 11.46 -10.26
C ARG D 791 49.14 10.57 -10.64
N ILE D 792 49.38 9.27 -10.76
CA ILE D 792 48.35 8.39 -11.27
C ILE D 792 47.97 7.33 -10.27
N ASN D 793 46.75 7.42 -9.78
CA ASN D 793 46.23 6.50 -8.79
C ASN D 793 45.43 5.42 -9.48
N CYS D 794 45.85 4.17 -9.28
CA CYS D 794 45.32 3.05 -10.05
C CYS D 794 44.44 2.12 -9.20
N HIS D 795 43.15 2.01 -9.53
CA HIS D 795 42.21 1.22 -8.72
C HIS D 795 41.75 -0.08 -9.39
N VAL D 796 41.40 -1.08 -8.58
CA VAL D 796 40.90 -2.36 -9.10
C VAL D 796 40.08 -3.05 -8.02
N LYS D 797 38.75 -2.96 -8.09
CA LYS D 797 37.87 -3.57 -7.09
C LYS D 797 37.56 -5.02 -7.40
N ARG D 798 37.52 -5.35 -8.69
CA ARG D 798 37.38 -6.75 -9.07
C ARG D 798 37.62 -6.94 -10.57
N VAL D 799 37.89 -8.18 -10.95
CA VAL D 799 38.19 -8.54 -12.33
C VAL D 799 37.38 -9.76 -12.73
N GLY D 800 36.75 -9.68 -13.90
CA GLY D 800 35.89 -10.76 -14.35
C GLY D 800 36.63 -11.92 -14.99
N GLY D 801 37.71 -12.35 -14.35
CA GLY D 801 38.55 -13.42 -14.89
C GLY D 801 39.88 -12.91 -15.40
N ALA D 802 40.90 -13.76 -15.34
CA ALA D 802 42.24 -13.35 -15.72
C ALA D 802 43.04 -14.53 -16.24
N PHE D 803 43.34 -15.46 -15.33
CA PHE D 803 44.08 -16.67 -15.68
C PHE D 803 45.43 -16.33 -16.29
N GLY D 804 45.90 -15.11 -16.04
CA GLY D 804 47.22 -14.70 -16.49
C GLY D 804 47.25 -13.70 -17.63
N GLY D 805 46.21 -13.73 -18.45
CA GLY D 805 46.14 -12.87 -19.62
C GLY D 805 45.99 -11.40 -19.32
N LYS D 806 45.76 -11.04 -18.07
CA LYS D 806 45.58 -9.63 -17.70
C LYS D 806 46.75 -9.08 -16.88
N ALA D 807 47.93 -9.69 -17.06
CA ALA D 807 49.10 -9.25 -16.32
C ALA D 807 49.87 -8.20 -17.10
N SER D 808 50.43 -8.58 -18.24
CA SER D 808 51.10 -7.62 -19.09
C SER D 808 50.08 -6.76 -19.84
N LYS D 809 49.18 -7.41 -20.58
CA LYS D 809 48.32 -6.75 -21.55
C LYS D 809 47.64 -5.46 -21.08
N PRO D 810 46.95 -5.50 -19.93
CA PRO D 810 46.17 -4.30 -19.61
C PRO D 810 47.05 -3.09 -19.32
N GLY D 811 48.29 -3.32 -18.90
CA GLY D 811 49.24 -2.24 -18.74
C GLY D 811 49.47 -1.52 -20.05
N LEU D 812 49.52 -2.29 -21.15
CA LEU D 812 49.70 -1.72 -22.48
C LEU D 812 48.43 -0.99 -22.96
N LEU D 813 47.31 -1.70 -22.90
CA LEU D 813 46.03 -1.17 -23.38
C LEU D 813 45.60 0.06 -22.59
N ALA D 814 46.07 0.16 -21.36
CA ALA D 814 45.77 1.32 -20.53
C ALA D 814 46.59 2.48 -21.03
N SER D 815 47.80 2.18 -21.48
CA SER D 815 48.69 3.22 -22.01
C SER D 815 48.16 3.75 -23.33
N VAL D 816 47.75 2.85 -24.21
CA VAL D 816 47.07 3.23 -25.45
C VAL D 816 45.97 4.24 -25.19
N ALA D 817 45.12 3.96 -24.21
CA ALA D 817 44.03 4.89 -23.86
C ALA D 817 44.55 6.11 -23.10
N ALA D 818 45.60 5.91 -22.31
CA ALA D 818 46.17 7.03 -21.55
C ALA D 818 46.48 8.22 -22.45
N VAL D 819 47.12 7.93 -23.58
CA VAL D 819 47.52 8.97 -24.52
C VAL D 819 46.32 9.58 -25.26
N ALA D 820 45.30 8.78 -25.52
CA ALA D 820 44.10 9.34 -26.12
C ALA D 820 43.53 10.38 -25.18
N ALA D 821 43.70 10.16 -23.88
CA ALA D 821 43.20 11.09 -22.89
C ALA D 821 44.07 12.34 -22.84
N GLN D 822 45.30 12.21 -23.30
CA GLN D 822 46.21 13.35 -23.32
C GLN D 822 45.72 14.42 -24.28
N LYS D 823 45.60 14.05 -25.56
CA LYS D 823 45.25 15.03 -26.57
C LYS D 823 43.78 15.43 -26.54
N THR D 824 42.88 14.49 -26.32
CA THR D 824 41.46 14.84 -26.21
C THR D 824 41.25 15.67 -24.96
N GLY D 825 42.03 15.37 -23.93
CA GLY D 825 41.93 16.08 -22.65
C GLY D 825 40.74 15.62 -21.84
N ARG D 826 40.42 14.33 -21.92
CA ARG D 826 39.25 13.81 -21.23
C ARG D 826 39.26 12.30 -20.97
N PRO D 827 38.33 11.83 -20.14
CA PRO D 827 38.29 10.42 -19.76
C PRO D 827 38.04 9.52 -20.96
N ILE D 828 38.78 8.43 -21.02
CA ILE D 828 38.71 7.50 -22.13
C ILE D 828 38.32 6.13 -21.61
N ARG D 829 37.31 5.51 -22.23
CA ARG D 829 36.91 4.15 -21.83
C ARG D 829 37.24 3.16 -22.92
N PHE D 830 38.10 2.21 -22.61
CA PHE D 830 38.67 1.35 -23.64
C PHE D 830 38.31 -0.10 -23.41
N ILE D 831 37.29 -0.57 -24.12
CA ILE D 831 36.81 -1.94 -23.94
C ILE D 831 36.87 -2.71 -25.24
N LEU D 832 37.63 -3.80 -25.26
CA LEU D 832 37.78 -4.62 -26.46
C LEU D 832 36.60 -5.55 -26.70
N GLU D 833 36.07 -5.56 -27.92
CA GLU D 833 35.15 -6.62 -28.32
C GLU D 833 35.98 -7.90 -28.30
N ARG D 834 35.32 -9.05 -28.24
CA ARG D 834 36.06 -10.29 -28.06
C ARG D 834 36.90 -10.68 -29.27
N ARG D 835 36.33 -10.55 -30.45
CA ARG D 835 37.07 -10.90 -31.68
C ARG D 835 38.42 -10.18 -31.74
N ASP D 836 38.47 -8.94 -31.28
CA ASP D 836 39.73 -8.19 -31.25
C ASP D 836 40.56 -8.66 -30.07
N ASP D 837 39.92 -8.92 -28.94
CA ASP D 837 40.63 -9.36 -27.73
C ASP D 837 41.43 -10.62 -28.00
N MET D 838 40.83 -11.55 -28.75
CA MET D 838 41.49 -12.79 -29.10
C MET D 838 42.66 -12.57 -30.06
N LEU D 839 42.62 -11.46 -30.79
CA LEU D 839 43.62 -11.19 -31.81
C LEU D 839 44.79 -10.43 -31.23
N ILE D 840 44.48 -9.43 -30.43
CA ILE D 840 45.45 -8.47 -29.93
C ILE D 840 46.31 -9.01 -28.78
N THR D 841 45.71 -9.79 -27.89
CA THR D 841 46.34 -10.09 -26.59
C THR D 841 47.00 -11.48 -26.45
N GLY D 842 46.80 -12.36 -27.43
CA GLY D 842 47.43 -13.66 -27.39
C GLY D 842 47.14 -14.51 -26.16
N GLY D 843 47.74 -15.69 -26.11
CA GLY D 843 47.48 -16.63 -25.02
C GLY D 843 48.64 -17.55 -24.69
N ARG D 844 48.35 -18.82 -24.42
CA ARG D 844 49.38 -19.77 -24.03
C ARG D 844 50.32 -20.10 -25.19
N HIS D 845 51.58 -20.39 -24.86
CA HIS D 845 52.62 -20.66 -25.87
C HIS D 845 52.51 -22.06 -26.42
N PRO D 846 52.14 -22.20 -27.70
CA PRO D 846 52.22 -23.54 -28.29
C PRO D 846 53.58 -24.16 -27.98
N LEU D 847 53.72 -25.49 -28.09
CA LEU D 847 55.00 -26.13 -27.73
C LEU D 847 55.28 -27.41 -28.51
N LEU D 848 56.41 -27.42 -29.23
CA LEU D 848 56.87 -28.60 -29.96
C LEU D 848 57.90 -29.37 -29.16
N GLY D 849 57.68 -30.67 -28.99
CA GLY D 849 58.59 -31.51 -28.22
C GLY D 849 59.37 -32.51 -29.03
N LYS D 850 60.69 -32.53 -28.80
CA LYS D 850 61.58 -33.49 -29.46
C LYS D 850 62.29 -34.32 -28.39
N TYR D 851 62.07 -35.63 -28.41
CA TYR D 851 62.58 -36.49 -27.33
C TYR D 851 63.26 -37.77 -27.80
N LYS D 852 64.21 -38.25 -27.00
CA LYS D 852 64.82 -39.56 -27.20
C LYS D 852 64.84 -40.31 -25.88
N ILE D 853 64.17 -41.45 -25.84
CA ILE D 853 64.03 -42.20 -24.60
C ILE D 853 64.72 -43.54 -24.64
N GLY D 854 65.77 -43.67 -23.82
CA GLY D 854 66.43 -44.94 -23.63
C GLY D 854 65.83 -45.64 -22.45
N PHE D 855 65.15 -46.76 -22.70
CA PHE D 855 64.45 -47.46 -21.63
C PHE D 855 64.82 -48.93 -21.56
N MET D 856 64.53 -49.56 -20.43
CA MET D 856 64.78 -50.98 -20.26
C MET D 856 63.53 -51.77 -20.65
N ASN D 857 63.66 -53.08 -20.74
CA ASN D 857 62.55 -53.93 -21.17
C ASN D 857 61.41 -54.04 -20.17
N ASN D 858 61.67 -53.68 -18.92
CA ASN D 858 60.66 -53.73 -17.87
C ASN D 858 59.94 -52.39 -17.64
N GLY D 859 60.31 -51.37 -18.43
CA GLY D 859 59.64 -50.10 -18.41
C GLY D 859 60.39 -48.95 -17.76
N LYS D 860 61.38 -49.27 -16.93
CA LYS D 860 62.12 -48.25 -16.20
C LYS D 860 62.97 -47.40 -17.15
N ILE D 861 62.70 -46.10 -17.18
CA ILE D 861 63.41 -45.19 -18.09
C ILE D 861 64.75 -44.75 -17.50
N LYS D 862 65.83 -45.04 -18.24
CA LYS D 862 67.19 -44.76 -17.79
C LYS D 862 67.73 -43.41 -18.27
N ALA D 863 67.29 -42.99 -19.45
CA ALA D 863 67.79 -41.74 -20.01
C ALA D 863 66.78 -41.03 -20.91
N ALA D 864 66.79 -39.71 -20.86
CA ALA D 864 65.91 -38.90 -21.70
C ALA D 864 66.58 -37.59 -22.13
N ASP D 865 66.77 -37.43 -23.44
CA ASP D 865 67.29 -36.20 -24.01
C ASP D 865 66.13 -35.47 -24.68
N ILE D 866 65.47 -34.59 -23.93
CA ILE D 866 64.25 -33.93 -24.40
C ILE D 866 64.49 -32.48 -24.79
N GLN D 867 63.87 -32.03 -25.88
CA GLN D 867 64.12 -30.70 -26.44
C GLN D 867 62.85 -29.90 -26.71
N LEU D 868 62.72 -28.76 -26.02
CA LEU D 868 61.51 -27.95 -26.12
C LEU D 868 61.75 -26.65 -26.88
N TYR D 869 60.74 -26.25 -27.66
CA TYR D 869 60.69 -24.92 -28.26
C TYR D 869 59.27 -24.44 -28.07
N ILE D 870 59.09 -23.12 -27.96
CA ILE D 870 57.77 -22.55 -27.83
C ILE D 870 57.64 -21.27 -28.65
N ASN D 871 56.48 -21.09 -29.29
CA ASN D 871 56.27 -19.93 -30.14
C ASN D 871 55.87 -18.73 -29.30
N GLY D 872 56.80 -17.79 -29.14
CA GLY D 872 56.60 -16.69 -28.20
C GLY D 872 55.86 -15.52 -28.80
N GLY D 873 55.81 -15.47 -30.12
CA GLY D 873 55.21 -14.34 -30.82
C GLY D 873 56.24 -13.31 -31.22
N CYS D 874 55.81 -12.05 -31.30
CA CYS D 874 56.64 -10.99 -31.85
C CYS D 874 57.28 -10.08 -30.80
N THR D 875 57.03 -10.34 -29.52
CA THR D 875 57.66 -9.58 -28.45
C THR D 875 57.93 -10.47 -27.23
N PRO D 876 58.92 -10.08 -26.42
CA PRO D 876 59.39 -10.94 -25.33
C PRO D 876 58.29 -11.30 -24.34
N ASP D 877 57.63 -10.29 -23.80
CA ASP D 877 56.65 -10.49 -22.74
C ASP D 877 57.23 -11.43 -21.70
N ASP D 878 56.42 -12.35 -21.21
CA ASP D 878 56.86 -13.31 -20.19
C ASP D 878 57.42 -14.60 -20.79
N SER D 879 57.64 -14.63 -22.10
CA SER D 879 58.09 -15.83 -22.79
C SER D 879 59.27 -16.54 -22.12
N GLU D 880 60.41 -15.87 -22.07
CA GLU D 880 61.65 -16.48 -21.57
C GLU D 880 61.44 -17.15 -20.21
N LEU D 881 60.60 -16.57 -19.37
CA LEU D 881 60.31 -17.15 -18.06
C LEU D 881 59.47 -18.42 -18.18
N VAL D 882 58.65 -18.47 -19.23
CA VAL D 882 57.85 -19.66 -19.51
C VAL D 882 58.76 -20.86 -19.78
N ILE D 883 59.61 -20.72 -20.79
CA ILE D 883 60.49 -21.83 -21.18
C ILE D 883 61.41 -22.24 -20.03
N GLU D 884 61.82 -21.27 -19.23
CA GLU D 884 62.58 -21.58 -18.02
C GLU D 884 61.73 -22.51 -17.17
N TYR D 885 60.48 -22.12 -16.94
CA TYR D 885 59.60 -22.88 -16.07
C TYR D 885 59.19 -24.25 -16.63
N ALA D 886 58.74 -24.28 -17.88
CA ALA D 886 58.37 -25.55 -18.50
C ALA D 886 59.49 -26.59 -18.35
N LEU D 887 60.73 -26.13 -18.44
CA LEU D 887 61.89 -27.01 -18.31
C LEU D 887 62.08 -27.49 -16.88
N LEU D 888 61.90 -26.59 -15.91
CA LEU D 888 62.12 -26.94 -14.52
C LEU D 888 61.14 -27.98 -14.02
N LYS D 889 59.93 -27.95 -14.56
CA LYS D 889 58.82 -28.72 -14.01
C LYS D 889 58.40 -29.94 -14.84
N LEU D 890 58.88 -30.02 -16.08
CA LEU D 890 58.44 -31.09 -16.97
C LEU D 890 58.74 -32.49 -16.45
N GLU D 891 59.77 -32.63 -15.61
CA GLU D 891 60.10 -33.93 -15.04
C GLU D 891 58.93 -34.48 -14.23
N ASN D 892 58.18 -33.59 -13.59
CA ASN D 892 56.94 -33.95 -12.91
C ASN D 892 57.17 -34.84 -11.69
N ALA D 893 56.66 -36.06 -11.75
CA ALA D 893 56.68 -36.95 -10.60
C ALA D 893 57.73 -38.04 -10.76
N TYR D 894 58.48 -37.97 -11.85
CA TYR D 894 59.36 -39.06 -12.23
C TYR D 894 60.84 -38.77 -12.00
N LYS D 895 61.55 -39.75 -11.48
CA LYS D 895 63.00 -39.67 -11.39
C LYS D 895 63.61 -40.38 -12.58
N ILE D 896 64.04 -39.60 -13.56
CA ILE D 896 64.83 -40.14 -14.66
C ILE D 896 66.30 -39.91 -14.32
N PRO D 897 66.98 -40.96 -13.85
CA PRO D 897 68.33 -40.89 -13.26
C PRO D 897 69.33 -40.16 -14.14
N ASN D 898 69.13 -40.24 -15.45
CA ASN D 898 69.94 -39.50 -16.41
C ASN D 898 69.02 -38.74 -17.37
N LEU D 899 68.98 -37.42 -17.21
CA LEU D 899 68.00 -36.61 -17.93
C LEU D 899 68.56 -35.26 -18.41
N ARG D 900 68.58 -35.06 -19.72
CA ARG D 900 68.95 -33.75 -20.27
C ARG D 900 67.79 -33.10 -20.99
N VAL D 901 67.60 -31.81 -20.71
CA VAL D 901 66.49 -31.10 -21.25
C VAL D 901 66.95 -29.70 -21.65
N ARG D 902 66.67 -29.30 -22.89
CA ARG D 902 67.02 -27.98 -23.38
C ARG D 902 65.79 -27.30 -23.93
N GLY D 903 65.79 -25.97 -23.91
CA GLY D 903 64.66 -25.21 -24.38
C GLY D 903 64.99 -23.79 -24.75
N ARG D 904 64.42 -23.33 -25.86
CA ARG D 904 64.65 -21.98 -26.34
C ARG D 904 63.32 -21.41 -26.84
N VAL D 905 63.15 -20.09 -26.70
CA VAL D 905 61.92 -19.43 -27.11
C VAL D 905 62.07 -18.88 -28.51
N CYS D 906 61.55 -19.59 -29.50
CA CYS D 906 61.69 -19.12 -30.87
C CYS D 906 60.56 -18.16 -31.22
N LYS D 907 60.93 -16.93 -31.60
CA LYS D 907 59.97 -15.85 -31.83
C LYS D 907 59.54 -15.72 -33.29
N THR D 908 58.30 -15.27 -33.47
CA THR D 908 57.64 -15.28 -34.78
C THR D 908 56.81 -14.02 -34.99
N ASN D 909 56.20 -13.90 -36.16
CA ASN D 909 55.36 -12.76 -36.46
C ASN D 909 53.90 -12.95 -36.05
N LEU D 910 53.67 -13.64 -34.94
CA LEU D 910 52.31 -13.79 -34.41
C LEU D 910 52.13 -12.89 -33.18
N PRO D 911 50.88 -12.63 -32.80
CA PRO D 911 50.60 -11.81 -31.61
C PRO D 911 51.46 -12.27 -30.44
N SER D 912 51.75 -11.38 -29.49
CA SER D 912 52.67 -11.73 -28.40
C SER D 912 52.03 -12.59 -27.35
N ASN D 913 52.57 -13.80 -27.16
CA ASN D 913 52.07 -14.71 -26.16
C ASN D 913 52.56 -14.35 -24.76
N THR D 914 51.78 -14.76 -23.76
CA THR D 914 51.95 -14.34 -22.36
C THR D 914 51.62 -15.49 -21.39
N ALA D 915 51.41 -15.17 -20.12
CA ALA D 915 51.18 -16.19 -19.11
C ALA D 915 49.84 -16.88 -19.27
N PHE D 916 49.73 -18.08 -18.71
CA PHE D 916 48.47 -18.81 -18.66
C PHE D 916 48.51 -19.84 -17.53
N ARG D 917 47.40 -19.97 -16.80
CA ARG D 917 47.29 -20.91 -15.70
C ARG D 917 48.13 -22.14 -16.00
N GLY D 918 49.12 -22.38 -15.14
CA GLY D 918 50.04 -23.49 -15.32
C GLY D 918 51.41 -23.00 -15.77
N PHE D 919 51.39 -21.89 -16.53
CA PHE D 919 52.60 -21.18 -16.92
C PHE D 919 53.71 -22.13 -17.34
N GLY D 920 53.51 -22.83 -18.45
CA GLY D 920 54.56 -23.66 -19.01
C GLY D 920 54.58 -25.12 -18.58
N PHE D 921 53.91 -25.43 -17.46
CA PHE D 921 53.93 -26.79 -16.93
C PHE D 921 53.01 -27.76 -17.66
N PRO D 922 51.77 -27.33 -17.96
CA PRO D 922 50.88 -28.22 -18.71
C PRO D 922 51.45 -28.52 -20.09
N GLN D 923 52.26 -27.60 -20.60
CA GLN D 923 52.86 -27.74 -21.92
C GLN D 923 54.01 -28.75 -21.89
N GLY D 924 54.92 -28.57 -20.94
CA GLY D 924 56.12 -29.39 -20.87
C GLY D 924 55.94 -30.74 -20.21
N ALA D 925 55.04 -30.79 -19.23
CA ALA D 925 54.75 -32.04 -18.53
C ALA D 925 54.12 -33.03 -19.50
N PHE D 926 53.21 -32.52 -20.34
CA PHE D 926 52.52 -33.31 -21.34
C PHE D 926 53.45 -34.10 -22.27
N VAL D 927 54.65 -33.58 -22.50
CA VAL D 927 55.63 -34.27 -23.33
C VAL D 927 56.25 -35.47 -22.61
N THR D 928 56.57 -35.30 -21.33
CA THR D 928 57.14 -36.40 -20.55
C THR D 928 56.13 -37.50 -20.32
N GLU D 929 54.86 -37.13 -20.13
CA GLU D 929 53.78 -38.10 -20.04
C GLU D 929 53.61 -38.86 -21.35
N THR D 930 53.88 -38.20 -22.46
CA THR D 930 53.84 -38.82 -23.78
C THR D 930 54.94 -39.87 -23.95
N CYS D 931 55.93 -39.85 -23.06
CA CYS D 931 56.98 -40.86 -23.06
C CYS D 931 56.61 -42.08 -22.23
N MET D 932 56.03 -41.84 -21.05
CA MET D 932 55.61 -42.93 -20.16
C MET D 932 54.59 -43.85 -20.82
N SER D 933 53.71 -43.29 -21.63
CA SER D 933 52.71 -44.08 -22.34
C SER D 933 53.28 -44.65 -23.64
N ALA D 934 54.29 -43.96 -24.17
CA ALA D 934 55.00 -44.45 -25.34
C ALA D 934 55.82 -45.67 -24.96
N VAL D 935 56.62 -45.53 -23.92
CA VAL D 935 57.40 -46.64 -23.40
C VAL D 935 56.52 -47.81 -22.99
N ALA D 936 55.44 -47.52 -22.26
CA ALA D 936 54.49 -48.54 -21.86
C ALA D 936 53.95 -49.28 -23.09
N ALA D 937 53.74 -48.54 -24.18
CA ALA D 937 53.27 -49.15 -25.42
C ALA D 937 54.31 -50.12 -25.98
N LYS D 938 55.54 -49.65 -26.17
CA LYS D 938 56.60 -50.47 -26.73
C LYS D 938 56.82 -51.73 -25.90
N CYS D 939 56.69 -51.61 -24.58
CA CYS D 939 56.84 -52.75 -23.69
C CYS D 939 55.64 -53.68 -23.74
N ARG D 940 54.46 -53.10 -23.98
CA ARG D 940 53.18 -53.80 -23.86
C ARG D 940 52.77 -54.01 -22.40
N PRO D 942 51.22 -52.18 -19.10
CA PRO D 942 50.20 -51.29 -18.52
C PRO D 942 50.79 -49.93 -18.18
N PRO D 943 50.06 -48.85 -18.50
CA PRO D 943 50.53 -47.49 -18.22
C PRO D 943 50.87 -47.24 -16.75
N GLU D 944 49.92 -47.45 -15.83
CA GLU D 944 50.18 -47.11 -14.43
C GLU D 944 51.33 -47.93 -13.85
N LYS D 945 51.63 -49.06 -14.47
CA LYS D 945 52.76 -49.89 -14.05
C LYS D 945 54.06 -49.16 -14.37
N VAL D 946 54.18 -48.68 -15.60
CA VAL D 946 55.36 -47.96 -16.04
C VAL D 946 55.50 -46.63 -15.30
N ARG D 947 54.37 -46.11 -14.80
CA ARG D 947 54.38 -44.82 -14.13
C ARG D 947 54.85 -44.91 -12.69
N GLU D 948 54.46 -45.97 -11.98
CA GLU D 948 54.88 -46.12 -10.60
C GLU D 948 56.22 -46.85 -10.46
N LEU D 949 56.85 -47.12 -11.60
CA LEU D 949 58.22 -47.62 -11.62
C LEU D 949 59.19 -46.46 -11.58
N ASN D 950 58.87 -45.40 -12.33
CA ASN D 950 59.75 -44.23 -12.45
C ASN D 950 59.36 -43.07 -11.55
N MET D 951 58.29 -43.24 -10.78
CA MET D 951 57.85 -42.20 -9.85
C MET D 951 58.80 -42.10 -8.67
N TYR D 952 58.92 -40.90 -8.10
CA TYR D 952 59.75 -40.69 -6.94
C TYR D 952 59.41 -41.65 -5.80
N ARG D 953 60.43 -42.04 -5.04
CA ARG D 953 60.25 -42.95 -3.91
C ARG D 953 60.72 -42.31 -2.62
N THR D 954 62.03 -42.18 -2.46
CA THR D 954 62.59 -41.58 -1.26
C THR D 954 62.69 -40.08 -1.42
N ILE D 955 63.24 -39.42 -0.40
CA ILE D 955 63.69 -38.04 -0.54
C ILE D 955 64.70 -37.96 -1.68
N ASP D 956 64.47 -37.05 -2.62
CA ASP D 956 65.27 -36.98 -3.84
C ASP D 956 65.48 -35.52 -4.24
N ARG D 957 65.93 -35.28 -5.46
CA ARG D 957 66.20 -33.92 -5.93
C ARG D 957 65.68 -33.66 -7.35
N THR D 958 65.20 -32.43 -7.58
CA THR D 958 64.74 -32.03 -8.90
C THR D 958 65.93 -31.84 -9.83
N ILE D 959 65.64 -31.52 -11.09
CA ILE D 959 66.70 -31.35 -12.08
C ILE D 959 67.50 -30.08 -11.85
N HIS D 960 67.04 -29.25 -10.91
CA HIS D 960 67.81 -28.08 -10.51
C HIS D 960 68.33 -28.21 -9.09
N ASN D 961 68.42 -29.45 -8.61
CA ASN D 961 69.09 -29.79 -7.34
C ASN D 961 68.37 -29.41 -6.05
N GLN D 962 67.14 -28.91 -6.13
CA GLN D 962 66.39 -28.62 -4.92
C GLN D 962 65.87 -29.95 -4.39
N GLU D 963 65.57 -30.00 -3.09
CA GLU D 963 65.26 -31.28 -2.44
C GLU D 963 63.90 -31.33 -1.75
N THR D 967 57.73 -36.66 0.69
CA THR D 967 56.86 -36.88 -0.45
C THR D 967 55.54 -37.56 -0.08
N ASN D 968 54.45 -36.79 -0.05
CA ASN D 968 53.11 -37.37 0.04
C ASN D 968 52.43 -37.27 -1.33
N LEU D 969 53.27 -37.26 -2.36
CA LEU D 969 52.85 -37.42 -3.75
C LEU D 969 52.24 -38.80 -3.87
N LEU D 970 52.99 -39.81 -3.41
CA LEU D 970 52.51 -41.18 -3.45
C LEU D 970 51.12 -41.29 -2.83
N GLN D 971 50.91 -40.66 -1.67
CA GLN D 971 49.61 -40.69 -1.00
C GLN D 971 48.47 -40.31 -1.96
N CYS D 972 48.60 -39.17 -2.63
CA CYS D 972 47.58 -38.75 -3.58
C CYS D 972 47.33 -39.82 -4.62
N TRP D 973 48.41 -40.40 -5.13
CA TRP D 973 48.32 -41.48 -6.11
C TRP D 973 47.57 -42.66 -5.51
N GLU D 974 48.09 -43.20 -4.42
CA GLU D 974 47.43 -44.30 -3.72
C GLU D 974 45.93 -44.00 -3.54
N ALA D 975 45.63 -42.94 -2.80
CA ALA D 975 44.24 -42.56 -2.53
C ALA D 975 43.42 -42.47 -3.83
N CYS D 976 44.04 -41.96 -4.88
CA CYS D 976 43.36 -41.87 -6.16
C CYS D 976 43.07 -43.26 -6.73
N VAL D 977 44.03 -44.16 -6.57
CA VAL D 977 43.88 -45.53 -7.05
C VAL D 977 42.71 -46.20 -6.34
N GLU D 978 42.38 -45.70 -5.16
CA GLU D 978 41.28 -46.27 -4.37
C GLU D 978 39.98 -45.57 -4.70
N ASN D 979 39.89 -44.29 -4.37
CA ASN D 979 38.65 -43.53 -4.52
C ASN D 979 38.01 -43.70 -5.89
N SER D 980 38.83 -44.02 -6.88
CA SER D 980 38.35 -44.21 -8.24
C SER D 980 38.05 -45.67 -8.56
N SER D 981 38.53 -46.57 -7.71
CA SER D 981 38.39 -48.01 -7.95
C SER D 981 39.05 -48.35 -9.28
N TYR D 982 40.16 -47.69 -9.55
CA TYR D 982 40.85 -47.79 -10.85
C TYR D 982 40.90 -49.21 -11.42
N TYR D 983 41.34 -50.18 -10.62
CA TYR D 983 41.55 -51.53 -11.13
C TYR D 983 40.24 -52.26 -11.45
N ASN D 984 39.21 -52.03 -10.65
CA ASN D 984 37.92 -52.62 -10.94
C ASN D 984 37.37 -52.08 -12.26
N ARG D 985 37.40 -50.76 -12.42
CA ARG D 985 36.83 -50.13 -13.61
C ARG D 985 37.62 -50.45 -14.88
N LYS D 986 38.94 -50.42 -14.79
CA LYS D 986 39.75 -50.79 -15.95
C LYS D 986 39.32 -52.18 -16.46
N LYS D 987 38.87 -53.02 -15.56
CA LYS D 987 38.36 -54.34 -15.92
C LYS D 987 37.11 -54.22 -16.79
N ALA D 988 36.15 -53.43 -16.32
CA ALA D 988 34.92 -53.23 -17.06
C ALA D 988 35.23 -52.63 -18.44
N VAL D 989 36.20 -51.73 -18.47
CA VAL D 989 36.65 -51.11 -19.72
C VAL D 989 37.20 -52.15 -20.68
N ASP D 990 38.10 -52.99 -20.18
CA ASP D 990 38.68 -54.05 -21.00
C ASP D 990 37.58 -54.92 -21.59
N GLU D 991 36.66 -55.37 -20.74
CA GLU D 991 35.52 -56.15 -21.19
C GLU D 991 34.74 -55.40 -22.27
N PHE D 992 34.36 -54.16 -21.96
CA PHE D 992 33.63 -53.33 -22.92
C PHE D 992 34.29 -53.37 -24.28
N ASN D 993 35.61 -53.22 -24.32
CA ASN D 993 36.36 -53.22 -25.56
C ASN D 993 36.29 -54.56 -26.31
N GLN D 994 35.99 -55.62 -25.58
CA GLN D 994 35.87 -56.95 -26.17
C GLN D 994 34.47 -57.14 -26.74
N GLN D 995 33.51 -56.42 -26.16
CA GLN D 995 32.13 -56.45 -26.62
C GLN D 995 31.91 -55.46 -27.76
N ARG D 996 32.64 -54.35 -27.71
CA ARG D 996 32.42 -53.25 -28.65
C ARG D 996 33.54 -53.12 -29.68
N PHE D 997 33.16 -52.76 -30.90
CA PHE D 997 34.10 -52.60 -32.01
C PHE D 997 34.07 -51.17 -32.53
N TRP D 998 32.89 -50.73 -32.96
CA TRP D 998 32.74 -49.40 -33.52
C TRP D 998 32.68 -48.33 -32.43
N LYS D 999 32.94 -48.77 -31.20
CA LYS D 999 32.96 -47.88 -30.06
C LYS D 999 33.95 -48.46 -29.06
N LYS D 1000 34.68 -47.60 -28.36
CA LYS D 1000 35.71 -48.06 -27.44
C LYS D 1000 35.80 -47.15 -26.23
N ARG D 1001 36.25 -47.69 -25.11
CA ARG D 1001 36.46 -46.87 -23.91
C ARG D 1001 37.92 -46.87 -23.52
N GLY D 1002 38.29 -45.94 -22.65
CA GLY D 1002 39.64 -45.85 -22.15
C GLY D 1002 39.66 -45.21 -20.77
N ILE D 1003 40.63 -45.61 -19.95
CA ILE D 1003 40.76 -45.03 -18.62
C ILE D 1003 42.22 -44.69 -18.35
N ALA D 1004 42.45 -43.61 -17.61
CA ALA D 1004 43.81 -43.14 -17.38
C ALA D 1004 43.98 -42.45 -16.04
N ILE D 1005 45.10 -42.73 -15.38
CA ILE D 1005 45.43 -42.09 -14.11
C ILE D 1005 46.82 -41.47 -14.14
N ILE D 1006 46.87 -40.15 -13.99
CA ILE D 1006 48.14 -39.41 -14.08
C ILE D 1006 48.56 -38.78 -12.75
N PRO D 1007 49.83 -39.00 -12.34
CA PRO D 1007 50.39 -38.35 -11.14
C PRO D 1007 50.78 -36.90 -11.44
N MET D 1008 51.09 -36.13 -10.40
CA MET D 1008 51.51 -34.75 -10.61
C MET D 1008 52.27 -34.15 -9.44
N LYS D 1009 53.47 -33.63 -9.73
CA LYS D 1009 54.20 -32.84 -8.77
C LYS D 1009 54.38 -31.43 -9.30
N PHE D 1010 53.50 -30.54 -8.88
CA PHE D 1010 53.54 -29.13 -9.28
C PHE D 1010 54.27 -28.37 -8.19
N SER D 1011 54.50 -27.09 -8.41
CA SER D 1011 55.12 -26.22 -7.41
C SER D 1011 54.63 -24.79 -7.65
N VAL D 1012 55.11 -23.84 -6.86
CA VAL D 1012 54.57 -22.49 -6.97
C VAL D 1012 55.59 -21.39 -6.68
N GLY D 1013 55.37 -20.19 -7.23
CA GLY D 1013 56.13 -19.03 -6.84
C GLY D 1013 57.15 -18.52 -7.83
N PHE D 1014 57.42 -17.22 -7.76
CA PHE D 1014 58.37 -16.58 -8.67
C PHE D 1014 59.79 -17.04 -8.35
N PRO D 1015 60.71 -16.86 -9.31
CA PRO D 1015 62.10 -17.33 -9.18
C PRO D 1015 63.11 -16.34 -8.59
N LYS D 1016 62.64 -15.28 -7.93
CA LYS D 1016 63.54 -14.40 -7.19
C LYS D 1016 62.86 -13.82 -5.94
N THR D 1017 63.61 -13.75 -4.84
CA THR D 1017 63.08 -13.34 -3.54
C THR D 1017 62.18 -12.10 -3.58
N PHE D 1018 62.63 -11.03 -4.22
CA PHE D 1018 61.88 -9.77 -4.18
C PHE D 1018 60.53 -9.87 -4.90
N TYR D 1019 60.39 -10.88 -5.75
CA TYR D 1019 59.14 -11.11 -6.46
C TYR D 1019 58.02 -11.59 -5.51
N TYR D 1020 58.40 -11.91 -4.27
CA TYR D 1020 57.48 -12.50 -3.31
C TYR D 1020 56.90 -11.50 -2.31
N GLN D 1021 57.46 -10.30 -2.29
CA GLN D 1021 57.06 -9.31 -1.31
C GLN D 1021 55.61 -8.91 -1.54
N ALA D 1022 55.01 -8.32 -0.51
CA ALA D 1022 53.58 -8.03 -0.49
C ALA D 1022 53.30 -7.08 0.67
N ALA D 1023 52.21 -6.32 0.57
CA ALA D 1023 51.93 -5.31 1.58
C ALA D 1023 50.46 -5.20 1.94
N ALA D 1024 50.17 -4.48 3.02
CA ALA D 1024 48.80 -4.22 3.42
C ALA D 1024 48.73 -2.96 4.28
N LEU D 1025 47.55 -2.37 4.32
CA LEU D 1025 47.29 -1.23 5.19
C LEU D 1025 45.95 -1.47 5.84
N VAL D 1026 45.96 -1.79 7.12
CA VAL D 1026 44.74 -2.07 7.85
C VAL D 1026 44.36 -0.89 8.72
N GLN D 1027 43.08 -0.57 8.73
CA GLN D 1027 42.59 0.65 9.35
C GLN D 1027 41.49 0.33 10.35
N ILE D 1028 41.59 0.88 11.55
CA ILE D 1028 40.54 0.68 12.55
C ILE D 1028 39.89 1.99 12.98
N TYR D 1029 38.64 2.15 12.63
CA TYR D 1029 37.92 3.35 12.99
C TYR D 1029 37.37 3.21 14.42
N THR D 1030 36.96 4.32 15.03
CA THR D 1030 36.59 4.32 16.45
C THR D 1030 35.22 3.70 16.75
N ASP D 1031 34.54 3.20 15.75
CA ASP D 1031 33.27 2.50 15.99
C ASP D 1031 33.51 1.00 16.02
N GLY D 1032 34.77 0.60 15.85
CA GLY D 1032 35.11 -0.80 15.87
C GLY D 1032 35.16 -1.48 14.52
N SER D 1033 34.86 -0.75 13.44
CA SER D 1033 34.93 -1.34 12.11
C SER D 1033 36.32 -1.20 11.46
N VAL D 1034 36.69 -2.22 10.72
CA VAL D 1034 38.02 -2.37 10.18
C VAL D 1034 37.96 -2.31 8.66
N LEU D 1035 38.91 -1.61 8.06
CA LEU D 1035 39.01 -1.53 6.62
C LEU D 1035 40.33 -2.13 6.18
N VAL D 1036 40.29 -3.24 5.47
CA VAL D 1036 41.51 -3.90 5.03
C VAL D 1036 41.82 -3.46 3.60
N ALA D 1037 43.09 -3.55 3.22
CA ALA D 1037 43.50 -3.22 1.85
C ALA D 1037 44.87 -3.80 1.62
N HIS D 1038 45.06 -4.47 0.49
CA HIS D 1038 46.32 -5.13 0.21
C HIS D 1038 46.71 -5.07 -1.26
N GLY D 1039 47.71 -5.87 -1.63
CA GLY D 1039 48.26 -5.82 -2.97
C GLY D 1039 47.65 -6.76 -3.98
N GLY D 1040 47.01 -7.84 -3.50
CA GLY D 1040 46.37 -8.79 -4.40
C GLY D 1040 45.11 -8.22 -5.05
N VAL D 1041 44.60 -8.94 -6.05
CA VAL D 1041 43.44 -8.48 -6.80
C VAL D 1041 42.43 -9.59 -7.05
N GLU D 1042 41.18 -9.37 -6.66
CA GLU D 1042 40.16 -10.40 -6.81
C GLU D 1042 39.86 -10.68 -8.28
N LEU D 1043 40.18 -11.91 -8.70
CA LEU D 1043 39.91 -12.38 -10.06
C LEU D 1043 38.83 -13.46 -10.04
N GLY D 1044 38.22 -13.66 -8.88
CA GLY D 1044 37.27 -14.76 -8.69
C GLY D 1044 37.83 -15.95 -7.94
N GLN D 1045 39.13 -15.93 -7.62
CA GLN D 1045 39.74 -17.02 -6.87
C GLN D 1045 39.67 -16.76 -5.36
N GLY D 1046 39.05 -15.64 -5.01
CA GLY D 1046 38.75 -15.35 -3.63
C GLY D 1046 39.89 -14.92 -2.73
N ILE D 1047 40.79 -14.07 -3.22
CA ILE D 1047 41.82 -13.51 -2.35
C ILE D 1047 41.14 -12.66 -1.31
N ASN D 1048 40.36 -11.69 -1.78
CA ASN D 1048 39.66 -10.76 -0.92
C ASN D 1048 38.98 -11.47 0.24
N THR D 1049 38.29 -12.56 -0.05
CA THR D 1049 37.61 -13.35 0.98
C THR D 1049 38.59 -13.87 2.02
N LYS D 1050 39.73 -14.37 1.55
CA LYS D 1050 40.72 -14.95 2.46
C LYS D 1050 41.29 -13.90 3.39
N MET D 1051 41.71 -12.77 2.83
CA MET D 1051 42.31 -11.73 3.65
C MET D 1051 41.35 -11.29 4.77
N ILE D 1052 40.06 -11.56 4.59
CA ILE D 1052 39.10 -11.21 5.62
C ILE D 1052 39.12 -12.28 6.68
N GLN D 1053 39.23 -13.53 6.24
CA GLN D 1053 39.39 -14.68 7.12
C GLN D 1053 40.61 -14.48 8.01
N VAL D 1054 41.74 -14.18 7.39
CA VAL D 1054 42.96 -13.85 8.12
C VAL D 1054 42.69 -12.74 9.13
N ALA D 1055 42.29 -11.57 8.64
CA ALA D 1055 42.03 -10.44 9.52
C ALA D 1055 41.16 -10.84 10.71
N SER D 1056 40.30 -11.82 10.49
CA SER D 1056 39.39 -12.28 11.54
C SER D 1056 40.11 -13.08 12.63
N ARG D 1057 41.04 -13.93 12.22
CA ARG D 1057 41.89 -14.63 13.18
C ARG D 1057 42.61 -13.63 14.06
N GLU D 1058 43.50 -12.85 13.47
CA GLU D 1058 44.46 -12.05 14.22
C GLU D 1058 43.88 -10.87 15.00
N LEU D 1059 42.70 -10.42 14.60
CA LEU D 1059 42.00 -9.36 15.34
C LEU D 1059 40.96 -9.99 16.25
N LYS D 1060 40.76 -11.30 16.09
CA LYS D 1060 39.72 -12.02 16.81
C LYS D 1060 38.40 -11.25 16.91
N ILE D 1061 37.96 -10.67 15.80
CA ILE D 1061 36.63 -10.13 15.68
C ILE D 1061 35.93 -10.88 14.55
N PRO D 1062 34.60 -10.79 14.48
CA PRO D 1062 33.89 -11.53 13.45
C PRO D 1062 34.16 -10.94 12.06
N MET D 1063 34.21 -11.77 11.02
CA MET D 1063 34.41 -11.27 9.66
C MET D 1063 33.55 -10.03 9.40
N SER D 1064 32.34 -10.00 9.94
CA SER D 1064 31.38 -8.92 9.66
C SER D 1064 31.84 -7.55 10.14
N TYR D 1065 32.73 -7.51 11.12
CA TYR D 1065 33.32 -6.25 11.55
C TYR D 1065 34.29 -5.73 10.48
N ILE D 1066 34.75 -6.64 9.63
CA ILE D 1066 35.83 -6.35 8.72
C ILE D 1066 35.31 -6.15 7.31
N HIS D 1067 35.86 -5.18 6.60
CA HIS D 1067 35.43 -4.91 5.25
C HIS D 1067 36.59 -4.53 4.35
N LEU D 1068 36.47 -4.87 3.06
CA LEU D 1068 37.53 -4.63 2.07
C LEU D 1068 36.96 -3.94 0.82
N ASP D 1069 37.52 -2.79 0.46
CA ASP D 1069 36.99 -1.96 -0.63
C ASP D 1069 37.52 -2.35 -2.01
N GLU D 1070 38.83 -2.22 -2.21
CA GLU D 1070 39.46 -2.47 -3.50
C GLU D 1070 40.98 -2.52 -3.35
N MET D 1071 41.67 -2.82 -4.45
CA MET D 1071 43.13 -2.66 -4.50
C MET D 1071 43.45 -1.34 -5.19
N SER D 1072 44.36 -0.56 -4.62
CA SER D 1072 44.70 0.75 -5.18
C SER D 1072 46.13 1.14 -4.88
N THR D 1073 46.79 1.78 -5.82
CA THR D 1073 48.19 2.20 -5.63
C THR D 1073 48.29 3.38 -4.69
N VAL D 1074 47.16 3.86 -4.19
CA VAL D 1074 47.13 4.93 -3.20
C VAL D 1074 47.39 4.37 -1.80
N THR D 1075 46.98 3.12 -1.59
CA THR D 1075 47.02 2.51 -0.27
C THR D 1075 48.14 1.49 -0.09
N VAL D 1076 48.58 0.91 -1.18
CA VAL D 1076 49.69 -0.05 -1.13
C VAL D 1076 50.55 0.11 -2.37
N PRO D 1077 51.66 0.82 -2.21
CA PRO D 1077 52.61 1.17 -3.27
C PRO D 1077 53.49 0.00 -3.64
N ASN D 1078 54.01 0.02 -4.87
CA ASN D 1078 55.01 -0.93 -5.31
C ASN D 1078 54.59 -2.37 -5.03
N THR D 1079 53.51 -2.79 -5.64
CA THR D 1079 53.05 -4.16 -5.51
C THR D 1079 53.48 -5.00 -6.71
N VAL D 1080 53.30 -6.31 -6.60
CA VAL D 1080 53.66 -7.25 -7.66
C VAL D 1080 52.39 -7.89 -8.18
N THR D 1081 52.42 -8.35 -9.43
CA THR D 1081 51.25 -8.96 -10.06
C THR D 1081 50.67 -10.03 -9.16
N THR D 1082 49.36 -10.27 -9.27
CA THR D 1082 48.73 -11.35 -8.54
C THR D 1082 48.87 -12.64 -9.34
N GLY D 1083 50.00 -13.32 -9.18
CA GLY D 1083 50.27 -14.54 -9.92
C GLY D 1083 51.14 -15.58 -9.24
N ALA D 1084 51.53 -16.60 -10.02
CA ALA D 1084 52.37 -17.70 -9.53
C ALA D 1084 51.72 -18.46 -8.39
N SER D 1085 50.38 -18.38 -8.30
CA SER D 1085 49.61 -19.10 -7.29
C SER D 1085 49.95 -18.74 -5.85
N THR D 1086 50.64 -17.63 -5.64
CA THR D 1086 51.12 -17.26 -4.32
C THR D 1086 50.32 -16.10 -3.74
N GLY D 1087 49.27 -15.72 -4.45
CA GLY D 1087 48.54 -14.52 -4.10
C GLY D 1087 48.29 -14.35 -2.62
N ALA D 1088 47.59 -15.30 -2.04
CA ALA D 1088 47.14 -15.20 -0.65
C ALA D 1088 48.24 -15.60 0.34
N ASP D 1089 49.24 -16.33 -0.13
CA ASP D 1089 50.39 -16.66 0.71
C ASP D 1089 51.11 -15.39 1.11
N VAL D 1090 51.44 -14.56 0.13
CA VAL D 1090 52.23 -13.37 0.36
C VAL D 1090 51.40 -12.27 1.02
N ASN D 1091 50.24 -11.95 0.43
CA ASN D 1091 49.38 -10.94 1.03
C ASN D 1091 48.79 -11.40 2.37
N GLY D 1092 48.48 -12.70 2.46
CA GLY D 1092 48.06 -13.27 3.72
C GLY D 1092 49.02 -12.88 4.82
N ARG D 1093 50.31 -12.90 4.51
CA ARG D 1093 51.36 -12.57 5.48
C ARG D 1093 51.39 -11.07 5.77
N ALA D 1094 51.22 -10.26 4.72
CA ALA D 1094 51.18 -8.83 4.89
C ALA D 1094 50.01 -8.46 5.82
N VAL D 1095 48.82 -8.93 5.49
CA VAL D 1095 47.65 -8.59 6.28
C VAL D 1095 47.79 -9.10 7.71
N GLN D 1096 48.36 -10.29 7.87
CA GLN D 1096 48.63 -10.84 9.19
C GLN D 1096 49.54 -9.88 9.97
N ASN D 1097 50.55 -9.36 9.29
CA ASN D 1097 51.51 -8.47 9.91
C ASN D 1097 50.88 -7.15 10.39
N ALA D 1098 49.98 -6.61 9.58
CA ALA D 1098 49.26 -5.41 9.95
C ALA D 1098 48.39 -5.64 11.21
N CYS D 1099 47.66 -6.74 11.24
CA CYS D 1099 46.82 -7.04 12.38
C CYS D 1099 47.66 -7.19 13.65
N GLN D 1100 48.67 -8.06 13.60
CA GLN D 1100 49.52 -8.28 14.77
C GLN D 1100 50.03 -6.97 15.34
N ILE D 1101 50.75 -6.20 14.53
CA ILE D 1101 51.23 -4.89 14.94
C ILE D 1101 50.20 -4.08 15.70
N LEU D 1102 48.95 -4.16 15.27
CA LEU D 1102 47.87 -3.38 15.86
C LEU D 1102 47.47 -3.94 17.21
N MET D 1103 47.21 -5.24 17.23
CA MET D 1103 46.84 -5.93 18.45
C MET D 1103 47.84 -5.64 19.57
N LYS D 1104 49.12 -5.79 19.27
CA LYS D 1104 50.19 -5.51 20.22
C LYS D 1104 50.08 -4.10 20.80
N ARG D 1105 49.48 -3.20 20.02
CA ARG D 1105 49.32 -1.81 20.44
C ARG D 1105 48.13 -1.65 21.38
N LEU D 1106 47.19 -2.59 21.29
CA LEU D 1106 46.03 -2.58 22.18
C LEU D 1106 46.30 -3.43 23.39
N GLU D 1107 47.52 -3.93 23.52
CA GLU D 1107 47.90 -4.80 24.64
C GLU D 1107 47.52 -4.19 25.99
N PRO D 1108 48.05 -3.00 26.30
CA PRO D 1108 47.70 -2.37 27.58
C PRO D 1108 46.21 -2.08 27.70
N ILE D 1109 45.54 -1.87 26.56
CA ILE D 1109 44.10 -1.58 26.59
C ILE D 1109 43.26 -2.81 26.95
N ILE D 1110 43.71 -4.00 26.58
CA ILE D 1110 42.98 -5.21 26.95
C ILE D 1110 43.42 -5.76 28.30
N LYS D 1111 44.18 -4.97 29.05
CA LYS D 1111 44.57 -5.38 30.39
C LYS D 1111 43.80 -4.59 31.44
N GLN D 1112 43.72 -3.28 31.24
CA GLN D 1112 42.96 -2.41 32.15
C GLN D 1112 41.46 -2.72 32.10
N ASN D 1113 41.04 -3.41 31.05
CA ASN D 1113 39.65 -3.82 30.91
C ASN D 1113 39.58 -5.17 30.16
N PRO D 1114 40.18 -6.21 30.75
CA PRO D 1114 40.44 -7.47 30.03
C PRO D 1114 39.17 -8.15 29.55
N SER D 1115 38.04 -7.77 30.13
CA SER D 1115 36.76 -8.42 29.80
C SER D 1115 35.79 -7.49 29.06
N GLY D 1116 36.32 -6.39 28.53
CA GLY D 1116 35.55 -5.42 27.79
C GLY D 1116 35.16 -5.84 26.39
N THR D 1117 34.59 -4.91 25.63
CA THR D 1117 34.23 -5.21 24.26
C THR D 1117 35.15 -4.52 23.26
N TRP D 1118 35.41 -5.22 22.15
CA TRP D 1118 36.24 -4.68 21.08
C TRP D 1118 35.92 -3.20 20.81
N GLU D 1119 34.65 -2.83 20.95
CA GLU D 1119 34.23 -1.45 20.75
C GLU D 1119 34.78 -0.49 21.81
N GLU D 1120 34.72 -0.89 23.07
CA GLU D 1120 35.20 -0.05 24.16
C GLU D 1120 36.71 0.12 24.08
N TRP D 1121 37.39 -0.97 23.72
CA TRP D 1121 38.84 -0.96 23.53
C TRP D 1121 39.30 0.12 22.55
N VAL D 1122 38.75 0.12 21.34
CA VAL D 1122 39.19 1.07 20.33
C VAL D 1122 38.93 2.53 20.73
N LYS D 1123 37.76 2.80 21.30
CA LYS D 1123 37.44 4.16 21.72
C LYS D 1123 38.46 4.66 22.72
N GLU D 1124 38.93 3.77 23.60
CA GLU D 1124 39.91 4.12 24.63
C GLU D 1124 41.31 4.21 24.03
N ALA D 1125 41.61 3.36 23.06
CA ALA D 1125 42.85 3.49 22.30
C ALA D 1125 42.98 4.92 21.81
N PHE D 1126 41.96 5.39 21.09
CA PHE D 1126 41.95 6.75 20.54
C PHE D 1126 42.14 7.82 21.63
N VAL D 1127 41.34 7.72 22.69
CA VAL D 1127 41.38 8.70 23.76
C VAL D 1127 42.75 8.71 24.45
N GLN D 1128 43.45 7.57 24.41
CA GLN D 1128 44.79 7.49 25.00
C GLN D 1128 45.93 7.64 23.98
N SER D 1129 45.62 8.21 22.82
CA SER D 1129 46.61 8.49 21.78
C SER D 1129 47.37 7.27 21.27
N ILE D 1130 46.68 6.14 21.14
CA ILE D 1130 47.27 4.99 20.47
C ILE D 1130 46.84 4.94 19.01
N SER D 1131 47.80 4.90 18.10
CA SER D 1131 47.53 4.91 16.66
C SER D 1131 46.79 3.66 16.21
N LEU D 1132 45.72 3.87 15.45
CA LEU D 1132 44.91 2.78 14.90
C LEU D 1132 45.10 2.66 13.39
N SER D 1133 46.19 3.25 12.88
CA SER D 1133 46.57 3.13 11.48
C SER D 1133 47.90 2.38 11.39
N ALA D 1134 47.90 1.21 10.76
CA ALA D 1134 49.10 0.38 10.70
C ALA D 1134 49.25 -0.34 9.36
N THR D 1135 50.49 -0.48 8.90
CA THR D 1135 50.77 -1.13 7.63
C THR D 1135 51.57 -2.41 7.81
N GLY D 1136 51.30 -3.40 6.97
CA GLY D 1136 51.99 -4.67 7.06
C GLY D 1136 52.89 -4.93 5.87
N TYR D 1137 53.76 -5.92 5.98
CA TYR D 1137 54.74 -6.18 4.93
C TYR D 1137 55.33 -7.60 5.03
N PHE D 1138 55.61 -8.19 3.87
CA PHE D 1138 56.22 -9.50 3.81
C PHE D 1138 57.40 -9.42 2.85
N ARG D 1139 58.61 -9.65 3.37
CA ARG D 1139 59.82 -9.56 2.58
C ARG D 1139 59.81 -10.58 1.46
N GLY D 1140 59.03 -11.64 1.64
CA GLY D 1140 58.96 -12.71 0.65
C GLY D 1140 59.71 -13.97 1.03
N TYR D 1141 59.44 -15.06 0.30
CA TYR D 1141 60.14 -16.33 0.50
C TYR D 1141 61.48 -16.30 -0.21
N GLN D 1142 62.52 -16.79 0.45
CA GLN D 1142 63.83 -16.87 -0.18
C GLN D 1142 63.79 -17.81 -1.39
N ALA D 1143 64.16 -17.29 -2.56
CA ALA D 1143 64.22 -18.09 -3.77
C ALA D 1143 65.29 -17.53 -4.67
N ASP D 1144 66.06 -18.42 -5.29
CA ASP D 1144 67.13 -18.01 -6.21
C ASP D 1144 67.48 -19.13 -7.17
N MET D 1145 67.93 -18.76 -8.37
CA MET D 1145 68.27 -19.74 -9.40
C MET D 1145 69.48 -19.24 -10.17
N ASP D 1146 70.41 -20.16 -10.50
CA ASP D 1146 71.61 -19.82 -11.27
C ASP D 1146 71.72 -20.68 -12.52
N TRP D 1147 71.20 -20.18 -13.64
CA TRP D 1147 71.06 -20.98 -14.85
C TRP D 1147 72.39 -21.51 -15.42
N GLU D 1148 73.49 -20.86 -15.06
CA GLU D 1148 74.79 -21.29 -15.57
C GLU D 1148 75.27 -22.56 -14.87
N LYS D 1149 75.06 -22.63 -13.55
CA LYS D 1149 75.38 -23.84 -12.79
C LYS D 1149 74.22 -24.81 -12.90
N GLY D 1150 73.09 -24.30 -13.38
CA GLY D 1150 71.92 -25.10 -13.63
C GLY D 1150 71.24 -25.60 -12.38
N GLU D 1151 71.46 -24.91 -11.27
CA GLU D 1151 70.91 -25.37 -9.99
C GLU D 1151 70.51 -24.23 -9.04
N GLY D 1152 69.42 -24.44 -8.31
CA GLY D 1152 68.98 -23.48 -7.32
C GLY D 1152 67.68 -23.89 -6.64
N ASP D 1153 67.36 -23.18 -5.56
CA ASP D 1153 66.10 -23.40 -4.86
C ASP D 1153 65.14 -22.24 -5.15
N ILE D 1154 64.12 -22.53 -5.95
CA ILE D 1154 63.17 -21.51 -6.38
C ILE D 1154 61.88 -21.56 -5.57
N PHE D 1155 61.21 -22.71 -5.63
CA PHE D 1155 59.86 -22.82 -5.07
C PHE D 1155 59.90 -23.15 -3.59
N PRO D 1156 59.06 -22.46 -2.79
CA PRO D 1156 58.99 -22.67 -1.34
C PRO D 1156 58.44 -24.05 -0.95
N TYR D 1157 57.50 -24.58 -1.74
CA TYR D 1157 56.98 -25.92 -1.48
C TYR D 1157 56.46 -26.54 -2.76
N PHE D 1158 55.82 -27.71 -2.66
CA PHE D 1158 55.27 -28.37 -3.83
C PHE D 1158 53.82 -28.75 -3.59
N VAL D 1159 53.07 -28.84 -4.70
CA VAL D 1159 51.69 -29.31 -4.66
C VAL D 1159 51.62 -30.67 -5.32
N PHE D 1160 51.09 -31.65 -4.60
CA PHE D 1160 51.03 -33.00 -5.11
C PHE D 1160 49.58 -33.38 -5.36
N GLY D 1161 49.34 -34.10 -6.46
CA GLY D 1161 47.99 -34.48 -6.80
C GLY D 1161 47.97 -35.59 -7.82
N ALA D 1162 46.79 -35.91 -8.32
CA ALA D 1162 46.63 -36.93 -9.33
C ALA D 1162 45.18 -37.09 -9.71
N ALA D 1163 44.93 -37.58 -10.92
CA ALA D 1163 43.59 -37.68 -11.44
C ALA D 1163 43.41 -38.94 -12.26
N CYS D 1164 42.22 -39.52 -12.16
CA CYS D 1164 41.86 -40.67 -12.99
C CYS D 1164 40.60 -40.36 -13.76
N SER D 1165 40.72 -40.26 -15.08
CA SER D 1165 39.56 -39.98 -15.91
C SER D 1165 39.21 -41.14 -16.84
N GLU D 1166 37.98 -41.13 -17.34
CA GLU D 1166 37.50 -42.21 -18.18
C GLU D 1166 36.57 -41.68 -19.26
N VAL D 1167 36.73 -42.16 -20.49
CA VAL D 1167 35.92 -41.70 -21.61
C VAL D 1167 35.47 -42.83 -22.54
N GLU D 1168 34.50 -42.50 -23.39
CA GLU D 1168 34.00 -43.42 -24.43
C GLU D 1168 33.98 -42.71 -25.79
N ILE D 1169 34.87 -43.11 -26.71
CA ILE D 1169 34.99 -42.46 -28.03
C ILE D 1169 34.13 -43.14 -29.10
N ASP D 1170 33.54 -42.36 -29.99
CA ASP D 1170 32.73 -42.89 -31.08
C ASP D 1170 33.59 -43.07 -32.34
N CYS D 1171 34.15 -44.26 -32.51
CA CYS D 1171 35.09 -44.54 -33.58
C CYS D 1171 34.66 -44.02 -34.96
N LEU D 1172 33.36 -43.87 -35.17
CA LEU D 1172 32.83 -43.46 -36.47
C LEU D 1172 32.85 -41.96 -36.72
N THR D 1173 32.63 -41.15 -35.68
CA THR D 1173 32.63 -39.71 -35.86
C THR D 1173 33.85 -39.05 -35.22
N GLY D 1174 34.45 -39.73 -34.26
CA GLY D 1174 35.60 -39.18 -33.57
C GLY D 1174 35.22 -38.54 -32.24
N ALA D 1175 33.94 -38.21 -32.08
CA ALA D 1175 33.45 -37.62 -30.83
C ALA D 1175 33.61 -38.57 -29.64
N HIS D 1176 33.41 -38.05 -28.44
CA HIS D 1176 33.64 -38.81 -27.22
C HIS D 1176 32.94 -38.11 -26.06
N LYS D 1177 32.52 -38.85 -25.04
CA LYS D 1177 31.98 -38.24 -23.83
C LYS D 1177 32.80 -38.58 -22.58
N ASN D 1178 32.97 -37.60 -21.70
CA ASN D 1178 33.73 -37.80 -20.47
C ASN D 1178 32.84 -38.39 -19.38
N ILE D 1179 33.12 -39.62 -18.96
CA ILE D 1179 32.19 -40.36 -18.09
C ILE D 1179 32.37 -40.11 -16.58
N ARG D 1180 33.57 -40.37 -16.08
CA ARG D 1180 33.86 -40.09 -14.68
C ARG D 1180 35.25 -39.47 -14.57
N THR D 1181 35.46 -38.73 -13.49
CA THR D 1181 36.77 -38.17 -13.20
C THR D 1181 36.96 -38.00 -11.70
N ASP D 1182 38.10 -38.47 -11.19
CA ASP D 1182 38.40 -38.37 -9.78
C ASP D 1182 39.68 -37.57 -9.60
N ILE D 1183 39.74 -36.75 -8.56
CA ILE D 1183 40.91 -35.95 -8.31
C ILE D 1183 41.25 -35.91 -6.84
N VAL D 1184 42.48 -36.30 -6.50
CA VAL D 1184 43.01 -36.08 -5.17
C VAL D 1184 44.12 -35.06 -5.28
N MET D 1185 44.15 -34.11 -4.35
CA MET D 1185 45.15 -33.06 -4.40
C MET D 1185 45.55 -32.62 -3.00
N ASP D 1186 46.86 -32.54 -2.75
CA ASP D 1186 47.36 -32.13 -1.46
C ASP D 1186 47.13 -30.63 -1.28
N GLY D 1187 46.17 -30.29 -0.44
CA GLY D 1187 45.86 -28.89 -0.19
C GLY D 1187 46.45 -28.51 1.16
N SER D 1188 46.55 -29.50 2.07
CA SER D 1188 47.21 -29.31 3.36
C SER D 1188 46.63 -28.11 4.11
N PHE D 1189 45.61 -28.34 4.92
CA PHE D 1189 44.99 -27.28 5.70
C PHE D 1189 44.62 -26.11 4.80
N SER D 1190 43.70 -26.34 3.87
CA SER D 1190 43.18 -25.29 3.04
C SER D 1190 42.67 -24.15 3.92
N ILE D 1191 42.79 -22.91 3.44
CA ILE D 1191 42.26 -21.78 4.20
C ILE D 1191 40.76 -21.63 3.96
N ASN D 1192 40.30 -22.22 2.86
CA ASN D 1192 38.89 -22.13 2.51
C ASN D 1192 38.47 -23.25 1.57
N PRO D 1193 38.22 -24.43 2.14
CA PRO D 1193 37.90 -25.67 1.41
C PRO D 1193 37.01 -25.43 0.20
N ALA D 1194 36.03 -24.53 0.33
CA ALA D 1194 35.09 -24.27 -0.75
C ALA D 1194 35.77 -23.52 -1.89
N VAL D 1195 36.64 -22.58 -1.53
CA VAL D 1195 37.39 -21.81 -2.53
C VAL D 1195 38.36 -22.69 -3.31
N ASP D 1196 39.24 -23.35 -2.58
CA ASP D 1196 40.23 -24.22 -3.20
C ASP D 1196 39.59 -25.30 -4.07
N ILE D 1197 38.67 -26.09 -3.51
CA ILE D 1197 37.96 -27.08 -4.33
C ILE D 1197 37.47 -26.48 -5.65
N GLY D 1198 36.97 -25.25 -5.61
CA GLY D 1198 36.50 -24.60 -6.82
C GLY D 1198 37.65 -24.42 -7.80
N GLN D 1199 38.78 -23.95 -7.28
CA GLN D 1199 39.99 -23.76 -8.09
C GLN D 1199 40.35 -25.02 -8.85
N ILE D 1200 40.47 -26.12 -8.13
CA ILE D 1200 40.78 -27.41 -8.72
C ILE D 1200 39.76 -27.78 -9.79
N GLU D 1201 38.48 -27.75 -9.45
CA GLU D 1201 37.42 -28.13 -10.38
C GLU D 1201 37.57 -27.34 -11.66
N GLY D 1202 37.62 -26.01 -11.52
CA GLY D 1202 37.78 -25.13 -12.66
C GLY D 1202 39.06 -25.38 -13.43
N ALA D 1203 40.19 -25.05 -12.83
CA ALA D 1203 41.48 -25.26 -13.51
C ALA D 1203 41.55 -26.62 -14.19
N PHE D 1204 40.80 -27.60 -13.71
CA PHE D 1204 40.83 -28.91 -14.34
C PHE D 1204 40.21 -28.82 -15.72
N VAL D 1205 39.13 -28.06 -15.82
CA VAL D 1205 38.37 -27.93 -17.07
C VAL D 1205 39.11 -27.12 -18.12
N GLN D 1206 39.75 -26.04 -17.70
CA GLN D 1206 40.65 -25.34 -18.61
C GLN D 1206 41.69 -26.35 -19.13
N GLY D 1207 42.28 -27.11 -18.23
CA GLY D 1207 43.19 -28.18 -18.63
C GLY D 1207 42.54 -29.08 -19.67
N LEU D 1208 41.35 -29.57 -19.35
CA LEU D 1208 40.59 -30.42 -20.27
C LEU D 1208 40.44 -29.81 -21.66
N GLY D 1209 40.04 -28.54 -21.72
CA GLY D 1209 39.82 -27.87 -22.98
C GLY D 1209 41.09 -27.74 -23.83
N LEU D 1210 42.21 -27.52 -23.14
CA LEU D 1210 43.50 -27.38 -23.81
C LEU D 1210 43.88 -28.66 -24.55
N TYR D 1211 43.56 -29.81 -23.97
CA TYR D 1211 43.99 -31.09 -24.52
C TYR D 1211 42.95 -31.80 -25.40
N THR D 1212 41.71 -31.32 -25.43
CA THR D 1212 40.63 -32.07 -26.11
C THR D 1212 39.66 -31.25 -26.97
N LEU D 1213 39.43 -29.99 -26.62
CA LEU D 1213 38.39 -29.22 -27.28
C LEU D 1213 38.87 -27.91 -27.90
N GLU D 1214 39.64 -27.14 -27.14
CA GLU D 1214 40.01 -25.79 -27.56
C GLU D 1214 41.05 -25.77 -28.69
N GLU D 1215 40.71 -25.08 -29.78
CA GLU D 1215 41.57 -24.97 -30.95
C GLU D 1215 41.77 -23.52 -31.40
N LEU D 1216 43.02 -23.17 -31.69
CA LEU D 1216 43.29 -21.94 -32.43
C LEU D 1216 43.89 -22.34 -33.77
N LYS D 1217 43.48 -21.66 -34.83
CA LYS D 1217 44.00 -21.98 -36.16
C LYS D 1217 44.40 -20.73 -36.92
N TYR D 1218 45.49 -20.83 -37.67
CA TYR D 1218 46.03 -19.71 -38.41
C TYR D 1218 46.23 -20.09 -39.88
N SER D 1219 46.17 -19.10 -40.75
CA SER D 1219 46.44 -19.31 -42.16
C SER D 1219 47.95 -19.28 -42.36
N PRO D 1220 48.44 -19.79 -43.51
CA PRO D 1220 49.89 -19.80 -43.75
C PRO D 1220 50.59 -18.51 -43.34
N GLU D 1221 50.01 -17.34 -43.61
CA GLU D 1221 50.68 -16.10 -43.26
C GLU D 1221 50.38 -15.60 -41.84
N GLY D 1222 49.85 -16.49 -40.99
CA GLY D 1222 49.69 -16.19 -39.58
C GLY D 1222 48.59 -15.22 -39.18
N VAL D 1223 47.45 -15.29 -39.87
CA VAL D 1223 46.26 -14.53 -39.45
C VAL D 1223 45.32 -15.45 -38.67
N LEU D 1224 44.74 -14.93 -37.59
CA LEU D 1224 43.94 -15.76 -36.69
C LEU D 1224 42.55 -16.04 -37.25
N TYR D 1225 42.28 -17.29 -37.59
CA TYR D 1225 40.99 -17.68 -38.15
C TYR D 1225 39.87 -17.65 -37.11
N THR D 1226 40.09 -18.31 -35.98
CA THR D 1226 39.06 -18.48 -34.97
C THR D 1226 38.96 -17.30 -34.03
N ARG D 1227 38.16 -16.31 -34.40
CA ARG D 1227 37.97 -15.12 -33.58
C ARG D 1227 36.57 -15.04 -32.96
N GLY D 1228 36.40 -15.67 -31.80
CA GLY D 1228 35.15 -15.61 -31.07
C GLY D 1228 34.64 -16.95 -30.55
N PRO D 1229 33.55 -16.90 -29.76
CA PRO D 1229 32.87 -18.08 -29.19
C PRO D 1229 32.25 -19.00 -30.26
N HIS D 1230 31.68 -18.40 -31.30
CA HIS D 1230 31.09 -19.16 -32.40
C HIS D 1230 32.09 -20.14 -33.02
N GLN D 1231 33.37 -19.78 -32.99
CA GLN D 1231 34.40 -20.63 -33.58
C GLN D 1231 35.35 -21.19 -32.53
N TYR D 1232 35.55 -20.45 -31.44
CA TYR D 1232 36.38 -20.94 -30.36
C TYR D 1232 35.50 -21.60 -29.31
N LYS D 1233 35.68 -22.90 -29.14
CA LYS D 1233 34.84 -23.70 -28.25
C LYS D 1233 35.49 -24.00 -26.91
N ILE D 1234 35.00 -23.35 -25.85
CA ILE D 1234 35.36 -23.70 -24.48
C ILE D 1234 34.37 -24.73 -23.97
N ALA D 1235 34.74 -25.46 -22.92
CA ALA D 1235 33.86 -26.47 -22.34
C ALA D 1235 32.54 -25.87 -21.89
N SER D 1236 31.44 -26.55 -22.24
CA SER D 1236 30.13 -26.19 -21.73
C SER D 1236 29.69 -27.22 -20.71
N VAL D 1237 28.47 -27.06 -20.21
CA VAL D 1237 27.94 -27.95 -19.16
C VAL D 1237 27.94 -29.43 -19.56
N THR D 1238 27.81 -29.72 -20.85
CA THR D 1238 27.72 -31.10 -21.29
C THR D 1238 29.05 -31.71 -21.68
N ASP D 1239 30.14 -30.99 -21.46
CA ASP D 1239 31.46 -31.47 -21.84
C ASP D 1239 32.22 -32.06 -20.65
N ILE D 1240 32.02 -31.46 -19.49
CA ILE D 1240 32.73 -31.90 -18.29
C ILE D 1240 32.20 -33.25 -17.85
N PRO D 1241 33.07 -34.08 -17.24
CA PRO D 1241 32.71 -35.44 -16.84
C PRO D 1241 31.48 -35.41 -15.94
N GLU D 1242 30.43 -36.14 -16.31
CA GLU D 1242 29.16 -36.05 -15.59
C GLU D 1242 29.27 -36.58 -14.17
N GLU D 1243 30.35 -37.30 -13.88
CA GLU D 1243 30.61 -37.73 -12.53
C GLU D 1243 31.96 -37.19 -12.08
N PHE D 1244 31.94 -36.04 -11.40
CA PHE D 1244 33.17 -35.33 -11.05
C PHE D 1244 33.42 -35.24 -9.54
N HIS D 1245 34.40 -36.00 -9.06
CA HIS D 1245 34.74 -35.99 -7.64
C HIS D 1245 36.09 -35.33 -7.37
N VAL D 1246 36.16 -34.52 -6.32
CA VAL D 1246 37.39 -33.88 -5.90
C VAL D 1246 37.57 -34.06 -4.40
N SER D 1247 38.80 -34.35 -3.96
CA SER D 1247 39.07 -34.49 -2.53
C SER D 1247 40.49 -34.08 -2.13
N LEU D 1248 40.61 -33.31 -1.06
CA LEU D 1248 41.91 -32.91 -0.55
C LEU D 1248 42.47 -33.99 0.38
N LEU D 1249 43.74 -34.35 0.21
CA LEU D 1249 44.41 -35.30 1.10
C LEU D 1249 44.31 -34.82 2.54
N THR D 1250 44.29 -35.76 3.48
CA THR D 1250 44.26 -35.40 4.89
C THR D 1250 45.26 -34.28 5.16
N PRO D 1251 44.85 -33.27 5.96
CA PRO D 1251 45.75 -32.15 6.21
C PRO D 1251 47.10 -32.58 6.78
N THR D 1252 48.16 -31.85 6.40
CA THR D 1252 49.53 -32.21 6.72
C THR D 1252 50.36 -30.93 6.85
N PRO D 1253 51.33 -30.91 7.76
CA PRO D 1253 52.16 -29.72 7.99
C PRO D 1253 52.83 -29.17 6.73
N ASN D 1254 52.77 -27.85 6.59
CA ASN D 1254 53.46 -27.10 5.54
C ASN D 1254 53.81 -25.75 6.16
N PRO D 1255 54.59 -25.78 7.26
CA PRO D 1255 54.76 -24.64 8.17
C PRO D 1255 55.27 -23.38 7.47
N LYS D 1256 55.86 -23.55 6.29
CA LYS D 1256 56.41 -22.41 5.56
C LYS D 1256 55.33 -21.36 5.27
N ALA D 1257 54.24 -21.81 4.65
CA ALA D 1257 53.16 -20.91 4.26
C ALA D 1257 52.26 -20.60 5.44
N ILE D 1258 51.56 -19.47 5.38
CA ILE D 1258 50.68 -19.06 6.47
C ILE D 1258 49.64 -20.13 6.82
N TYR D 1259 49.59 -20.50 8.09
CA TYR D 1259 48.58 -21.44 8.57
C TYR D 1259 48.71 -22.79 7.89
N SER D 1260 49.91 -23.13 7.44
CA SER D 1260 50.17 -24.39 6.75
C SER D 1260 49.21 -24.62 5.59
N SER D 1261 48.94 -23.55 4.84
CA SER D 1261 48.15 -23.61 3.62
C SER D 1261 49.04 -23.85 2.39
N LYS D 1262 48.41 -24.00 1.23
CA LYS D 1262 49.12 -24.34 0.01
C LYS D 1262 48.34 -23.81 -1.22
N GLY D 1263 48.94 -22.91 -1.98
CA GLY D 1263 48.27 -22.30 -3.13
C GLY D 1263 47.92 -23.29 -4.24
N LEU D 1264 46.62 -23.42 -4.50
CA LEU D 1264 46.11 -24.39 -5.46
C LEU D 1264 45.59 -23.77 -6.76
N GLY D 1265 45.97 -22.51 -7.01
CA GLY D 1265 45.46 -21.75 -8.13
C GLY D 1265 45.63 -22.40 -9.49
N GLU D 1266 46.85 -22.78 -9.83
CA GLU D 1266 47.13 -23.34 -11.15
C GLU D 1266 47.10 -24.86 -11.12
N ALA D 1267 47.12 -25.42 -9.91
CA ALA D 1267 47.31 -26.87 -9.74
C ALA D 1267 46.52 -27.73 -10.72
N GLY D 1268 45.20 -27.66 -10.65
CA GLY D 1268 44.34 -28.58 -11.38
C GLY D 1268 44.62 -28.72 -12.86
N THR D 1269 45.18 -27.69 -13.47
CA THR D 1269 45.27 -27.64 -14.93
C THR D 1269 45.88 -28.87 -15.58
N PHE D 1270 47.10 -29.22 -15.21
CA PHE D 1270 47.79 -30.34 -15.84
C PHE D 1270 47.00 -31.63 -15.76
N LEU D 1271 46.20 -31.78 -14.71
CA LEU D 1271 45.48 -33.03 -14.45
C LEU D 1271 44.37 -33.30 -15.47
N GLY D 1272 44.17 -32.36 -16.39
CA GLY D 1272 43.22 -32.55 -17.46
C GLY D 1272 43.66 -33.62 -18.44
N CYS D 1273 44.97 -33.75 -18.63
CA CYS D 1273 45.49 -34.68 -19.64
C CYS D 1273 45.17 -36.11 -19.30
N SER D 1274 44.52 -36.32 -18.16
CA SER D 1274 43.99 -37.64 -17.83
C SER D 1274 42.90 -37.99 -18.84
N VAL D 1275 42.11 -36.99 -19.23
CA VAL D 1275 41.09 -37.18 -20.26
C VAL D 1275 41.76 -37.39 -21.61
N PHE D 1276 42.91 -36.76 -21.80
CA PHE D 1276 43.69 -36.94 -23.01
C PHE D 1276 44.14 -38.38 -23.13
N PHE D 1277 44.83 -38.85 -22.09
CA PHE D 1277 45.40 -40.20 -22.10
C PHE D 1277 44.31 -41.23 -21.88
N ALA D 1278 43.15 -40.78 -21.40
CA ALA D 1278 41.98 -41.64 -21.31
C ALA D 1278 41.54 -41.93 -22.74
N ILE D 1279 41.55 -40.89 -23.55
CA ILE D 1279 41.20 -41.00 -24.96
C ILE D 1279 42.24 -41.81 -25.71
N ALA D 1280 43.51 -41.51 -25.44
CA ALA D 1280 44.63 -42.14 -26.13
C ALA D 1280 44.59 -43.67 -26.04
N ALA D 1281 44.09 -44.19 -24.93
CA ALA D 1281 44.04 -45.64 -24.73
C ALA D 1281 42.86 -46.27 -25.46
N ALA D 1282 41.78 -45.51 -25.59
CA ALA D 1282 40.65 -45.94 -26.41
C ALA D 1282 41.10 -46.17 -27.86
N VAL D 1283 41.71 -45.13 -28.44
CA VAL D 1283 42.27 -45.22 -29.79
C VAL D 1283 43.13 -46.47 -29.98
N ALA D 1284 44.10 -46.67 -29.09
CA ALA D 1284 44.95 -47.85 -29.16
C ALA D 1284 44.10 -49.10 -29.26
N ALA D 1285 43.23 -49.27 -28.27
CA ALA D 1285 42.34 -50.44 -28.22
C ALA D 1285 41.53 -50.60 -29.49
N ALA D 1286 41.25 -49.48 -30.15
CA ALA D 1286 40.62 -49.53 -31.44
C ALA D 1286 41.60 -50.11 -32.46
N ARG D 1287 42.75 -49.44 -32.59
CA ARG D 1287 43.74 -49.82 -33.58
C ARG D 1287 44.24 -51.24 -33.37
N GLU D 1288 44.37 -51.63 -32.10
CA GLU D 1288 44.85 -52.96 -31.73
C GLU D 1288 44.01 -54.05 -32.39
N GLU D 1289 42.73 -54.10 -32.04
CA GLU D 1289 41.81 -55.09 -32.62
C GLU D 1289 41.88 -55.07 -34.14
N ARG D 1290 42.31 -53.95 -34.70
CA ARG D 1290 42.43 -53.79 -36.14
C ARG D 1290 43.89 -53.84 -36.58
N PRO D 1294 50.87 -49.91 -32.87
CA PRO D 1294 51.79 -49.16 -33.73
C PRO D 1294 52.30 -47.88 -33.03
N ILE D 1295 53.57 -47.86 -32.65
CA ILE D 1295 54.09 -46.78 -31.80
C ILE D 1295 53.55 -45.42 -32.22
N TRP D 1296 53.09 -44.65 -31.25
CA TRP D 1296 52.46 -43.39 -31.54
C TRP D 1296 52.85 -42.31 -30.54
N ALA D 1297 52.42 -41.09 -30.85
CA ALA D 1297 52.57 -39.96 -29.94
C ALA D 1297 51.55 -38.91 -30.39
N ILE D 1298 50.46 -38.81 -29.65
CA ILE D 1298 49.33 -37.95 -30.05
C ILE D 1298 49.62 -36.49 -29.77
N ASN D 1299 49.18 -35.62 -30.69
CA ASN D 1299 49.38 -34.18 -30.53
C ASN D 1299 48.35 -33.54 -29.59
N SER D 1300 48.75 -32.48 -28.90
CA SER D 1300 48.00 -31.97 -27.76
C SER D 1300 46.50 -31.88 -27.96
N PRO D 1301 46.05 -30.94 -28.80
CA PRO D 1301 44.60 -30.99 -28.97
C PRO D 1301 44.21 -32.29 -29.66
N ALA D 1302 43.64 -33.22 -28.90
CA ALA D 1302 43.14 -34.48 -29.46
C ALA D 1302 41.66 -34.31 -29.71
N THR D 1303 41.32 -33.80 -30.89
CA THR D 1303 39.97 -33.39 -31.20
C THR D 1303 39.20 -34.46 -31.98
N ALA D 1304 37.95 -34.17 -32.30
CA ALA D 1304 37.13 -35.12 -33.06
C ALA D 1304 37.87 -35.56 -34.32
N GLU D 1305 38.47 -34.60 -35.01
CA GLU D 1305 39.27 -34.89 -36.19
C GLU D 1305 40.32 -35.95 -35.90
N VAL D 1306 41.32 -35.56 -35.11
CA VAL D 1306 42.46 -36.42 -34.79
C VAL D 1306 42.06 -37.85 -34.45
N ILE D 1307 41.06 -37.99 -33.58
CA ILE D 1307 40.59 -39.31 -33.15
C ILE D 1307 40.01 -40.11 -34.29
N ARG D 1308 38.98 -39.57 -34.94
CA ARG D 1308 38.32 -40.25 -36.05
C ARG D 1308 39.36 -40.86 -36.99
N MET D 1309 40.31 -40.03 -37.40
CA MET D 1309 41.39 -40.48 -38.26
C MET D 1309 42.19 -41.58 -37.59
N ALA D 1310 42.56 -41.38 -36.32
CA ALA D 1310 43.31 -42.38 -35.58
C ALA D 1310 42.68 -43.78 -35.73
N CYS D 1311 41.35 -43.82 -35.70
CA CYS D 1311 40.60 -45.07 -35.88
C CYS D 1311 40.26 -45.28 -37.36
N GLU D 1312 41.15 -45.94 -38.09
CA GLU D 1312 40.96 -46.14 -39.53
C GLU D 1312 40.16 -47.41 -39.84
N ASP D 1313 39.28 -47.32 -40.82
CA ASP D 1313 38.40 -48.42 -41.17
C ASP D 1313 38.12 -48.45 -42.67
N GLN D 1314 37.17 -49.29 -43.08
CA GLN D 1314 36.82 -49.43 -44.49
C GLN D 1314 36.59 -48.09 -45.18
N PHE D 1315 36.12 -47.10 -44.43
CA PHE D 1315 35.76 -45.79 -44.98
C PHE D 1315 36.92 -44.82 -45.10
N THR D 1316 37.77 -44.77 -44.08
CA THR D 1316 38.92 -43.88 -44.09
C THR D 1316 39.89 -44.30 -45.20
N ASN D 1317 39.70 -45.51 -45.71
CA ASN D 1317 40.43 -45.94 -46.90
C ASN D 1317 39.58 -45.68 -48.14
N LEU D 1318 39.78 -44.51 -48.72
CA LEU D 1318 38.97 -44.09 -49.85
C LEU D 1318 39.75 -43.11 -50.72
N PRO D 1329 47.39 -24.97 -48.20
CA PRO D 1329 46.36 -25.46 -47.28
C PRO D 1329 45.72 -24.32 -46.48
N TRP D 1330 44.57 -24.57 -45.88
CA TRP D 1330 43.82 -23.53 -45.19
C TRP D 1330 44.48 -23.15 -43.87
N SER D 1331 44.82 -24.17 -43.08
CA SER D 1331 45.39 -23.97 -41.76
C SER D 1331 46.80 -24.57 -41.64
N ILE D 1332 47.72 -23.82 -41.03
CA ILE D 1332 48.99 -24.39 -40.64
C ILE D 1332 49.11 -24.41 -39.12
N PRO D 1333 49.33 -25.60 -38.54
CA PRO D 1333 49.66 -25.65 -37.12
C PRO D 1333 50.88 -24.78 -36.89
N VAL D 1334 50.84 -23.94 -35.87
CA VAL D 1334 51.95 -23.05 -35.56
C VAL D 1334 52.98 -23.79 -34.73
NA NA E . -49.01 -39.20 -1.90
FE1 FES F . -24.99 -27.42 -9.63
FE2 FES F . -27.88 -26.47 -9.20
S1 FES F . -26.63 -28.04 -8.33
S2 FES F . -26.15 -25.71 -10.30
FE1 FES G . -21.03 -33.13 0.86
FE2 FES G . -18.53 -32.24 2.25
S1 FES G . -20.59 -31.48 2.23
S2 FES G . -18.90 -33.52 0.53
N1 MTE H . -34.00 -26.70 -13.01
C2 MTE H . -33.31 -26.18 -11.98
N2 MTE H . -32.04 -25.79 -12.21
N3 MTE H . -33.84 -26.06 -10.75
C4 MTE H . -35.10 -26.42 -10.47
O4 MTE H . -35.59 -26.30 -9.34
N5 MTE H . -37.19 -27.38 -11.36
C6 MTE H . -37.76 -28.21 -12.40
C7 MTE H . -37.43 -27.58 -13.74
N8 MTE H . -35.99 -27.60 -13.90
C9 MTE H . -35.91 -26.98 -11.55
C10 MTE H . -35.28 -27.10 -12.87
C1' MTE H . -39.26 -28.33 -12.34
S1' MTE H . -40.02 -29.66 -11.59
C2' MTE H . -39.99 -27.40 -12.94
S2' MTE H . -41.66 -27.51 -12.80
C3' MTE H . -39.41 -26.27 -13.75
O3' MTE H . -37.96 -26.25 -13.72
C4' MTE H . -40.01 -24.96 -13.23
O4' MTE H . -39.61 -23.88 -14.07
P MTE H . -40.72 -22.92 -14.75
O1P MTE H . -41.30 -22.12 -13.61
O2P MTE H . -39.97 -22.06 -15.75
O3P MTE H . -41.68 -23.90 -15.39
MO MOS I . -42.46 -29.50 -11.32
S MOS I . -42.45 -31.84 -11.51
O1 MOS I . -42.60 -29.32 -9.47
O2 MOS I . -44.33 -29.54 -11.52
PA FAD J . -9.55 -42.10 10.14
O1A FAD J . -11.01 -41.78 10.08
O2A FAD J . -8.56 -41.01 10.45
O5B FAD J . -9.34 -43.28 11.22
C5B FAD J . -9.12 -44.63 10.82
C4B FAD J . -9.00 -45.53 12.05
O4B FAD J . -7.69 -46.08 12.12
C3B FAD J . -9.22 -44.76 13.34
O3B FAD J . -9.97 -45.56 14.27
C2B FAD J . -7.85 -44.55 13.90
O2B FAD J . -7.87 -44.69 15.32
C1B FAD J . -6.98 -45.62 13.27
N9A FAD J . -5.70 -45.05 12.84
C8A FAD J . -5.54 -44.01 12.01
N7A FAD J . -4.23 -43.74 11.81
C5A FAD J . -3.52 -44.61 12.53
C6A FAD J . -2.08 -44.88 12.77
N6A FAD J . -1.12 -44.13 12.18
N1A FAD J . -1.76 -45.90 13.60
C2A FAD J . -2.71 -46.65 14.19
N3A FAD J . -4.02 -46.46 14.01
C4A FAD J . -4.49 -45.48 13.21
N1 FAD J . -12.13 -46.94 0.16
C2 FAD J . -11.98 -47.85 -0.83
O2 FAD J . -11.25 -48.84 -0.62
N3 FAD J . -12.56 -47.72 -2.04
C4 FAD J . -13.35 -46.69 -2.33
O4 FAD J . -13.88 -46.60 -3.45
C4X FAD J . -13.57 -45.66 -1.30
N5 FAD J . -14.37 -44.60 -1.52
C5X FAD J . -14.56 -43.68 -0.57
C6 FAD J . -15.37 -42.59 -0.84
C7 FAD J . -15.58 -41.62 0.13
C7M FAD J . -16.48 -40.46 -0.18
C8 FAD J . -14.95 -41.75 1.46
C8M FAD J . -15.20 -40.70 2.49
C9 FAD J . -14.12 -42.84 1.74
C9A FAD J . -13.91 -43.81 0.76
N10 FAD J . -13.07 -44.90 1.02
C10 FAD J . -12.91 -45.86 0.00
C1' FAD J . -12.42 -45.12 2.32
C2' FAD J . -11.22 -44.25 2.61
O2' FAD J . -10.08 -44.78 1.92
C3' FAD J . -10.96 -44.26 4.11
O3' FAD J . -11.83 -43.34 4.75
C4' FAD J . -9.53 -43.87 4.46
O4' FAD J . -8.63 -44.78 3.83
C5' FAD J . -9.33 -43.90 5.96
O5' FAD J . -8.34 -42.96 6.33
P FAD J . -8.56 -41.92 7.55
O1P FAD J . -7.21 -41.42 7.97
O2P FAD J . -9.60 -40.94 7.12
O3P FAD J . -9.15 -42.80 8.75
NA NA K . -32.02 26.03 7.45
FE1 FES L . -45.83 10.44 25.67
FE2 FES L . -45.10 10.34 22.77
S1 FES L . -44.19 11.27 24.51
S2 FES L . -46.75 9.52 23.92
FE1 FES M . -34.45 9.87 30.55
FE2 FES M . -33.68 7.81 32.59
S1 FES M . -33.86 7.77 30.40
S2 FES M . -34.70 9.73 32.72
N1 MTE N . -48.22 14.05 16.94
C2 MTE N . -47.28 13.20 17.45
N2 MTE N . -47.65 12.40 18.47
N3 MTE N . -46.03 13.12 16.98
C4 MTE N . -45.62 13.90 15.96
O4 MTE N . -44.46 13.85 15.51
N5 MTE N . -46.21 15.64 14.35
C6 MTE N . -47.05 16.80 14.09
C7 MTE N . -48.52 16.37 14.15
N8 MTE N . -48.84 15.72 15.40
C9 MTE N . -46.57 14.85 15.36
C10 MTE N . -47.94 14.87 15.92
C1' MTE N . -46.77 17.42 12.76
S1' MTE N . -45.53 18.55 12.60
C2' MTE N . -47.50 17.10 11.69
S2' MTE N . -47.10 17.70 10.17
C3' MTE N . -48.70 16.23 11.82
O3' MTE N . -48.70 15.48 13.05
C4' MTE N . -48.77 15.28 10.63
O4' MTE N . -50.12 14.87 10.61
P MTE N . -50.64 13.85 9.48
O1P MTE N . -50.84 14.74 8.28
O2P MTE N . -49.48 12.87 9.41
O3P MTE N . -51.92 13.30 10.08
MO MOS O . -44.88 19.08 10.20
S MOS O . -44.21 21.14 11.10
O1 MOS O . -43.21 18.30 9.92
O2 MOS O . -44.86 19.88 8.50
PA FAD P . -24.02 9.79 44.28
O1A FAD P . -23.59 9.88 42.85
O2A FAD P . -23.84 8.51 45.02
O5B FAD P . -23.26 10.97 45.08
C5B FAD P . -22.28 10.63 46.04
C4B FAD P . -21.15 11.65 46.02
O4B FAD P . -20.92 12.04 47.37
C3B FAD P . -19.88 10.97 45.59
O3B FAD P . -18.91 11.95 45.20
C2B FAD P . -19.40 10.30 46.85
O2B FAD P . -17.98 10.30 46.92
C1B FAD P . -19.98 11.14 47.97
N9A FAD P . -20.65 10.25 48.94
C8A FAD P . -21.76 9.53 48.71
N7A FAD P . -22.10 8.82 49.81
C5A FAD P . -21.19 9.08 50.76
C6A FAD P . -20.94 8.66 52.15
N6A FAD P . -21.78 7.79 52.77
N1A FAD P . -19.87 9.17 52.78
C2A FAD P . -19.04 10.03 52.19
N3A FAD P . -19.19 10.46 50.93
C4A FAD P . -20.23 10.02 50.18
N1 FAD P . -31.40 18.51 44.54
C2 FAD P . -32.01 19.63 44.96
O2 FAD P . -31.69 20.09 46.07
N3 FAD P . -32.92 20.27 44.22
C4 FAD P . -33.30 19.85 43.02
O4 FAD P . -34.14 20.46 42.35
C4X FAD P . -32.68 18.62 42.50
N5 FAD P . -33.00 18.12 41.29
C5X FAD P . -32.41 16.99 40.85
C6 FAD P . -32.77 16.52 39.60
C7 FAD P . -32.21 15.37 39.10
C7M FAD P . -32.63 14.88 37.74
C8 FAD P . -31.19 14.65 39.91
C8M FAD P . -30.56 13.39 39.38
C9 FAD P . -30.83 15.11 41.16
C9A FAD P . -31.39 16.27 41.68
N10 FAD P . -31.04 16.80 42.93
C10 FAD P . -31.69 17.96 43.35
C1' FAD P . -30.10 16.27 43.94
C2' FAD P . -28.87 15.43 43.63
O2' FAD P . -28.85 14.89 42.30
C3' FAD P . -28.89 14.32 44.65
O3' FAD P . -29.49 14.82 45.84
C4' FAD P . -27.50 13.81 45.00
O4' FAD P . -26.80 13.45 43.81
C5' FAD P . -27.66 12.61 45.93
O5' FAD P . -26.43 11.90 46.00
P FAD P . -26.37 10.32 45.75
O1P FAD P . -25.56 9.74 46.87
O2P FAD P . -27.76 9.81 45.51
O3P FAD P . -25.56 10.21 44.38
NA NA Q . 25.18 26.44 19.58
FE1 FES R . 40.20 35.27 -1.67
FE2 FES R . 40.02 32.71 0.01
S1 FES R . 38.70 34.40 -0.34
S2 FES R . 41.62 33.65 -1.17
FE1 FES S . 28.66 37.03 -6.24
FE2 FES S . 27.99 36.94 -9.13
S1 FES S . 28.51 35.40 -7.69
S2 FES S . 28.62 38.57 -7.80
N1 MTE T . 42.69 30.90 6.61
C2 MTE T . 42.09 30.52 5.46
N2 MTE T . 42.60 30.98 4.30
N3 MTE T . 41.00 29.73 5.41
C4 MTE T . 40.44 29.24 6.53
O4 MTE T . 39.43 28.50 6.47
N5 MTE T . 40.54 29.16 9.00
C6 MTE T . 41.02 29.75 10.23
C7 MTE T . 42.52 29.96 10.10
N8 MTE T . 42.80 30.81 8.97
C9 MTE T . 41.03 29.60 7.82
C10 MTE T . 42.21 30.47 7.80
C1' MTE T . 40.78 28.87 11.43
S1' MTE T . 39.29 28.96 12.26
C2' MTE T . 41.73 28.03 11.82
S2' MTE T . 41.52 27.06 13.18
C3' MTE T . 43.05 27.94 11.10
O3' MTE T . 43.03 28.65 9.86
C4' MTE T . 43.41 26.48 10.83
O4' MTE T . 44.79 26.51 10.49
P MTE T . 45.76 25.43 11.18
O1P MTE T . 47.14 25.80 10.71
O2P MTE T . 45.46 25.68 12.65
O3P MTE T . 45.27 24.11 10.65
MO MOS U . 39.18 27.48 14.15
S MOS U . 38.01 29.20 15.23
O1 MOS U . 37.75 26.48 13.49
O2 MOS U . 39.19 26.52 15.75
PA FAD V . 16.67 45.95 -15.10
O1A FAD V . 16.98 45.13 -13.90
O2A FAD V . 16.83 45.38 -16.46
O5B FAD V . 15.15 46.41 -14.95
C5B FAD V . 14.83 47.60 -14.24
C4B FAD V . 13.33 47.81 -14.29
O4B FAD V . 13.04 48.91 -15.15
C3B FAD V . 12.66 46.60 -14.90
O3B FAD V . 11.39 46.41 -14.28
C2B FAD V . 12.44 46.96 -16.34
O2B FAD V . 11.23 46.38 -16.82
C1B FAD V . 12.33 48.47 -16.31
N9A FAD V . 12.94 49.05 -17.53
C8A FAD V . 14.20 48.87 -17.95
N7A FAD V . 14.41 49.55 -19.11
C5A FAD V . 13.27 50.18 -19.43
C6A FAD V . 12.80 51.06 -20.52
N6A FAD V . 13.62 51.42 -21.53
N1A FAD V . 11.53 51.49 -20.47
C2A FAD V . 10.70 51.14 -19.47
N3A FAD V . 11.05 50.34 -18.46
C4A FAD V . 12.30 49.84 -18.39
N1 FAD V . 22.27 52.61 -6.87
C2 FAD V . 22.65 53.64 -6.10
O2 FAD V . 22.17 54.77 -6.32
N3 FAD V . 23.54 53.52 -5.10
C4 FAD V . 24.10 52.34 -4.80
O4 FAD V . 24.93 52.24 -3.86
C4X FAD V . 23.74 51.16 -5.60
N5 FAD V . 24.26 49.95 -5.35
C5X FAD V . 23.90 48.89 -6.11
C6 FAD V . 24.47 47.65 -5.82
C7 FAD V . 24.12 46.55 -6.57
C7M FAD V . 24.73 45.22 -6.26
C8 FAD V . 23.13 46.69 -7.69
C8M FAD V . 22.76 45.47 -8.49
C9 FAD V . 22.57 47.92 -7.97
C9A FAD V . 22.92 49.03 -7.22
N10 FAD V . 22.36 50.31 -7.48
C10 FAD V . 22.76 51.37 -6.68
C1' FAD V . 21.38 50.55 -8.54
C2' FAD V . 21.67 49.78 -9.81
O2' FAD V . 22.23 50.66 -10.78
C3' FAD V . 20.39 49.20 -10.38
O3' FAD V . 20.40 47.79 -10.19
C4' FAD V . 20.25 49.49 -11.88
O4' FAD V . 19.68 50.78 -12.06
C5' FAD V . 19.34 48.47 -12.54
O5' FAD V . 19.32 48.68 -13.95
P FAD V . 19.08 47.44 -14.92
O1P FAD V . 19.58 47.74 -16.29
O2P FAD V . 19.61 46.23 -14.20
O3P FAD V . 17.47 47.35 -14.99
NA NA W . 55.59 -13.05 -26.19
FE1 FES X . 31.28 -18.01 -14.54
FE2 FES X . 33.79 -16.46 -13.74
S1 FES X . 33.11 -17.39 -15.58
S2 FES X . 31.99 -17.16 -12.67
FE1 FES Y . 27.66 -13.50 -25.44
FE2 FES Y . 24.91 -12.38 -25.66
S1 FES Y . 26.76 -11.60 -24.78
S2 FES Y . 25.71 -14.40 -25.87
N1 MTE Z . 40.49 -18.24 -10.87
C2 MTE Z . 39.68 -17.25 -11.31
N2 MTE Z . 38.37 -17.25 -10.95
N3 MTE Z . 40.10 -16.26 -12.10
C4 MTE Z . 41.38 -16.18 -12.51
O4 MTE Z . 41.76 -15.25 -13.25
N5 MTE Z . 43.62 -17.21 -12.44
C6 MTE Z . 44.44 -18.37 -12.15
C7 MTE Z . 44.05 -18.86 -10.77
N8 MTE Z . 42.64 -19.24 -10.78
C9 MTE Z . 42.32 -17.22 -12.08
C10 MTE Z . 41.78 -18.28 -11.21
C1' MTE Z . 45.89 -17.99 -12.10
S1' MTE Z . 46.94 -18.17 -13.43
C2' MTE Z . 46.36 -17.49 -10.96
S2' MTE Z . 47.92 -16.88 -10.94
C3' MTE Z . 45.58 -17.44 -9.70
O3' MTE Z . 44.20 -17.77 -9.88
C4' MTE Z . 45.70 -16.01 -9.16
O4' MTE Z . 45.25 -16.02 -7.82
P MTE Z . 46.32 -16.59 -6.75
O1P MTE Z . 46.38 -15.54 -5.67
O2P MTE Z . 45.68 -17.88 -6.32
O3P MTE Z . 47.55 -16.77 -7.60
MO MOS AA . 49.04 -16.97 -13.35
S MOS AA . 49.51 -18.41 -15.14
O1 MOS AA . 48.93 -15.34 -14.25
O2 MOS AA . 50.88 -16.77 -13.09
PA FAD BA . 17.12 -13.54 -39.15
O1A FAD BA . 18.51 -13.18 -38.69
O2A FAD BA . 15.94 -12.87 -38.52
O5B FAD BA . 17.06 -13.35 -40.74
C5B FAD BA . 16.81 -14.50 -41.56
C4B FAD BA . 16.93 -14.13 -43.03
O4B FAD BA . 15.75 -14.56 -43.72
C3B FAD BA . 17.01 -12.63 -43.22
O3B FAD BA . 17.92 -12.35 -44.29
C2B FAD BA . 15.63 -12.19 -43.63
O2B FAD BA . 15.74 -11.21 -44.65
C1B FAD BA . 14.98 -13.44 -44.18
N9A FAD BA . 13.59 -13.55 -43.68
C8A FAD BA . 13.19 -13.38 -42.41
N7A FAD BA . 11.85 -13.54 -42.30
C5A FAD BA . 11.37 -13.82 -43.52
C6A FAD BA . 10.04 -14.10 -44.10
N6A FAD BA . 8.94 -14.12 -43.32
N1A FAD BA . 9.97 -14.33 -45.42
C2A FAD BA . 11.06 -14.32 -46.20
N3A FAD BA . 12.30 -14.08 -45.74
C4A FAD BA . 12.51 -13.82 -44.43
N1 FAD BA . 21.67 -23.51 -36.89
C2 FAD BA . 21.76 -24.85 -37.04
O2 FAD BA . 21.15 -25.39 -37.99
N3 FAD BA . 22.48 -25.64 -36.22
C4 FAD BA . 23.15 -25.14 -35.19
O4 FAD BA . 23.81 -25.89 -34.44
C4X FAD BA . 23.11 -23.69 -34.95
N5 FAD BA . 23.77 -23.12 -33.93
C5X FAD BA . 23.73 -21.79 -33.73
C6 FAD BA . 24.42 -21.24 -32.66
C7 FAD BA . 24.40 -19.88 -32.43
C7M FAD BA . 25.16 -19.31 -31.26
C8 FAD BA . 23.61 -19.00 -33.33
C8M FAD BA . 23.58 -17.52 -33.06
C9 FAD BA . 22.90 -19.54 -34.39
C9A FAD BA . 22.94 -20.91 -34.63
N10 FAD BA . 22.22 -21.48 -35.71
C10 FAD BA . 22.31 -22.88 -35.89
C1' FAD BA . 21.44 -20.66 -36.64
C2' FAD BA . 20.00 -20.45 -36.19
O2' FAD BA . 19.22 -21.55 -36.65
C3' FAD BA . 19.49 -19.13 -36.76
O3' FAD BA . 19.52 -18.15 -35.72
C4' FAD BA . 18.09 -19.18 -37.34
O4' FAD BA . 17.89 -20.37 -38.11
C5' FAD BA . 17.85 -17.98 -38.24
O5' FAD BA . 16.55 -17.42 -38.05
P FAD BA . 16.37 -15.85 -37.72
O1P FAD BA . 14.90 -15.55 -37.63
O2P FAD BA . 17.27 -15.53 -36.56
O3P FAD BA . 16.94 -15.14 -39.04
#